data_7TFB
#
_entry.id   7TFB
#
_cell.length_a   1.00
_cell.length_b   1.00
_cell.length_c   1.00
_cell.angle_alpha   90.00
_cell.angle_beta   90.00
_cell.angle_gamma   90.00
#
_symmetry.space_group_name_H-M   'P 1'
#
loop_
_entity.id
_entity.type
_entity.pdbx_description
1 polymer 'GlnR C-tail peptide'
2 polymer 'Glutamine synthetase'
3 non-polymer 'MAGNESIUM ION'
4 non-polymer GLUTAMINE
#
loop_
_entity_poly.entity_id
_entity_poly.type
_entity_poly.pdbx_seq_one_letter_code
_entity_poly.pdbx_strand_id
1 'polypeptide(L)' LIQGELSRFF A,C,E,G,H,I,M,O,P,Q,R,W,X,a
2 'polypeptide(L)'
;MGSSHHHHHHSSGLVPRGSHMSYTREDIIRIAEEENVRFIRLQFTDLLGTIKNVEIPVSQLEKALDNKMMFDGSSIEGYV
RIEESDMYLYPDLDTWVVFPWVTSDRVARLICDIYKPDGSPFAGDPRGILKRVLKEAEELGYTSMNVGPEPEFFLFKTDE
KGDPTTELNDQGGYFDLAPMDLGENCRREIVLKLEEMGFEIEASHHEVAPGQHEIDFKYADAVKAADQIQTFKLVVKTIA
RQHGLHATFMPKPLFGVNGSGMHCNQSLFKDNENVFYDETDELGLSQTARHYMAGILKHARAMAAITNPTVNSYKRLVPG
YEAPCYVAWSASNRSPMIRIPASRGLSTRVEVRNPDPAANPYLALAVMLRAGLDGIKRQMALPAPIDRNIYVMSEEERIE
EGIPSLPADLKEALSELIRSEVISDALGDHALAYFYELKEIEWDMYRTQVHQWERDQYLTLY
;
B,D,F,J,K,L,N,S,T,U,V,Y,Z,b
#
loop_
_chem_comp.id
_chem_comp.type
_chem_comp.name
_chem_comp.formula
MG non-polymer 'MAGNESIUM ION' 'Mg 2'
#
# COMPACT_ATOMS: atom_id res chain seq x y z
N LEU A 1 -38.38 15.35 -39.06
CA LEU A 1 -38.89 13.96 -39.13
C LEU A 1 -37.76 12.99 -38.73
N ILE A 2 -36.58 13.15 -39.34
CA ILE A 2 -35.43 12.24 -39.05
C ILE A 2 -34.56 12.87 -37.97
N GLN A 3 -34.65 12.38 -36.73
CA GLN A 3 -33.81 12.90 -35.62
C GLN A 3 -33.15 11.72 -34.89
N GLY A 4 -33.92 10.68 -34.56
CA GLY A 4 -33.36 9.48 -33.92
C GLY A 4 -32.41 8.76 -34.84
N GLU A 5 -32.61 8.87 -36.16
CA GLU A 5 -31.70 8.23 -37.15
C GLU A 5 -30.34 8.95 -37.13
N LEU A 6 -30.33 10.25 -36.83
CA LEU A 6 -29.08 10.99 -36.85
C LEU A 6 -28.22 10.78 -35.60
N SER A 7 -28.48 9.71 -34.84
CA SER A 7 -27.73 9.46 -33.61
C SER A 7 -26.29 9.04 -33.86
N ARG A 8 -25.94 8.69 -35.10
CA ARG A 8 -24.57 8.26 -35.38
C ARG A 8 -23.58 9.41 -35.23
N PHE A 9 -24.00 10.63 -35.54
CA PHE A 9 -23.14 11.79 -35.32
C PHE A 9 -23.08 12.19 -33.85
N PHE A 10 -24.17 12.00 -33.13
CA PHE A 10 -24.24 12.39 -31.72
C PHE A 10 -23.45 11.43 -30.83
N SER B 22 -50.57 -31.65 -33.60
CA SER B 22 -51.40 -31.58 -32.40
C SER B 22 -50.95 -32.60 -31.36
N TYR B 23 -51.71 -32.73 -30.29
CA TYR B 23 -51.41 -33.66 -29.22
C TYR B 23 -52.69 -34.13 -28.57
N THR B 24 -52.60 -35.28 -27.90
CA THR B 24 -53.68 -35.85 -27.10
C THR B 24 -53.14 -36.21 -25.72
N ARG B 25 -54.06 -36.56 -24.81
CA ARG B 25 -53.65 -36.96 -23.47
C ARG B 25 -52.64 -38.09 -23.51
N GLU B 26 -52.94 -39.12 -24.29
CA GLU B 26 -52.04 -40.26 -24.39
C GLU B 26 -50.70 -39.84 -25.00
N ASP B 27 -50.74 -38.97 -26.00
CA ASP B 27 -49.50 -38.45 -26.57
C ASP B 27 -48.68 -37.70 -25.52
N ILE B 28 -49.33 -36.83 -24.75
CA ILE B 28 -48.62 -36.05 -23.75
C ILE B 28 -47.96 -36.96 -22.73
N ILE B 29 -48.71 -37.96 -22.25
CA ILE B 29 -48.14 -38.92 -21.31
C ILE B 29 -46.98 -39.67 -21.94
N ARG B 30 -47.09 -40.00 -23.22
CA ARG B 30 -46.04 -40.76 -23.90
C ARG B 30 -44.75 -39.96 -23.98
N ILE B 31 -44.83 -38.71 -24.44
CA ILE B 31 -43.60 -37.89 -24.46
C ILE B 31 -43.09 -37.63 -23.05
N ALA B 32 -43.97 -37.41 -22.08
CA ALA B 32 -43.52 -37.15 -20.73
C ALA B 32 -42.72 -38.32 -20.18
N GLU B 33 -43.20 -39.54 -20.40
CA GLU B 33 -42.43 -40.72 -19.98
C GLU B 33 -41.16 -40.86 -20.80
N GLU B 34 -41.23 -40.64 -22.11
CA GLU B 34 -40.08 -40.84 -22.97
C GLU B 34 -39.01 -39.80 -22.74
N GLU B 35 -39.39 -38.53 -22.67
CA GLU B 35 -38.44 -37.43 -22.54
C GLU B 35 -37.89 -37.30 -21.13
N ASN B 36 -38.36 -38.10 -20.17
CA ASN B 36 -37.97 -38.01 -18.77
C ASN B 36 -38.30 -36.62 -18.21
N VAL B 37 -39.50 -36.14 -18.52
CA VAL B 37 -39.95 -34.87 -17.97
C VAL B 37 -40.28 -35.05 -16.51
N ARG B 38 -39.67 -34.24 -15.66
CA ARG B 38 -39.88 -34.33 -14.22
C ARG B 38 -40.79 -33.24 -13.68
N PHE B 39 -40.89 -32.10 -14.36
CA PHE B 39 -41.63 -30.95 -13.85
C PHE B 39 -42.39 -30.31 -14.99
N ILE B 40 -43.62 -29.88 -14.70
CA ILE B 40 -44.51 -29.31 -15.70
C ILE B 40 -44.99 -27.96 -15.19
N ARG B 41 -44.89 -26.95 -16.05
CA ARG B 41 -45.36 -25.60 -15.73
C ARG B 41 -46.73 -25.38 -16.34
N LEU B 42 -47.72 -25.14 -15.49
CA LEU B 42 -49.06 -24.79 -15.94
C LEU B 42 -49.12 -23.27 -16.06
N GLN B 43 -48.85 -22.77 -17.26
CA GLN B 43 -48.67 -21.34 -17.47
C GLN B 43 -49.98 -20.64 -17.76
N PHE B 44 -50.12 -19.42 -17.24
CA PHE B 44 -51.23 -18.55 -17.55
C PHE B 44 -50.72 -17.11 -17.49
N THR B 45 -51.60 -16.16 -17.78
CA THR B 45 -51.22 -14.76 -17.86
C THR B 45 -52.18 -13.91 -17.05
N ASP B 46 -51.65 -12.89 -16.38
CA ASP B 46 -52.47 -11.96 -15.63
C ASP B 46 -52.83 -10.76 -16.50
N LEU B 47 -53.56 -9.81 -15.92
CA LEU B 47 -54.03 -8.67 -16.69
C LEU B 47 -52.90 -7.76 -17.17
N LEU B 48 -51.73 -7.82 -16.54
CA LEU B 48 -50.61 -6.98 -16.93
C LEU B 48 -49.69 -7.66 -17.94
N GLY B 49 -50.03 -8.87 -18.39
CA GLY B 49 -49.23 -9.58 -19.35
C GLY B 49 -48.09 -10.39 -18.78
N THR B 50 -47.89 -10.35 -17.46
CA THR B 50 -46.83 -11.15 -16.86
C THR B 50 -47.17 -12.63 -16.95
N ILE B 51 -46.14 -13.44 -17.16
CA ILE B 51 -46.33 -14.89 -17.26
C ILE B 51 -46.30 -15.49 -15.87
N LYS B 52 -47.40 -16.12 -15.48
CA LYS B 52 -47.50 -16.82 -14.21
C LYS B 52 -47.66 -18.31 -14.46
N ASN B 53 -47.28 -19.11 -13.47
CA ASN B 53 -47.30 -20.56 -13.64
C ASN B 53 -47.49 -21.24 -12.29
N VAL B 54 -47.96 -22.49 -12.35
CA VAL B 54 -48.02 -23.38 -11.20
C VAL B 54 -47.14 -24.58 -11.52
N GLU B 55 -46.09 -24.78 -10.73
CA GLU B 55 -45.17 -25.88 -10.96
C GLU B 55 -45.81 -27.19 -10.51
N ILE B 56 -45.57 -28.24 -11.29
CA ILE B 56 -46.25 -29.52 -11.09
C ILE B 56 -45.26 -30.66 -11.27
N PRO B 57 -45.22 -31.63 -10.35
CA PRO B 57 -44.44 -32.84 -10.59
C PRO B 57 -45.14 -33.73 -11.60
N VAL B 58 -44.34 -34.50 -12.34
CA VAL B 58 -44.88 -35.32 -13.42
C VAL B 58 -45.89 -36.33 -12.92
N SER B 59 -45.85 -36.69 -11.63
CA SER B 59 -46.82 -37.62 -11.08
C SER B 59 -48.24 -37.04 -11.03
N GLN B 60 -48.38 -35.73 -11.22
CA GLN B 60 -49.70 -35.09 -11.23
C GLN B 60 -50.16 -34.74 -12.63
N LEU B 61 -49.52 -35.29 -13.65
CA LEU B 61 -49.86 -34.94 -15.03
C LEU B 61 -51.28 -35.37 -15.38
N GLU B 62 -51.68 -36.58 -14.95
CA GLU B 62 -53.04 -37.02 -15.24
C GLU B 62 -54.08 -36.13 -14.57
N LYS B 63 -53.83 -35.76 -13.31
CA LYS B 63 -54.73 -34.85 -12.62
C LYS B 63 -54.82 -33.50 -13.33
N ALA B 64 -53.68 -33.00 -13.80
CA ALA B 64 -53.68 -31.74 -14.54
C ALA B 64 -54.47 -31.86 -15.84
N LEU B 65 -54.25 -32.95 -16.58
CA LEU B 65 -54.94 -33.17 -17.85
C LEU B 65 -56.43 -33.44 -17.66
N ASP B 66 -56.87 -33.82 -16.48
CA ASP B 66 -58.28 -34.00 -16.19
C ASP B 66 -58.97 -32.70 -15.79
N ASN B 67 -58.26 -31.57 -15.86
CA ASN B 67 -58.81 -30.25 -15.52
C ASN B 67 -59.32 -30.23 -14.08
N LYS B 68 -58.46 -30.64 -13.15
CA LYS B 68 -58.85 -30.75 -11.76
C LYS B 68 -57.96 -29.97 -10.80
N MET B 69 -56.98 -29.23 -11.34
CA MET B 69 -56.04 -28.45 -10.49
C MET B 69 -56.66 -27.11 -10.09
N MET B 70 -56.71 -26.81 -8.78
CA MET B 70 -57.25 -25.57 -8.28
C MET B 70 -56.11 -24.67 -7.83
N PHE B 71 -56.30 -23.37 -8.02
CA PHE B 71 -55.33 -22.37 -7.56
C PHE B 71 -56.10 -21.11 -7.20
N ASP B 72 -55.35 -20.06 -6.84
CA ASP B 72 -55.98 -18.85 -6.33
C ASP B 72 -56.89 -18.21 -7.37
N GLY B 73 -56.37 -17.97 -8.57
CA GLY B 73 -57.17 -17.32 -9.59
C GLY B 73 -57.28 -15.82 -9.40
N SER B 74 -57.21 -15.36 -8.16
CA SER B 74 -57.14 -13.93 -7.89
C SER B 74 -55.78 -13.34 -8.23
N SER B 75 -54.79 -14.17 -8.53
CA SER B 75 -53.49 -13.68 -8.97
C SER B 75 -53.58 -12.99 -10.33
N ILE B 76 -54.68 -13.15 -11.05
CA ILE B 76 -54.85 -12.45 -12.32
C ILE B 76 -54.95 -10.95 -12.08
N GLU B 77 -55.58 -10.55 -10.98
CA GLU B 77 -55.80 -9.13 -10.70
C GLU B 77 -54.51 -8.39 -10.37
N GLY B 78 -53.41 -9.08 -10.10
CA GLY B 78 -52.17 -8.42 -9.80
C GLY B 78 -52.04 -8.01 -8.35
N TYR B 79 -51.60 -6.78 -8.10
CA TYR B 79 -51.43 -6.30 -6.73
C TYR B 79 -52.69 -5.62 -6.20
N VAL B 80 -53.78 -5.61 -6.96
CA VAL B 80 -55.04 -5.03 -6.51
C VAL B 80 -56.05 -6.11 -6.12
N ARG B 81 -55.61 -7.36 -6.02
CA ARG B 81 -56.50 -8.43 -5.59
C ARG B 81 -56.92 -8.22 -4.15
N ILE B 82 -58.21 -8.45 -3.89
CA ILE B 82 -58.80 -8.16 -2.59
C ILE B 82 -59.18 -9.42 -1.83
N GLU B 83 -59.57 -10.49 -2.53
CA GLU B 83 -59.97 -11.72 -1.88
C GLU B 83 -59.50 -12.91 -2.69
N GLU B 84 -59.22 -14.01 -1.99
CA GLU B 84 -58.76 -15.22 -2.63
C GLU B 84 -59.96 -16.01 -3.17
N SER B 85 -59.85 -16.45 -4.42
CA SER B 85 -60.85 -17.29 -5.05
C SER B 85 -60.29 -18.70 -5.22
N ASP B 86 -61.10 -19.56 -5.83
CA ASP B 86 -60.68 -20.91 -6.18
C ASP B 86 -61.06 -21.15 -7.63
N MET B 87 -60.09 -21.55 -8.44
CA MET B 87 -60.31 -21.61 -9.88
C MET B 87 -59.51 -22.75 -10.47
N TYR B 88 -60.02 -23.29 -11.57
CA TYR B 88 -59.45 -24.47 -12.21
C TYR B 88 -58.58 -24.09 -13.40
N LEU B 89 -57.53 -24.87 -13.61
CA LEU B 89 -56.66 -24.71 -14.78
C LEU B 89 -57.06 -25.75 -15.81
N TYR B 90 -57.35 -25.30 -17.03
CA TYR B 90 -57.72 -26.17 -18.14
C TYR B 90 -56.60 -26.12 -19.17
N PRO B 91 -55.65 -27.04 -19.12
CA PRO B 91 -54.50 -26.96 -20.03
C PRO B 91 -54.91 -27.14 -21.48
N ASP B 92 -54.20 -26.47 -22.36
CA ASP B 92 -54.39 -26.59 -23.81
C ASP B 92 -53.33 -27.55 -24.32
N LEU B 93 -53.76 -28.72 -24.79
CA LEU B 93 -52.82 -29.77 -25.15
C LEU B 93 -51.93 -29.38 -26.32
N ASP B 94 -52.41 -28.50 -27.19
CA ASP B 94 -51.64 -28.09 -28.34
C ASP B 94 -50.46 -27.19 -27.99
N THR B 95 -50.41 -26.68 -26.77
CA THR B 95 -49.35 -25.78 -26.33
C THR B 95 -48.20 -26.51 -25.65
N TRP B 96 -48.23 -27.84 -25.62
CA TRP B 96 -47.19 -28.60 -24.97
C TRP B 96 -45.85 -28.40 -25.66
N VAL B 97 -44.80 -28.23 -24.85
CA VAL B 97 -43.44 -28.10 -25.37
C VAL B 97 -42.49 -28.38 -24.22
N VAL B 98 -41.28 -28.83 -24.55
CA VAL B 98 -40.25 -29.16 -23.57
C VAL B 98 -39.11 -28.17 -23.76
N PHE B 99 -38.73 -27.50 -22.67
CA PHE B 99 -37.68 -26.50 -22.74
C PHE B 99 -36.33 -27.16 -23.01
N PRO B 100 -35.47 -26.55 -23.83
CA PRO B 100 -34.20 -27.20 -24.17
C PRO B 100 -33.11 -27.02 -23.13
N TRP B 101 -33.19 -25.95 -22.33
CA TRP B 101 -32.12 -25.65 -21.38
C TRP B 101 -32.26 -26.40 -20.06
N VAL B 102 -33.31 -27.21 -19.90
CA VAL B 102 -33.51 -27.94 -18.65
C VAL B 102 -32.40 -28.95 -18.44
N THR B 103 -31.91 -29.56 -19.53
CA THR B 103 -30.78 -30.48 -19.50
C THR B 103 -31.04 -31.68 -18.61
N SER B 104 -30.58 -31.64 -17.36
CA SER B 104 -30.65 -32.79 -16.46
C SER B 104 -32.09 -33.21 -16.20
N ASP B 105 -32.86 -32.36 -15.54
CA ASP B 105 -34.27 -32.64 -15.25
C ASP B 105 -35.13 -31.86 -16.23
N ARG B 106 -35.75 -32.57 -17.17
CA ARG B 106 -36.52 -31.91 -18.22
C ARG B 106 -37.74 -31.22 -17.63
N VAL B 107 -38.00 -30.00 -18.08
CA VAL B 107 -39.17 -29.24 -17.66
C VAL B 107 -40.02 -28.94 -18.89
N ALA B 108 -41.30 -29.22 -18.79
CA ALA B 108 -42.26 -28.93 -19.85
C ALA B 108 -43.25 -27.88 -19.38
N ARG B 109 -44.08 -27.42 -20.31
CA ARG B 109 -45.05 -26.38 -20.00
C ARG B 109 -46.35 -26.67 -20.75
N LEU B 110 -47.44 -26.16 -20.17
CA LEU B 110 -48.74 -26.17 -20.81
C LEU B 110 -49.42 -24.84 -20.52
N ILE B 111 -50.04 -24.26 -21.53
CA ILE B 111 -50.76 -23.01 -21.37
C ILE B 111 -52.22 -23.34 -21.08
N CYS B 112 -52.73 -22.82 -19.97
CA CYS B 112 -54.02 -23.23 -19.44
C CYS B 112 -54.99 -22.06 -19.45
N ASP B 113 -56.28 -22.38 -19.57
CA ASP B 113 -57.36 -21.43 -19.41
C ASP B 113 -57.91 -21.52 -17.99
N ILE B 114 -58.43 -20.41 -17.50
CA ILE B 114 -58.93 -20.31 -16.13
C ILE B 114 -60.44 -20.49 -16.16
N TYR B 115 -60.94 -21.43 -15.36
CA TYR B 115 -62.36 -21.74 -15.31
C TYR B 115 -62.86 -21.60 -13.88
N LYS B 116 -64.06 -21.06 -13.73
CA LYS B 116 -64.70 -21.02 -12.42
C LYS B 116 -65.07 -22.42 -11.98
N PRO B 117 -65.25 -22.65 -10.67
CA PRO B 117 -65.60 -23.99 -10.21
C PRO B 117 -66.93 -24.49 -10.76
N ASP B 118 -67.85 -23.60 -11.11
CA ASP B 118 -69.13 -24.05 -11.67
C ASP B 118 -68.97 -24.63 -13.06
N GLY B 119 -67.87 -24.32 -13.75
CA GLY B 119 -67.62 -24.87 -15.06
C GLY B 119 -67.48 -23.83 -16.15
N SER B 120 -67.96 -22.63 -15.89
CA SER B 120 -67.87 -21.56 -16.87
C SER B 120 -66.48 -20.93 -16.86
N PRO B 121 -66.01 -20.44 -18.01
CA PRO B 121 -64.71 -19.77 -18.04
C PRO B 121 -64.71 -18.48 -17.23
N PHE B 122 -63.55 -18.15 -16.68
CA PHE B 122 -63.40 -16.94 -15.90
C PHE B 122 -63.44 -15.72 -16.82
N ALA B 123 -64.26 -14.73 -16.48
CA ALA B 123 -64.40 -13.54 -17.30
C ALA B 123 -63.17 -12.64 -17.26
N GLY B 124 -62.33 -12.79 -16.24
CA GLY B 124 -61.14 -11.97 -16.11
C GLY B 124 -59.89 -12.54 -16.72
N ASP B 125 -59.95 -13.69 -17.37
CA ASP B 125 -58.78 -14.29 -17.99
C ASP B 125 -58.56 -13.68 -19.35
N PRO B 126 -57.38 -13.08 -19.62
CA PRO B 126 -57.16 -12.46 -20.94
C PRO B 126 -57.31 -13.42 -22.10
N ARG B 127 -56.83 -14.66 -21.95
CA ARG B 127 -56.98 -15.64 -23.01
C ARG B 127 -58.46 -15.93 -23.27
N GLY B 128 -59.26 -16.03 -22.20
CA GLY B 128 -60.69 -16.18 -22.38
C GLY B 128 -61.33 -14.99 -23.05
N ILE B 129 -60.83 -13.79 -22.76
CA ILE B 129 -61.35 -12.58 -23.40
C ILE B 129 -61.09 -12.63 -24.91
N LEU B 130 -59.86 -12.99 -25.28
CA LEU B 130 -59.55 -13.10 -26.71
C LEU B 130 -60.38 -14.19 -27.37
N LYS B 131 -60.58 -15.32 -26.68
CA LYS B 131 -61.40 -16.39 -27.23
C LYS B 131 -62.84 -15.94 -27.43
N ARG B 132 -63.38 -15.18 -26.48
CA ARG B 132 -64.75 -14.69 -26.60
C ARG B 132 -64.89 -13.71 -27.76
N VAL B 133 -63.91 -12.82 -27.93
CA VAL B 133 -63.98 -11.91 -29.07
C VAL B 133 -63.85 -12.67 -30.38
N LEU B 134 -63.00 -13.70 -30.42
CA LEU B 134 -62.91 -14.52 -31.62
C LEU B 134 -64.21 -15.26 -31.89
N LYS B 135 -64.91 -15.69 -30.83
CA LYS B 135 -66.19 -16.36 -31.01
C LYS B 135 -67.23 -15.42 -31.59
N GLU B 136 -67.31 -14.19 -31.06
CA GLU B 136 -68.28 -13.26 -31.64
C GLU B 136 -67.87 -12.79 -33.02
N ALA B 137 -66.58 -12.89 -33.37
CA ALA B 137 -66.17 -12.70 -34.75
C ALA B 137 -66.67 -13.85 -35.63
N GLU B 138 -66.50 -15.09 -35.16
CA GLU B 138 -67.01 -16.25 -35.90
C GLU B 138 -68.51 -16.17 -36.10
N GLU B 139 -69.22 -15.54 -35.17
CA GLU B 139 -70.64 -15.34 -35.34
C GLU B 139 -70.98 -14.48 -36.56
N LEU B 140 -70.02 -13.74 -37.09
CA LEU B 140 -70.20 -12.95 -38.30
C LEU B 140 -69.69 -13.67 -39.55
N GLY B 141 -69.21 -14.91 -39.41
CA GLY B 141 -68.72 -15.66 -40.53
C GLY B 141 -67.22 -15.66 -40.71
N TYR B 142 -66.49 -14.92 -39.90
CA TYR B 142 -65.02 -14.85 -40.01
C TYR B 142 -64.43 -15.98 -39.18
N THR B 143 -63.93 -17.01 -39.85
CA THR B 143 -63.49 -18.22 -39.17
C THR B 143 -62.24 -17.97 -38.32
N SER B 144 -61.31 -17.18 -38.84
CA SER B 144 -60.04 -16.98 -38.15
C SER B 144 -59.55 -15.55 -38.34
N MET B 145 -58.68 -15.14 -37.41
CA MET B 145 -57.98 -13.87 -37.47
C MET B 145 -56.49 -14.16 -37.53
N ASN B 146 -55.87 -13.91 -38.68
CA ASN B 146 -54.47 -14.24 -38.89
C ASN B 146 -53.61 -13.04 -38.46
N VAL B 147 -52.69 -13.28 -37.54
CA VAL B 147 -51.92 -12.21 -36.91
C VAL B 147 -50.43 -12.52 -37.03
N GLY B 148 -49.65 -11.54 -37.47
CA GLY B 148 -48.22 -11.63 -37.40
C GLY B 148 -47.63 -10.43 -36.69
N PRO B 149 -47.04 -10.58 -35.47
CA PRO B 149 -46.51 -9.43 -34.74
C PRO B 149 -45.05 -9.11 -35.08
N GLU B 150 -44.55 -7.96 -34.60
CA GLU B 150 -43.14 -7.58 -34.84
C GLU B 150 -42.50 -7.14 -33.52
N PRO B 151 -42.20 -8.06 -32.58
CA PRO B 151 -41.68 -7.69 -31.25
C PRO B 151 -40.18 -7.34 -31.30
N GLU B 152 -39.84 -6.08 -31.07
CA GLU B 152 -38.41 -5.66 -31.02
C GLU B 152 -37.98 -5.50 -29.56
N PHE B 153 -36.71 -5.79 -29.26
CA PHE B 153 -36.22 -5.70 -27.86
C PHE B 153 -34.82 -5.08 -27.81
N PHE B 154 -34.44 -4.52 -26.66
CA PHE B 154 -33.09 -3.94 -26.51
C PHE B 154 -32.19 -4.91 -25.73
N LEU B 155 -30.95 -5.08 -26.16
CA LEU B 155 -30.00 -5.97 -25.45
C LEU B 155 -28.98 -5.10 -24.69
N PHE B 156 -29.13 -5.00 -23.37
CA PHE B 156 -28.21 -4.18 -22.54
C PHE B 156 -27.13 -5.08 -21.92
N LYS B 157 -26.04 -4.47 -21.44
CA LYS B 157 -24.98 -5.25 -20.76
C LYS B 157 -25.33 -5.40 -19.28
N THR B 158 -24.71 -6.37 -18.59
CA THR B 158 -24.96 -6.55 -17.14
C THR B 158 -23.68 -6.27 -16.35
N ASP B 159 -23.78 -6.15 -15.02
CA ASP B 159 -22.58 -5.90 -14.17
C ASP B 159 -22.16 -7.20 -13.48
N GLU B 160 -21.41 -7.10 -12.38
CA GLU B 160 -20.93 -8.29 -11.63
C GLU B 160 -22.13 -9.00 -10.99
N LYS B 161 -23.10 -8.23 -10.46
CA LYS B 161 -24.29 -8.83 -9.81
C LYS B 161 -25.33 -9.20 -10.87
N GLY B 162 -25.06 -8.92 -12.14
CA GLY B 162 -25.98 -9.30 -13.24
C GLY B 162 -27.17 -8.36 -13.34
N ASP B 163 -26.96 -7.08 -13.04
CA ASP B 163 -28.07 -6.08 -13.11
C ASP B 163 -27.94 -5.28 -14.41
N PRO B 164 -29.05 -5.00 -15.13
CA PRO B 164 -29.02 -4.22 -16.37
C PRO B 164 -28.28 -2.89 -16.22
N THR B 165 -27.27 -2.65 -17.06
CA THR B 165 -26.56 -1.35 -17.04
C THR B 165 -27.21 -0.40 -18.07
N THR B 166 -26.55 0.72 -18.37
CA THR B 166 -27.07 1.66 -19.40
C THR B 166 -26.32 1.44 -20.72
N GLU B 167 -25.27 0.61 -20.70
CA GLU B 167 -24.46 0.35 -21.92
C GLU B 167 -25.18 -0.70 -22.78
N LEU B 168 -25.29 -0.44 -24.09
CA LEU B 168 -25.91 -1.42 -25.02
C LEU B 168 -24.91 -2.52 -25.34
N ASN B 169 -25.39 -3.67 -25.83
CA ASN B 169 -24.48 -4.79 -26.20
C ASN B 169 -23.63 -4.37 -27.41
N ASP B 170 -24.16 -3.49 -28.27
CA ASP B 170 -23.42 -3.05 -29.49
C ASP B 170 -23.95 -1.72 -29.99
N GLN B 171 -23.24 -1.08 -30.92
CA GLN B 171 -23.68 0.21 -31.50
C GLN B 171 -23.93 0.04 -33.00
N GLY B 172 -24.91 -0.80 -33.38
CA GLY B 172 -25.21 -1.06 -34.80
C GLY B 172 -26.35 -0.21 -35.31
N GLY B 173 -26.71 -0.39 -36.59
CA GLY B 173 -27.81 0.40 -37.20
C GLY B 173 -28.83 -0.48 -37.89
N TYR B 174 -29.60 0.08 -38.82
CA TYR B 174 -30.68 -0.68 -39.50
C TYR B 174 -30.07 -1.77 -40.40
N PHE B 175 -30.49 -3.03 -40.21
CA PHE B 175 -30.01 -4.17 -41.04
C PHE B 175 -28.48 -4.26 -41.03
N ASP B 176 -27.83 -3.79 -39.97
CA ASP B 176 -26.34 -3.78 -39.91
C ASP B 176 -25.81 -5.22 -39.86
N LEU B 177 -24.65 -5.45 -40.47
CA LEU B 177 -24.05 -6.82 -40.49
C LEU B 177 -22.74 -6.82 -39.70
N ALA B 178 -22.67 -7.62 -38.62
CA ALA B 178 -21.42 -7.75 -37.84
C ALA B 178 -21.32 -9.20 -37.33
N PRO B 179 -20.69 -10.13 -38.10
CA PRO B 179 -20.63 -11.55 -37.71
C PRO B 179 -19.89 -11.83 -36.39
N MET B 180 -19.07 -10.89 -35.92
CA MET B 180 -18.28 -11.08 -34.68
C MET B 180 -19.23 -11.31 -33.49
N ASP B 181 -19.81 -10.22 -32.96
CA ASP B 181 -20.75 -10.32 -31.80
C ASP B 181 -21.46 -8.97 -31.62
N LEU B 182 -22.05 -8.44 -32.70
CA LEU B 182 -22.74 -7.13 -32.61
C LEU B 182 -24.08 -7.22 -33.36
N GLY B 183 -24.05 -7.19 -34.69
CA GLY B 183 -25.29 -7.30 -35.49
C GLY B 183 -26.09 -8.52 -35.07
N GLU B 184 -25.48 -9.71 -35.07
CA GLU B 184 -26.17 -10.93 -34.60
C GLU B 184 -26.02 -11.06 -33.09
N ASN B 185 -24.79 -11.35 -32.62
CA ASN B 185 -24.53 -11.50 -31.16
C ASN B 185 -25.49 -12.53 -30.57
N CYS B 186 -26.26 -12.14 -29.55
CA CYS B 186 -27.25 -13.06 -28.92
C CYS B 186 -28.56 -13.02 -29.74
N ARG B 187 -28.60 -13.74 -30.86
CA ARG B 187 -29.81 -13.76 -31.73
C ARG B 187 -29.86 -15.10 -32.45
N ARG B 188 -28.73 -15.54 -33.02
CA ARG B 188 -28.66 -16.87 -33.70
C ARG B 188 -29.12 -17.95 -32.73
N GLU B 189 -28.57 -17.98 -31.51
CA GLU B 189 -28.93 -19.01 -30.51
C GLU B 189 -30.42 -18.92 -30.19
N ILE B 190 -30.94 -17.69 -30.02
CA ILE B 190 -32.40 -17.51 -29.74
C ILE B 190 -33.21 -18.14 -30.88
N VAL B 191 -32.93 -17.73 -32.13
CA VAL B 191 -33.67 -18.28 -33.30
C VAL B 191 -33.58 -19.81 -33.28
N LEU B 192 -32.38 -20.36 -33.09
CA LEU B 192 -32.18 -21.84 -33.06
C LEU B 192 -33.09 -22.45 -31.99
N LYS B 193 -33.01 -21.95 -30.75
CA LYS B 193 -33.84 -22.47 -29.63
C LYS B 193 -35.32 -22.40 -30.01
N LEU B 194 -35.78 -21.23 -30.47
CA LEU B 194 -37.21 -21.05 -30.84
C LEU B 194 -37.60 -22.10 -31.89
N GLU B 195 -36.83 -22.19 -32.99
CA GLU B 195 -37.13 -23.16 -34.07
C GLU B 195 -37.22 -24.58 -33.48
N GLU B 196 -36.25 -24.96 -32.65
CA GLU B 196 -36.25 -26.31 -32.00
C GLU B 196 -37.56 -26.52 -31.25
N MET B 197 -37.94 -25.56 -30.40
CA MET B 197 -39.20 -25.65 -29.61
C MET B 197 -40.38 -25.87 -30.56
N GLY B 198 -40.46 -25.09 -31.64
CA GLY B 198 -41.55 -25.25 -32.62
C GLY B 198 -41.99 -23.91 -33.18
N PHE B 199 -41.09 -22.92 -33.20
CA PHE B 199 -41.42 -21.57 -33.73
C PHE B 199 -41.03 -21.48 -35.20
N GLU B 200 -41.97 -21.08 -36.04
CA GLU B 200 -41.64 -20.87 -37.48
C GLU B 200 -41.07 -19.45 -37.61
N ILE B 201 -39.74 -19.32 -37.61
CA ILE B 201 -39.10 -17.97 -37.66
C ILE B 201 -39.00 -17.51 -39.11
N GLU B 202 -39.52 -16.32 -39.41
CA GLU B 202 -39.43 -15.77 -40.79
C GLU B 202 -38.02 -15.23 -41.03
N ALA B 203 -37.66 -14.14 -40.37
CA ALA B 203 -36.32 -13.51 -40.56
C ALA B 203 -35.92 -12.70 -39.33
N SER B 204 -34.63 -12.40 -39.18
CA SER B 204 -34.15 -11.57 -38.05
C SER B 204 -33.17 -10.50 -38.56
N HIS B 205 -33.13 -9.34 -37.92
CA HIS B 205 -32.27 -8.23 -38.40
C HIS B 205 -31.98 -7.22 -37.28
N HIS B 206 -30.97 -6.36 -37.47
CA HIS B 206 -30.68 -5.31 -36.47
C HIS B 206 -31.63 -4.13 -36.69
N GLU B 207 -32.29 -3.65 -35.62
CA GLU B 207 -33.27 -2.54 -35.75
C GLU B 207 -32.53 -1.20 -35.79
N VAL B 208 -33.23 -0.11 -36.13
CA VAL B 208 -32.59 1.24 -36.27
C VAL B 208 -31.72 1.57 -35.06
N ALA B 209 -32.30 1.63 -33.85
CA ALA B 209 -31.54 2.04 -32.65
C ALA B 209 -30.43 1.03 -32.33
N PRO B 210 -29.26 1.47 -31.83
CA PRO B 210 -28.19 0.56 -31.43
C PRO B 210 -28.64 -0.45 -30.36
N GLY B 211 -28.17 -1.70 -30.46
CA GLY B 211 -28.53 -2.74 -29.48
C GLY B 211 -29.96 -3.22 -29.64
N GLN B 212 -30.52 -3.11 -30.84
CA GLN B 212 -31.92 -3.59 -31.09
C GLN B 212 -31.87 -4.68 -32.18
N HIS B 213 -32.48 -5.84 -31.93
CA HIS B 213 -32.46 -6.99 -32.87
C HIS B 213 -33.88 -7.55 -32.97
N GLU B 214 -34.56 -7.32 -34.10
CA GLU B 214 -35.98 -7.76 -34.24
C GLU B 214 -36.05 -9.17 -34.84
N ILE B 215 -36.66 -10.12 -34.11
CA ILE B 215 -36.84 -11.50 -34.64
C ILE B 215 -38.31 -11.65 -35.04
N ASP B 216 -38.58 -12.04 -36.29
CA ASP B 216 -39.99 -12.11 -36.77
C ASP B 216 -40.45 -13.56 -36.95
N PHE B 217 -41.72 -13.85 -36.67
CA PHE B 217 -42.28 -15.18 -36.86
C PHE B 217 -43.24 -15.18 -38.05
N LYS B 218 -43.56 -16.38 -38.52
CA LYS B 218 -44.60 -16.52 -39.52
C LYS B 218 -45.97 -16.30 -38.89
N TYR B 219 -46.95 -16.02 -39.74
CA TYR B 219 -48.28 -15.67 -39.25
C TYR B 219 -49.00 -16.89 -38.72
N ALA B 220 -49.82 -16.68 -37.68
CA ALA B 220 -50.58 -17.75 -37.07
C ALA B 220 -51.92 -17.18 -36.61
N ASP B 221 -52.78 -18.06 -36.10
CA ASP B 221 -54.04 -17.60 -35.55
C ASP B 221 -53.80 -16.78 -34.28
N ALA B 222 -54.82 -16.00 -33.90
CA ALA B 222 -54.64 -14.97 -32.89
C ALA B 222 -54.18 -15.56 -31.56
N VAL B 223 -54.87 -16.60 -31.08
CA VAL B 223 -54.50 -17.21 -29.80
C VAL B 223 -53.10 -17.78 -29.86
N LYS B 224 -52.79 -18.48 -30.95
CA LYS B 224 -51.44 -19.03 -31.13
C LYS B 224 -50.42 -17.90 -31.21
N ALA B 225 -50.78 -16.80 -31.88
CA ALA B 225 -49.85 -15.68 -32.00
C ALA B 225 -49.53 -15.08 -30.63
N ALA B 226 -50.55 -14.92 -29.78
CA ALA B 226 -50.31 -14.36 -28.45
C ALA B 226 -49.50 -15.33 -27.59
N ASP B 227 -49.81 -16.62 -27.67
CA ASP B 227 -49.00 -17.61 -26.95
C ASP B 227 -47.55 -17.56 -27.41
N GLN B 228 -47.34 -17.42 -28.72
CA GLN B 228 -45.98 -17.35 -29.24
C GLN B 228 -45.28 -16.07 -28.79
N ILE B 229 -46.01 -14.97 -28.66
CA ILE B 229 -45.41 -13.73 -28.17
C ILE B 229 -44.93 -13.92 -26.74
N GLN B 230 -45.78 -14.50 -25.90
CA GLN B 230 -45.38 -14.74 -24.51
C GLN B 230 -44.17 -15.66 -24.42
N THR B 231 -44.21 -16.78 -25.15
CA THR B 231 -43.09 -17.71 -25.14
C THR B 231 -41.83 -17.07 -25.68
N PHE B 232 -41.96 -16.24 -26.73
CA PHE B 232 -40.83 -15.58 -27.32
C PHE B 232 -40.17 -14.63 -26.32
N LYS B 233 -40.97 -13.85 -25.60
CA LYS B 233 -40.40 -12.97 -24.60
C LYS B 233 -39.66 -13.75 -23.53
N LEU B 234 -40.27 -14.82 -23.04
CA LEU B 234 -39.61 -15.64 -22.01
C LEU B 234 -38.30 -16.23 -22.52
N VAL B 235 -38.31 -16.79 -23.73
CA VAL B 235 -37.12 -17.43 -24.27
C VAL B 235 -36.03 -16.41 -24.52
N VAL B 236 -36.38 -15.24 -25.06
CA VAL B 236 -35.38 -14.21 -25.30
C VAL B 236 -34.74 -13.77 -24.00
N LYS B 237 -35.55 -13.56 -22.96
CA LYS B 237 -34.99 -13.15 -21.67
C LYS B 237 -34.04 -14.22 -21.14
N THR B 238 -34.45 -15.49 -21.20
CA THR B 238 -33.60 -16.56 -20.67
C THR B 238 -32.28 -16.66 -21.42
N ILE B 239 -32.34 -16.65 -22.76
CA ILE B 239 -31.12 -16.81 -23.54
C ILE B 239 -30.20 -15.61 -23.36
N ALA B 240 -30.76 -14.41 -23.28
CA ALA B 240 -29.94 -13.23 -23.04
C ALA B 240 -29.26 -13.30 -21.68
N ARG B 241 -29.99 -13.78 -20.66
CA ARG B 241 -29.38 -13.96 -19.35
C ARG B 241 -28.27 -14.99 -19.40
N GLN B 242 -28.41 -16.00 -20.27
CA GLN B 242 -27.37 -17.03 -20.37
C GLN B 242 -26.05 -16.46 -20.84
N HIS B 243 -26.09 -15.49 -21.77
CA HIS B 243 -24.89 -14.91 -22.34
C HIS B 243 -24.37 -13.71 -21.54
N GLY B 244 -24.84 -13.54 -20.30
CA GLY B 244 -24.45 -12.38 -19.53
C GLY B 244 -24.94 -11.06 -20.07
N LEU B 245 -26.14 -11.06 -20.65
CA LEU B 245 -26.77 -9.84 -21.15
C LEU B 245 -28.14 -9.70 -20.51
N HIS B 246 -28.77 -8.54 -20.77
CA HIS B 246 -30.10 -8.28 -20.27
C HIS B 246 -30.98 -7.87 -21.45
N ALA B 247 -32.09 -8.58 -21.63
CA ALA B 247 -33.05 -8.26 -22.68
C ALA B 247 -34.28 -7.61 -22.07
N THR B 248 -34.69 -6.48 -22.62
CA THR B 248 -35.83 -5.75 -22.12
C THR B 248 -36.77 -5.41 -23.27
N PHE B 249 -38.07 -5.55 -23.01
CA PHE B 249 -39.10 -5.12 -23.95
C PHE B 249 -39.73 -3.80 -23.51
N MET B 250 -38.98 -3.01 -22.76
CA MET B 250 -39.44 -1.70 -22.33
C MET B 250 -39.65 -0.82 -23.56
N PRO B 251 -40.79 -0.13 -23.66
CA PRO B 251 -41.08 0.64 -24.88
C PRO B 251 -40.04 1.71 -25.21
N LYS B 252 -39.49 2.39 -24.22
CA LYS B 252 -38.53 3.47 -24.44
C LYS B 252 -37.49 3.45 -23.33
N PRO B 253 -36.50 2.56 -23.41
CA PRO B 253 -35.51 2.48 -22.33
C PRO B 253 -34.56 3.67 -22.29
N LEU B 254 -34.32 4.33 -23.41
CA LEU B 254 -33.37 5.43 -23.47
C LEU B 254 -34.00 6.63 -24.16
N PHE B 255 -33.64 7.82 -23.71
CA PHE B 255 -34.10 9.05 -24.33
C PHE B 255 -33.24 9.37 -25.54
N GLY B 256 -33.88 9.84 -26.60
CA GLY B 256 -33.18 10.27 -27.80
C GLY B 256 -32.92 9.19 -28.82
N VAL B 257 -33.27 7.94 -28.54
CA VAL B 257 -33.11 6.85 -29.49
C VAL B 257 -34.48 6.26 -29.77
N ASN B 258 -34.52 5.37 -30.76
CA ASN B 258 -35.77 4.74 -31.16
C ASN B 258 -36.30 3.85 -30.05
N GLY B 259 -37.63 3.78 -29.94
CA GLY B 259 -38.26 2.88 -29.01
C GLY B 259 -38.54 1.52 -29.62
N SER B 260 -39.22 0.69 -28.84
CA SER B 260 -39.58 -0.66 -29.26
C SER B 260 -41.09 -0.73 -29.48
N GLY B 261 -41.49 -1.24 -30.64
CA GLY B 261 -42.90 -1.39 -30.98
C GLY B 261 -43.28 -2.85 -31.15
N MET B 262 -44.58 -3.08 -31.30
CA MET B 262 -45.13 -4.41 -31.52
C MET B 262 -46.16 -4.34 -32.65
N HIS B 263 -45.75 -3.77 -33.78
CA HIS B 263 -46.60 -3.71 -34.96
C HIS B 263 -47.29 -5.04 -35.20
N CYS B 264 -48.62 -5.02 -35.28
CA CYS B 264 -49.42 -6.22 -35.45
C CYS B 264 -50.05 -6.19 -36.83
N ASN B 265 -49.76 -7.21 -37.63
CA ASN B 265 -50.35 -7.36 -38.95
C ASN B 265 -51.56 -8.28 -38.84
N GLN B 266 -52.72 -7.81 -39.29
CA GLN B 266 -53.97 -8.54 -39.13
C GLN B 266 -54.67 -8.72 -40.47
N SER B 267 -55.29 -9.88 -40.64
CA SER B 267 -56.14 -10.14 -41.79
C SER B 267 -57.22 -11.11 -41.37
N LEU B 268 -58.47 -10.77 -41.66
CA LEU B 268 -59.60 -11.63 -41.34
C LEU B 268 -59.75 -12.69 -42.43
N PHE B 269 -60.13 -13.89 -42.03
CA PHE B 269 -60.25 -15.00 -42.96
C PHE B 269 -61.61 -15.65 -42.81
N LYS B 270 -62.16 -16.12 -43.93
CA LYS B 270 -63.44 -16.84 -43.96
C LYS B 270 -63.21 -18.06 -44.85
N ASP B 271 -62.91 -19.20 -44.23
CA ASP B 271 -62.66 -20.45 -44.94
C ASP B 271 -61.53 -20.27 -45.96
N ASN B 272 -60.34 -20.04 -45.39
CA ASN B 272 -59.06 -19.86 -46.11
C ASN B 272 -59.21 -18.92 -47.30
N GLU B 273 -60.11 -17.95 -47.17
CA GLU B 273 -60.23 -16.87 -48.13
C GLU B 273 -60.00 -15.55 -47.41
N ASN B 274 -59.08 -14.74 -47.91
CA ASN B 274 -58.78 -13.45 -47.32
C ASN B 274 -59.88 -12.47 -47.69
N VAL B 275 -60.70 -12.10 -46.71
CA VAL B 275 -61.80 -11.16 -46.99
C VAL B 275 -61.34 -9.73 -47.12
N PHE B 276 -60.07 -9.44 -46.80
CA PHE B 276 -59.54 -8.11 -47.00
C PHE B 276 -59.14 -7.86 -48.46
N TYR B 277 -58.99 -8.92 -49.25
CA TYR B 277 -58.52 -8.78 -50.62
C TYR B 277 -59.67 -8.46 -51.56
N ASP B 278 -59.39 -7.59 -52.54
CA ASP B 278 -60.35 -7.26 -53.58
C ASP B 278 -59.55 -6.83 -54.81
N GLU B 279 -59.44 -7.72 -55.79
CA GLU B 279 -58.66 -7.40 -56.99
C GLU B 279 -59.26 -6.23 -57.76
N THR B 280 -60.57 -6.04 -57.65
CA THR B 280 -61.23 -4.95 -58.39
C THR B 280 -60.90 -3.59 -57.80
N ASP B 281 -60.58 -3.53 -56.51
CA ASP B 281 -60.31 -2.25 -55.86
C ASP B 281 -59.01 -1.66 -56.36
N GLU B 282 -58.92 -0.33 -56.32
CA GLU B 282 -57.72 0.35 -56.77
C GLU B 282 -56.52 0.00 -55.90
N LEU B 283 -56.72 -0.06 -54.59
CA LEU B 283 -55.65 -0.43 -53.67
C LEU B 283 -55.65 -1.91 -53.33
N GLY B 284 -56.51 -2.70 -53.96
CA GLY B 284 -56.64 -4.10 -53.62
C GLY B 284 -57.20 -4.33 -52.23
N LEU B 285 -58.13 -3.47 -51.81
CA LEU B 285 -58.71 -3.52 -50.47
C LEU B 285 -60.22 -3.66 -50.59
N SER B 286 -60.77 -4.68 -49.93
CA SER B 286 -62.21 -4.87 -49.94
C SER B 286 -62.89 -3.86 -49.04
N GLN B 287 -64.21 -3.74 -49.20
CA GLN B 287 -64.98 -2.86 -48.32
C GLN B 287 -64.92 -3.34 -46.88
N THR B 288 -64.80 -4.65 -46.67
CA THR B 288 -64.67 -5.17 -45.32
C THR B 288 -63.38 -4.66 -44.66
N ALA B 289 -62.28 -4.67 -45.41
CA ALA B 289 -61.02 -4.16 -44.87
C ALA B 289 -61.11 -2.67 -44.56
N ARG B 290 -61.76 -1.91 -45.42
CA ARG B 290 -61.91 -0.48 -45.17
C ARG B 290 -62.76 -0.21 -43.94
N HIS B 291 -63.84 -0.97 -43.77
CA HIS B 291 -64.64 -0.84 -42.55
C HIS B 291 -63.84 -1.22 -41.32
N TYR B 292 -63.05 -2.28 -41.41
CA TYR B 292 -62.18 -2.69 -40.31
C TYR B 292 -61.23 -1.56 -39.92
N MET B 293 -60.56 -0.96 -40.91
CA MET B 293 -59.62 0.11 -40.64
C MET B 293 -60.33 1.33 -40.05
N ALA B 294 -61.51 1.65 -40.57
CA ALA B 294 -62.26 2.78 -40.03
C ALA B 294 -62.65 2.54 -38.58
N GLY B 295 -63.07 1.32 -38.25
CA GLY B 295 -63.40 1.00 -36.88
C GLY B 295 -62.21 1.09 -35.96
N ILE B 296 -61.04 0.64 -36.42
CA ILE B 296 -59.84 0.75 -35.61
C ILE B 296 -59.48 2.22 -35.40
N LEU B 297 -59.59 3.03 -36.46
CA LEU B 297 -59.26 4.44 -36.34
C LEU B 297 -60.20 5.17 -35.39
N LYS B 298 -61.49 4.83 -35.43
CA LYS B 298 -62.45 5.53 -34.59
C LYS B 298 -62.18 5.31 -33.10
N HIS B 299 -61.80 4.10 -32.73
CA HIS B 299 -61.65 3.74 -31.32
C HIS B 299 -60.21 3.77 -30.83
N ALA B 300 -59.29 4.36 -31.61
CA ALA B 300 -57.87 4.26 -31.29
C ALA B 300 -57.55 4.84 -29.91
N ARG B 301 -58.09 6.02 -29.61
CA ARG B 301 -57.81 6.65 -28.34
C ARG B 301 -58.33 5.81 -27.17
N ALA B 302 -59.38 5.03 -27.40
CA ALA B 302 -59.89 4.15 -26.36
C ALA B 302 -59.00 2.94 -26.13
N MET B 303 -58.47 2.35 -27.20
CA MET B 303 -57.58 1.20 -27.06
C MET B 303 -56.18 1.57 -26.65
N ALA B 304 -55.82 2.86 -26.72
CA ALA B 304 -54.46 3.27 -26.37
C ALA B 304 -54.06 2.83 -24.97
N ALA B 305 -55.00 2.79 -24.03
CA ALA B 305 -54.67 2.37 -22.67
C ALA B 305 -54.34 0.89 -22.60
N ILE B 306 -54.77 0.09 -23.57
CA ILE B 306 -54.47 -1.34 -23.57
C ILE B 306 -53.25 -1.65 -24.43
N THR B 307 -53.16 -1.06 -25.62
CA THR B 307 -52.01 -1.30 -26.47
C THR B 307 -50.77 -0.56 -25.99
N ASN B 308 -50.94 0.50 -25.21
CA ASN B 308 -49.84 1.24 -24.61
C ASN B 308 -50.15 1.36 -23.13
N PRO B 309 -49.89 0.32 -22.35
CA PRO B 309 -50.44 0.26 -20.98
C PRO B 309 -49.58 0.95 -19.93
N THR B 310 -48.30 1.12 -20.18
CA THR B 310 -47.41 1.64 -19.14
C THR B 310 -47.23 3.14 -19.28
N VAL B 311 -46.64 3.74 -18.24
CA VAL B 311 -46.28 5.15 -18.29
C VAL B 311 -45.21 5.38 -19.34
N ASN B 312 -44.22 4.50 -19.42
CA ASN B 312 -43.14 4.64 -20.37
C ASN B 312 -43.61 4.47 -21.81
N SER B 313 -44.80 3.91 -22.02
CA SER B 313 -45.30 3.70 -23.38
C SER B 313 -45.51 5.01 -24.11
N TYR B 314 -45.84 6.08 -23.38
CA TYR B 314 -46.15 7.36 -23.99
C TYR B 314 -44.91 8.26 -24.11
N LYS B 315 -43.77 7.81 -23.60
CA LYS B 315 -42.51 8.43 -23.97
C LYS B 315 -42.01 7.95 -25.33
N ARG B 316 -42.50 6.80 -25.80
CA ARG B 316 -42.22 6.36 -27.16
C ARG B 316 -43.04 7.12 -28.18
N LEU B 317 -44.29 7.44 -27.85
CA LEU B 317 -45.19 8.11 -28.78
C LEU B 317 -44.88 9.61 -28.84
N VAL B 318 -43.66 9.90 -29.29
CA VAL B 318 -43.20 11.27 -29.48
C VAL B 318 -42.69 11.39 -30.91
N PRO B 319 -42.80 12.56 -31.54
CA PRO B 319 -42.42 12.67 -32.95
C PRO B 319 -40.92 12.51 -33.17
N GLY B 320 -40.57 11.96 -34.34
CA GLY B 320 -39.19 11.87 -34.76
C GLY B 320 -38.54 10.52 -34.59
N TYR B 321 -39.28 9.48 -34.19
CA TYR B 321 -38.70 8.18 -33.95
C TYR B 321 -39.54 7.06 -34.56
N GLU B 322 -40.27 7.37 -35.63
CA GLU B 322 -41.08 6.44 -36.42
C GLU B 322 -42.29 5.89 -35.66
N ALA B 323 -42.45 6.22 -34.40
CA ALA B 323 -43.65 5.77 -33.70
C ALA B 323 -44.84 6.64 -34.09
N PRO B 324 -46.03 6.05 -34.22
CA PRO B 324 -47.21 6.84 -34.56
C PRO B 324 -47.56 7.81 -33.44
N CYS B 325 -48.02 9.00 -33.84
CA CYS B 325 -48.51 9.99 -32.89
C CYS B 325 -49.88 10.53 -33.26
N TYR B 326 -50.42 10.19 -34.42
CA TYR B 326 -51.71 10.68 -34.86
C TYR B 326 -52.52 9.52 -35.40
N VAL B 327 -53.84 9.60 -35.21
CA VAL B 327 -54.75 8.54 -35.65
C VAL B 327 -55.03 8.73 -37.13
N ALA B 328 -54.24 8.08 -37.98
CA ALA B 328 -54.40 8.18 -39.42
C ALA B 328 -53.81 6.95 -40.07
N TRP B 329 -54.21 6.72 -41.33
CA TRP B 329 -53.74 5.58 -42.08
C TRP B 329 -53.13 6.04 -43.40
N SER B 330 -52.17 5.26 -43.89
CA SER B 330 -51.51 5.57 -45.15
C SER B 330 -50.85 4.30 -45.67
N ALA B 331 -50.57 4.31 -46.97
CA ALA B 331 -49.77 3.24 -47.56
C ALA B 331 -48.29 3.56 -47.55
N SER B 332 -47.92 4.83 -47.39
CA SER B 332 -46.52 5.23 -47.34
C SER B 332 -46.44 6.56 -46.60
N ASN B 333 -45.93 6.53 -45.37
CA ASN B 333 -45.80 7.74 -44.57
C ASN B 333 -44.71 7.51 -43.53
N ARG B 334 -44.27 8.60 -42.92
CA ARG B 334 -43.25 8.56 -41.88
C ARG B 334 -43.66 7.64 -40.74
N SER B 335 -44.85 7.84 -40.20
CA SER B 335 -45.33 7.07 -39.05
C SER B 335 -46.84 7.18 -38.95
N PRO B 336 -47.57 6.42 -39.76
CA PRO B 336 -49.02 6.38 -39.61
C PRO B 336 -49.46 5.40 -38.53
N MET B 337 -50.65 5.64 -38.00
CA MET B 337 -51.24 4.69 -37.07
C MET B 337 -51.44 3.33 -37.72
N ILE B 338 -51.97 3.34 -38.95
CA ILE B 338 -52.25 2.12 -39.70
C ILE B 338 -51.48 2.18 -41.00
N ARG B 339 -50.72 1.14 -41.30
CA ARG B 339 -50.00 1.03 -42.56
C ARG B 339 -50.47 -0.21 -43.29
N ILE B 340 -50.56 -0.11 -44.61
CA ILE B 340 -51.00 -1.22 -45.45
C ILE B 340 -49.80 -1.68 -46.27
N PRO B 341 -49.26 -2.86 -46.01
CA PRO B 341 -48.11 -3.34 -46.79
C PRO B 341 -48.48 -3.57 -48.24
N ALA B 342 -47.44 -3.56 -49.09
CA ALA B 342 -47.63 -3.71 -50.53
C ALA B 342 -48.09 -5.10 -50.93
N SER B 343 -47.94 -6.10 -50.07
CA SER B 343 -48.34 -7.45 -50.42
C SER B 343 -49.83 -7.53 -50.65
N ARG B 344 -50.24 -8.34 -51.63
CA ARG B 344 -51.64 -8.47 -51.99
C ARG B 344 -52.05 -9.93 -52.04
N GLY B 345 -53.24 -10.21 -52.54
CA GLY B 345 -53.67 -11.59 -52.67
C GLY B 345 -54.06 -12.17 -51.33
N LEU B 346 -53.49 -13.33 -51.00
CA LEU B 346 -53.79 -13.97 -49.74
C LEU B 346 -53.04 -13.36 -48.57
N SER B 347 -52.11 -12.44 -48.83
CA SER B 347 -51.31 -11.82 -47.78
C SER B 347 -51.62 -10.34 -47.59
N THR B 348 -52.79 -9.88 -48.04
CA THR B 348 -53.17 -8.50 -47.80
C THR B 348 -53.46 -8.31 -46.31
N ARG B 349 -52.87 -7.29 -45.71
CA ARG B 349 -52.88 -7.15 -44.26
C ARG B 349 -53.11 -5.69 -43.88
N VAL B 350 -53.54 -5.51 -42.64
CA VAL B 350 -53.63 -4.20 -42.01
C VAL B 350 -52.67 -4.20 -40.84
N GLU B 351 -51.68 -3.31 -40.88
CA GLU B 351 -50.66 -3.23 -39.85
C GLU B 351 -50.98 -2.08 -38.90
N VAL B 352 -51.17 -2.41 -37.63
CA VAL B 352 -51.38 -1.41 -36.58
C VAL B 352 -50.08 -1.28 -35.81
N ARG B 353 -49.57 -0.05 -35.71
CA ARG B 353 -48.23 0.19 -35.19
C ARG B 353 -48.21 0.81 -33.81
N ASN B 354 -49.37 1.09 -33.21
CA ASN B 354 -49.40 1.62 -31.85
C ASN B 354 -48.82 0.68 -30.80
N PRO B 355 -49.17 -0.61 -30.77
CA PRO B 355 -48.78 -1.43 -29.62
C PRO B 355 -47.28 -1.51 -29.43
N ASP B 356 -46.86 -1.55 -28.17
CA ASP B 356 -45.50 -1.82 -27.78
C ASP B 356 -45.43 -3.20 -27.12
N PRO B 357 -44.24 -3.81 -27.07
CA PRO B 357 -44.14 -5.18 -26.53
C PRO B 357 -44.58 -5.29 -25.07
N ALA B 358 -44.64 -4.20 -24.33
CA ALA B 358 -45.13 -4.24 -22.96
C ALA B 358 -46.62 -4.53 -22.87
N ALA B 359 -47.35 -4.43 -23.98
CA ALA B 359 -48.78 -4.66 -23.95
C ALA B 359 -49.10 -6.15 -23.77
N ASN B 360 -50.26 -6.41 -23.20
CA ASN B 360 -50.75 -7.78 -23.10
C ASN B 360 -51.19 -8.24 -24.49
N PRO B 361 -50.60 -9.30 -25.04
CA PRO B 361 -50.96 -9.69 -26.41
C PRO B 361 -52.42 -10.07 -26.55
N TYR B 362 -52.97 -10.83 -25.59
CA TYR B 362 -54.36 -11.24 -25.68
C TYR B 362 -55.29 -10.04 -25.66
N LEU B 363 -55.08 -9.13 -24.70
CA LEU B 363 -55.95 -7.97 -24.59
C LEU B 363 -55.81 -7.05 -25.79
N ALA B 364 -54.58 -6.84 -26.27
CA ALA B 364 -54.36 -5.96 -27.41
C ALA B 364 -55.04 -6.51 -28.66
N LEU B 365 -54.84 -7.80 -28.93
CA LEU B 365 -55.49 -8.41 -30.09
C LEU B 365 -57.00 -8.38 -29.94
N ALA B 366 -57.50 -8.61 -28.72
CA ALA B 366 -58.94 -8.61 -28.51
C ALA B 366 -59.54 -7.24 -28.79
N VAL B 367 -58.91 -6.18 -28.28
CA VAL B 367 -59.49 -4.85 -28.45
C VAL B 367 -59.36 -4.40 -29.91
N MET B 368 -58.24 -4.72 -30.56
CA MET B 368 -58.11 -4.37 -31.97
C MET B 368 -59.15 -5.10 -32.83
N LEU B 369 -59.33 -6.40 -32.60
CA LEU B 369 -60.33 -7.15 -33.34
C LEU B 369 -61.74 -6.64 -33.07
N ARG B 370 -62.03 -6.30 -31.82
CA ARG B 370 -63.37 -5.82 -31.50
C ARG B 370 -63.63 -4.46 -32.14
N ALA B 371 -62.64 -3.57 -32.15
CA ALA B 371 -62.81 -2.29 -32.82
C ALA B 371 -63.03 -2.48 -34.31
N GLY B 372 -62.26 -3.38 -34.93
CA GLY B 372 -62.46 -3.66 -36.35
C GLY B 372 -63.84 -4.23 -36.63
N LEU B 373 -64.30 -5.15 -35.80
CA LEU B 373 -65.62 -5.75 -36.00
C LEU B 373 -66.71 -4.72 -35.79
N ASP B 374 -66.53 -3.81 -34.84
CA ASP B 374 -67.50 -2.74 -34.63
C ASP B 374 -67.55 -1.82 -35.83
N GLY B 375 -66.39 -1.53 -36.44
CA GLY B 375 -66.38 -0.76 -37.67
C GLY B 375 -67.07 -1.48 -38.81
N ILE B 376 -66.89 -2.80 -38.90
CA ILE B 376 -67.58 -3.59 -39.91
C ILE B 376 -69.08 -3.56 -39.68
N LYS B 377 -69.51 -3.68 -38.43
CA LYS B 377 -70.94 -3.74 -38.13
C LYS B 377 -71.67 -2.48 -38.55
N ARG B 378 -71.11 -1.32 -38.21
CA ARG B 378 -71.76 -0.05 -38.47
C ARG B 378 -71.42 0.52 -39.84
N GLN B 379 -70.60 -0.18 -40.61
CA GLN B 379 -70.22 0.24 -41.96
C GLN B 379 -69.63 1.64 -41.95
N MET B 380 -68.61 1.83 -41.11
CA MET B 380 -68.00 3.13 -40.96
C MET B 380 -67.32 3.57 -42.25
N ALA B 381 -67.25 4.87 -42.46
CA ALA B 381 -66.62 5.42 -43.65
C ALA B 381 -65.13 5.66 -43.38
N LEU B 382 -64.29 5.12 -44.24
CA LEU B 382 -62.86 5.29 -44.10
C LEU B 382 -62.47 6.73 -44.41
N PRO B 383 -61.79 7.43 -43.51
CA PRO B 383 -61.29 8.77 -43.83
C PRO B 383 -60.19 8.70 -44.89
N ALA B 384 -59.94 9.85 -45.50
CA ALA B 384 -58.96 9.91 -46.57
C ALA B 384 -57.56 9.60 -46.02
N PRO B 385 -56.73 8.87 -46.77
CA PRO B 385 -55.38 8.61 -46.32
C PRO B 385 -54.54 9.88 -46.30
N ILE B 386 -53.55 9.89 -45.43
CA ILE B 386 -52.62 11.01 -45.38
C ILE B 386 -51.52 10.80 -46.41
N ASP B 387 -51.22 11.85 -47.17
CA ASP B 387 -50.19 11.81 -48.20
C ASP B 387 -48.82 12.06 -47.59
N ARG B 388 -47.84 12.36 -48.42
CA ARG B 388 -46.50 12.72 -47.96
C ARG B 388 -46.49 14.04 -47.20
N ASN B 389 -47.65 14.60 -46.89
CA ASN B 389 -47.76 15.83 -46.11
C ASN B 389 -47.31 15.54 -44.69
N ILE B 390 -46.07 15.92 -44.37
CA ILE B 390 -45.54 15.73 -43.03
C ILE B 390 -46.36 16.57 -42.06
N TYR B 391 -46.46 16.10 -40.81
CA TYR B 391 -47.28 16.73 -39.79
C TYR B 391 -46.63 17.96 -39.17
N VAL B 392 -45.65 18.56 -39.85
CA VAL B 392 -45.15 19.87 -39.46
C VAL B 392 -46.24 20.93 -39.48
N MET B 393 -47.42 20.62 -40.01
CA MET B 393 -48.53 21.55 -40.03
C MET B 393 -48.98 21.86 -38.61
N SER B 394 -49.55 23.06 -38.45
CA SER B 394 -49.99 23.51 -37.15
C SER B 394 -51.20 22.71 -36.67
N GLU B 395 -51.47 22.81 -35.37
CA GLU B 395 -52.63 22.13 -34.80
C GLU B 395 -53.92 22.58 -35.45
N GLU B 396 -54.00 23.84 -35.86
CA GLU B 396 -55.18 24.32 -36.58
C GLU B 396 -55.37 23.55 -37.89
N GLU B 397 -54.27 23.31 -38.61
CA GLU B 397 -54.36 22.50 -39.82
C GLU B 397 -54.78 21.07 -39.49
N ARG B 398 -54.28 20.54 -38.37
CA ARG B 398 -54.55 19.14 -38.04
C ARG B 398 -56.01 18.92 -37.68
N ILE B 399 -56.58 19.77 -36.83
CA ILE B 399 -57.99 19.56 -36.49
C ILE B 399 -58.91 20.13 -37.56
N GLU B 400 -58.38 20.96 -38.47
CA GLU B 400 -59.16 21.35 -39.64
C GLU B 400 -59.31 20.18 -40.60
N GLU B 401 -58.25 19.37 -40.74
CA GLU B 401 -58.29 18.18 -41.58
C GLU B 401 -58.87 16.97 -40.87
N GLY B 402 -59.26 17.10 -39.61
CA GLY B 402 -59.82 15.99 -38.87
C GLY B 402 -58.85 14.87 -38.56
N ILE B 403 -57.63 15.19 -38.15
CA ILE B 403 -56.63 14.19 -37.79
C ILE B 403 -56.54 14.16 -36.27
N PRO B 404 -57.10 13.15 -35.60
CA PRO B 404 -56.96 13.06 -34.15
C PRO B 404 -55.56 12.65 -33.75
N SER B 405 -55.23 12.92 -32.49
CA SER B 405 -53.94 12.57 -31.93
C SER B 405 -54.11 11.55 -30.81
N LEU B 406 -53.11 10.70 -30.66
CA LEU B 406 -53.12 9.69 -29.62
C LEU B 406 -52.94 10.37 -28.26
N PRO B 407 -53.39 9.71 -27.17
CA PRO B 407 -53.26 10.33 -25.85
C PRO B 407 -51.81 10.62 -25.50
N ALA B 408 -51.60 11.73 -24.79
CA ALA B 408 -50.25 12.18 -24.47
C ALA B 408 -49.66 11.46 -23.27
N ASP B 409 -50.47 10.82 -22.45
CA ASP B 409 -49.97 10.10 -21.28
C ASP B 409 -51.00 9.06 -20.86
N LEU B 410 -50.68 8.32 -19.81
CA LEU B 410 -51.53 7.22 -19.37
C LEU B 410 -52.88 7.73 -18.84
N LYS B 411 -52.89 8.92 -18.24
CA LYS B 411 -54.12 9.44 -17.66
C LYS B 411 -55.19 9.68 -18.72
N GLU B 412 -54.80 10.32 -19.83
CA GLU B 412 -55.75 10.56 -20.92
C GLU B 412 -56.27 9.26 -21.48
N ALA B 413 -55.39 8.28 -21.66
CA ALA B 413 -55.79 6.99 -22.19
C ALA B 413 -56.78 6.30 -21.25
N LEU B 414 -56.54 6.38 -19.95
CA LEU B 414 -57.47 5.78 -18.99
C LEU B 414 -58.82 6.47 -19.03
N SER B 415 -58.84 7.79 -19.13
CA SER B 415 -60.11 8.50 -19.22
C SER B 415 -60.88 8.08 -20.48
N GLU B 416 -60.18 7.98 -21.61
CA GLU B 416 -60.82 7.53 -22.84
C GLU B 416 -61.32 6.10 -22.72
N LEU B 417 -60.55 5.24 -22.06
CA LEU B 417 -60.97 3.86 -21.82
C LEU B 417 -62.27 3.83 -21.04
N ILE B 418 -62.35 4.62 -19.97
CA ILE B 418 -63.56 4.65 -19.15
C ILE B 418 -64.74 5.14 -19.97
N ARG B 419 -64.56 6.21 -20.75
CA ARG B 419 -65.67 6.76 -21.50
C ARG B 419 -66.11 5.88 -22.67
N SER B 420 -65.31 4.90 -23.07
CA SER B 420 -65.64 4.09 -24.24
C SER B 420 -66.58 2.94 -23.86
N GLU B 421 -67.61 2.74 -24.67
CA GLU B 421 -68.56 1.67 -24.44
C GLU B 421 -68.36 0.47 -25.37
N VAL B 422 -67.48 0.57 -26.36
CA VAL B 422 -67.29 -0.50 -27.32
C VAL B 422 -66.18 -1.45 -26.86
N ILE B 423 -65.00 -0.92 -26.55
CA ILE B 423 -63.90 -1.80 -26.20
C ILE B 423 -63.91 -2.14 -24.71
N SER B 424 -64.62 -1.35 -23.90
CA SER B 424 -64.87 -1.76 -22.52
C SER B 424 -65.72 -3.01 -22.47
N ASP B 425 -66.65 -3.15 -23.42
CA ASP B 425 -67.41 -4.40 -23.55
C ASP B 425 -66.50 -5.54 -23.99
N ALA B 426 -65.50 -5.24 -24.83
CA ALA B 426 -64.52 -6.26 -25.22
C ALA B 426 -63.75 -6.75 -24.00
N LEU B 427 -63.30 -5.82 -23.15
CA LEU B 427 -62.64 -6.23 -21.92
C LEU B 427 -63.59 -6.97 -20.99
N GLY B 428 -64.84 -6.54 -20.90
CA GLY B 428 -65.78 -7.08 -19.95
C GLY B 428 -65.79 -6.30 -18.66
N ASP B 429 -66.85 -6.51 -17.88
CA ASP B 429 -67.07 -5.74 -16.66
C ASP B 429 -66.04 -6.04 -15.58
N HIS B 430 -65.66 -7.29 -15.38
CA HIS B 430 -64.74 -7.64 -14.32
C HIS B 430 -63.31 -7.19 -14.61
N ALA B 431 -62.83 -7.44 -15.84
CA ALA B 431 -61.45 -7.09 -16.15
C ALA B 431 -61.24 -5.60 -16.26
N LEU B 432 -62.25 -4.86 -16.71
CA LEU B 432 -62.11 -3.42 -16.88
C LEU B 432 -61.85 -2.73 -15.55
N ALA B 433 -62.61 -3.10 -14.52
CA ALA B 433 -62.45 -2.44 -13.23
C ALA B 433 -61.07 -2.69 -12.64
N TYR B 434 -60.58 -3.92 -12.73
CA TYR B 434 -59.28 -4.24 -12.15
C TYR B 434 -58.15 -3.62 -12.96
N PHE B 435 -58.26 -3.62 -14.29
CA PHE B 435 -57.24 -2.95 -15.11
C PHE B 435 -57.20 -1.46 -14.82
N TYR B 436 -58.37 -0.83 -14.69
CA TYR B 436 -58.42 0.58 -14.36
C TYR B 436 -57.81 0.85 -13.00
N GLU B 437 -58.10 0.01 -12.01
CA GLU B 437 -57.50 0.20 -10.69
C GLU B 437 -55.98 0.09 -10.75
N LEU B 438 -55.48 -0.94 -11.45
CA LEU B 438 -54.04 -1.13 -11.55
C LEU B 438 -53.38 0.09 -12.19
N LYS B 439 -53.93 0.55 -13.31
CA LYS B 439 -53.30 1.66 -14.02
C LYS B 439 -53.45 2.97 -13.26
N GLU B 440 -54.57 3.17 -12.57
CA GLU B 440 -54.73 4.37 -11.76
C GLU B 440 -53.70 4.41 -10.63
N ILE B 441 -53.48 3.26 -9.97
CA ILE B 441 -52.46 3.22 -8.92
C ILE B 441 -51.08 3.50 -9.50
N GLU B 442 -50.78 2.90 -10.65
CA GLU B 442 -49.47 3.13 -11.28
C GLU B 442 -49.27 4.61 -11.60
N TRP B 443 -50.28 5.24 -12.21
CA TRP B 443 -50.16 6.65 -12.55
C TRP B 443 -50.04 7.52 -11.32
N ASP B 444 -50.80 7.21 -10.27
CA ASP B 444 -50.71 7.99 -9.03
C ASP B 444 -49.32 7.87 -8.42
N MET B 445 -48.74 6.68 -8.44
CA MET B 445 -47.39 6.53 -7.92
C MET B 445 -46.39 7.30 -8.77
N TYR B 446 -46.60 7.33 -10.10
CA TYR B 446 -45.64 7.99 -10.96
C TYR B 446 -45.71 9.51 -10.84
N ARG B 447 -46.93 10.06 -10.72
CA ARG B 447 -47.10 11.50 -10.85
C ARG B 447 -46.59 12.28 -9.64
N THR B 448 -46.43 11.64 -8.49
CA THR B 448 -45.97 12.32 -7.29
C THR B 448 -44.47 12.23 -7.09
N GLN B 449 -43.75 11.57 -7.98
CA GLN B 449 -42.31 11.44 -7.85
C GLN B 449 -41.62 12.74 -8.25
N VAL B 450 -40.49 13.01 -7.62
CA VAL B 450 -39.62 14.11 -7.97
C VAL B 450 -38.41 13.53 -8.69
N HIS B 451 -38.34 13.75 -9.99
CA HIS B 451 -37.32 13.11 -10.81
C HIS B 451 -36.04 13.92 -10.82
N GLN B 452 -34.95 13.26 -11.22
CA GLN B 452 -33.65 13.90 -11.24
C GLN B 452 -33.61 15.07 -12.22
N TRP B 453 -34.44 15.03 -13.27
CA TRP B 453 -34.49 16.14 -14.21
C TRP B 453 -34.94 17.42 -13.53
N GLU B 454 -35.94 17.33 -12.64
CA GLU B 454 -36.40 18.50 -11.92
C GLU B 454 -35.31 19.05 -11.01
N ARG B 455 -34.59 18.18 -10.32
CA ARG B 455 -33.50 18.63 -9.48
C ARG B 455 -32.35 19.23 -10.28
N ASP B 456 -32.17 18.80 -11.52
CA ASP B 456 -31.16 19.40 -12.38
C ASP B 456 -31.58 20.77 -12.87
N GLN B 457 -32.82 20.91 -13.33
CA GLN B 457 -33.28 22.21 -13.81
C GLN B 457 -33.41 23.21 -12.66
N TYR B 458 -34.11 22.81 -11.60
CA TYR B 458 -34.30 23.65 -10.42
C TYR B 458 -33.23 23.33 -9.38
N LEU B 459 -33.44 23.81 -8.15
CA LEU B 459 -32.55 23.57 -7.01
C LEU B 459 -31.27 24.38 -7.12
N THR B 460 -31.06 25.03 -8.27
CA THR B 460 -30.04 26.05 -8.42
C THR B 460 -30.61 27.32 -9.02
N LEU B 461 -31.50 27.19 -9.99
CA LEU B 461 -32.22 28.35 -10.52
C LEU B 461 -33.12 28.96 -9.47
N TYR B 462 -33.80 28.14 -8.68
CA TYR B 462 -34.68 28.63 -7.63
C TYR B 462 -34.17 28.20 -6.27
N LEU C 1 50.72 -21.41 13.49
CA LEU C 1 50.65 -22.34 12.33
C LEU C 1 49.19 -22.52 11.91
N ILE C 2 48.32 -22.83 12.87
CA ILE C 2 46.87 -23.07 12.56
C ILE C 2 46.11 -21.74 12.64
N GLN C 3 45.60 -21.27 11.50
CA GLN C 3 44.82 -20.01 11.47
C GLN C 3 43.51 -20.25 10.72
N GLY C 4 43.59 -20.77 9.49
CA GLY C 4 42.38 -21.10 8.72
C GLY C 4 41.66 -22.29 9.32
N GLU C 5 42.38 -23.11 10.09
CA GLU C 5 41.75 -24.27 10.77
C GLU C 5 40.88 -23.78 11.92
N LEU C 6 41.31 -22.71 12.62
CA LEU C 6 40.54 -22.21 13.76
C LEU C 6 39.35 -21.35 13.34
N SER C 7 38.93 -21.41 12.08
CA SER C 7 37.84 -20.58 11.60
C SER C 7 36.49 -20.97 12.18
N ARG C 8 36.38 -22.15 12.80
CA ARG C 8 35.09 -22.57 13.35
C ARG C 8 34.66 -21.70 14.52
N PHE C 9 35.62 -21.23 15.32
CA PHE C 9 35.30 -20.30 16.40
C PHE C 9 35.07 -18.89 15.88
N PHE C 10 35.80 -18.49 14.84
CA PHE C 10 35.69 -17.14 14.30
C PHE C 10 34.36 -16.96 13.56
N SER D 22 42.15 -46.40 -27.45
CA SER D 22 42.58 -45.46 -28.48
C SER D 22 41.49 -45.28 -29.54
N TYR D 23 41.81 -44.54 -30.59
CA TYR D 23 40.87 -44.27 -31.67
C TYR D 23 41.62 -44.08 -32.97
N THR D 24 40.91 -44.27 -34.07
CA THR D 24 41.41 -44.02 -35.42
C THR D 24 40.40 -43.16 -36.17
N ARG D 25 40.81 -42.69 -37.35
CA ARG D 25 39.93 -41.87 -38.18
C ARG D 25 38.61 -42.59 -38.43
N GLU D 26 38.70 -43.84 -38.88
CA GLU D 26 37.49 -44.61 -39.17
C GLU D 26 36.66 -44.81 -37.91
N ASP D 27 37.33 -45.06 -36.78
CA ASP D 27 36.60 -45.19 -35.52
C ASP D 27 35.86 -43.90 -35.17
N ILE D 28 36.54 -42.76 -35.31
CA ILE D 28 35.90 -41.49 -34.96
C ILE D 28 34.69 -41.24 -35.84
N ILE D 29 34.83 -41.49 -37.15
CA ILE D 29 33.70 -41.34 -38.04
C ILE D 29 32.57 -42.29 -37.67
N ARG D 30 32.92 -43.51 -37.25
CA ARG D 30 31.91 -44.50 -36.90
C ARG D 30 31.10 -44.06 -35.67
N ILE D 31 31.78 -43.64 -34.60
CA ILE D 31 31.02 -43.16 -33.44
C ILE D 31 30.25 -41.89 -33.79
N ALA D 32 30.83 -40.99 -34.57
CA ALA D 32 30.13 -39.76 -34.90
C ALA D 32 28.83 -40.04 -35.64
N GLU D 33 28.86 -40.97 -36.59
CA GLU D 33 27.62 -41.36 -37.27
C GLU D 33 26.68 -42.10 -36.32
N GLU D 34 27.22 -42.98 -35.48
CA GLU D 34 26.37 -43.79 -34.60
C GLU D 34 25.76 -42.95 -33.49
N GLU D 35 26.56 -42.10 -32.85
CA GLU D 35 26.10 -41.33 -31.70
C GLU D 35 25.24 -40.13 -32.10
N ASN D 36 25.07 -39.89 -33.40
CA ASN D 36 24.34 -38.73 -33.90
C ASN D 36 24.97 -37.43 -33.40
N VAL D 37 26.29 -37.35 -33.53
CA VAL D 37 27.00 -36.12 -33.18
C VAL D 37 26.79 -35.09 -34.28
N ARG D 38 26.30 -33.92 -33.90
CA ARG D 38 26.05 -32.86 -34.86
C ARG D 38 27.10 -31.76 -34.85
N PHE D 39 27.81 -31.58 -33.74
CA PHE D 39 28.73 -30.47 -33.58
C PHE D 39 29.98 -30.96 -32.88
N ILE D 40 31.14 -30.48 -33.33
CA ILE D 40 32.43 -30.91 -32.81
C ILE D 40 33.22 -29.68 -32.39
N ARG D 41 33.79 -29.72 -31.19
CA ARG D 41 34.61 -28.64 -30.66
C ARG D 41 36.07 -28.99 -30.85
N LEU D 42 36.78 -28.18 -31.64
CA LEU D 42 38.22 -28.34 -31.80
C LEU D 42 38.90 -27.50 -30.72
N GLN D 43 39.17 -28.11 -29.57
CA GLN D 43 39.62 -27.38 -28.40
C GLN D 43 41.12 -27.17 -28.42
N PHE D 44 41.55 -26.01 -27.93
CA PHE D 44 42.95 -25.72 -27.68
C PHE D 44 43.03 -24.76 -26.50
N THR D 45 44.25 -24.44 -26.09
CA THR D 45 44.48 -23.63 -24.91
C THR D 45 45.41 -22.47 -25.24
N ASP D 46 45.13 -21.32 -24.65
CA ASP D 46 45.97 -20.14 -24.83
C ASP D 46 47.02 -20.08 -23.71
N LEU D 47 47.85 -19.04 -23.74
CA LEU D 47 48.93 -18.92 -22.77
C LEU D 47 48.42 -18.71 -21.35
N LEU D 48 47.20 -18.23 -21.18
CA LEU D 48 46.63 -18.01 -19.85
C LEU D 48 45.86 -19.21 -19.33
N GLY D 49 45.83 -20.31 -20.06
CA GLY D 49 45.14 -21.50 -19.62
C GLY D 49 43.67 -21.56 -19.94
N THR D 50 43.11 -20.51 -20.54
CA THR D 50 41.71 -20.52 -20.91
C THR D 50 41.48 -21.52 -22.04
N ILE D 51 40.33 -22.20 -22.00
CA ILE D 51 39.99 -23.17 -23.02
C ILE D 51 39.33 -22.45 -24.19
N LYS D 52 39.95 -22.53 -25.36
CA LYS D 52 39.40 -21.98 -26.59
C LYS D 52 39.04 -23.10 -27.55
N ASN D 53 38.16 -22.80 -28.49
CA ASN D 53 37.72 -23.82 -29.43
C ASN D 53 37.27 -23.19 -30.74
N VAL D 54 37.17 -24.04 -31.77
CA VAL D 54 36.55 -23.70 -33.04
C VAL D 54 35.42 -24.70 -33.26
N GLU D 55 34.18 -24.21 -33.26
CA GLU D 55 33.04 -25.08 -33.44
C GLU D 55 32.98 -25.56 -34.88
N ILE D 56 32.59 -26.82 -35.06
CA ILE D 56 32.65 -27.48 -36.37
C ILE D 56 31.40 -28.32 -36.56
N PRO D 57 30.71 -28.19 -37.69
CA PRO D 57 29.61 -29.11 -37.99
C PRO D 57 30.16 -30.47 -38.39
N VAL D 58 29.35 -31.51 -38.13
CA VAL D 58 29.82 -32.87 -38.35
C VAL D 58 30.20 -33.13 -39.80
N SER D 59 29.66 -32.35 -40.74
CA SER D 59 30.02 -32.50 -42.14
C SER D 59 31.47 -32.11 -42.42
N GLN D 60 32.13 -31.43 -41.49
CA GLN D 60 33.52 -31.04 -41.65
C GLN D 60 34.47 -31.94 -40.89
N LEU D 61 33.98 -33.08 -40.38
CA LEU D 61 34.81 -33.94 -39.55
C LEU D 61 35.99 -34.50 -40.32
N GLU D 62 35.77 -34.94 -41.56
CA GLU D 62 36.87 -35.48 -42.35
C GLU D 62 37.91 -34.42 -42.66
N LYS D 63 37.46 -33.20 -42.98
CA LYS D 63 38.39 -32.10 -43.21
C LYS D 63 39.20 -31.80 -41.96
N ALA D 64 38.55 -31.83 -40.79
CA ALA D 64 39.28 -31.62 -39.54
C ALA D 64 40.30 -32.73 -39.29
N LEU D 65 39.90 -33.98 -39.51
CA LEU D 65 40.79 -35.11 -39.30
C LEU D 65 41.93 -35.16 -40.31
N ASP D 66 41.81 -34.47 -41.43
CA ASP D 66 42.90 -34.37 -42.39
C ASP D 66 43.87 -33.24 -42.06
N ASN D 67 43.71 -32.58 -40.91
CA ASN D 67 44.59 -31.50 -40.47
C ASN D 67 44.60 -30.35 -41.48
N LYS D 68 43.41 -29.90 -41.87
CA LYS D 68 43.29 -28.86 -42.87
C LYS D 68 42.50 -27.64 -42.42
N MET D 69 41.98 -27.62 -41.20
CA MET D 69 41.28 -26.45 -40.70
C MET D 69 42.26 -25.36 -40.30
N MET D 70 41.98 -24.15 -40.76
CA MET D 70 42.79 -22.98 -40.45
C MET D 70 42.01 -22.04 -39.55
N PHE D 71 42.74 -21.34 -38.68
CA PHE D 71 42.14 -20.35 -37.80
C PHE D 71 43.18 -19.28 -37.51
N ASP D 72 42.83 -18.34 -36.64
CA ASP D 72 43.69 -17.20 -36.39
C ASP D 72 45.03 -17.61 -35.81
N GLY D 73 45.01 -18.39 -34.73
CA GLY D 73 46.26 -18.79 -34.10
C GLY D 73 46.88 -17.71 -33.24
N SER D 74 46.65 -16.45 -33.60
CA SER D 74 47.07 -15.33 -32.74
C SER D 74 46.23 -15.23 -31.49
N SER D 75 45.11 -15.95 -31.41
CA SER D 75 44.30 -15.96 -30.19
C SER D 75 45.02 -16.61 -29.02
N ILE D 76 46.13 -17.31 -29.28
CA ILE D 76 46.93 -17.87 -28.19
C ILE D 76 47.53 -16.76 -27.35
N GLU D 77 47.93 -15.66 -27.99
CA GLU D 77 48.59 -14.58 -27.28
C GLU D 77 47.67 -13.82 -26.34
N GLY D 78 46.36 -14.05 -26.41
CA GLY D 78 45.44 -13.39 -25.50
C GLY D 78 45.07 -11.98 -25.96
N TYR D 79 45.03 -11.04 -25.03
CA TYR D 79 44.67 -9.66 -25.35
C TYR D 79 45.86 -8.83 -25.79
N VAL D 80 47.05 -9.41 -25.87
CA VAL D 80 48.22 -8.69 -26.37
C VAL D 80 48.57 -9.09 -27.80
N ARG D 81 47.69 -9.81 -28.48
CA ARG D 81 47.91 -10.17 -29.87
C ARG D 81 47.96 -8.91 -30.73
N ILE D 82 48.89 -8.88 -31.68
CA ILE D 82 49.15 -7.69 -32.47
C ILE D 82 48.78 -7.89 -33.94
N GLU D 83 49.01 -9.09 -34.49
CA GLU D 83 48.71 -9.34 -35.89
C GLU D 83 48.06 -10.70 -36.03
N GLU D 84 47.12 -10.80 -36.97
CA GLU D 84 46.44 -12.06 -37.24
C GLU D 84 47.35 -12.97 -38.06
N SER D 85 47.47 -14.22 -37.64
CA SER D 85 48.23 -15.23 -38.35
C SER D 85 47.29 -16.27 -38.93
N ASP D 86 47.88 -17.29 -39.55
CA ASP D 86 47.14 -18.44 -40.05
C ASP D 86 47.80 -19.70 -39.53
N MET D 87 47.00 -20.58 -38.96
CA MET D 87 47.57 -21.78 -38.32
C MET D 87 46.59 -22.92 -38.46
N TYR D 88 47.13 -24.13 -38.46
CA TYR D 88 46.34 -25.33 -38.65
C TYR D 88 46.07 -26.03 -37.33
N LEU D 89 44.91 -26.66 -37.23
CA LEU D 89 44.54 -27.46 -36.07
C LEU D 89 44.81 -28.92 -36.38
N TYR D 90 45.63 -29.58 -35.56
CA TYR D 90 45.96 -30.99 -35.71
C TYR D 90 45.30 -31.75 -34.57
N PRO D 91 44.09 -32.27 -34.76
CA PRO D 91 43.39 -32.92 -33.64
C PRO D 91 44.10 -34.18 -33.17
N ASP D 92 43.99 -34.44 -31.87
CA ASP D 92 44.53 -35.64 -31.26
C ASP D 92 43.38 -36.63 -31.13
N LEU D 93 43.47 -37.74 -31.87
CA LEU D 93 42.35 -38.67 -31.95
C LEU D 93 42.07 -39.34 -30.61
N ASP D 94 43.09 -39.48 -29.77
CA ASP D 94 42.92 -40.13 -28.48
C ASP D 94 42.14 -39.29 -27.49
N THR D 95 41.94 -38.00 -27.76
CA THR D 95 41.23 -37.10 -26.87
C THR D 95 39.74 -37.01 -27.19
N TRP D 96 39.25 -37.81 -28.13
CA TRP D 96 37.85 -37.76 -28.49
C TRP D 96 36.96 -38.14 -27.33
N VAL D 97 35.87 -37.40 -27.15
CA VAL D 97 34.88 -37.71 -26.13
C VAL D 97 33.59 -36.98 -26.51
N VAL D 98 32.47 -37.53 -26.09
CA VAL D 98 31.15 -36.97 -26.36
C VAL D 98 30.54 -36.48 -25.06
N PHE D 99 30.14 -35.22 -25.02
CA PHE D 99 29.61 -34.64 -23.80
C PHE D 99 28.25 -35.26 -23.47
N PRO D 100 27.96 -35.50 -22.19
CA PRO D 100 26.71 -36.18 -21.84
C PRO D 100 25.52 -35.25 -21.74
N TRP D 101 25.75 -33.96 -21.48
CA TRP D 101 24.65 -33.03 -21.29
C TRP D 101 24.12 -32.47 -22.60
N VAL D 102 24.69 -32.86 -23.74
CA VAL D 102 24.23 -32.35 -25.03
C VAL D 102 22.80 -32.81 -25.31
N THR D 103 22.47 -34.04 -24.90
CA THR D 103 21.12 -34.60 -25.02
C THR D 103 20.64 -34.66 -26.46
N SER D 104 19.87 -33.65 -26.89
CA SER D 104 19.24 -33.66 -28.21
C SER D 104 20.28 -33.71 -29.34
N ASP D 105 21.07 -32.65 -29.47
CA ASP D 105 22.12 -32.60 -30.49
C ASP D 105 23.45 -32.89 -29.82
N ARG D 106 24.00 -34.06 -30.09
CA ARG D 106 25.23 -34.48 -29.43
C ARG D 106 26.39 -33.59 -29.85
N VAL D 107 27.20 -33.19 -28.88
CA VAL D 107 28.40 -32.38 -29.13
C VAL D 107 29.60 -33.16 -28.65
N ALA D 108 30.60 -33.29 -29.50
CA ALA D 108 31.85 -33.93 -29.17
C ALA D 108 32.98 -32.91 -29.20
N ARG D 109 34.17 -33.36 -28.75
CA ARG D 109 35.31 -32.47 -28.71
C ARG D 109 36.57 -33.24 -29.12
N LEU D 110 37.53 -32.49 -29.62
CA LEU D 110 38.87 -33.00 -29.89
C LEU D 110 39.88 -31.95 -29.48
N ILE D 111 40.94 -32.38 -28.80
CA ILE D 111 42.01 -31.48 -28.40
C ILE D 111 43.06 -31.47 -29.50
N CYS D 112 43.38 -30.29 -30.00
CA CYS D 112 44.21 -30.14 -31.19
C CYS D 112 45.51 -29.44 -30.84
N ASP D 113 46.55 -29.73 -31.62
CA ASP D 113 47.81 -29.01 -31.57
C ASP D 113 47.83 -27.96 -32.68
N ILE D 114 48.62 -26.91 -32.45
CA ILE D 114 48.68 -25.77 -33.36
C ILE D 114 49.92 -25.92 -34.22
N TYR D 115 49.75 -25.87 -35.54
CA TYR D 115 50.84 -26.03 -36.49
C TYR D 115 50.90 -24.84 -37.43
N LYS D 116 52.12 -24.41 -37.74
CA LYS D 116 52.31 -23.36 -38.72
C LYS D 116 52.00 -23.90 -40.12
N PRO D 117 51.66 -23.01 -41.07
CA PRO D 117 51.36 -23.50 -42.42
C PRO D 117 52.49 -24.25 -43.09
N ASP D 118 53.74 -23.96 -42.72
CA ASP D 118 54.87 -24.66 -43.33
C ASP D 118 54.92 -26.12 -42.91
N GLY D 119 54.28 -26.46 -41.79
CA GLY D 119 54.25 -27.84 -41.35
C GLY D 119 54.85 -28.05 -39.97
N SER D 120 55.66 -27.10 -39.52
CA SER D 120 56.26 -27.22 -38.21
C SER D 120 55.28 -26.81 -37.12
N PRO D 121 55.39 -27.39 -35.93
CA PRO D 121 54.50 -26.99 -34.83
C PRO D 121 54.76 -25.56 -34.40
N PHE D 122 53.69 -24.90 -33.93
CA PHE D 122 53.80 -23.54 -33.46
C PHE D 122 54.54 -23.50 -32.12
N ALA D 123 55.55 -22.62 -32.03
CA ALA D 123 56.36 -22.54 -30.83
C ALA D 123 55.63 -21.93 -29.65
N GLY D 124 54.55 -21.21 -29.90
CA GLY D 124 53.79 -20.58 -28.84
C GLY D 124 52.65 -21.39 -28.27
N ASP D 125 52.48 -22.63 -28.70
CA ASP D 125 51.39 -23.47 -28.22
C ASP D 125 51.82 -24.16 -26.93
N PRO D 126 51.09 -23.97 -25.82
CA PRO D 126 51.50 -24.61 -24.56
C PRO D 126 51.60 -26.12 -24.64
N ARG D 127 50.67 -26.77 -25.34
CA ARG D 127 50.73 -28.21 -25.51
C ARG D 127 51.99 -28.62 -26.27
N GLY D 128 52.34 -27.85 -27.30
CA GLY D 128 53.59 -28.11 -28.01
C GLY D 128 54.80 -27.89 -27.14
N ILE D 129 54.73 -26.91 -26.24
CA ILE D 129 55.83 -26.65 -25.32
C ILE D 129 56.05 -27.85 -24.39
N LEU D 130 54.95 -28.37 -23.83
CA LEU D 130 55.05 -29.54 -22.98
C LEU D 130 55.55 -30.75 -23.75
N LYS D 131 55.09 -30.91 -24.99
CA LYS D 131 55.56 -32.02 -25.82
C LYS D 131 57.06 -31.91 -26.09
N ARG D 132 57.54 -30.69 -26.36
CA ARG D 132 58.96 -30.50 -26.62
C ARG D 132 59.80 -30.79 -25.37
N VAL D 133 59.33 -30.37 -24.21
CA VAL D 133 60.06 -30.67 -22.98
C VAL D 133 60.06 -32.17 -22.72
N LEU D 134 58.94 -32.84 -22.97
CA LEU D 134 58.90 -34.29 -22.82
C LEU D 134 59.84 -34.98 -23.81
N LYS D 135 59.98 -34.42 -25.02
CA LYS D 135 60.89 -34.99 -26.01
C LYS D 135 62.33 -34.86 -25.55
N GLU D 136 62.72 -33.69 -25.05
CA GLU D 136 64.08 -33.56 -24.56
C GLU D 136 64.31 -34.34 -23.28
N ALA D 137 63.25 -34.67 -22.54
CA ALA D 137 63.38 -35.62 -21.45
C ALA D 137 63.65 -37.03 -21.99
N GLU D 138 62.90 -37.44 -23.01
CA GLU D 138 63.13 -38.74 -23.63
C GLU D 138 64.55 -38.85 -24.19
N GLU D 139 65.10 -37.73 -24.64
CA GLU D 139 66.48 -37.73 -25.11
C GLU D 139 67.47 -38.13 -24.01
N LEU D 140 67.09 -38.03 -22.74
CA LEU D 140 67.92 -38.48 -21.64
C LEU D 140 67.59 -39.89 -21.17
N GLY D 141 66.67 -40.57 -21.84
CA GLY D 141 66.33 -41.93 -21.52
C GLY D 141 65.09 -42.10 -20.64
N TYR D 142 64.40 -41.02 -20.30
CA TYR D 142 63.20 -41.09 -19.48
C TYR D 142 61.99 -41.24 -20.38
N THR D 143 61.36 -42.41 -20.32
CA THR D 143 60.28 -42.73 -21.26
C THR D 143 59.08 -41.82 -21.07
N SER D 144 58.69 -41.57 -19.82
CA SER D 144 57.50 -40.78 -19.56
C SER D 144 57.62 -40.11 -18.20
N MET D 145 56.78 -39.09 -18.01
CA MET D 145 56.64 -38.39 -16.74
C MET D 145 55.22 -38.61 -16.23
N ASN D 146 55.09 -39.32 -15.12
CA ASN D 146 53.79 -39.67 -14.57
C ASN D 146 53.36 -38.61 -13.58
N VAL D 147 52.17 -38.04 -13.80
CA VAL D 147 51.72 -36.86 -13.07
C VAL D 147 50.35 -37.12 -12.49
N GLY D 148 50.17 -36.82 -11.21
CA GLY D 148 48.87 -36.82 -10.60
C GLY D 148 48.59 -35.52 -9.87
N PRO D 149 47.64 -34.74 -10.38
CA PRO D 149 47.31 -33.45 -9.76
C PRO D 149 46.20 -33.57 -8.72
N GLU D 150 46.13 -32.55 -7.86
CA GLU D 150 45.15 -32.47 -6.79
C GLU D 150 44.49 -31.10 -6.80
N PRO D 151 43.63 -30.84 -7.80
CA PRO D 151 42.99 -29.52 -7.89
C PRO D 151 41.83 -29.40 -6.93
N GLU D 152 41.73 -28.23 -6.29
CA GLU D 152 40.67 -27.92 -5.35
C GLU D 152 39.88 -26.73 -5.85
N PHE D 153 38.60 -26.69 -5.48
CA PHE D 153 37.72 -25.63 -5.96
C PHE D 153 36.73 -25.26 -4.87
N PHE D 154 36.15 -24.08 -5.01
CA PHE D 154 35.12 -23.57 -4.12
C PHE D 154 33.78 -23.56 -4.81
N LEU D 155 32.71 -23.74 -4.05
CA LEU D 155 31.34 -23.65 -4.55
C LEU D 155 30.66 -22.48 -3.88
N PHE D 156 30.12 -21.56 -4.69
CA PHE D 156 29.43 -20.38 -4.19
C PHE D 156 27.97 -20.43 -4.65
N LYS D 157 27.10 -19.89 -3.80
CA LYS D 157 25.69 -19.75 -4.17
C LYS D 157 25.52 -18.57 -5.12
N THR D 158 24.59 -18.71 -6.05
CA THR D 158 24.31 -17.68 -7.03
C THR D 158 23.08 -16.87 -6.63
N ASP D 159 22.88 -15.75 -7.29
CA ASP D 159 21.71 -14.91 -7.08
C ASP D 159 20.68 -15.17 -8.17
N GLU D 160 19.63 -14.35 -8.19
CA GLU D 160 18.59 -14.53 -9.20
C GLU D 160 19.13 -14.30 -10.61
N LYS D 161 20.01 -13.32 -10.78
CA LYS D 161 20.61 -13.06 -12.08
C LYS D 161 21.61 -14.12 -12.49
N GLY D 162 21.97 -15.04 -11.60
CA GLY D 162 22.94 -16.07 -11.92
C GLY D 162 24.38 -15.69 -11.69
N ASP D 163 24.64 -14.70 -10.86
CA ASP D 163 26.01 -14.29 -10.57
C ASP D 163 26.43 -14.78 -9.19
N PRO D 164 27.71 -15.09 -9.00
CA PRO D 164 28.14 -15.63 -7.70
C PRO D 164 28.03 -14.60 -6.59
N THR D 165 27.53 -15.04 -5.44
CA THR D 165 27.52 -14.23 -4.25
C THR D 165 28.77 -14.52 -3.44
N THR D 166 28.83 -14.03 -2.21
CA THR D 166 29.96 -14.25 -1.32
C THR D 166 29.70 -15.34 -0.30
N GLU D 167 28.59 -16.08 -0.43
CA GLU D 167 28.20 -17.08 0.54
C GLU D 167 28.54 -18.47 0.01
N LEU D 168 29.20 -19.27 0.84
CA LEU D 168 29.56 -20.63 0.45
C LEU D 168 28.33 -21.52 0.42
N ASN D 169 28.44 -22.63 -0.32
CA ASN D 169 27.32 -23.56 -0.44
C ASN D 169 27.11 -24.35 0.84
N ASP D 170 28.15 -24.52 1.65
CA ASP D 170 28.03 -25.26 2.90
C ASP D 170 29.04 -24.70 3.90
N GLN D 171 29.12 -25.33 5.06
CA GLN D 171 30.03 -24.91 6.12
C GLN D 171 30.75 -26.11 6.70
N GLY D 172 31.09 -27.08 5.85
CA GLY D 172 31.77 -28.28 6.31
C GLY D 172 33.24 -28.07 6.53
N GLY D 173 33.88 -29.12 7.05
CA GLY D 173 35.30 -29.07 7.34
C GLY D 173 36.10 -30.13 6.63
N TYR D 174 37.29 -30.43 7.15
CA TYR D 174 38.18 -31.39 6.52
C TYR D 174 37.59 -32.79 6.62
N PHE D 175 37.36 -33.43 5.47
CA PHE D 175 36.84 -34.78 5.36
C PHE D 175 35.47 -34.93 6.01
N ASP D 176 34.71 -33.84 6.11
CA ASP D 176 33.37 -33.91 6.68
C ASP D 176 32.43 -34.62 5.72
N LEU D 177 31.26 -35.00 6.24
CA LEU D 177 30.22 -35.61 5.42
C LEU D 177 28.87 -35.05 5.86
N ALA D 178 28.14 -34.47 4.90
CA ALA D 178 26.76 -34.04 5.10
C ALA D 178 25.94 -34.48 3.89
N PRO D 179 25.48 -35.74 3.88
CA PRO D 179 24.96 -36.34 2.65
C PRO D 179 23.72 -35.66 2.08
N MET D 180 23.01 -34.89 2.90
CA MET D 180 21.72 -34.36 2.48
C MET D 180 21.83 -33.47 1.24
N ASP D 181 22.43 -32.28 1.40
CA ASP D 181 22.64 -31.42 0.24
C ASP D 181 23.94 -30.62 0.34
N LEU D 182 24.74 -30.85 1.39
CA LEU D 182 25.86 -29.97 1.71
C LEU D 182 27.20 -30.69 1.56
N GLY D 183 27.40 -31.81 2.26
CA GLY D 183 28.69 -32.47 2.27
C GLY D 183 29.12 -32.95 0.90
N GLU D 184 28.26 -33.70 0.23
CA GLU D 184 28.53 -34.08 -1.16
C GLU D 184 28.11 -32.97 -2.11
N ASN D 185 26.81 -32.65 -2.13
CA ASN D 185 26.27 -31.61 -2.99
C ASN D 185 26.66 -31.83 -4.44
N CYS D 186 27.42 -30.90 -5.01
CA CYS D 186 27.90 -30.98 -6.38
C CYS D 186 29.26 -31.68 -6.45
N ARG D 187 29.32 -32.84 -5.87
CA ARG D 187 30.55 -33.62 -5.95
C ARG D 187 30.28 -35.04 -6.40
N ARG D 188 29.10 -35.58 -6.08
CA ARG D 188 28.74 -36.92 -6.52
C ARG D 188 28.44 -36.95 -8.01
N GLU D 189 27.65 -35.98 -8.49
CA GLU D 189 27.29 -35.95 -9.90
C GLU D 189 28.48 -35.58 -10.78
N ILE D 190 29.37 -34.73 -10.29
CA ILE D 190 30.57 -34.41 -11.04
C ILE D 190 31.42 -35.66 -11.24
N VAL D 191 31.59 -36.43 -10.16
CA VAL D 191 32.36 -37.66 -10.25
C VAL D 191 31.69 -38.65 -11.20
N LEU D 192 30.37 -38.75 -11.13
CA LEU D 192 29.66 -39.66 -12.03
C LEU D 192 29.85 -39.27 -13.49
N LYS D 193 29.70 -37.97 -13.80
CA LYS D 193 29.85 -37.50 -15.16
C LYS D 193 31.27 -37.70 -15.66
N LEU D 194 32.27 -37.43 -14.80
CA LEU D 194 33.65 -37.65 -15.20
C LEU D 194 33.92 -39.13 -15.45
N GLU D 195 33.35 -40.00 -14.60
CA GLU D 195 33.51 -41.43 -14.79
C GLU D 195 32.94 -41.88 -16.12
N GLU D 196 31.77 -41.37 -16.48
CA GLU D 196 31.20 -41.71 -17.78
C GLU D 196 32.04 -41.15 -18.93
N MET D 197 32.70 -40.02 -18.70
CA MET D 197 33.56 -39.40 -19.71
C MET D 197 34.84 -40.19 -19.97
N GLY D 198 35.16 -41.19 -19.15
CA GLY D 198 36.41 -41.90 -19.28
C GLY D 198 37.46 -41.53 -18.28
N PHE D 199 37.14 -40.71 -17.28
CA PHE D 199 38.08 -40.38 -16.23
C PHE D 199 38.25 -41.54 -15.26
N GLU D 200 39.40 -41.58 -14.62
CA GLU D 200 39.69 -42.56 -13.57
C GLU D 200 39.81 -41.79 -12.26
N ILE D 201 38.71 -41.71 -11.52
CA ILE D 201 38.64 -40.95 -10.29
C ILE D 201 39.14 -41.81 -9.14
N GLU D 202 40.03 -41.25 -8.31
CA GLU D 202 40.54 -41.96 -7.16
C GLU D 202 39.62 -41.81 -5.96
N ALA D 203 39.42 -40.57 -5.50
CA ALA D 203 38.58 -40.31 -4.34
C ALA D 203 38.20 -38.84 -4.33
N SER D 204 37.16 -38.52 -3.55
CA SER D 204 36.72 -37.15 -3.36
C SER D 204 36.43 -36.92 -1.89
N HIS D 205 36.64 -35.69 -1.43
CA HIS D 205 36.41 -35.36 -0.04
C HIS D 205 36.20 -33.87 0.10
N HIS D 206 35.67 -33.47 1.25
CA HIS D 206 35.53 -32.07 1.59
C HIS D 206 36.87 -31.51 2.03
N GLU D 207 37.17 -30.29 1.61
CA GLU D 207 38.44 -29.66 1.92
C GLU D 207 38.36 -28.92 3.26
N VAL D 208 39.47 -28.30 3.64
CA VAL D 208 39.57 -27.66 4.95
C VAL D 208 38.61 -26.48 5.04
N ALA D 209 38.65 -25.59 4.06
CA ALA D 209 37.82 -24.40 4.13
C ALA D 209 36.36 -24.74 3.81
N PRO D 210 35.42 -23.99 4.38
CA PRO D 210 34.01 -24.22 4.05
C PRO D 210 33.74 -24.03 2.57
N GLY D 211 32.92 -24.91 2.01
CA GLY D 211 32.58 -24.82 0.61
C GLY D 211 33.66 -25.25 -0.35
N GLN D 212 34.73 -25.85 0.14
CA GLN D 212 35.87 -26.24 -0.68
C GLN D 212 35.89 -27.75 -0.82
N HIS D 213 36.09 -28.23 -2.05
CA HIS D 213 36.05 -29.65 -2.36
C HIS D 213 37.24 -30.02 -3.22
N GLU D 214 37.60 -31.31 -3.17
CA GLU D 214 38.71 -31.84 -3.94
C GLU D 214 38.31 -33.18 -4.54
N ILE D 215 38.67 -33.37 -5.81
CA ILE D 215 38.48 -34.65 -6.49
C ILE D 215 39.80 -35.04 -7.12
N ASP D 216 40.27 -36.25 -6.82
CA ASP D 216 41.56 -36.73 -7.30
C ASP D 216 41.38 -37.74 -8.42
N PHE D 217 42.26 -37.66 -9.41
CA PHE D 217 42.29 -38.61 -10.51
C PHE D 217 43.43 -39.60 -10.32
N LYS D 218 43.33 -40.73 -11.00
CA LYS D 218 44.47 -41.63 -11.06
C LYS D 218 45.57 -41.03 -11.94
N TYR D 219 46.80 -41.47 -11.72
CA TYR D 219 47.94 -40.88 -12.37
C TYR D 219 47.96 -41.22 -13.85
N ALA D 220 48.44 -40.28 -14.67
CA ALA D 220 48.52 -40.47 -16.10
C ALA D 220 49.75 -39.75 -16.62
N ASP D 221 50.01 -39.89 -17.91
CA ASP D 221 51.14 -39.20 -18.52
C ASP D 221 50.87 -37.70 -18.54
N ALA D 222 51.94 -36.92 -18.72
CA ALA D 222 51.87 -35.49 -18.49
C ALA D 222 50.86 -34.81 -19.40
N VAL D 223 50.90 -35.10 -20.70
CA VAL D 223 49.97 -34.49 -21.64
C VAL D 223 48.54 -34.88 -21.30
N LYS D 224 48.32 -36.17 -21.03
CA LYS D 224 46.99 -36.63 -20.65
C LYS D 224 46.55 -35.98 -19.34
N ALA D 225 47.49 -35.81 -18.41
CA ALA D 225 47.16 -35.19 -17.13
C ALA D 225 46.70 -33.75 -17.33
N ALA D 226 47.40 -32.99 -18.17
CA ALA D 226 47.00 -31.61 -18.42
C ALA D 226 45.66 -31.54 -19.15
N ASP D 227 45.45 -32.41 -20.14
CA ASP D 227 44.17 -32.45 -20.82
C ASP D 227 43.04 -32.77 -19.84
N GLN D 228 43.29 -33.71 -18.93
CA GLN D 228 42.29 -34.06 -17.93
C GLN D 228 42.03 -32.90 -16.98
N ILE D 229 43.06 -32.13 -16.64
CA ILE D 229 42.84 -30.97 -15.77
C ILE D 229 41.94 -29.95 -16.46
N GLN D 230 42.21 -29.68 -17.73
CA GLN D 230 41.37 -28.74 -18.47
C GLN D 230 39.93 -29.23 -18.55
N THR D 231 39.75 -30.49 -18.92
CA THR D 231 38.41 -31.06 -19.03
C THR D 231 37.71 -31.06 -17.67
N PHE D 232 38.45 -31.36 -16.60
CA PHE D 232 37.88 -31.39 -15.27
C PHE D 232 37.38 -30.02 -14.85
N LYS D 233 38.17 -28.98 -15.11
CA LYS D 233 37.72 -27.63 -14.80
C LYS D 233 36.45 -27.29 -15.55
N LEU D 234 36.43 -27.58 -16.86
CA LEU D 234 35.23 -27.28 -17.65
C LEU D 234 34.02 -28.04 -17.14
N VAL D 235 34.17 -29.32 -16.84
CA VAL D 235 33.05 -30.14 -16.40
C VAL D 235 32.54 -29.69 -15.04
N VAL D 236 33.46 -29.39 -14.11
CA VAL D 236 33.05 -28.93 -12.80
C VAL D 236 32.28 -27.63 -12.90
N LYS D 237 32.76 -26.70 -13.72
CA LYS D 237 32.05 -25.44 -13.88
C LYS D 237 30.66 -25.67 -14.46
N THR D 238 30.55 -26.51 -15.50
CA THR D 238 29.25 -26.75 -16.12
C THR D 238 28.27 -27.40 -15.16
N ILE D 239 28.71 -28.44 -14.44
CA ILE D 239 27.81 -29.15 -13.54
C ILE D 239 27.39 -28.24 -12.38
N ALA D 240 28.33 -27.44 -11.86
CA ALA D 240 27.96 -26.52 -10.80
C ALA D 240 26.95 -25.50 -11.28
N ARG D 241 27.11 -25.00 -12.51
CA ARG D 241 26.13 -24.09 -13.07
C ARG D 241 24.78 -24.77 -13.23
N GLN D 242 24.77 -26.07 -13.50
CA GLN D 242 23.50 -26.79 -13.66
C GLN D 242 22.70 -26.80 -12.36
N HIS D 243 23.38 -26.93 -11.22
CA HIS D 243 22.72 -26.98 -9.92
C HIS D 243 22.51 -25.61 -9.30
N GLY D 244 22.61 -24.55 -10.08
CA GLY D 244 22.46 -23.22 -9.54
C GLY D 244 23.56 -22.82 -8.57
N LEU D 245 24.79 -23.27 -8.80
CA LEU D 245 25.93 -22.91 -8.00
C LEU D 245 27.00 -22.31 -8.90
N HIS D 246 28.04 -21.78 -8.29
CA HIS D 246 29.18 -21.23 -9.01
C HIS D 246 30.45 -21.92 -8.51
N ALA D 247 31.19 -22.52 -9.42
CA ALA D 247 32.45 -23.17 -9.10
C ALA D 247 33.60 -22.28 -9.57
N THR D 248 34.56 -22.06 -8.69
CA THR D 248 35.71 -21.22 -9.01
C THR D 248 36.99 -21.95 -8.62
N PHE D 249 38.03 -21.73 -9.42
CA PHE D 249 39.37 -22.22 -9.13
C PHE D 249 40.30 -21.07 -8.75
N MET D 250 39.73 -20.01 -8.19
CA MET D 250 40.53 -18.90 -7.72
C MET D 250 41.48 -19.36 -6.62
N PRO D 251 42.75 -18.95 -6.66
CA PRO D 251 43.69 -19.38 -5.62
C PRO D 251 43.27 -18.97 -4.21
N LYS D 252 42.69 -17.79 -4.04
CA LYS D 252 42.30 -17.29 -2.72
C LYS D 252 41.05 -16.42 -2.88
N PRO D 253 39.87 -17.04 -2.98
CA PRO D 253 38.66 -16.25 -3.18
C PRO D 253 38.25 -15.44 -1.95
N LEU D 254 38.62 -15.88 -0.75
CA LEU D 254 38.23 -15.21 0.48
C LEU D 254 39.43 -15.03 1.39
N PHE D 255 39.42 -13.93 2.14
CA PHE D 255 40.48 -13.66 3.10
C PHE D 255 40.21 -14.39 4.41
N GLY D 256 41.27 -14.93 5.00
CA GLY D 256 41.18 -15.58 6.29
C GLY D 256 40.85 -17.05 6.24
N VAL D 257 40.56 -17.61 5.08
CA VAL D 257 40.28 -19.03 4.92
C VAL D 257 41.34 -19.64 4.02
N ASN D 258 41.37 -20.97 3.98
CA ASN D 258 42.35 -21.67 3.17
C ASN D 258 42.11 -21.39 1.69
N GLY D 259 43.20 -21.33 0.93
CA GLY D 259 43.12 -21.19 -0.51
C GLY D 259 43.04 -22.54 -1.21
N SER D 260 43.02 -22.47 -2.53
CA SER D 260 42.98 -23.67 -3.37
C SER D 260 44.33 -23.89 -4.02
N GLY D 261 44.86 -25.11 -3.90
CA GLY D 261 46.12 -25.48 -4.50
C GLY D 261 45.94 -26.55 -5.55
N MET D 262 47.01 -26.80 -6.31
CA MET D 262 47.02 -27.82 -7.35
C MET D 262 48.32 -28.63 -7.23
N HIS D 263 48.56 -29.15 -6.03
CA HIS D 263 49.71 -30.04 -5.79
C HIS D 263 49.88 -31.03 -6.93
N CYS D 264 51.09 -31.09 -7.47
CA CYS D 264 51.41 -31.98 -8.58
C CYS D 264 52.37 -33.06 -8.10
N ASN D 265 51.95 -34.32 -8.22
CA ASN D 265 52.80 -35.46 -7.88
C ASN D 265 53.48 -35.95 -9.15
N GLN D 266 54.80 -36.01 -9.14
CA GLN D 266 55.56 -36.36 -10.33
C GLN D 266 56.51 -37.52 -10.04
N SER D 267 56.69 -38.36 -11.06
CA SER D 267 57.68 -39.43 -11.01
C SER D 267 58.15 -39.71 -12.42
N LEU D 268 59.46 -39.83 -12.60
CA LEU D 268 60.04 -40.12 -13.90
C LEU D 268 60.12 -41.62 -14.11
N PHE D 269 59.76 -42.06 -15.31
CA PHE D 269 59.72 -43.48 -15.63
C PHE D 269 60.62 -43.77 -16.82
N LYS D 270 61.26 -44.93 -16.79
CA LYS D 270 62.10 -45.40 -17.90
C LYS D 270 61.70 -46.86 -18.14
N ASP D 271 60.81 -47.07 -19.10
CA ASP D 271 60.33 -48.40 -19.46
C ASP D 271 59.70 -49.10 -18.24
N ASN D 272 58.60 -48.50 -17.79
CA ASN D 272 57.76 -49.00 -16.69
C ASN D 272 58.57 -49.27 -15.42
N GLU D 273 59.70 -48.56 -15.31
CA GLU D 273 60.53 -48.62 -14.10
C GLU D 273 60.59 -47.23 -13.50
N ASN D 274 60.25 -47.12 -12.22
CA ASN D 274 60.29 -45.85 -11.51
C ASN D 274 61.74 -45.54 -11.17
N VAL D 275 62.32 -44.55 -11.85
CA VAL D 275 63.71 -44.19 -11.60
C VAL D 275 63.90 -43.41 -10.32
N PHE D 276 62.81 -42.97 -9.68
CA PHE D 276 62.91 -42.30 -8.40
C PHE D 276 63.10 -43.27 -7.24
N TYR D 277 62.82 -44.55 -7.45
CA TYR D 277 62.86 -45.53 -6.38
C TYR D 277 64.27 -46.08 -6.18
N ASP D 278 64.64 -46.29 -4.93
CA ASP D 278 65.93 -46.91 -4.58
C ASP D 278 65.75 -47.58 -3.23
N GLU D 279 65.60 -48.91 -3.24
CA GLU D 279 65.39 -49.64 -1.99
C GLU D 279 66.58 -49.52 -1.05
N THR D 280 67.78 -49.34 -1.59
CA THR D 280 68.97 -49.27 -0.74
C THR D 280 69.05 -47.95 0.00
N ASP D 281 68.41 -46.89 -0.52
CA ASP D 281 68.49 -45.59 0.12
C ASP D 281 67.71 -45.59 1.44
N GLU D 282 68.16 -44.74 2.36
CA GLU D 282 67.51 -44.64 3.66
C GLU D 282 66.06 -44.18 3.52
N LEU D 283 65.82 -43.18 2.68
CA LEU D 283 64.47 -42.69 2.43
C LEU D 283 63.80 -43.35 1.23
N GLY D 284 64.45 -44.34 0.63
CA GLY D 284 63.91 -44.95 -0.58
C GLY D 284 63.90 -44.01 -1.76
N LEU D 285 64.91 -43.16 -1.88
CA LEU D 285 64.99 -42.16 -2.95
C LEU D 285 66.29 -42.33 -3.71
N SER D 286 66.20 -42.45 -5.02
CA SER D 286 67.39 -42.58 -5.84
C SER D 286 68.10 -41.24 -5.96
N GLN D 287 69.35 -41.30 -6.43
CA GLN D 287 70.10 -40.07 -6.67
C GLN D 287 69.45 -39.24 -7.77
N THR D 288 68.81 -39.89 -8.73
CA THR D 288 68.09 -39.16 -9.77
C THR D 288 66.95 -38.33 -9.18
N ALA D 289 66.21 -38.92 -8.24
CA ALA D 289 65.13 -38.17 -7.60
C ALA D 289 65.67 -36.99 -6.82
N ARG D 290 66.78 -37.18 -6.11
CA ARG D 290 67.37 -36.08 -5.34
C ARG D 290 67.86 -34.96 -6.25
N HIS D 291 68.48 -35.31 -7.38
CA HIS D 291 68.88 -34.29 -8.34
C HIS D 291 67.67 -33.55 -8.90
N TYR D 292 66.59 -34.29 -9.20
CA TYR D 292 65.35 -33.69 -9.66
C TYR D 292 64.83 -32.67 -8.65
N MET D 293 64.78 -33.07 -7.37
CA MET D 293 64.28 -32.16 -6.34
C MET D 293 65.18 -30.94 -6.18
N ALA D 294 66.50 -31.13 -6.24
CA ALA D 294 67.40 -29.99 -6.13
C ALA D 294 67.20 -29.02 -7.28
N GLY D 295 67.05 -29.55 -8.50
CA GLY D 295 66.81 -28.69 -9.64
C GLY D 295 65.52 -27.91 -9.52
N ILE D 296 64.47 -28.56 -9.02
CA ILE D 296 63.21 -27.84 -8.81
C ILE D 296 63.38 -26.78 -7.73
N LEU D 297 64.17 -27.07 -6.70
CA LEU D 297 64.33 -26.12 -5.61
C LEU D 297 65.08 -24.87 -6.04
N LYS D 298 66.14 -25.02 -6.84
CA LYS D 298 66.91 -23.83 -7.20
C LYS D 298 66.11 -22.91 -8.12
N HIS D 299 65.33 -23.47 -9.02
CA HIS D 299 64.60 -22.68 -10.01
C HIS D 299 63.19 -22.33 -9.55
N ALA D 300 62.87 -22.53 -8.27
CA ALA D 300 61.50 -22.33 -7.81
C ALA D 300 61.04 -20.90 -7.99
N ARG D 301 61.89 -19.94 -7.63
CA ARG D 301 61.51 -18.53 -7.73
C ARG D 301 61.29 -18.13 -9.17
N ALA D 302 62.02 -18.74 -10.11
CA ALA D 302 61.80 -18.46 -11.52
C ALA D 302 60.52 -19.08 -12.05
N MET D 303 60.17 -20.28 -11.58
CA MET D 303 58.92 -20.92 -12.00
C MET D 303 57.70 -20.33 -11.33
N ALA D 304 57.87 -19.55 -10.26
CA ALA D 304 56.72 -19.03 -9.52
C ALA D 304 55.80 -18.21 -10.42
N ALA D 305 56.34 -17.49 -11.40
CA ALA D 305 55.50 -16.69 -12.28
C ALA D 305 54.63 -17.55 -13.18
N ILE D 306 54.98 -18.82 -13.37
CA ILE D 306 54.18 -19.71 -14.20
C ILE D 306 53.25 -20.57 -13.36
N THR D 307 53.75 -21.14 -12.27
CA THR D 307 52.90 -21.95 -11.40
C THR D 307 51.96 -21.09 -10.56
N ASN D 308 52.29 -19.82 -10.36
CA ASN D 308 51.43 -18.88 -9.63
C ASN D 308 51.30 -17.64 -10.52
N PRO D 309 50.43 -17.69 -11.53
CA PRO D 309 50.48 -16.67 -12.58
C PRO D 309 49.68 -15.42 -12.31
N THR D 310 48.70 -15.48 -11.42
CA THR D 310 47.81 -14.33 -11.23
C THR D 310 48.27 -13.48 -10.05
N VAL D 311 47.66 -12.31 -9.94
CA VAL D 311 47.89 -11.46 -8.77
C VAL D 311 47.36 -12.13 -7.51
N ASN D 312 46.17 -12.72 -7.61
CA ASN D 312 45.56 -13.38 -6.45
C ASN D 312 46.34 -14.61 -6.02
N SER D 313 47.23 -15.13 -6.85
CA SER D 313 47.98 -16.32 -6.50
C SER D 313 48.88 -16.09 -5.29
N TYR D 314 49.33 -14.86 -5.10
CA TYR D 314 50.27 -14.54 -4.02
C TYR D 314 49.56 -14.09 -2.76
N LYS D 315 48.25 -13.94 -2.78
CA LYS D 315 47.48 -13.83 -1.55
C LYS D 315 47.27 -15.19 -0.90
N ARG D 316 47.42 -16.28 -1.66
CA ARG D 316 47.41 -17.61 -1.08
C ARG D 316 48.72 -17.94 -0.40
N LEU D 317 49.84 -17.50 -0.99
CA LEU D 317 51.17 -17.80 -0.45
C LEU D 317 51.48 -16.91 0.74
N VAL D 318 50.67 -17.07 1.78
CA VAL D 318 50.84 -16.35 3.04
C VAL D 318 50.87 -17.40 4.16
N PRO D 319 51.59 -17.15 5.25
CA PRO D 319 51.72 -18.19 6.28
C PRO D 319 50.41 -18.45 7.01
N GLY D 320 50.25 -19.70 7.45
CA GLY D 320 49.14 -20.09 8.30
C GLY D 320 47.99 -20.78 7.60
N TYR D 321 48.14 -21.13 6.32
CA TYR D 321 47.04 -21.76 5.59
C TYR D 321 47.53 -22.94 4.75
N GLU D 322 48.62 -23.57 5.18
CA GLU D 322 49.21 -24.78 4.59
C GLU D 322 49.81 -24.53 3.21
N ALA D 323 49.71 -23.34 2.66
CA ALA D 323 50.39 -23.08 1.41
C ALA D 323 51.88 -22.87 1.65
N PRO D 324 52.73 -23.36 0.75
CA PRO D 324 54.17 -23.13 0.92
C PRO D 324 54.51 -21.65 0.79
N CYS D 325 55.47 -21.21 1.60
CA CYS D 325 56.00 -19.86 1.51
C CYS D 325 57.52 -19.82 1.41
N TYR D 326 58.20 -20.95 1.56
CA TYR D 326 59.65 -21.00 1.51
C TYR D 326 60.08 -22.16 0.63
N VAL D 327 61.21 -21.99 -0.03
CA VAL D 327 61.73 -23.01 -0.94
C VAL D 327 62.50 -24.06 -0.14
N ALA D 328 61.80 -25.12 0.26
CA ALA D 328 62.41 -26.18 1.04
C ALA D 328 61.62 -27.46 0.85
N TRP D 329 62.24 -28.58 1.19
CA TRP D 329 61.61 -29.89 1.06
C TRP D 329 61.64 -30.62 2.39
N SER D 330 60.64 -31.46 2.60
CA SER D 330 60.55 -32.26 3.82
C SER D 330 59.64 -33.45 3.55
N ALA D 331 59.74 -34.45 4.42
CA ALA D 331 58.79 -35.55 4.41
C ALA D 331 57.62 -35.32 5.34
N SER D 332 57.74 -34.38 6.29
CA SER D 332 56.66 -34.06 7.21
C SER D 332 56.90 -32.64 7.73
N ASN D 333 56.07 -31.70 7.29
CA ASN D 333 56.19 -30.32 7.73
C ASN D 333 54.85 -29.63 7.54
N ARG D 334 54.73 -28.45 8.15
CA ARG D 334 53.51 -27.64 8.03
C ARG D 334 53.17 -27.37 6.57
N SER D 335 54.13 -26.85 5.82
CA SER D 335 53.91 -26.49 4.41
C SER D 335 55.25 -26.39 3.71
N PRO D 336 55.84 -27.52 3.32
CA PRO D 336 57.06 -27.48 2.51
C PRO D 336 56.74 -27.22 1.05
N MET D 337 57.73 -26.65 0.36
CA MET D 337 57.59 -26.47 -1.08
C MET D 337 57.49 -27.82 -1.79
N ILE D 338 58.31 -28.78 -1.37
CA ILE D 338 58.31 -30.12 -1.92
C ILE D 338 58.04 -31.09 -0.79
N ARG D 339 57.06 -31.97 -0.97
CA ARG D 339 56.77 -33.02 -0.02
C ARG D 339 56.94 -34.37 -0.68
N ILE D 340 57.41 -35.35 0.07
CA ILE D 340 57.63 -36.70 -0.44
C ILE D 340 56.64 -37.63 0.27
N PRO D 341 55.65 -38.16 -0.42
CA PRO D 341 54.69 -39.07 0.23
C PRO D 341 55.37 -40.35 0.69
N ALA D 342 54.72 -41.00 1.65
CA ALA D 342 55.28 -42.21 2.26
C ALA D 342 55.26 -43.40 1.32
N SER D 343 54.48 -43.37 0.24
CA SER D 343 54.41 -44.50 -0.67
C SER D 343 55.75 -44.73 -1.34
N ARG D 344 56.07 -46.01 -1.56
CA ARG D 344 57.35 -46.39 -2.16
C ARG D 344 57.13 -47.34 -3.33
N GLY D 345 58.21 -47.89 -3.86
CA GLY D 345 58.08 -48.85 -4.95
C GLY D 345 57.81 -48.13 -6.26
N LEU D 346 56.76 -48.55 -6.96
CA LEU D 346 56.39 -47.92 -8.21
C LEU D 346 55.61 -46.62 -8.00
N SER D 347 55.28 -46.28 -6.76
CA SER D 347 54.50 -45.08 -6.46
C SER D 347 55.31 -44.04 -5.69
N THR D 348 56.63 -44.13 -5.72
CA THR D 348 57.45 -43.09 -5.11
C THR D 348 57.34 -41.82 -5.95
N ARG D 349 57.05 -40.71 -5.29
CA ARG D 349 56.68 -39.49 -6.00
C ARG D 349 57.33 -38.28 -5.34
N VAL D 350 57.41 -37.21 -6.12
CA VAL D 350 57.81 -35.90 -5.63
C VAL D 350 56.61 -34.97 -5.80
N GLU D 351 56.10 -34.44 -4.70
CA GLU D 351 54.92 -33.58 -4.73
C GLU D 351 55.36 -32.13 -4.63
N VAL D 352 55.01 -31.34 -5.64
CA VAL D 352 55.28 -29.91 -5.64
C VAL D 352 53.97 -29.20 -5.35
N ARG D 353 53.97 -28.33 -4.33
CA ARG D 353 52.74 -27.78 -3.79
C ARG D 353 52.54 -26.30 -4.11
N ASN D 354 53.47 -25.68 -4.84
CA ASN D 354 53.28 -24.28 -5.24
C ASN D 354 52.09 -24.06 -6.15
N PRO D 355 51.87 -24.84 -7.22
CA PRO D 355 50.88 -24.44 -8.22
C PRO D 355 49.48 -24.33 -7.64
N ASP D 356 48.73 -23.37 -8.16
CA ASP D 356 47.32 -23.21 -7.91
C ASP D 356 46.54 -23.57 -9.16
N PRO D 357 45.25 -23.91 -9.05
CA PRO D 357 44.49 -24.34 -10.22
C PRO D 357 44.39 -23.28 -11.32
N ALA D 358 44.66 -22.02 -11.02
CA ALA D 358 44.67 -20.97 -12.03
C ALA D 358 45.84 -21.09 -12.99
N ALA D 359 46.84 -21.91 -12.66
CA ALA D 359 48.01 -22.05 -13.53
C ALA D 359 47.66 -22.84 -14.78
N ASN D 360 48.42 -22.57 -15.84
CA ASN D 360 48.29 -23.35 -17.06
C ASN D 360 48.92 -24.71 -16.84
N PRO D 361 48.16 -25.81 -16.95
CA PRO D 361 48.74 -27.13 -16.64
C PRO D 361 49.92 -27.49 -17.54
N TYR D 362 49.82 -27.20 -18.84
CA TYR D 362 50.90 -27.53 -19.75
C TYR D 362 52.17 -26.77 -19.39
N LEU D 363 52.05 -25.46 -19.19
CA LEU D 363 53.23 -24.66 -18.87
C LEU D 363 53.80 -25.03 -17.52
N ALA D 364 52.94 -25.27 -16.52
CA ALA D 364 53.43 -25.62 -15.19
C ALA D 364 54.18 -26.95 -15.21
N LEU D 365 53.60 -27.96 -15.85
CA LEU D 365 54.28 -29.25 -15.95
C LEU D 365 55.57 -29.11 -16.75
N ALA D 366 55.56 -28.32 -17.82
CA ALA D 366 56.75 -28.14 -18.63
C ALA D 366 57.88 -27.52 -17.82
N VAL D 367 57.59 -26.44 -17.07
CA VAL D 367 58.65 -25.77 -16.35
C VAL D 367 59.15 -26.63 -15.20
N MET D 368 58.24 -27.35 -14.51
CA MET D 368 58.70 -28.24 -13.45
C MET D 368 59.58 -29.35 -13.99
N LEU D 369 59.18 -29.97 -15.10
CA LEU D 369 59.99 -31.03 -15.69
C LEU D 369 61.34 -30.51 -16.16
N ARG D 370 61.35 -29.31 -16.74
CA ARG D 370 62.61 -28.75 -17.22
C ARG D 370 63.55 -28.43 -16.06
N ALA D 371 63.00 -27.89 -14.96
CA ALA D 371 63.83 -27.63 -13.79
C ALA D 371 64.39 -28.93 -13.22
N GLY D 372 63.56 -29.97 -13.15
CA GLY D 372 64.04 -31.25 -12.68
C GLY D 372 65.12 -31.86 -13.57
N LEU D 373 64.94 -31.75 -14.88
CA LEU D 373 65.94 -32.27 -15.80
C LEU D 373 67.23 -31.48 -15.71
N ASP D 374 67.13 -30.17 -15.51
CA ASP D 374 68.32 -29.36 -15.30
C ASP D 374 69.04 -29.77 -14.02
N GLY D 375 68.28 -30.09 -12.98
CA GLY D 375 68.89 -30.62 -11.77
C GLY D 375 69.59 -31.95 -12.01
N ILE D 376 68.97 -32.82 -12.80
CA ILE D 376 69.56 -34.12 -13.10
C ILE D 376 70.85 -33.95 -13.90
N LYS D 377 70.84 -33.04 -14.88
CA LYS D 377 71.97 -32.90 -15.79
C LYS D 377 73.24 -32.47 -15.06
N ARG D 378 73.12 -31.51 -14.15
CA ARG D 378 74.27 -30.93 -13.47
C ARG D 378 74.61 -31.63 -12.17
N GLN D 379 73.95 -32.75 -11.87
CA GLN D 379 74.20 -33.51 -10.65
C GLN D 379 74.11 -32.62 -9.42
N MET D 380 73.01 -31.89 -9.34
CA MET D 380 72.84 -30.88 -8.30
C MET D 380 72.73 -31.53 -6.93
N ALA D 381 73.22 -30.81 -5.92
CA ALA D 381 73.23 -31.34 -4.55
C ALA D 381 71.97 -30.95 -3.81
N LEU D 382 71.30 -31.94 -3.24
CA LEU D 382 70.08 -31.68 -2.49
C LEU D 382 70.40 -31.03 -1.15
N PRO D 383 69.82 -29.89 -0.82
CA PRO D 383 70.01 -29.33 0.52
C PRO D 383 69.32 -30.19 1.58
N ALA D 384 69.70 -29.95 2.83
CA ALA D 384 69.17 -30.74 3.93
C ALA D 384 67.68 -30.49 4.09
N PRO D 385 66.90 -31.52 4.42
CA PRO D 385 65.46 -31.31 4.65
C PRO D 385 65.22 -30.49 5.90
N ILE D 386 64.10 -29.80 5.92
CA ILE D 386 63.69 -29.05 7.11
C ILE D 386 62.96 -29.99 8.05
N ASP D 387 63.31 -29.91 9.34
CA ASP D 387 62.70 -30.73 10.37
C ASP D 387 61.40 -30.09 10.85
N ARG D 388 60.90 -30.54 11.99
CA ARG D 388 59.72 -29.95 12.60
C ARG D 388 59.98 -28.53 13.10
N ASN D 389 61.11 -27.94 12.74
CA ASN D 389 61.44 -26.57 13.11
C ASN D 389 60.52 -25.63 12.35
N ILE D 390 59.48 -25.15 13.04
CA ILE D 390 58.55 -24.20 12.43
C ILE D 390 59.30 -22.93 12.09
N TYR D 391 58.85 -22.26 11.02
CA TYR D 391 59.52 -21.07 10.50
C TYR D 391 59.23 -19.81 11.31
N VAL D 392 58.80 -19.96 12.57
CA VAL D 392 58.75 -18.84 13.49
C VAL D 392 60.12 -18.22 13.72
N MET D 393 61.18 -18.86 13.24
CA MET D 393 62.52 -18.32 13.35
C MET D 393 62.65 -17.02 12.55
N SER D 394 63.53 -16.15 13.01
CA SER D 394 63.71 -14.85 12.40
C SER D 394 64.32 -14.98 11.01
N GLU D 395 64.20 -13.90 10.23
CA GLU D 395 64.78 -13.88 8.89
C GLU D 395 66.29 -14.11 8.93
N GLU D 396 66.96 -13.65 9.99
CA GLU D 396 68.39 -13.92 10.14
C GLU D 396 68.64 -15.42 10.24
N GLU D 397 67.81 -16.14 10.99
CA GLU D 397 67.94 -17.59 11.04
C GLU D 397 67.65 -18.22 9.69
N ARG D 398 66.70 -17.65 8.94
CA ARG D 398 66.30 -18.25 7.67
C ARG D 398 67.39 -18.12 6.62
N ILE D 399 67.96 -16.92 6.46
CA ILE D 399 69.03 -16.81 5.47
C ILE D 399 70.36 -17.29 6.01
N GLU D 400 70.48 -17.50 7.32
CA GLU D 400 71.64 -18.19 7.86
C GLU D 400 71.60 -19.67 7.53
N GLU D 401 70.40 -20.26 7.56
CA GLU D 401 70.22 -21.66 7.20
C GLU D 401 70.06 -21.86 5.70
N GLY D 402 70.11 -20.79 4.90
CA GLY D 402 69.98 -20.92 3.47
C GLY D 402 68.62 -21.36 2.98
N ILE D 403 67.55 -20.82 3.55
CA ILE D 403 66.18 -21.15 3.14
C ILE D 403 65.65 -19.99 2.32
N PRO D 404 65.56 -20.11 1.01
CA PRO D 404 64.98 -19.03 0.19
C PRO D 404 63.48 -18.95 0.38
N SER D 405 62.93 -17.79 0.03
CA SER D 405 61.50 -17.56 0.11
C SER D 405 60.92 -17.32 -1.28
N LEU D 406 59.69 -17.74 -1.45
CA LEU D 406 59.00 -17.54 -2.72
C LEU D 406 58.69 -16.05 -2.91
N PRO D 407 58.50 -15.62 -4.16
CA PRO D 407 58.21 -14.20 -4.40
C PRO D 407 56.95 -13.75 -3.69
N ALA D 408 56.97 -12.51 -3.21
CA ALA D 408 55.86 -11.97 -2.44
C ALA D 408 54.72 -11.45 -3.30
N ASP D 409 54.96 -11.24 -4.60
CA ASP D 409 53.92 -10.73 -5.49
C ASP D 409 54.30 -11.09 -6.92
N LEU D 410 53.43 -10.71 -7.86
CA LEU D 410 53.63 -11.07 -9.25
C LEU D 410 54.84 -10.37 -9.84
N LYS D 411 55.14 -9.15 -9.40
CA LYS D 411 56.24 -8.38 -9.97
C LYS D 411 57.58 -9.06 -9.72
N GLU D 412 57.82 -9.52 -8.49
CA GLU D 412 59.06 -10.22 -8.19
C GLU D 412 59.19 -11.48 -9.01
N ALA D 413 58.10 -12.23 -9.15
CA ALA D 413 58.13 -13.46 -9.93
C ALA D 413 58.46 -13.16 -11.39
N LEU D 414 57.89 -12.08 -11.93
CA LEU D 414 58.19 -11.71 -13.31
C LEU D 414 59.65 -11.34 -13.49
N SER D 415 60.21 -10.59 -12.53
CA SER D 415 61.63 -10.24 -12.61
C SER D 415 62.50 -11.49 -12.57
N GLU D 416 62.18 -12.43 -11.69
CA GLU D 416 62.94 -13.67 -11.63
C GLU D 416 62.79 -14.48 -12.91
N LEU D 417 61.59 -14.49 -13.48
CA LEU D 417 61.36 -15.15 -14.76
C LEU D 417 62.26 -14.57 -15.85
N ILE D 418 62.33 -13.25 -15.92
CA ILE D 418 63.17 -12.60 -16.93
C ILE D 418 64.63 -12.96 -16.71
N ARG D 419 65.11 -12.90 -15.46
CA ARG D 419 66.52 -13.19 -15.23
C ARG D 419 66.88 -14.65 -15.39
N SER D 420 65.91 -15.56 -15.43
CA SER D 420 66.20 -16.98 -15.53
C SER D 420 66.47 -17.39 -16.98
N GLU D 421 67.52 -18.18 -17.16
CA GLU D 421 67.88 -18.67 -18.48
C GLU D 421 67.51 -20.13 -18.70
N VAL D 422 67.12 -20.85 -17.64
CA VAL D 422 66.80 -22.26 -17.77
C VAL D 422 65.35 -22.49 -18.13
N ILE D 423 64.43 -21.88 -17.38
CA ILE D 423 63.02 -22.14 -17.65
C ILE D 423 62.46 -21.18 -18.69
N SER D 424 63.15 -20.06 -18.94
CA SER D 424 62.81 -19.24 -20.11
C SER D 424 63.08 -20.01 -21.40
N ASP D 425 64.10 -20.87 -21.40
CA ASP D 425 64.31 -21.77 -22.53
C ASP D 425 63.19 -22.80 -22.62
N ALA D 426 62.68 -23.25 -21.47
CA ALA D 426 61.55 -24.16 -21.48
C ALA D 426 60.33 -23.52 -22.13
N LEU D 427 60.06 -22.27 -21.76
CA LEU D 427 58.97 -21.54 -22.41
C LEU D 427 59.25 -21.29 -23.88
N GLY D 428 60.50 -20.96 -24.22
CA GLY D 428 60.85 -20.57 -25.57
C GLY D 428 60.77 -19.07 -25.75
N ASP D 429 61.40 -18.61 -26.83
CA ASP D 429 61.53 -17.19 -27.08
C ASP D 429 60.21 -16.51 -27.38
N HIS D 430 59.33 -17.14 -28.16
CA HIS D 430 58.08 -16.51 -28.54
C HIS D 430 57.08 -16.44 -27.40
N ALA D 431 56.90 -17.54 -26.67
CA ALA D 431 55.91 -17.57 -25.60
C ALA D 431 56.32 -16.71 -24.42
N LEU D 432 57.62 -16.61 -24.15
CA LEU D 432 58.08 -15.84 -22.99
C LEU D 432 57.72 -14.37 -23.13
N ALA D 433 57.95 -13.79 -24.32
CA ALA D 433 57.68 -12.38 -24.51
C ALA D 433 56.19 -12.07 -24.33
N TYR D 434 55.33 -12.90 -24.90
CA TYR D 434 53.90 -12.65 -24.81
C TYR D 434 53.37 -12.86 -23.40
N PHE D 435 53.83 -13.92 -22.72
CA PHE D 435 53.44 -14.13 -21.34
C PHE D 435 53.88 -12.97 -20.46
N TYR D 436 55.11 -12.50 -20.66
CA TYR D 436 55.62 -11.38 -19.89
C TYR D 436 54.82 -10.11 -20.15
N GLU D 437 54.46 -9.85 -21.41
CA GLU D 437 53.63 -8.69 -21.71
C GLU D 437 52.27 -8.78 -21.04
N LEU D 438 51.64 -9.95 -21.10
CA LEU D 438 50.34 -10.14 -20.48
C LEU D 438 50.43 -9.88 -18.97
N LYS D 439 51.45 -10.43 -18.33
CA LYS D 439 51.55 -10.31 -16.89
C LYS D 439 51.94 -8.90 -16.45
N GLU D 440 52.80 -8.20 -17.21
CA GLU D 440 53.05 -6.80 -16.90
C GLU D 440 51.79 -5.96 -17.03
N ILE D 441 51.00 -6.19 -18.08
CA ILE D 441 49.77 -5.42 -18.21
C ILE D 441 48.85 -5.68 -17.03
N GLU D 442 48.70 -6.95 -16.64
CA GLU D 442 47.84 -7.29 -15.51
C GLU D 442 48.31 -6.61 -14.23
N TRP D 443 49.61 -6.71 -13.95
CA TRP D 443 50.15 -6.10 -12.73
C TRP D 443 50.00 -4.59 -12.76
N ASP D 444 50.22 -3.97 -13.92
CA ASP D 444 50.10 -2.51 -14.01
C ASP D 444 48.68 -2.05 -13.76
N MET D 445 47.70 -2.76 -14.31
CA MET D 445 46.32 -2.39 -14.00
C MET D 445 45.99 -2.64 -12.54
N TYR D 446 46.57 -3.67 -11.94
CA TYR D 446 46.26 -3.96 -10.54
C TYR D 446 46.86 -2.92 -9.60
N ARG D 447 48.10 -2.49 -9.86
CA ARG D 447 48.84 -1.69 -8.90
C ARG D 447 48.32 -0.27 -8.78
N THR D 448 47.60 0.23 -9.77
CA THR D 448 47.11 1.61 -9.73
C THR D 448 45.69 1.71 -9.17
N GLN D 449 45.06 0.60 -8.83
CA GLN D 449 43.71 0.64 -8.28
C GLN D 449 43.73 1.13 -6.84
N VAL D 450 42.68 1.84 -6.46
CA VAL D 450 42.45 2.25 -5.08
C VAL D 450 41.38 1.33 -4.52
N HIS D 451 41.77 0.45 -3.61
CA HIS D 451 40.88 -0.58 -3.10
C HIS D 451 40.06 -0.06 -1.94
N GLN D 452 38.99 -0.79 -1.64
CA GLN D 452 38.10 -0.39 -0.55
C GLN D 452 38.80 -0.42 0.80
N TRP D 453 39.81 -1.28 0.95
CA TRP D 453 40.56 -1.32 2.21
C TRP D 453 41.25 0.01 2.48
N GLU D 454 41.82 0.63 1.45
CA GLU D 454 42.46 1.92 1.62
C GLU D 454 41.45 2.99 2.02
N ARG D 455 40.28 3.00 1.37
CA ARG D 455 39.25 3.96 1.73
C ARG D 455 38.69 3.70 3.13
N ASP D 456 38.82 2.47 3.63
CA ASP D 456 38.38 2.19 4.99
C ASP D 456 39.40 2.65 6.02
N GLN D 457 40.69 2.36 5.79
CA GLN D 457 41.72 2.81 6.71
C GLN D 457 41.85 4.33 6.68
N TYR D 458 41.98 4.90 5.50
CA TYR D 458 42.10 6.34 5.32
C TYR D 458 40.75 6.96 5.01
N LEU D 459 40.74 8.20 4.56
CA LEU D 459 39.54 8.95 4.18
C LEU D 459 38.74 9.39 5.40
N THR D 460 39.11 8.89 6.58
CA THR D 460 38.63 9.42 7.84
C THR D 460 39.78 9.82 8.75
N LEU D 461 40.78 8.95 8.88
CA LEU D 461 41.95 9.29 9.68
C LEU D 461 42.76 10.41 9.04
N TYR D 462 42.78 10.47 7.71
CA TYR D 462 43.41 11.57 7.00
C TYR D 462 42.39 12.38 6.22
N LEU E 1 -33.02 -25.57 39.75
CA LEU E 1 -32.52 -24.26 39.27
C LEU E 1 -32.03 -24.40 37.83
N ILE E 2 -32.67 -23.70 36.89
CA ILE E 2 -32.28 -23.79 35.45
C ILE E 2 -31.43 -22.57 35.09
N GLN E 3 -30.11 -22.76 35.00
CA GLN E 3 -29.19 -21.64 34.64
C GLN E 3 -28.55 -21.94 33.28
N GLY E 4 -27.87 -23.09 33.18
CA GLY E 4 -27.26 -23.49 31.90
C GLY E 4 -28.31 -23.81 30.84
N GLU E 5 -29.52 -24.15 31.27
CA GLU E 5 -30.63 -24.43 30.33
C GLU E 5 -31.08 -23.12 29.68
N LEU E 6 -31.10 -22.02 30.44
CA LEU E 6 -31.57 -20.76 29.90
C LEU E 6 -30.51 -20.02 29.10
N SER E 7 -29.46 -20.69 28.66
CA SER E 7 -28.38 -20.03 27.92
C SER E 7 -28.80 -19.61 26.53
N ARG E 8 -29.93 -20.09 26.02
CA ARG E 8 -30.35 -19.74 24.67
C ARG E 8 -30.74 -18.27 24.57
N PHE E 9 -31.30 -17.71 25.65
CA PHE E 9 -31.60 -16.28 25.66
C PHE E 9 -30.35 -15.43 25.89
N PHE E 10 -29.41 -15.93 26.68
CA PHE E 10 -28.19 -15.19 26.99
C PHE E 10 -27.25 -15.14 25.78
N SER F 22 -11.63 -63.52 22.58
CA SER F 22 -10.36 -63.52 23.29
C SER F 22 -9.20 -63.70 22.34
N TYR F 23 -7.99 -63.81 22.89
CA TYR F 23 -6.79 -63.96 22.09
C TYR F 23 -5.76 -64.80 22.86
N THR F 24 -4.83 -65.38 22.12
CA THR F 24 -3.70 -66.11 22.67
C THR F 24 -2.42 -65.61 22.03
N ARG F 25 -1.28 -66.06 22.56
CA ARG F 25 0.01 -65.65 22.02
C ARG F 25 0.11 -65.96 20.54
N GLU F 26 -0.23 -67.21 20.17
CA GLU F 26 -0.18 -67.61 18.78
C GLU F 26 -1.14 -66.78 17.94
N ASP F 27 -2.34 -66.50 18.47
CA ASP F 27 -3.28 -65.65 17.76
C ASP F 27 -2.69 -64.25 17.53
N ILE F 28 -2.09 -63.67 18.58
CA ILE F 28 -1.55 -62.32 18.46
C ILE F 28 -0.46 -62.30 17.39
N ILE F 29 0.43 -63.28 17.42
CA ILE F 29 1.49 -63.36 16.41
C ILE F 29 0.88 -63.52 15.02
N ARG F 30 -0.20 -64.31 14.91
CA ARG F 30 -0.83 -64.54 13.61
C ARG F 30 -1.40 -63.27 13.04
N ILE F 31 -2.18 -62.52 13.82
CA ILE F 31 -2.70 -61.25 13.31
C ILE F 31 -1.57 -60.26 13.04
N ALA F 32 -0.55 -60.22 13.89
CA ALA F 32 0.55 -59.28 13.68
C ALA F 32 1.24 -59.54 12.36
N GLU F 33 1.49 -60.81 12.03
CA GLU F 33 2.06 -61.13 10.73
C GLU F 33 1.08 -60.84 9.60
N GLU F 34 -0.19 -61.19 9.79
CA GLU F 34 -1.18 -61.02 8.72
C GLU F 34 -1.47 -59.55 8.46
N GLU F 35 -1.70 -58.78 9.52
CA GLU F 35 -2.10 -57.38 9.38
C GLU F 35 -0.93 -56.47 9.02
N ASN F 36 0.29 -57.01 8.93
CA ASN F 36 1.49 -56.22 8.68
C ASN F 36 1.67 -55.15 9.75
N VAL F 37 1.50 -55.55 11.00
CA VAL F 37 1.73 -54.64 12.12
C VAL F 37 3.23 -54.43 12.29
N ARG F 38 3.66 -53.18 12.25
CA ARG F 38 5.06 -52.84 12.40
C ARG F 38 5.43 -52.31 13.78
N PHE F 39 4.46 -51.75 14.51
CA PHE F 39 4.76 -51.10 15.77
C PHE F 39 3.66 -51.42 16.76
N ILE F 40 4.05 -51.65 18.02
CA ILE F 40 3.14 -52.06 19.07
C ILE F 40 3.30 -51.11 20.25
N ARG F 41 2.19 -50.61 20.76
CA ARG F 41 2.18 -49.72 21.92
C ARG F 41 1.84 -50.53 23.16
N LEU F 42 2.78 -50.59 24.11
CA LEU F 42 2.52 -51.22 25.40
C LEU F 42 1.98 -50.15 26.33
N GLN F 43 0.65 -50.05 26.41
CA GLN F 43 -0.01 -48.94 27.08
C GLN F 43 -0.22 -49.24 28.55
N PHE F 44 -0.08 -48.19 29.37
CA PHE F 44 -0.40 -48.25 30.78
C PHE F 44 -0.87 -46.86 31.21
N THR F 45 -1.24 -46.72 32.48
CA THR F 45 -1.78 -45.48 32.99
C THR F 45 -1.07 -45.08 34.27
N ASP F 46 -0.85 -43.78 34.42
CA ASP F 46 -0.25 -43.25 35.64
C ASP F 46 -1.35 -42.84 36.62
N LEU F 47 -0.94 -42.31 37.77
CA LEU F 47 -1.89 -41.97 38.82
C LEU F 47 -2.82 -40.84 38.41
N LEU F 48 -2.44 -40.01 37.44
CA LEU F 48 -3.27 -38.91 37.00
C LEU F 48 -4.21 -39.28 35.87
N GLY F 49 -4.23 -40.54 35.45
CA GLY F 49 -5.10 -40.98 34.38
C GLY F 49 -4.56 -40.78 32.99
N THR F 50 -3.38 -40.18 32.84
CA THR F 50 -2.80 -40.00 31.52
C THR F 50 -2.38 -41.34 30.94
N ILE F 51 -2.55 -41.48 29.63
CA ILE F 51 -2.17 -42.71 28.93
C ILE F 51 -0.70 -42.64 28.59
N LYS F 52 0.08 -43.57 29.12
CA LYS F 52 1.49 -43.71 28.81
C LYS F 52 1.74 -45.01 28.06
N ASN F 53 2.82 -45.05 27.29
CA ASN F 53 3.08 -46.20 26.45
C ASN F 53 4.57 -46.35 26.21
N VAL F 54 4.96 -47.56 25.85
CA VAL F 54 6.31 -47.88 25.38
C VAL F 54 6.20 -48.42 23.98
N GLU F 55 6.79 -47.72 23.01
CA GLU F 55 6.69 -48.13 21.62
C GLU F 55 7.61 -49.32 21.37
N ILE F 56 7.14 -50.25 20.54
CA ILE F 56 7.84 -51.52 20.32
C ILE F 56 7.80 -51.92 18.86
N PRO F 57 8.94 -52.29 18.27
CA PRO F 57 8.91 -52.89 16.93
C PRO F 57 8.37 -54.30 16.98
N VAL F 58 7.75 -54.72 15.88
CA VAL F 58 7.09 -56.02 15.85
C VAL F 58 8.06 -57.16 16.11
N SER F 59 9.36 -56.96 15.87
CA SER F 59 10.35 -57.99 16.13
C SER F 59 10.50 -58.31 17.61
N GLN F 60 9.99 -57.46 18.50
CA GLN F 60 10.06 -57.68 19.93
C GLN F 60 8.74 -58.16 20.52
N LEU F 61 7.80 -58.57 19.67
CA LEU F 61 6.48 -58.97 20.15
C LEU F 61 6.55 -60.19 21.05
N GLU F 62 7.36 -61.18 20.67
CA GLU F 62 7.48 -62.38 21.50
C GLU F 62 8.09 -62.06 22.85
N LYS F 63 9.12 -61.20 22.86
CA LYS F 63 9.71 -60.76 24.13
C LYS F 63 8.69 -60.04 24.99
N ALA F 64 7.88 -59.19 24.38
CA ALA F 64 6.83 -58.50 25.14
C ALA F 64 5.82 -59.49 25.70
N LEU F 65 5.39 -60.46 24.89
CA LEU F 65 4.43 -61.46 25.31
C LEU F 65 4.97 -62.41 26.36
N ASP F 66 6.29 -62.51 26.49
CA ASP F 66 6.90 -63.32 27.54
C ASP F 66 7.03 -62.58 28.85
N ASN F 67 6.49 -61.36 28.94
CA ASN F 67 6.54 -60.55 30.16
C ASN F 67 7.98 -60.30 30.60
N LYS F 68 8.81 -59.82 29.68
CA LYS F 68 10.22 -59.62 29.94
C LYS F 68 10.71 -58.21 29.70
N MET F 69 9.79 -57.29 29.36
CA MET F 69 10.17 -55.89 29.05
C MET F 69 10.26 -55.04 30.32
N MET F 70 11.41 -54.39 30.56
CA MET F 70 11.60 -53.52 31.70
C MET F 70 11.50 -52.06 31.28
N PHE F 71 10.95 -51.24 32.16
CA PHE F 71 10.88 -49.81 31.93
C PHE F 71 11.03 -49.11 33.27
N ASP F 72 10.92 -47.79 33.27
CA ASP F 72 11.18 -47.02 34.48
C ASP F 72 10.22 -47.39 35.60
N GLY F 73 8.92 -47.33 35.32
CA GLY F 73 7.94 -47.65 36.34
C GLY F 73 7.71 -46.51 37.30
N SER F 74 8.73 -45.70 37.55
CA SER F 74 8.56 -44.48 38.34
C SER F 74 7.78 -43.42 37.59
N SER F 75 7.54 -43.60 36.29
CA SER F 75 6.72 -42.68 35.53
C SER F 75 5.26 -42.70 35.97
N ILE F 76 4.85 -43.69 36.75
CA ILE F 76 3.49 -43.72 37.28
C ILE F 76 3.27 -42.55 38.23
N GLU F 77 4.30 -42.19 39.00
CA GLU F 77 4.16 -41.13 40.00
C GLU F 77 3.98 -39.76 39.39
N GLY F 78 4.22 -39.58 38.09
CA GLY F 78 4.06 -38.29 37.48
C GLY F 78 5.28 -37.40 37.63
N TYR F 79 5.07 -36.13 37.97
CA TYR F 79 6.18 -35.19 38.13
C TYR F 79 6.73 -35.18 39.54
N VAL F 80 6.23 -36.02 40.44
CA VAL F 80 6.75 -36.11 41.80
C VAL F 80 7.63 -37.34 41.98
N ARG F 81 8.00 -38.02 40.91
CA ARG F 81 8.89 -39.16 41.00
C ARG F 81 10.27 -38.72 41.49
N ILE F 82 10.83 -39.48 42.43
CA ILE F 82 12.08 -39.11 43.09
C ILE F 82 13.24 -39.98 42.65
N GLU F 83 12.98 -41.24 42.30
CA GLU F 83 14.05 -42.15 41.91
C GLU F 83 13.56 -43.10 40.83
N GLU F 84 14.48 -43.49 39.95
CA GLU F 84 14.16 -44.42 38.89
C GLU F 84 14.12 -45.85 39.43
N SER F 85 13.09 -46.59 39.06
CA SER F 85 12.94 -47.99 39.43
C SER F 85 13.02 -48.85 38.18
N ASP F 86 12.81 -50.15 38.37
CA ASP F 86 12.74 -51.10 37.26
C ASP F 86 11.49 -51.94 37.45
N MET F 87 10.69 -52.06 36.39
CA MET F 87 9.42 -52.76 36.49
C MET F 87 9.13 -53.43 35.16
N TYR F 88 8.41 -54.55 35.22
CA TYR F 88 8.07 -55.34 34.05
C TYR F 88 6.67 -55.01 33.56
N LEU F 89 6.49 -55.08 32.25
CA LEU F 89 5.19 -54.89 31.62
C LEU F 89 4.60 -56.26 31.33
N TYR F 90 3.40 -56.52 31.85
CA TYR F 90 2.69 -57.78 31.64
C TYR F 90 1.48 -57.50 30.75
N PRO F 91 1.60 -57.66 29.44
CA PRO F 91 0.49 -57.31 28.55
C PRO F 91 -0.72 -58.19 28.78
N ASP F 92 -1.90 -57.60 28.58
CA ASP F 92 -3.17 -58.31 28.66
C ASP F 92 -3.59 -58.64 27.24
N LEU F 93 -3.63 -59.93 26.92
CA LEU F 93 -3.84 -60.35 25.54
C LEU F 93 -5.24 -59.99 25.04
N ASP F 94 -6.21 -59.90 25.94
CA ASP F 94 -7.58 -59.59 25.55
C ASP F 94 -7.74 -58.14 25.11
N THR F 95 -6.77 -57.28 25.37
CA THR F 95 -6.86 -55.86 25.03
C THR F 95 -6.26 -55.55 23.67
N TRP F 96 -5.83 -56.56 22.93
CA TRP F 96 -5.21 -56.33 21.63
C TRP F 96 -6.19 -55.68 20.66
N VAL F 97 -5.70 -54.69 19.92
CA VAL F 97 -6.48 -54.04 18.89
C VAL F 97 -5.52 -53.33 17.95
N VAL F 98 -5.94 -53.15 16.70
CA VAL F 98 -5.14 -52.48 15.68
C VAL F 98 -5.83 -51.18 15.32
N PHE F 99 -5.10 -50.07 15.42
CA PHE F 99 -5.69 -48.77 15.16
C PHE F 99 -6.02 -48.64 13.68
N PRO F 100 -7.17 -48.05 13.33
CA PRO F 100 -7.57 -48.01 11.92
C PRO F 100 -6.90 -46.89 11.12
N TRP F 101 -6.47 -45.83 11.79
CA TRP F 101 -5.90 -44.69 11.08
C TRP F 101 -4.43 -44.88 10.75
N VAL F 102 -3.82 -45.99 11.15
CA VAL F 102 -2.39 -46.20 10.90
C VAL F 102 -2.12 -46.27 9.40
N THR F 103 -3.03 -46.88 8.65
CA THR F 103 -2.94 -46.95 7.19
C THR F 103 -1.67 -47.67 6.72
N SER F 104 -0.64 -46.90 6.38
CA SER F 104 0.58 -47.45 5.79
C SER F 104 1.27 -48.45 6.71
N ASP F 105 1.78 -47.97 7.84
CA ASP F 105 2.43 -48.83 8.82
C ASP F 105 1.47 -49.10 9.97
N ARG F 106 0.96 -50.31 10.05
CA ARG F 106 -0.06 -50.64 11.05
C ARG F 106 0.55 -50.56 12.45
N VAL F 107 -0.18 -49.94 13.36
CA VAL F 107 0.21 -49.84 14.76
C VAL F 107 -0.85 -50.50 15.61
N ALA F 108 -0.43 -51.38 16.51
CA ALA F 108 -1.33 -52.05 17.44
C ALA F 108 -0.99 -51.62 18.86
N ARG F 109 -1.84 -52.05 19.80
CA ARG F 109 -1.65 -51.70 21.19
C ARG F 109 -1.99 -52.88 22.08
N LEU F 110 -1.40 -52.88 23.27
CA LEU F 110 -1.72 -53.83 24.32
C LEU F 110 -1.69 -53.09 25.65
N ILE F 111 -2.69 -53.33 26.48
CA ILE F 111 -2.75 -52.73 27.80
C ILE F 111 -2.08 -53.67 28.77
N CYS F 112 -1.11 -53.16 29.53
CA CYS F 112 -0.24 -53.98 30.34
C CYS F 112 -0.38 -53.63 31.81
N ASP F 113 -0.14 -54.61 32.66
CA ASP F 113 -0.03 -54.42 34.09
C ASP F 113 1.44 -54.29 34.50
N ILE F 114 1.67 -53.56 35.58
CA ILE F 114 3.02 -53.26 36.04
C ILE F 114 3.38 -54.24 37.16
N TYR F 115 4.51 -54.91 37.01
CA TYR F 115 4.96 -55.91 37.96
C TYR F 115 6.36 -55.58 38.45
N LYS F 116 6.59 -55.78 39.74
CA LYS F 116 7.92 -55.61 40.30
C LYS F 116 8.83 -56.72 39.79
N PRO F 117 10.15 -56.51 39.81
CA PRO F 117 11.06 -57.56 39.31
C PRO F 117 10.97 -58.85 40.10
N ASP F 118 10.57 -58.81 41.36
CA ASP F 118 10.45 -60.05 42.13
C ASP F 118 9.28 -60.91 41.67
N GLY F 119 8.33 -60.33 40.96
CA GLY F 119 7.20 -61.08 40.44
C GLY F 119 5.86 -60.62 40.94
N SER F 120 5.86 -59.87 42.03
CA SER F 120 4.61 -59.36 42.56
C SER F 120 4.17 -58.11 41.80
N PRO F 121 2.86 -57.88 41.68
CA PRO F 121 2.39 -56.68 40.99
C PRO F 121 2.76 -55.42 41.76
N PHE F 122 3.00 -54.35 41.00
CA PHE F 122 3.33 -53.07 41.59
C PHE F 122 2.12 -52.50 42.32
N ALA F 123 2.32 -52.07 43.57
CA ALA F 123 1.22 -51.57 44.38
C ALA F 123 0.72 -50.21 43.92
N GLY F 124 1.52 -49.46 43.15
CA GLY F 124 1.12 -48.16 42.68
C GLY F 124 0.44 -48.12 41.34
N ASP F 125 0.18 -49.28 40.73
CA ASP F 125 -0.47 -49.32 39.42
C ASP F 125 -1.98 -49.20 39.59
N PRO F 126 -2.63 -48.20 38.98
CA PRO F 126 -4.08 -48.07 39.16
C PRO F 126 -4.86 -49.29 38.71
N ARG F 127 -4.46 -49.91 37.60
CA ARG F 127 -5.12 -51.12 37.14
C ARG F 127 -4.97 -52.24 38.15
N GLY F 128 -3.78 -52.37 38.76
CA GLY F 128 -3.61 -53.35 39.81
C GLY F 128 -4.43 -53.03 41.04
N ILE F 129 -4.62 -51.74 41.34
CA ILE F 129 -5.46 -51.34 42.46
C ILE F 129 -6.90 -51.78 42.23
N LEU F 130 -7.41 -51.52 41.03
CA LEU F 130 -8.77 -51.95 40.70
C LEU F 130 -8.89 -53.47 40.73
N LYS F 131 -7.88 -54.18 40.24
CA LYS F 131 -7.90 -55.64 40.28
C LYS F 131 -7.92 -56.15 41.71
N ARG F 132 -7.16 -55.52 42.60
CA ARG F 132 -7.13 -55.94 44.00
C ARG F 132 -8.47 -55.69 44.69
N VAL F 133 -9.10 -54.54 44.41
CA VAL F 133 -10.40 -54.28 44.98
C VAL F 133 -11.43 -55.26 44.44
N LEU F 134 -11.34 -55.61 43.16
CA LEU F 134 -12.24 -56.61 42.60
C LEU F 134 -12.01 -57.98 43.23
N LYS F 135 -10.76 -58.30 43.54
CA LYS F 135 -10.46 -59.57 44.20
C LYS F 135 -11.07 -59.62 45.60
N GLU F 136 -10.93 -58.55 46.37
CA GLU F 136 -11.54 -58.57 47.69
C GLU F 136 -13.06 -58.48 47.61
N ALA F 137 -13.61 -57.98 46.50
CA ALA F 137 -15.05 -58.10 46.28
C ALA F 137 -15.44 -59.55 46.02
N GLU F 138 -14.68 -60.25 45.18
CA GLU F 138 -14.94 -61.66 44.92
C GLU F 138 -14.83 -62.49 46.19
N GLU F 139 -13.98 -62.07 47.12
CA GLU F 139 -13.89 -62.75 48.40
C GLU F 139 -15.19 -62.72 49.19
N LEU F 140 -16.09 -61.79 48.86
CA LEU F 140 -17.42 -61.73 49.49
C LEU F 140 -18.49 -62.42 48.65
N GLY F 141 -18.12 -63.04 47.53
CA GLY F 141 -19.06 -63.76 46.71
C GLY F 141 -19.56 -63.03 45.49
N TYR F 142 -19.13 -61.79 45.26
CA TYR F 142 -19.56 -61.02 44.09
C TYR F 142 -18.58 -61.27 42.96
N THR F 143 -19.02 -62.00 41.94
CA THR F 143 -18.12 -62.45 40.89
C THR F 143 -17.65 -61.29 40.02
N SER F 144 -18.55 -60.34 39.73
CA SER F 144 -18.21 -59.24 38.84
C SER F 144 -18.94 -57.98 39.27
N MET F 145 -18.43 -56.85 38.78
CA MET F 145 -19.03 -55.54 38.98
C MET F 145 -19.26 -54.95 37.59
N ASN F 146 -20.53 -54.79 37.21
CA ASN F 146 -20.88 -54.35 35.87
C ASN F 146 -20.99 -52.82 35.86
N VAL F 147 -20.25 -52.19 34.96
CA VAL F 147 -20.10 -50.73 34.97
C VAL F 147 -20.46 -50.18 33.59
N GLY F 148 -21.30 -49.17 33.56
CA GLY F 148 -21.55 -48.42 32.34
C GLY F 148 -21.35 -46.93 32.56
N PRO F 149 -20.32 -46.36 31.95
CA PRO F 149 -20.05 -44.93 32.11
C PRO F 149 -20.72 -44.09 31.03
N GLU F 150 -20.86 -42.80 31.34
CA GLU F 150 -21.48 -41.82 30.45
C GLU F 150 -20.57 -40.61 30.32
N PRO F 151 -19.45 -40.73 29.63
CA PRO F 151 -18.53 -39.59 29.50
C PRO F 151 -19.01 -38.60 28.46
N GLU F 152 -18.92 -37.31 28.82
CA GLU F 152 -19.30 -36.22 27.94
C GLU F 152 -18.07 -35.37 27.63
N PHE F 153 -18.08 -34.76 26.45
CA PHE F 153 -16.92 -33.99 26.01
C PHE F 153 -17.38 -32.78 25.20
N PHE F 154 -16.48 -31.81 25.08
CA PHE F 154 -16.73 -30.60 24.32
C PHE F 154 -15.87 -30.60 23.06
N LEU F 155 -16.38 -29.97 22.00
CA LEU F 155 -15.66 -29.79 20.75
C LEU F 155 -15.42 -28.31 20.54
N PHE F 156 -14.17 -27.93 20.34
CA PHE F 156 -13.78 -26.55 20.11
C PHE F 156 -13.13 -26.41 18.75
N LYS F 157 -13.35 -25.26 18.11
CA LYS F 157 -12.69 -24.96 16.86
C LYS F 157 -11.25 -24.54 17.12
N THR F 158 -10.37 -24.95 16.22
CA THR F 158 -8.94 -24.63 16.32
C THR F 158 -8.61 -23.42 15.47
N ASP F 159 -7.42 -22.88 15.69
CA ASP F 159 -6.91 -21.77 14.91
C ASP F 159 -5.95 -22.28 13.84
N GLU F 160 -5.29 -21.36 13.15
CA GLU F 160 -4.35 -21.74 12.10
C GLU F 160 -3.19 -22.55 12.66
N LYS F 161 -2.68 -22.15 13.84
CA LYS F 161 -1.59 -22.88 14.47
C LYS F 161 -2.03 -24.23 15.03
N GLY F 162 -3.32 -24.52 15.06
CA GLY F 162 -3.80 -25.78 15.59
C GLY F 162 -4.06 -25.79 17.08
N ASP F 163 -4.34 -24.63 17.67
CA ASP F 163 -4.61 -24.54 19.10
C ASP F 163 -6.09 -24.28 19.33
N PRO F 164 -6.66 -24.79 20.42
CA PRO F 164 -8.09 -24.60 20.66
C PRO F 164 -8.43 -23.14 20.95
N THR F 165 -9.43 -22.64 20.25
CA THR F 165 -9.96 -21.31 20.52
C THR F 165 -11.05 -21.43 21.59
N THR F 166 -11.78 -20.34 21.82
CA THR F 166 -12.86 -20.33 22.80
C THR F 166 -14.23 -20.49 22.16
N GLU F 167 -14.29 -20.79 20.87
CA GLU F 167 -15.55 -20.88 20.14
C GLU F 167 -15.96 -22.34 19.97
N LEU F 168 -17.20 -22.64 20.30
CA LEU F 168 -17.72 -23.99 20.16
C LEU F 168 -17.94 -24.34 18.69
N ASN F 169 -17.95 -25.65 18.41
CA ASN F 169 -18.12 -26.11 17.04
C ASN F 169 -19.54 -25.91 16.55
N ASP F 170 -20.52 -25.89 17.46
CA ASP F 170 -21.91 -25.69 17.09
C ASP F 170 -22.62 -24.97 18.23
N GLN F 171 -23.94 -24.80 18.08
CA GLN F 171 -24.75 -24.13 19.08
C GLN F 171 -26.03 -24.91 19.34
N GLY F 172 -25.92 -26.23 19.34
CA GLY F 172 -27.09 -27.07 19.54
C GLY F 172 -27.47 -27.22 21.00
N GLY F 173 -28.58 -27.89 21.23
CA GLY F 173 -29.09 -28.11 22.56
C GLY F 173 -29.24 -29.57 22.92
N TYR F 174 -30.08 -29.86 23.91
CA TYR F 174 -30.28 -31.23 24.37
C TYR F 174 -30.98 -32.05 23.30
N PHE F 175 -30.35 -33.14 22.89
CA PHE F 175 -30.90 -34.07 21.89
C PHE F 175 -31.21 -33.38 20.57
N ASP F 176 -30.50 -32.31 20.25
CA ASP F 176 -30.75 -31.60 19.00
C ASP F 176 -30.30 -32.41 17.81
N LEU F 177 -30.75 -32.00 16.63
CA LEU F 177 -30.48 -32.71 15.38
C LEU F 177 -30.11 -31.67 14.32
N ALA F 178 -28.85 -31.68 13.90
CA ALA F 178 -28.36 -30.81 12.83
C ALA F 178 -27.47 -31.62 11.88
N PRO F 179 -28.07 -32.27 10.87
CA PRO F 179 -27.33 -33.26 10.08
C PRO F 179 -26.14 -32.72 9.32
N MET F 180 -26.16 -31.44 8.94
CA MET F 180 -25.19 -30.93 7.99
C MET F 180 -23.76 -31.00 8.50
N ASP F 181 -23.42 -30.17 9.49
CA ASP F 181 -22.07 -30.18 10.03
C ASP F 181 -22.04 -29.92 11.54
N LEU F 182 -23.21 -29.79 12.16
CA LEU F 182 -23.31 -29.32 13.53
C LEU F 182 -23.75 -30.43 14.48
N GLY F 183 -24.86 -31.11 14.19
CA GLY F 183 -25.37 -32.13 15.07
C GLY F 183 -24.42 -33.29 15.29
N GLU F 184 -24.19 -34.09 14.25
CA GLU F 184 -23.27 -35.22 14.38
C GLU F 184 -21.82 -34.78 14.21
N ASN F 185 -21.46 -34.31 13.02
CA ASN F 185 -20.11 -33.87 12.72
C ASN F 185 -19.09 -34.92 13.13
N CYS F 186 -18.32 -34.62 14.19
CA CYS F 186 -17.36 -35.57 14.75
C CYS F 186 -18.02 -36.41 15.85
N ARG F 187 -19.17 -36.94 15.54
CA ARG F 187 -19.79 -37.91 16.43
C ARG F 187 -20.16 -39.18 15.67
N ARG F 188 -20.57 -39.05 14.42
CA ARG F 188 -20.82 -40.21 13.58
C ARG F 188 -19.52 -40.95 13.28
N GLU F 189 -18.48 -40.20 12.92
CA GLU F 189 -17.19 -40.81 12.58
C GLU F 189 -16.56 -41.49 13.78
N ILE F 190 -16.66 -40.86 14.96
CA ILE F 190 -16.09 -41.46 16.17
C ILE F 190 -16.79 -42.77 16.49
N VAL F 191 -18.12 -42.78 16.38
CA VAL F 191 -18.87 -44.01 16.65
C VAL F 191 -18.50 -45.08 15.65
N LEU F 192 -18.35 -44.71 14.37
CA LEU F 192 -17.97 -45.69 13.36
C LEU F 192 -16.60 -46.29 13.65
N LYS F 193 -15.63 -45.44 13.99
CA LYS F 193 -14.29 -45.93 14.28
C LYS F 193 -14.27 -46.80 15.52
N LEU F 194 -15.02 -46.42 16.56
CA LEU F 194 -15.09 -47.24 17.77
C LEU F 194 -15.73 -48.59 17.47
N GLU F 195 -16.78 -48.60 16.66
CA GLU F 195 -17.42 -49.87 16.27
C GLU F 195 -16.43 -50.75 15.52
N GLU F 196 -15.67 -50.16 14.59
CA GLU F 196 -14.66 -50.94 13.88
C GLU F 196 -13.56 -51.42 14.83
N MET F 197 -13.32 -50.69 15.92
CA MET F 197 -12.29 -51.02 16.89
C MET F 197 -12.71 -52.14 17.83
N GLY F 198 -14.00 -52.45 17.92
CA GLY F 198 -14.49 -53.48 18.81
C GLY F 198 -15.36 -52.98 19.93
N PHE F 199 -15.72 -51.70 19.95
CA PHE F 199 -16.60 -51.16 20.97
C PHE F 199 -18.04 -51.57 20.70
N GLU F 200 -18.83 -51.58 21.77
CA GLU F 200 -20.27 -51.80 21.68
C GLU F 200 -20.95 -50.50 22.09
N ILE F 201 -21.32 -49.71 21.10
CA ILE F 201 -21.90 -48.38 21.33
C ILE F 201 -23.40 -48.51 21.47
N GLU F 202 -23.96 -47.84 22.48
CA GLU F 202 -25.41 -47.84 22.70
C GLU F 202 -26.10 -46.74 21.91
N ALA F 203 -25.74 -45.49 22.16
CA ALA F 203 -26.36 -44.36 21.48
C ALA F 203 -25.49 -43.12 21.66
N SER F 204 -25.74 -42.13 20.83
CA SER F 204 -25.05 -40.85 20.90
C SER F 204 -26.06 -39.73 20.71
N HIS F 205 -25.81 -38.60 21.37
CA HIS F 205 -26.73 -37.48 21.29
C HIS F 205 -26.00 -36.20 21.65
N HIS F 206 -26.66 -35.08 21.38
CA HIS F 206 -26.13 -33.77 21.75
C HIS F 206 -26.47 -33.47 23.19
N GLU F 207 -25.53 -32.86 23.89
CA GLU F 207 -25.65 -32.60 25.32
C GLU F 207 -26.23 -31.21 25.59
N VAL F 208 -26.15 -30.79 26.85
CA VAL F 208 -26.72 -29.52 27.29
C VAL F 208 -26.14 -28.36 26.50
N ALA F 209 -24.87 -28.12 26.68
CA ALA F 209 -24.22 -26.92 26.21
C ALA F 209 -23.90 -27.02 24.72
N PRO F 210 -23.73 -25.88 24.04
CA PRO F 210 -23.25 -25.92 22.66
C PRO F 210 -21.91 -26.63 22.58
N GLY F 211 -21.76 -27.46 21.55
CA GLY F 211 -20.53 -28.18 21.35
C GLY F 211 -20.28 -29.33 22.29
N GLN F 212 -21.27 -29.74 23.07
CA GLN F 212 -21.13 -30.84 24.03
C GLN F 212 -21.85 -32.07 23.50
N HIS F 213 -21.15 -33.20 23.52
CA HIS F 213 -21.68 -34.45 22.97
C HIS F 213 -21.45 -35.58 23.95
N GLU F 214 -22.29 -36.62 23.83
CA GLU F 214 -22.17 -37.79 24.68
C GLU F 214 -22.32 -39.04 23.83
N ILE F 215 -21.45 -40.02 24.08
CA ILE F 215 -21.51 -41.33 23.44
C ILE F 215 -21.50 -42.38 24.53
N ASP F 216 -22.47 -43.27 24.52
CA ASP F 216 -22.61 -44.30 25.55
C ASP F 216 -22.24 -45.67 25.00
N PHE F 217 -21.52 -46.44 25.80
CA PHE F 217 -21.19 -47.82 25.46
C PHE F 217 -22.09 -48.77 26.24
N LYS F 218 -22.13 -50.02 25.78
CA LYS F 218 -22.81 -51.05 26.53
C LYS F 218 -22.00 -51.41 27.77
N TYR F 219 -22.68 -52.00 28.74
CA TYR F 219 -22.05 -52.28 30.03
C TYR F 219 -21.04 -53.41 29.90
N ALA F 220 -19.96 -53.31 30.67
CA ALA F 220 -18.92 -54.32 30.68
C ALA F 220 -18.37 -54.44 32.10
N ASP F 221 -17.47 -55.38 32.30
CA ASP F 221 -16.83 -55.53 33.60
C ASP F 221 -15.94 -54.33 33.88
N ALA F 222 -15.61 -54.13 35.16
CA ALA F 222 -15.01 -52.89 35.60
C ALA F 222 -13.68 -52.61 34.91
N VAL F 223 -12.81 -53.61 34.84
CA VAL F 223 -11.50 -53.42 34.19
C VAL F 223 -11.69 -53.10 32.71
N LYS F 224 -12.58 -53.86 32.05
CA LYS F 224 -12.86 -53.60 30.65
C LYS F 224 -13.49 -52.21 30.48
N ALA F 225 -14.34 -51.81 31.41
CA ALA F 225 -14.96 -50.50 31.32
C ALA F 225 -13.93 -49.38 31.41
N ALA F 226 -12.97 -49.51 32.33
CA ALA F 226 -11.94 -48.49 32.45
C ALA F 226 -11.02 -48.47 31.23
N ASP F 227 -10.67 -49.65 30.71
CA ASP F 227 -9.87 -49.69 29.49
C ASP F 227 -10.60 -49.03 28.34
N GLN F 228 -11.91 -49.30 28.23
CA GLN F 228 -12.70 -48.68 27.18
C GLN F 228 -12.78 -47.18 27.36
N ILE F 229 -12.85 -46.70 28.60
CA ILE F 229 -12.88 -45.25 28.82
C ILE F 229 -11.59 -44.61 28.33
N GLN F 230 -10.45 -45.22 28.67
CA GLN F 230 -9.17 -44.67 28.22
C GLN F 230 -9.07 -44.68 26.70
N THR F 231 -9.42 -45.81 26.08
CA THR F 231 -9.36 -45.91 24.62
C THR F 231 -10.32 -44.93 23.97
N PHE F 232 -11.51 -44.76 24.56
CA PHE F 232 -12.50 -43.84 24.02
C PHE F 232 -11.98 -42.41 24.05
N LYS F 233 -11.36 -42.00 25.15
CA LYS F 233 -10.81 -40.65 25.21
C LYS F 233 -9.74 -40.46 24.15
N LEU F 234 -8.84 -41.44 24.02
CA LEU F 234 -7.78 -41.31 23.02
C LEU F 234 -8.35 -41.23 21.60
N VAL F 235 -9.32 -42.10 21.29
CA VAL F 235 -9.90 -42.13 19.95
C VAL F 235 -10.65 -40.84 19.65
N VAL F 236 -11.43 -40.34 20.62
CA VAL F 236 -12.17 -39.11 20.40
C VAL F 236 -11.21 -37.96 20.14
N LYS F 237 -10.13 -37.86 20.94
CA LYS F 237 -9.17 -36.79 20.71
C LYS F 237 -8.54 -36.89 19.33
N THR F 238 -8.14 -38.10 18.92
CA THR F 238 -7.51 -38.26 17.61
C THR F 238 -8.46 -37.89 16.48
N ILE F 239 -9.69 -38.40 16.52
CA ILE F 239 -10.62 -38.14 15.43
C ILE F 239 -10.97 -36.66 15.38
N ALA F 240 -11.16 -36.02 16.53
CA ALA F 240 -11.45 -34.59 16.54
C ALA F 240 -10.29 -33.80 15.96
N ARG F 241 -9.05 -34.19 16.28
CA ARG F 241 -7.90 -33.53 15.68
C ARG F 241 -7.86 -33.73 14.18
N GLN F 242 -8.33 -34.87 13.68
CA GLN F 242 -8.33 -35.12 12.25
C GLN F 242 -9.22 -34.13 11.51
N HIS F 243 -10.37 -33.76 12.09
CA HIS F 243 -11.31 -32.87 11.45
C HIS F 243 -11.03 -31.40 11.76
N GLY F 244 -9.83 -31.07 12.25
CA GLY F 244 -9.54 -29.71 12.61
C GLY F 244 -10.35 -29.18 13.77
N LEU F 245 -10.65 -30.02 14.75
CA LEU F 245 -11.35 -29.63 15.96
C LEU F 245 -10.50 -30.03 17.16
N HIS F 246 -10.92 -29.57 18.34
CA HIS F 246 -10.26 -29.92 19.57
C HIS F 246 -11.29 -30.52 20.53
N ALA F 247 -11.02 -31.74 20.98
CA ALA F 247 -11.90 -32.41 21.93
C ALA F 247 -11.27 -32.35 23.31
N THR F 248 -12.06 -31.94 24.30
CA THR F 248 -11.59 -31.84 25.67
C THR F 248 -12.56 -32.53 26.61
N PHE F 249 -12.02 -33.18 27.63
CA PHE F 249 -12.80 -33.76 28.71
C PHE F 249 -12.66 -32.94 29.98
N MET F 250 -12.33 -31.67 29.84
CA MET F 250 -12.20 -30.77 30.98
C MET F 250 -13.55 -30.64 31.67
N PRO F 251 -13.61 -30.78 32.99
CA PRO F 251 -14.92 -30.78 33.68
C PRO F 251 -15.75 -29.53 33.46
N LYS F 252 -15.13 -28.36 33.43
CA LYS F 252 -15.85 -27.09 33.26
C LYS F 252 -15.03 -26.15 32.41
N PRO F 253 -15.04 -26.34 31.10
CA PRO F 253 -14.22 -25.48 30.23
C PRO F 253 -14.72 -24.05 30.16
N LEU F 254 -16.01 -23.80 30.38
CA LEU F 254 -16.57 -22.47 30.27
C LEU F 254 -17.45 -22.17 31.46
N PHE F 255 -17.45 -20.91 31.88
CA PHE F 255 -18.32 -20.45 32.95
C PHE F 255 -19.72 -20.17 32.41
N GLY F 256 -20.73 -20.53 33.19
CA GLY F 256 -22.10 -20.26 32.84
C GLY F 256 -22.79 -21.31 31.99
N VAL F 257 -22.06 -22.34 31.55
CA VAL F 257 -22.64 -23.43 30.79
C VAL F 257 -22.44 -24.71 31.58
N ASN F 258 -23.15 -25.76 31.15
CA ASN F 258 -23.06 -27.05 31.82
C ASN F 258 -21.66 -27.63 31.70
N GLY F 259 -21.23 -28.33 32.74
CA GLY F 259 -19.97 -29.05 32.70
C GLY F 259 -20.13 -30.43 32.10
N SER F 260 -19.03 -31.17 32.10
CA SER F 260 -19.00 -32.54 31.61
C SER F 260 -18.86 -33.49 32.78
N GLY F 261 -19.77 -34.47 32.87
CA GLY F 261 -19.71 -35.48 33.90
C GLY F 261 -19.47 -36.85 33.30
N MET F 262 -19.17 -37.82 34.18
CA MET F 262 -18.91 -39.19 33.79
C MET F 262 -19.69 -40.11 34.75
N HIS F 263 -21.01 -39.87 34.80
CA HIS F 263 -21.91 -40.72 35.57
C HIS F 263 -21.57 -42.19 35.37
N CYS F 264 -21.39 -42.91 36.47
CA CYS F 264 -21.01 -44.31 36.44
C CYS F 264 -22.19 -45.14 36.96
N ASN F 265 -22.68 -46.05 36.13
CA ASN F 265 -23.75 -46.97 36.51
C ASN F 265 -23.11 -48.27 36.97
N GLN F 266 -23.43 -48.70 38.18
CA GLN F 266 -22.83 -49.89 38.77
C GLN F 266 -23.88 -50.87 39.24
N SER F 267 -23.57 -52.15 39.11
CA SER F 267 -24.40 -53.22 39.64
C SER F 267 -23.51 -54.41 39.97
N LEU F 268 -23.71 -54.99 41.14
CA LEU F 268 -22.93 -56.13 41.58
C LEU F 268 -23.58 -57.42 41.10
N PHE F 269 -22.77 -58.35 40.61
CA PHE F 269 -23.27 -59.60 40.06
C PHE F 269 -22.63 -60.76 40.79
N LYS F 270 -23.42 -61.82 41.00
CA LYS F 270 -22.95 -63.07 41.60
C LYS F 270 -23.49 -64.20 40.73
N ASP F 271 -22.64 -64.70 39.83
CA ASP F 271 -23.00 -65.78 38.92
C ASP F 271 -24.22 -65.38 38.08
N ASN F 272 -23.99 -64.37 37.24
CA ASN F 272 -24.96 -63.78 36.30
C ASN F 272 -26.32 -63.56 36.95
N GLU F 273 -26.31 -63.25 38.24
CA GLU F 273 -27.51 -62.85 38.96
C GLU F 273 -27.26 -61.47 39.55
N ASN F 274 -28.16 -60.54 39.25
CA ASN F 274 -28.05 -59.17 39.76
C ASN F 274 -28.47 -59.16 41.23
N VAL F 275 -27.49 -58.98 42.13
CA VAL F 275 -27.80 -58.96 43.56
C VAL F 275 -28.44 -57.67 44.00
N PHE F 276 -28.49 -56.65 43.15
CA PHE F 276 -29.18 -55.41 43.48
C PHE F 276 -30.68 -55.52 43.30
N TYR F 277 -31.15 -56.53 42.57
CA TYR F 277 -32.56 -56.67 42.27
C TYR F 277 -33.30 -57.41 43.39
N ASP F 278 -34.52 -56.95 43.68
CA ASP F 278 -35.39 -57.60 44.65
C ASP F 278 -36.83 -57.27 44.26
N GLU F 279 -37.51 -58.24 43.64
CA GLU F 279 -38.87 -58.00 43.18
C GLU F 279 -39.82 -57.70 44.33
N THR F 280 -39.55 -58.25 45.52
CA THR F 280 -40.45 -58.05 46.65
C THR F 280 -40.36 -56.63 47.21
N ASP F 281 -39.23 -55.96 46.99
CA ASP F 281 -39.05 -54.62 47.54
C ASP F 281 -39.95 -53.63 46.82
N GLU F 282 -40.32 -52.56 47.54
CA GLU F 282 -41.19 -51.54 46.96
C GLU F 282 -40.53 -50.84 45.79
N LEU F 283 -39.24 -50.52 45.93
CA LEU F 283 -38.49 -49.89 44.85
C LEU F 283 -37.74 -50.89 43.98
N GLY F 284 -37.93 -52.19 44.21
CA GLY F 284 -37.17 -53.19 43.50
C GLY F 284 -35.70 -53.18 43.84
N LEU F 285 -35.36 -52.88 45.09
CA LEU F 285 -33.97 -52.76 45.52
C LEU F 285 -33.72 -53.73 46.67
N SER F 286 -32.69 -54.55 46.53
CA SER F 286 -32.34 -55.48 47.58
C SER F 286 -31.65 -54.76 48.74
N GLN F 287 -31.57 -55.44 49.88
CA GLN F 287 -30.85 -54.88 51.01
C GLN F 287 -29.38 -54.69 50.68
N THR F 288 -28.82 -55.54 49.82
CA THR F 288 -27.43 -55.38 49.40
C THR F 288 -27.24 -54.07 48.66
N ALA F 289 -28.17 -53.73 47.76
CA ALA F 289 -28.06 -52.47 47.03
C ALA F 289 -28.19 -51.28 47.96
N ARG F 290 -29.09 -51.36 48.94
CA ARG F 290 -29.25 -50.26 49.89
C ARG F 290 -28.00 -50.08 50.74
N HIS F 291 -27.40 -51.19 51.20
CA HIS F 291 -26.15 -51.09 51.94
C HIS F 291 -25.04 -50.51 51.08
N TYR F 292 -24.97 -50.92 49.81
CA TYR F 292 -23.99 -50.38 48.88
C TYR F 292 -24.13 -48.86 48.75
N MET F 293 -25.37 -48.40 48.54
CA MET F 293 -25.60 -46.97 48.38
C MET F 293 -25.30 -46.21 49.66
N ALA F 294 -25.64 -46.79 50.82
CA ALA F 294 -25.32 -46.16 52.09
C ALA F 294 -23.81 -46.02 52.27
N GLY F 295 -23.07 -47.07 51.90
CA GLY F 295 -21.61 -46.99 51.98
C GLY F 295 -21.04 -45.93 51.06
N ILE F 296 -21.57 -45.82 49.86
CA ILE F 296 -21.09 -44.79 48.94
C ILE F 296 -21.40 -43.40 49.49
N LEU F 297 -22.58 -43.22 50.06
CA LEU F 297 -22.95 -41.92 50.61
C LEU F 297 -22.10 -41.56 51.81
N LYS F 298 -21.76 -42.55 52.64
CA LYS F 298 -20.99 -42.26 53.86
C LYS F 298 -19.59 -41.75 53.52
N HIS F 299 -18.96 -42.31 52.49
CA HIS F 299 -17.57 -41.99 52.16
C HIS F 299 -17.44 -41.02 50.99
N ALA F 300 -18.52 -40.35 50.60
CA ALA F 300 -18.51 -39.53 49.38
C ALA F 300 -17.48 -38.41 49.47
N ARG F 301 -17.44 -37.71 50.61
CA ARG F 301 -16.50 -36.60 50.75
C ARG F 301 -15.06 -37.07 50.67
N ALA F 302 -14.79 -38.29 51.16
CA ALA F 302 -13.44 -38.85 51.05
C ALA F 302 -13.10 -39.23 49.62
N MET F 303 -14.06 -39.76 48.86
CA MET F 303 -13.83 -40.13 47.48
C MET F 303 -13.78 -38.94 46.54
N ALA F 304 -14.25 -37.77 46.98
CA ALA F 304 -14.31 -36.61 46.09
C ALA F 304 -12.96 -36.26 45.50
N ALA F 305 -11.88 -36.43 46.27
CA ALA F 305 -10.55 -36.10 45.77
C ALA F 305 -10.12 -37.02 44.64
N ILE F 306 -10.71 -38.21 44.54
CA ILE F 306 -10.37 -39.14 43.46
C ILE F 306 -11.33 -39.02 42.29
N THR F 307 -12.64 -38.96 42.56
CA THR F 307 -13.61 -38.82 41.48
C THR F 307 -13.63 -37.42 40.90
N ASN F 308 -13.17 -36.43 41.65
CA ASN F 308 -13.06 -35.04 41.18
C ASN F 308 -11.65 -34.57 41.50
N PRO F 309 -10.68 -34.95 40.68
CA PRO F 309 -9.28 -34.81 41.08
C PRO F 309 -8.65 -33.45 40.81
N THR F 310 -9.20 -32.69 39.86
CA THR F 310 -8.57 -31.45 39.46
C THR F 310 -9.17 -30.26 40.18
N VAL F 311 -8.50 -29.11 40.05
CA VAL F 311 -9.04 -27.86 40.57
C VAL F 311 -10.30 -27.48 39.83
N ASN F 312 -10.30 -27.65 38.51
CA ASN F 312 -11.47 -27.30 37.69
C ASN F 312 -12.66 -28.20 37.98
N SER F 313 -12.44 -29.34 38.63
CA SER F 313 -13.54 -30.25 38.91
C SER F 313 -14.58 -29.62 39.83
N TYR F 314 -14.16 -28.73 40.71
CA TYR F 314 -15.05 -28.14 41.69
C TYR F 314 -15.68 -26.84 41.21
N LYS F 315 -15.29 -26.36 40.04
CA LYS F 315 -16.07 -25.34 39.36
C LYS F 315 -17.30 -25.93 38.69
N ARG F 316 -17.30 -27.23 38.41
CA ARG F 316 -18.49 -27.90 37.92
C ARG F 316 -19.50 -28.15 39.03
N LEU F 317 -19.02 -28.49 40.23
CA LEU F 317 -19.90 -28.79 41.36
C LEU F 317 -20.46 -27.51 41.98
N VAL F 318 -21.22 -26.78 41.17
CA VAL F 318 -21.88 -25.57 41.61
C VAL F 318 -23.36 -25.70 41.26
N PRO F 319 -24.27 -25.09 42.03
CA PRO F 319 -25.69 -25.31 41.78
C PRO F 319 -26.15 -24.68 40.47
N GLY F 320 -27.18 -25.30 39.88
CA GLY F 320 -27.82 -24.76 38.70
C GLY F 320 -27.41 -25.38 37.38
N TYR F 321 -26.61 -26.44 37.38
CA TYR F 321 -26.14 -27.06 36.14
C TYR F 321 -26.22 -28.58 36.21
N GLU F 322 -27.05 -29.09 37.12
CA GLU F 322 -27.34 -30.52 37.30
C GLU F 322 -26.17 -31.33 37.82
N ALA F 323 -25.03 -30.72 38.04
CA ALA F 323 -23.99 -31.47 38.75
C ALA F 323 -24.37 -31.60 40.21
N PRO F 324 -24.14 -32.76 40.82
CA PRO F 324 -24.47 -32.93 42.23
C PRO F 324 -23.64 -32.00 43.11
N CYS F 325 -24.28 -31.46 44.15
CA CYS F 325 -23.58 -30.65 45.13
C CYS F 325 -23.82 -31.11 46.56
N TYR F 326 -24.72 -32.06 46.79
CA TYR F 326 -25.01 -32.55 48.13
C TYR F 326 -25.03 -34.07 48.11
N VAL F 327 -24.61 -34.66 49.22
CA VAL F 327 -24.53 -36.11 49.34
C VAL F 327 -25.90 -36.66 49.69
N ALA F 328 -26.67 -37.03 48.66
CA ALA F 328 -28.00 -37.57 48.86
C ALA F 328 -28.37 -38.41 47.65
N TRP F 329 -29.38 -39.26 47.84
CA TRP F 329 -29.85 -40.14 46.78
C TRP F 329 -31.34 -39.93 46.55
N SER F 330 -31.76 -40.15 45.31
CA SER F 330 -33.16 -40.01 44.94
C SER F 330 -33.41 -40.79 43.67
N ALA F 331 -34.69 -41.05 43.40
CA ALA F 331 -35.09 -41.61 42.13
C ALA F 331 -35.48 -40.54 41.12
N SER F 332 -35.75 -39.32 41.58
CA SER F 332 -36.11 -38.22 40.69
C SER F 332 -35.83 -36.91 41.42
N ASN F 333 -34.80 -36.19 40.97
CA ASN F 333 -34.44 -34.92 41.58
C ASN F 333 -33.60 -34.12 40.59
N ARG F 334 -33.41 -32.85 40.91
CA ARG F 334 -32.55 -31.95 40.15
C ARG F 334 -31.18 -32.57 39.91
N SER F 335 -30.43 -32.83 40.97
CA SER F 335 -29.07 -33.36 40.88
C SER F 335 -28.75 -34.09 42.17
N PRO F 336 -29.21 -35.33 42.30
CA PRO F 336 -28.79 -36.16 43.44
C PRO F 336 -27.41 -36.72 43.22
N MET F 337 -26.73 -36.98 44.35
CA MET F 337 -25.43 -37.64 44.28
C MET F 337 -25.57 -39.04 43.70
N ILE F 338 -26.59 -39.77 44.13
CA ILE F 338 -26.87 -41.11 43.64
C ILE F 338 -28.26 -41.10 43.03
N ARG F 339 -28.38 -41.61 41.81
CA ARG F 339 -29.66 -41.75 41.15
C ARG F 339 -29.90 -43.21 40.81
N ILE F 340 -31.14 -43.64 40.93
CA ILE F 340 -31.53 -45.03 40.66
C ILE F 340 -32.42 -45.02 39.41
N PRO F 341 -31.94 -45.51 38.27
CA PRO F 341 -32.76 -45.53 37.07
C PRO F 341 -33.98 -46.45 37.23
N ALA F 342 -34.98 -46.20 36.40
CA ALA F 342 -36.24 -46.94 36.48
C ALA F 342 -36.12 -48.39 36.03
N SER F 343 -35.05 -48.75 35.32
CA SER F 343 -34.90 -50.11 34.84
C SER F 343 -34.76 -51.08 35.99
N ARG F 344 -35.35 -52.26 35.84
CA ARG F 344 -35.33 -53.28 36.88
C ARG F 344 -34.85 -54.61 36.33
N GLY F 345 -34.95 -55.67 37.11
CA GLY F 345 -34.54 -56.98 36.63
C GLY F 345 -33.03 -57.11 36.64
N LEU F 346 -32.47 -57.56 35.53
CA LEU F 346 -31.02 -57.67 35.42
C LEU F 346 -30.35 -56.34 35.16
N SER F 347 -31.11 -55.27 34.93
CA SER F 347 -30.55 -53.96 34.63
C SER F 347 -30.79 -52.96 35.76
N THR F 348 -31.05 -53.44 36.98
CA THR F 348 -31.14 -52.53 38.12
C THR F 348 -29.75 -52.02 38.46
N ARG F 349 -29.62 -50.70 38.57
CA ARG F 349 -28.31 -50.08 38.66
C ARG F 349 -28.32 -48.97 39.69
N VAL F 350 -27.13 -48.62 40.16
CA VAL F 350 -26.91 -47.48 41.02
C VAL F 350 -26.00 -46.52 40.26
N GLU F 351 -26.51 -45.32 39.97
CA GLU F 351 -25.78 -44.34 39.18
C GLU F 351 -25.17 -43.32 40.13
N VAL F 352 -23.84 -43.20 40.10
CA VAL F 352 -23.11 -42.20 40.86
C VAL F 352 -22.68 -41.10 39.90
N ARG F 353 -23.04 -39.87 40.21
CA ARG F 353 -22.92 -38.76 39.27
C ARG F 353 -21.82 -37.77 39.61
N ASN F 354 -21.08 -37.99 40.69
CA ASN F 354 -19.94 -37.12 41.01
C ASN F 354 -18.85 -37.12 39.96
N PRO F 355 -18.36 -38.27 39.48
CA PRO F 355 -17.14 -38.27 38.67
C PRO F 355 -17.26 -37.42 37.42
N ASP F 356 -16.17 -36.77 37.05
CA ASP F 356 -15.99 -36.10 35.79
C ASP F 356 -15.01 -36.87 34.92
N PRO F 357 -15.02 -36.66 33.61
CA PRO F 357 -14.14 -37.45 32.74
C PRO F 357 -12.66 -37.26 33.01
N ALA F 358 -12.27 -36.23 33.76
CA ALA F 358 -10.88 -36.04 34.14
C ALA F 358 -10.41 -37.03 35.18
N ALA F 359 -11.32 -37.74 35.85
CA ALA F 359 -10.94 -38.70 36.87
C ALA F 359 -10.27 -39.92 36.27
N ASN F 360 -9.42 -40.56 37.05
CA ASN F 360 -8.82 -41.81 36.64
C ASN F 360 -9.89 -42.90 36.72
N PRO F 361 -10.22 -43.58 35.63
CA PRO F 361 -11.30 -44.58 35.70
C PRO F 361 -11.02 -45.72 36.66
N TYR F 362 -9.78 -46.22 36.66
CA TYR F 362 -9.43 -47.32 37.55
C TYR F 362 -9.57 -46.91 39.01
N LEU F 363 -8.98 -45.77 39.37
CA LEU F 363 -9.04 -45.31 40.76
C LEU F 363 -10.47 -44.98 41.17
N ALA F 364 -11.23 -44.33 40.29
CA ALA F 364 -12.60 -43.97 40.63
C ALA F 364 -13.46 -45.20 40.86
N LEU F 365 -13.39 -46.16 39.94
CA LEU F 365 -14.15 -47.39 40.11
C LEU F 365 -13.71 -48.14 41.35
N ALA F 366 -12.39 -48.16 41.63
CA ALA F 366 -11.89 -48.86 42.80
C ALA F 366 -12.42 -48.25 44.09
N VAL F 367 -12.38 -46.92 44.20
CA VAL F 367 -12.82 -46.28 45.44
C VAL F 367 -14.33 -46.41 45.60
N MET F 368 -15.09 -46.29 44.50
CA MET F 368 -16.53 -46.46 44.59
C MET F 368 -16.90 -47.88 45.02
N LEU F 369 -16.26 -48.88 44.42
CA LEU F 369 -16.53 -50.27 44.79
C LEU F 369 -16.14 -50.53 46.24
N ARG F 370 -15.00 -49.99 46.68
CA ARG F 370 -14.57 -50.22 48.05
C ARG F 370 -15.53 -49.57 49.04
N ALA F 371 -16.00 -48.36 48.75
CA ALA F 371 -16.97 -47.72 49.63
C ALA F 371 -18.27 -48.52 49.69
N GLY F 372 -18.73 -49.00 48.54
CA GLY F 372 -19.94 -49.82 48.54
C GLY F 372 -19.77 -51.11 49.32
N LEU F 373 -18.62 -51.77 49.16
CA LEU F 373 -18.38 -53.01 49.89
C LEU F 373 -18.27 -52.75 51.38
N ASP F 374 -17.67 -51.62 51.76
CA ASP F 374 -17.58 -51.28 53.18
C ASP F 374 -18.97 -51.02 53.76
N GLY F 375 -19.83 -50.37 52.98
CA GLY F 375 -21.22 -50.21 53.42
C GLY F 375 -21.94 -51.55 53.55
N ILE F 376 -21.68 -52.46 52.62
CA ILE F 376 -22.30 -53.79 52.70
C ILE F 376 -21.83 -54.53 53.94
N LYS F 377 -20.52 -54.47 54.22
CA LYS F 377 -19.95 -55.24 55.32
C LYS F 377 -20.50 -54.79 56.66
N ARG F 378 -20.59 -53.48 56.89
CA ARG F 378 -21.04 -52.94 58.15
C ARG F 378 -22.56 -52.76 58.21
N GLN F 379 -23.26 -53.09 57.12
CA GLN F 379 -24.72 -53.02 57.07
C GLN F 379 -25.22 -51.65 57.45
N MET F 380 -24.67 -50.62 56.80
CA MET F 380 -25.07 -49.25 57.08
C MET F 380 -26.54 -49.04 56.71
N ALA F 381 -27.19 -48.16 57.46
CA ALA F 381 -28.59 -47.85 57.21
C ALA F 381 -28.73 -46.76 56.16
N LEU F 382 -29.54 -47.02 55.15
CA LEU F 382 -29.76 -46.05 54.09
C LEU F 382 -30.51 -44.84 54.63
N PRO F 383 -30.01 -43.63 54.44
CA PRO F 383 -30.79 -42.44 54.80
C PRO F 383 -31.99 -42.28 53.87
N ALA F 384 -32.94 -41.48 54.33
CA ALA F 384 -34.17 -41.27 53.57
C ALA F 384 -33.85 -40.56 52.25
N PRO F 385 -34.51 -40.93 51.17
CA PRO F 385 -34.28 -40.24 49.90
C PRO F 385 -34.78 -38.81 49.94
N ILE F 386 -34.17 -37.96 49.14
CA ILE F 386 -34.61 -36.57 49.03
C ILE F 386 -35.74 -36.49 48.02
N ASP F 387 -36.85 -35.90 48.44
CA ASP F 387 -38.03 -35.76 47.59
C ASP F 387 -37.84 -34.56 46.66
N ARG F 388 -38.93 -34.11 46.05
CA ARG F 388 -38.89 -32.95 45.16
C ARG F 388 -38.58 -31.66 45.90
N ASN F 389 -38.19 -31.74 47.18
CA ASN F 389 -37.80 -30.58 47.96
C ASN F 389 -36.48 -30.06 47.41
N ILE F 390 -36.56 -29.02 46.57
CA ILE F 390 -35.35 -28.43 46.00
C ILE F 390 -34.56 -27.76 47.12
N TYR F 391 -33.24 -27.70 46.94
CA TYR F 391 -32.32 -27.30 47.98
C TYR F 391 -32.26 -25.80 48.20
N VAL F 392 -33.27 -25.04 47.77
CA VAL F 392 -33.40 -23.65 48.17
C VAL F 392 -33.51 -23.49 49.67
N MET F 393 -33.66 -24.58 50.41
CA MET F 393 -33.71 -24.52 51.87
C MET F 393 -32.38 -24.02 52.43
N SER F 394 -32.46 -23.39 53.60
CA SER F 394 -31.28 -22.80 54.21
C SER F 394 -30.33 -23.87 54.71
N GLU F 395 -29.09 -23.45 54.98
CA GLU F 395 -28.09 -24.37 55.52
C GLU F 395 -28.54 -24.97 56.84
N GLU F 396 -29.26 -24.20 57.66
CA GLU F 396 -29.82 -24.75 58.89
C GLU F 396 -30.79 -25.88 58.59
N GLU F 397 -31.64 -25.71 57.58
CA GLU F 397 -32.53 -26.79 57.17
C GLU F 397 -31.74 -27.99 56.65
N ARG F 398 -30.64 -27.73 55.94
CA ARG F 398 -29.88 -28.82 55.35
C ARG F 398 -29.18 -29.67 56.40
N ILE F 399 -28.51 -29.03 57.37
CA ILE F 399 -27.84 -29.84 58.38
C ILE F 399 -28.81 -30.30 59.47
N GLU F 400 -30.03 -29.72 59.53
CA GLU F 400 -31.05 -30.27 60.39
C GLU F 400 -31.56 -31.60 59.84
N GLU F 401 -31.69 -31.70 58.51
CA GLU F 401 -32.12 -32.94 57.87
C GLU F 401 -30.96 -33.90 57.65
N GLY F 402 -29.75 -33.54 58.04
CA GLY F 402 -28.61 -34.41 57.85
C GLY F 402 -28.19 -34.62 56.41
N ILE F 403 -28.18 -33.57 55.60
CA ILE F 403 -27.76 -33.64 54.21
C ILE F 403 -26.34 -33.07 54.11
N PRO F 404 -25.32 -33.90 53.96
CA PRO F 404 -23.97 -33.38 53.80
C PRO F 404 -23.76 -32.78 52.42
N SER F 405 -22.72 -31.96 52.31
CA SER F 405 -22.36 -31.32 51.06
C SER F 405 -20.98 -31.78 50.62
N LEU F 406 -20.80 -31.83 49.30
CA LEU F 406 -19.52 -32.21 48.73
C LEU F 406 -18.48 -31.12 48.99
N PRO F 407 -17.19 -31.46 48.98
CA PRO F 407 -16.16 -30.45 49.24
C PRO F 407 -16.22 -29.31 48.25
N ALA F 408 -15.93 -28.10 48.74
CA ALA F 408 -16.04 -26.90 47.91
C ALA F 408 -14.84 -26.72 46.99
N ASP F 409 -13.71 -27.35 47.28
CA ASP F 409 -12.52 -27.19 46.45
C ASP F 409 -11.60 -28.38 46.69
N LEU F 410 -10.47 -28.38 45.99
CA LEU F 410 -9.56 -29.53 46.04
C LEU F 410 -8.94 -29.69 47.42
N LYS F 411 -8.72 -28.59 48.15
CA LYS F 411 -8.08 -28.66 49.45
C LYS F 411 -8.93 -29.42 50.45
N GLU F 412 -10.23 -29.13 50.51
CA GLU F 412 -11.12 -29.84 51.41
C GLU F 412 -11.17 -31.32 51.08
N ALA F 413 -11.22 -31.64 49.78
CA ALA F 413 -11.26 -33.04 49.36
C ALA F 413 -9.98 -33.76 49.76
N LEU F 414 -8.83 -33.09 49.62
CA LEU F 414 -7.57 -33.71 50.02
C LEU F 414 -7.52 -33.95 51.52
N SER F 415 -8.00 -32.99 52.32
CA SER F 415 -8.03 -33.19 53.76
C SER F 415 -8.93 -34.36 54.14
N GLU F 416 -10.09 -34.47 53.50
CA GLU F 416 -10.98 -35.59 53.77
C GLU F 416 -10.35 -36.91 53.33
N LEU F 417 -9.65 -36.91 52.21
CA LEU F 417 -8.94 -38.09 51.74
C LEU F 417 -7.92 -38.56 52.76
N ILE F 418 -7.13 -37.63 53.29
CA ILE F 418 -6.12 -37.98 54.29
C ILE F 418 -6.79 -38.53 55.54
N ARG F 419 -7.86 -37.89 56.00
CA ARG F 419 -8.52 -38.33 57.22
C ARG F 419 -9.24 -39.66 57.07
N SER F 420 -9.49 -40.13 55.85
CA SER F 420 -10.26 -41.35 55.65
C SER F 420 -9.37 -42.58 55.75
N GLU F 421 -9.87 -43.60 56.46
CA GLU F 421 -9.16 -44.85 56.62
C GLU F 421 -9.70 -45.97 55.74
N VAL F 422 -10.86 -45.77 55.12
CA VAL F 422 -11.47 -46.83 54.31
C VAL F 422 -10.99 -46.78 52.88
N ILE F 423 -11.10 -45.63 52.22
CA ILE F 423 -10.74 -45.56 50.81
C ILE F 423 -9.24 -45.28 50.63
N SER F 424 -8.57 -44.79 51.67
CA SER F 424 -7.11 -44.75 51.64
C SER F 424 -6.53 -46.16 51.60
N ASP F 425 -7.19 -47.10 52.28
CA ASP F 425 -6.80 -48.51 52.14
C ASP F 425 -7.06 -49.02 50.74
N ALA F 426 -8.14 -48.55 50.10
CA ALA F 426 -8.38 -48.92 48.72
C ALA F 426 -7.26 -48.44 47.81
N LEU F 427 -6.82 -47.19 48.01
CA LEU F 427 -5.68 -46.68 47.26
C LEU F 427 -4.40 -47.44 47.60
N GLY F 428 -4.20 -47.75 48.88
CA GLY F 428 -2.96 -48.34 49.34
C GLY F 428 -1.97 -47.29 49.78
N ASP F 429 -0.97 -47.74 50.53
CA ASP F 429 -0.01 -46.83 51.15
C ASP F 429 0.87 -46.10 50.13
N HIS F 430 1.35 -46.79 49.10
CA HIS F 430 2.25 -46.17 48.14
C HIS F 430 1.55 -45.16 47.25
N ALA F 431 0.39 -45.51 46.69
CA ALA F 431 -0.29 -44.63 45.77
C ALA F 431 -0.88 -43.41 46.47
N LEU F 432 -1.31 -43.58 47.72
CA LEU F 432 -1.94 -42.47 48.45
C LEU F 432 -0.95 -41.32 48.64
N ALA F 433 0.28 -41.64 49.05
CA ALA F 433 1.27 -40.59 49.30
C ALA F 433 1.58 -39.82 48.03
N TYR F 434 1.77 -40.52 46.91
CA TYR F 434 2.12 -39.85 45.67
C TYR F 434 0.95 -39.05 45.10
N PHE F 435 -0.27 -39.58 45.19
CA PHE F 435 -1.43 -38.82 44.77
C PHE F 435 -1.59 -37.56 45.61
N TYR F 436 -1.41 -37.68 46.92
CA TYR F 436 -1.49 -36.51 47.79
C TYR F 436 -0.44 -35.49 47.44
N GLU F 437 0.79 -35.93 47.18
CA GLU F 437 1.85 -34.99 46.80
C GLU F 437 1.51 -34.27 45.51
N LEU F 438 1.05 -35.02 44.50
CA LEU F 438 0.70 -34.42 43.22
C LEU F 438 -0.39 -33.37 43.39
N LYS F 439 -1.45 -33.72 44.11
CA LYS F 439 -2.56 -32.79 44.24
C LYS F 439 -2.22 -31.61 45.12
N GLU F 440 -1.39 -31.82 46.15
CA GLU F 440 -0.94 -30.70 46.98
C GLU F 440 -0.12 -29.72 46.16
N ILE F 441 0.78 -30.22 45.32
CA ILE F 441 1.58 -29.33 44.48
C ILE F 441 0.67 -28.57 43.52
N GLU F 442 -0.30 -29.26 42.91
CA GLU F 442 -1.20 -28.61 41.97
C GLU F 442 -2.00 -27.50 42.67
N TRP F 443 -2.54 -27.79 43.84
CA TRP F 443 -3.32 -26.79 44.56
C TRP F 443 -2.45 -25.61 44.99
N ASP F 444 -1.23 -25.88 45.45
CA ASP F 444 -0.35 -24.80 45.86
C ASP F 444 0.01 -23.90 44.69
N MET F 445 0.24 -24.50 43.52
CA MET F 445 0.49 -23.69 42.33
C MET F 445 -0.73 -22.86 41.97
N TYR F 446 -1.93 -23.43 42.12
CA TYR F 446 -3.14 -22.72 41.72
C TYR F 446 -3.45 -21.56 42.67
N ARG F 447 -3.28 -21.77 43.98
CA ARG F 447 -3.78 -20.81 44.96
C ARG F 447 -2.99 -19.51 44.99
N THR F 448 -1.76 -19.50 44.50
CA THR F 448 -0.93 -18.31 44.54
C THR F 448 -1.02 -17.48 43.26
N GLN F 449 -1.80 -17.93 42.28
CA GLN F 449 -1.93 -17.19 41.04
C GLN F 449 -2.84 -15.98 41.23
N VAL F 450 -2.56 -14.94 40.46
CA VAL F 450 -3.42 -13.75 40.41
C VAL F 450 -4.15 -13.80 39.08
N HIS F 451 -5.45 -14.00 39.13
CA HIS F 451 -6.23 -14.23 37.93
C HIS F 451 -6.74 -12.92 37.34
N GLN F 452 -7.16 -12.97 36.08
CA GLN F 452 -7.64 -11.78 35.40
C GLN F 452 -8.91 -11.24 36.05
N TRP F 453 -9.69 -12.10 36.71
CA TRP F 453 -10.88 -11.63 37.40
C TRP F 453 -10.53 -10.66 38.51
N GLU F 454 -9.47 -10.96 39.26
CA GLU F 454 -9.05 -10.06 40.32
C GLU F 454 -8.57 -8.72 39.75
N ARG F 455 -7.81 -8.75 38.66
CA ARG F 455 -7.37 -7.51 38.04
C ARG F 455 -8.53 -6.74 37.44
N ASP F 456 -9.64 -7.40 37.12
CA ASP F 456 -10.81 -6.70 36.62
C ASP F 456 -11.59 -6.05 37.75
N GLN F 457 -11.81 -6.79 38.85
CA GLN F 457 -12.52 -6.22 39.99
C GLN F 457 -11.70 -5.12 40.64
N TYR F 458 -10.44 -5.41 40.94
CA TYR F 458 -9.54 -4.47 41.59
C TYR F 458 -8.67 -3.79 40.54
N LEU F 459 -7.63 -3.08 40.99
CA LEU F 459 -6.67 -2.38 40.14
C LEU F 459 -7.27 -1.10 39.55
N THR F 460 -8.58 -0.92 39.72
CA THR F 460 -9.23 0.36 39.45
C THR F 460 -9.99 0.87 40.66
N LEU F 461 -10.78 0.00 41.30
CA LEU F 461 -11.50 0.40 42.50
C LEU F 461 -10.56 0.60 43.68
N TYR F 462 -9.46 -0.14 43.72
CA TYR F 462 -8.42 0.10 44.71
C TYR F 462 -7.14 0.56 44.04
N LEU G 1 51.05 11.72 -20.69
CA LEU G 1 51.40 12.82 -19.74
C LEU G 1 50.11 13.39 -19.13
N ILE G 2 49.11 13.66 -19.96
CA ILE G 2 47.82 14.25 -19.46
C ILE G 2 46.76 13.13 -19.39
N GLN G 3 46.50 12.62 -18.19
CA GLN G 3 45.47 11.56 -18.01
C GLN G 3 44.35 12.09 -17.12
N GLY G 4 44.69 12.58 -15.92
CA GLY G 4 43.68 13.17 -15.02
C GLY G 4 43.16 14.48 -15.57
N GLU G 5 43.93 15.12 -16.46
CA GLU G 5 43.48 16.39 -17.09
C GLU G 5 42.35 16.09 -18.10
N LEU G 6 42.44 14.97 -18.81
CA LEU G 6 41.42 14.67 -19.82
C LEU G 6 40.15 14.05 -19.23
N SER G 7 39.94 14.19 -17.91
CA SER G 7 38.76 13.59 -17.29
C SER G 7 37.46 14.28 -17.65
N ARG G 8 37.53 15.47 -18.26
CA ARG G 8 36.29 16.18 -18.60
C ARG G 8 35.52 15.47 -19.71
N PHE G 9 36.22 14.80 -20.63
CA PHE G 9 35.54 14.02 -21.64
C PHE G 9 35.01 12.71 -21.10
N PHE G 10 35.73 12.11 -20.15
CA PHE G 10 35.34 10.81 -19.59
C PHE G 10 34.12 10.95 -18.69
N LEU H 1 14.23 28.98 -46.68
CA LEU H 1 14.63 30.22 -45.98
C LEU H 1 13.91 30.30 -44.63
N ILE H 2 12.59 30.42 -44.65
CA ILE H 2 11.79 30.54 -43.38
C ILE H 2 11.40 29.14 -42.91
N GLN H 3 12.28 28.49 -42.14
CA GLN H 3 11.99 27.12 -41.63
C GLN H 3 11.89 27.19 -40.10
N GLY H 4 12.88 27.83 -39.45
CA GLY H 4 12.89 27.92 -37.98
C GLY H 4 11.69 28.71 -37.45
N GLU H 5 11.23 29.72 -38.20
CA GLU H 5 10.14 30.55 -37.73
C GLU H 5 8.80 29.82 -37.68
N LEU H 6 8.64 28.76 -38.47
CA LEU H 6 7.40 28.01 -38.56
C LEU H 6 7.24 26.99 -37.43
N SER H 7 8.00 27.11 -36.35
CA SER H 7 7.93 26.13 -35.26
C SER H 7 6.63 26.20 -34.47
N ARG H 8 5.83 27.26 -34.66
CA ARG H 8 4.59 27.39 -33.90
C ARG H 8 3.57 26.34 -34.31
N PHE H 9 3.55 25.98 -35.60
CA PHE H 9 2.66 24.90 -36.05
C PHE H 9 3.20 23.53 -35.66
N PHE H 10 4.52 23.37 -35.65
CA PHE H 10 5.13 22.08 -35.34
C PHE H 10 4.99 21.74 -33.86
N LEU I 1 -53.88 11.92 4.93
CA LEU I 1 -53.38 13.29 5.26
C LEU I 1 -52.14 13.18 6.17
N ILE I 2 -51.71 14.30 6.76
CA ILE I 2 -50.51 14.33 7.66
C ILE I 2 -49.44 13.32 7.21
N GLN I 3 -49.12 13.29 5.91
CA GLN I 3 -48.09 12.35 5.39
C GLN I 3 -46.71 12.89 5.75
N GLY I 4 -46.45 14.17 5.47
CA GLY I 4 -45.16 14.79 5.80
C GLY I 4 -45.01 15.02 7.30
N GLU I 5 -46.13 15.05 8.03
CA GLU I 5 -46.08 15.22 9.50
C GLU I 5 -45.61 13.90 10.14
N LEU I 6 -46.05 12.76 9.62
CA LEU I 6 -45.67 11.47 10.17
C LEU I 6 -44.29 11.01 9.73
N SER I 7 -43.46 11.91 9.19
CA SER I 7 -42.15 11.52 8.70
C SER I 7 -41.17 11.15 9.81
N ARG I 8 -41.49 11.46 11.06
CA ARG I 8 -40.57 11.14 12.15
C ARG I 8 -40.44 9.64 12.36
N PHE I 9 -41.52 8.89 12.12
CA PHE I 9 -41.43 7.43 12.20
C PHE I 9 -40.76 6.84 10.97
N PHE I 10 -40.97 7.44 9.81
CA PHE I 10 -40.40 6.93 8.56
C PHE I 10 -38.89 7.14 8.51
N SER J 22 53.45 37.64 20.35
CA SER J 22 53.82 36.59 21.30
C SER J 22 52.88 36.61 22.50
N TYR J 23 53.19 35.80 23.50
CA TYR J 23 52.39 35.70 24.70
C TYR J 23 53.27 35.35 25.89
N THR J 24 52.77 35.65 27.08
CA THR J 24 53.41 35.29 28.34
C THR J 24 52.38 34.62 29.25
N ARG J 25 52.85 34.06 30.36
CA ARG J 25 51.95 33.42 31.30
C ARG J 25 50.84 34.36 31.75
N GLU J 26 51.24 35.58 32.14
CA GLU J 26 50.25 36.56 32.58
C GLU J 26 49.29 36.92 31.45
N ASP J 27 49.81 37.05 30.24
CA ASP J 27 48.95 37.31 29.09
C ASP J 27 47.95 36.18 28.89
N ILE J 28 48.42 34.93 28.95
CA ILE J 28 47.53 33.79 28.74
C ILE J 28 46.43 33.77 29.77
N ILE J 29 46.79 33.99 31.05
CA ILE J 29 45.79 34.04 32.11
C ILE J 29 44.81 35.19 31.86
N ARG J 30 45.32 36.32 31.38
CA ARG J 30 44.46 37.48 31.16
C ARG J 30 43.42 37.20 30.07
N ILE J 31 43.85 36.68 28.93
CA ILE J 31 42.85 36.34 27.90
C ILE J 31 41.93 35.22 28.37
N ALA J 32 42.45 34.24 29.10
CA ALA J 32 41.59 33.14 29.56
C ALA J 32 40.48 33.67 30.46
N GLU J 33 40.81 34.57 31.37
CA GLU J 33 39.77 35.18 32.20
C GLU J 33 38.84 36.07 31.38
N GLU J 34 39.41 36.86 30.46
CA GLU J 34 38.62 37.81 29.69
C GLU J 34 37.70 37.09 28.70
N GLU J 35 38.23 36.11 27.96
CA GLU J 35 37.48 35.44 26.92
C GLU J 35 36.49 34.41 27.48
N ASN J 36 36.48 34.21 28.79
CA ASN J 36 35.65 33.19 29.42
C ASN J 36 35.97 31.80 28.87
N VAL J 37 37.26 31.51 28.77
CA VAL J 37 37.70 30.19 28.33
C VAL J 37 37.47 29.20 29.46
N ARG J 38 36.73 28.13 29.16
CA ARG J 38 36.42 27.12 30.15
C ARG J 38 37.25 25.85 30.00
N PHE J 39 37.75 25.56 28.81
CA PHE J 39 38.43 24.31 28.54
C PHE J 39 39.63 24.57 27.66
N ILE J 40 40.74 23.89 27.95
CA ILE J 40 42.00 24.08 27.25
C ILE J 40 42.48 22.73 26.74
N ARG J 41 42.85 22.68 25.47
CA ARG J 41 43.37 21.47 24.84
C ARG J 41 44.89 21.54 24.79
N LEU J 42 45.55 20.62 25.48
CA LEU J 42 47.00 20.50 25.42
C LEU J 42 47.33 19.56 24.27
N GLN J 43 47.58 20.12 23.10
CA GLN J 43 47.71 19.35 21.87
C GLN J 43 49.14 18.88 21.66
N PHE J 44 49.27 17.66 21.14
CA PHE J 44 50.55 17.12 20.70
C PHE J 44 50.28 16.19 19.53
N THR J 45 51.34 15.62 18.98
CA THR J 45 51.24 14.80 17.78
C THR J 45 51.99 13.49 17.98
N ASP J 46 51.42 12.40 17.47
CA ASP J 46 52.06 11.11 17.53
C ASP J 46 52.88 10.87 16.27
N LEU J 47 53.50 9.69 16.18
CA LEU J 47 54.39 9.41 15.05
C LEU J 47 53.65 9.33 13.71
N LEU J 48 52.34 9.08 13.73
CA LEU J 48 51.57 8.99 12.51
C LEU J 48 50.97 10.32 12.08
N GLY J 49 51.25 11.40 12.80
CA GLY J 49 50.74 12.70 12.46
C GLY J 49 49.35 13.01 12.99
N THR J 50 48.71 12.06 13.68
CA THR J 50 47.40 12.33 14.25
C THR J 50 47.51 13.33 15.38
N ILE J 51 46.50 14.20 15.48
CA ILE J 51 46.48 15.22 16.53
C ILE J 51 45.89 14.62 17.79
N LYS J 52 46.66 14.59 18.86
CA LYS J 52 46.21 14.13 20.16
C LYS J 52 46.21 15.29 21.15
N ASN J 53 45.39 15.18 22.18
CA ASN J 53 45.23 16.26 23.13
C ASN J 53 44.84 15.72 24.50
N VAL J 54 45.08 16.54 25.52
CA VAL J 54 44.61 16.29 26.88
C VAL J 54 43.72 17.47 27.25
N GLU J 55 42.44 17.20 27.50
CA GLU J 55 41.50 18.25 27.84
C GLU J 55 41.73 18.71 29.27
N ILE J 56 41.69 20.02 29.46
CA ILE J 56 42.03 20.57 30.81
C ILE J 56 41.04 21.69 31.17
N PRO J 57 40.43 21.67 32.37
CA PRO J 57 39.60 22.78 32.83
C PRO J 57 40.46 24.00 33.11
N VAL J 58 39.85 25.18 32.95
CA VAL J 58 40.60 26.43 33.09
C VAL J 58 41.21 26.58 34.46
N SER J 59 40.67 25.91 35.48
CA SER J 59 41.22 25.98 36.82
C SER J 59 42.61 25.34 36.91
N GLN J 60 43.02 24.56 35.91
CA GLN J 60 44.33 23.93 35.90
C GLN J 60 45.31 24.63 34.97
N LEU J 61 44.98 25.85 34.53
CA LEU J 61 45.83 26.56 33.57
C LEU J 61 47.19 26.87 34.17
N GLU J 62 47.22 27.30 35.44
CA GLU J 62 48.51 27.61 36.07
C GLU J 62 49.37 26.36 36.18
N LYS J 63 48.77 25.24 36.57
CA LYS J 63 49.51 23.98 36.65
C LYS J 63 50.04 23.58 35.28
N ALA J 64 49.24 23.76 34.24
CA ALA J 64 49.69 23.44 32.89
C ALA J 64 50.85 24.34 32.48
N LEU J 65 50.74 25.64 32.74
CA LEU J 65 51.78 26.60 32.38
C LEU J 65 53.05 26.41 33.20
N ASP J 66 52.98 25.75 34.35
CA ASP J 66 54.16 25.45 35.13
C ASP J 66 54.86 24.17 34.67
N ASN J 67 54.41 23.57 33.57
CA ASN J 67 55.01 22.35 33.01
C ASN J 67 54.98 21.22 34.02
N LYS J 68 53.79 20.96 34.58
CA LYS J 68 53.65 19.96 35.63
C LYS J 68 52.63 18.88 35.33
N MET J 69 52.03 18.93 34.14
CA MET J 69 50.98 17.93 33.75
C MET J 69 51.62 16.64 33.24
N MET J 70 51.27 15.49 33.83
CA MET J 70 51.78 14.20 33.41
C MET J 70 50.72 13.45 32.63
N PHE J 71 51.16 12.69 31.64
CA PHE J 71 50.26 11.84 30.86
C PHE J 71 51.05 10.60 30.44
N ASP J 72 50.39 9.75 29.63
CA ASP J 72 51.00 8.47 29.28
C ASP J 72 52.29 8.65 28.52
N GLY J 73 52.26 9.44 27.45
CA GLY J 73 53.46 9.61 26.64
C GLY J 73 53.72 8.45 25.71
N SER J 74 53.31 7.25 26.09
CA SER J 74 53.38 6.11 25.20
C SER J 74 52.34 6.17 24.09
N SER J 75 51.38 7.10 24.17
CA SER J 75 50.42 7.29 23.10
C SER J 75 51.08 7.80 21.83
N ILE J 76 52.32 8.26 21.89
CA ILE J 76 53.03 8.66 20.69
C ILE J 76 53.27 7.46 19.78
N GLU J 77 53.54 6.30 20.37
CA GLU J 77 53.86 5.11 19.58
C GLU J 77 52.68 4.58 18.80
N GLY J 78 51.46 5.03 19.08
CA GLY J 78 50.31 4.55 18.35
C GLY J 78 49.76 3.25 18.88
N TYR J 79 49.45 2.31 17.98
CA TYR J 79 48.91 1.03 18.38
C TYR J 79 49.99 -0.02 18.66
N VAL J 80 51.27 0.36 18.56
CA VAL J 80 52.35 -0.56 18.86
C VAL J 80 52.98 -0.27 20.23
N ARG J 81 52.35 0.57 21.04
CA ARG J 81 52.85 0.85 22.37
C ARG J 81 52.78 -0.41 23.23
N ILE J 82 53.84 -0.65 24.00
CA ILE J 82 53.98 -1.87 24.78
C ILE J 82 53.87 -1.63 26.27
N GLU J 83 54.30 -0.47 26.76
CA GLU J 83 54.26 -0.17 28.18
C GLU J 83 53.91 1.29 28.39
N GLU J 84 53.23 1.57 29.50
CA GLU J 84 52.85 2.92 29.84
C GLU J 84 54.01 3.65 30.50
N SER J 85 54.27 4.87 30.03
CA SER J 85 55.29 5.73 30.61
C SER J 85 54.61 6.89 31.33
N ASP J 86 55.44 7.78 31.89
CA ASP J 86 54.97 9.01 32.50
C ASP J 86 55.77 10.15 31.92
N MET J 87 55.09 11.17 31.40
CA MET J 87 55.78 12.21 30.65
C MET J 87 55.08 13.54 30.85
N TYR J 88 55.86 14.62 30.75
CA TYR J 88 55.35 15.95 31.03
C TYR J 88 55.04 16.69 29.74
N LEU J 89 54.01 17.54 29.81
CA LEU J 89 53.64 18.41 28.70
C LEU J 89 54.19 19.80 28.97
N TYR J 90 54.96 20.32 28.02
CA TYR J 90 55.55 21.66 28.12
C TYR J 90 54.88 22.54 27.07
N PRO J 91 53.84 23.27 27.43
CA PRO J 91 53.11 24.06 26.43
C PRO J 91 53.97 25.17 25.85
N ASP J 92 53.71 25.46 24.58
CA ASP J 92 54.38 26.56 23.87
C ASP J 92 53.42 27.75 23.88
N LEU J 93 53.80 28.80 24.60
CA LEU J 93 52.89 29.92 24.83
C LEU J 93 52.54 30.64 23.53
N ASP J 94 53.42 30.60 22.54
CA ASP J 94 53.17 31.28 21.29
C ASP J 94 52.10 30.60 20.44
N THR J 95 51.71 29.38 20.78
CA THR J 95 50.72 28.63 20.03
C THR J 95 49.31 28.81 20.56
N TRP J 96 49.12 29.69 21.54
CA TRP J 96 47.80 29.89 22.13
C TRP J 96 46.83 30.46 21.09
N VAL J 97 45.61 29.93 21.09
CA VAL J 97 44.56 30.41 20.22
C VAL J 97 43.23 29.93 20.77
N VAL J 98 42.16 30.67 20.48
CA VAL J 98 40.81 30.34 20.95
C VAL J 98 39.97 29.98 19.73
N PHE J 99 39.35 28.82 19.76
CA PHE J 99 38.57 28.35 18.63
C PHE J 99 37.30 29.18 18.48
N PRO J 100 36.90 29.52 17.25
CA PRO J 100 35.74 30.40 17.06
C PRO J 100 34.40 29.69 17.19
N TRP J 101 34.36 28.39 16.93
CA TRP J 101 33.09 27.67 16.92
C TRP J 101 32.66 27.20 18.31
N VAL J 102 33.45 27.48 19.34
CA VAL J 102 33.08 27.04 20.69
C VAL J 102 31.82 27.75 21.16
N THR J 103 31.66 29.02 20.78
CA THR J 103 30.47 29.80 21.08
C THR J 103 30.22 29.93 22.57
N SER J 104 29.35 29.08 23.11
CA SER J 104 28.92 29.20 24.50
C SER J 104 30.09 29.04 25.47
N ASP J 105 30.70 27.85 25.50
CA ASP J 105 31.84 27.59 26.37
C ASP J 105 33.11 27.65 25.53
N ARG J 106 33.89 28.71 25.71
CA ARG J 106 35.08 28.92 24.89
C ARG J 106 36.11 27.83 25.16
N VAL J 107 36.70 27.31 24.09
CA VAL J 107 37.75 26.30 24.18
C VAL J 107 39.00 26.85 23.53
N ALA J 108 40.12 26.75 24.23
CA ALA J 108 41.42 27.18 23.71
C ALA J 108 42.34 25.98 23.58
N ARG J 109 43.49 26.20 22.97
CA ARG J 109 44.45 25.14 22.75
C ARG J 109 45.87 25.67 22.97
N LEU J 110 46.75 24.74 23.32
CA LEU J 110 48.18 25.00 23.39
C LEU J 110 48.90 23.79 22.84
N ILE J 111 49.93 24.03 22.04
CA ILE J 111 50.74 22.96 21.48
C ILE J 111 51.93 22.74 22.40
N CYS J 112 52.10 21.51 22.87
CA CYS J 112 53.05 21.20 23.93
C CYS J 112 54.13 20.27 23.41
N ASP J 113 55.30 20.37 24.02
CA ASP J 113 56.40 19.44 23.81
C ASP J 113 56.41 18.40 24.92
N ILE J 114 56.89 17.21 24.58
CA ILE J 114 56.89 16.07 25.50
C ILE J 114 58.27 15.98 26.14
N TYR J 115 58.31 15.95 27.47
CA TYR J 115 59.55 15.89 28.21
C TYR J 115 59.54 14.70 29.15
N LYS J 116 60.68 14.04 29.27
CA LYS J 116 60.82 12.97 30.23
C LYS J 116 60.80 13.53 31.65
N PRO J 117 60.47 12.71 32.65
CA PRO J 117 60.43 13.22 34.02
C PRO J 117 61.77 13.75 34.51
N ASP J 118 62.88 13.26 33.98
CA ASP J 118 64.18 13.77 34.41
C ASP J 118 64.42 15.19 33.95
N GLY J 119 63.70 15.65 32.93
CA GLY J 119 63.84 17.01 32.46
C GLY J 119 64.25 17.11 31.01
N SER J 120 64.79 16.04 30.46
CA SER J 120 65.22 16.05 29.07
C SER J 120 64.03 15.83 28.14
N PRO J 121 64.07 16.40 26.93
CA PRO J 121 62.97 16.18 25.98
C PRO J 121 62.91 14.73 25.53
N PHE J 122 61.69 14.30 25.23
CA PHE J 122 61.47 12.93 24.75
C PHE J 122 62.02 12.78 23.34
N ALA J 123 62.82 11.74 23.12
CA ALA J 123 63.41 11.51 21.81
C ALA J 123 62.40 11.07 20.77
N GLY J 124 61.25 10.55 21.19
CA GLY J 124 60.24 10.10 20.26
C GLY J 124 59.19 11.11 19.87
N ASP J 125 59.30 12.35 20.34
CA ASP J 125 58.34 13.38 20.00
C ASP J 125 58.71 13.99 18.66
N PRO J 126 57.81 13.97 17.66
CA PRO J 126 58.16 14.53 16.34
C PRO J 126 58.55 16.00 16.40
N ARG J 127 57.86 16.79 17.21
CA ARG J 127 58.22 18.20 17.34
C ARG J 127 59.63 18.35 17.91
N GLY J 128 59.98 17.52 18.89
CA GLY J 128 61.34 17.53 19.40
C GLY J 128 62.35 17.11 18.35
N ILE J 129 61.98 16.17 17.49
CA ILE J 129 62.87 15.74 16.41
C ILE J 129 63.14 16.90 15.46
N LEU J 130 62.09 17.62 15.07
CA LEU J 130 62.28 18.76 14.18
C LEU J 130 63.10 19.85 14.86
N LYS J 131 62.87 20.07 16.16
CA LYS J 131 63.65 21.06 16.89
C LYS J 131 65.11 20.68 16.95
N ARG J 132 65.41 19.39 17.15
CA ARG J 132 66.79 18.94 17.20
C ARG J 132 67.48 19.09 15.86
N VAL J 133 66.77 18.78 14.77
CA VAL J 133 67.37 18.97 13.45
C VAL J 133 67.59 20.45 13.17
N LEU J 134 66.66 21.31 13.60
CA LEU J 134 66.86 22.74 13.44
C LEU J 134 68.05 23.22 14.27
N LYS J 135 68.25 22.65 15.46
CA LYS J 135 69.40 23.02 16.28
C LYS J 135 70.70 22.64 15.61
N GLU J 136 70.79 21.43 15.07
CA GLU J 136 72.03 21.06 14.39
C GLU J 136 72.20 21.81 13.08
N ALA J 137 71.12 22.34 12.50
CA ALA J 137 71.26 23.27 11.40
C ALA J 137 71.84 24.60 11.87
N GLU J 138 71.33 25.12 12.98
CA GLU J 138 71.86 26.35 13.55
C GLU J 138 73.33 26.21 13.90
N GLU J 139 73.77 25.00 14.25
CA GLU J 139 75.18 24.76 14.50
C GLU J 139 76.03 25.01 13.27
N LEU J 140 75.45 25.05 12.07
CA LEU J 140 76.16 25.38 10.85
C LEU J 140 76.02 26.84 10.45
N GLY J 141 75.34 27.64 11.26
CA GLY J 141 75.15 29.04 10.96
C GLY J 141 73.83 29.41 10.33
N TYR J 142 72.98 28.44 10.02
CA TYR J 142 71.69 28.70 9.41
C TYR J 142 70.67 28.95 10.52
N THR J 143 70.27 30.21 10.68
CA THR J 143 69.44 30.60 11.82
C THR J 143 68.03 30.02 11.70
N SER J 144 67.46 30.00 10.49
CA SER J 144 66.09 29.56 10.32
C SER J 144 65.93 28.81 9.00
N MET J 145 64.86 28.01 8.96
CA MET J 145 64.43 27.30 7.75
C MET J 145 63.03 27.77 7.42
N ASN J 146 62.90 28.54 6.34
CA ASN J 146 61.63 29.13 5.95
C ASN J 146 60.88 28.15 5.06
N VAL J 147 59.66 27.79 5.44
CA VAL J 147 58.91 26.74 4.78
C VAL J 147 57.52 27.26 4.43
N GLY J 148 57.11 27.03 3.19
CA GLY J 148 55.74 27.27 2.79
C GLY J 148 55.14 26.04 2.14
N PRO J 149 54.14 25.36 2.78
CA PRO J 149 53.59 24.12 2.21
C PRO J 149 52.41 24.39 1.25
N GLU J 150 51.98 23.35 0.52
CA GLU J 150 50.84 23.49 -0.41
C GLU J 150 49.87 22.33 -0.16
N PRO J 151 49.12 22.30 0.96
CA PRO J 151 48.23 21.17 1.28
C PRO J 151 46.93 21.20 0.48
N GLU J 152 46.65 20.13 -0.27
CA GLU J 152 45.39 20.05 -1.07
C GLU J 152 44.45 19.03 -0.42
N PHE J 153 43.14 19.28 -0.50
CA PHE J 153 42.15 18.37 0.14
C PHE J 153 40.98 18.09 -0.81
N PHE J 154 40.29 16.97 -0.59
CA PHE J 154 39.10 16.63 -1.43
C PHE J 154 37.83 16.85 -0.59
N LEU J 155 36.82 17.50 -1.18
CA LEU J 155 35.54 17.71 -0.45
C LEU J 155 34.49 16.73 -0.99
N PHE J 156 34.19 15.68 -0.22
CA PHE J 156 33.18 14.67 -0.64
C PHE J 156 31.84 14.99 0.00
N LYS J 157 30.75 14.43 -0.54
CA LYS J 157 29.41 14.62 0.06
C LYS J 157 29.18 13.56 1.14
N THR J 158 28.32 13.85 2.13
CA THR J 158 27.99 12.87 3.19
C THR J 158 26.57 12.36 3.01
N ASP J 159 26.18 11.33 3.78
CA ASP J 159 24.80 10.77 3.69
C ASP J 159 23.98 11.21 4.90
N GLU J 160 22.90 10.47 5.21
CA GLU J 160 22.03 10.81 6.37
C GLU J 160 22.81 10.60 7.66
N LYS J 161 23.58 9.51 7.75
CA LYS J 161 24.37 9.21 8.97
C LYS J 161 25.66 10.07 8.99
N GLY J 162 25.92 10.81 7.92
CA GLY J 162 27.12 11.69 7.86
C GLY J 162 28.38 10.92 7.54
N ASP J 163 28.29 9.91 6.66
CA ASP J 163 29.47 9.12 6.26
C ASP J 163 29.94 9.56 4.87
N PRO J 164 31.24 9.73 4.63
CA PRO J 164 31.76 10.12 3.30
C PRO J 164 31.25 9.19 2.18
N THR J 165 30.65 9.78 1.14
CA THR J 165 30.20 8.97 -0.03
C THR J 165 31.30 8.99 -1.10
N THR J 166 30.95 8.64 -2.34
CA THR J 166 31.94 8.68 -3.46
C THR J 166 31.67 9.92 -4.32
N GLU J 167 30.54 10.60 -4.09
CA GLU J 167 30.19 11.81 -4.89
C GLU J 167 30.98 13.02 -4.36
N LEU J 168 31.54 13.81 -5.26
CA LEU J 168 32.31 15.03 -4.86
C LEU J 168 31.32 16.18 -4.60
N ASN J 169 31.78 17.23 -3.91
CA ASN J 169 30.92 18.41 -3.67
C ASN J 169 30.62 19.10 -5.01
N ASP J 170 31.57 19.05 -5.96
CA ASP J 170 31.39 19.75 -7.26
C ASP J 170 32.24 19.07 -8.34
N GLN J 171 32.00 19.42 -9.61
CA GLN J 171 32.81 18.88 -10.73
C GLN J 171 33.54 20.04 -11.41
N GLY J 172 34.49 20.67 -10.72
CA GLY J 172 35.21 21.84 -11.28
C GLY J 172 36.60 21.49 -11.77
N GLY J 173 37.29 22.46 -12.39
CA GLY J 173 38.64 22.23 -12.92
C GLY J 173 39.67 23.19 -12.33
N TYR J 174 40.82 23.31 -12.97
CA TYR J 174 41.92 24.17 -12.43
C TYR J 174 41.50 25.64 -12.41
N PHE J 175 41.62 26.30 -11.26
CA PHE J 175 41.29 27.75 -11.12
C PHE J 175 39.86 28.04 -11.57
N ASP J 176 38.97 27.04 -11.54
CA ASP J 176 37.58 27.23 -12.04
C ASP J 176 36.84 28.22 -11.14
N LEU J 177 36.01 29.09 -11.74
CA LEU J 177 35.25 30.10 -10.96
C LEU J 177 33.77 29.70 -10.93
N ALA J 178 33.21 29.48 -9.74
CA ALA J 178 31.77 29.17 -9.61
C ALA J 178 31.26 29.78 -8.30
N PRO J 179 30.78 31.05 -8.29
CA PRO J 179 30.36 31.73 -7.06
C PRO J 179 29.14 31.09 -6.37
N MET J 180 28.36 30.29 -7.10
CA MET J 180 27.13 29.66 -6.53
C MET J 180 27.49 28.81 -5.32
N ASP J 181 28.04 27.61 -5.55
CA ASP J 181 28.43 26.70 -4.44
C ASP J 181 29.27 25.55 -5.01
N LEU J 182 30.35 25.87 -5.73
CA LEU J 182 31.20 24.82 -6.36
C LEU J 182 32.67 25.19 -6.19
N GLY J 183 33.16 26.18 -6.95
CA GLY J 183 34.56 26.62 -6.85
C GLY J 183 34.94 26.98 -5.42
N GLU J 184 34.26 27.97 -4.85
CA GLU J 184 34.52 28.38 -3.45
C GLU J 184 33.70 27.50 -2.50
N ASN J 185 32.40 27.82 -2.34
CA ASN J 185 31.52 27.04 -1.41
C ASN J 185 32.17 26.99 -0.03
N CYS J 186 32.57 25.79 0.42
CA CYS J 186 33.23 25.63 1.74
C CYS J 186 34.72 25.94 1.60
N ARG J 187 35.07 27.19 1.29
CA ARG J 187 36.49 27.61 1.18
C ARG J 187 36.59 29.02 1.75
N ARG J 188 35.65 29.90 1.39
CA ARG J 188 35.62 31.28 1.95
C ARG J 188 35.52 31.19 3.47
N GLU J 189 34.57 30.40 3.98
CA GLU J 189 34.36 30.26 5.45
C GLU J 189 35.65 29.75 6.10
N ILE J 190 36.30 28.76 5.49
CA ILE J 190 37.56 28.19 6.05
C ILE J 190 38.60 29.32 6.12
N VAL J 191 38.86 30.01 5.01
CA VAL J 191 39.86 31.11 4.98
C VAL J 191 39.52 32.13 6.07
N LEU J 192 38.24 32.54 6.17
CA LEU J 192 37.82 33.53 7.19
C LEU J 192 38.17 33.02 8.58
N LYS J 193 37.76 31.79 8.92
CA LYS J 193 38.07 31.20 10.26
C LYS J 193 39.58 31.20 10.48
N LEU J 194 40.35 30.70 9.52
CA LEU J 194 41.83 30.65 9.66
C LEU J 194 42.38 32.05 9.94
N GLU J 195 42.00 33.03 9.12
CA GLU J 195 42.47 34.44 9.30
C GLU J 195 42.14 34.92 10.71
N GLU J 196 40.90 34.70 11.16
CA GLU J 196 40.48 35.12 12.53
C GLU J 196 41.44 34.51 13.55
N MET J 197 41.70 33.20 13.46
CA MET J 197 42.60 32.52 14.44
C MET J 197 43.99 33.17 14.42
N GLY J 198 44.51 33.46 13.23
CA GLY J 198 45.84 34.11 13.11
C GLY J 198 46.63 33.55 11.94
N PHE J 199 45.95 32.96 10.96
CA PHE J 199 46.63 32.37 9.78
C PHE J 199 46.79 33.43 8.70
N GLU J 200 48.03 33.65 8.24
CA GLU J 200 48.24 34.60 7.12
C GLU J 200 47.99 33.83 5.82
N ILE J 201 46.80 33.97 5.24
CA ILE J 201 46.44 33.18 4.01
C ILE J 201 47.00 33.89 2.78
N GLU J 202 47.80 33.19 1.97
CA GLU J 202 48.36 33.79 0.73
C GLU J 202 47.25 33.89 -0.31
N ALA J 203 46.75 32.74 -0.81
CA ALA J 203 45.67 32.73 -1.82
C ALA J 203 44.99 31.35 -1.82
N SER J 204 43.78 31.25 -2.40
CA SER J 204 43.07 29.96 -2.51
C SER J 204 42.47 29.80 -3.91
N HIS J 205 42.28 28.56 -4.36
CA HIS J 205 41.75 28.31 -5.73
C HIS J 205 41.29 26.86 -5.90
N HIS J 206 40.62 26.55 -7.01
CA HIS J 206 40.17 25.17 -7.28
C HIS J 206 41.32 24.38 -7.93
N GLU J 207 41.47 23.11 -7.57
CA GLU J 207 42.54 22.29 -8.10
C GLU J 207 42.07 21.54 -9.36
N VAL J 208 42.97 20.72 -9.90
CA VAL J 208 42.73 20.06 -11.18
C VAL J 208 41.55 19.09 -11.07
N ALA J 209 41.57 18.23 -10.07
CA ALA J 209 40.53 17.21 -9.97
C ALA J 209 39.23 17.82 -9.45
N PRO J 210 38.08 17.25 -9.83
CA PRO J 210 36.81 17.73 -9.27
C PRO J 210 36.76 17.56 -7.76
N GLY J 211 36.15 18.54 -7.09
CA GLY J 211 36.07 18.51 -5.65
C GLY J 211 37.35 18.83 -4.92
N GLN J 212 38.37 19.31 -5.64
CA GLN J 212 39.69 19.52 -4.99
C GLN J 212 39.96 21.01 -4.82
N HIS J 213 40.40 21.42 -3.63
CA HIS J 213 40.66 22.86 -3.34
C HIS J 213 42.01 22.99 -2.63
N GLU J 214 42.75 24.07 -2.92
CA GLU J 214 44.08 24.28 -2.29
C GLU J 214 44.13 25.67 -1.63
N ILE J 215 44.21 25.71 -0.30
CA ILE J 215 44.34 27.01 0.42
C ILE J 215 45.80 27.17 0.82
N ASP J 216 46.52 28.10 0.18
CA ASP J 216 47.96 28.32 0.48
C ASP J 216 48.10 29.41 1.54
N PHE J 217 49.04 29.24 2.46
CA PHE J 217 49.31 30.30 3.49
C PHE J 217 50.68 30.92 3.24
N LYS J 218 51.01 31.97 3.99
CA LYS J 218 52.32 32.66 3.82
C LYS J 218 53.43 31.81 4.45
N TYR J 219 54.69 32.12 4.13
CA TYR J 219 55.80 31.32 4.63
C TYR J 219 56.09 31.65 6.08
N ALA J 220 56.52 30.63 6.83
CA ALA J 220 56.85 30.78 8.24
C ALA J 220 58.01 29.86 8.56
N ASP J 221 58.50 29.95 9.79
CA ASP J 221 59.54 29.04 10.24
C ASP J 221 59.02 27.62 10.32
N ALA J 222 59.95 26.66 10.33
CA ALA J 222 59.58 25.26 10.14
C ALA J 222 58.61 24.76 11.20
N VAL J 223 58.91 25.02 12.47
CA VAL J 223 58.05 24.56 13.54
C VAL J 223 56.67 25.21 13.44
N LYS J 224 56.65 26.51 13.19
CA LYS J 224 55.38 27.22 13.01
C LYS J 224 54.64 26.68 11.79
N ALA J 225 55.38 26.37 10.72
CA ALA J 225 54.74 25.84 9.51
C ALA J 225 54.07 24.50 9.79
N ALA J 226 54.74 23.63 10.52
CA ALA J 226 54.14 22.32 10.84
C ALA J 226 52.94 22.48 11.77
N ASP J 227 53.05 23.36 12.77
CA ASP J 227 51.90 23.63 13.63
C ASP J 227 50.73 24.15 12.82
N GLN J 228 51.00 25.04 11.86
CA GLN J 228 49.94 25.58 11.03
C GLN J 228 49.34 24.51 10.13
N ILE J 229 50.15 23.55 9.66
CA ILE J 229 49.61 22.47 8.85
C ILE J 229 48.64 21.63 9.67
N GLN J 230 49.03 21.28 10.90
CA GLN J 230 48.15 20.50 11.76
C GLN J 230 46.86 21.25 12.06
N THR J 231 46.97 22.53 12.44
CA THR J 231 45.79 23.33 12.74
C THR J 231 44.91 23.49 11.50
N PHE J 232 45.53 23.65 10.34
CA PHE J 232 44.79 23.81 9.11
C PHE J 232 43.98 22.56 8.79
N LYS J 233 44.59 21.39 8.94
CA LYS J 233 43.86 20.16 8.69
C LYS J 233 42.68 20.03 9.64
N LEU J 234 42.90 20.31 10.93
CA LEU J 234 41.81 20.21 11.90
C LEU J 234 40.68 21.18 11.57
N VAL J 235 41.03 22.43 11.25
CA VAL J 235 40.02 23.45 10.98
C VAL J 235 39.24 23.10 9.72
N VAL J 236 39.94 22.66 8.67
CA VAL J 236 39.26 22.29 7.43
C VAL J 236 38.29 21.16 7.67
N LYS J 237 38.70 20.13 8.41
CA LYS J 237 37.81 19.03 8.70
C LYS J 237 36.58 19.50 9.47
N THR J 238 36.78 20.33 10.49
CA THR J 238 35.64 20.80 11.28
C THR J 238 34.67 21.63 10.45
N ILE J 239 35.19 22.57 9.67
CA ILE J 239 34.30 23.44 8.88
C ILE J 239 33.59 22.64 7.81
N ALA J 240 34.27 21.69 7.18
CA ALA J 240 33.60 20.85 6.18
C ALA J 240 32.50 20.02 6.81
N ARG J 241 32.74 19.49 8.02
CA ARG J 241 31.69 18.76 8.72
C ARG J 241 30.51 19.67 9.05
N GLN J 242 30.79 20.95 9.31
CA GLN J 242 29.70 21.88 9.64
C GLN J 242 28.73 22.05 8.48
N HIS J 243 29.25 22.06 7.24
CA HIS J 243 28.43 22.27 6.06
C HIS J 243 27.86 20.96 5.50
N GLY J 244 27.89 19.89 6.27
CA GLY J 244 27.44 18.60 5.76
C GLY J 244 28.30 18.04 4.67
N LEU J 245 29.60 18.26 4.72
CA LEU J 245 30.55 17.70 3.76
C LEU J 245 31.61 16.93 4.52
N HIS J 246 32.46 16.24 3.75
CA HIS J 246 33.57 15.49 4.31
C HIS J 246 34.85 15.92 3.63
N ALA J 247 35.84 16.36 4.42
CA ALA J 247 37.13 16.75 3.89
C ALA J 247 38.15 15.68 4.21
N THR J 248 38.91 15.26 3.21
CA THR J 248 39.91 14.22 3.38
C THR J 248 41.23 14.68 2.77
N PHE J 249 42.32 14.38 3.48
CA PHE J 249 43.66 14.61 2.97
C PHE J 249 44.30 13.31 2.49
N MET J 250 43.46 12.34 2.11
CA MET J 250 43.95 11.09 1.58
C MET J 250 44.71 11.34 0.29
N PRO J 251 45.91 10.77 0.12
CA PRO J 251 46.72 11.09 -1.07
C PRO J 251 46.04 10.77 -2.39
N LYS J 252 45.29 9.68 -2.49
CA LYS J 252 44.65 9.27 -3.73
C LYS J 252 43.31 8.64 -3.41
N PRO J 253 42.28 9.45 -3.16
CA PRO J 253 40.97 8.88 -2.80
C PRO J 253 40.27 8.20 -3.97
N LEU J 254 40.54 8.60 -5.21
CA LEU J 254 39.86 8.05 -6.36
C LEU J 254 40.86 7.65 -7.42
N PHE J 255 40.56 6.57 -8.14
CA PHE J 255 41.40 6.13 -9.24
C PHE J 255 41.08 6.92 -10.49
N GLY J 256 42.11 7.27 -11.24
CA GLY J 256 41.96 7.95 -12.50
C GLY J 256 41.89 9.46 -12.44
N VAL J 257 41.92 10.04 -11.24
CA VAL J 257 41.92 11.49 -11.07
C VAL J 257 43.20 11.88 -10.34
N ASN J 258 43.44 13.18 -10.29
CA ASN J 258 44.64 13.70 -9.63
C ASN J 258 44.60 13.40 -8.14
N GLY J 259 45.77 13.17 -7.57
CA GLY J 259 45.90 13.00 -6.14
C GLY J 259 46.14 14.31 -5.42
N SER J 260 46.38 14.20 -4.12
CA SER J 260 46.65 15.36 -3.27
C SER J 260 48.11 15.33 -2.82
N GLY J 261 48.81 16.45 -3.02
CA GLY J 261 50.20 16.57 -2.64
C GLY J 261 50.39 17.61 -1.54
N MET J 262 51.61 17.68 -1.03
CA MET J 262 51.99 18.65 -0.02
C MET J 262 53.34 19.26 -0.39
N HIS J 263 53.44 19.78 -1.61
CA HIS J 263 54.64 20.48 -2.05
C HIS J 263 55.15 21.41 -0.97
N CYS J 264 56.41 21.23 -0.59
CA CYS J 264 57.03 22.02 0.46
C CYS J 264 58.11 22.91 -0.16
N ASN J 265 57.94 24.22 0.00
CA ASN J 265 58.93 25.18 -0.47
C ASN J 265 59.86 25.53 0.68
N GLN J 266 61.16 25.36 0.47
CA GLN J 266 62.14 25.55 1.53
C GLN J 266 63.23 26.52 1.09
N SER J 267 63.69 27.32 2.05
CA SER J 267 64.84 28.20 1.84
C SER J 267 65.54 28.38 3.18
N LEU J 268 66.84 28.16 3.19
CA LEU J 268 67.64 28.34 4.39
C LEU J 268 67.99 29.81 4.56
N PHE J 269 68.01 30.27 5.80
CA PHE J 269 68.27 31.67 6.09
C PHE J 269 69.39 31.79 7.12
N LYS J 270 70.19 32.84 6.99
CA LYS J 270 71.26 33.14 7.93
C LYS J 270 71.18 34.64 8.21
N ASP J 271 70.50 35.02 9.29
CA ASP J 271 70.32 36.42 9.68
C ASP J 271 69.66 37.20 8.55
N ASN J 272 68.39 36.83 8.32
CA ASN J 272 67.50 37.40 7.31
C ASN J 272 68.20 37.62 5.96
N GLU J 273 69.11 36.70 5.64
CA GLU J 273 69.74 36.66 4.33
C GLU J 273 69.48 35.28 3.74
N ASN J 274 68.94 35.25 2.52
CA ASN J 274 68.65 34.00 1.84
C ASN J 274 69.96 33.44 1.30
N VAL J 275 70.45 32.36 1.90
CA VAL J 275 71.71 31.76 1.44
C VAL J 275 71.55 30.96 0.17
N PHE J 276 70.31 30.73 -0.29
CA PHE J 276 70.09 30.06 -1.55
C PHE J 276 70.27 31.00 -2.74
N TYR J 277 70.24 32.31 -2.51
CA TYR J 277 70.31 33.29 -3.58
C TYR J 277 71.75 33.57 -3.98
N ASP J 278 71.96 33.74 -5.29
CA ASP J 278 73.26 34.12 -5.82
C ASP J 278 73.02 34.84 -7.15
N GLU J 279 73.12 36.17 -7.13
CA GLU J 279 72.87 36.94 -8.34
C GLU J 279 73.87 36.61 -9.44
N THR J 280 75.08 36.20 -9.06
CA THR J 280 76.11 35.90 -10.06
C THR J 280 75.82 34.61 -10.81
N ASP J 281 75.09 33.68 -10.19
CA ASP J 281 74.81 32.40 -10.82
C ASP J 281 73.87 32.56 -12.00
N GLU J 282 73.99 31.66 -12.96
CA GLU J 282 73.13 31.70 -14.15
C GLU J 282 71.67 31.51 -13.78
N LEU J 283 71.39 30.56 -12.89
CA LEU J 283 70.03 30.31 -12.44
C LEU J 283 69.68 31.07 -11.17
N GLY J 284 70.57 31.92 -10.68
CA GLY J 284 70.33 32.60 -9.42
C GLY J 284 70.35 31.66 -8.23
N LEU J 285 71.19 30.63 -8.27
CA LEU J 285 71.25 29.61 -7.23
C LEU J 285 72.67 29.56 -6.68
N SER J 286 72.80 29.68 -5.36
CA SER J 286 74.09 29.59 -4.72
C SER J 286 74.57 28.14 -4.68
N GLN J 287 75.87 27.98 -4.40
CA GLN J 287 76.41 26.63 -4.25
C GLN J 287 75.78 25.92 -3.06
N THR J 288 75.40 26.66 -2.03
CA THR J 288 74.71 26.06 -0.89
C THR J 288 73.38 25.45 -1.31
N ALA J 289 72.62 26.17 -2.14
CA ALA J 289 71.35 25.63 -2.62
C ALA J 289 71.55 24.40 -3.47
N ARG J 290 72.58 24.40 -4.32
CA ARG J 290 72.85 23.23 -5.15
C ARG J 290 73.25 22.03 -4.31
N HIS J 291 74.07 22.24 -3.28
CA HIS J 291 74.41 21.15 -2.37
C HIS J 291 73.18 20.64 -1.64
N TYR J 292 72.31 21.55 -1.20
CA TYR J 292 71.07 21.16 -0.55
C TYR J 292 70.22 20.27 -1.47
N MET J 293 70.06 20.69 -2.72
CA MET J 293 69.25 19.91 -3.65
C MET J 293 69.89 18.56 -3.94
N ALA J 294 71.22 18.53 -4.08
CA ALA J 294 71.91 17.26 -4.31
C ALA J 294 71.72 16.32 -3.14
N GLY J 295 71.80 16.84 -1.91
CA GLY J 295 71.58 16.01 -0.75
C GLY J 295 70.17 15.47 -0.67
N ILE J 296 69.18 16.29 -1.03
CA ILE J 296 67.81 15.81 -1.04
C ILE J 296 67.63 14.74 -2.10
N LEU J 297 68.23 14.94 -3.28
CA LEU J 297 68.10 13.95 -4.35
C LEU J 297 68.76 12.63 -3.98
N LYS J 298 69.91 12.68 -3.31
CA LYS J 298 70.63 11.45 -2.98
C LYS J 298 69.82 10.57 -2.02
N HIS J 299 69.14 11.18 -1.06
CA HIS J 299 68.46 10.43 -0.01
C HIS J 299 66.97 10.28 -0.24
N ALA J 300 66.48 10.58 -1.45
CA ALA J 300 65.04 10.64 -1.68
C ALA J 300 64.36 9.31 -1.39
N ARG J 301 64.95 8.21 -1.86
CA ARG J 301 64.34 6.90 -1.65
C ARG J 301 64.28 6.55 -0.18
N ALA J 302 65.21 7.08 0.62
CA ALA J 302 65.18 6.83 2.06
C ALA J 302 64.09 7.63 2.75
N MET J 303 63.88 8.88 2.36
CA MET J 303 62.83 9.69 2.97
C MET J 303 61.43 9.37 2.45
N ALA J 304 61.34 8.60 1.35
CA ALA J 304 60.03 8.29 0.79
C ALA J 304 59.09 7.66 1.81
N ALA J 305 59.63 6.84 2.72
CA ALA J 305 58.79 6.19 3.73
C ALA J 305 58.22 7.19 4.73
N ILE J 306 58.84 8.36 4.87
CA ILE J 306 58.33 9.37 5.80
C ILE J 306 57.45 10.38 5.08
N THR J 307 57.88 10.87 3.92
CA THR J 307 57.07 11.83 3.18
C THR J 307 55.88 11.18 2.51
N ASN J 308 55.93 9.88 2.26
CA ASN J 308 54.81 9.11 1.71
C ASN J 308 54.61 7.91 2.61
N PRO J 309 53.94 8.09 3.74
CA PRO J 309 53.96 7.06 4.79
C PRO J 309 52.91 5.97 4.63
N THR J 310 51.83 6.24 3.91
CA THR J 310 50.74 5.28 3.84
C THR J 310 50.85 4.39 2.62
N VAL J 311 50.04 3.33 2.60
CA VAL J 311 49.95 2.48 1.42
C VAL J 311 49.35 3.25 0.25
N ASN J 312 48.32 4.05 0.51
CA ASN J 312 47.68 4.83 -0.54
C ASN J 312 48.59 5.90 -1.12
N SER J 313 49.68 6.24 -0.43
CA SER J 313 50.58 7.27 -0.92
C SER J 313 51.23 6.89 -2.22
N TYR J 314 51.46 5.59 -2.45
CA TYR J 314 52.15 5.13 -3.64
C TYR J 314 51.20 4.80 -4.77
N LYS J 315 49.89 4.92 -4.55
CA LYS J 315 48.95 4.96 -5.65
C LYS J 315 48.88 6.34 -6.29
N ARG J 316 49.32 7.38 -5.57
CA ARG J 316 49.46 8.71 -6.16
C ARG J 316 50.69 8.80 -7.04
N LEU J 317 51.79 8.16 -6.63
CA LEU J 317 53.06 8.23 -7.36
C LEU J 317 53.01 7.32 -8.59
N VAL J 318 52.10 7.63 -9.50
CA VAL J 318 51.95 6.92 -10.76
C VAL J 318 52.00 7.95 -11.88
N PRO J 319 52.49 7.60 -13.06
CA PRO J 319 52.65 8.61 -14.12
C PRO J 319 51.32 9.11 -14.65
N GLY J 320 51.32 10.38 -15.07
CA GLY J 320 50.18 10.96 -15.74
C GLY J 320 49.29 11.84 -14.89
N TYR J 321 49.68 12.14 -13.65
CA TYR J 321 48.84 12.94 -12.75
C TYR J 321 49.66 14.00 -12.03
N GLU J 322 50.76 14.44 -12.63
CA GLU J 322 51.62 15.51 -12.13
C GLU J 322 52.38 15.15 -10.87
N ALA J 323 52.16 13.99 -10.30
CA ALA J 323 52.95 13.59 -9.15
C ALA J 323 54.33 13.11 -9.60
N PRO J 324 55.38 13.42 -8.83
CA PRO J 324 56.71 12.94 -9.22
C PRO J 324 56.81 11.43 -9.12
N CYS J 325 57.55 10.84 -10.05
CA CYS J 325 57.84 9.41 -10.03
C CYS J 325 59.32 9.10 -10.16
N TYR J 326 60.17 10.08 -10.42
CA TYR J 326 61.59 9.87 -10.58
C TYR J 326 62.36 10.91 -9.79
N VAL J 327 63.52 10.51 -9.28
CA VAL J 327 64.34 11.39 -8.47
C VAL J 327 65.15 12.30 -9.38
N ALA J 328 64.61 13.47 -9.70
CA ALA J 328 65.28 14.41 -10.57
C ALA J 328 64.77 15.81 -10.28
N TRP J 329 65.52 16.81 -10.72
CA TRP J 329 65.18 18.20 -10.51
C TRP J 329 65.14 18.94 -11.84
N SER J 330 64.29 19.95 -11.92
CA SER J 330 64.17 20.77 -13.12
C SER J 330 63.54 22.10 -12.74
N ALA J 331 63.68 23.06 -13.65
CA ALA J 331 62.98 24.33 -13.51
C ALA J 331 61.64 24.33 -14.24
N SER J 332 61.45 23.42 -15.19
CA SER J 332 60.19 23.32 -15.93
C SER J 332 60.08 21.92 -16.49
N ASN J 333 59.17 21.12 -15.95
CA ASN J 333 58.99 19.75 -16.40
C ASN J 333 57.59 19.27 -16.00
N ARG J 334 57.18 18.15 -16.57
CA ARG J 334 55.93 17.48 -16.22
C ARG J 334 55.78 17.32 -14.71
N SER J 335 56.68 16.59 -14.08
CA SER J 335 56.61 16.30 -12.65
C SER J 335 57.98 15.91 -12.15
N PRO J 336 58.82 16.89 -11.85
CA PRO J 336 60.12 16.58 -11.22
C PRO J 336 59.98 16.40 -9.73
N MET J 337 60.94 15.68 -9.16
CA MET J 337 61.01 15.56 -7.71
C MET J 337 61.20 16.92 -7.07
N ILE J 338 62.11 17.72 -7.61
CA ILE J 338 62.43 19.04 -7.09
C ILE J 338 62.18 20.05 -8.20
N ARG J 339 61.41 21.09 -7.89
CA ARG J 339 61.16 22.19 -8.80
C ARG J 339 61.67 23.48 -8.18
N ILE J 340 62.22 24.35 -9.01
CA ILE J 340 62.75 25.63 -8.56
C ILE J 340 61.86 26.73 -9.15
N PRO J 341 61.07 27.43 -8.32
CA PRO J 341 60.22 28.49 -8.84
C PRO J 341 61.02 29.64 -9.42
N ALA J 342 60.36 30.40 -10.30
CA ALA J 342 61.01 31.51 -10.99
C ALA J 342 61.35 32.67 -10.06
N SER J 343 60.75 32.74 -8.87
CA SER J 343 61.02 33.85 -7.96
C SER J 343 62.48 33.83 -7.52
N ARG J 344 63.07 35.01 -7.40
CA ARG J 344 64.47 35.15 -7.02
C ARG J 344 64.63 36.11 -5.86
N GLY J 345 65.87 36.47 -5.54
CA GLY J 345 66.10 37.42 -4.47
C GLY J 345 65.90 36.78 -3.12
N LEU J 346 65.07 37.42 -2.28
CA LEU J 346 64.81 36.89 -0.96
C LEU J 346 63.80 35.75 -0.96
N SER J 347 63.19 35.45 -2.11
CA SER J 347 62.18 34.41 -2.20
C SER J 347 62.63 33.23 -3.05
N THR J 348 63.94 33.07 -3.24
CA THR J 348 64.42 31.90 -3.97
C THR J 348 64.21 30.66 -3.11
N ARG J 349 63.61 29.63 -3.70
CA ARG J 349 63.14 28.48 -2.93
C ARG J 349 63.45 27.19 -3.67
N VAL J 350 63.45 26.10 -2.91
CA VAL J 350 63.52 24.75 -3.45
C VAL J 350 62.22 24.05 -3.08
N GLU J 351 61.46 23.64 -4.09
CA GLU J 351 60.17 23.00 -3.89
C GLU J 351 60.32 21.49 -4.04
N VAL J 352 60.00 20.77 -2.97
CA VAL J 352 59.98 19.31 -3.00
C VAL J 352 58.53 18.86 -3.08
N ARG J 353 58.23 18.04 -4.08
CA ARG J 353 56.84 17.71 -4.42
C ARG J 353 56.44 16.29 -4.06
N ASN J 354 57.35 15.50 -3.50
CA ASN J 354 56.99 14.16 -3.06
C ASN J 354 55.95 14.13 -1.94
N PRO J 355 56.05 14.91 -0.87
CA PRO J 355 55.16 14.70 0.27
C PRO J 355 53.69 14.85 -0.08
N ASP J 356 52.87 14.03 0.56
CA ASP J 356 51.43 14.15 0.52
C ASP J 356 50.92 14.61 1.87
N PRO J 357 49.70 15.17 1.94
CA PRO J 357 49.22 15.71 3.22
C PRO J 357 49.09 14.67 4.32
N ALA J 358 49.06 13.39 4.00
CA ALA J 358 49.03 12.35 5.01
C ALA J 358 50.33 12.24 5.80
N ALA J 359 51.41 12.86 5.31
CA ALA J 359 52.68 12.77 6.00
C ALA J 359 52.68 13.60 7.29
N ASN J 360 53.52 13.18 8.22
CA ASN J 360 53.72 13.95 9.44
C ASN J 360 54.53 15.19 9.09
N PRO J 361 54.01 16.40 9.33
CA PRO J 361 54.76 17.61 8.92
C PRO J 361 56.10 17.73 9.61
N TYR J 362 56.16 17.46 10.92
CA TYR J 362 57.41 17.59 11.65
C TYR J 362 58.45 16.61 11.13
N LEU J 363 58.06 15.34 10.97
CA LEU J 363 59.02 14.34 10.49
C LEU J 363 59.45 14.61 9.06
N ALA J 364 58.51 15.01 8.20
CA ALA J 364 58.85 15.27 6.80
C ALA J 364 59.81 16.44 6.69
N LEU J 365 59.52 17.54 7.39
CA LEU J 365 60.43 18.69 7.37
C LEU J 365 61.78 18.32 7.96
N ALA J 366 61.79 17.52 9.03
CA ALA J 366 63.04 17.13 9.65
C ALA J 366 63.91 16.32 8.70
N VAL J 367 63.32 15.33 8.03
CA VAL J 367 64.12 14.47 7.16
C VAL J 367 64.58 15.24 5.92
N MET J 368 63.72 16.10 5.37
CA MET J 368 64.15 16.91 4.23
C MET J 368 65.28 17.86 4.61
N LEU J 369 65.17 18.53 5.75
CA LEU J 369 66.23 19.43 6.19
C LEU J 369 67.51 18.67 6.47
N ARG J 370 67.41 17.48 7.08
CA ARG J 370 68.61 16.71 7.38
C ARG J 370 69.29 16.22 6.11
N ALA J 371 68.51 15.78 5.12
CA ALA J 371 69.10 15.38 3.85
C ALA J 371 69.79 16.56 3.17
N GLY J 372 69.16 17.73 3.19
CA GLY J 372 69.80 18.91 2.62
C GLY J 372 71.08 19.28 3.33
N LEU J 373 71.07 19.23 4.66
CA LEU J 373 72.25 19.57 5.43
C LEU J 373 73.36 18.55 5.20
N ASP J 374 73.01 17.28 5.04
CA ASP J 374 74.01 16.26 4.73
C ASP J 374 74.61 16.50 3.36
N GLY J 375 73.79 16.92 2.39
CA GLY J 375 74.33 17.30 1.09
C GLY J 375 75.27 18.50 1.18
N ILE J 376 74.91 19.47 2.01
CA ILE J 376 75.78 20.63 2.23
C ILE J 376 77.10 20.20 2.86
N LYS J 377 77.04 19.29 3.84
CA LYS J 377 78.23 18.90 4.58
C LYS J 377 79.25 18.24 3.66
N ARG J 378 78.81 17.30 2.83
CA ARG J 378 79.69 16.53 1.97
C ARG J 378 79.95 17.20 0.64
N GLN J 379 79.34 18.36 0.39
CA GLN J 379 79.54 19.11 -0.85
C GLN J 379 79.21 18.25 -2.06
N MET J 380 78.00 17.69 -2.05
CA MET J 380 77.58 16.80 -3.13
C MET J 380 77.48 17.55 -4.44
N ALA J 381 77.70 16.83 -5.53
CA ALA J 381 77.61 17.43 -6.86
C ALA J 381 76.19 17.31 -7.39
N LEU J 382 75.61 18.43 -7.82
CA LEU J 382 74.26 18.42 -8.35
C LEU J 382 74.24 17.74 -9.71
N PRO J 383 73.42 16.72 -9.91
CA PRO J 383 73.27 16.13 -11.24
C PRO J 383 72.60 17.11 -12.20
N ALA J 384 72.77 16.82 -13.49
CA ALA J 384 72.23 17.70 -14.51
C ALA J 384 70.71 17.74 -14.44
N PRO J 385 70.09 18.90 -14.66
CA PRO J 385 68.63 18.97 -14.67
C PRO J 385 68.06 18.23 -15.87
N ILE J 386 66.83 17.75 -15.70
CA ILE J 386 66.13 17.10 -16.81
C ILE J 386 65.45 18.16 -17.65
N ASP J 387 65.60 18.04 -18.97
CA ASP J 387 65.01 18.98 -19.92
C ASP J 387 63.58 18.59 -20.21
N ARG J 388 63.00 19.14 -21.27
CA ARG J 388 61.66 18.77 -21.71
C ARG J 388 61.58 17.34 -22.22
N ASN J 389 62.64 16.55 -22.02
CA ASN J 389 62.65 15.15 -22.41
C ASN J 389 61.70 14.39 -21.50
N ILE J 390 60.50 14.10 -22.02
CA ILE J 390 59.52 13.35 -21.26
C ILE J 390 60.06 11.94 -21.01
N TYR J 391 59.66 11.34 -19.89
CA TYR J 391 60.16 10.06 -19.46
C TYR J 391 59.54 8.88 -20.20
N VAL J 392 58.96 9.12 -21.37
CA VAL J 392 58.57 8.04 -22.27
C VAL J 392 59.75 7.16 -22.67
N MET J 393 60.98 7.58 -22.35
CA MET J 393 62.16 6.78 -22.64
C MET J 393 62.13 5.48 -21.86
N SER J 394 62.79 4.47 -22.43
CA SER J 394 62.81 3.15 -21.83
C SER J 394 63.63 3.16 -20.55
N GLU J 395 63.45 2.10 -19.74
CA GLU J 395 64.22 1.97 -18.51
C GLU J 395 65.71 1.94 -18.78
N GLU J 396 66.12 1.37 -19.91
CA GLU J 396 67.54 1.39 -20.27
C GLU J 396 68.05 2.81 -20.44
N GLU J 397 67.25 3.67 -21.07
CA GLU J 397 67.62 5.08 -21.17
C GLU J 397 67.67 5.73 -19.80
N ARG J 398 66.73 5.36 -18.92
CA ARG J 398 66.65 6.02 -17.61
C ARG J 398 67.84 5.68 -16.73
N ILE J 399 68.20 4.40 -16.63
CA ILE J 399 69.36 4.09 -15.79
C ILE J 399 70.67 4.33 -16.53
N GLU J 400 70.63 4.50 -17.86
CA GLU J 400 71.82 4.97 -18.56
C GLU J 400 72.09 6.43 -18.25
N GLU J 401 71.05 7.23 -18.11
CA GLU J 401 71.19 8.64 -17.75
C GLU J 401 71.29 8.85 -16.24
N GLY J 402 71.23 7.78 -15.45
CA GLY J 402 71.31 7.91 -14.01
C GLY J 402 70.14 8.60 -13.36
N ILE J 403 68.91 8.28 -13.76
CA ILE J 403 67.71 8.85 -13.17
C ILE J 403 67.09 7.78 -12.27
N PRO J 404 67.22 7.89 -10.95
CA PRO J 404 66.57 6.93 -10.06
C PRO J 404 65.07 7.13 -10.01
N SER J 405 64.38 6.10 -9.57
CA SER J 405 62.94 6.13 -9.43
C SER J 405 62.54 5.98 -7.96
N LEU J 406 61.43 6.61 -7.61
CA LEU J 406 60.92 6.52 -6.26
C LEU J 406 60.38 5.11 -5.98
N PRO J 407 60.32 4.70 -4.72
CA PRO J 407 59.84 3.35 -4.40
C PRO J 407 58.41 3.13 -4.91
N ALA J 408 58.16 1.91 -5.36
CA ALA J 408 56.87 1.59 -5.96
C ALA J 408 55.79 1.29 -4.94
N ASP J 409 56.16 1.00 -3.69
CA ASP J 409 55.18 0.72 -2.66
C ASP J 409 55.82 0.96 -1.30
N LEU J 410 55.04 0.75 -0.23
CA LEU J 410 55.51 1.04 1.11
C LEU J 410 56.64 0.11 1.53
N LYS J 411 56.64 -1.13 1.02
CA LYS J 411 57.66 -2.09 1.42
C LYS J 411 59.05 -1.66 0.98
N GLU J 412 59.18 -1.24 -0.27
CA GLU J 412 60.47 -0.76 -0.76
C GLU J 412 60.94 0.45 0.02
N ALA J 413 60.03 1.37 0.31
CA ALA J 413 60.40 2.56 1.07
C ALA J 413 60.87 2.19 2.47
N LEU J 414 60.20 1.23 3.11
CA LEU J 414 60.63 0.79 4.44
C LEU J 414 62.00 0.15 4.39
N SER J 415 62.27 -0.68 3.38
CA SER J 415 63.58 -1.28 3.26
C SER J 415 64.66 -0.21 3.07
N GLU J 416 64.39 0.78 2.22
CA GLU J 416 65.35 1.86 2.02
C GLU J 416 65.55 2.67 3.30
N LEU J 417 64.47 2.90 4.05
CA LEU J 417 64.57 3.59 5.34
C LEU J 417 65.48 2.84 6.28
N ILE J 418 65.31 1.52 6.38
CA ILE J 418 66.14 0.72 7.27
C ILE J 418 67.60 0.80 6.84
N ARG J 419 67.87 0.67 5.54
CA ARG J 419 69.25 0.67 5.08
C ARG J 419 69.93 2.02 5.17
N SER J 420 69.16 3.10 5.36
CA SER J 420 69.76 4.44 5.36
C SER J 420 70.30 4.80 6.74
N GLU J 421 71.51 5.36 6.76
CA GLU J 421 72.15 5.76 8.00
C GLU J 421 72.08 7.26 8.24
N VAL J 422 71.63 8.05 7.27
CA VAL J 422 71.59 9.49 7.41
C VAL J 422 70.27 9.96 7.98
N ILE J 423 69.16 9.57 7.38
CA ILE J 423 67.87 10.08 7.85
C ILE J 423 67.32 9.23 8.98
N SER J 424 67.82 8.00 9.16
CA SER J 424 67.51 7.25 10.36
C SER J 424 68.10 7.94 11.59
N ASP J 425 69.27 8.57 11.44
CA ASP J 425 69.80 9.39 12.52
C ASP J 425 68.93 10.61 12.76
N ALA J 426 68.35 11.18 11.69
CA ALA J 426 67.43 12.29 11.86
C ALA J 426 66.21 11.87 12.67
N LEU J 427 65.65 10.70 12.36
CA LEU J 427 64.54 10.19 13.16
C LEU J 427 64.98 9.86 14.58
N GLY J 428 66.18 9.31 14.75
CA GLY J 428 66.63 8.85 16.04
C GLY J 428 66.31 7.38 16.26
N ASP J 429 66.99 6.79 17.24
CA ASP J 429 66.89 5.37 17.49
C ASP J 429 65.52 4.93 17.99
N HIS J 430 64.91 5.70 18.90
CA HIS J 430 63.62 5.32 19.45
C HIS J 430 62.48 5.44 18.45
N ALA J 431 62.41 6.57 17.74
CA ALA J 431 61.30 6.79 16.83
C ALA J 431 61.38 5.89 15.61
N LEU J 432 62.59 5.58 15.15
CA LEU J 432 62.75 4.74 13.96
C LEU J 432 62.16 3.36 14.16
N ALA J 433 62.44 2.74 15.31
CA ALA J 433 61.95 1.39 15.55
C ALA J 433 60.42 1.35 15.60
N TYR J 434 59.81 2.32 16.27
CA TYR J 434 58.36 2.33 16.39
C TYR J 434 57.69 2.67 15.07
N PHE J 435 58.25 3.61 14.31
CA PHE J 435 57.70 3.91 12.99
C PHE J 435 57.80 2.71 12.07
N TYR J 436 58.93 2.00 12.10
CA TYR J 436 59.09 0.81 11.29
C TYR J 436 58.09 -0.27 11.70
N GLU J 437 57.88 -0.46 12.99
CA GLU J 437 56.90 -1.44 13.44
C GLU J 437 55.50 -1.09 12.96
N LEU J 438 55.12 0.18 13.11
CA LEU J 438 53.79 0.62 12.67
C LEU J 438 53.60 0.36 11.19
N LYS J 439 54.56 0.77 10.38
CA LYS J 439 54.41 0.64 8.93
C LYS J 439 54.49 -0.81 8.49
N GLU J 440 55.31 -1.63 9.16
CA GLU J 440 55.36 -3.05 8.83
C GLU J 440 54.03 -3.72 9.12
N ILE J 441 53.41 -3.39 10.26
CA ILE J 441 52.11 -3.96 10.57
C ILE J 441 51.07 -3.51 9.54
N GLU J 442 51.10 -2.23 9.16
CA GLU J 442 50.14 -1.73 8.19
C GLU J 442 50.30 -2.46 6.85
N TRP J 443 51.55 -2.61 6.38
CA TRP J 443 51.78 -3.29 5.12
C TRP J 443 51.38 -4.75 5.19
N ASP J 444 51.66 -5.42 6.30
CA ASP J 444 51.27 -6.82 6.44
C ASP J 444 49.76 -6.97 6.41
N MET J 445 49.03 -6.06 7.06
CA MET J 445 47.58 -6.12 7.01
C MET J 445 47.08 -5.87 5.59
N TYR J 446 47.74 -4.96 4.86
CA TYR J 446 47.26 -4.63 3.52
C TYR J 446 47.52 -5.76 2.53
N ARG J 447 48.69 -6.41 2.62
CA ARG J 447 49.12 -7.31 1.57
C ARG J 447 48.35 -8.62 1.55
N THR J 448 47.70 -9.00 2.65
CA THR J 448 46.97 -10.25 2.71
C THR J 448 45.49 -10.10 2.37
N GLN J 449 45.03 -8.89 2.07
CA GLN J 449 43.64 -8.68 1.74
C GLN J 449 43.34 -9.16 0.32
N VAL J 450 42.12 -9.62 0.12
CA VAL J 450 41.61 -9.98 -1.20
C VAL J 450 40.66 -8.87 -1.62
N HIS J 451 41.07 -8.06 -2.59
CA HIS J 451 40.32 -6.88 -2.97
C HIS J 451 39.25 -7.23 -4.01
N GLN J 452 38.29 -6.31 -4.15
CA GLN J 452 37.19 -6.54 -5.08
C GLN J 452 37.69 -6.61 -6.52
N TRP J 453 38.81 -5.95 -6.83
CA TRP J 453 39.36 -6.02 -8.18
C TRP J 453 39.74 -7.45 -8.54
N GLU J 454 40.34 -8.18 -7.59
CA GLU J 454 40.69 -9.56 -7.85
C GLU J 454 39.46 -10.42 -8.08
N ARG J 455 38.41 -10.22 -7.29
CA ARG J 455 37.17 -10.97 -7.48
C ARG J 455 36.49 -10.60 -8.79
N ASP J 456 36.71 -9.39 -9.29
CA ASP J 456 36.16 -9.02 -10.59
C ASP J 456 36.94 -9.66 -11.74
N GLN J 457 38.26 -9.61 -11.69
CA GLN J 457 39.07 -10.21 -12.74
C GLN J 457 38.94 -11.73 -12.73
N TYR J 458 39.14 -12.34 -11.56
CA TYR J 458 39.04 -13.78 -11.41
C TYR J 458 37.64 -14.15 -10.91
N LEU J 459 37.48 -15.38 -10.45
CA LEU J 459 36.23 -15.91 -9.90
C LEU J 459 35.22 -16.18 -11.00
N THR J 460 35.52 -15.76 -12.22
CA THR J 460 34.78 -16.18 -13.41
C THR J 460 35.71 -16.69 -14.50
N LEU J 461 36.87 -16.03 -14.67
CA LEU J 461 37.88 -16.55 -15.58
C LEU J 461 38.45 -17.86 -15.09
N TYR J 462 38.68 -17.98 -13.78
CA TYR J 462 39.21 -19.20 -13.20
C TYR J 462 38.20 -19.82 -12.26
N SER K 22 37.00 55.92 -13.52
CA SER K 22 38.24 55.20 -13.36
C SER K 22 38.52 54.93 -11.89
N TYR K 23 39.69 54.35 -11.59
CA TYR K 23 40.07 54.03 -10.23
C TYR K 23 41.58 54.12 -10.09
N THR K 24 42.04 54.27 -8.86
CA THR K 24 43.45 54.24 -8.51
C THR K 24 43.64 53.29 -7.33
N ARG K 25 44.91 53.02 -7.01
CA ARG K 25 45.22 52.13 -5.89
C ARG K 25 44.56 52.62 -4.60
N GLU K 26 44.72 53.91 -4.31
CA GLU K 26 44.13 54.48 -3.11
C GLU K 26 42.61 54.38 -3.16
N ASP K 27 42.02 54.63 -4.32
CA ASP K 27 40.57 54.48 -4.47
C ASP K 27 40.14 53.05 -4.19
N ILE K 28 40.85 52.08 -4.76
CA ILE K 28 40.47 50.68 -4.58
C ILE K 28 40.53 50.31 -3.10
N ILE K 29 41.61 50.71 -2.43
CA ILE K 29 41.73 50.45 -1.00
C ILE K 29 40.60 51.13 -0.23
N ARG K 30 40.23 52.35 -0.65
CA ARG K 30 39.19 53.08 0.05
C ARG K 30 37.83 52.37 -0.05
N ILE K 31 37.44 51.98 -1.26
CA ILE K 31 36.17 51.25 -1.37
C ILE K 31 36.25 49.90 -0.68
N ALA K 32 37.41 49.21 -0.76
CA ALA K 32 37.52 47.91 -0.12
C ALA K 32 37.32 48.01 1.38
N GLU K 33 37.91 49.03 2.02
CA GLU K 33 37.67 49.24 3.44
C GLU K 33 36.24 49.68 3.71
N GLU K 34 35.70 50.58 2.87
CA GLU K 34 34.37 51.11 3.10
C GLU K 34 33.29 50.06 2.88
N GLU K 35 33.38 49.32 1.77
CA GLU K 35 32.35 48.36 1.40
C GLU K 35 32.43 47.07 2.21
N ASN K 36 33.43 46.94 3.08
CA ASN K 36 33.65 45.71 3.85
C ASN K 36 33.86 44.51 2.92
N VAL K 37 34.71 44.71 1.92
CA VAL K 37 35.05 43.63 1.00
C VAL K 37 36.02 42.69 1.70
N ARG K 38 35.66 41.41 1.76
CA ARG K 38 36.48 40.42 2.43
C ARG K 38 37.27 39.55 1.46
N PHE K 39 36.82 39.40 0.22
CA PHE K 39 37.44 38.48 -0.72
C PHE K 39 37.49 39.13 -2.09
N ILE K 40 38.59 38.92 -2.80
CA ILE K 40 38.81 39.53 -4.11
C ILE K 40 39.14 38.43 -5.10
N ARG K 41 38.47 38.44 -6.25
CA ARG K 41 38.72 37.49 -7.32
C ARG K 41 39.62 38.13 -8.36
N LEU K 42 40.81 37.55 -8.55
CA LEU K 42 41.72 37.98 -9.60
C LEU K 42 41.38 37.17 -10.85
N GLN K 43 40.51 37.72 -11.68
CA GLN K 43 39.94 36.98 -12.80
C GLN K 43 40.83 37.07 -14.03
N PHE K 44 40.89 35.96 -14.78
CA PHE K 44 41.54 35.92 -16.07
C PHE K 44 40.81 34.90 -16.93
N THR K 45 41.25 34.75 -18.18
CA THR K 45 40.58 33.88 -19.12
C THR K 45 41.59 32.95 -19.79
N ASP K 46 41.17 31.71 -20.03
CA ASP K 46 42.01 30.75 -20.73
C ASP K 46 41.67 30.78 -22.22
N LEU K 47 42.35 29.92 -22.99
CA LEU K 47 42.17 29.92 -24.44
C LEU K 47 40.78 29.48 -24.86
N LEU K 48 40.05 28.77 -24.02
CA LEU K 48 38.70 28.32 -24.35
C LEU K 48 37.62 29.30 -23.92
N GLY K 49 37.99 30.45 -23.36
CA GLY K 49 37.03 31.43 -22.95
C GLY K 49 36.45 31.23 -21.56
N THR K 50 36.82 30.17 -20.88
CA THR K 50 36.34 29.94 -19.52
C THR K 50 36.93 31.00 -18.59
N ILE K 51 36.12 31.43 -17.63
CA ILE K 51 36.56 32.43 -16.66
C ILE K 51 37.28 31.71 -15.52
N LYS K 52 38.54 32.03 -15.32
CA LYS K 52 39.34 31.50 -14.22
C LYS K 52 39.71 32.62 -13.27
N ASN K 53 39.95 32.27 -12.01
CA ASN K 53 40.22 33.27 -10.99
C ASN K 53 41.09 32.70 -9.90
N VAL K 54 41.77 33.60 -9.19
CA VAL K 54 42.51 33.28 -7.98
C VAL K 54 41.88 34.07 -6.84
N GLU K 55 41.29 33.37 -5.89
CA GLU K 55 40.64 34.02 -4.76
C GLU K 55 41.69 34.62 -3.83
N ILE K 56 41.39 35.79 -3.29
CA ILE K 56 42.36 36.56 -2.52
C ILE K 56 41.68 37.17 -1.30
N PRO K 57 42.24 37.02 -0.10
CA PRO K 57 41.73 37.75 1.06
C PRO K 57 42.09 39.22 0.96
N VAL K 58 41.25 40.07 1.57
CA VAL K 58 41.43 41.50 1.45
C VAL K 58 42.77 41.96 2.00
N SER K 59 43.37 41.19 2.91
CA SER K 59 44.68 41.54 3.44
C SER K 59 45.79 41.46 2.40
N GLN K 60 45.54 40.83 1.25
CA GLN K 60 46.52 40.73 0.18
C GLN K 60 46.24 41.71 -0.95
N LEU K 61 45.35 42.68 -0.74
CA LEU K 61 44.98 43.59 -1.80
C LEU K 61 46.16 44.44 -2.25
N GLU K 62 46.96 44.93 -1.30
CA GLU K 62 48.12 45.75 -1.66
C GLU K 62 49.13 44.93 -2.45
N LYS K 63 49.37 43.69 -2.02
CA LYS K 63 50.28 42.82 -2.76
C LYS K 63 49.76 42.56 -4.17
N ALA K 64 48.46 42.35 -4.32
CA ALA K 64 47.89 42.15 -5.64
C ALA K 64 48.05 43.40 -6.50
N LEU K 65 47.78 44.58 -5.93
CA LEU K 65 47.90 45.83 -6.65
C LEU K 65 49.34 46.18 -6.98
N ASP K 66 50.31 45.58 -6.31
CA ASP K 66 51.72 45.79 -6.63
C ASP K 66 52.22 44.85 -7.72
N ASN K 67 51.32 44.07 -8.33
CA ASN K 67 51.67 43.14 -9.40
C ASN K 67 52.72 42.12 -8.94
N LYS K 68 52.44 41.48 -7.81
CA LYS K 68 53.40 40.55 -7.22
C LYS K 68 52.83 39.17 -6.97
N MET K 69 51.59 38.93 -7.38
CA MET K 69 50.93 37.61 -7.17
C MET K 69 51.33 36.62 -8.26
N MET K 70 51.84 35.44 -7.88
CA MET K 70 52.24 34.41 -8.82
C MET K 70 51.22 33.28 -8.81
N PHE K 71 51.02 32.68 -9.98
CA PHE K 71 50.14 31.53 -10.12
C PHE K 71 50.71 30.63 -11.21
N ASP K 72 49.98 29.55 -11.51
CA ASP K 72 50.49 28.56 -12.45
C ASP K 72 50.72 29.15 -13.83
N GLY K 73 49.71 29.80 -14.38
CA GLY K 73 49.85 30.37 -15.72
C GLY K 73 49.69 29.34 -16.82
N SER K 74 50.09 28.10 -16.54
CA SER K 74 49.83 27.01 -17.49
C SER K 74 48.36 26.63 -17.54
N SER K 75 47.54 27.14 -16.61
CA SER K 75 46.10 26.89 -16.66
C SER K 75 45.44 27.55 -17.86
N ILE K 76 46.14 28.45 -18.55
CA ILE K 76 45.59 29.04 -19.77
C ILE K 76 45.45 27.98 -20.85
N GLU K 77 46.38 27.04 -20.91
CA GLU K 77 46.38 26.03 -21.96
C GLU K 77 45.24 25.03 -21.83
N GLY K 78 44.53 25.01 -20.70
CA GLY K 78 43.42 24.09 -20.54
C GLY K 78 43.86 22.71 -20.12
N TYR K 79 43.27 21.67 -20.72
CA TYR K 79 43.60 20.30 -20.37
C TYR K 79 44.79 19.76 -21.16
N VAL K 80 45.43 20.56 -22.01
CA VAL K 80 46.60 20.14 -22.75
C VAL K 80 47.89 20.73 -22.16
N ARG K 81 47.81 21.32 -20.96
CA ARG K 81 49.01 21.84 -20.32
C ARG K 81 49.97 20.71 -19.99
N ILE K 82 51.26 20.95 -20.24
CA ILE K 82 52.28 19.91 -20.10
C ILE K 82 53.21 20.18 -18.93
N GLU K 83 53.51 21.45 -18.63
CA GLU K 83 54.41 21.78 -17.56
C GLU K 83 53.91 23.01 -16.82
N GLU K 84 54.23 23.07 -15.52
CA GLU K 84 53.81 24.19 -14.69
C GLU K 84 54.78 25.35 -14.88
N SER K 85 54.25 26.53 -15.11
CA SER K 85 55.03 27.75 -15.25
C SER K 85 54.79 28.65 -14.04
N ASP K 86 55.39 29.84 -14.08
CA ASP K 86 55.17 30.86 -13.06
C ASP K 86 54.89 32.18 -13.76
N MET K 87 53.74 32.77 -13.47
CA MET K 87 53.34 34.01 -14.12
C MET K 87 52.79 34.95 -13.07
N TYR K 88 52.86 36.24 -13.36
CA TYR K 88 52.35 37.28 -12.47
C TYR K 88 51.01 37.79 -12.97
N LEU K 89 50.15 38.16 -12.03
CA LEU K 89 48.86 38.75 -12.33
C LEU K 89 48.97 40.26 -12.21
N TYR K 90 48.65 40.98 -13.28
CA TYR K 90 48.68 42.43 -13.32
C TYR K 90 47.25 42.94 -13.38
N PRO K 91 46.63 43.25 -12.24
CA PRO K 91 45.22 43.64 -12.25
C PRO K 91 45.01 44.96 -12.99
N ASP K 92 43.85 45.07 -13.64
CA ASP K 92 43.43 46.29 -14.32
C ASP K 92 42.49 47.02 -13.39
N LEU K 93 42.94 48.17 -12.89
CA LEU K 93 42.20 48.88 -11.85
C LEU K 93 40.84 49.34 -12.33
N ASP K 94 40.69 49.60 -13.63
CA ASP K 94 39.43 50.06 -14.18
C ASP K 94 38.35 48.99 -14.19
N THR K 95 38.72 47.73 -13.99
CA THR K 95 37.78 46.62 -14.03
C THR K 95 37.22 46.29 -12.65
N TRP K 96 37.55 47.07 -11.63
CA TRP K 96 37.08 46.80 -10.29
C TRP K 96 35.57 46.90 -10.22
N VAL K 97 34.95 45.95 -9.51
CA VAL K 97 33.51 45.98 -9.27
C VAL K 97 33.23 45.06 -8.09
N VAL K 98 32.15 45.33 -7.38
CA VAL K 98 31.73 44.55 -6.22
C VAL K 98 30.44 43.84 -6.58
N PHE K 99 30.43 42.52 -6.42
CA PHE K 99 29.26 41.73 -6.79
C PHE K 99 28.10 42.06 -5.85
N PRO K 100 26.87 42.16 -6.36
CA PRO K 100 25.75 42.58 -5.51
C PRO K 100 25.15 41.46 -4.68
N TRP K 101 25.32 40.21 -5.11
CA TRP K 101 24.69 39.09 -4.42
C TRP K 101 25.52 38.58 -3.25
N VAL K 102 26.69 39.17 -2.99
CA VAL K 102 27.56 38.68 -1.93
C VAL K 102 26.89 38.86 -0.57
N THR K 103 26.15 39.95 -0.39
CA THR K 103 25.38 40.23 0.82
C THR K 103 26.27 40.31 2.05
N SER K 104 26.37 39.21 2.80
CA SER K 104 27.07 39.21 4.08
C SER K 104 28.55 39.56 3.93
N ASP K 105 29.31 38.70 3.26
CA ASP K 105 30.73 38.95 3.02
C ASP K 105 30.91 39.43 1.60
N ARG K 106 31.23 40.70 1.44
CA ARG K 106 31.33 41.30 0.11
C ARG K 106 32.49 40.69 -0.65
N VAL K 107 32.26 40.36 -1.91
CA VAL K 107 33.28 39.83 -2.80
C VAL K 107 33.42 40.77 -3.99
N ALA K 108 34.65 41.15 -4.29
CA ALA K 108 34.96 42.00 -5.44
C ALA K 108 35.81 41.22 -6.44
N ARG K 109 36.03 41.82 -7.59
CA ARG K 109 36.82 41.19 -8.64
C ARG K 109 37.70 42.21 -9.33
N LEU K 110 38.79 41.71 -9.90
CA LEU K 110 39.66 42.49 -10.76
C LEU K 110 40.08 41.61 -11.92
N ILE K 111 40.06 42.17 -13.13
CA ILE K 111 40.48 41.45 -14.32
C ILE K 111 41.95 41.75 -14.55
N CYS K 112 42.76 40.70 -14.63
CA CYS K 112 44.21 40.84 -14.63
C CYS K 112 44.80 40.36 -15.96
N ASP K 113 45.94 40.92 -16.29
CA ASP K 113 46.76 40.46 -17.41
C ASP K 113 47.86 39.56 -16.89
N ILE K 114 48.31 38.65 -17.76
CA ILE K 114 49.30 37.63 -17.40
C ILE K 114 50.65 38.09 -17.90
N TYR K 115 51.64 38.11 -17.00
CA TYR K 115 52.98 38.57 -17.31
C TYR K 115 54.00 37.50 -16.94
N LYS K 116 55.01 37.35 -17.77
CA LYS K 116 56.11 36.46 -17.45
C LYS K 116 56.95 37.05 -16.32
N PRO K 117 57.71 36.23 -15.60
CA PRO K 117 58.52 36.77 -14.49
C PRO K 117 59.56 37.79 -14.95
N ASP K 118 60.02 37.72 -16.20
CA ASP K 118 61.00 38.69 -16.67
C ASP K 118 60.39 40.08 -16.82
N GLY K 119 59.07 40.17 -16.92
CA GLY K 119 58.42 41.46 -17.02
C GLY K 119 57.61 41.64 -18.28
N SER K 120 57.88 40.82 -19.28
CA SER K 120 57.14 40.91 -20.53
C SER K 120 55.80 40.21 -20.40
N PRO K 121 54.78 40.67 -21.13
CA PRO K 121 53.48 39.99 -21.08
C PRO K 121 53.55 38.59 -21.67
N PHE K 122 52.71 37.71 -21.13
CA PHE K 122 52.64 36.34 -21.62
C PHE K 122 52.01 36.31 -23.00
N ALA K 123 52.65 35.60 -23.93
CA ALA K 123 52.17 35.56 -25.31
C ALA K 123 50.89 34.74 -25.46
N GLY K 124 50.60 33.84 -24.52
CA GLY K 124 49.42 33.01 -24.60
C GLY K 124 48.18 33.56 -23.95
N ASP K 125 48.23 34.78 -23.43
CA ASP K 125 47.07 35.37 -22.77
C ASP K 125 46.14 35.98 -23.82
N PRO K 126 44.88 35.56 -23.89
CA PRO K 126 43.97 36.14 -24.91
C PRO K 126 43.81 37.65 -24.79
N ARG K 127 43.75 38.18 -23.57
CA ARG K 127 43.65 39.62 -23.39
C ARG K 127 44.89 40.32 -23.93
N GLY K 128 46.06 39.74 -23.68
CA GLY K 128 47.28 40.29 -24.25
C GLY K 128 47.29 40.21 -25.77
N ILE K 129 46.70 39.16 -26.32
CA ILE K 129 46.62 39.03 -27.79
C ILE K 129 45.77 40.15 -28.36
N LEU K 130 44.60 40.40 -27.75
CA LEU K 130 43.75 41.49 -28.21
C LEU K 130 44.44 42.84 -28.05
N LYS K 131 45.15 43.03 -26.93
CA LYS K 131 45.88 44.28 -26.74
C LYS K 131 46.96 44.47 -27.79
N ARG K 132 47.66 43.40 -28.15
CA ARG K 132 48.70 43.50 -29.17
C ARG K 132 48.11 43.83 -30.54
N VAL K 133 46.99 43.21 -30.89
CA VAL K 133 46.34 43.53 -32.16
C VAL K 133 45.85 44.98 -32.16
N LEU K 134 45.32 45.44 -31.03
CA LEU K 134 44.91 46.84 -30.94
C LEU K 134 46.10 47.77 -31.07
N LYS K 135 47.24 47.38 -30.52
CA LYS K 135 48.44 48.21 -30.65
C LYS K 135 48.91 48.30 -32.09
N GLU K 136 48.92 47.18 -32.81
CA GLU K 136 49.32 47.26 -34.21
C GLU K 136 48.27 47.95 -35.06
N ALA K 137 47.01 47.99 -34.59
CA ALA K 137 46.02 48.85 -35.25
C ALA K 137 46.33 50.31 -35.01
N GLU K 138 46.67 50.68 -33.77
CA GLU K 138 47.05 52.05 -33.46
C GLU K 138 48.27 52.49 -34.26
N GLU K 139 49.16 51.55 -34.59
CA GLU K 139 50.31 51.86 -35.41
C GLU K 139 49.92 52.36 -36.81
N LEU K 140 48.70 52.08 -37.25
CA LEU K 140 48.19 52.60 -38.52
C LEU K 140 47.34 53.84 -38.35
N GLY K 141 47.22 54.37 -37.13
CA GLY K 141 46.47 55.59 -36.89
C GLY K 141 45.07 55.40 -36.34
N TYR K 142 44.61 54.16 -36.17
CA TYR K 142 43.28 53.90 -35.65
C TYR K 142 43.36 53.82 -34.12
N THR K 143 42.88 54.87 -33.45
CA THR K 143 43.06 54.98 -32.02
C THR K 143 42.27 53.92 -31.27
N SER K 144 41.05 53.64 -31.71
CA SER K 144 40.19 52.70 -31.00
C SER K 144 39.36 51.88 -31.98
N MET K 145 38.88 50.75 -31.48
CA MET K 145 37.97 49.87 -32.20
C MET K 145 36.72 49.73 -31.35
N ASN K 146 35.60 50.29 -31.84
CA ASN K 146 34.36 50.32 -31.09
C ASN K 146 33.53 49.09 -31.42
N VAL K 147 33.13 48.34 -30.39
CA VAL K 147 32.51 47.03 -30.57
C VAL K 147 31.22 46.98 -29.78
N GLY K 148 30.15 46.51 -30.42
CA GLY K 148 28.92 46.21 -29.73
C GLY K 148 28.44 44.80 -30.05
N PRO K 149 28.46 43.93 -29.04
CA PRO K 149 28.02 42.55 -29.26
C PRO K 149 26.54 42.35 -28.94
N GLU K 150 26.01 41.26 -29.48
CA GLU K 150 24.60 40.89 -29.32
C GLU K 150 24.50 39.43 -28.89
N PRO K 151 24.90 39.11 -27.66
CA PRO K 151 24.86 37.71 -27.22
C PRO K 151 23.44 37.27 -26.86
N GLU K 152 23.09 36.07 -27.31
CA GLU K 152 21.80 35.47 -27.03
C GLU K 152 21.98 34.20 -26.22
N PHE K 153 20.99 33.88 -25.39
CA PHE K 153 21.10 32.72 -24.51
C PHE K 153 19.73 32.07 -24.36
N PHE K 154 19.74 30.82 -23.93
CA PHE K 154 18.54 30.04 -23.68
C PHE K 154 18.36 29.85 -22.18
N LEU K 155 17.10 29.75 -21.76
CA LEU K 155 16.75 29.47 -20.38
C LEU K 155 16.05 28.11 -20.33
N PHE K 156 16.56 27.21 -19.49
CA PHE K 156 15.99 25.89 -19.33
C PHE K 156 15.53 25.68 -17.89
N LYS K 157 14.45 24.93 -17.73
CA LYS K 157 13.99 24.56 -16.40
C LYS K 157 14.88 23.47 -15.82
N THR K 158 15.08 23.52 -14.51
CA THR K 158 15.90 22.54 -13.82
C THR K 158 15.02 21.49 -13.15
N ASP K 159 15.65 20.41 -12.72
CA ASP K 159 14.97 19.35 -11.99
C ASP K 159 15.22 19.51 -10.49
N GLU K 160 14.79 18.51 -9.71
CA GLU K 160 14.99 18.57 -8.27
C GLU K 160 16.47 18.58 -7.91
N LYS K 161 17.28 17.79 -8.61
CA LYS K 161 18.71 17.76 -8.36
C LYS K 161 19.42 19.02 -8.82
N GLY K 162 18.74 19.91 -9.55
CA GLY K 162 19.37 21.12 -10.03
C GLY K 162 20.07 21.00 -11.37
N ASP K 163 19.69 20.01 -12.19
CA ASP K 163 20.30 19.83 -13.49
C ASP K 163 19.36 20.30 -14.58
N PRO K 164 19.87 20.83 -15.69
CA PRO K 164 18.99 21.33 -16.76
C PRO K 164 18.22 20.20 -17.42
N THR K 165 16.93 20.41 -17.61
CA THR K 165 16.10 19.49 -18.36
C THR K 165 16.09 19.94 -19.83
N THR K 166 15.20 19.34 -20.63
CA THR K 166 15.07 19.69 -22.03
C THR K 166 13.90 20.61 -22.31
N GLU K 167 13.26 21.14 -21.27
CA GLU K 167 12.08 21.97 -21.40
C GLU K 167 12.45 23.44 -21.25
N LEU K 168 12.01 24.26 -22.20
CA LEU K 168 12.26 25.69 -22.15
C LEU K 168 11.42 26.34 -21.05
N ASN K 169 11.89 27.50 -20.59
CA ASN K 169 11.19 28.21 -19.53
C ASN K 169 9.88 28.82 -20.03
N ASP K 170 9.77 29.09 -21.32
CA ASP K 170 8.55 29.65 -21.88
C ASP K 170 8.43 29.20 -23.33
N GLN K 171 7.41 29.72 -24.02
CA GLN K 171 7.14 29.37 -25.41
C GLN K 171 6.85 30.63 -26.21
N GLY K 172 7.56 31.71 -25.91
CA GLY K 172 7.35 32.96 -26.60
C GLY K 172 8.05 33.03 -27.95
N GLY K 173 7.80 34.11 -28.66
CA GLY K 173 8.39 34.31 -29.96
C GLY K 173 9.20 35.58 -30.09
N TYR K 174 9.39 36.06 -31.32
CA TYR K 174 10.20 37.24 -31.57
C TYR K 174 9.52 38.48 -31.01
N PHE K 175 10.21 39.17 -30.10
CA PHE K 175 9.71 40.39 -29.48
C PHE K 175 8.40 40.20 -28.74
N ASP K 176 8.14 38.99 -28.25
CA ASP K 176 6.89 38.73 -27.56
C ASP K 176 6.86 39.42 -26.20
N LEU K 177 5.66 39.51 -25.62
CA LEU K 177 5.45 40.20 -24.36
C LEU K 177 4.53 39.34 -23.49
N ALA K 178 5.11 38.71 -22.47
CA ALA K 178 4.36 37.93 -21.48
C ALA K 178 4.77 38.37 -20.09
N PRO K 179 4.11 39.39 -19.55
CA PRO K 179 4.61 40.05 -18.32
C PRO K 179 4.68 39.16 -17.10
N MET K 180 3.83 38.14 -17.02
CA MET K 180 3.65 37.41 -15.76
C MET K 180 4.92 36.70 -15.30
N ASP K 181 5.32 35.65 -16.02
CA ASP K 181 6.53 34.93 -15.63
C ASP K 181 7.30 34.40 -16.84
N LEU K 182 6.85 34.71 -18.04
CA LEU K 182 7.36 34.06 -19.25
C LEU K 182 8.15 35.01 -20.13
N GLY K 183 7.55 36.13 -20.55
CA GLY K 183 8.21 37.05 -21.46
C GLY K 183 9.47 37.66 -20.88
N GLU K 184 9.36 38.25 -19.68
CA GLU K 184 10.54 38.77 -19.01
C GLU K 184 11.26 37.67 -18.23
N ASN K 185 10.58 37.09 -17.24
CA ASN K 185 11.15 36.05 -16.39
C ASN K 185 12.48 36.50 -15.80
N CYS K 186 13.56 35.82 -16.19
CA CYS K 186 14.91 36.17 -15.75
C CYS K 186 15.59 37.08 -16.75
N ARG K 187 14.94 38.16 -17.05
CA ARG K 187 15.55 39.16 -17.92
C ARG K 187 15.49 40.55 -17.32
N ARG K 188 14.46 40.83 -16.52
CA ARG K 188 14.37 42.10 -15.83
C ARG K 188 15.40 42.20 -14.72
N GLU K 189 15.51 41.14 -13.92
CA GLU K 189 16.45 41.15 -12.79
C GLU K 189 17.89 41.15 -13.26
N ILE K 190 18.18 40.44 -14.37
CA ILE K 190 19.54 40.45 -14.91
C ILE K 190 19.91 41.86 -15.35
N VAL K 191 19.00 42.54 -16.05
CA VAL K 191 19.26 43.91 -16.49
C VAL K 191 19.46 44.83 -15.30
N LEU K 192 18.63 44.66 -14.26
CA LEU K 192 18.76 45.50 -13.07
C LEU K 192 20.11 45.29 -12.39
N LYS K 193 20.53 44.02 -12.24
CA LYS K 193 21.80 43.74 -11.61
C LYS K 193 22.97 44.26 -12.43
N LEU K 194 22.90 44.10 -13.76
CA LEU K 194 23.95 44.63 -14.62
C LEU K 194 24.03 46.15 -14.52
N GLU K 195 22.88 46.81 -14.48
CA GLU K 195 22.87 48.26 -14.33
C GLU K 195 23.49 48.67 -13.01
N GLU K 196 23.18 47.96 -11.93
CA GLU K 196 23.82 48.25 -10.65
C GLU K 196 25.31 47.95 -10.70
N MET K 197 25.72 46.99 -11.54
CA MET K 197 27.12 46.59 -11.66
C MET K 197 27.94 47.57 -12.49
N GLY K 198 27.29 48.55 -13.13
CA GLY K 198 27.99 49.49 -13.96
C GLY K 198 27.86 49.27 -15.45
N PHE K 199 27.00 48.36 -15.87
CA PHE K 199 26.77 48.13 -17.29
C PHE K 199 25.89 49.23 -17.88
N GLU K 200 25.99 49.40 -19.19
CA GLU K 200 25.16 50.33 -19.94
C GLU K 200 24.30 49.49 -20.88
N ILE K 201 23.08 49.19 -20.47
CA ILE K 201 22.20 48.30 -21.21
C ILE K 201 21.37 49.13 -22.18
N GLU K 202 21.29 48.68 -23.42
CA GLU K 202 20.50 49.36 -24.44
C GLU K 202 19.04 48.90 -24.41
N ALA K 203 18.80 47.61 -24.63
CA ALA K 203 17.45 47.08 -24.66
C ALA K 203 17.51 45.57 -24.51
N SER K 204 16.38 44.98 -24.15
CA SER K 204 16.25 43.54 -24.04
C SER K 204 14.93 43.11 -24.68
N HIS K 205 14.92 41.91 -25.25
CA HIS K 205 13.72 41.40 -25.90
C HIS K 205 13.79 39.89 -25.96
N HIS K 206 12.63 39.29 -26.21
CA HIS K 206 12.55 37.86 -26.44
C HIS K 206 13.03 37.53 -27.84
N GLU K 207 13.77 36.43 -27.96
CA GLU K 207 14.34 36.04 -29.23
C GLU K 207 13.38 35.16 -30.02
N VAL K 208 13.81 34.73 -31.20
CA VAL K 208 12.93 34.00 -32.11
C VAL K 208 12.53 32.65 -31.50
N ALA K 209 13.50 31.89 -31.05
CA ALA K 209 13.20 30.56 -30.53
C ALA K 209 12.58 30.65 -29.14
N PRO K 210 11.73 29.70 -28.78
CA PRO K 210 11.17 29.69 -27.42
C PRO K 210 12.26 29.57 -26.38
N GLY K 211 12.10 30.32 -25.29
CA GLY K 211 13.07 30.29 -24.22
C GLY K 211 14.37 31.02 -24.50
N GLN K 212 14.45 31.77 -25.60
CA GLN K 212 15.67 32.46 -26.00
C GLN K 212 15.50 33.95 -25.77
N HIS K 213 16.51 34.57 -25.17
CA HIS K 213 16.46 35.98 -24.82
C HIS K 213 17.76 36.66 -25.25
N GLU K 214 17.67 37.97 -25.45
CA GLU K 214 18.81 38.78 -25.86
C GLU K 214 18.83 40.08 -25.06
N ILE K 215 20.00 40.44 -24.58
CA ILE K 215 20.23 41.71 -23.89
C ILE K 215 21.39 42.41 -24.57
N ASP K 216 21.18 43.66 -24.98
CA ASP K 216 22.19 44.42 -25.69
C ASP K 216 22.78 45.50 -24.80
N PHE K 217 24.09 45.67 -24.88
CA PHE K 217 24.78 46.75 -24.18
C PHE K 217 25.13 47.86 -25.15
N LYS K 218 25.45 49.02 -24.59
CA LYS K 218 25.96 50.11 -25.41
C LYS K 218 27.38 49.79 -25.86
N TYR K 219 27.82 50.47 -26.91
CA TYR K 219 29.10 50.17 -27.52
C TYR K 219 30.24 50.66 -26.64
N ALA K 220 31.34 49.92 -26.63
CA ALA K 220 32.51 50.27 -25.85
C ALA K 220 33.75 49.83 -26.63
N ASP K 221 34.92 50.17 -26.09
CA ASP K 221 36.16 49.74 -26.71
C ASP K 221 36.30 48.23 -26.61
N ALA K 222 37.18 47.68 -27.46
CA ALA K 222 37.21 46.24 -27.68
C ALA K 222 37.51 45.48 -26.39
N VAL K 223 38.52 45.92 -25.65
CA VAL K 223 38.89 45.23 -24.40
C VAL K 223 37.75 45.31 -23.41
N LYS K 224 37.16 46.50 -23.27
CA LYS K 224 36.02 46.66 -22.37
C LYS K 224 34.84 45.82 -22.84
N ALA K 225 34.63 45.74 -24.15
CA ALA K 225 33.53 44.95 -24.68
C ALA K 225 33.71 43.47 -24.32
N ALA K 226 34.92 42.95 -24.49
CA ALA K 226 35.16 41.54 -24.15
C ALA K 226 35.03 41.28 -22.65
N ASP K 227 35.54 42.20 -21.84
CA ASP K 227 35.37 42.07 -20.39
C ASP K 227 33.89 42.06 -20.02
N GLN K 228 33.11 42.94 -20.64
CA GLN K 228 31.68 43.00 -20.39
C GLN K 228 30.99 41.73 -20.85
N ILE K 229 31.45 41.13 -21.95
CA ILE K 229 30.85 39.88 -22.40
C ILE K 229 31.08 38.78 -21.36
N GLN K 230 32.31 38.67 -20.86
CA GLN K 230 32.61 37.67 -19.85
C GLN K 230 31.78 37.89 -18.59
N THR K 231 31.74 39.13 -18.10
CA THR K 231 30.98 39.44 -16.90
C THR K 231 29.49 39.20 -17.13
N PHE K 232 28.99 39.51 -18.31
CA PHE K 232 27.59 39.31 -18.63
C PHE K 232 27.23 37.84 -18.59
N LYS K 233 28.07 36.99 -19.18
CA LYS K 233 27.80 35.56 -19.14
C LYS K 233 27.78 35.05 -17.71
N LEU K 234 28.76 35.47 -16.90
CA LEU K 234 28.79 35.02 -15.51
C LEU K 234 27.56 35.47 -14.74
N VAL K 235 27.17 36.74 -14.91
CA VAL K 235 26.02 37.29 -14.19
C VAL K 235 24.74 36.61 -14.62
N VAL K 236 24.56 36.40 -15.92
CA VAL K 236 23.35 35.75 -16.41
C VAL K 236 23.25 34.34 -15.84
N LYS K 237 24.35 33.60 -15.85
CA LYS K 237 24.33 32.25 -15.30
C LYS K 237 23.96 32.27 -13.82
N THR K 238 24.57 33.18 -13.05
CA THR K 238 24.30 33.23 -11.62
C THR K 238 22.84 33.57 -11.34
N ILE K 239 22.31 34.60 -12.02
CA ILE K 239 20.94 35.03 -11.75
C ILE K 239 19.95 33.95 -12.17
N ALA K 240 20.21 33.28 -13.31
CA ALA K 240 19.34 32.19 -13.72
C ALA K 240 19.37 31.06 -12.70
N ARG K 241 20.54 30.75 -12.16
CA ARG K 241 20.62 29.73 -11.12
C ARG K 241 19.84 30.14 -9.88
N GLN K 242 19.79 31.45 -9.59
CA GLN K 242 19.07 31.91 -8.41
C GLN K 242 17.57 31.63 -8.52
N HIS K 243 17.01 31.75 -9.72
CA HIS K 243 15.58 31.56 -9.94
C HIS K 243 15.22 30.13 -10.28
N GLY K 244 16.11 29.18 -10.01
CA GLY K 244 15.84 27.80 -10.36
C GLY K 244 15.75 27.54 -11.84
N LEU K 245 16.54 28.24 -12.63
CA LEU K 245 16.61 28.04 -14.07
C LEU K 245 18.04 27.77 -14.47
N HIS K 246 18.24 27.38 -15.72
CA HIS K 246 19.57 27.13 -16.27
C HIS K 246 19.75 27.99 -17.51
N ALA K 247 20.78 28.82 -17.51
CA ALA K 247 21.10 29.65 -18.67
C ALA K 247 22.29 29.06 -19.39
N THR K 248 22.16 28.91 -20.71
CA THR K 248 23.23 28.36 -21.52
C THR K 248 23.50 29.26 -22.71
N PHE K 249 24.76 29.35 -23.10
CA PHE K 249 25.18 30.05 -24.30
C PHE K 249 25.62 29.06 -25.38
N MET K 250 25.06 27.86 -25.34
CA MET K 250 25.36 26.85 -26.35
C MET K 250 24.90 27.34 -27.71
N PRO K 251 25.72 27.22 -28.76
CA PRO K 251 25.31 27.71 -30.07
C PRO K 251 24.03 27.09 -30.61
N LYS K 252 23.80 25.80 -30.37
CA LYS K 252 22.61 25.10 -30.87
C LYS K 252 22.20 24.05 -29.87
N PRO K 253 21.53 24.45 -28.78
CA PRO K 253 21.13 23.45 -27.77
C PRO K 253 20.07 22.48 -28.25
N LEU K 254 19.24 22.86 -29.22
CA LEU K 254 18.15 22.02 -29.68
C LEU K 254 18.13 21.98 -31.21
N PHE K 255 17.70 20.84 -31.75
CA PHE K 255 17.56 20.69 -33.18
C PHE K 255 16.20 21.22 -33.64
N GLY K 256 16.19 21.90 -34.77
CA GLY K 256 14.98 22.39 -35.36
C GLY K 256 14.55 23.77 -34.93
N VAL K 257 15.25 24.38 -33.98
CA VAL K 257 14.96 25.74 -33.54
C VAL K 257 16.17 26.60 -33.80
N ASN K 258 15.98 27.92 -33.68
CA ASN K 258 17.07 28.86 -33.93
C ASN K 258 18.20 28.67 -32.93
N GLY K 259 19.43 28.88 -33.40
CA GLY K 259 20.57 28.88 -32.52
C GLY K 259 20.83 30.25 -31.91
N SER K 260 21.89 30.32 -31.11
CA SER K 260 22.29 31.56 -30.47
C SER K 260 23.55 32.09 -31.13
N GLY K 261 23.51 33.36 -31.55
CA GLY K 261 24.64 34.01 -32.16
C GLY K 261 25.14 35.16 -31.29
N MET K 262 26.31 35.66 -31.65
CA MET K 262 26.95 36.77 -30.95
C MET K 262 27.45 37.78 -31.99
N HIS K 263 26.52 38.23 -32.84
CA HIS K 263 26.80 39.27 -33.82
C HIS K 263 27.63 40.38 -33.20
N CYS K 264 28.74 40.72 -33.86
CA CYS K 264 29.65 41.75 -33.38
C CYS K 264 29.61 42.94 -34.33
N ASN K 265 29.21 44.10 -33.80
CA ASN K 265 29.19 45.33 -34.57
C ASN K 265 30.50 46.06 -34.33
N GLN K 266 31.23 46.36 -35.40
CA GLN K 266 32.55 46.96 -35.30
C GLN K 266 32.62 48.24 -36.12
N SER K 267 33.37 49.20 -35.60
CA SER K 267 33.68 50.43 -36.31
C SER K 267 35.02 50.96 -35.82
N LEU K 268 35.91 51.28 -36.75
CA LEU K 268 37.22 51.81 -36.41
C LEU K 268 37.12 53.31 -36.21
N PHE K 269 37.87 53.81 -35.23
CA PHE K 269 37.85 55.22 -34.88
C PHE K 269 39.25 55.79 -34.89
N LYS K 270 39.38 57.04 -35.33
CA LYS K 270 40.65 57.76 -35.32
C LYS K 270 40.34 59.15 -34.74
N ASP K 271 40.61 59.33 -33.45
CA ASP K 271 40.36 60.60 -32.77
C ASP K 271 38.88 61.00 -32.91
N ASN K 272 38.05 60.17 -32.26
CA ASN K 272 36.58 60.30 -32.19
C ASN K 272 35.97 60.69 -33.53
N GLU K 273 36.59 60.21 -34.60
CA GLU K 273 36.04 60.32 -35.94
C GLU K 273 35.89 58.92 -36.51
N ASN K 274 34.68 58.59 -36.94
CA ASN K 274 34.39 57.29 -37.52
C ASN K 274 34.97 57.23 -38.93
N VAL K 275 36.03 56.43 -39.12
CA VAL K 275 36.65 56.33 -40.42
C VAL K 275 35.85 55.46 -41.39
N PHE K 276 34.82 54.76 -40.91
CA PHE K 276 33.97 53.99 -41.80
C PHE K 276 32.95 54.87 -42.52
N TYR K 277 32.73 56.09 -42.05
CA TYR K 277 31.70 56.95 -42.61
C TYR K 277 32.23 57.74 -43.80
N ASP K 278 31.39 57.90 -44.81
CA ASP K 278 31.71 58.70 -45.99
C ASP K 278 30.40 59.21 -46.57
N GLU K 279 30.09 60.48 -46.33
CA GLU K 279 28.83 61.04 -46.80
C GLU K 279 28.74 61.03 -48.33
N THR K 280 29.88 61.16 -49.01
CA THR K 280 29.87 61.22 -50.46
C THR K 280 29.57 59.86 -51.09
N ASP K 281 29.83 58.77 -50.37
CA ASP K 281 29.60 57.45 -50.92
C ASP K 281 28.10 57.17 -51.04
N GLU K 282 27.76 56.32 -52.03
CA GLU K 282 26.36 55.98 -52.25
C GLU K 282 25.77 55.26 -51.05
N LEU K 283 26.51 54.33 -50.46
CA LEU K 283 26.06 53.60 -49.28
C LEU K 283 26.53 54.25 -47.98
N GLY K 284 27.19 55.40 -48.05
CA GLY K 284 27.75 56.00 -46.86
C GLY K 284 28.89 55.20 -46.27
N LEU K 285 29.69 54.56 -47.11
CA LEU K 285 30.78 53.70 -46.68
C LEU K 285 32.08 54.21 -47.28
N SER K 286 33.08 54.43 -46.43
CA SER K 286 34.38 54.87 -46.91
C SER K 286 35.14 53.72 -47.55
N GLN K 287 36.21 54.06 -48.26
CA GLN K 287 37.07 53.04 -48.82
C GLN K 287 37.71 52.18 -47.73
N THR K 288 37.98 52.79 -46.58
CA THR K 288 38.55 52.05 -45.46
C THR K 288 37.59 50.96 -44.99
N ALA K 289 36.30 51.29 -44.87
CA ALA K 289 35.32 50.30 -44.46
C ALA K 289 35.22 49.17 -45.46
N ARG K 290 35.24 49.50 -46.75
CA ARG K 290 35.16 48.47 -47.78
C ARG K 290 36.38 47.55 -47.75
N HIS K 291 37.57 48.12 -47.56
CA HIS K 291 38.76 47.30 -47.42
C HIS K 291 38.67 46.41 -46.18
N TYR K 292 38.17 46.95 -45.08
CA TYR K 292 37.97 46.17 -43.87
C TYR K 292 37.06 44.97 -44.13
N MET K 293 35.92 45.21 -44.78
CA MET K 293 34.99 44.12 -45.06
C MET K 293 35.60 43.10 -46.02
N ALA K 294 36.35 43.57 -47.02
CA ALA K 294 36.99 42.63 -47.94
C ALA K 294 37.99 41.75 -47.21
N GLY K 295 38.78 42.34 -46.31
CA GLY K 295 39.73 41.56 -45.54
C GLY K 295 39.05 40.54 -44.65
N ILE K 296 37.93 40.92 -44.04
CA ILE K 296 37.19 39.96 -43.22
C ILE K 296 36.62 38.84 -44.09
N LEU K 297 36.15 39.19 -45.29
CA LEU K 297 35.56 38.18 -46.17
C LEU K 297 36.60 37.16 -46.64
N LYS K 298 37.81 37.62 -46.98
CA LYS K 298 38.84 36.70 -47.55
C LYS K 298 39.31 35.72 -46.48
N HIS K 299 39.36 36.12 -45.21
CA HIS K 299 39.89 35.29 -44.14
C HIS K 299 38.80 34.63 -43.31
N ALA K 300 37.57 34.59 -43.80
CA ALA K 300 36.45 34.09 -42.99
C ALA K 300 36.64 32.63 -42.63
N ARG K 301 37.00 31.81 -43.60
CA ARG K 301 37.14 30.38 -43.35
C ARG K 301 38.26 30.10 -42.37
N ALA K 302 39.31 30.93 -42.37
CA ALA K 302 40.38 30.79 -41.40
C ALA K 302 39.96 31.20 -40.00
N MET K 303 39.15 32.26 -39.89
CA MET K 303 38.67 32.71 -38.59
C MET K 303 37.56 31.83 -38.03
N ALA K 304 36.94 30.99 -38.85
CA ALA K 304 35.81 30.18 -38.40
C ALA K 304 36.17 29.30 -37.21
N ALA K 305 37.40 28.79 -37.16
CA ALA K 305 37.81 27.95 -36.04
C ALA K 305 37.87 28.72 -34.73
N ILE K 306 38.05 30.03 -34.79
CA ILE K 306 38.09 30.84 -33.58
C ILE K 306 36.73 31.40 -33.22
N THR K 307 36.00 31.93 -34.20
CA THR K 307 34.68 32.49 -33.92
C THR K 307 33.62 31.40 -33.72
N ASN K 308 33.87 30.20 -34.23
CA ASN K 308 32.98 29.06 -34.04
C ASN K 308 33.83 27.90 -33.54
N PRO K 309 34.17 27.89 -32.25
CA PRO K 309 35.24 27.00 -31.77
C PRO K 309 34.79 25.59 -31.42
N THR K 310 33.51 25.39 -31.13
CA THR K 310 33.05 24.10 -30.66
C THR K 310 32.52 23.25 -31.81
N VAL K 311 32.32 21.96 -31.53
CA VAL K 311 31.68 21.08 -32.48
C VAL K 311 30.23 21.52 -32.71
N ASN K 312 29.53 21.89 -31.63
CA ASN K 312 28.15 22.30 -31.74
C ASN K 312 27.97 23.60 -32.51
N SER K 313 29.04 24.36 -32.69
CA SER K 313 28.94 25.63 -33.40
C SER K 313 28.51 25.43 -34.85
N TYR K 314 28.88 24.31 -35.46
CA TYR K 314 28.60 24.06 -36.85
C TYR K 314 27.28 23.34 -37.06
N LYS K 315 26.60 22.96 -35.98
CA LYS K 315 25.20 22.59 -36.08
C LYS K 315 24.30 23.82 -36.15
N ARG K 316 24.81 24.98 -35.72
CA ARG K 316 24.09 26.23 -35.91
C ARG K 316 24.21 26.74 -37.34
N LEU K 317 25.38 26.58 -37.95
CA LEU K 317 25.62 27.06 -39.30
C LEU K 317 24.99 26.13 -40.33
N VAL K 318 23.66 26.02 -40.27
CA VAL K 318 22.89 25.24 -41.23
C VAL K 318 21.80 26.15 -41.79
N PRO K 319 21.37 25.95 -43.03
CA PRO K 319 20.42 26.88 -43.64
C PRO K 319 19.05 26.82 -42.98
N GLY K 320 18.37 27.96 -42.99
CA GLY K 320 16.99 28.05 -42.55
C GLY K 320 16.78 28.59 -41.15
N TYR K 321 17.82 29.08 -40.48
CA TYR K 321 17.68 29.56 -39.12
C TYR K 321 18.40 30.89 -38.91
N GLU K 322 18.54 31.69 -39.98
CA GLU K 322 19.11 33.03 -39.97
C GLU K 322 20.61 33.05 -39.69
N ALA K 323 21.22 31.91 -39.41
CA ALA K 323 22.67 31.91 -39.24
C ALA K 323 23.35 31.96 -40.60
N PRO K 324 24.47 32.68 -40.72
CA PRO K 324 25.19 32.72 -41.99
C PRO K 324 25.75 31.35 -42.34
N CYS K 325 25.72 31.03 -43.63
CA CYS K 325 26.33 29.82 -44.15
C CYS K 325 27.24 30.06 -45.33
N TYR K 326 27.32 31.28 -45.85
CA TYR K 326 28.16 31.60 -46.99
C TYR K 326 28.89 32.91 -46.72
N VAL K 327 30.09 33.01 -47.28
CA VAL K 327 30.93 34.18 -47.08
C VAL K 327 30.51 35.27 -48.06
N ALA K 328 29.61 36.14 -47.63
CA ALA K 328 29.12 37.22 -48.46
C ALA K 328 28.58 38.34 -47.58
N TRP K 329 28.44 39.52 -48.16
CA TRP K 329 27.96 40.68 -47.45
C TRP K 329 26.76 41.28 -48.18
N SER K 330 25.87 41.90 -47.40
CA SER K 330 24.69 42.53 -47.95
C SER K 330 24.17 43.55 -46.96
N ALA K 331 23.34 44.47 -47.44
CA ALA K 331 22.62 45.37 -46.57
C ALA K 331 21.26 44.83 -46.16
N SER K 332 20.74 43.83 -46.88
CA SER K 332 19.45 43.21 -46.56
C SER K 332 19.41 41.85 -47.23
N ASN K 333 19.41 40.80 -46.42
CA ASN K 333 19.37 39.44 -46.95
C ASN K 333 18.90 38.49 -45.86
N ARG K 334 18.64 37.25 -46.25
CA ARG K 334 18.28 36.19 -45.33
C ARG K 334 19.30 36.06 -44.20
N SER K 335 20.55 35.77 -44.54
CA SER K 335 21.60 35.56 -43.54
C SER K 335 22.95 35.77 -44.21
N PRO K 336 23.40 37.01 -44.33
CA PRO K 336 24.74 37.27 -44.85
C PRO K 336 25.79 37.13 -43.77
N MET K 337 27.01 36.85 -44.21
CA MET K 337 28.14 36.83 -43.28
C MET K 337 28.33 38.19 -42.65
N ILE K 338 28.28 39.25 -43.46
CA ILE K 338 28.46 40.62 -43.01
C ILE K 338 27.21 41.40 -43.37
N ARG K 339 26.65 42.10 -42.39
CA ARG K 339 25.51 42.97 -42.61
C ARG K 339 25.88 44.39 -42.22
N ILE K 340 25.37 45.36 -42.97
CA ILE K 340 25.63 46.77 -42.72
C ILE K 340 24.34 47.41 -42.24
N PRO K 341 24.24 47.79 -40.96
CA PRO K 341 23.03 48.43 -40.47
C PRO K 341 22.77 49.76 -41.15
N ALA K 342 21.51 50.18 -41.15
CA ALA K 342 21.10 51.41 -41.82
C ALA K 342 21.63 52.66 -41.14
N SER K 343 22.09 52.58 -39.89
CA SER K 343 22.57 53.75 -39.19
C SER K 343 23.81 54.31 -39.88
N ARG K 344 23.93 55.63 -39.91
CA ARG K 344 25.03 56.30 -40.57
C ARG K 344 25.69 57.31 -39.64
N GLY K 345 26.58 58.13 -40.18
CA GLY K 345 27.21 59.15 -39.35
C GLY K 345 28.23 58.54 -38.41
N LEU K 346 28.15 58.91 -37.14
CA LEU K 346 29.07 58.38 -36.15
C LEU K 346 28.78 56.95 -35.76
N SER K 347 27.65 56.39 -36.20
CA SER K 347 27.24 55.04 -35.84
C SER K 347 27.26 54.09 -37.02
N THR K 348 28.02 54.39 -38.07
CA THR K 348 28.15 53.46 -39.18
C THR K 348 28.98 52.27 -38.74
N ARG K 349 28.48 51.07 -38.99
CA ARG K 349 29.06 49.87 -38.41
C ARG K 349 29.12 48.75 -39.43
N VAL K 350 30.00 47.80 -39.16
CA VAL K 350 30.08 46.54 -39.90
C VAL K 350 29.75 45.43 -38.93
N GLU K 351 28.66 44.71 -39.21
CA GLU K 351 28.19 43.64 -38.32
C GLU K 351 28.63 42.30 -38.88
N VAL K 352 29.37 41.54 -38.08
CA VAL K 352 29.79 40.19 -38.43
C VAL K 352 28.95 39.22 -37.62
N ARG K 353 28.29 38.29 -38.29
CA ARG K 353 27.27 37.46 -37.67
C ARG K 353 27.69 36.01 -37.46
N ASN K 354 28.90 35.64 -37.88
CA ASN K 354 29.39 34.28 -37.64
C ASN K 354 29.53 33.92 -36.16
N PRO K 355 30.13 34.75 -35.30
CA PRO K 355 30.45 34.27 -33.95
C PRO K 355 29.23 33.83 -33.17
N ASP K 356 29.42 32.83 -32.34
CA ASP K 356 28.46 32.37 -31.37
C ASP K 356 28.96 32.69 -29.96
N PRO K 357 28.07 32.77 -28.97
CA PRO K 357 28.51 33.16 -27.62
C PRO K 357 29.53 32.21 -27.00
N ALA K 358 29.72 31.02 -27.56
CA ALA K 358 30.74 30.11 -27.06
C ALA K 358 32.15 30.53 -27.44
N ALA K 359 32.31 31.48 -28.35
CA ALA K 359 33.63 31.90 -28.76
C ALA K 359 34.31 32.72 -27.67
N ASN K 360 35.64 32.71 -27.70
CA ASN K 360 36.41 33.56 -26.81
C ASN K 360 36.30 34.99 -27.30
N PRO K 361 35.79 35.92 -26.50
CA PRO K 361 35.61 37.30 -27.01
C PRO K 361 36.91 37.96 -27.42
N TYR K 362 37.97 37.81 -26.61
CA TYR K 362 39.24 38.43 -26.93
C TYR K 362 39.81 37.89 -28.24
N LEU K 363 39.83 36.56 -28.38
CA LEU K 363 40.37 35.96 -29.58
C LEU K 363 39.54 36.29 -30.81
N ALA K 364 38.21 36.26 -30.67
CA ALA K 364 37.34 36.57 -31.81
C ALA K 364 37.53 38.01 -32.27
N LEU K 365 37.53 38.95 -31.33
CA LEU K 365 37.75 40.35 -31.69
C LEU K 365 39.13 40.54 -32.30
N ALA K 366 40.14 39.86 -31.75
CA ALA K 366 41.50 40.00 -32.26
C ALA K 366 41.58 39.52 -33.70
N VAL K 367 41.01 38.35 -34.00
CA VAL K 367 41.13 37.82 -35.36
C VAL K 367 40.30 38.64 -36.34
N MET K 368 39.12 39.10 -35.93
CA MET K 368 38.34 39.95 -36.82
C MET K 368 39.05 41.25 -37.12
N LEU K 369 39.60 41.91 -36.10
CA LEU K 369 40.32 43.15 -36.31
C LEU K 369 41.56 42.94 -37.17
N ARG K 370 42.29 41.84 -36.95
CA ARG K 370 43.48 41.58 -37.73
C ARG K 370 43.14 41.32 -39.19
N ALA K 371 42.07 40.57 -39.44
CA ALA K 371 41.64 40.35 -40.82
C ALA K 371 41.24 41.65 -41.50
N GLY K 372 40.51 42.51 -40.78
CA GLY K 372 40.14 43.79 -41.34
C GLY K 372 41.34 44.68 -41.62
N LEU K 373 42.31 44.68 -40.72
CA LEU K 373 43.52 45.48 -40.94
C LEU K 373 44.33 44.94 -42.09
N ASP K 374 44.37 43.61 -42.25
CA ASP K 374 45.05 43.02 -43.39
C ASP K 374 44.38 43.42 -44.69
N GLY K 375 43.04 43.46 -44.69
CA GLY K 375 42.33 43.95 -45.86
C GLY K 375 42.64 45.41 -46.15
N ILE K 376 42.71 46.23 -45.10
CA ILE K 376 43.01 47.65 -45.27
C ILE K 376 44.41 47.83 -45.84
N LYS K 377 45.38 47.06 -45.33
CA LYS K 377 46.77 47.24 -45.72
C LYS K 377 46.97 46.97 -47.21
N ARG K 378 46.36 45.92 -47.72
CA ARG K 378 46.56 45.49 -49.10
C ARG K 378 45.55 46.09 -50.07
N GLN K 379 44.70 47.01 -49.60
CA GLN K 379 43.69 47.66 -50.44
C GLN K 379 42.85 46.62 -51.19
N MET K 380 42.33 45.66 -50.44
CA MET K 380 41.58 44.57 -51.04
C MET K 380 40.28 45.09 -51.65
N ALA K 381 39.87 44.44 -52.75
CA ALA K 381 38.68 44.85 -53.48
C ALA K 381 37.44 44.15 -52.91
N LEU K 382 36.43 44.94 -52.58
CA LEU K 382 35.20 44.38 -52.05
C LEU K 382 34.41 43.69 -53.15
N PRO K 383 34.04 42.42 -52.97
CA PRO K 383 33.17 41.76 -53.95
C PRO K 383 31.77 42.36 -53.93
N ALA K 384 31.02 42.07 -54.99
CA ALA K 384 29.68 42.64 -55.12
C ALA K 384 28.76 42.10 -54.03
N PRO K 385 27.88 42.94 -53.50
CA PRO K 385 26.92 42.44 -52.50
C PRO K 385 25.93 41.48 -53.11
N ILE K 386 25.42 40.58 -52.27
CA ILE K 386 24.38 39.66 -52.71
C ILE K 386 23.02 40.34 -52.60
N ASP K 387 22.23 40.25 -53.67
CA ASP K 387 20.90 40.84 -53.70
C ASP K 387 19.92 39.92 -52.99
N ARG K 388 18.62 40.16 -53.20
CA ARG K 388 17.59 39.31 -52.65
C ARG K 388 17.59 37.91 -53.28
N ASN K 389 18.61 37.58 -54.05
CA ASN K 389 18.74 36.27 -54.67
C ASN K 389 19.03 35.26 -53.57
N ILE K 390 17.99 34.51 -53.17
CA ILE K 390 18.15 33.48 -52.17
C ILE K 390 19.10 32.40 -52.70
N TYR K 391 19.82 31.76 -51.78
CA TYR K 391 20.84 30.78 -52.13
C TYR K 391 20.27 29.43 -52.52
N VAL K 392 19.00 29.37 -52.90
CA VAL K 392 18.43 28.17 -53.51
C VAL K 392 19.14 27.79 -54.80
N MET K 393 20.02 28.65 -55.30
CA MET K 393 20.79 28.35 -56.50
C MET K 393 21.72 27.17 -56.26
N SER K 394 22.03 26.46 -57.33
CA SER K 394 22.86 25.27 -57.24
C SER K 394 24.30 25.63 -56.89
N GLU K 395 25.06 24.62 -56.45
CA GLU K 395 26.46 24.83 -56.12
C GLU K 395 27.25 25.34 -57.32
N GLU K 396 26.88 24.92 -58.53
CA GLU K 396 27.53 25.44 -59.72
C GLU K 396 27.28 26.94 -59.86
N GLU K 397 26.04 27.38 -59.58
CA GLU K 397 25.77 28.81 -59.60
C GLU K 397 26.56 29.54 -58.52
N ARG K 398 26.72 28.92 -57.35
CA ARG K 398 27.41 29.57 -56.24
C ARG K 398 28.90 29.75 -56.53
N ILE K 399 29.56 28.69 -57.03
CA ILE K 399 30.99 28.85 -57.31
C ILE K 399 31.22 29.56 -58.64
N GLU K 400 30.20 29.68 -59.48
CA GLU K 400 30.31 30.53 -60.66
C GLU K 400 30.30 31.99 -60.27
N GLU K 401 29.49 32.36 -59.28
CA GLU K 401 29.43 33.73 -58.78
C GLU K 401 30.50 34.03 -57.74
N GLY K 402 31.35 33.05 -57.42
CA GLY K 402 32.40 33.27 -56.45
C GLY K 402 31.94 33.49 -55.03
N ILE K 403 30.97 32.72 -54.56
CA ILE K 403 30.47 32.82 -53.20
C ILE K 403 31.04 31.65 -52.40
N PRO K 404 32.03 31.88 -51.55
CA PRO K 404 32.54 30.79 -50.72
C PRO K 404 31.57 30.41 -49.61
N SER K 405 31.77 29.22 -49.08
CA SER K 405 30.96 28.71 -47.99
C SER K 405 31.81 28.52 -46.74
N LEU K 406 31.20 28.70 -45.60
CA LEU K 406 31.89 28.51 -44.34
C LEU K 406 32.15 27.02 -44.11
N PRO K 407 33.15 26.69 -43.29
CA PRO K 407 33.46 25.27 -43.07
C PRO K 407 32.27 24.50 -42.51
N ALA K 408 32.13 23.25 -42.93
CA ALA K 408 30.98 22.45 -42.53
C ALA K 408 31.13 21.82 -41.16
N ASP K 409 32.33 21.77 -40.61
CA ASP K 409 32.54 21.19 -39.29
C ASP K 409 33.86 21.72 -38.73
N LEU K 410 34.18 21.29 -37.51
CA LEU K 410 35.36 21.81 -36.82
C LEU K 410 36.66 21.39 -37.52
N LYS K 411 36.67 20.22 -38.15
CA LYS K 411 37.88 19.73 -38.79
C LYS K 411 38.31 20.63 -39.95
N GLU K 412 37.36 21.00 -40.80
CA GLU K 412 37.68 21.90 -41.92
C GLU K 412 38.16 23.24 -41.40
N ALA K 413 37.53 23.76 -40.36
CA ALA K 413 37.95 25.03 -39.79
C ALA K 413 39.36 24.96 -39.25
N LEU K 414 39.71 23.85 -38.59
CA LEU K 414 41.06 23.68 -38.07
C LEU K 414 42.08 23.61 -39.19
N SER K 415 41.76 22.90 -40.27
CA SER K 415 42.68 22.83 -41.39
C SER K 415 42.90 24.20 -42.00
N GLU K 416 41.82 24.97 -42.18
CA GLU K 416 41.95 26.32 -42.71
C GLU K 416 42.75 27.21 -41.76
N LEU K 417 42.54 27.05 -40.45
CA LEU K 417 43.30 27.79 -39.46
C LEU K 417 44.79 27.52 -39.59
N ILE K 418 45.15 26.25 -39.73
CA ILE K 418 46.56 25.88 -39.88
C ILE K 418 47.14 26.48 -41.14
N ARG K 419 46.41 26.38 -42.25
CA ARG K 419 46.95 26.87 -43.53
C ARG K 419 47.04 28.39 -43.60
N SER K 420 46.38 29.11 -42.70
CA SER K 420 46.36 30.57 -42.78
C SER K 420 47.61 31.17 -42.15
N GLU K 421 48.18 32.16 -42.83
CA GLU K 421 49.37 32.85 -42.33
C GLU K 421 49.06 34.22 -41.76
N VAL K 422 47.84 34.71 -41.88
CA VAL K 422 47.50 36.05 -41.40
C VAL K 422 46.93 36.00 -39.99
N ILE K 423 45.87 35.24 -39.78
CA ILE K 423 45.25 35.22 -38.45
C ILE K 423 45.98 34.29 -37.51
N SER K 424 46.79 33.36 -38.03
CA SER K 424 47.70 32.61 -37.18
C SER K 424 48.74 33.53 -36.56
N ASP K 425 49.19 34.54 -37.31
CA ASP K 425 50.05 35.56 -36.74
C ASP K 425 49.32 36.38 -35.68
N ALA K 426 48.03 36.62 -35.89
CA ALA K 426 47.24 37.30 -34.87
C ALA K 426 47.20 36.50 -33.58
N LEU K 427 46.98 35.19 -33.70
CA LEU K 427 47.02 34.34 -32.52
C LEU K 427 48.42 34.28 -31.91
N GLY K 428 49.45 34.22 -32.74
CA GLY K 428 50.81 34.03 -32.28
C GLY K 428 51.17 32.56 -32.23
N ASP K 429 52.48 32.32 -32.14
CA ASP K 429 53.00 30.96 -32.21
C ASP K 429 52.59 30.09 -31.02
N HIS K 430 52.65 30.63 -29.80
CA HIS K 430 52.34 29.83 -28.63
C HIS K 430 50.87 29.48 -28.52
N ALA K 431 49.98 30.45 -28.70
CA ALA K 431 48.56 30.19 -28.53
C ALA K 431 48.01 29.32 -29.65
N LEU K 432 48.54 29.45 -30.86
CA LEU K 432 48.04 28.67 -31.99
C LEU K 432 48.22 27.18 -31.75
N ALA K 433 49.41 26.78 -31.30
CA ALA K 433 49.68 25.36 -31.10
C ALA K 433 48.76 24.76 -30.05
N TYR K 434 48.56 25.46 -28.93
CA TYR K 434 47.74 24.93 -27.86
C TYR K 434 46.25 24.93 -28.24
N PHE K 435 45.78 25.97 -28.94
CA PHE K 435 44.41 25.97 -29.41
C PHE K 435 44.18 24.82 -30.39
N TYR K 436 45.12 24.61 -31.30
CA TYR K 436 44.99 23.52 -32.26
C TYR K 436 44.98 22.16 -31.55
N GLU K 437 45.84 21.98 -30.55
CA GLU K 437 45.84 20.73 -29.81
C GLU K 437 44.52 20.50 -29.10
N LEU K 438 43.99 21.55 -28.44
CA LEU K 438 42.73 21.42 -27.73
C LEU K 438 41.61 21.03 -28.69
N LYS K 439 41.51 21.73 -29.81
CA LYS K 439 40.41 21.46 -30.73
C LYS K 439 40.57 20.12 -31.45
N GLU K 440 41.82 19.72 -31.74
CA GLU K 440 42.04 18.40 -32.32
C GLU K 440 41.62 17.30 -31.37
N ILE K 441 41.95 17.44 -30.08
CA ILE K 441 41.51 16.43 -29.11
C ILE K 441 40.00 16.41 -29.03
N GLU K 442 39.37 17.58 -28.99
CA GLU K 442 37.91 17.62 -28.91
C GLU K 442 37.27 16.94 -30.11
N TRP K 443 37.76 17.25 -31.31
CA TRP K 443 37.20 16.63 -32.51
C TRP K 443 37.44 15.13 -32.52
N ASP K 444 38.61 14.68 -32.09
CA ASP K 444 38.90 13.25 -32.07
C ASP K 444 37.97 12.51 -31.12
N MET K 445 37.72 13.09 -29.93
CA MET K 445 36.76 12.47 -29.03
C MET K 445 35.36 12.47 -29.60
N TYR K 446 34.99 13.53 -30.32
CA TYR K 446 33.63 13.61 -30.85
C TYR K 446 33.41 12.61 -31.99
N ARG K 447 34.39 12.47 -32.88
CA ARG K 447 34.16 11.73 -34.11
C ARG K 447 34.04 10.23 -33.90
N THR K 448 34.55 9.70 -32.79
CA THR K 448 34.51 8.27 -32.56
C THR K 448 33.31 7.83 -31.73
N GLN K 449 32.46 8.76 -31.32
CA GLN K 449 31.27 8.41 -30.55
C GLN K 449 30.21 7.78 -31.44
N VAL K 450 29.43 6.88 -30.86
CA VAL K 450 28.27 6.31 -31.52
C VAL K 450 27.04 6.95 -30.90
N HIS K 451 26.33 7.75 -31.68
CA HIS K 451 25.23 8.54 -31.17
C HIS K 451 23.91 7.77 -31.24
N GLN K 452 22.94 8.23 -30.46
CA GLN K 452 21.64 7.56 -30.41
C GLN K 452 20.94 7.61 -31.77
N TRP K 453 21.23 8.63 -32.57
CA TRP K 453 20.64 8.70 -33.90
C TRP K 453 21.05 7.51 -34.75
N GLU K 454 22.33 7.11 -34.67
CA GLU K 454 22.78 5.95 -35.42
C GLU K 454 22.09 4.67 -34.93
N ARG K 455 21.94 4.52 -33.62
CA ARG K 455 21.25 3.35 -33.10
C ARG K 455 19.77 3.36 -33.44
N ASP K 456 19.20 4.54 -33.71
CA ASP K 456 17.81 4.60 -34.15
C ASP K 456 17.66 4.24 -35.61
N GLN K 457 18.53 4.79 -36.48
CA GLN K 457 18.47 4.45 -37.90
C GLN K 457 18.86 3.00 -38.12
N TYR K 458 19.99 2.59 -37.59
CA TYR K 458 20.49 1.22 -37.72
C TYR K 458 20.07 0.39 -36.51
N LEU K 459 20.66 -0.78 -36.35
CA LEU K 459 20.42 -1.70 -35.23
C LEU K 459 19.07 -2.40 -35.35
N THR K 460 18.25 -1.95 -36.29
CA THR K 460 17.04 -2.67 -36.70
C THR K 460 17.02 -2.94 -38.19
N LEU K 461 17.31 -1.91 -39.00
CA LEU K 461 17.36 -2.08 -40.44
C LEU K 461 18.54 -2.97 -40.84
N TYR K 462 19.65 -2.88 -40.13
CA TYR K 462 20.78 -3.78 -40.34
C TYR K 462 20.97 -4.69 -39.14
N SER L 22 -36.69 57.67 2.46
CA SER L 22 -36.58 57.85 1.02
C SER L 22 -35.18 58.33 0.64
N TYR L 23 -34.99 58.64 -0.64
CA TYR L 23 -33.70 59.09 -1.14
C TYR L 23 -33.91 60.02 -2.32
N THR L 24 -32.90 60.84 -2.59
CA THR L 24 -32.85 61.71 -3.75
C THR L 24 -31.52 61.52 -4.47
N ARG L 25 -31.40 62.12 -5.65
CA ARG L 25 -30.17 62.03 -6.42
C ARG L 25 -28.98 62.50 -5.60
N GLU L 26 -29.10 63.67 -4.98
CA GLU L 26 -28.02 64.20 -4.17
C GLU L 26 -27.72 63.29 -2.99
N ASP L 27 -28.76 62.75 -2.36
CA ASP L 27 -28.55 61.80 -1.28
C ASP L 27 -27.79 60.57 -1.75
N ILE L 28 -28.17 60.01 -2.89
CA ILE L 28 -27.52 58.81 -3.39
C ILE L 28 -26.05 59.10 -3.67
N ILE L 29 -25.76 60.23 -4.31
CA ILE L 29 -24.37 60.60 -4.56
C ILE L 29 -23.62 60.78 -3.25
N ARG L 30 -24.28 61.35 -2.24
CA ARG L 30 -23.63 61.60 -0.96
C ARG L 30 -23.24 60.29 -0.28
N ILE L 31 -24.16 59.34 -0.18
CA ILE L 31 -23.80 58.06 0.41
C ILE L 31 -22.77 57.33 -0.44
N ALA L 32 -22.88 57.40 -1.77
CA ALA L 32 -21.92 56.70 -2.62
C ALA L 32 -20.51 57.21 -2.39
N GLU L 33 -20.34 58.54 -2.29
CA GLU L 33 -19.04 59.09 -1.97
C GLU L 33 -18.61 58.74 -0.55
N GLU L 34 -19.54 58.81 0.40
CA GLU L 34 -19.20 58.58 1.80
C GLU L 34 -18.89 57.11 2.06
N GLU L 35 -19.71 56.20 1.56
CA GLU L 35 -19.57 54.78 1.83
C GLU L 35 -18.45 54.12 1.04
N ASN L 36 -17.78 54.88 0.16
CA ASN L 36 -16.75 54.34 -0.73
C ASN L 36 -17.31 53.22 -1.59
N VAL L 37 -18.48 53.47 -2.18
CA VAL L 37 -19.08 52.54 -3.12
C VAL L 37 -18.33 52.60 -4.43
N ARG L 38 -17.85 51.46 -4.92
CA ARG L 38 -17.11 51.39 -6.16
C ARG L 38 -17.92 50.82 -7.31
N PHE L 39 -18.94 50.01 -7.03
CA PHE L 39 -19.67 49.29 -8.06
C PHE L 39 -21.14 49.31 -7.72
N ILE L 40 -21.98 49.50 -8.74
CA ILE L 40 -23.42 49.61 -8.56
C ILE L 40 -24.10 48.60 -9.47
N ARG L 41 -25.05 47.85 -8.92
CA ARG L 41 -25.82 46.87 -9.66
C ARG L 41 -27.18 47.47 -10.03
N LEU L 42 -27.43 47.61 -11.32
CA LEU L 42 -28.73 48.06 -11.80
C LEU L 42 -29.60 46.82 -12.02
N GLN L 43 -30.34 46.45 -10.99
CA GLN L 43 -31.06 45.18 -10.97
C GLN L 43 -32.41 45.29 -11.66
N PHE L 44 -32.80 44.22 -12.34
CA PHE L 44 -34.13 44.07 -12.90
C PHE L 44 -34.47 42.59 -12.91
N THR L 45 -35.69 42.27 -13.31
CA THR L 45 -36.19 40.90 -13.27
C THR L 45 -36.74 40.50 -14.63
N ASP L 46 -36.52 39.25 -15.02
CA ASP L 46 -37.05 38.72 -16.26
C ASP L 46 -38.38 38.04 -16.00
N LEU L 47 -38.98 37.48 -17.06
CA LEU L 47 -40.29 36.87 -16.94
C LEU L 47 -40.28 35.62 -16.07
N LEU L 48 -39.13 34.99 -15.88
CA LEU L 48 -39.03 33.79 -15.06
C LEU L 48 -38.69 34.09 -13.60
N GLY L 49 -38.59 35.37 -13.23
CA GLY L 49 -38.30 35.74 -11.87
C GLY L 49 -36.83 35.78 -11.52
N THR L 50 -35.94 35.43 -12.44
CA THR L 50 -34.51 35.48 -12.17
C THR L 50 -34.07 36.93 -12.04
N ILE L 51 -33.13 37.17 -11.13
CA ILE L 51 -32.61 38.52 -10.92
C ILE L 51 -31.48 38.76 -11.92
N LYS L 52 -31.66 39.77 -12.77
CA LYS L 52 -30.65 40.19 -13.71
C LYS L 52 -30.16 41.59 -13.36
N ASN L 53 -28.96 41.93 -13.82
CA ASN L 53 -28.38 43.22 -13.49
C ASN L 53 -27.40 43.67 -14.56
N VAL L 54 -27.09 44.97 -14.52
CA VAL L 54 -26.03 45.56 -15.31
C VAL L 54 -25.06 46.21 -14.33
N GLU L 55 -23.84 45.68 -14.25
CA GLU L 55 -22.85 46.22 -13.34
C GLU L 55 -22.37 47.58 -13.83
N ILE L 56 -22.15 48.50 -12.89
CA ILE L 56 -21.84 49.88 -13.23
C ILE L 56 -20.76 50.40 -12.30
N PRO L 57 -19.70 51.03 -12.83
CA PRO L 57 -18.74 51.70 -11.96
C PRO L 57 -19.32 52.97 -11.38
N VAL L 58 -18.82 53.36 -10.22
CA VAL L 58 -19.39 54.52 -9.51
C VAL L 58 -19.28 55.80 -10.32
N SER L 59 -18.33 55.87 -11.26
CA SER L 59 -18.21 57.04 -12.11
C SER L 59 -19.38 57.20 -13.07
N GLN L 60 -20.20 56.17 -13.24
CA GLN L 60 -21.37 56.24 -14.10
C GLN L 60 -22.66 56.45 -13.32
N LEU L 61 -22.57 56.78 -12.04
CA LEU L 61 -23.76 56.88 -11.21
C LEU L 61 -24.67 58.01 -11.67
N GLU L 62 -24.10 59.16 -12.02
CA GLU L 62 -24.92 60.28 -12.49
C GLU L 62 -25.62 59.94 -13.80
N LYS L 63 -24.89 59.29 -14.72
CA LYS L 63 -25.51 58.86 -15.97
C LYS L 63 -26.64 57.88 -15.71
N ALA L 64 -26.45 56.95 -14.77
CA ALA L 64 -27.51 56.02 -14.43
C ALA L 64 -28.73 56.74 -13.84
N LEU L 65 -28.48 57.68 -12.93
CA LEU L 65 -29.55 58.43 -12.29
C LEU L 65 -30.26 59.36 -13.26
N ASP L 66 -29.65 59.69 -14.39
CA ASP L 66 -30.31 60.49 -15.42
C ASP L 66 -31.14 59.65 -16.38
N ASN L 67 -31.28 58.35 -16.10
CA ASN L 67 -32.08 57.43 -16.93
C ASN L 67 -31.57 57.40 -18.37
N LYS L 68 -30.27 57.17 -18.51
CA LYS L 68 -29.64 57.17 -19.83
C LYS L 68 -28.88 55.90 -20.16
N MET L 69 -28.83 54.93 -19.25
CA MET L 69 -28.17 53.66 -19.56
C MET L 69 -29.04 52.81 -20.45
N MET L 70 -28.44 52.26 -21.51
CA MET L 70 -29.10 51.38 -22.44
C MET L 70 -28.55 49.96 -22.28
N PHE L 71 -29.42 48.97 -22.54
CA PHE L 71 -29.02 47.58 -22.51
C PHE L 71 -29.91 46.82 -23.48
N ASP L 72 -29.74 45.50 -23.52
CA ASP L 72 -30.45 44.69 -24.51
C ASP L 72 -31.96 44.78 -24.34
N GLY L 73 -32.45 44.51 -23.13
CA GLY L 73 -33.88 44.54 -22.90
C GLY L 73 -34.57 43.28 -23.38
N SER L 74 -34.04 42.65 -24.42
CA SER L 74 -34.54 41.35 -24.86
C SER L 74 -34.18 40.24 -23.89
N SER L 75 -33.29 40.50 -22.93
CA SER L 75 -32.97 39.52 -21.90
C SER L 75 -34.15 39.23 -20.98
N ILE L 76 -35.19 40.05 -21.01
CA ILE L 76 -36.39 39.77 -20.24
C ILE L 76 -37.06 38.50 -20.75
N GLU L 77 -37.03 38.28 -22.06
CA GLU L 77 -37.72 37.13 -22.65
C GLU L 77 -37.07 35.80 -22.29
N GLY L 78 -35.87 35.80 -21.73
CA GLY L 78 -35.23 34.55 -21.35
C GLY L 78 -34.52 33.88 -22.50
N TYR L 79 -34.67 32.56 -22.61
CA TYR L 79 -34.02 31.81 -23.68
C TYR L 79 -34.85 31.76 -24.96
N VAL L 80 -36.00 32.42 -25.00
CA VAL L 80 -36.80 32.49 -26.21
C VAL L 80 -36.68 33.84 -26.90
N ARG L 81 -35.72 34.67 -26.47
CA ARG L 81 -35.51 35.96 -27.13
C ARG L 81 -35.07 35.75 -28.57
N ILE L 82 -35.62 36.55 -29.47
CA ILE L 82 -35.41 36.37 -30.90
C ILE L 82 -34.58 37.50 -31.51
N GLU L 83 -34.77 38.73 -31.05
CA GLU L 83 -34.04 39.86 -31.61
C GLU L 83 -33.59 40.79 -30.49
N GLU L 84 -32.42 41.38 -30.66
CA GLU L 84 -31.88 42.32 -29.70
C GLU L 84 -32.57 43.66 -29.84
N SER L 85 -33.02 44.22 -28.73
CA SER L 85 -33.64 45.53 -28.69
C SER L 85 -32.73 46.50 -27.95
N ASP L 86 -33.21 47.73 -27.79
CA ASP L 86 -32.54 48.75 -27.00
C ASP L 86 -33.53 49.33 -26.01
N MET L 87 -33.14 49.38 -24.74
CA MET L 87 -34.08 49.82 -23.71
C MET L 87 -33.31 50.53 -22.61
N TYR L 88 -33.98 51.45 -21.93
CA TYR L 88 -33.37 52.27 -20.90
C TYR L 88 -33.72 51.73 -19.52
N LEU L 89 -32.77 51.89 -18.59
CA LEU L 89 -32.97 51.53 -17.20
C LEU L 89 -33.32 52.79 -16.41
N TYR L 90 -34.47 52.77 -15.74
CA TYR L 90 -34.94 53.88 -14.92
C TYR L 90 -34.84 53.47 -13.46
N PRO L 91 -33.74 53.77 -12.77
CA PRO L 91 -33.58 53.30 -11.40
C PRO L 91 -34.61 53.91 -10.46
N ASP L 92 -35.00 53.13 -9.45
CA ASP L 92 -35.89 53.58 -8.39
C ASP L 92 -35.04 53.96 -7.21
N LEU L 93 -35.02 55.25 -6.88
CA LEU L 93 -34.11 55.76 -5.86
C LEU L 93 -34.42 55.20 -4.49
N ASP L 94 -35.68 54.84 -4.23
CA ASP L 94 -36.08 54.32 -2.93
C ASP L 94 -35.55 52.91 -2.68
N THR L 95 -35.06 52.23 -3.70
CA THR L 95 -34.58 50.86 -3.57
C THR L 95 -33.08 50.79 -3.31
N TRP L 96 -32.43 51.94 -3.13
CA TRP L 96 -30.99 51.96 -2.90
C TRP L 96 -30.63 51.23 -1.61
N VAL L 97 -29.58 50.42 -1.67
CA VAL L 97 -29.06 49.73 -0.49
C VAL L 97 -27.64 49.31 -0.80
N VAL L 98 -26.82 49.19 0.25
CA VAL L 98 -25.42 48.81 0.13
C VAL L 98 -25.24 47.44 0.78
N PHE L 99 -24.68 46.50 0.03
CA PHE L 99 -24.51 45.15 0.54
C PHE L 99 -23.46 45.12 1.64
N PRO L 100 -23.67 44.34 2.71
CA PRO L 100 -22.71 44.36 3.83
C PRO L 100 -21.52 43.44 3.62
N TRP L 101 -21.66 42.42 2.79
CA TRP L 101 -20.58 41.45 2.60
C TRP L 101 -19.53 41.93 1.61
N VAL L 102 -19.71 43.10 0.99
CA VAL L 102 -18.75 43.59 0.01
C VAL L 102 -17.41 43.88 0.67
N THR L 103 -17.44 44.36 1.92
CA THR L 103 -16.23 44.62 2.72
C THR L 103 -15.30 45.62 2.05
N SER L 104 -14.30 45.13 1.33
CA SER L 104 -13.26 46.00 0.77
C SER L 104 -13.82 47.00 -0.22
N ASP L 105 -14.35 46.53 -1.35
CA ASP L 105 -14.95 47.40 -2.35
C ASP L 105 -16.46 47.33 -2.22
N ARG L 106 -17.05 48.40 -1.72
CA ARG L 106 -18.49 48.40 -1.45
C ARG L 106 -19.27 48.30 -2.75
N VAL L 107 -20.31 47.47 -2.74
CA VAL L 107 -21.19 47.30 -3.88
C VAL L 107 -22.60 47.68 -3.45
N ALA L 108 -23.25 48.54 -4.23
CA ALA L 108 -24.62 48.93 -3.99
C ALA L 108 -25.50 48.44 -5.13
N ARG L 109 -26.81 48.59 -4.96
CA ARG L 109 -27.75 48.15 -5.97
C ARG L 109 -28.89 49.16 -6.10
N LEU L 110 -29.50 49.17 -7.26
CA LEU L 110 -30.71 49.92 -7.52
C LEU L 110 -31.63 49.07 -8.39
N ILE L 111 -32.91 49.05 -8.05
CA ILE L 111 -33.91 48.32 -8.83
C ILE L 111 -34.49 49.27 -9.86
N CYS L 112 -34.42 48.88 -11.12
CA CYS L 112 -34.75 49.77 -12.23
C CYS L 112 -35.96 49.25 -12.99
N ASP L 113 -36.69 50.18 -13.61
CA ASP L 113 -37.76 49.87 -14.54
C ASP L 113 -37.23 49.97 -15.97
N ILE L 114 -37.86 49.22 -16.86
CA ILE L 114 -37.43 49.14 -18.25
C ILE L 114 -38.33 50.05 -19.09
N TYR L 115 -37.71 50.93 -19.85
CA TYR L 115 -38.42 51.89 -20.68
C TYR L 115 -37.97 51.78 -22.12
N LYS L 116 -38.91 51.90 -23.05
CA LYS L 116 -38.58 51.93 -24.46
C LYS L 116 -37.88 53.24 -24.80
N PRO L 117 -37.11 53.27 -25.88
CA PRO L 117 -36.41 54.52 -26.24
C PRO L 117 -37.36 55.69 -26.50
N ASP L 118 -38.59 55.42 -26.92
CA ASP L 118 -39.53 56.52 -27.17
C ASP L 118 -39.96 57.20 -25.88
N GLY L 119 -39.81 56.53 -24.75
CA GLY L 119 -40.14 57.12 -23.47
C GLY L 119 -41.21 56.37 -22.70
N SER L 120 -41.95 55.52 -23.39
CA SER L 120 -42.99 54.75 -22.73
C SER L 120 -42.40 53.53 -22.04
N PRO L 121 -43.01 53.08 -20.94
CA PRO L 121 -42.51 51.88 -20.27
C PRO L 121 -42.67 50.64 -21.13
N PHE L 122 -41.75 49.70 -20.95
CA PHE L 122 -41.80 48.45 -21.70
C PHE L 122 -42.95 47.59 -21.18
N ALA L 123 -43.76 47.09 -22.11
CA ALA L 123 -44.92 46.29 -21.74
C ALA L 123 -44.55 44.91 -21.21
N GLY L 124 -43.34 44.43 -21.50
CA GLY L 124 -42.92 43.12 -21.05
C GLY L 124 -42.20 43.08 -19.72
N ASP L 125 -42.09 44.21 -19.03
CA ASP L 125 -41.38 44.26 -17.76
C ASP L 125 -42.33 43.86 -16.64
N PRO L 126 -42.01 42.81 -15.86
CA PRO L 126 -42.94 42.40 -14.79
C PRO L 126 -43.24 43.49 -13.77
N ARG L 127 -42.23 44.29 -13.40
CA ARG L 127 -42.46 45.39 -12.48
C ARG L 127 -43.42 46.41 -13.08
N GLY L 128 -43.27 46.69 -14.37
CA GLY L 128 -44.21 47.57 -15.04
C GLY L 128 -45.60 46.99 -15.11
N ILE L 129 -45.70 45.67 -15.27
CA ILE L 129 -47.00 45.00 -15.28
C ILE L 129 -47.70 45.18 -13.94
N LEU L 130 -46.96 44.95 -12.85
CA LEU L 130 -47.55 45.13 -11.53
C LEU L 130 -47.92 46.59 -11.28
N LYS L 131 -47.09 47.52 -11.75
CA LYS L 131 -47.42 48.93 -11.60
C LYS L 131 -48.68 49.30 -12.37
N ARG L 132 -48.84 48.76 -13.58
CA ARG L 132 -50.03 49.03 -14.36
C ARG L 132 -51.28 48.47 -13.70
N VAL L 133 -51.19 47.26 -13.16
CA VAL L 133 -52.35 46.69 -12.46
C VAL L 133 -52.68 47.51 -11.21
N LEU L 134 -51.66 47.97 -10.49
CA LEU L 134 -51.90 48.83 -9.33
C LEU L 134 -52.54 50.15 -9.76
N LYS L 135 -52.14 50.67 -10.92
CA LYS L 135 -52.73 51.91 -11.42
C LYS L 135 -54.21 51.73 -11.75
N GLU L 136 -54.56 50.64 -12.43
CA GLU L 136 -55.97 50.43 -12.72
C GLU L 136 -56.75 50.05 -11.46
N ALA L 137 -56.07 49.57 -10.41
CA ALA L 137 -56.73 49.44 -9.12
C ALA L 137 -57.01 50.81 -8.51
N GLU L 138 -56.02 51.72 -8.55
CA GLU L 138 -56.21 53.07 -8.06
C GLU L 138 -57.34 53.78 -8.80
N GLU L 139 -57.53 53.45 -10.08
CA GLU L 139 -58.65 54.01 -10.83
C GLU L 139 -60.00 53.64 -10.23
N LEU L 140 -60.07 52.60 -9.41
CA LEU L 140 -61.30 52.22 -8.71
C LEU L 140 -61.37 52.78 -7.30
N GLY L 141 -60.36 53.55 -6.88
CA GLY L 141 -60.37 54.16 -5.57
C GLY L 141 -59.53 53.46 -4.53
N TYR L 142 -58.85 52.37 -4.87
CA TYR L 142 -58.01 51.64 -3.92
C TYR L 142 -56.59 52.18 -4.02
N THR L 143 -56.17 52.93 -2.99
CA THR L 143 -54.90 53.64 -3.06
C THR L 143 -53.72 52.67 -3.05
N SER L 144 -53.81 51.60 -2.27
CA SER L 144 -52.70 50.67 -2.14
C SER L 144 -53.20 49.26 -1.90
N MET L 145 -52.34 48.29 -2.19
CA MET L 145 -52.58 46.88 -1.90
C MET L 145 -51.48 46.42 -0.96
N ASN L 146 -51.85 46.08 0.27
CA ASN L 146 -50.89 45.70 1.31
C ASN L 146 -50.67 44.20 1.25
N VAL L 147 -49.42 43.78 1.11
CA VAL L 147 -49.07 42.39 0.84
C VAL L 147 -48.03 41.93 1.86
N GLY L 148 -48.27 40.77 2.47
CA GLY L 148 -47.28 40.12 3.28
C GLY L 148 -47.07 38.67 2.87
N PRO L 149 -45.89 38.37 2.34
CA PRO L 149 -45.60 37.01 1.90
C PRO L 149 -44.96 36.16 2.98
N GLU L 150 -45.04 34.85 2.78
CA GLU L 150 -44.48 33.86 3.71
C GLU L 150 -43.64 32.85 2.94
N PRO L 151 -42.48 33.26 2.45
CA PRO L 151 -41.65 32.33 1.67
C PRO L 151 -40.88 31.36 2.56
N GLU L 152 -40.83 30.11 2.13
CA GLU L 152 -40.13 29.06 2.84
C GLU L 152 -39.03 28.49 1.96
N PHE L 153 -37.97 27.99 2.58
CA PHE L 153 -36.82 27.49 1.84
C PHE L 153 -36.22 26.30 2.57
N PHE L 154 -35.45 25.52 1.84
CA PHE L 154 -34.73 24.36 2.37
C PHE L 154 -33.24 24.65 2.40
N LEU L 155 -32.56 24.05 3.37
CA LEU L 155 -31.11 24.14 3.48
C LEU L 155 -30.52 22.75 3.27
N PHE L 156 -29.59 22.63 2.32
CA PHE L 156 -28.94 21.38 2.01
C PHE L 156 -27.44 21.50 2.28
N LYS L 157 -26.85 20.39 2.71
CA LYS L 157 -25.41 20.33 2.89
C LYS L 157 -24.73 20.19 1.53
N THR L 158 -23.57 20.81 1.39
CA THR L 158 -22.80 20.77 0.16
C THR L 158 -21.68 19.73 0.26
N ASP L 159 -21.09 19.42 -0.88
CA ASP L 159 -19.96 18.51 -0.95
C ASP L 159 -18.67 19.31 -1.06
N GLU L 160 -17.56 18.60 -1.29
CA GLU L 160 -16.27 19.27 -1.40
C GLU L 160 -16.24 20.21 -2.59
N LYS L 161 -16.83 19.81 -3.72
CA LYS L 161 -16.88 20.66 -4.90
C LYS L 161 -17.82 21.85 -4.74
N GLY L 162 -18.62 21.88 -3.66
CA GLY L 162 -19.55 22.96 -3.46
C GLY L 162 -20.90 22.78 -4.10
N ASP L 163 -21.30 21.54 -4.39
CA ASP L 163 -22.59 21.27 -4.99
C ASP L 163 -23.55 20.70 -3.96
N PRO L 164 -24.84 20.98 -4.07
CA PRO L 164 -25.79 20.49 -3.07
C PRO L 164 -25.92 18.97 -3.11
N THR L 165 -25.94 18.36 -1.92
CA THR L 165 -26.21 16.95 -1.79
C THR L 165 -27.69 16.75 -1.54
N THR L 166 -28.09 15.53 -1.17
CA THR L 166 -29.48 15.22 -0.87
C THR L 166 -29.77 15.18 0.62
N GLU L 167 -28.82 15.59 1.45
CA GLU L 167 -28.95 15.52 2.89
C GLU L 167 -29.30 16.89 3.45
N LEU L 168 -30.33 16.96 4.29
CA LEU L 168 -30.74 18.20 4.90
C LEU L 168 -29.73 18.63 5.97
N ASN L 169 -29.75 19.93 6.28
CA ASN L 169 -28.81 20.46 7.27
C ASN L 169 -29.19 20.04 8.68
N ASP L 170 -30.45 19.72 8.92
CA ASP L 170 -30.89 19.29 10.24
C ASP L 170 -32.08 18.36 10.07
N GLN L 171 -32.67 17.96 11.21
CA GLN L 171 -33.82 17.06 11.22
C GLN L 171 -34.88 17.57 12.18
N GLY L 172 -35.05 18.89 12.23
CA GLY L 172 -36.02 19.48 13.13
C GLY L 172 -37.43 19.41 12.60
N GLY L 173 -38.36 19.83 13.46
CA GLY L 173 -39.77 19.81 13.11
C GLY L 173 -40.43 21.16 13.18
N TYR L 174 -41.75 21.18 13.30
CA TYR L 174 -42.51 22.43 13.31
C TYR L 174 -42.21 23.21 14.58
N PHE L 175 -41.70 24.44 14.41
CA PHE L 175 -41.39 25.34 15.52
C PHE L 175 -40.37 24.74 16.48
N ASP L 176 -39.51 23.85 16.00
CA ASP L 176 -38.55 23.21 16.88
C ASP L 176 -37.46 24.19 17.32
N LEU L 177 -36.73 23.80 18.35
CA LEU L 177 -35.70 24.65 18.96
C LEU L 177 -34.44 23.81 19.19
N ALA L 178 -33.45 24.01 18.33
CA ALA L 178 -32.15 23.37 18.47
C ALA L 178 -31.06 24.44 18.35
N PRO L 179 -30.75 25.12 19.45
CA PRO L 179 -29.92 26.33 19.39
C PRO L 179 -28.51 26.12 18.86
N MET L 180 -27.96 24.92 19.03
CA MET L 180 -26.54 24.71 18.77
C MET L 180 -26.16 24.95 17.31
N ASP L 181 -26.61 24.07 16.41
CA ASP L 181 -26.27 24.23 15.00
C ASP L 181 -27.40 23.80 14.08
N LEU L 182 -28.55 23.42 14.63
CA LEU L 182 -29.61 22.78 13.85
C LEU L 182 -30.84 23.67 13.75
N GLY L 183 -31.41 24.11 14.87
CA GLY L 183 -32.64 24.88 14.86
C GLY L 183 -32.53 26.18 14.11
N GLU L 184 -31.71 27.10 14.62
CA GLU L 184 -31.47 28.36 13.91
C GLU L 184 -30.41 28.19 12.83
N ASN L 185 -29.18 27.85 13.24
CA ASN L 185 -28.07 27.65 12.32
C ASN L 185 -27.87 28.88 11.43
N CYS L 186 -28.05 28.70 10.12
CA CYS L 186 -27.91 29.78 9.15
C CYS L 186 -29.25 30.47 8.91
N ARG L 187 -29.88 30.85 10.00
CA ARG L 187 -31.12 31.62 9.96
C ARG L 187 -31.03 32.88 10.80
N ARG L 188 -30.29 32.84 11.89
CA ARG L 188 -30.09 34.03 12.72
C ARG L 188 -29.30 35.10 11.97
N GLU L 189 -28.22 34.69 11.28
CA GLU L 189 -27.41 35.65 10.55
C GLU L 189 -28.15 36.21 9.35
N ILE L 190 -29.01 35.41 8.72
CA ILE L 190 -29.83 35.93 7.62
C ILE L 190 -30.73 37.04 8.12
N VAL L 191 -31.38 36.82 9.27
CA VAL L 191 -32.26 37.83 9.84
C VAL L 191 -31.46 39.08 10.20
N LEU L 192 -30.28 38.89 10.78
CA LEU L 192 -29.46 40.03 11.16
C LEU L 192 -29.05 40.85 9.93
N LYS L 193 -28.61 40.18 8.87
CA LYS L 193 -28.20 40.88 7.66
C LYS L 193 -29.38 41.59 7.00
N LEU L 194 -30.55 40.95 6.97
CA LEU L 194 -31.73 41.61 6.43
C LEU L 194 -32.11 42.82 7.26
N GLU L 195 -32.01 42.71 8.58
CA GLU L 195 -32.31 43.85 9.45
C GLU L 195 -31.36 45.01 9.16
N GLU L 196 -30.07 44.71 8.97
CA GLU L 196 -29.13 45.77 8.61
C GLU L 196 -29.45 46.35 7.23
N MET L 197 -30.03 45.56 6.34
CA MET L 197 -30.38 46.01 5.00
C MET L 197 -31.59 46.93 4.98
N GLY L 198 -32.29 47.10 6.09
CA GLY L 198 -33.51 47.86 6.11
C GLY L 198 -34.78 47.06 6.05
N PHE L 199 -34.69 45.74 6.18
CA PHE L 199 -35.88 44.90 6.22
C PHE L 199 -36.56 45.02 7.57
N GLU L 200 -37.85 44.74 7.59
CA GLU L 200 -38.65 44.70 8.82
C GLU L 200 -39.10 43.25 9.01
N ILE L 201 -38.33 42.50 9.78
CA ILE L 201 -38.58 41.08 9.99
C ILE L 201 -39.57 40.90 11.13
N GLU L 202 -40.59 40.08 10.92
CA GLU L 202 -41.58 39.80 11.95
C GLU L 202 -41.13 38.67 12.87
N ALA L 203 -40.90 37.49 12.32
CA ALA L 203 -40.49 36.34 13.12
C ALA L 203 -39.91 35.28 12.20
N SER L 204 -39.17 34.34 12.79
CA SER L 204 -38.62 33.21 12.07
C SER L 204 -38.82 31.95 12.89
N HIS L 205 -38.97 30.83 12.20
CA HIS L 205 -39.19 29.56 12.88
C HIS L 205 -38.81 28.42 11.95
N HIS L 206 -38.66 27.24 12.54
CA HIS L 206 -38.43 26.03 11.76
C HIS L 206 -39.73 25.54 11.17
N GLU L 207 -39.67 25.07 9.93
CA GLU L 207 -40.85 24.64 9.22
C GLU L 207 -41.13 23.16 9.51
N VAL L 208 -42.20 22.64 8.90
CA VAL L 208 -42.63 21.27 9.19
C VAL L 208 -41.59 20.27 8.72
N ALA L 209 -41.16 20.37 7.48
CA ALA L 209 -40.23 19.41 6.94
C ALA L 209 -38.82 19.62 7.51
N PRO L 210 -38.04 18.56 7.64
CA PRO L 210 -36.65 18.72 8.10
C PRO L 210 -35.86 19.61 7.17
N GLY L 211 -35.04 20.48 7.76
CA GLY L 211 -34.22 21.38 6.97
C GLY L 211 -34.95 22.54 6.34
N GLN L 212 -36.22 22.76 6.69
CA GLN L 212 -37.04 23.79 6.09
C GLN L 212 -37.24 24.93 7.09
N HIS L 213 -37.08 26.16 6.63
CA HIS L 213 -37.17 27.33 7.49
C HIS L 213 -38.04 28.39 6.83
N GLU L 214 -38.58 29.27 7.66
CA GLU L 214 -39.42 30.36 7.20
C GLU L 214 -39.06 31.63 7.94
N ILE L 215 -38.97 32.74 7.21
CA ILE L 215 -38.76 34.06 7.78
C ILE L 215 -39.84 34.99 7.22
N ASP L 216 -40.55 35.66 8.11
CA ASP L 216 -41.66 36.53 7.74
C ASP L 216 -41.26 37.98 7.86
N PHE L 217 -41.72 38.80 6.90
CA PHE L 217 -41.50 40.23 6.94
C PHE L 217 -42.79 40.93 7.37
N LYS L 218 -42.64 42.18 7.79
CA LYS L 218 -43.81 43.02 8.00
C LYS L 218 -44.42 43.40 6.66
N TYR L 219 -45.71 43.73 6.70
CA TYR L 219 -46.44 43.98 5.47
C TYR L 219 -45.99 45.30 4.83
N ALA L 220 -46.01 45.33 3.51
CA ALA L 220 -45.61 46.50 2.75
C ALA L 220 -46.47 46.59 1.50
N ASP L 221 -46.29 47.66 0.73
CA ASP L 221 -47.00 47.79 -0.52
C ASP L 221 -46.50 46.76 -1.53
N ALA L 222 -47.31 46.55 -2.57
CA ALA L 222 -47.10 45.40 -3.45
C ALA L 222 -45.73 45.44 -4.13
N VAL L 223 -45.38 46.60 -4.71
CA VAL L 223 -44.09 46.71 -5.38
C VAL L 223 -42.95 46.51 -4.41
N LYS L 224 -43.04 47.14 -3.24
CA LYS L 224 -42.02 46.96 -2.21
C LYS L 224 -41.97 45.51 -1.74
N ALA L 225 -43.13 44.87 -1.63
CA ALA L 225 -43.16 43.48 -1.21
C ALA L 225 -42.44 42.58 -2.20
N ALA L 226 -42.68 42.78 -3.50
CA ALA L 226 -42.01 41.98 -4.51
C ALA L 226 -40.51 42.24 -4.53
N ASP L 227 -40.11 43.51 -4.42
CA ASP L 227 -38.69 43.83 -4.35
C ASP L 227 -38.05 43.16 -3.14
N GLN L 228 -38.73 43.17 -2.00
CA GLN L 228 -38.22 42.53 -0.81
C GLN L 228 -38.12 41.03 -0.98
N ILE L 229 -39.07 40.42 -1.70
CA ILE L 229 -38.99 38.98 -1.94
C ILE L 229 -37.76 38.65 -2.77
N GLN L 230 -37.51 39.42 -3.82
CA GLN L 230 -36.33 39.19 -4.66
C GLN L 230 -35.05 39.35 -3.85
N THR L 231 -34.95 40.45 -3.09
CA THR L 231 -33.77 40.69 -2.28
C THR L 231 -33.60 39.61 -1.22
N PHE L 232 -34.70 39.16 -0.62
CA PHE L 232 -34.65 38.12 0.40
C PHE L 232 -34.11 36.82 -0.18
N LYS L 233 -34.58 36.43 -1.36
CA LYS L 233 -34.07 35.22 -1.98
C LYS L 233 -32.57 35.34 -2.25
N LEU L 234 -32.14 36.48 -2.79
CA LEU L 234 -30.72 36.66 -3.08
C LEU L 234 -29.89 36.61 -1.81
N VAL L 235 -30.34 37.28 -0.75
CA VAL L 235 -29.58 37.34 0.50
C VAL L 235 -29.53 35.96 1.16
N VAL L 236 -30.64 35.24 1.17
CA VAL L 236 -30.65 33.91 1.78
C VAL L 236 -29.70 33.00 1.05
N LYS L 237 -29.71 33.03 -0.29
CA LYS L 237 -28.79 32.20 -1.05
C LYS L 237 -27.34 32.55 -0.75
N THR L 238 -27.01 33.84 -0.72
CA THR L 238 -25.63 34.26 -0.47
C THR L 238 -25.17 33.82 0.93
N ILE L 239 -25.98 34.08 1.95
CA ILE L 239 -25.58 33.76 3.31
C ILE L 239 -25.46 32.25 3.49
N ALA L 240 -26.38 31.49 2.91
CA ALA L 240 -26.28 30.03 3.00
C ALA L 240 -25.00 29.54 2.32
N ARG L 241 -24.65 30.11 1.17
CA ARG L 241 -23.39 29.74 0.53
C ARG L 241 -22.20 30.09 1.40
N GLN L 242 -22.29 31.19 2.16
CA GLN L 242 -21.20 31.56 3.06
C GLN L 242 -20.97 30.51 4.13
N HIS L 243 -22.04 29.94 4.67
CA HIS L 243 -21.95 28.95 5.74
C HIS L 243 -21.72 27.54 5.22
N GLY L 244 -21.33 27.39 3.96
CA GLY L 244 -21.14 26.06 3.41
C GLY L 244 -22.41 25.26 3.27
N LEU L 245 -23.53 25.92 2.97
CA LEU L 245 -24.81 25.27 2.78
C LEU L 245 -25.37 25.69 1.42
N HIS L 246 -26.48 25.06 1.04
CA HIS L 246 -27.19 25.40 -0.18
C HIS L 246 -28.63 25.69 0.16
N ALA L 247 -29.10 26.88 -0.19
CA ALA L 247 -30.48 27.28 0.01
C ALA L 247 -31.23 27.20 -1.29
N THR L 248 -32.40 26.56 -1.28
CA THR L 248 -33.21 26.42 -2.46
C THR L 248 -34.64 26.82 -2.16
N PHE L 249 -35.30 27.44 -3.15
CA PHE L 249 -36.72 27.75 -3.08
C PHE L 249 -37.52 26.85 -4.02
N MET L 250 -37.02 25.64 -4.25
CA MET L 250 -37.74 24.67 -5.05
C MET L 250 -39.08 24.34 -4.39
N PRO L 251 -40.18 24.30 -5.15
CA PRO L 251 -41.47 23.98 -4.54
C PRO L 251 -41.51 22.63 -3.85
N LYS L 252 -40.84 21.61 -4.40
CA LYS L 252 -40.87 20.26 -3.85
C LYS L 252 -39.53 19.60 -4.13
N PRO L 253 -38.50 19.90 -3.33
CA PRO L 253 -37.19 19.30 -3.60
C PRO L 253 -37.11 17.82 -3.30
N LEU L 254 -37.94 17.30 -2.41
CA LEU L 254 -37.91 15.89 -2.02
C LEU L 254 -39.30 15.31 -2.01
N PHE L 255 -39.39 14.03 -2.35
CA PHE L 255 -40.65 13.33 -2.33
C PHE L 255 -40.97 12.83 -0.94
N GLY L 256 -42.24 12.93 -0.55
CA GLY L 256 -42.70 12.43 0.72
C GLY L 256 -42.62 13.39 1.88
N VAL L 257 -42.05 14.57 1.68
CA VAL L 257 -41.97 15.60 2.71
C VAL L 257 -42.72 16.83 2.23
N ASN L 258 -42.94 17.75 3.15
CA ASN L 258 -43.65 18.99 2.83
C ASN L 258 -42.87 19.81 1.82
N GLY L 259 -43.61 20.49 0.95
CA GLY L 259 -43.00 21.42 0.02
C GLY L 259 -42.90 22.82 0.60
N SER L 260 -42.41 23.73 -0.24
CA SER L 260 -42.26 25.13 0.14
C SER L 260 -43.32 25.97 -0.55
N GLY L 261 -44.05 26.77 0.22
CA GLY L 261 -45.06 27.65 -0.31
C GLY L 261 -44.70 29.11 -0.09
N MET L 262 -45.47 29.98 -0.74
CA MET L 262 -45.28 31.43 -0.64
C MET L 262 -46.63 32.10 -0.42
N HIS L 263 -47.37 31.61 0.58
CA HIS L 263 -48.64 32.21 0.98
C HIS L 263 -48.56 33.72 0.94
N CYS L 264 -49.52 34.35 0.27
CA CYS L 264 -49.57 35.79 0.11
C CYS L 264 -50.78 36.33 0.84
N ASN L 265 -50.55 37.19 1.83
CA ASN L 265 -51.62 37.85 2.56
C ASN L 265 -51.89 39.20 1.92
N GLN L 266 -53.13 39.44 1.50
CA GLN L 266 -53.47 40.65 0.78
C GLN L 266 -54.63 41.37 1.47
N SER L 267 -54.58 42.70 1.42
CA SER L 267 -55.66 43.53 1.89
C SER L 267 -55.64 44.84 1.11
N LEU L 268 -56.79 45.21 0.54
CA LEU L 268 -56.91 46.44 -0.21
C LEU L 268 -57.11 47.60 0.76
N PHE L 269 -56.56 48.76 0.41
CA PHE L 269 -56.63 49.93 1.26
C PHE L 269 -57.11 51.13 0.45
N LYS L 270 -57.87 52.01 1.10
CA LYS L 270 -58.33 53.26 0.51
C LYS L 270 -58.10 54.35 1.56
N ASP L 271 -56.95 55.04 1.45
CA ASP L 271 -56.58 56.12 2.36
C ASP L 271 -56.54 55.60 3.81
N ASN L 272 -55.57 54.71 4.04
CA ASN L 272 -55.27 54.10 5.34
C ASN L 272 -56.52 53.50 6.01
N GLU L 273 -57.48 53.12 5.18
CA GLU L 273 -58.67 52.43 5.65
C GLU L 273 -58.73 51.06 4.98
N ASN L 274 -58.86 50.02 5.79
CA ASN L 274 -58.95 48.65 5.29
C ASN L 274 -60.37 48.43 4.76
N VAL L 275 -60.53 48.34 3.45
CA VAL L 275 -61.85 48.13 2.87
C VAL L 275 -62.33 46.70 3.00
N PHE L 276 -61.46 45.78 3.42
CA PHE L 276 -61.89 44.41 3.67
C PHE L 276 -62.62 44.26 5.00
N TYR L 277 -62.49 45.24 5.90
CA TYR L 277 -63.05 45.13 7.23
C TYR L 277 -64.51 45.59 7.25
N ASP L 278 -65.32 44.89 8.04
CA ASP L 278 -66.72 45.26 8.24
C ASP L 278 -67.15 44.71 9.60
N GLU L 279 -67.21 45.59 10.60
CA GLU L 279 -67.55 45.15 11.95
C GLU L 279 -68.95 44.57 12.02
N THR L 280 -69.86 45.02 11.15
CA THR L 280 -71.24 44.55 11.21
C THR L 280 -71.36 43.12 10.67
N ASP L 281 -70.45 42.71 9.80
CA ASP L 281 -70.53 41.37 9.21
C ASP L 281 -70.26 40.31 10.26
N GLU L 282 -70.86 39.13 10.05
CA GLU L 282 -70.69 38.03 10.99
C GLU L 282 -69.23 37.58 11.07
N LEU L 283 -68.56 37.49 9.93
CA LEU L 283 -67.15 37.12 9.89
C LEU L 283 -66.23 38.33 9.88
N GLY L 284 -66.76 39.54 10.01
CA GLY L 284 -65.95 40.73 9.91
C GLY L 284 -65.38 40.97 8.52
N LEU L 285 -66.15 40.65 7.49
CA LEU L 285 -65.70 40.76 6.11
C LEU L 285 -66.67 41.63 5.33
N SER L 286 -66.14 42.64 4.65
CA SER L 286 -66.97 43.51 3.84
C SER L 286 -67.39 42.79 2.55
N GLN L 287 -68.38 43.37 1.88
CA GLN L 287 -68.78 42.84 0.58
C GLN L 287 -67.67 42.95 -0.44
N THR L 288 -66.84 43.99 -0.32
CA THR L 288 -65.70 44.14 -1.21
C THR L 288 -64.73 42.97 -1.07
N ALA L 289 -64.45 42.56 0.17
CA ALA L 289 -63.57 41.43 0.40
C ALA L 289 -64.15 40.15 -0.17
N ARG L 290 -65.46 39.94 0.00
CA ARG L 290 -66.09 38.74 -0.54
C ARG L 290 -66.04 38.72 -2.07
N HIS L 291 -66.28 39.87 -2.71
CA HIS L 291 -66.15 39.94 -4.16
C HIS L 291 -64.72 39.65 -4.59
N TYR L 292 -63.75 40.20 -3.86
CA TYR L 292 -62.34 39.92 -4.14
C TYR L 292 -62.05 38.43 -4.09
N MET L 293 -62.51 37.77 -3.03
CA MET L 293 -62.27 36.33 -2.89
C MET L 293 -62.96 35.54 -3.99
N ALA L 294 -64.19 35.91 -4.34
CA ALA L 294 -64.89 35.21 -5.42
C ALA L 294 -64.15 35.36 -6.73
N GLY L 295 -63.68 36.56 -7.04
CA GLY L 295 -62.92 36.77 -8.26
C GLY L 295 -61.63 35.96 -8.29
N ILE L 296 -60.95 35.88 -7.16
CA ILE L 296 -59.75 35.05 -7.10
C ILE L 296 -60.10 33.58 -7.28
N LEU L 297 -61.24 33.16 -6.74
CA LEU L 297 -61.62 31.75 -6.82
C LEU L 297 -61.95 31.33 -8.24
N LYS L 298 -62.70 32.16 -8.98
CA LYS L 298 -63.09 31.73 -10.31
C LYS L 298 -61.90 31.66 -11.26
N HIS L 299 -60.98 32.61 -11.16
CA HIS L 299 -59.83 32.66 -12.05
C HIS L 299 -58.64 31.87 -11.53
N ALA L 300 -58.85 30.97 -10.57
CA ALA L 300 -57.74 30.26 -9.94
C ALA L 300 -56.99 29.40 -10.94
N ARG L 301 -57.71 28.61 -11.73
CA ARG L 301 -57.06 27.71 -12.67
C ARG L 301 -56.29 28.47 -13.74
N ALA L 302 -56.75 29.67 -14.09
CA ALA L 302 -56.02 30.49 -15.04
C ALA L 302 -54.75 31.06 -14.46
N MET L 303 -54.78 31.50 -13.20
CA MET L 303 -53.60 32.02 -12.53
C MET L 303 -52.60 30.94 -12.14
N ALA L 304 -53.02 29.67 -12.12
CA ALA L 304 -52.15 28.60 -11.67
C ALA L 304 -50.84 28.54 -12.46
N ALA L 305 -50.88 28.86 -13.76
CA ALA L 305 -49.66 28.83 -14.55
C ALA L 305 -48.68 29.93 -14.17
N ILE L 306 -49.14 30.97 -13.51
CA ILE L 306 -48.27 32.05 -13.08
C ILE L 306 -47.82 31.87 -11.63
N THR L 307 -48.76 31.54 -10.73
CA THR L 307 -48.40 31.32 -9.34
C THR L 307 -47.68 30.00 -9.13
N ASN L 308 -47.85 29.04 -10.04
CA ASN L 308 -47.16 27.75 -9.99
C ASN L 308 -46.54 27.53 -11.36
N PRO L 309 -45.41 28.17 -11.64
CA PRO L 309 -44.92 28.25 -13.03
C PRO L 309 -44.08 27.08 -13.48
N THR L 310 -43.48 26.33 -12.56
CA THR L 310 -42.55 25.28 -12.96
C THR L 310 -43.25 23.93 -13.03
N VAL L 311 -42.54 22.95 -13.61
CA VAL L 311 -43.03 21.58 -13.61
C VAL L 311 -43.07 21.03 -12.18
N ASN L 312 -42.03 21.32 -11.39
CA ASN L 312 -41.98 20.84 -10.02
C ASN L 312 -43.04 21.46 -9.13
N SER L 313 -43.66 22.57 -9.57
CA SER L 313 -44.67 23.22 -8.76
C SER L 313 -45.87 22.33 -8.52
N TYR L 314 -46.18 21.44 -9.45
CA TYR L 314 -47.36 20.59 -9.36
C TYR L 314 -47.07 19.26 -8.70
N LYS L 315 -45.83 18.98 -8.35
CA LYS L 315 -45.53 17.89 -7.43
C LYS L 315 -45.78 18.29 -5.99
N ARG L 316 -45.81 19.60 -5.71
CA ARG L 316 -46.21 20.08 -4.39
C ARG L 316 -47.72 20.02 -4.21
N LEU L 317 -48.47 20.32 -5.27
CA LEU L 317 -49.93 20.35 -5.19
C LEU L 317 -50.51 18.93 -5.22
N VAL L 318 -50.13 18.15 -4.21
CA VAL L 318 -50.63 16.80 -4.03
C VAL L 318 -51.19 16.69 -2.62
N PRO L 319 -52.20 15.87 -2.39
CA PRO L 319 -52.84 15.84 -1.07
C PRO L 319 -51.93 15.27 0.01
N GLY L 320 -52.12 15.76 1.23
CA GLY L 320 -51.44 15.23 2.39
C GLY L 320 -50.23 16.00 2.87
N TYR L 321 -49.94 17.17 2.29
CA TYR L 321 -48.76 17.94 2.67
C TYR L 321 -49.09 19.42 2.85
N GLU L 322 -50.34 19.73 3.20
CA GLU L 322 -50.84 21.06 3.51
C GLU L 322 -50.89 21.99 2.30
N ALA L 323 -50.44 21.56 1.14
CA ALA L 323 -50.61 22.40 -0.02
C ALA L 323 -52.05 22.32 -0.52
N PRO L 324 -52.63 23.42 -0.99
CA PRO L 324 -53.99 23.36 -1.52
C PRO L 324 -54.05 22.54 -2.80
N CYS L 325 -55.16 21.84 -2.98
CA CYS L 325 -55.41 21.09 -4.20
C CYS L 325 -56.77 21.37 -4.80
N TYR L 326 -57.64 22.12 -4.13
CA TYR L 326 -58.96 22.41 -4.62
C TYR L 326 -59.24 23.90 -4.46
N VAL L 327 -60.06 24.43 -5.37
CA VAL L 327 -60.40 25.85 -5.36
C VAL L 327 -61.56 26.09 -4.40
N ALA L 328 -61.21 26.39 -3.14
CA ALA L 328 -62.25 26.63 -2.11
C ALA L 328 -61.65 27.49 -0.99
N TRP L 329 -62.51 28.12 -0.18
CA TRP L 329 -62.03 28.98 0.92
C TRP L 329 -62.61 28.50 2.26
N SER L 330 -61.87 28.74 3.36
CA SER L 330 -62.34 28.34 4.71
C SER L 330 -61.50 29.06 5.77
N ALA L 331 -62.14 29.49 6.86
CA ALA L 331 -61.38 30.14 7.97
C ALA L 331 -60.48 29.09 8.63
N SER L 332 -60.94 27.83 8.70
CA SER L 332 -60.13 26.74 9.30
C SER L 332 -60.31 25.44 8.48
N ASN L 333 -59.26 25.04 7.74
CA ASN L 333 -59.32 23.78 6.96
C ASN L 333 -57.90 23.21 6.81
N ARG L 334 -57.79 21.94 6.44
CA ARG L 334 -56.44 21.30 6.24
C ARG L 334 -55.68 22.08 5.17
N SER L 335 -56.25 22.16 3.96
CA SER L 335 -55.55 22.84 2.82
C SER L 335 -56.52 23.69 2.01
N PRO L 336 -56.96 24.88 2.49
CA PRO L 336 -57.82 25.74 1.68
C PRO L 336 -56.99 26.59 0.70
N MET L 337 -57.55 26.88 -0.48
CA MET L 337 -56.83 27.75 -1.46
C MET L 337 -56.83 29.18 -0.91
N ILE L 338 -57.90 29.59 -0.23
CA ILE L 338 -57.96 30.95 0.39
C ILE L 338 -58.22 30.76 1.89
N ARG L 339 -57.36 31.33 2.73
CA ARG L 339 -57.60 31.28 4.20
C ARG L 339 -57.82 32.70 4.72
N ILE L 340 -58.71 32.87 5.70
CA ILE L 340 -58.96 34.17 6.29
C ILE L 340 -58.46 34.13 7.73
N PRO L 341 -57.34 34.78 8.04
CA PRO L 341 -56.83 34.73 9.41
C PRO L 341 -57.80 35.41 10.39
N ALA L 342 -57.63 35.04 11.66
CA ALA L 342 -58.53 35.53 12.70
C ALA L 342 -58.36 37.00 13.00
N SER L 343 -57.25 37.62 12.58
CA SER L 343 -57.04 39.03 12.85
C SER L 343 -58.08 39.89 12.15
N ARG L 344 -58.50 40.96 12.82
CA ARG L 344 -59.53 41.84 12.28
C ARG L 344 -59.08 43.28 12.34
N GLY L 345 -59.98 44.21 12.05
CA GLY L 345 -59.63 45.63 12.12
C GLY L 345 -58.81 46.04 10.91
N LEU L 346 -57.65 46.65 11.16
CA LEU L 346 -56.78 47.04 10.07
C LEU L 346 -55.94 45.88 9.56
N SER L 347 -56.02 44.71 10.18
CA SER L 347 -55.22 43.56 9.78
C SER L 347 -56.08 42.43 9.22
N THR L 348 -57.30 42.74 8.80
CA THR L 348 -58.10 41.72 8.13
C THR L 348 -57.53 41.46 6.75
N ARG L 349 -57.29 40.18 6.44
CA ARG L 349 -56.53 39.84 5.26
C ARG L 349 -57.15 38.65 4.56
N VAL L 350 -56.80 38.50 3.28
CA VAL L 350 -57.12 37.33 2.48
C VAL L 350 -55.80 36.65 2.15
N GLU L 351 -55.64 35.41 2.59
CA GLU L 351 -54.42 34.66 2.39
C GLU L 351 -54.61 33.67 1.24
N VAL L 352 -53.76 33.79 0.22
CA VAL L 352 -53.77 32.87 -0.91
C VAL L 352 -52.53 32.00 -0.80
N ARG L 353 -52.74 30.68 -0.78
CA ARG L 353 -51.68 29.73 -0.45
C ARG L 353 -51.17 28.93 -1.65
N ASN L 354 -51.74 29.13 -2.83
CA ASN L 354 -51.25 28.42 -4.01
C ASN L 354 -49.81 28.78 -4.39
N PRO L 355 -49.40 30.06 -4.41
CA PRO L 355 -48.07 30.36 -4.96
C PRO L 355 -46.95 29.67 -4.20
N ASP L 356 -45.91 29.31 -4.94
CA ASP L 356 -44.68 28.79 -4.40
C ASP L 356 -43.57 29.82 -4.63
N PRO L 357 -42.47 29.75 -3.86
CA PRO L 357 -41.42 30.77 -3.99
C PRO L 357 -40.78 30.82 -5.37
N ALA L 358 -40.94 29.80 -6.19
CA ALA L 358 -40.43 29.82 -7.54
C ALA L 358 -41.18 30.79 -8.45
N ALA L 359 -42.36 31.25 -8.03
CA ALA L 359 -43.14 32.15 -8.86
C ALA L 359 -42.51 33.54 -8.91
N ASN L 360 -42.81 34.25 -9.99
CA ASN L 360 -42.40 35.64 -10.12
C ASN L 360 -43.27 36.50 -9.21
N PRO L 361 -42.69 37.19 -8.22
CA PRO L 361 -43.54 37.95 -7.29
C PRO L 361 -44.36 39.02 -7.97
N TYR L 362 -43.78 39.74 -8.92
CA TYR L 362 -44.52 40.80 -9.60
C TYR L 362 -45.69 40.24 -10.37
N LEU L 363 -45.45 39.18 -11.16
CA LEU L 363 -46.53 38.61 -11.96
C LEU L 363 -47.58 37.96 -11.08
N ALA L 364 -47.17 37.27 -10.02
CA ALA L 364 -48.14 36.62 -9.14
C ALA L 364 -49.03 37.65 -8.46
N LEU L 365 -48.44 38.70 -7.90
CA LEU L 365 -49.23 39.75 -7.28
C LEU L 365 -50.13 40.44 -8.29
N ALA L 366 -49.62 40.66 -9.50
CA ALA L 366 -50.41 41.32 -10.53
C ALA L 366 -51.64 40.50 -10.89
N VAL L 367 -51.46 39.19 -11.12
CA VAL L 367 -52.60 38.38 -11.54
C VAL L 367 -53.58 38.20 -10.40
N MET L 368 -53.10 38.05 -9.17
CA MET L 368 -54.02 37.95 -8.04
C MET L 368 -54.83 39.23 -7.86
N LEU L 369 -54.17 40.39 -7.94
CA LEU L 369 -54.88 41.65 -7.79
C LEU L 369 -55.87 41.84 -8.94
N ARG L 370 -55.51 41.47 -10.16
CA ARG L 370 -56.42 41.63 -11.28
C ARG L 370 -57.63 40.72 -11.14
N ALA L 371 -57.43 39.49 -10.69
CA ALA L 371 -58.56 38.60 -10.46
C ALA L 371 -59.47 39.14 -9.37
N GLY L 372 -58.90 39.67 -8.30
CA GLY L 372 -59.71 40.26 -7.24
C GLY L 372 -60.48 41.48 -7.72
N LEU L 373 -59.85 42.33 -8.52
CA LEU L 373 -60.54 43.51 -9.04
C LEU L 373 -61.64 43.11 -10.01
N ASP L 374 -61.41 42.06 -10.79
CA ASP L 374 -62.46 41.55 -11.66
C ASP L 374 -63.63 41.02 -10.85
N GLY L 375 -63.34 40.36 -9.72
CA GLY L 375 -64.41 39.96 -8.83
C GLY L 375 -65.18 41.13 -8.27
N ILE L 376 -64.46 42.19 -7.88
CA ILE L 376 -65.11 43.38 -7.34
C ILE L 376 -65.99 44.04 -8.40
N LYS L 377 -65.50 44.13 -9.63
CA LYS L 377 -66.20 44.87 -10.68
C LYS L 377 -67.55 44.26 -11.00
N ARG L 378 -67.62 42.94 -11.09
CA ARG L 378 -68.82 42.24 -11.52
C ARG L 378 -69.71 41.82 -10.36
N GLN L 379 -69.39 42.24 -9.14
CA GLN L 379 -70.18 41.89 -7.94
C GLN L 379 -70.36 40.38 -7.85
N MET L 380 -69.24 39.67 -7.94
CA MET L 380 -69.27 38.21 -8.00
C MET L 380 -69.74 37.64 -6.67
N ALA L 381 -70.47 36.52 -6.75
CA ALA L 381 -71.04 35.89 -5.56
C ALA L 381 -70.06 34.90 -4.96
N LEU L 382 -69.78 35.06 -3.67
CA LEU L 382 -68.89 34.16 -2.97
C LEU L 382 -69.56 32.81 -2.75
N PRO L 383 -68.96 31.71 -3.18
CA PRO L 383 -69.51 30.39 -2.86
C PRO L 383 -69.39 30.11 -1.37
N ALA L 384 -70.19 29.14 -0.92
CA ALA L 384 -70.21 28.80 0.49
C ALA L 384 -68.87 28.23 0.92
N PRO L 385 -68.38 28.58 2.12
CA PRO L 385 -67.13 28.01 2.60
C PRO L 385 -67.29 26.52 2.89
N ILE L 386 -66.18 25.80 2.77
CA ILE L 386 -66.21 24.37 3.09
C ILE L 386 -65.99 24.21 4.59
N ASP L 387 -66.73 23.28 5.18
CA ASP L 387 -66.61 22.98 6.61
C ASP L 387 -65.42 22.08 6.86
N ARG L 388 -65.37 21.47 8.04
CA ARG L 388 -64.34 20.50 8.37
C ARG L 388 -64.46 19.21 7.54
N ASN L 389 -65.34 19.22 6.53
CA ASN L 389 -65.52 18.06 5.66
C ASN L 389 -64.25 17.85 4.85
N ILE L 390 -63.47 16.85 5.25
CA ILE L 390 -62.25 16.50 4.52
C ILE L 390 -62.64 16.02 3.13
N TYR L 391 -61.76 16.26 2.16
CA TYR L 391 -62.02 15.92 0.76
C TYR L 391 -61.82 14.45 0.45
N VAL L 392 -61.86 13.58 1.46
CA VAL L 392 -61.98 12.14 1.23
C VAL L 392 -63.22 11.79 0.43
N MET L 393 -64.14 12.73 0.26
CA MET L 393 -65.33 12.50 -0.54
C MET L 393 -64.97 12.23 -1.99
N SER L 394 -65.83 11.46 -2.65
CA SER L 394 -65.56 11.05 -4.02
C SER L 394 -65.64 12.23 -4.98
N GLU L 395 -65.09 12.03 -6.18
CA GLU L 395 -65.14 13.07 -7.20
C GLU L 395 -66.57 13.46 -7.55
N GLU L 396 -67.49 12.50 -7.49
CA GLU L 396 -68.90 12.82 -7.71
C GLU L 396 -69.41 13.78 -6.65
N GLU L 397 -69.03 13.56 -5.39
CA GLU L 397 -69.40 14.50 -4.34
C GLU L 397 -68.77 15.87 -4.57
N ARG L 398 -67.53 15.89 -5.08
CA ARG L 398 -66.83 17.16 -5.26
C ARG L 398 -67.46 17.99 -6.38
N ILE L 399 -67.75 17.36 -7.53
CA ILE L 399 -68.36 18.15 -8.60
C ILE L 399 -69.85 18.34 -8.37
N GLU L 400 -70.47 17.57 -7.47
CA GLU L 400 -71.83 17.86 -7.06
C GLU L 400 -71.89 19.11 -6.20
N GLU L 401 -70.90 19.29 -5.33
CA GLU L 401 -70.81 20.46 -4.47
C GLU L 401 -70.17 21.65 -5.17
N GLY L 402 -69.78 21.52 -6.43
CA GLY L 402 -69.18 22.61 -7.15
C GLY L 402 -67.82 23.04 -6.64
N ILE L 403 -66.94 22.09 -6.32
CA ILE L 403 -65.59 22.38 -5.85
C ILE L 403 -64.63 22.11 -7.01
N PRO L 404 -64.10 23.13 -7.67
CA PRO L 404 -63.12 22.90 -8.73
C PRO L 404 -61.77 22.47 -8.15
N SER L 405 -60.97 21.86 -9.01
CA SER L 405 -59.63 21.42 -8.63
C SER L 405 -58.58 22.17 -9.45
N LEU L 406 -57.44 22.36 -8.83
CA LEU L 406 -56.33 23.02 -9.51
C LEU L 406 -55.76 22.11 -10.60
N PRO L 407 -55.07 22.67 -11.59
CA PRO L 407 -54.50 21.85 -12.65
C PRO L 407 -53.51 20.83 -12.10
N ALA L 408 -53.50 19.65 -12.71
CA ALA L 408 -52.65 18.56 -12.23
C ALA L 408 -51.21 18.67 -12.73
N ASP L 409 -50.96 19.49 -13.73
CA ASP L 409 -49.61 19.63 -14.27
C ASP L 409 -49.52 20.97 -15.00
N LEU L 410 -48.33 21.27 -15.51
CA LEU L 410 -48.09 22.55 -16.16
C LEU L 410 -48.90 22.70 -17.44
N LYS L 411 -49.13 21.59 -18.16
CA LYS L 411 -49.83 21.66 -19.43
C LYS L 411 -51.26 22.15 -19.27
N GLU L 412 -51.98 21.61 -18.28
CA GLU L 412 -53.34 22.06 -18.03
C GLU L 412 -53.38 23.53 -17.65
N ALA L 413 -52.43 23.96 -16.82
CA ALA L 413 -52.38 25.36 -16.41
C ALA L 413 -52.12 26.26 -17.60
N LEU L 414 -51.25 25.84 -18.52
CA LEU L 414 -50.99 26.64 -19.72
C LEU L 414 -52.23 26.72 -20.61
N SER L 415 -52.95 25.61 -20.75
CA SER L 415 -54.18 25.65 -21.54
C SER L 415 -55.19 26.61 -20.92
N GLU L 416 -55.34 26.56 -19.60
CA GLU L 416 -56.26 27.50 -18.93
C GLU L 416 -55.79 28.94 -19.08
N LEU L 417 -54.49 29.17 -19.00
CA LEU L 417 -53.93 30.50 -19.19
C LEU L 417 -54.29 31.05 -20.56
N ILE L 418 -54.09 30.24 -21.60
CA ILE L 418 -54.43 30.68 -22.96
C ILE L 418 -55.92 30.96 -23.07
N ARG L 419 -56.75 30.07 -22.49
CA ARG L 419 -58.19 30.23 -22.61
C ARG L 419 -58.74 31.43 -21.86
N SER L 420 -58.01 31.96 -20.87
CA SER L 420 -58.52 33.03 -20.04
C SER L 420 -58.31 34.39 -20.70
N GLU L 421 -59.32 35.24 -20.62
CA GLU L 421 -59.25 36.59 -21.17
C GLU L 421 -59.05 37.66 -20.10
N VAL L 422 -59.19 37.31 -18.82
CA VAL L 422 -59.07 38.30 -17.76
C VAL L 422 -57.64 38.48 -17.31
N ILE L 423 -56.95 37.39 -16.98
CA ILE L 423 -55.59 37.53 -16.45
C ILE L 423 -54.57 37.56 -17.58
N SER L 424 -54.94 37.10 -18.78
CA SER L 424 -54.10 37.34 -19.94
C SER L 424 -54.02 38.83 -20.25
N ASP L 425 -55.10 39.57 -19.99
CA ASP L 425 -55.05 41.02 -20.10
C ASP L 425 -54.15 41.61 -19.01
N ALA L 426 -54.14 41.01 -17.83
CA ALA L 426 -53.23 41.45 -16.78
C ALA L 426 -51.79 41.28 -17.21
N LEU L 427 -51.46 40.14 -17.80
CA LEU L 427 -50.12 39.95 -18.33
C LEU L 427 -49.83 40.88 -19.50
N GLY L 428 -50.81 41.10 -20.38
CA GLY L 428 -50.60 41.87 -21.59
C GLY L 428 -50.22 40.98 -22.76
N ASP L 429 -50.36 41.54 -23.95
CA ASP L 429 -50.15 40.78 -25.18
C ASP L 429 -48.70 40.34 -25.37
N HIS L 430 -47.73 41.20 -25.09
CA HIS L 430 -46.33 40.85 -25.32
C HIS L 430 -45.81 39.82 -24.33
N ALA L 431 -46.09 40.00 -23.04
CA ALA L 431 -45.54 39.10 -22.04
C ALA L 431 -46.19 37.73 -22.09
N LEU L 432 -47.48 37.67 -22.45
CA LEU L 432 -48.19 36.40 -22.48
C LEU L 432 -47.57 35.46 -23.50
N ALA L 433 -47.29 35.96 -24.70
CA ALA L 433 -46.74 35.10 -25.75
C ALA L 433 -45.39 34.53 -25.35
N TYR L 434 -44.52 35.37 -24.78
CA TYR L 434 -43.19 34.90 -24.42
C TYR L 434 -43.23 33.94 -23.23
N PHE L 435 -44.05 34.25 -22.22
CA PHE L 435 -44.21 33.32 -21.11
C PHE L 435 -44.73 31.97 -21.57
N TYR L 436 -45.72 32.00 -22.47
CA TYR L 436 -46.29 30.76 -22.99
C TYR L 436 -45.27 29.97 -23.79
N GLU L 437 -44.44 30.65 -24.60
CA GLU L 437 -43.39 29.96 -25.33
C GLU L 437 -42.39 29.32 -24.39
N LEU L 438 -41.96 30.06 -23.36
CA LEU L 438 -41.02 29.52 -22.40
C LEU L 438 -41.57 28.28 -21.73
N LYS L 439 -42.83 28.35 -21.30
CA LYS L 439 -43.40 27.23 -20.55
C LYS L 439 -43.69 26.03 -21.45
N GLU L 440 -44.11 26.26 -22.70
CA GLU L 440 -44.23 25.13 -23.62
C GLU L 440 -42.90 24.45 -23.87
N ILE L 441 -41.83 25.24 -24.05
CA ILE L 441 -40.53 24.62 -24.26
C ILE L 441 -40.13 23.80 -23.04
N GLU L 442 -40.33 24.36 -21.84
CA GLU L 442 -39.97 23.63 -20.63
C GLU L 442 -40.76 22.33 -20.50
N TRP L 443 -42.07 22.38 -20.73
CA TRP L 443 -42.88 21.18 -20.62
C TRP L 443 -42.51 20.16 -21.69
N ASP L 444 -42.20 20.61 -22.90
CA ASP L 444 -41.84 19.69 -23.97
C ASP L 444 -40.54 18.97 -23.65
N MET L 445 -39.54 19.69 -23.12
CA MET L 445 -38.32 19.00 -22.72
C MET L 445 -38.57 18.06 -21.55
N TYR L 446 -39.49 18.42 -20.65
CA TYR L 446 -39.73 17.54 -19.50
C TYR L 446 -40.44 16.26 -19.91
N ARG L 447 -41.43 16.35 -20.80
CA ARG L 447 -42.32 15.22 -21.06
C ARG L 447 -41.65 14.10 -21.83
N THR L 448 -40.56 14.37 -22.55
CA THR L 448 -39.90 13.35 -23.34
C THR L 448 -38.78 12.65 -22.59
N GLN L 449 -38.50 13.05 -21.36
CA GLN L 449 -37.44 12.41 -20.59
C GLN L 449 -37.88 11.04 -20.09
N VAL L 450 -36.92 10.13 -20.02
CA VAL L 450 -37.13 8.82 -19.41
C VAL L 450 -36.48 8.86 -18.03
N HIS L 451 -37.29 8.86 -16.99
CA HIS L 451 -36.81 9.05 -15.64
C HIS L 451 -36.36 7.73 -15.03
N GLN L 452 -35.58 7.83 -13.95
CA GLN L 452 -35.08 6.63 -13.28
C GLN L 452 -36.20 5.80 -12.70
N TRP L 453 -37.32 6.42 -12.34
CA TRP L 453 -38.46 5.66 -11.82
C TRP L 453 -38.98 4.69 -12.86
N GLU L 454 -39.06 5.10 -14.12
CA GLU L 454 -39.51 4.20 -15.17
C GLU L 454 -38.55 3.04 -15.35
N ARG L 455 -37.24 3.31 -15.35
CA ARG L 455 -36.26 2.24 -15.45
C ARG L 455 -36.28 1.32 -14.25
N ASP L 456 -36.76 1.80 -13.09
CA ASP L 456 -36.88 0.95 -11.93
C ASP L 456 -38.11 0.05 -12.01
N GLN L 457 -39.25 0.62 -12.39
CA GLN L 457 -40.47 -0.18 -12.53
C GLN L 457 -40.34 -1.17 -13.67
N TYR L 458 -39.96 -0.67 -14.85
CA TYR L 458 -39.78 -1.50 -16.04
C TYR L 458 -38.32 -1.91 -16.18
N LEU L 459 -37.96 -2.43 -17.36
CA LEU L 459 -36.60 -2.85 -17.70
C LEU L 459 -36.22 -4.15 -17.01
N THR L 460 -37.06 -4.61 -16.08
CA THR L 460 -36.97 -5.95 -15.53
C THR L 460 -38.29 -6.70 -15.67
N LEU L 461 -39.40 -6.04 -15.33
CA LEU L 461 -40.71 -6.66 -15.50
C LEU L 461 -41.06 -6.82 -16.97
N TYR L 462 -40.59 -5.90 -17.81
CA TYR L 462 -40.76 -6.03 -19.25
C TYR L 462 -39.40 -6.17 -19.94
N LEU M 1 13.42 -18.39 51.76
CA LEU M 1 12.39 -17.41 51.36
C LEU M 1 12.95 -16.52 50.24
N ILE M 2 13.13 -15.21 50.50
CA ILE M 2 13.66 -14.24 49.49
C ILE M 2 13.22 -14.63 48.06
N GLN M 3 11.92 -14.89 47.86
CA GLN M 3 11.40 -15.26 46.52
C GLN M 3 11.30 -14.00 45.66
N GLY M 4 10.59 -12.98 46.14
CA GLY M 4 10.45 -11.72 45.39
C GLY M 4 11.75 -10.92 45.39
N GLU M 5 12.66 -11.23 46.32
CA GLU M 5 13.98 -10.53 46.38
C GLU M 5 14.83 -10.97 45.18
N LEU M 6 14.78 -12.25 44.81
CA LEU M 6 15.61 -12.72 43.71
C LEU M 6 15.00 -12.48 42.34
N SER M 7 14.08 -11.51 42.22
CA SER M 7 13.43 -11.24 40.95
C SER M 7 14.36 -10.57 39.94
N ARG M 8 15.51 -10.07 40.36
CA ARG M 8 16.41 -9.40 39.44
C ARG M 8 17.02 -10.39 38.44
N PHE M 9 17.26 -11.63 38.87
CA PHE M 9 17.74 -12.64 37.95
C PHE M 9 16.62 -13.17 37.05
N PHE M 10 15.41 -13.24 37.56
CA PHE M 10 14.28 -13.77 36.80
C PHE M 10 13.84 -12.79 35.71
N SER N 22 -7.07 24.64 63.43
CA SER N 22 -8.49 24.32 63.41
C SER N 22 -9.26 25.31 62.56
N TYR N 23 -10.59 25.18 62.56
CA TYR N 23 -11.45 26.05 61.77
C TYR N 23 -12.78 26.21 62.48
N THR N 24 -13.49 27.29 62.13
CA THR N 24 -14.84 27.56 62.60
C THR N 24 -15.72 27.89 61.41
N ARG N 25 -17.03 27.98 61.65
CA ARG N 25 -17.98 28.30 60.59
C ARG N 25 -17.60 29.60 59.89
N GLU N 26 -17.35 30.65 60.69
CA GLU N 26 -16.97 31.93 60.13
C GLU N 26 -15.66 31.84 59.37
N ASP N 27 -14.70 31.07 59.90
CA ASP N 27 -13.46 30.85 59.18
C ASP N 27 -13.70 30.18 57.84
N ILE N 28 -14.52 29.13 57.83
CA ILE N 28 -14.77 28.39 56.59
C ILE N 28 -15.40 29.31 55.56
N ILE N 29 -16.39 30.10 55.98
CA ILE N 29 -17.03 31.04 55.06
C ILE N 29 -16.01 32.07 54.56
N ARG N 30 -15.09 32.50 55.44
CA ARG N 30 -14.10 33.50 55.05
C ARG N 30 -13.17 32.96 53.98
N ILE N 31 -12.61 31.77 54.18
CA ILE N 31 -11.74 31.21 53.14
C ILE N 31 -12.55 30.92 51.87
N ALA N 32 -13.78 30.43 52.00
CA ALA N 32 -14.57 30.12 50.82
C ALA N 32 -14.79 31.36 49.97
N GLU N 33 -15.11 32.49 50.60
CA GLU N 33 -15.24 33.74 49.86
C GLU N 33 -13.89 34.21 49.31
N GLU N 34 -12.84 34.11 50.12
CA GLU N 34 -11.53 34.61 49.70
C GLU N 34 -10.93 33.76 48.59
N GLU N 35 -10.96 32.44 48.75
CA GLU N 35 -10.33 31.53 47.79
C GLU N 35 -11.14 31.37 46.51
N ASN N 36 -12.33 31.99 46.42
CA ASN N 36 -13.23 31.82 45.29
C ASN N 36 -13.59 30.36 45.08
N VAL N 37 -13.93 29.69 46.19
CA VAL N 37 -14.39 28.31 46.12
C VAL N 37 -15.80 28.29 45.55
N ARG N 38 -15.99 27.53 44.47
CA ARG N 38 -17.29 27.42 43.83
C ARG N 38 -18.02 26.13 44.14
N PHE N 39 -17.30 25.07 44.50
CA PHE N 39 -17.90 23.77 44.68
C PHE N 39 -17.29 23.09 45.90
N ILE N 40 -18.12 22.41 46.67
CA ILE N 40 -17.70 21.77 47.92
C ILE N 40 -18.12 20.31 47.88
N ARG N 41 -17.18 19.42 48.21
CA ARG N 41 -17.44 17.99 48.27
C ARG N 41 -17.69 17.59 49.71
N LEU N 42 -18.89 17.09 49.99
CA LEU N 42 -19.20 16.54 51.31
C LEU N 42 -18.85 15.06 51.28
N GLN N 43 -17.64 14.73 51.72
CA GLN N 43 -17.09 13.39 51.54
C GLN N 43 -17.46 12.49 52.72
N PHE N 44 -17.70 11.22 52.40
CA PHE N 44 -17.89 10.18 53.40
C PHE N 44 -17.40 8.87 52.81
N THR N 45 -17.48 7.81 53.60
CA THR N 45 -16.96 6.52 53.20
C THR N 45 -18.00 5.44 53.42
N ASP N 46 -18.05 4.48 52.50
CA ASP N 46 -18.94 3.34 52.64
C ASP N 46 -18.21 2.18 53.30
N LEU N 47 -18.90 1.06 53.47
CA LEU N 47 -18.33 -0.08 54.18
C LEU N 47 -17.15 -0.69 53.44
N LEU N 48 -17.03 -0.49 52.14
CA LEU N 48 -15.94 -1.05 51.36
C LEU N 48 -14.74 -0.12 51.28
N GLY N 49 -14.77 1.03 51.95
CA GLY N 49 -13.67 1.96 51.93
C GLY N 49 -13.65 2.92 50.77
N THR N 50 -14.60 2.80 49.84
CA THR N 50 -14.65 3.72 48.71
C THR N 50 -15.03 5.11 49.19
N ILE N 51 -14.45 6.13 48.57
CA ILE N 51 -14.76 7.51 48.91
C ILE N 51 -15.99 7.95 48.14
N LYS N 52 -17.04 8.33 48.86
CA LYS N 52 -18.26 8.85 48.28
C LYS N 52 -18.42 10.31 48.69
N ASN N 53 -19.16 11.07 47.88
CA ASN N 53 -19.30 12.49 48.12
C ASN N 53 -20.61 13.00 47.56
N VAL N 54 -21.04 14.14 48.09
CA VAL N 54 -22.18 14.90 47.57
C VAL N 54 -21.66 16.27 47.16
N GLU N 55 -21.77 16.59 45.87
CA GLU N 55 -21.26 17.85 45.37
C GLU N 55 -22.20 18.97 45.76
N ILE N 56 -21.63 20.12 46.10
CA ILE N 56 -22.40 21.24 46.64
C ILE N 56 -21.92 22.56 46.07
N PRO N 57 -22.82 23.42 45.59
CA PRO N 57 -22.42 24.77 45.23
C PRO N 57 -22.17 25.62 46.47
N VAL N 58 -21.28 26.60 46.33
CA VAL N 58 -20.87 27.39 47.49
C VAL N 58 -22.03 28.12 48.12
N SER N 59 -23.12 28.36 47.38
CA SER N 59 -24.28 29.03 47.95
C SER N 59 -24.99 28.19 49.00
N GLN N 60 -24.69 26.90 49.10
CA GLN N 60 -25.29 26.02 50.09
C GLN N 60 -24.35 25.72 51.24
N LEU N 61 -23.25 26.46 51.36
CA LEU N 61 -22.25 26.16 52.38
C LEU N 61 -22.82 26.35 53.79
N GLU N 62 -23.59 27.41 54.00
CA GLU N 62 -24.18 27.65 55.31
C GLU N 62 -25.17 26.55 55.67
N LYS N 63 -25.99 26.13 54.71
CA LYS N 63 -26.91 25.01 54.94
C LYS N 63 -26.15 23.74 55.30
N ALA N 64 -25.05 23.48 54.60
CA ALA N 64 -24.24 22.31 54.92
C ALA N 64 -23.65 22.41 56.32
N LEU N 65 -23.14 23.59 56.68
CA LEU N 65 -22.54 23.80 57.99
C LEU N 65 -23.56 23.77 59.12
N ASP N 66 -24.85 23.95 58.80
CA ASP N 66 -25.89 23.83 59.81
C ASP N 66 -26.36 22.40 60.01
N ASN N 67 -25.70 21.43 59.37
CA ASN N 67 -26.04 20.01 59.51
C ASN N 67 -27.48 19.75 59.09
N LYS N 68 -27.85 20.22 57.90
CA LYS N 68 -29.21 20.12 57.42
C LYS N 68 -29.37 19.42 56.09
N MET N 69 -28.25 18.91 55.54
CA MET N 69 -28.28 18.24 54.20
C MET N 69 -28.66 16.78 54.32
N MET N 70 -29.71 16.34 53.59
CA MET N 70 -30.15 14.96 53.59
C MET N 70 -29.67 14.27 52.32
N PHE N 71 -29.34 13.00 52.44
CA PHE N 71 -28.97 12.18 51.29
C PHE N 71 -29.48 10.77 51.54
N ASP N 72 -29.16 9.86 50.62
CA ASP N 72 -29.71 8.51 50.70
C ASP N 72 -29.26 7.80 51.96
N GLY N 73 -27.95 7.76 52.21
CA GLY N 73 -27.45 7.09 53.39
C GLY N 73 -27.39 5.58 53.22
N SER N 74 -28.30 5.02 52.43
CA SER N 74 -28.22 3.61 52.09
C SER N 74 -27.07 3.30 51.14
N SER N 75 -26.43 4.33 50.57
CA SER N 75 -25.26 4.12 49.74
C SER N 75 -24.07 3.60 50.52
N ILE N 76 -24.11 3.63 51.85
CA ILE N 76 -23.05 3.05 52.66
C ILE N 76 -22.99 1.55 52.46
N GLU N 77 -24.15 0.91 52.30
CA GLU N 77 -24.20 -0.54 52.18
C GLU N 77 -23.61 -1.07 50.87
N GLY N 78 -23.36 -0.20 49.90
CA GLY N 78 -22.79 -0.66 48.64
C GLY N 78 -23.82 -1.17 47.67
N TYR N 79 -23.55 -2.30 47.03
CA TYR N 79 -24.48 -2.87 46.08
C TYR N 79 -25.49 -3.82 46.71
N VAL N 80 -25.46 -3.98 48.04
CA VAL N 80 -26.43 -4.82 48.72
C VAL N 80 -27.51 -3.99 49.42
N ARG N 81 -27.58 -2.69 49.13
CA ARG N 81 -28.62 -1.85 49.71
C ARG N 81 -29.99 -2.29 49.20
N ILE N 82 -30.95 -2.37 50.12
CA ILE N 82 -32.27 -2.90 49.83
C ILE N 82 -33.34 -1.81 49.79
N GLU N 83 -33.18 -0.75 50.58
CA GLU N 83 -34.17 0.31 50.63
C GLU N 83 -33.49 1.66 50.84
N GLU N 84 -34.10 2.69 50.28
CA GLU N 84 -33.58 4.04 50.42
C GLU N 84 -33.96 4.61 51.78
N SER N 85 -32.99 5.20 52.46
CA SER N 85 -33.20 5.86 53.74
C SER N 85 -32.97 7.36 53.59
N ASP N 86 -33.05 8.07 54.72
CA ASP N 86 -32.75 9.49 54.77
C ASP N 86 -31.79 9.73 55.92
N MET N 87 -30.70 10.45 55.64
CA MET N 87 -29.68 10.65 56.65
C MET N 87 -29.05 12.02 56.45
N TYR N 88 -28.58 12.60 57.54
CA TYR N 88 -27.99 13.93 57.53
C TYR N 88 -26.47 13.85 57.49
N LEU N 89 -25.85 14.82 56.82
CA LEU N 89 -24.41 14.94 56.75
C LEU N 89 -23.96 15.98 57.78
N TYR N 90 -23.09 15.58 58.69
CA TYR N 90 -22.55 16.47 59.72
C TYR N 90 -21.09 16.74 59.40
N PRO N 91 -20.77 17.82 58.70
CA PRO N 91 -19.38 18.04 58.30
C PRO N 91 -18.47 18.28 59.50
N ASP N 92 -17.22 17.84 59.36
CA ASP N 92 -16.19 18.06 60.36
C ASP N 92 -15.35 19.24 59.89
N LEU N 93 -15.41 20.34 60.65
CA LEU N 93 -14.80 21.58 60.20
C LEU N 93 -13.28 21.48 60.12
N ASP N 94 -12.68 20.62 60.94
CA ASP N 94 -11.23 20.47 60.95
C ASP N 94 -10.70 19.79 59.70
N THR N 95 -11.55 19.17 58.90
CA THR N 95 -11.13 18.46 57.70
C THR N 95 -11.16 19.32 56.45
N TRP N 96 -11.46 20.61 56.59
CA TRP N 96 -11.55 21.49 55.44
C TRP N 96 -10.20 21.60 54.73
N VAL N 97 -10.24 21.54 53.39
CA VAL N 97 -9.06 21.72 52.58
C VAL N 97 -9.51 22.08 51.18
N VAL N 98 -8.66 22.79 50.44
CA VAL N 98 -8.94 23.20 49.07
C VAL N 98 -7.97 22.47 48.16
N PHE N 99 -8.51 21.77 47.16
CA PHE N 99 -7.67 20.99 46.27
C PHE N 99 -6.82 21.92 45.41
N PRO N 100 -5.56 21.61 45.17
CA PRO N 100 -4.68 22.53 44.43
C PRO N 100 -4.85 22.46 42.92
N TRP N 101 -5.31 21.33 42.40
CA TRP N 101 -5.42 21.16 40.96
C TRP N 101 -6.69 21.76 40.38
N VAL N 102 -7.56 22.32 41.22
CA VAL N 102 -8.83 22.87 40.72
C VAL N 102 -8.58 24.04 39.78
N THR N 103 -7.57 24.86 40.08
CA THR N 103 -7.15 25.98 39.23
C THR N 103 -8.27 26.99 39.02
N SER N 104 -9.00 26.87 37.91
CA SER N 104 -10.00 27.87 37.54
C SER N 104 -11.12 27.97 38.57
N ASP N 105 -11.90 26.92 38.73
CA ASP N 105 -12.99 26.90 39.70
C ASP N 105 -12.53 26.09 40.91
N ARG N 106 -12.28 26.78 42.03
CA ARG N 106 -11.74 26.11 43.21
C ARG N 106 -12.77 25.14 43.78
N VAL N 107 -12.32 23.95 44.13
CA VAL N 107 -13.16 22.93 44.75
C VAL N 107 -12.57 22.60 46.12
N ALA N 108 -13.41 22.60 47.13
CA ALA N 108 -13.01 22.24 48.49
C ALA N 108 -13.75 20.98 48.91
N ARG N 109 -13.35 20.45 50.08
CA ARG N 109 -13.96 19.24 50.59
C ARG N 109 -14.14 19.35 52.09
N LEU N 110 -15.10 18.58 52.60
CA LEU N 110 -15.32 18.42 54.02
C LEU N 110 -15.69 16.96 54.28
N ILE N 111 -15.09 16.36 55.29
CA ILE N 111 -15.40 14.99 55.67
C ILE N 111 -16.51 15.03 56.70
N CYS N 112 -17.58 14.29 56.44
CA CYS N 112 -18.80 14.39 57.22
C CYS N 112 -19.12 13.07 57.89
N ASP N 113 -19.80 13.16 59.03
CA ASP N 113 -20.36 12.01 59.71
C ASP N 113 -21.84 11.86 59.34
N ILE N 114 -22.32 10.63 59.38
CA ILE N 114 -23.68 10.30 58.97
C ILE N 114 -24.55 10.21 60.22
N TYR N 115 -25.65 10.95 60.23
CA TYR N 115 -26.56 11.00 61.36
C TYR N 115 -27.97 10.65 60.93
N LYS N 116 -28.67 9.89 61.76
CA LYS N 116 -30.06 9.58 61.51
C LYS N 116 -30.91 10.84 61.70
N PRO N 117 -32.09 10.89 61.09
CA PRO N 117 -32.93 12.10 61.24
C PRO N 117 -33.32 12.40 62.68
N ASP N 118 -33.37 11.38 63.54
CA ASP N 118 -33.74 11.64 64.93
C ASP N 118 -32.63 12.37 65.69
N GLY N 119 -31.41 12.34 65.17
CA GLY N 119 -30.32 13.05 65.80
C GLY N 119 -29.17 12.16 66.23
N SER N 120 -29.43 10.87 66.34
CA SER N 120 -28.37 9.95 66.72
C SER N 120 -27.50 9.59 65.52
N PRO N 121 -26.22 9.32 65.74
CA PRO N 121 -25.35 8.93 64.62
C PRO N 121 -25.77 7.59 64.04
N PHE N 122 -25.55 7.45 62.73
CA PHE N 122 -25.86 6.21 62.04
C PHE N 122 -24.91 5.11 62.49
N ALA N 123 -25.46 3.95 62.85
CA ALA N 123 -24.65 2.86 63.36
C ALA N 123 -23.81 2.20 62.27
N GLY N 124 -24.17 2.37 61.00
CA GLY N 124 -23.43 1.77 59.92
C GLY N 124 -22.33 2.61 59.32
N ASP N 125 -22.06 3.79 59.88
CA ASP N 125 -21.01 4.66 59.35
C ASP N 125 -19.66 4.23 59.90
N PRO N 126 -18.70 3.88 59.03
CA PRO N 126 -17.38 3.44 59.56
C PRO N 126 -16.69 4.47 60.44
N ARG N 127 -16.78 5.75 60.08
CA ARG N 127 -16.20 6.79 60.91
C ARG N 127 -16.87 6.83 62.29
N GLY N 128 -18.19 6.67 62.32
CA GLY N 128 -18.88 6.60 63.59
C GLY N 128 -18.49 5.36 64.38
N ILE N 129 -18.22 4.25 63.69
CA ILE N 129 -17.77 3.04 64.37
C ILE N 129 -16.43 3.28 65.05
N LEU N 130 -15.50 3.89 64.32
CA LEU N 130 -14.19 4.20 64.91
C LEU N 130 -14.33 5.18 66.07
N LYS N 131 -15.21 6.18 65.93
CA LYS N 131 -15.43 7.12 67.02
C LYS N 131 -15.99 6.44 68.25
N ARG N 132 -16.91 5.50 68.06
CA ARG N 132 -17.48 4.77 69.20
C ARG N 132 -16.44 3.89 69.89
N VAL N 133 -15.60 3.22 69.11
CA VAL N 133 -14.54 2.42 69.72
C VAL N 133 -13.55 3.31 70.46
N LEU N 134 -13.24 4.48 69.91
CA LEU N 134 -12.37 5.42 70.62
C LEU N 134 -13.02 5.92 71.89
N LYS N 135 -14.34 6.11 71.89
CA LYS N 135 -15.04 6.54 73.09
C LYS N 135 -14.97 5.47 74.18
N GLU N 136 -15.20 4.21 73.82
CA GLU N 136 -15.10 3.17 74.83
C GLU N 136 -13.66 2.92 75.25
N ALA N 137 -12.68 3.31 74.42
CA ALA N 137 -11.29 3.33 74.87
C ALA N 137 -11.06 4.43 75.90
N GLU N 138 -11.59 5.63 75.63
CA GLU N 138 -11.49 6.72 76.59
C GLU N 138 -12.14 6.38 77.90
N GLU N 139 -13.20 5.56 77.86
CA GLU N 139 -13.84 5.11 79.10
C GLU N 139 -12.89 4.32 79.98
N LEU N 140 -11.80 3.78 79.44
CA LEU N 140 -10.79 3.08 80.23
C LEU N 140 -9.62 3.98 80.60
N GLY N 141 -9.66 5.26 80.24
CA GLY N 141 -8.62 6.19 80.60
C GLY N 141 -7.62 6.51 79.50
N TYR N 142 -7.74 5.91 78.33
CA TYR N 142 -6.81 6.16 77.23
C TYR N 142 -7.37 7.29 76.39
N THR N 143 -6.72 8.46 76.47
CA THR N 143 -7.26 9.67 75.85
C THR N 143 -7.20 9.59 74.33
N SER N 144 -6.13 9.02 73.79
CA SER N 144 -5.96 8.98 72.35
C SER N 144 -5.24 7.70 71.94
N MET N 145 -5.38 7.38 70.65
CA MET N 145 -4.68 6.26 70.03
C MET N 145 -3.89 6.82 68.85
N ASN N 146 -2.57 6.80 68.95
CA ASN N 146 -1.69 7.41 67.96
C ASN N 146 -1.35 6.37 66.89
N VAL N 147 -1.62 6.70 65.63
CA VAL N 147 -1.54 5.75 64.53
C VAL N 147 -0.64 6.33 63.44
N GLY N 148 0.31 5.52 62.98
CA GLY N 148 1.08 5.86 61.80
C GLY N 148 1.06 4.72 60.79
N PRO N 149 0.41 4.95 59.65
CA PRO N 149 0.33 3.92 58.61
C PRO N 149 1.45 4.01 57.60
N GLU N 150 1.67 2.90 56.90
CA GLU N 150 2.71 2.79 55.88
C GLU N 150 2.11 2.21 54.60
N PRO N 151 1.28 2.97 53.89
CA PRO N 151 0.66 2.45 52.68
C PRO N 151 1.62 2.44 51.50
N GLU N 152 1.61 1.34 50.76
CA GLU N 152 2.45 1.17 49.58
C GLU N 152 1.56 1.02 48.35
N PHE N 153 2.06 1.46 47.20
CA PHE N 153 1.27 1.44 45.98
C PHE N 153 2.17 1.13 44.80
N PHE N 154 1.54 0.72 43.70
CA PHE N 154 2.22 0.41 42.46
C PHE N 154 1.86 1.46 41.41
N LEU N 155 2.79 1.70 40.49
CA LEU N 155 2.59 2.60 39.37
C LEU N 155 2.68 1.79 38.08
N PHE N 156 1.64 1.89 37.25
CA PHE N 156 1.58 1.18 35.99
C PHE N 156 1.48 2.17 34.84
N LYS N 157 2.09 1.83 33.72
CA LYS N 157 1.96 2.64 32.51
C LYS N 157 0.60 2.39 31.87
N THR N 158 0.03 3.46 31.32
CA THR N 158 -1.27 3.39 30.66
C THR N 158 -1.09 3.24 29.16
N ASP N 159 -2.19 2.91 28.49
CA ASP N 159 -2.21 2.81 27.04
C ASP N 159 -2.80 4.07 26.44
N GLU N 160 -3.03 4.05 25.12
CA GLU N 160 -3.60 5.22 24.45
C GLU N 160 -5.00 5.54 24.97
N LYS N 161 -5.81 4.51 25.21
CA LYS N 161 -7.16 4.71 25.74
C LYS N 161 -7.16 5.15 27.19
N GLY N 162 -6.02 5.11 27.87
CA GLY N 162 -5.95 5.50 29.26
C GLY N 162 -6.23 4.39 30.25
N ASP N 163 -6.01 3.14 29.86
CA ASP N 163 -6.23 2.02 30.75
C ASP N 163 -4.90 1.43 31.21
N PRO N 164 -4.83 0.90 32.43
CA PRO N 164 -3.56 0.37 32.94
C PRO N 164 -3.12 -0.87 32.17
N THR N 165 -1.88 -0.87 31.74
CA THR N 165 -1.27 -2.04 31.13
C THR N 165 -0.65 -2.90 32.22
N THR N 166 0.12 -3.91 31.83
CA THR N 166 0.78 -4.80 32.78
C THR N 166 2.23 -4.45 32.99
N GLU N 167 2.69 -3.32 32.47
CA GLU N 167 4.09 -2.93 32.54
C GLU N 167 4.30 -1.90 33.63
N LEU N 168 5.30 -2.12 34.47
CA LEU N 168 5.60 -1.20 35.55
C LEU N 168 6.25 0.07 35.00
N ASN N 169 6.18 1.15 35.79
CA ASN N 169 6.73 2.42 35.35
C ASN N 169 8.26 2.41 35.42
N ASP N 170 8.85 1.59 36.28
CA ASP N 170 10.29 1.50 36.39
C ASP N 170 10.66 0.08 36.82
N GLN N 171 11.96 -0.14 37.05
CA GLN N 171 12.47 -1.44 37.44
C GLN N 171 13.44 -1.30 38.59
N GLY N 172 13.14 -0.39 39.52
CA GLY N 172 14.02 -0.17 40.66
C GLY N 172 13.83 -1.17 41.77
N GLY N 173 14.68 -1.06 42.78
CA GLY N 173 14.63 -1.95 43.92
C GLY N 173 14.42 -1.22 45.23
N TYR N 174 14.80 -1.87 46.34
CA TYR N 174 14.54 -1.27 47.69
C TYR N 174 15.42 -0.04 47.91
N PHE N 175 14.80 1.09 48.30
CA PHE N 175 15.55 2.35 48.59
C PHE N 175 16.40 2.76 47.39
N ASP N 176 16.00 2.38 46.17
CA ASP N 176 16.83 2.68 44.96
C ASP N 176 16.78 4.18 44.64
N LEU N 177 17.84 4.69 44.01
CA LEU N 177 17.89 6.13 43.64
C LEU N 177 17.67 6.27 42.13
N ALA N 178 16.63 7.03 41.74
CA ALA N 178 16.37 7.29 40.31
C ALA N 178 15.99 8.77 40.12
N PRO N 179 16.97 9.68 39.96
CA PRO N 179 16.68 11.12 39.86
C PRO N 179 16.08 11.55 38.51
N MET N 180 16.01 10.63 37.54
CA MET N 180 15.48 10.97 36.19
C MET N 180 13.96 11.17 36.27
N ASP N 181 13.18 10.09 36.15
CA ASP N 181 11.70 10.18 36.19
C ASP N 181 11.11 8.81 36.56
N LEU N 182 11.90 7.95 37.21
CA LEU N 182 11.43 6.58 37.54
C LEU N 182 10.90 6.55 38.98
N GLY N 183 11.78 6.29 39.96
CA GLY N 183 11.36 6.21 41.36
C GLY N 183 10.73 7.50 41.86
N GLU N 184 11.36 8.65 41.58
CA GLU N 184 10.85 9.95 42.08
C GLU N 184 9.90 10.58 41.05
N ASN N 185 10.11 11.86 40.70
CA ASN N 185 9.26 12.57 39.72
C ASN N 185 7.80 12.59 40.21
N CYS N 186 7.00 11.58 39.82
CA CYS N 186 5.60 11.48 40.29
C CYS N 186 5.56 11.49 41.82
N ARG N 187 6.43 10.69 42.46
CA ARG N 187 6.49 10.63 43.94
C ARG N 187 6.71 12.04 44.51
N ARG N 188 7.71 12.75 43.98
CA ARG N 188 8.00 14.14 44.45
C ARG N 188 6.75 15.00 44.32
N GLU N 189 6.07 14.96 43.17
CA GLU N 189 4.86 15.79 42.95
C GLU N 189 3.79 15.45 43.99
N ILE N 190 3.56 14.16 44.24
CA ILE N 190 2.57 13.74 45.28
C ILE N 190 2.95 14.38 46.61
N VAL N 191 4.20 14.19 47.06
CA VAL N 191 4.66 14.76 48.37
C VAL N 191 4.40 16.26 48.40
N LEU N 192 4.77 16.98 47.32
CA LEU N 192 4.57 18.45 47.25
C LEU N 192 3.08 18.78 47.43
N LYS N 193 2.20 18.13 46.65
CA LYS N 193 0.74 18.37 46.74
C LYS N 193 0.26 18.09 48.16
N LEU N 194 0.69 16.97 48.76
CA LEU N 194 0.26 16.59 50.13
C LEU N 194 0.71 17.67 51.13
N GLU N 195 1.93 18.18 50.99
CA GLU N 195 2.43 19.26 51.89
C GLU N 195 1.48 20.45 51.82
N GLU N 196 1.09 20.86 50.61
CA GLU N 196 0.11 21.98 50.44
C GLU N 196 -1.18 21.61 51.17
N MET N 197 -1.73 20.42 50.91
CA MET N 197 -2.98 19.94 51.56
C MET N 197 -2.88 20.12 53.08
N GLY N 198 -1.70 19.86 53.65
CA GLY N 198 -1.52 19.95 55.11
C GLY N 198 -0.99 18.65 55.68
N PHE N 199 -0.53 17.75 54.80
CA PHE N 199 0.01 16.44 55.23
C PHE N 199 1.44 16.60 55.75
N GLU N 200 1.68 16.20 57.00
CA GLU N 200 3.06 16.24 57.53
C GLU N 200 3.77 14.97 57.02
N ILE N 201 4.57 15.09 55.95
CA ILE N 201 5.21 13.89 55.34
C ILE N 201 6.52 13.58 56.08
N GLU N 202 6.66 12.35 56.60
CA GLU N 202 7.91 11.95 57.29
C GLU N 202 9.01 11.70 56.25
N ALA N 203 8.86 10.66 55.42
CA ALA N 203 9.88 10.32 54.41
C ALA N 203 9.26 9.49 53.27
N SER N 204 9.88 9.50 52.09
CA SER N 204 9.40 8.68 50.95
C SER N 204 10.57 7.86 50.38
N HIS N 205 10.28 6.70 49.79
CA HIS N 205 11.37 5.82 49.27
C HIS N 205 10.81 4.79 48.28
N HIS N 206 11.70 4.13 47.53
CA HIS N 206 11.27 3.08 46.58
C HIS N 206 11.13 1.76 47.33
N GLU N 207 10.12 0.96 46.98
CA GLU N 207 9.88 -0.32 47.69
C GLU N 207 10.59 -1.48 46.98
N VAL N 208 10.57 -2.68 47.58
CA VAL N 208 11.31 -3.84 47.01
C VAL N 208 10.89 -4.10 45.56
N ALA N 209 9.60 -4.31 45.30
CA ALA N 209 9.13 -4.67 43.94
C ALA N 209 9.28 -3.49 42.98
N PRO N 210 9.53 -3.72 41.67
CA PRO N 210 9.59 -2.63 40.68
C PRO N 210 8.26 -1.84 40.60
N GLY N 211 8.33 -0.54 40.30
CA GLY N 211 7.14 0.27 40.24
C GLY N 211 6.41 0.44 41.55
N GLN N 212 6.99 0.00 42.66
CA GLN N 212 6.34 0.09 43.97
C GLN N 212 7.00 1.18 44.78
N HIS N 213 6.17 2.03 45.40
CA HIS N 213 6.65 3.18 46.15
C HIS N 213 5.92 3.28 47.48
N GLU N 214 6.56 3.94 48.43
CA GLU N 214 5.98 4.14 49.76
C GLU N 214 6.22 5.57 50.20
N ILE N 215 5.18 6.19 50.75
CA ILE N 215 5.25 7.52 51.34
C ILE N 215 4.69 7.44 52.75
N ASP N 216 5.45 7.91 53.73
CA ASP N 216 5.08 7.83 55.14
C ASP N 216 4.70 9.20 55.65
N PHE N 217 3.64 9.25 56.45
CA PHE N 217 3.23 10.48 57.13
C PHE N 217 3.64 10.42 58.59
N LYS N 218 3.65 11.58 59.23
CA LYS N 218 3.85 11.63 60.66
C LYS N 218 2.61 11.10 61.38
N TYR N 219 2.81 10.69 62.63
CA TYR N 219 1.74 10.05 63.38
C TYR N 219 0.67 11.06 63.77
N ALA N 220 -0.58 10.61 63.79
CA ALA N 220 -1.71 11.44 64.16
C ALA N 220 -2.72 10.58 64.90
N ASP N 221 -3.77 11.22 65.38
CA ASP N 221 -4.84 10.48 66.05
C ASP N 221 -5.57 9.61 65.04
N ALA N 222 -6.29 8.61 65.55
CA ALA N 222 -6.80 7.53 64.70
C ALA N 222 -7.74 8.06 63.63
N VAL N 223 -8.69 8.92 64.01
CA VAL N 223 -9.63 9.47 63.03
C VAL N 223 -8.89 10.29 61.98
N LYS N 224 -7.96 11.14 62.43
CA LYS N 224 -7.18 11.93 61.51
C LYS N 224 -6.32 11.03 60.63
N ALA N 225 -5.79 9.95 61.19
CA ALA N 225 -4.98 9.03 60.41
C ALA N 225 -5.79 8.38 59.29
N ALA N 226 -7.01 7.95 59.60
CA ALA N 226 -7.86 7.34 58.58
C ALA N 226 -8.27 8.35 57.51
N ASP N 227 -8.62 9.57 57.94
CA ASP N 227 -8.93 10.61 56.96
C ASP N 227 -7.75 10.88 56.05
N GLN N 228 -6.55 10.93 56.63
CA GLN N 228 -5.35 11.15 55.83
C GLN N 228 -5.10 10.00 54.88
N ILE N 229 -5.39 8.76 55.30
CA ILE N 229 -5.22 7.62 54.39
C ILE N 229 -6.14 7.75 53.19
N GLN N 230 -7.41 8.09 53.44
CA GLN N 230 -8.35 8.25 52.33
C GLN N 230 -7.91 9.38 51.39
N THR N 231 -7.55 10.53 51.96
CA THR N 231 -7.11 11.66 51.14
C THR N 231 -5.85 11.32 50.38
N PHE N 232 -4.93 10.58 51.02
CA PHE N 232 -3.69 10.21 50.37
C PHE N 232 -3.94 9.30 49.18
N LYS N 233 -4.83 8.33 49.33
CA LYS N 233 -5.15 7.46 48.20
C LYS N 233 -5.75 8.27 47.05
N LEU N 234 -6.68 9.16 47.36
CA LEU N 234 -7.29 9.97 46.31
C LEU N 234 -6.26 10.85 45.60
N VAL N 235 -5.39 11.50 46.38
CA VAL N 235 -4.40 12.40 45.80
C VAL N 235 -3.40 11.63 44.95
N VAL N 236 -2.94 10.48 45.44
CA VAL N 236 -1.98 9.69 44.67
C VAL N 236 -2.60 9.25 43.36
N LYS N 237 -3.84 8.78 43.39
CA LYS N 237 -4.50 8.37 42.15
C LYS N 237 -4.62 9.54 41.17
N THR N 238 -5.03 10.71 41.66
CA THR N 238 -5.20 11.86 40.77
C THR N 238 -3.87 12.28 40.16
N ILE N 239 -2.82 12.41 40.98
CA ILE N 239 -1.54 12.86 40.46
C ILE N 239 -0.96 11.84 39.48
N ALA N 240 -1.08 10.56 39.78
CA ALA N 240 -0.60 9.55 38.85
C ALA N 240 -1.34 9.62 37.53
N ARG N 241 -2.66 9.84 37.58
CA ARG N 241 -3.42 10.01 36.34
C ARG N 241 -2.96 11.23 35.57
N GLN N 242 -2.53 12.28 36.27
CA GLN N 242 -2.08 13.49 35.59
C GLN N 242 -0.83 13.22 34.74
N HIS N 243 0.07 12.37 35.23
CA HIS N 243 1.32 12.07 34.52
C HIS N 243 1.18 10.92 33.54
N GLY N 244 -0.05 10.53 33.19
CA GLY N 244 -0.23 9.40 32.32
C GLY N 244 0.20 8.08 32.91
N LEU N 245 0.01 7.89 34.20
CA LEU N 245 0.29 6.64 34.89
C LEU N 245 -0.97 6.17 35.60
N HIS N 246 -0.92 4.95 36.12
CA HIS N 246 -2.02 4.40 36.88
C HIS N 246 -1.49 3.95 38.24
N ALA N 247 -2.08 4.48 39.30
CA ALA N 247 -1.72 4.11 40.66
C ALA N 247 -2.76 3.17 41.22
N THR N 248 -2.31 2.07 41.80
CA THR N 248 -3.20 1.08 42.37
C THR N 248 -2.74 0.72 43.78
N PHE N 249 -3.70 0.50 44.67
CA PHE N 249 -3.44 -0.01 46.00
C PHE N 249 -3.89 -1.46 46.12
N MET N 250 -3.94 -2.17 45.00
CA MET N 250 -4.31 -3.57 44.99
C MET N 250 -3.29 -4.38 45.78
N PRO N 251 -3.72 -5.25 46.69
CA PRO N 251 -2.76 -5.95 47.56
C PRO N 251 -1.71 -6.76 46.81
N LYS N 252 -2.08 -7.43 45.72
CA LYS N 252 -1.15 -8.27 44.97
C LYS N 252 -1.47 -8.16 43.48
N PRO N 253 -1.04 -7.08 42.84
CA PRO N 253 -1.36 -6.91 41.41
C PRO N 253 -0.65 -7.91 40.51
N LEU N 254 0.51 -8.43 40.92
CA LEU N 254 1.27 -9.34 40.08
C LEU N 254 1.72 -10.55 40.88
N PHE N 255 1.77 -11.69 40.22
CA PHE N 255 2.28 -12.91 40.83
C PHE N 255 3.80 -12.93 40.79
N GLY N 256 4.41 -13.41 41.87
CA GLY N 256 5.84 -13.56 41.94
C GLY N 256 6.60 -12.35 42.42
N VAL N 257 5.93 -11.22 42.65
CA VAL N 257 6.56 -10.03 43.19
C VAL N 257 5.89 -9.69 44.52
N ASN N 258 6.53 -8.79 45.26
CA ASN N 258 6.00 -8.40 46.57
C ASN N 258 4.66 -7.70 46.42
N GLY N 259 3.80 -7.90 47.41
CA GLY N 259 2.54 -7.19 47.47
C GLY N 259 2.67 -5.85 48.17
N SER N 260 1.54 -5.17 48.31
CA SER N 260 1.47 -3.90 49.01
C SER N 260 0.78 -4.09 50.35
N GLY N 261 1.43 -3.63 51.42
CA GLY N 261 0.87 -3.69 52.75
C GLY N 261 0.62 -2.30 53.29
N MET N 262 -0.11 -2.25 54.41
CA MET N 262 -0.45 -1.00 55.09
C MET N 262 -0.19 -1.20 56.59
N HIS N 263 1.05 -1.60 56.90
CA HIS N 263 1.48 -1.74 58.28
C HIS N 263 1.03 -0.54 59.12
N CYS N 264 0.36 -0.82 60.22
CA CYS N 264 -0.18 0.22 61.09
C CYS N 264 0.59 0.21 62.41
N ASN N 265 1.19 1.35 62.74
CA ASN N 265 1.89 1.52 64.01
C ASN N 265 0.94 2.17 65.00
N GLN N 266 0.75 1.54 66.15
CA GLN N 266 -0.20 2.00 67.14
C GLN N 266 0.46 2.16 68.50
N SER N 267 0.01 3.17 69.25
CA SER N 267 0.43 3.37 70.62
C SER N 267 -0.69 4.07 71.37
N LEU N 268 -1.01 3.58 72.56
CA LEU N 268 -2.07 4.16 73.37
C LEU N 268 -1.50 5.27 74.24
N PHE N 269 -2.22 6.38 74.34
CA PHE N 269 -1.77 7.54 75.09
C PHE N 269 -2.80 7.90 76.14
N LYS N 270 -2.30 8.33 77.31
CA LYS N 270 -3.14 8.81 78.41
C LYS N 270 -2.52 10.12 78.89
N ASP N 271 -3.07 11.24 78.42
CA ASP N 271 -2.59 12.57 78.78
C ASP N 271 -1.11 12.71 78.41
N ASN N 272 -0.87 12.67 77.10
CA ASN N 272 0.44 12.81 76.45
C ASN N 272 1.51 11.97 77.16
N GLU N 273 1.10 10.84 77.70
CA GLU N 273 2.02 9.85 78.25
C GLU N 273 1.81 8.55 77.52
N ASN N 274 2.89 7.98 76.98
CA ASN N 274 2.82 6.72 76.26
C ASN N 274 2.70 5.58 77.28
N VAL N 275 1.52 4.96 77.34
CA VAL N 275 1.31 3.87 78.29
C VAL N 275 1.95 2.58 77.85
N PHE N 276 2.45 2.50 76.61
CA PHE N 276 3.16 1.32 76.16
C PHE N 276 4.60 1.29 76.66
N TYR N 277 5.13 2.42 77.11
CA TYR N 277 6.52 2.51 77.53
C TYR N 277 6.70 2.08 78.98
N ASP N 278 7.80 1.37 79.24
CA ASP N 278 8.16 0.97 80.60
C ASP N 278 9.67 0.81 80.63
N GLU N 279 10.36 1.80 81.20
CA GLU N 279 11.82 1.76 81.21
C GLU N 279 12.35 0.58 82.01
N THR N 280 11.60 0.14 83.03
CA THR N 280 12.07 -0.96 83.87
C THR N 280 12.01 -2.31 83.15
N ASP N 281 11.15 -2.43 82.15
CA ASP N 281 11.01 -3.69 81.45
C ASP N 281 12.24 -3.98 80.61
N GLU N 282 12.50 -5.28 80.40
CA GLU N 282 13.67 -5.69 79.62
C GLU N 282 13.57 -5.21 78.18
N LEU N 283 12.38 -5.32 77.59
CA LEU N 283 12.16 -4.85 76.23
C LEU N 283 11.62 -3.43 76.17
N GLY N 284 11.50 -2.75 77.31
CA GLY N 284 10.90 -1.44 77.35
C GLY N 284 9.42 -1.47 77.03
N LEU N 285 8.71 -2.51 77.44
CA LEU N 285 7.31 -2.70 77.13
C LEU N 285 6.52 -2.83 78.42
N SER N 286 5.48 -2.01 78.58
CA SER N 286 4.65 -2.09 79.76
C SER N 286 3.73 -3.30 79.68
N GLN N 287 3.15 -3.65 80.83
CA GLN N 287 2.18 -4.74 80.86
C GLN N 287 0.96 -4.40 80.02
N THR N 288 0.61 -3.12 79.93
CA THR N 288 -0.50 -2.70 79.08
C THR N 288 -0.22 -3.02 77.62
N ALA N 289 1.01 -2.74 77.15
CA ALA N 289 1.35 -3.05 75.77
C ALA N 289 1.34 -4.54 75.51
N ARG N 290 1.82 -5.34 76.47
CA ARG N 290 1.81 -6.79 76.30
C ARG N 290 0.38 -7.33 76.24
N HIS N 291 -0.49 -6.82 77.11
CA HIS N 291 -1.90 -7.22 77.04
C HIS N 291 -2.53 -6.82 75.71
N TYR N 292 -2.22 -5.61 75.24
CA TYR N 292 -2.72 -5.15 73.95
C TYR N 292 -2.30 -6.10 72.83
N MET N 293 -1.01 -6.46 72.80
CA MET N 293 -0.52 -7.35 71.75
C MET N 293 -1.13 -8.73 71.86
N ALA N 294 -1.30 -9.23 73.09
CA ALA N 294 -1.94 -10.52 73.28
C ALA N 294 -3.38 -10.51 72.77
N GLY N 295 -4.10 -9.42 73.04
CA GLY N 295 -5.46 -9.31 72.54
C GLY N 295 -5.52 -9.26 71.03
N ILE N 296 -4.57 -8.55 70.40
CA ILE N 296 -4.54 -8.50 68.94
C ILE N 296 -4.24 -9.89 68.37
N LEU N 297 -3.31 -10.61 69.01
CA LEU N 297 -2.95 -11.94 68.52
C LEU N 297 -4.10 -12.92 68.68
N LYS N 298 -4.86 -12.79 69.76
CA LYS N 298 -5.95 -13.74 70.02
C LYS N 298 -7.04 -13.63 68.96
N HIS N 299 -7.36 -12.41 68.53
CA HIS N 299 -8.47 -12.16 67.62
C HIS N 299 -8.04 -11.94 66.18
N ALA N 300 -6.79 -12.29 65.83
CA ALA N 300 -6.26 -11.96 64.51
C ALA N 300 -7.06 -12.62 63.40
N ARG N 301 -7.39 -13.90 63.56
CA ARG N 301 -8.12 -14.61 62.52
C ARG N 301 -9.50 -14.01 62.31
N ALA N 302 -10.12 -13.49 63.38
CA ALA N 302 -11.41 -12.83 63.25
C ALA N 302 -11.29 -11.48 62.55
N MET N 303 -10.23 -10.73 62.82
CA MET N 303 -10.01 -9.45 62.18
C MET N 303 -9.54 -9.56 60.73
N ALA N 304 -9.08 -10.74 60.32
CA ALA N 304 -8.53 -10.89 58.98
C ALA N 304 -9.53 -10.49 57.90
N ALA N 305 -10.82 -10.76 58.11
CA ALA N 305 -11.82 -10.41 57.11
C ALA N 305 -11.97 -8.91 56.95
N ILE N 306 -11.56 -8.12 57.95
CA ILE N 306 -11.66 -6.67 57.86
C ILE N 306 -10.34 -6.05 57.41
N THR N 307 -9.22 -6.49 57.98
CA THR N 307 -7.93 -5.96 57.57
C THR N 307 -7.49 -6.50 56.22
N ASN N 308 -8.02 -7.63 55.79
CA ASN N 308 -7.74 -8.21 54.48
C ASN N 308 -9.07 -8.53 53.84
N PRO N 309 -9.75 -7.53 53.28
CA PRO N 309 -11.16 -7.70 52.93
C PRO N 309 -11.43 -8.31 51.57
N THR N 310 -10.48 -8.23 50.65
CA THR N 310 -10.73 -8.67 49.29
C THR N 310 -10.23 -10.10 49.07
N VAL N 311 -10.63 -10.66 47.92
CA VAL N 311 -10.12 -11.97 47.52
C VAL N 311 -8.63 -11.88 47.25
N ASN N 312 -8.19 -10.82 46.57
CA ASN N 312 -6.78 -10.65 46.24
C ASN N 312 -5.92 -10.44 47.47
N SER N 313 -6.53 -10.10 48.61
CA SER N 313 -5.75 -9.86 49.82
C SER N 313 -5.01 -11.12 50.27
N TYR N 314 -5.57 -12.29 50.01
CA TYR N 314 -5.00 -13.54 50.48
C TYR N 314 -4.04 -14.16 49.48
N LYS N 315 -3.92 -13.58 48.29
CA LYS N 315 -2.79 -13.89 47.42
C LYS N 315 -1.51 -13.21 47.87
N ARG N 316 -1.63 -12.13 48.65
CA ARG N 316 -0.47 -11.51 49.25
C ARG N 316 0.05 -12.30 50.45
N LEU N 317 -0.87 -12.87 51.24
CA LEU N 317 -0.50 -13.61 52.44
C LEU N 317 0.00 -15.01 52.08
N VAL N 318 1.10 -15.04 51.33
CA VAL N 318 1.77 -16.28 50.95
C VAL N 318 3.22 -16.17 51.36
N PRO N 319 3.90 -17.27 51.69
CA PRO N 319 5.27 -17.17 52.19
C PRO N 319 6.24 -16.71 51.12
N GLY N 320 7.30 -16.02 51.57
CA GLY N 320 8.39 -15.64 50.71
C GLY N 320 8.35 -14.21 50.20
N TYR N 321 7.44 -13.38 50.69
CA TYR N 321 7.32 -12.00 50.21
C TYR N 321 7.12 -11.02 51.36
N GLU N 322 7.56 -11.39 52.56
CA GLU N 322 7.56 -10.56 53.76
C GLU N 322 6.17 -10.28 54.31
N ALA N 323 5.12 -10.73 53.66
CA ALA N 323 3.81 -10.58 54.26
C ALA N 323 3.63 -11.60 55.37
N PRO N 324 3.00 -11.23 56.47
CA PRO N 324 2.78 -12.20 57.55
C PRO N 324 1.85 -13.32 57.10
N CYS N 325 2.16 -14.53 57.56
CA CYS N 325 1.30 -15.68 57.31
C CYS N 325 0.95 -16.44 58.59
N TYR N 326 1.54 -16.10 59.73
CA TYR N 326 1.28 -16.78 60.98
C TYR N 326 1.05 -15.74 62.06
N VAL N 327 0.18 -16.08 63.01
CA VAL N 327 -0.17 -15.19 64.10
C VAL N 327 0.89 -15.26 65.19
N ALA N 328 1.90 -14.39 65.11
CA ALA N 328 2.98 -14.38 66.07
C ALA N 328 3.62 -13.01 66.09
N TRP N 329 4.36 -12.73 67.15
CA TRP N 329 5.02 -11.46 67.33
C TRP N 329 6.51 -11.67 67.57
N SER N 330 7.30 -10.69 67.13
CA SER N 330 8.75 -10.74 67.30
C SER N 330 9.30 -9.33 67.19
N ALA N 331 10.52 -9.16 67.68
CA ALA N 331 11.26 -7.92 67.47
C ALA N 331 12.14 -7.96 66.24
N SER N 332 12.43 -9.16 65.72
CA SER N 332 13.24 -9.31 64.52
C SER N 332 12.94 -10.67 63.92
N ASN N 333 12.26 -10.68 62.77
CA ASN N 333 11.92 -11.94 62.11
C ASN N 333 11.62 -11.64 60.65
N ARG N 334 11.50 -12.71 59.87
CA ARG N 334 11.14 -12.64 58.46
C ARG N 334 9.87 -11.82 58.26
N SER N 335 8.77 -12.27 58.83
CA SER N 335 7.46 -11.62 58.66
C SER N 335 6.57 -11.99 59.83
N PRO N 336 6.77 -11.35 60.98
CA PRO N 336 5.86 -11.56 62.10
C PRO N 336 4.55 -10.81 61.90
N MET N 337 3.50 -11.34 62.52
CA MET N 337 2.22 -10.65 62.50
C MET N 337 2.32 -9.30 63.20
N ILE N 338 3.00 -9.28 64.34
CA ILE N 338 3.22 -8.06 65.12
C ILE N 338 4.73 -7.85 65.23
N ARG N 339 5.18 -6.64 64.91
CA ARG N 339 6.58 -6.28 65.06
C ARG N 339 6.68 -5.08 66.00
N ILE N 340 7.73 -5.07 66.82
CA ILE N 340 7.95 -4.00 67.78
C ILE N 340 9.21 -3.25 67.35
N PRO N 341 9.08 -2.02 66.86
CA PRO N 341 10.27 -1.26 66.44
C PRO N 341 11.18 -0.95 67.62
N ALA N 342 12.44 -0.68 67.29
CA ALA N 342 13.45 -0.44 68.31
C ALA N 342 13.27 0.88 69.05
N SER N 343 12.47 1.80 68.51
CA SER N 343 12.29 3.09 69.15
C SER N 343 11.60 2.94 70.50
N ARG N 344 12.02 3.75 71.46
CA ARG N 344 11.47 3.69 72.81
C ARG N 344 11.02 5.06 73.28
N GLY N 345 10.67 5.19 74.55
CA GLY N 345 10.25 6.48 75.06
C GLY N 345 8.83 6.80 74.64
N LEU N 346 8.63 7.99 74.11
CA LEU N 346 7.32 8.38 73.61
C LEU N 346 6.99 7.77 72.26
N SER N 347 7.94 7.10 71.62
CA SER N 347 7.74 6.52 70.30
C SER N 347 7.71 5.00 70.34
N THR N 348 7.46 4.39 71.50
CA THR N 348 7.29 2.95 71.56
C THR N 348 5.97 2.57 70.91
N ARG N 349 6.01 1.62 69.98
CA ARG N 349 4.87 1.35 69.12
C ARG N 349 4.70 -0.15 68.95
N VAL N 350 3.49 -0.53 68.57
CA VAL N 350 3.17 -1.89 68.17
C VAL N 350 2.74 -1.84 66.71
N GLU N 351 3.51 -2.52 65.85
CA GLU N 351 3.25 -2.50 64.42
C GLU N 351 2.52 -3.77 64.03
N VAL N 352 1.32 -3.62 63.47
CA VAL N 352 0.54 -4.73 62.95
C VAL N 352 0.65 -4.70 61.43
N ARG N 353 1.06 -5.82 60.85
CA ARG N 353 1.46 -5.87 59.44
C ARG N 353 0.47 -6.61 58.55
N ASN N 354 -0.62 -7.12 59.10
CA ASN N 354 -1.64 -7.76 58.26
C ASN N 354 -2.30 -6.83 57.25
N PRO N 355 -2.75 -5.63 57.63
CA PRO N 355 -3.61 -4.86 56.72
C PRO N 355 -2.92 -4.54 55.40
N ASP N 356 -3.70 -4.54 54.33
CA ASP N 356 -3.32 -4.06 53.03
C ASP N 356 -4.05 -2.76 52.73
N PRO N 357 -3.54 -1.95 51.79
CA PRO N 357 -4.19 -0.65 51.54
C PRO N 357 -5.62 -0.74 51.04
N ALA N 358 -6.07 -1.92 50.62
CA ALA N 358 -7.46 -2.09 50.23
C ALA N 358 -8.42 -2.11 51.41
N ALA N 359 -7.92 -2.26 52.63
CA ALA N 359 -8.78 -2.30 53.80
C ALA N 359 -9.38 -0.93 54.09
N ASN N 360 -10.54 -0.94 54.71
CA ASN N 360 -11.15 0.30 55.18
C ASN N 360 -10.36 0.80 56.39
N PRO N 361 -9.78 2.01 56.33
CA PRO N 361 -8.96 2.46 57.48
C PRO N 361 -9.74 2.57 58.77
N TYR N 362 -10.96 3.10 58.71
CA TYR N 362 -11.76 3.25 59.91
C TYR N 362 -12.08 1.90 60.54
N LEU N 363 -12.57 0.97 59.72
CA LEU N 363 -12.92 -0.35 60.25
C LEU N 363 -11.70 -1.10 60.75
N ALA N 364 -10.58 -1.02 60.01
CA ALA N 364 -9.37 -1.72 60.43
C ALA N 364 -8.85 -1.19 61.76
N LEU N 365 -8.75 0.13 61.88
CA LEU N 365 -8.30 0.72 63.14
C LEU N 365 -9.27 0.39 64.26
N ALA N 366 -10.56 0.41 63.99
CA ALA N 366 -11.56 0.11 65.01
C ALA N 366 -11.40 -1.32 65.53
N VAL N 367 -11.28 -2.28 64.62
CA VAL N 367 -11.20 -3.68 65.06
C VAL N 367 -9.88 -3.94 65.77
N MET N 368 -8.78 -3.34 65.28
CA MET N 368 -7.51 -3.52 65.97
C MET N 368 -7.54 -2.93 67.37
N LEU N 369 -8.08 -1.73 67.52
CA LEU N 369 -8.17 -1.11 68.83
C LEU N 369 -9.08 -1.90 69.75
N ARG N 370 -10.20 -2.41 69.24
CA ARG N 370 -11.11 -3.19 70.06
C ARG N 370 -10.47 -4.48 70.52
N ALA N 371 -9.74 -5.16 69.64
CA ALA N 371 -9.05 -6.38 70.04
C ALA N 371 -8.00 -6.09 71.10
N GLY N 372 -7.24 -5.01 70.93
CA GLY N 372 -6.26 -4.64 71.94
C GLY N 372 -6.88 -4.31 73.28
N LEU N 373 -7.99 -3.58 73.26
CA LEU N 373 -8.68 -3.23 74.51
C LEU N 373 -9.26 -4.47 75.17
N ASP N 374 -9.76 -5.41 74.38
CA ASP N 374 -10.28 -6.65 74.93
C ASP N 374 -9.15 -7.45 75.58
N GLY N 375 -7.98 -7.46 74.95
CA GLY N 375 -6.83 -8.11 75.58
C GLY N 375 -6.42 -7.43 76.87
N ILE N 376 -6.48 -6.10 76.89
CA ILE N 376 -6.16 -5.35 78.12
C ILE N 376 -7.14 -5.68 79.22
N LYS N 377 -8.43 -5.72 78.89
CA LYS N 377 -9.47 -5.91 79.89
C LYS N 377 -9.36 -7.28 80.57
N ARG N 378 -9.17 -8.33 79.77
CA ARG N 378 -9.10 -9.68 80.30
C ARG N 378 -7.68 -10.06 80.73
N GLN N 379 -6.72 -9.15 80.54
CA GLN N 379 -5.35 -9.36 81.00
C GLN N 379 -4.76 -10.65 80.42
N MET N 380 -4.87 -10.79 79.10
CA MET N 380 -4.38 -11.99 78.43
C MET N 380 -2.86 -12.10 78.57
N ALA N 381 -2.39 -13.35 78.61
CA ALA N 381 -0.96 -13.61 78.73
C ALA N 381 -0.31 -13.59 77.35
N LEU N 382 0.77 -12.83 77.22
CA LEU N 382 1.47 -12.74 75.95
C LEU N 382 2.17 -14.06 75.65
N PRO N 383 1.97 -14.66 74.49
CA PRO N 383 2.75 -15.84 74.10
C PRO N 383 4.20 -15.47 73.85
N ALA N 384 5.05 -16.48 73.90
CA ALA N 384 6.48 -16.26 73.73
C ALA N 384 6.77 -15.75 72.32
N PRO N 385 7.70 -14.82 72.16
CA PRO N 385 8.05 -14.34 70.83
C PRO N 385 8.75 -15.42 70.04
N ILE N 386 8.63 -15.33 68.72
CA ILE N 386 9.32 -16.26 67.83
C ILE N 386 10.74 -15.76 67.58
N ASP N 387 11.70 -16.66 67.69
CA ASP N 387 13.11 -16.34 67.48
C ASP N 387 13.42 -16.36 66.00
N ARG N 388 14.70 -16.39 65.65
CA ARG N 388 15.13 -16.52 64.26
C ARG N 388 14.77 -17.86 63.65
N ASN N 389 13.96 -18.66 64.34
CA ASN N 389 13.50 -19.95 63.84
C ASN N 389 12.56 -19.70 62.68
N ILE N 390 13.08 -19.87 61.46
CA ILE N 390 12.26 -19.71 60.27
C ILE N 390 11.18 -20.78 60.27
N TYR N 391 10.03 -20.46 59.67
CA TYR N 391 8.87 -21.33 59.68
C TYR N 391 8.96 -22.47 58.68
N VAL N 392 10.17 -22.81 58.22
CA VAL N 392 10.39 -24.04 57.47
C VAL N 392 10.00 -25.28 58.27
N MET N 393 9.72 -25.13 59.56
CA MET N 393 9.29 -26.25 60.38
C MET N 393 7.95 -26.77 59.91
N SER N 394 7.72 -28.06 60.17
CA SER N 394 6.52 -28.72 59.72
C SER N 394 5.29 -28.20 60.46
N GLU N 395 4.12 -28.49 59.90
CA GLU N 395 2.86 -28.10 60.54
C GLU N 395 2.73 -28.71 61.92
N GLU N 396 3.24 -29.94 62.11
CA GLU N 396 3.24 -30.55 63.43
C GLU N 396 4.06 -29.73 64.41
N GLU N 397 5.22 -29.25 63.98
CA GLU N 397 6.02 -28.37 64.84
C GLU N 397 5.27 -27.07 65.11
N ARG N 398 4.55 -26.55 64.12
CA ARG N 398 3.88 -25.26 64.28
C ARG N 398 2.72 -25.35 65.29
N ILE N 399 1.88 -26.37 65.17
CA ILE N 399 0.78 -26.47 66.13
C ILE N 399 1.23 -27.09 67.45
N GLU N 400 2.41 -27.71 67.48
CA GLU N 400 2.98 -28.12 68.75
C GLU N 400 3.43 -26.92 69.57
N GLU N 401 3.98 -25.91 68.90
CA GLU N 401 4.40 -24.67 69.55
C GLU N 401 3.26 -23.68 69.71
N GLY N 402 2.06 -24.01 69.26
CA GLY N 402 0.93 -23.10 69.38
C GLY N 402 1.03 -21.86 68.54
N ILE N 403 1.45 -21.98 67.29
CA ILE N 403 1.54 -20.86 66.36
C ILE N 403 0.35 -20.96 65.40
N PRO N 404 -0.68 -20.13 65.55
CA PRO N 404 -1.79 -20.15 64.60
C PRO N 404 -1.40 -19.53 63.28
N SER N 405 -2.19 -19.84 62.26
CA SER N 405 -1.99 -19.30 60.92
C SER N 405 -3.19 -18.46 60.51
N LEU N 406 -2.91 -17.45 59.69
CA LEU N 406 -3.95 -16.58 59.19
C LEU N 406 -4.82 -17.34 58.19
N PRO N 407 -6.07 -16.90 57.98
CA PRO N 407 -6.95 -17.60 57.05
C PRO N 407 -6.37 -17.67 55.65
N ALA N 408 -6.62 -18.79 54.98
CA ALA N 408 -6.05 -19.01 53.65
C ALA N 408 -6.80 -18.29 52.55
N ASP N 409 -8.05 -17.89 52.78
CA ASP N 409 -8.84 -17.21 51.76
C ASP N 409 -9.96 -16.44 52.45
N LEU N 410 -10.76 -15.76 51.64
CA LEU N 410 -11.80 -14.89 52.17
C LEU N 410 -12.88 -15.67 52.90
N LYS N 411 -13.16 -16.90 52.47
CA LYS N 411 -14.22 -17.69 53.07
C LYS N 411 -13.90 -18.04 54.52
N GLU N 412 -12.66 -18.48 54.79
CA GLU N 412 -12.27 -18.79 56.16
C GLU N 412 -12.34 -17.56 57.04
N ALA N 413 -11.89 -16.41 56.52
CA ALA N 413 -11.93 -15.18 57.29
C ALA N 413 -13.36 -14.78 57.61
N LEU N 414 -14.28 -14.95 56.64
CA LEU N 414 -15.67 -14.62 56.89
C LEU N 414 -16.28 -15.54 57.94
N SER N 415 -15.96 -16.83 57.89
CA SER N 415 -16.47 -17.74 58.90
C SER N 415 -15.96 -17.37 60.29
N GLU N 416 -14.67 -17.03 60.39
CA GLU N 416 -14.11 -16.60 61.67
C GLU N 416 -14.76 -15.30 62.14
N LEU N 417 -15.01 -14.38 61.22
CA LEU N 417 -15.69 -13.13 61.55
C LEU N 417 -17.06 -13.40 62.15
N ILE N 418 -17.84 -14.28 61.52
CA ILE N 418 -19.17 -14.61 62.02
C ILE N 418 -19.07 -15.24 63.40
N ARG N 419 -18.14 -16.17 63.58
CA ARG N 419 -18.03 -16.86 64.86
C ARG N 419 -17.51 -15.97 65.98
N SER N 420 -16.93 -14.82 65.68
CA SER N 420 -16.34 -13.97 66.70
C SER N 420 -17.39 -13.07 67.35
N GLU N 421 -17.34 -12.98 68.68
CA GLU N 421 -18.25 -12.13 69.43
C GLU N 421 -17.62 -10.83 69.90
N VAL N 422 -16.30 -10.70 69.79
CA VAL N 422 -15.62 -9.50 70.29
C VAL N 422 -15.56 -8.42 69.21
N ILE N 423 -15.05 -8.74 68.04
CA ILE N 423 -14.88 -7.71 67.02
C ILE N 423 -16.16 -7.54 66.19
N SER N 424 -17.07 -8.51 66.23
CA SER N 424 -18.40 -8.29 65.67
C SER N 424 -19.14 -7.22 66.46
N ASP N 425 -18.91 -7.18 67.78
CA ASP N 425 -19.45 -6.07 68.58
C ASP N 425 -18.80 -4.76 68.20
N ALA N 426 -17.51 -4.78 67.85
CA ALA N 426 -16.86 -3.57 67.38
C ALA N 426 -17.51 -3.07 66.10
N LEU N 427 -17.79 -3.98 65.17
CA LEU N 427 -18.50 -3.60 63.95
C LEU N 427 -19.92 -3.14 64.25
N GLY N 428 -20.60 -3.81 65.18
CA GLY N 428 -22.00 -3.55 65.45
C GLY N 428 -22.90 -4.44 64.60
N ASP N 429 -24.16 -4.51 65.03
CA ASP N 429 -25.12 -5.42 64.40
C ASP N 429 -25.46 -5.04 62.97
N HIS N 430 -25.66 -3.76 62.68
CA HIS N 430 -26.06 -3.34 61.35
C HIS N 430 -24.94 -3.48 60.33
N ALA N 431 -23.74 -3.02 60.66
CA ALA N 431 -22.64 -3.06 59.70
C ALA N 431 -22.15 -4.47 59.45
N LEU N 432 -22.21 -5.33 60.47
CA LEU N 432 -21.71 -6.70 60.32
C LEU N 432 -22.51 -7.46 59.26
N ALA N 433 -23.84 -7.35 59.31
CA ALA N 433 -24.68 -8.08 58.36
C ALA N 433 -24.40 -7.63 56.93
N TYR N 434 -24.30 -6.32 56.71
CA TYR N 434 -24.09 -5.82 55.35
C TYR N 434 -22.69 -6.14 54.85
N PHE N 435 -21.67 -6.03 55.71
CA PHE N 435 -20.33 -6.43 55.31
C PHE N 435 -20.26 -7.91 54.95
N TYR N 436 -20.92 -8.75 55.76
CA TYR N 436 -20.95 -10.17 55.47
C TYR N 436 -21.65 -10.45 54.15
N GLU N 437 -22.77 -9.76 53.88
CA GLU N 437 -23.46 -9.97 52.61
C GLU N 437 -22.59 -9.56 51.44
N LEU N 438 -21.93 -8.40 51.54
CA LEU N 438 -21.07 -7.93 50.46
C LEU N 438 -19.96 -8.94 50.18
N LYS N 439 -19.28 -9.38 51.23
CA LYS N 439 -18.14 -10.28 51.03
C LYS N 439 -18.59 -11.66 50.58
N GLU N 440 -19.75 -12.13 51.06
CA GLU N 440 -20.27 -13.42 50.59
C GLU N 440 -20.60 -13.36 49.10
N ILE N 441 -21.22 -12.27 48.65
CA ILE N 441 -21.52 -12.13 47.23
C ILE N 441 -20.22 -12.09 46.42
N GLU N 442 -19.24 -11.34 46.90
CA GLU N 442 -17.97 -11.25 46.18
C GLU N 442 -17.30 -12.62 46.07
N TRP N 443 -17.25 -13.36 47.17
CA TRP N 443 -16.62 -14.67 47.15
C TRP N 443 -17.39 -15.64 46.25
N ASP N 444 -18.72 -15.59 46.30
CA ASP N 444 -19.51 -16.49 45.46
C ASP N 444 -19.29 -16.18 43.99
N MET N 445 -19.19 -14.90 43.63
CA MET N 445 -18.88 -14.55 42.25
C MET N 445 -17.50 -15.04 41.86
N TYR N 446 -16.53 -14.95 42.78
CA TYR N 446 -15.17 -15.34 42.44
C TYR N 446 -15.02 -16.84 42.29
N ARG N 447 -15.67 -17.63 43.16
CA ARG N 447 -15.39 -19.06 43.23
C ARG N 447 -15.93 -19.82 42.04
N THR N 448 -16.91 -19.28 41.31
CA THR N 448 -17.48 -20.00 40.18
C THR N 448 -16.83 -19.64 38.85
N GLN N 449 -15.84 -18.75 38.85
CA GLN N 449 -15.17 -18.37 37.62
C GLN N 449 -14.20 -19.47 37.18
N VAL N 450 -14.03 -19.58 35.87
CA VAL N 450 -13.04 -20.47 35.28
C VAL N 450 -11.91 -19.59 34.77
N HIS N 451 -10.75 -19.68 35.41
CA HIS N 451 -9.65 -18.79 35.12
C HIS N 451 -8.78 -19.34 34.00
N GLN N 452 -7.96 -18.44 33.43
CA GLN N 452 -7.09 -18.84 32.33
C GLN N 452 -6.06 -19.87 32.76
N TRP N 453 -5.70 -19.89 34.05
CA TRP N 453 -4.76 -20.89 34.54
C TRP N 453 -5.32 -22.29 34.38
N GLU N 454 -6.61 -22.47 34.68
CA GLU N 454 -7.24 -23.78 34.51
C GLU N 454 -7.26 -24.20 33.04
N ARG N 455 -7.60 -23.27 32.16
CA ARG N 455 -7.59 -23.58 30.73
C ARG N 455 -6.19 -23.85 30.21
N ASP N 456 -5.16 -23.34 30.88
CA ASP N 456 -3.80 -23.63 30.48
C ASP N 456 -3.36 -25.02 30.97
N GLN N 457 -3.64 -25.34 32.23
CA GLN N 457 -3.28 -26.65 32.75
C GLN N 457 -4.10 -27.75 32.06
N TYR N 458 -5.41 -27.59 32.03
CA TYR N 458 -6.32 -28.54 31.42
C TYR N 458 -6.64 -28.11 30.00
N LEU N 459 -7.66 -28.73 29.39
CA LEU N 459 -8.14 -28.44 28.04
C LEU N 459 -7.19 -28.96 26.97
N THR N 460 -6.02 -29.43 27.40
CA THR N 460 -5.13 -30.20 26.54
C THR N 460 -4.76 -31.54 27.16
N LEU N 461 -4.38 -31.53 28.44
CA LEU N 461 -4.07 -32.78 29.12
C LEU N 461 -5.32 -33.62 29.35
N TYR N 462 -6.46 -32.98 29.54
CA TYR N 462 -7.73 -33.69 29.59
C TYR N 462 -8.60 -33.31 28.40
N LEU O 1 7.20 16.78 -51.91
CA LEU O 1 7.21 15.44 -52.57
C LEU O 1 7.83 14.40 -51.62
N ILE O 2 7.68 13.11 -51.92
CA ILE O 2 8.23 12.00 -51.07
C ILE O 2 8.16 12.37 -49.58
N GLN O 3 7.02 12.88 -49.11
CA GLN O 3 6.87 13.25 -47.68
C GLN O 3 6.67 11.97 -46.86
N GLY O 4 5.72 11.12 -47.28
CA GLY O 4 5.46 9.84 -46.58
C GLY O 4 6.59 8.85 -46.80
N GLU O 5 7.37 9.02 -47.89
CA GLU O 5 8.53 8.13 -48.14
C GLU O 5 9.63 8.44 -47.13
N LEU O 6 9.84 9.73 -46.80
CA LEU O 6 10.90 10.10 -45.87
C LEU O 6 10.50 9.96 -44.41
N SER O 7 9.46 9.18 -44.12
CA SER O 7 8.98 9.03 -42.74
C SER O 7 9.94 8.23 -41.87
N ARG O 8 10.92 7.54 -42.46
CA ARG O 8 11.83 6.71 -41.66
C ARG O 8 12.74 7.58 -40.80
N PHE O 9 13.14 8.76 -41.30
CA PHE O 9 13.93 9.67 -40.49
C PHE O 9 13.08 10.41 -39.46
N PHE O 10 11.83 10.69 -39.78
CA PHE O 10 10.95 11.43 -38.88
C PHE O 10 10.50 10.56 -37.71
N LEU P 1 47.89 -1.57 -32.16
CA LEU P 1 47.24 -0.86 -31.03
C LEU P 1 46.11 -1.73 -30.47
N ILE P 2 46.27 -2.22 -29.24
CA ILE P 2 45.23 -3.11 -28.61
C ILE P 2 44.36 -2.25 -27.70
N GLN P 3 43.19 -1.83 -28.19
CA GLN P 3 42.25 -1.01 -27.37
C GLN P 3 41.01 -1.83 -27.04
N GLY P 4 40.35 -2.37 -28.07
CA GLY P 4 39.15 -3.22 -27.85
C GLY P 4 39.53 -4.56 -27.24
N GLU P 5 40.80 -4.96 -27.37
CA GLU P 5 41.26 -6.23 -26.76
C GLU P 5 41.38 -6.06 -25.25
N LEU P 6 41.81 -4.87 -24.78
CA LEU P 6 41.96 -4.65 -23.35
C LEU P 6 40.65 -4.34 -22.65
N SER P 7 39.51 -4.65 -23.27
CA SER P 7 38.22 -4.33 -22.67
C SER P 7 37.89 -5.18 -21.44
N ARG P 8 38.64 -6.26 -21.21
CA ARG P 8 38.35 -7.11 -20.06
C ARG P 8 38.63 -6.38 -18.74
N PHE P 9 39.65 -5.52 -18.71
CA PHE P 9 39.90 -4.72 -17.52
C PHE P 9 38.91 -3.56 -17.39
N PHE P 10 38.49 -2.99 -18.51
CA PHE P 10 37.58 -1.84 -18.50
C PHE P 10 36.18 -2.27 -18.11
N LEU Q 1 14.81 -31.65 44.35
CA LEU Q 1 15.16 -32.83 43.51
C LEU Q 1 14.39 -32.75 42.18
N ILE Q 2 13.09 -32.50 42.24
CA ILE Q 2 12.25 -32.42 41.00
C ILE Q 2 12.16 -30.96 40.55
N GLN Q 3 12.98 -30.57 39.56
CA GLN Q 3 12.93 -29.18 39.03
C GLN Q 3 12.50 -29.24 37.56
N GLY Q 4 13.23 -29.99 36.73
CA GLY Q 4 12.87 -30.14 35.31
C GLY Q 4 11.57 -30.89 35.14
N GLU Q 5 11.11 -31.58 36.19
CA GLU Q 5 9.82 -32.32 36.12
C GLU Q 5 8.67 -31.34 36.33
N LEU Q 6 8.87 -30.31 37.15
CA LEU Q 6 7.80 -29.35 37.43
C LEU Q 6 7.66 -28.28 36.35
N SER Q 7 8.22 -28.51 35.16
CA SER Q 7 8.16 -27.52 34.10
C SER Q 7 6.77 -27.37 33.49
N ARG Q 8 5.85 -28.30 33.78
CA ARG Q 8 4.51 -28.21 33.20
C ARG Q 8 3.74 -27.02 33.76
N PHE Q 9 3.98 -26.68 35.03
CA PHE Q 9 3.35 -25.49 35.60
C PHE Q 9 4.02 -24.21 35.13
N PHE Q 10 5.34 -24.24 34.94
CA PHE Q 10 6.09 -23.06 34.53
C PHE Q 10 5.78 -22.68 33.09
N LEU R 1 50.47 -9.36 23.14
CA LEU R 1 50.49 -8.23 24.11
C LEU R 1 49.51 -7.15 23.65
N ILE R 2 49.45 -6.88 22.34
CA ILE R 2 48.54 -5.82 21.80
C ILE R 2 47.38 -6.49 21.06
N GLN R 3 46.14 -6.13 21.42
CA GLN R 3 44.94 -6.71 20.76
C GLN R 3 43.87 -5.62 20.62
N GLY R 4 43.56 -4.92 21.71
CA GLY R 4 42.52 -3.88 21.69
C GLY R 4 42.98 -2.63 20.96
N GLU R 5 44.29 -2.43 20.82
CA GLU R 5 44.83 -1.27 20.07
C GLU R 5 44.80 -1.57 18.56
N LEU R 6 45.01 -2.85 18.19
CA LEU R 6 45.02 -3.24 16.75
C LEU R 6 43.58 -3.30 16.22
N SER R 7 42.59 -2.93 17.02
CA SER R 7 41.20 -3.00 16.60
C SER R 7 40.88 -2.10 15.42
N ARG R 8 41.78 -1.17 15.07
CA ARG R 8 41.50 -0.26 13.96
C ARG R 8 41.50 -0.99 12.62
N PHE R 9 42.33 -2.02 12.48
CA PHE R 9 42.31 -2.83 11.26
C PHE R 9 41.13 -3.79 11.24
N PHE R 10 40.73 -4.31 12.39
CA PHE R 10 39.64 -5.27 12.47
C PHE R 10 38.30 -4.59 12.18
N SER S 22 -20.70 -22.08 -61.35
CA SER S 22 -22.02 -21.52 -61.14
C SER S 22 -22.84 -22.36 -60.16
N TYR S 23 -24.10 -22.00 -59.98
CA TYR S 23 -24.99 -22.71 -59.06
C TYR S 23 -26.41 -22.62 -59.56
N THR S 24 -27.24 -23.55 -59.10
CA THR S 24 -28.67 -23.56 -59.36
C THR S 24 -29.41 -23.73 -58.05
N ARG S 25 -30.74 -23.58 -58.10
CA ARG S 25 -31.56 -23.74 -56.91
C ARG S 25 -31.32 -25.10 -56.26
N GLU S 26 -31.38 -26.16 -57.07
CA GLU S 26 -31.16 -27.50 -56.54
C GLU S 26 -29.75 -27.65 -55.98
N ASP S 27 -28.77 -27.06 -56.65
CA ASP S 27 -27.41 -27.09 -56.13
C ASP S 27 -27.32 -26.39 -54.79
N ILE S 28 -27.93 -25.22 -54.67
CA ILE S 28 -27.86 -24.47 -53.41
C ILE S 28 -28.49 -25.26 -52.29
N ILE S 29 -29.66 -25.86 -52.55
CA ILE S 29 -30.31 -26.70 -51.54
C ILE S 29 -29.43 -27.88 -51.19
N ARG S 30 -28.75 -28.46 -52.18
CA ARG S 30 -27.91 -29.63 -51.93
C ARG S 30 -26.74 -29.29 -51.01
N ILE S 31 -26.01 -28.21 -51.31
CA ILE S 31 -24.91 -27.84 -50.41
C ILE S 31 -25.45 -27.42 -49.05
N ALA S 32 -26.59 -26.71 -49.00
CA ALA S 32 -27.12 -26.28 -47.72
C ALA S 32 -27.44 -27.47 -46.82
N GLU S 33 -28.05 -28.52 -47.39
CA GLU S 33 -28.30 -29.72 -46.61
C GLU S 33 -26.99 -30.44 -46.27
N GLU S 34 -26.07 -30.52 -47.23
CA GLU S 34 -24.82 -31.25 -47.01
C GLU S 34 -23.92 -30.55 -46.01
N GLU S 35 -23.74 -29.24 -46.17
CA GLU S 35 -22.81 -28.49 -45.34
C GLU S 35 -23.37 -28.20 -43.95
N ASN S 36 -24.61 -28.59 -43.67
CA ASN S 36 -25.27 -28.28 -42.41
C ASN S 36 -25.33 -26.77 -42.18
N VAL S 37 -25.72 -26.05 -43.21
CA VAL S 37 -25.89 -24.61 -43.10
C VAL S 37 -27.18 -24.32 -42.33
N ARG S 38 -27.07 -23.56 -41.25
CA ARG S 38 -28.22 -23.24 -40.43
C ARG S 38 -28.75 -21.84 -40.65
N PHE S 39 -27.92 -20.91 -41.12
CA PHE S 39 -28.32 -19.51 -41.23
C PHE S 39 -27.77 -18.95 -42.54
N ILE S 40 -28.57 -18.13 -43.19
CA ILE S 40 -28.24 -17.55 -44.50
C ILE S 40 -28.38 -16.05 -44.41
N ARG S 41 -27.36 -15.34 -44.88
CA ARG S 41 -27.36 -13.87 -44.91
C ARG S 41 -27.74 -13.41 -46.31
N LEU S 42 -28.86 -12.70 -46.42
CA LEU S 42 -29.27 -12.08 -47.67
C LEU S 42 -28.65 -10.70 -47.72
N GLN S 43 -27.46 -10.60 -48.31
CA GLN S 43 -26.66 -9.38 -48.24
C GLN S 43 -27.05 -8.41 -49.35
N PHE S 44 -27.01 -7.12 -49.02
CA PHE S 44 -27.18 -6.05 -49.99
C PHE S 44 -26.36 -4.86 -49.51
N THR S 45 -26.37 -3.79 -50.29
CA THR S 45 -25.56 -2.63 -50.01
C THR S 45 -26.40 -1.36 -50.09
N ASP S 46 -26.12 -0.42 -49.19
CA ASP S 46 -26.80 0.87 -49.20
C ASP S 46 -25.97 1.87 -50.00
N LEU S 47 -26.45 3.11 -50.07
CA LEU S 47 -25.80 4.13 -50.87
C LEU S 47 -24.43 4.51 -50.33
N LEU S 48 -24.16 4.27 -49.06
CA LEU S 48 -22.87 4.60 -48.46
C LEU S 48 -21.87 3.46 -48.54
N GLY S 49 -22.22 2.34 -49.16
CA GLY S 49 -21.32 1.22 -49.29
C GLY S 49 -21.30 0.27 -48.13
N THR S 50 -22.05 0.55 -47.07
CA THR S 50 -22.12 -0.36 -45.93
C THR S 50 -22.81 -1.64 -46.34
N ILE S 51 -22.33 -2.76 -45.79
CA ILE S 51 -22.93 -4.06 -46.09
C ILE S 51 -24.09 -4.29 -45.14
N LYS S 52 -25.28 -4.46 -45.70
CA LYS S 52 -26.48 -4.77 -44.93
C LYS S 52 -26.98 -6.15 -45.30
N ASN S 53 -27.69 -6.79 -44.36
CA ASN S 53 -28.12 -8.16 -44.58
C ASN S 53 -29.41 -8.42 -43.81
N VAL S 54 -30.13 -9.44 -44.26
CA VAL S 54 -31.29 -9.98 -43.57
C VAL S 54 -30.99 -11.43 -43.23
N GLU S 55 -30.87 -11.73 -41.94
CA GLU S 55 -30.56 -13.10 -41.52
C GLU S 55 -31.75 -13.99 -41.75
N ILE S 56 -31.48 -15.22 -42.16
CA ILE S 56 -32.54 -16.15 -42.58
C ILE S 56 -32.23 -17.55 -42.07
N PRO S 57 -33.19 -18.23 -41.45
CA PRO S 57 -32.99 -19.64 -41.11
C PRO S 57 -33.07 -20.51 -42.36
N VAL S 58 -32.35 -21.64 -42.34
CA VAL S 58 -32.27 -22.49 -43.52
C VAL S 58 -33.64 -22.99 -43.97
N SER S 59 -34.63 -23.03 -43.08
CA SER S 59 -35.96 -23.44 -43.45
C SER S 59 -36.65 -22.47 -44.41
N GLN S 60 -36.12 -21.26 -44.56
CA GLN S 60 -36.67 -20.26 -45.47
C GLN S 60 -35.87 -20.15 -46.76
N LEU S 61 -34.96 -21.09 -47.02
CA LEU S 61 -34.11 -20.99 -48.20
C LEU S 61 -34.92 -21.05 -49.49
N GLU S 62 -35.90 -21.94 -49.55
CA GLU S 62 -36.72 -22.05 -50.76
C GLU S 62 -37.51 -20.78 -51.00
N LYS S 63 -38.08 -20.21 -49.93
CA LYS S 63 -38.80 -18.94 -50.05
C LYS S 63 -37.88 -17.84 -50.52
N ALA S 64 -36.65 -17.79 -50.00
CA ALA S 64 -35.69 -16.79 -50.46
C ALA S 64 -35.34 -16.98 -51.92
N LEU S 65 -35.12 -18.23 -52.34
CA LEU S 65 -34.77 -18.52 -53.72
C LEU S 65 -35.93 -18.31 -54.67
N ASP S 66 -37.16 -18.24 -54.17
CA ASP S 66 -38.32 -17.92 -55.01
C ASP S 66 -38.55 -16.42 -55.16
N ASN S 67 -37.64 -15.60 -54.64
CA ASN S 67 -37.72 -14.14 -54.74
C ASN S 67 -39.02 -13.63 -54.09
N LYS S 68 -39.27 -14.06 -52.87
CA LYS S 68 -40.51 -13.72 -52.19
C LYS S 68 -40.32 -13.05 -50.83
N MET S 69 -39.06 -12.74 -50.49
CA MET S 69 -38.75 -12.11 -49.18
C MET S 69 -38.91 -10.58 -49.25
N MET S 70 -39.68 -9.99 -48.34
CA MET S 70 -39.88 -8.55 -48.29
C MET S 70 -39.11 -7.97 -47.12
N PHE S 71 -38.60 -6.75 -47.31
CA PHE S 71 -37.92 -6.03 -46.25
C PHE S 71 -38.18 -4.55 -46.46
N ASP S 72 -37.57 -3.72 -45.60
CA ASP S 72 -37.87 -2.30 -45.62
C ASP S 72 -37.50 -1.66 -46.95
N GLY S 73 -36.27 -1.86 -47.40
CA GLY S 73 -35.85 -1.26 -48.65
C GLY S 73 -35.48 0.21 -48.52
N SER S 74 -36.14 0.91 -47.60
CA SER S 74 -35.75 2.28 -47.27
C SER S 74 -34.44 2.34 -46.52
N SER S 75 -33.91 1.20 -46.05
CA SER S 75 -32.62 1.17 -45.41
C SER S 75 -31.48 1.50 -46.36
N ILE S 76 -31.74 1.49 -47.68
CA ILE S 76 -30.71 1.89 -48.64
C ILE S 76 -30.37 3.36 -48.47
N GLU S 77 -31.37 4.18 -48.15
CA GLU S 77 -31.16 5.62 -48.04
C GLU S 77 -30.31 6.01 -46.85
N GLY S 78 -30.05 5.11 -45.92
CA GLY S 78 -29.22 5.43 -44.77
C GLY S 78 -29.99 6.14 -43.67
N TYR S 79 -29.41 7.17 -43.08
CA TYR S 79 -30.05 7.89 -42.00
C TYR S 79 -30.95 9.01 -42.48
N VAL S 80 -31.12 9.18 -43.79
CA VAL S 80 -32.01 10.20 -44.34
C VAL S 80 -33.31 9.58 -44.85
N ARG S 81 -33.57 8.31 -44.54
CA ARG S 81 -34.83 7.69 -44.94
C ARG S 81 -35.99 8.35 -44.23
N ILE S 82 -37.07 8.58 -44.97
CA ILE S 82 -38.22 9.32 -44.47
C ILE S 82 -39.45 8.44 -44.29
N GLU S 83 -39.62 7.43 -45.13
CA GLU S 83 -40.79 6.56 -45.05
C GLU S 83 -40.38 5.12 -45.34
N GLU S 84 -41.10 4.19 -44.73
CA GLU S 84 -40.83 2.77 -44.94
C GLU S 84 -41.49 2.30 -46.22
N SER S 85 -40.74 1.57 -47.03
CA SER S 85 -41.22 0.99 -48.27
C SER S 85 -41.27 -0.53 -48.11
N ASP S 86 -41.63 -1.21 -49.20
CA ASP S 86 -41.61 -2.66 -49.26
C ASP S 86 -40.91 -3.09 -50.54
N MET S 87 -39.86 -3.88 -50.40
CA MET S 87 -39.06 -4.31 -51.54
C MET S 87 -38.77 -5.79 -51.40
N TYR S 88 -38.54 -6.44 -52.54
CA TYR S 88 -38.20 -7.86 -52.58
C TYR S 88 -36.71 -8.05 -52.78
N LEU S 89 -36.19 -9.12 -52.19
CA LEU S 89 -34.79 -9.51 -52.34
C LEU S 89 -34.71 -10.60 -53.41
N TYR S 90 -33.92 -10.36 -54.45
CA TYR S 90 -33.71 -11.30 -55.53
C TYR S 90 -32.29 -11.83 -55.44
N PRO S 91 -32.07 -12.96 -54.76
CA PRO S 91 -30.69 -13.44 -54.57
C PRO S 91 -30.04 -13.82 -55.89
N ASP S 92 -28.73 -13.60 -55.95
CA ASP S 92 -27.91 -14.00 -57.09
C ASP S 92 -27.24 -15.32 -56.73
N LEU S 93 -27.65 -16.38 -57.43
CA LEU S 93 -27.22 -17.72 -57.05
C LEU S 93 -25.72 -17.91 -57.21
N ASP S 94 -25.09 -17.16 -58.11
CA ASP S 94 -23.66 -17.28 -58.34
C ASP S 94 -22.82 -16.72 -57.20
N THR S 95 -23.43 -15.96 -56.30
CA THR S 95 -22.73 -15.33 -55.19
C THR S 95 -22.74 -16.18 -53.93
N TRP S 96 -23.28 -17.40 -54.01
CA TRP S 96 -23.35 -18.26 -52.84
C TRP S 96 -21.96 -18.62 -52.34
N VAL S 97 -21.79 -18.59 -51.02
CA VAL S 97 -20.54 -18.99 -50.39
C VAL S 97 -20.84 -19.28 -48.93
N VAL S 98 -20.03 -20.15 -48.33
CA VAL S 98 -20.18 -20.52 -46.93
C VAL S 98 -18.96 -19.99 -46.17
N PHE S 99 -19.22 -19.22 -45.13
CA PHE S 99 -18.13 -18.60 -44.37
C PHE S 99 -17.34 -19.68 -43.64
N PRO S 100 -16.01 -19.58 -43.59
CA PRO S 100 -15.20 -20.65 -43.00
C PRO S 100 -15.11 -20.59 -41.48
N TRP S 101 -15.31 -19.41 -40.90
CA TRP S 101 -15.16 -19.26 -39.45
C TRP S 101 -16.41 -19.63 -38.68
N VAL S 102 -17.48 -20.02 -39.36
CA VAL S 102 -18.73 -20.33 -38.66
C VAL S 102 -18.56 -21.54 -37.75
N THR S 103 -17.76 -22.52 -38.18
CA THR S 103 -17.43 -23.70 -37.39
C THR S 103 -18.66 -24.51 -37.02
N SER S 104 -19.20 -24.29 -35.82
CA SER S 104 -20.29 -25.11 -35.30
C SER S 104 -21.55 -25.00 -36.15
N ASP S 105 -22.15 -23.82 -36.19
CA ASP S 105 -23.35 -23.59 -37.00
C ASP S 105 -22.94 -22.85 -38.26
N ARG S 106 -22.97 -23.55 -39.39
CA ARG S 106 -22.51 -22.97 -40.65
C ARG S 106 -23.42 -21.82 -41.07
N VAL S 107 -22.82 -20.73 -41.51
CA VAL S 107 -23.53 -19.57 -42.01
C VAL S 107 -23.10 -19.33 -43.45
N ALA S 108 -24.08 -19.17 -44.33
CA ALA S 108 -23.84 -18.87 -45.73
C ALA S 108 -24.39 -17.49 -46.06
N ARG S 109 -24.11 -17.03 -47.28
CA ARG S 109 -24.58 -15.71 -47.70
C ARG S 109 -24.99 -15.76 -49.17
N LEU S 110 -25.88 -14.84 -49.52
CA LEU S 110 -26.25 -14.61 -50.91
C LEU S 110 -26.37 -13.11 -51.12
N ILE S 111 -25.85 -12.62 -52.23
CA ILE S 111 -25.93 -11.21 -52.57
C ILE S 111 -27.17 -11.01 -53.43
N CYS S 112 -28.05 -10.12 -53.01
CA CYS S 112 -29.37 -9.99 -53.61
C CYS S 112 -29.53 -8.62 -54.26
N ASP S 113 -30.39 -8.57 -55.27
CA ASP S 113 -30.82 -7.33 -55.88
C ASP S 113 -32.16 -6.91 -55.30
N ILE S 114 -32.42 -5.61 -55.32
CA ILE S 114 -33.62 -5.03 -54.71
C ILE S 114 -34.63 -4.76 -55.82
N TYR S 115 -35.84 -5.28 -55.63
CA TYR S 115 -36.90 -5.15 -56.62
C TYR S 115 -38.14 -4.55 -55.98
N LYS S 116 -38.81 -3.67 -56.72
CA LYS S 116 -40.08 -3.13 -56.27
C LYS S 116 -41.16 -4.22 -56.31
N PRO S 117 -42.23 -4.07 -55.55
CA PRO S 117 -43.29 -5.10 -55.56
C PRO S 117 -43.93 -5.29 -56.93
N ASP S 118 -43.93 -4.27 -57.79
CA ASP S 118 -44.53 -4.43 -59.11
C ASP S 118 -43.69 -5.35 -59.99
N GLY S 119 -42.42 -5.55 -59.66
CA GLY S 119 -41.58 -6.45 -60.42
C GLY S 119 -40.37 -5.79 -61.02
N SER S 120 -40.40 -4.47 -61.13
CA SER S 120 -39.26 -3.74 -61.68
C SER S 120 -38.18 -3.57 -60.63
N PRO S 121 -36.91 -3.51 -61.04
CA PRO S 121 -35.83 -3.30 -60.07
C PRO S 121 -35.91 -1.92 -59.44
N PHE S 122 -35.46 -1.85 -58.19
CA PHE S 122 -35.45 -0.58 -57.46
C PHE S 122 -34.39 0.33 -58.05
N ALA S 123 -34.76 1.58 -58.32
CA ALA S 123 -33.84 2.53 -58.94
C ALA S 123 -32.74 2.99 -58.00
N GLY S 124 -32.94 2.88 -56.69
CA GLY S 124 -31.95 3.32 -55.73
C GLY S 124 -30.95 2.28 -55.30
N ASP S 125 -30.98 1.08 -55.89
CA ASP S 125 -30.05 0.02 -55.51
C ASP S 125 -28.74 0.21 -56.26
N PRO S 126 -27.60 0.36 -55.57
CA PRO S 126 -26.33 0.56 -56.28
C PRO S 126 -25.99 -0.56 -57.24
N ARG S 127 -26.25 -1.81 -56.87
CA ARG S 127 -26.00 -2.92 -57.76
C ARG S 127 -26.85 -2.81 -59.03
N GLY S 128 -28.11 -2.42 -58.87
CA GLY S 128 -28.95 -2.18 -60.03
C GLY S 128 -28.44 -1.04 -60.89
N ILE S 129 -27.88 -0.01 -60.25
CA ILE S 129 -27.31 1.11 -60.99
C ILE S 129 -26.15 0.64 -61.86
N LEU S 130 -25.25 -0.15 -61.27
CA LEU S 130 -24.13 -0.68 -62.04
C LEU S 130 -24.61 -1.61 -63.16
N LYS S 131 -25.63 -2.43 -62.87
CA LYS S 131 -26.17 -3.30 -63.91
C LYS S 131 -26.77 -2.49 -65.06
N ARG S 132 -27.46 -1.40 -64.75
CA ARG S 132 -28.05 -0.58 -65.79
C ARG S 132 -26.98 0.10 -66.64
N VAL S 133 -25.92 0.60 -66.00
CA VAL S 133 -24.83 1.20 -66.77
C VAL S 133 -24.15 0.15 -67.64
N LEU S 134 -23.98 -1.07 -67.13
CA LEU S 134 -23.41 -2.14 -67.93
C LEU S 134 -24.32 -2.48 -69.10
N LYS S 135 -25.64 -2.44 -68.89
CA LYS S 135 -26.58 -2.71 -69.98
C LYS S 135 -26.47 -1.67 -71.07
N GLU S 136 -26.42 -0.39 -70.70
CA GLU S 136 -26.29 0.63 -71.73
C GLU S 136 -24.90 0.62 -72.37
N ALA S 137 -23.90 0.06 -71.68
CA ALA S 137 -22.62 -0.20 -72.35
C ALA S 137 -22.76 -1.31 -73.37
N GLU S 138 -23.45 -2.40 -73.02
CA GLU S 138 -23.70 -3.49 -73.97
C GLU S 138 -24.47 -3.01 -75.17
N GLU S 139 -25.33 -2.01 -74.99
CA GLU S 139 -26.05 -1.43 -76.11
C GLU S 139 -25.13 -0.83 -77.17
N LEU S 140 -23.88 -0.52 -76.83
CA LEU S 140 -22.90 -0.03 -77.78
C LEU S 140 -21.98 -1.12 -78.29
N GLY S 141 -22.21 -2.38 -77.89
CA GLY S 141 -21.42 -3.49 -78.36
C GLY S 141 -20.34 -3.99 -77.40
N TYR S 142 -20.16 -3.34 -76.25
CA TYR S 142 -19.16 -3.76 -75.29
C TYR S 142 -19.78 -4.79 -74.35
N THR S 143 -19.40 -6.05 -74.54
CA THR S 143 -20.04 -7.14 -73.82
C THR S 143 -19.73 -7.10 -72.32
N SER S 144 -18.50 -6.76 -71.96
CA SER S 144 -18.11 -6.79 -70.56
C SER S 144 -17.13 -5.66 -70.27
N MET S 145 -17.03 -5.33 -68.99
CA MET S 145 -16.07 -4.35 -68.47
C MET S 145 -15.23 -5.08 -67.43
N ASN S 146 -13.95 -5.27 -67.73
CA ASN S 146 -13.05 -6.04 -66.88
C ASN S 146 -12.36 -5.09 -65.90
N VAL S 147 -12.48 -5.39 -64.60
CA VAL S 147 -12.05 -4.47 -63.55
C VAL S 147 -11.14 -5.22 -62.59
N GLY S 148 -10.00 -4.61 -62.27
CA GLY S 148 -9.15 -5.10 -61.21
C GLY S 148 -8.82 -4.01 -60.21
N PRO S 149 -9.32 -4.13 -58.98
CA PRO S 149 -9.05 -3.12 -57.96
C PRO S 149 -7.82 -3.45 -57.12
N GLU S 150 -7.32 -2.40 -56.47
CA GLU S 150 -6.13 -2.50 -55.61
C GLU S 150 -6.42 -1.83 -54.27
N PRO S 151 -7.26 -2.44 -53.44
CA PRO S 151 -7.60 -1.83 -52.15
C PRO S 151 -6.49 -2.01 -51.13
N GLU S 152 -6.19 -0.94 -50.40
CA GLU S 152 -5.19 -0.94 -49.36
C GLU S 152 -5.84 -0.64 -48.02
N PHE S 153 -5.26 -1.17 -46.95
CA PHE S 153 -5.85 -1.02 -45.62
C PHE S 153 -4.74 -0.90 -44.59
N PHE S 154 -5.10 -0.36 -43.43
CA PHE S 154 -4.19 -0.21 -42.30
C PHE S 154 -4.58 -1.20 -41.19
N LEU S 155 -3.58 -1.63 -40.44
CA LEU S 155 -3.78 -2.49 -39.29
C LEU S 155 -3.36 -1.73 -38.04
N PHE S 156 -4.26 -1.64 -37.07
CA PHE S 156 -4.00 -0.95 -35.81
C PHE S 156 -4.11 -1.93 -34.65
N LYS S 157 -3.28 -1.71 -33.63
CA LYS S 157 -3.38 -2.49 -32.41
C LYS S 157 -4.57 -2.04 -31.58
N THR S 158 -5.21 -2.98 -30.91
CA THR S 158 -6.35 -2.70 -30.07
C THR S 158 -5.94 -2.62 -28.61
N ASP S 159 -6.84 -2.09 -27.78
CA ASP S 159 -6.64 -2.02 -26.35
C ASP S 159 -7.37 -3.17 -25.66
N GLU S 160 -7.39 -3.13 -24.32
CA GLU S 160 -8.07 -4.18 -23.57
C GLU S 160 -9.56 -4.21 -23.87
N LYS S 161 -10.19 -3.04 -24.01
CA LYS S 161 -11.60 -2.98 -24.33
C LYS S 161 -11.90 -3.39 -25.77
N GLY S 162 -10.88 -3.56 -26.61
CA GLY S 162 -11.10 -3.93 -27.99
C GLY S 162 -11.31 -2.78 -28.94
N ASP S 163 -10.83 -1.58 -28.59
CA ASP S 163 -10.97 -0.42 -29.45
C ASP S 163 -9.63 -0.10 -30.11
N PRO S 164 -9.65 0.42 -31.33
CA PRO S 164 -8.38 0.72 -32.03
C PRO S 164 -7.62 1.84 -31.34
N THR S 165 -6.32 1.62 -31.15
CA THR S 165 -5.44 2.67 -30.65
C THR S 165 -4.85 3.43 -31.84
N THR S 166 -3.85 4.26 -31.59
CA THR S 166 -3.20 5.03 -32.63
C THR S 166 -1.86 4.42 -33.05
N GLU S 167 -1.56 3.21 -32.59
CA GLU S 167 -0.28 2.58 -32.87
C GLU S 167 -0.44 1.53 -33.97
N LEU S 168 0.43 1.60 -34.96
CA LEU S 168 0.40 0.63 -36.06
C LEU S 168 0.88 -0.73 -35.58
N ASN S 169 0.48 -1.78 -36.31
CA ASN S 169 0.87 -3.13 -35.94
C ASN S 169 2.35 -3.39 -36.22
N ASP S 170 2.94 -2.65 -37.15
CA ASP S 170 4.36 -2.82 -37.47
C ASP S 170 4.90 -1.49 -37.97
N GLN S 171 6.16 -1.50 -38.40
CA GLN S 171 6.84 -0.31 -38.89
C GLN S 171 7.59 -0.61 -40.19
N GLY S 172 7.00 -1.46 -41.03
CA GLY S 172 7.64 -1.83 -42.27
C GLY S 172 7.46 -0.80 -43.37
N GLY S 173 8.11 -1.05 -44.49
CA GLY S 173 8.05 -0.14 -45.62
C GLY S 173 7.54 -0.78 -46.89
N TYR S 174 7.88 -0.19 -48.03
CA TYR S 174 7.39 -0.67 -49.32
C TYR S 174 8.02 -2.01 -49.63
N PHE S 175 7.18 -3.03 -49.83
CA PHE S 175 7.60 -4.39 -50.18
C PHE S 175 8.53 -4.99 -49.14
N ASP S 176 8.41 -4.58 -47.88
CA ASP S 176 9.29 -5.10 -46.85
C ASP S 176 8.95 -6.55 -46.53
N LEU S 177 9.87 -7.22 -45.84
CA LEU S 177 9.74 -8.64 -45.52
C LEU S 177 10.13 -8.83 -44.05
N ALA S 178 9.14 -9.05 -43.21
CA ALA S 178 9.34 -9.35 -41.79
C ALA S 178 8.55 -10.59 -41.40
N PRO S 179 9.14 -11.76 -41.58
CA PRO S 179 8.37 -13.02 -41.49
C PRO S 179 7.73 -13.28 -40.13
N MET S 180 8.35 -12.81 -39.05
CA MET S 180 7.97 -13.25 -37.72
C MET S 180 6.55 -12.85 -37.35
N ASP S 181 6.30 -11.55 -37.15
CA ASP S 181 4.98 -11.10 -36.75
C ASP S 181 4.60 -9.76 -37.36
N LEU S 182 5.45 -9.21 -38.23
CA LEU S 182 5.31 -7.85 -38.72
C LEU S 182 4.95 -7.80 -40.20
N GLY S 183 5.74 -8.46 -41.05
CA GLY S 183 5.52 -8.38 -42.48
C GLY S 183 4.20 -8.97 -42.94
N GLU S 184 4.07 -10.30 -42.84
CA GLU S 184 2.79 -10.92 -43.21
C GLU S 184 1.81 -10.88 -42.04
N ASN S 185 2.14 -11.59 -40.96
CA ASN S 185 1.28 -11.62 -39.76
C ASN S 185 -0.15 -11.98 -40.11
N CYS S 186 -1.05 -11.02 -39.95
CA CYS S 186 -2.47 -11.21 -40.27
C CYS S 186 -2.75 -10.75 -41.71
N ARG S 187 -1.92 -11.21 -42.62
CA ARG S 187 -2.12 -11.05 -44.05
C ARG S 187 -2.05 -12.37 -44.78
N ARG S 188 -1.18 -13.28 -44.32
CA ARG S 188 -1.16 -14.64 -44.85
C ARG S 188 -2.47 -15.35 -44.57
N GLU S 189 -3.00 -15.19 -43.37
CA GLU S 189 -4.26 -15.84 -43.00
C GLU S 189 -5.42 -15.29 -43.82
N ILE S 190 -5.43 -13.99 -44.07
CA ILE S 190 -6.49 -13.38 -44.88
C ILE S 190 -6.46 -13.96 -46.29
N VAL S 191 -5.28 -14.06 -46.88
CA VAL S 191 -5.15 -14.60 -48.23
C VAL S 191 -5.60 -16.05 -48.26
N LEU S 192 -5.22 -16.84 -47.24
CA LEU S 192 -5.61 -18.23 -47.19
C LEU S 192 -7.13 -18.37 -47.10
N LYS S 193 -7.77 -17.58 -46.23
CA LYS S 193 -9.22 -17.65 -46.08
C LYS S 193 -9.92 -17.21 -47.35
N LEU S 194 -9.43 -16.15 -48.01
CA LEU S 194 -10.03 -15.72 -49.26
C LEU S 194 -9.89 -16.80 -50.33
N GLU S 195 -8.74 -17.45 -50.39
CA GLU S 195 -8.55 -18.53 -51.35
C GLU S 195 -9.53 -19.68 -51.09
N GLU S 196 -9.73 -20.04 -49.81
CA GLU S 196 -10.71 -21.05 -49.49
C GLU S 196 -12.13 -20.58 -49.82
N MET S 197 -12.37 -19.28 -49.77
CA MET S 197 -13.67 -18.70 -50.04
C MET S 197 -14.00 -18.63 -51.53
N GLY S 198 -13.03 -18.93 -52.39
CA GLY S 198 -13.24 -18.86 -53.82
C GLY S 198 -12.64 -17.66 -54.51
N PHE S 199 -11.84 -16.86 -53.80
CA PHE S 199 -11.18 -15.72 -54.41
C PHE S 199 -9.99 -16.17 -55.25
N GLU S 200 -9.60 -15.33 -56.20
CA GLU S 200 -8.43 -15.54 -57.02
C GLU S 200 -7.44 -14.42 -56.68
N ILE S 201 -6.50 -14.71 -55.79
CA ILE S 201 -5.57 -13.72 -55.29
C ILE S 201 -4.33 -13.70 -56.17
N GLU S 202 -3.89 -12.51 -56.58
CA GLU S 202 -2.70 -12.36 -57.39
C GLU S 202 -1.44 -12.31 -56.54
N ALA S 203 -1.34 -11.31 -55.66
CA ALA S 203 -0.17 -11.14 -54.81
C ALA S 203 -0.52 -10.23 -53.66
N SER S 204 0.32 -10.27 -52.62
CA SER S 204 0.18 -9.40 -51.48
C SER S 204 1.54 -8.86 -51.08
N HIS S 205 1.56 -7.64 -50.55
CA HIS S 205 2.82 -7.02 -50.16
C HIS S 205 2.54 -5.93 -49.13
N HIS S 206 3.60 -5.54 -48.44
CA HIS S 206 3.53 -4.43 -47.51
C HIS S 206 3.52 -3.11 -48.28
N GLU S 207 2.71 -2.17 -47.82
CA GLU S 207 2.55 -0.90 -48.50
C GLU S 207 3.59 0.11 -47.99
N VAL S 208 3.53 1.32 -48.54
CA VAL S 208 4.55 2.33 -48.25
C VAL S 208 4.49 2.74 -46.78
N ALA S 209 3.31 3.08 -46.29
CA ALA S 209 3.20 3.55 -44.92
C ALA S 209 3.32 2.39 -43.94
N PRO S 210 3.82 2.64 -42.74
CA PRO S 210 3.86 1.57 -41.72
C PRO S 210 2.47 1.07 -41.39
N GLY S 211 2.36 -0.25 -41.23
CA GLY S 211 1.09 -0.85 -40.90
C GLY S 211 0.10 -0.94 -42.05
N GLN S 212 0.53 -0.63 -43.27
CA GLN S 212 -0.34 -0.61 -44.43
C GLN S 212 -0.04 -1.81 -45.32
N HIS S 213 -1.08 -2.50 -45.76
CA HIS S 213 -0.94 -3.71 -46.55
C HIS S 213 -1.87 -3.65 -47.75
N GLU S 214 -1.52 -4.41 -48.79
CA GLU S 214 -2.31 -4.48 -50.01
C GLU S 214 -2.40 -5.92 -50.48
N ILE S 215 -3.60 -6.34 -50.86
CA ILE S 215 -3.85 -7.66 -51.44
C ILE S 215 -4.58 -7.45 -52.75
N ASP S 216 -4.05 -8.03 -53.82
CA ASP S 216 -4.61 -7.87 -55.16
C ASP S 216 -5.30 -9.15 -55.61
N PHE S 217 -6.45 -9.00 -56.24
CA PHE S 217 -7.16 -10.12 -56.83
C PHE S 217 -6.97 -10.11 -58.34
N LYS S 218 -7.28 -11.25 -58.96
CA LYS S 218 -7.30 -11.31 -60.40
C LYS S 218 -8.51 -10.54 -60.94
N TYR S 219 -8.44 -10.18 -62.22
CA TYR S 219 -9.46 -9.34 -62.81
C TYR S 219 -10.74 -10.13 -63.03
N ALA S 220 -11.88 -9.45 -62.87
CA ALA S 220 -13.18 -10.07 -63.06
C ALA S 220 -14.13 -9.03 -63.65
N ASP S 221 -15.34 -9.46 -63.97
CA ASP S 221 -16.34 -8.53 -64.47
C ASP S 221 -16.74 -7.55 -63.36
N ALA S 222 -17.34 -6.43 -63.78
CA ALA S 222 -17.52 -5.30 -62.88
C ALA S 222 -18.37 -5.67 -61.66
N VAL S 223 -19.50 -6.34 -61.89
CA VAL S 223 -20.37 -6.72 -60.77
C VAL S 223 -19.64 -7.67 -59.84
N LYS S 224 -18.97 -8.67 -60.41
CA LYS S 224 -18.20 -9.61 -59.59
C LYS S 224 -17.08 -8.89 -58.86
N ALA S 225 -16.44 -7.93 -59.51
CA ALA S 225 -15.36 -7.17 -58.87
C ALA S 225 -15.88 -6.41 -57.66
N ALA S 226 -17.03 -5.75 -57.80
CA ALA S 226 -17.59 -5.00 -56.67
C ALA S 226 -18.03 -5.94 -55.54
N ASP S 227 -18.64 -7.06 -55.89
CA ASP S 227 -19.00 -8.04 -54.87
C ASP S 227 -17.77 -8.54 -54.13
N GLN S 228 -16.69 -8.80 -54.88
CA GLN S 228 -15.45 -9.25 -54.26
C GLN S 228 -14.85 -8.17 -53.37
N ILE S 229 -14.98 -6.90 -53.76
CA ILE S 229 -14.47 -5.82 -52.91
C ILE S 229 -15.22 -5.80 -51.59
N GLN S 230 -16.54 -5.90 -51.64
CA GLN S 230 -17.33 -5.91 -50.41
C GLN S 230 -16.97 -7.09 -49.52
N THR S 231 -16.92 -8.29 -50.12
CA THR S 231 -16.57 -9.49 -49.36
C THR S 231 -15.17 -9.39 -48.80
N PHE S 232 -14.23 -8.83 -49.56
CA PHE S 232 -12.86 -8.68 -49.12
C PHE S 232 -12.77 -7.78 -47.91
N LYS S 233 -13.48 -6.64 -47.94
CA LYS S 233 -13.48 -5.75 -46.79
C LYS S 233 -14.03 -6.45 -45.56
N LEU S 234 -15.16 -7.15 -45.72
CA LEU S 234 -15.75 -7.85 -44.57
C LEU S 234 -14.79 -8.91 -44.02
N VAL S 235 -14.18 -9.69 -44.90
CA VAL S 235 -13.29 -10.78 -44.46
C VAL S 235 -12.05 -10.22 -43.78
N VAL S 236 -11.47 -9.16 -44.35
CA VAL S 236 -10.28 -8.56 -43.75
C VAL S 236 -10.60 -8.04 -42.36
N LYS S 237 -11.73 -7.34 -42.22
CA LYS S 237 -12.10 -6.83 -40.90
C LYS S 237 -12.30 -7.96 -39.90
N THR S 238 -12.99 -9.02 -40.30
CA THR S 238 -13.24 -10.13 -39.39
C THR S 238 -11.95 -10.80 -38.95
N ILE S 239 -11.06 -11.09 -39.90
CA ILE S 239 -9.83 -11.82 -39.55
C ILE S 239 -8.91 -10.94 -38.72
N ALA S 240 -8.85 -9.64 -39.03
CA ALA S 240 -8.07 -8.73 -38.19
C ALA S 240 -8.61 -8.69 -36.78
N ARG S 241 -9.94 -8.68 -36.62
CA ARG S 241 -10.53 -8.74 -35.29
C ARG S 241 -10.16 -10.03 -34.59
N GLN S 242 -10.05 -11.13 -35.32
CA GLN S 242 -9.68 -12.40 -34.70
C GLN S 242 -8.28 -12.35 -34.11
N HIS S 243 -7.34 -11.70 -34.81
CA HIS S 243 -5.95 -11.62 -34.37
C HIS S 243 -5.70 -10.50 -33.37
N GLY S 244 -6.75 -9.95 -32.77
CA GLY S 244 -6.58 -8.84 -31.85
C GLY S 244 -6.06 -7.58 -32.49
N LEU S 245 -6.45 -7.31 -33.74
CA LEU S 245 -6.05 -6.12 -34.45
C LEU S 245 -7.29 -5.42 -34.98
N HIS S 246 -7.10 -4.21 -35.51
CA HIS S 246 -8.18 -3.46 -36.12
C HIS S 246 -7.78 -3.10 -37.54
N ALA S 247 -8.60 -3.49 -38.51
CA ALA S 247 -8.37 -3.17 -39.90
C ALA S 247 -9.31 -2.06 -40.33
N THR S 248 -8.75 -1.04 -40.97
CA THR S 248 -9.54 0.10 -41.42
C THR S 248 -9.24 0.39 -42.88
N PHE S 249 -10.26 0.82 -43.61
CA PHE S 249 -10.11 1.28 -44.98
C PHE S 249 -10.30 2.80 -45.06
N MET S 250 -9.99 3.49 -43.98
CA MET S 250 -10.05 4.94 -43.96
C MET S 250 -9.08 5.53 -44.97
N PRO S 251 -9.50 6.50 -45.79
CA PRO S 251 -8.58 7.04 -46.80
C PRO S 251 -7.31 7.65 -46.22
N LYS S 252 -7.39 8.31 -45.07
CA LYS S 252 -6.23 8.95 -44.45
C LYS S 252 -6.37 8.87 -42.94
N PRO S 253 -6.06 7.72 -42.35
CA PRO S 253 -6.20 7.59 -40.90
C PRO S 253 -5.20 8.42 -40.10
N LEU S 254 -4.04 8.74 -40.67
CA LEU S 254 -3.01 9.47 -39.96
C LEU S 254 -2.47 10.59 -40.83
N PHE S 255 -2.06 11.67 -40.19
CA PHE S 255 -1.45 12.79 -40.88
C PHE S 255 0.04 12.56 -41.07
N GLY S 256 0.55 12.92 -42.25
CA GLY S 256 1.96 12.83 -42.53
C GLY S 256 2.42 11.51 -43.11
N VAL S 257 1.54 10.52 -43.23
CA VAL S 257 1.87 9.24 -43.83
C VAL S 257 0.97 9.04 -45.05
N ASN S 258 1.31 8.05 -45.85
CA ASN S 258 0.55 7.76 -47.06
C ASN S 258 -0.88 7.35 -46.72
N GLY S 259 -1.81 7.72 -47.58
CA GLY S 259 -3.19 7.27 -47.46
C GLY S 259 -3.41 5.96 -48.17
N SER S 260 -4.65 5.49 -48.11
CA SER S 260 -5.07 4.26 -48.76
C SER S 260 -5.92 4.57 -49.98
N GLY S 261 -5.53 4.02 -51.13
CA GLY S 261 -6.26 4.20 -52.36
C GLY S 261 -6.85 2.87 -52.84
N MET S 262 -7.72 2.98 -53.83
CA MET S 262 -8.39 1.83 -54.43
C MET S 262 -8.31 1.98 -55.96
N HIS S 263 -7.10 2.15 -56.47
CA HIS S 263 -6.86 2.20 -57.90
C HIS S 263 -7.66 1.13 -58.62
N CYS S 264 -8.40 1.55 -59.65
CA CYS S 264 -9.25 0.66 -60.42
C CYS S 264 -8.70 0.54 -61.83
N ASN S 265 -8.33 -0.69 -62.21
CA ASN S 265 -7.86 -0.97 -63.55
C ASN S 265 -9.04 -1.43 -64.40
N GLN S 266 -9.28 -0.74 -65.51
CA GLN S 266 -10.45 -1.01 -66.34
C GLN S 266 -10.03 -1.27 -67.78
N SER S 267 -10.76 -2.18 -68.41
CA SER S 267 -10.60 -2.44 -69.84
C SER S 267 -11.93 -2.94 -70.39
N LEU S 268 -12.37 -2.33 -71.48
CA LEU S 268 -13.61 -2.74 -72.13
C LEU S 268 -13.35 -3.91 -73.05
N PHE S 269 -14.32 -4.84 -73.10
CA PHE S 269 -14.19 -6.04 -73.90
C PHE S 269 -15.41 -6.19 -74.80
N LYS S 270 -15.17 -6.70 -76.01
CA LYS S 270 -16.23 -7.00 -76.96
C LYS S 270 -15.93 -8.39 -77.51
N ASP S 271 -16.60 -9.41 -76.97
CA ASP S 271 -16.41 -10.80 -77.39
C ASP S 271 -14.93 -11.20 -77.25
N ASN S 272 -14.52 -11.23 -75.98
CA ASN S 272 -13.17 -11.61 -75.52
C ASN S 272 -12.07 -10.99 -76.39
N GLU S 273 -12.35 -9.79 -76.89
CA GLU S 273 -11.36 -8.99 -77.59
C GLU S 273 -11.24 -7.67 -76.86
N ASN S 274 -10.02 -7.32 -76.46
CA ASN S 274 -9.75 -6.06 -75.77
C ASN S 274 -9.82 -4.93 -76.77
N VAL S 275 -10.85 -4.08 -76.67
CA VAL S 275 -10.99 -2.97 -77.59
C VAL S 275 -10.05 -1.82 -77.27
N PHE S 276 -9.38 -1.85 -76.12
CA PHE S 276 -8.40 -0.82 -75.80
C PHE S 276 -7.07 -1.06 -76.50
N TYR S 277 -6.84 -2.26 -77.03
CA TYR S 277 -5.55 -2.59 -77.63
C TYR S 277 -5.52 -2.18 -79.10
N ASP S 278 -4.35 -1.69 -79.52
CA ASP S 278 -4.12 -1.33 -80.92
C ASP S 278 -2.62 -1.45 -81.17
N GLU S 279 -2.22 -2.53 -81.84
CA GLU S 279 -0.79 -2.77 -82.09
C GLU S 279 -0.19 -1.67 -82.97
N THR S 280 -0.99 -1.08 -83.86
CA THR S 280 -0.46 -0.08 -84.77
C THR S 280 -0.18 1.24 -84.06
N ASP S 281 -0.85 1.49 -82.94
CA ASP S 281 -0.65 2.75 -82.22
C ASP S 281 0.73 2.79 -81.58
N GLU S 282 1.26 4.02 -81.44
CA GLU S 282 2.58 4.19 -80.84
C GLU S 282 2.59 3.71 -79.39
N LEU S 283 1.56 4.03 -78.63
CA LEU S 283 1.45 3.60 -77.23
C LEU S 283 0.67 2.30 -77.09
N GLY S 284 0.26 1.67 -78.19
CA GLY S 284 -0.58 0.50 -78.11
C GLY S 284 -1.97 0.79 -77.58
N LEU S 285 -2.51 1.96 -77.89
CA LEU S 285 -3.81 2.39 -77.40
C LEU S 285 -4.72 2.69 -78.57
N SER S 286 -5.90 2.09 -78.58
CA SER S 286 -6.86 2.34 -79.63
C SER S 286 -7.52 3.69 -79.44
N GLN S 287 -8.21 4.14 -80.50
CA GLN S 287 -8.98 5.38 -80.39
C GLN S 287 -10.08 5.26 -79.35
N THR S 288 -10.65 4.06 -79.19
CA THR S 288 -11.67 3.84 -78.19
C THR S 288 -11.12 4.08 -76.78
N ALA S 289 -9.92 3.56 -76.51
CA ALA S 289 -9.31 3.77 -75.21
C ALA S 289 -9.04 5.25 -74.95
N ARG S 290 -8.55 5.96 -75.97
CA ARG S 290 -8.27 7.39 -75.80
C ARG S 290 -9.55 8.18 -75.54
N HIS S 291 -10.63 7.84 -76.25
CA HIS S 291 -11.92 8.47 -75.98
C HIS S 291 -12.40 8.17 -74.57
N TYR S 292 -12.21 6.94 -74.12
CA TYR S 292 -12.58 6.56 -72.76
C TYR S 292 -11.84 7.41 -71.73
N MET S 293 -10.52 7.53 -71.89
CA MET S 293 -9.73 8.34 -70.95
C MET S 293 -10.13 9.81 -71.01
N ALA S 294 -10.41 10.33 -72.21
CA ALA S 294 -10.83 11.72 -72.31
C ALA S 294 -12.15 11.95 -71.59
N GLY S 295 -13.10 11.02 -71.75
CA GLY S 295 -14.37 11.14 -71.05
C GLY S 295 -14.21 11.08 -69.54
N ILE S 296 -13.33 10.20 -69.06
CA ILE S 296 -13.09 10.14 -67.62
C ILE S 296 -12.44 11.44 -67.14
N LEU S 297 -11.52 12.00 -67.93
CA LEU S 297 -10.84 13.22 -67.52
C LEU S 297 -11.80 14.40 -67.44
N LYS S 298 -12.69 14.54 -68.42
CA LYS S 298 -13.55 15.73 -68.43
C LYS S 298 -14.55 15.71 -67.28
N HIS S 299 -14.99 14.53 -66.86
CA HIS S 299 -15.98 14.40 -65.81
C HIS S 299 -15.38 14.07 -64.45
N ALA S 300 -14.08 14.26 -64.28
CA ALA S 300 -13.42 13.83 -63.05
C ALA S 300 -13.95 14.58 -61.82
N ARG S 301 -14.07 15.90 -61.93
CA ARG S 301 -14.50 16.69 -60.79
C ARG S 301 -15.93 16.35 -60.38
N ALA S 302 -16.76 15.94 -61.35
CA ALA S 302 -18.12 15.52 -61.02
C ALA S 302 -18.14 14.15 -60.35
N MET S 303 -17.27 13.25 -60.76
CA MET S 303 -17.19 11.92 -60.15
C MET S 303 -16.50 11.94 -58.79
N ALA S 304 -15.78 13.00 -58.47
CA ALA S 304 -15.02 13.04 -57.22
C ALA S 304 -15.90 12.83 -56.00
N ALA S 305 -17.13 13.33 -56.03
CA ALA S 305 -18.02 13.16 -54.89
C ALA S 305 -18.43 11.71 -54.69
N ILE S 306 -18.36 10.89 -55.72
CA ILE S 306 -18.71 9.48 -55.60
C ILE S 306 -17.48 8.62 -55.31
N THR S 307 -16.38 8.86 -56.03
CA THR S 307 -15.18 8.07 -55.80
C THR S 307 -14.44 8.50 -54.54
N ASN S 308 -14.68 9.71 -54.04
CA ASN S 308 -14.10 10.20 -52.80
C ASN S 308 -15.24 10.76 -51.97
N PRO S 309 -16.00 9.88 -51.30
CA PRO S 309 -17.30 10.30 -50.74
C PRO S 309 -17.22 10.93 -49.36
N THR S 310 -16.18 10.65 -48.60
CA THR S 310 -16.11 11.11 -47.22
C THR S 310 -15.36 12.43 -47.12
N VAL S 311 -15.48 13.06 -45.95
CA VAL S 311 -14.68 14.24 -45.66
C VAL S 311 -13.20 13.89 -45.60
N ASN S 312 -12.87 12.76 -44.98
CA ASN S 312 -11.49 12.33 -44.86
C ASN S 312 -10.86 11.98 -46.20
N SER S 313 -11.67 11.77 -47.23
CA SER S 313 -11.12 11.42 -48.54
C SER S 313 -10.26 12.53 -49.11
N TYR S 314 -10.57 13.78 -48.79
CA TYR S 314 -9.85 14.92 -49.36
C TYR S 314 -8.66 15.34 -48.50
N LYS S 315 -8.48 14.72 -47.33
CA LYS S 315 -7.21 14.81 -46.65
C LYS S 315 -6.17 13.89 -47.27
N ARG S 316 -6.60 12.88 -48.02
CA ARG S 316 -5.67 12.06 -48.79
C ARG S 316 -5.21 12.77 -50.04
N LEU S 317 -6.11 13.50 -50.70
CA LEU S 317 -5.78 14.19 -51.95
C LEU S 317 -4.98 15.46 -51.67
N VAL S 318 -3.80 15.27 -51.10
CA VAL S 318 -2.88 16.36 -50.83
C VAL S 318 -1.54 16.00 -51.45
N PRO S 319 -0.73 16.96 -51.90
CA PRO S 319 0.51 16.63 -52.61
C PRO S 319 1.54 15.98 -51.69
N GLY S 320 2.35 15.11 -52.29
CA GLY S 320 3.48 14.52 -51.60
C GLY S 320 3.28 13.11 -51.09
N TYR S 321 2.16 12.46 -51.40
CA TYR S 321 1.89 11.13 -50.89
C TYR S 321 1.36 10.20 -51.97
N GLU S 322 1.73 10.45 -53.23
CA GLU S 322 1.41 9.63 -54.40
C GLU S 322 -0.07 9.65 -54.76
N ALA S 323 -0.92 10.32 -53.99
CA ALA S 323 -2.31 10.42 -54.39
C ALA S 323 -2.46 11.47 -55.48
N PRO S 324 -3.34 11.25 -56.45
CA PRO S 324 -3.56 12.26 -57.49
C PRO S 324 -4.17 13.52 -56.91
N CYS S 325 -3.74 14.67 -57.44
CA CYS S 325 -4.32 15.94 -57.09
C CYS S 325 -4.72 16.78 -58.28
N TYR S 326 -4.41 16.33 -59.50
CA TYR S 326 -4.74 17.08 -60.71
C TYR S 326 -5.31 16.13 -61.74
N VAL S 327 -6.21 16.66 -62.58
CA VAL S 327 -6.87 15.85 -63.59
C VAL S 327 -5.98 15.75 -64.82
N ALA S 328 -5.15 14.73 -64.86
CA ALA S 328 -4.24 14.52 -65.99
C ALA S 328 -3.87 13.05 -66.07
N TRP S 329 -3.35 12.66 -67.22
CA TRP S 329 -2.96 11.27 -67.47
C TRP S 329 -1.51 11.22 -67.92
N SER S 330 -0.87 10.10 -67.59
CA SER S 330 0.52 9.88 -67.97
C SER S 330 0.81 8.39 -67.93
N ALA S 331 1.89 7.99 -68.60
CA ALA S 331 2.40 6.64 -68.48
C ALA S 331 3.43 6.50 -67.37
N SER S 332 4.00 7.61 -66.90
CA SER S 332 4.97 7.59 -65.81
C SER S 332 5.03 8.98 -65.21
N ASN S 333 4.60 9.11 -63.97
CA ASN S 333 4.60 10.40 -63.28
C ASN S 333 4.50 10.16 -61.79
N ARG S 334 4.70 11.25 -61.03
CA ARG S 334 4.53 11.24 -59.58
C ARG S 334 3.18 10.66 -59.17
N SER S 335 2.10 11.31 -59.60
CA SER S 335 0.74 10.90 -59.23
C SER S 335 -0.24 11.46 -60.24
N PRO S 336 -0.41 10.78 -61.37
CA PRO S 336 -1.43 11.19 -62.33
C PRO S 336 -2.80 10.67 -61.95
N MET S 337 -3.83 11.37 -62.44
CA MET S 337 -5.19 10.89 -62.26
C MET S 337 -5.37 9.54 -62.93
N ILE S 338 -4.88 9.41 -64.16
CA ILE S 338 -4.99 8.19 -64.94
C ILE S 338 -3.58 7.73 -65.28
N ARG S 339 -3.30 6.46 -65.00
CA ARG S 339 -2.03 5.85 -65.37
C ARG S 339 -2.29 4.68 -66.30
N ILE S 340 -1.40 4.49 -67.27
CA ILE S 340 -1.52 3.41 -68.24
C ILE S 340 -0.38 2.42 -67.97
N PRO S 341 -0.68 1.23 -67.46
CA PRO S 341 0.39 0.26 -67.20
C PRO S 341 1.07 -0.19 -68.49
N ALA S 342 2.30 -0.67 -68.34
CA ALA S 342 3.09 -1.08 -69.49
C ALA S 342 2.57 -2.34 -70.17
N SER S 343 1.71 -3.10 -69.51
CA SER S 343 1.20 -4.33 -70.11
C SER S 343 0.36 -4.02 -71.35
N ARG S 344 0.48 -4.87 -72.36
CA ARG S 344 -0.20 -4.67 -73.62
C ARG S 344 -0.98 -5.92 -74.02
N GLY S 345 -1.50 -5.94 -75.24
CA GLY S 345 -2.19 -7.12 -75.71
C GLY S 345 -3.56 -7.24 -75.08
N LEU S 346 -3.86 -8.41 -74.52
CA LEU S 346 -5.14 -8.63 -73.88
C LEU S 346 -5.22 -7.99 -72.50
N SER S 347 -4.12 -7.46 -71.98
CA SER S 347 -4.09 -6.88 -70.64
C SER S 347 -3.84 -5.38 -70.67
N THR S 348 -4.13 -4.71 -71.79
CA THR S 348 -4.01 -3.26 -71.82
C THR S 348 -5.12 -2.65 -70.99
N ARG S 349 -4.75 -1.75 -70.08
CA ARG S 349 -5.69 -1.27 -69.07
C ARG S 349 -5.56 0.23 -68.90
N VAL S 350 -6.62 0.82 -68.36
CA VAL S 350 -6.64 2.21 -67.93
C VAL S 350 -6.84 2.20 -66.42
N GLU S 351 -5.86 2.72 -65.68
CA GLU S 351 -5.90 2.73 -64.23
C GLU S 351 -6.32 4.10 -63.74
N VAL S 352 -7.40 4.15 -62.98
CA VAL S 352 -7.87 5.38 -62.35
C VAL S 352 -7.54 5.31 -60.87
N ARG S 353 -6.84 6.32 -60.37
CA ARG S 353 -6.24 6.27 -59.06
C ARG S 353 -6.93 7.16 -58.03
N ASN S 354 -7.96 7.90 -58.43
CA ASN S 354 -8.71 8.72 -57.47
C ASN S 354 -9.41 7.91 -56.37
N PRO S 355 -10.13 6.83 -56.67
CA PRO S 355 -10.97 6.22 -55.64
C PRO S 355 -10.19 5.76 -54.43
N ASP S 356 -10.81 5.88 -53.27
CA ASP S 356 -10.33 5.32 -52.03
C ASP S 356 -11.23 4.18 -51.59
N PRO S 357 -10.74 3.27 -50.74
CA PRO S 357 -11.56 2.10 -50.37
C PRO S 357 -12.87 2.46 -49.67
N ALA S 358 -13.02 3.69 -49.19
CA ALA S 358 -14.28 4.11 -48.59
C ALA S 358 -15.39 4.31 -49.62
N ALA S 359 -15.06 4.35 -50.90
CA ALA S 359 -16.08 4.58 -51.93
C ALA S 359 -16.96 3.34 -52.10
N ASN S 360 -18.18 3.58 -52.57
CA ASN S 360 -19.07 2.49 -52.92
C ASN S 360 -18.57 1.86 -54.21
N PRO S 361 -18.23 0.57 -54.23
CA PRO S 361 -17.68 -0.01 -55.47
C PRO S 361 -18.63 0.04 -56.64
N TYR S 362 -19.91 -0.27 -56.40
CA TYR S 362 -20.88 -0.26 -57.50
C TYR S 362 -21.03 1.14 -58.08
N LEU S 363 -21.22 2.13 -57.21
CA LEU S 363 -21.40 3.50 -57.69
C LEU S 363 -20.15 4.03 -58.38
N ALA S 364 -18.97 3.74 -57.81
CA ALA S 364 -17.73 4.22 -58.41
C ALA S 364 -17.52 3.61 -59.79
N LEU S 365 -17.69 2.29 -59.91
CA LEU S 365 -17.55 1.65 -61.21
C LEU S 365 -18.59 2.18 -62.19
N ALA S 366 -19.82 2.40 -61.72
CA ALA S 366 -20.87 2.89 -62.60
C ALA S 366 -20.53 4.27 -63.15
N VAL S 367 -20.08 5.18 -62.28
CA VAL S 367 -19.81 6.54 -62.75
C VAL S 367 -18.58 6.56 -63.65
N MET S 368 -17.54 5.77 -63.32
CA MET S 368 -16.37 5.72 -64.19
C MET S 368 -16.73 5.16 -65.56
N LEU S 369 -17.49 4.08 -65.61
CA LEU S 369 -17.88 3.50 -66.89
C LEU S 369 -18.77 4.45 -67.68
N ARG S 370 -19.69 5.15 -67.01
CA ARG S 370 -20.56 6.08 -67.71
C ARG S 370 -19.77 7.26 -68.28
N ALA S 371 -18.81 7.78 -67.52
CA ALA S 371 -17.97 8.85 -68.03
C ALA S 371 -17.16 8.39 -69.24
N GLY S 372 -16.60 7.18 -69.17
CA GLY S 372 -15.88 6.66 -70.31
C GLY S 372 -16.75 6.46 -71.53
N LEU S 373 -17.97 5.96 -71.34
CA LEU S 373 -18.88 5.76 -72.45
C LEU S 373 -19.31 7.09 -73.04
N ASP S 374 -19.50 8.11 -72.20
CA ASP S 374 -19.81 9.45 -72.69
C ASP S 374 -18.66 10.00 -73.51
N GLY S 375 -17.43 9.74 -73.08
CA GLY S 375 -16.29 10.12 -73.89
C GLY S 375 -16.26 9.40 -75.22
N ILE S 376 -16.59 8.12 -75.22
CA ILE S 376 -16.59 7.34 -76.46
C ILE S 376 -17.65 7.85 -77.41
N LYS S 377 -18.84 8.18 -76.89
CA LYS S 377 -19.95 8.58 -77.74
C LYS S 377 -19.64 9.86 -78.49
N ARG S 378 -19.05 10.85 -77.81
CA ARG S 378 -18.83 12.16 -78.38
C ARG S 378 -17.46 12.31 -79.03
N GLN S 379 -16.69 11.22 -79.12
CA GLN S 379 -15.35 11.24 -79.71
C GLN S 379 -14.50 12.35 -79.08
N MET S 380 -14.45 12.34 -77.75
CA MET S 380 -13.76 13.40 -77.03
C MET S 380 -12.26 13.34 -77.32
N ALA S 381 -11.64 14.52 -77.36
CA ALA S 381 -10.22 14.61 -77.69
C ALA S 381 -9.36 14.45 -76.45
N LEU S 382 -8.42 13.52 -76.50
CA LEU S 382 -7.52 13.29 -75.38
C LEU S 382 -6.52 14.42 -75.27
N PRO S 383 -6.41 15.07 -74.11
CA PRO S 383 -5.35 16.08 -73.93
C PRO S 383 -3.98 15.42 -73.88
N ALA S 384 -2.96 16.26 -74.04
CA ALA S 384 -1.60 15.76 -74.08
C ALA S 384 -1.20 15.19 -72.72
N PRO S 385 -0.44 14.10 -72.68
CA PRO S 385 0.02 13.56 -71.40
C PRO S 385 0.99 14.51 -70.72
N ILE S 386 1.05 14.42 -69.39
CA ILE S 386 2.01 15.20 -68.64
C ILE S 386 3.33 14.45 -68.60
N ASP S 387 4.42 15.16 -68.89
CA ASP S 387 5.75 14.58 -68.86
C ASP S 387 6.27 14.52 -67.44
N ARG S 388 7.57 14.31 -67.29
CA ARG S 388 8.22 14.33 -65.97
C ARG S 388 8.20 15.72 -65.34
N ASN S 389 7.49 16.66 -65.93
CA ASN S 389 7.36 18.01 -65.39
C ASN S 389 6.56 17.96 -64.10
N ILE S 390 7.27 17.99 -62.97
CA ILE S 390 6.61 17.99 -61.68
C ILE S 390 5.74 19.25 -61.55
N TYR S 391 4.66 19.14 -60.79
CA TYR S 391 3.68 20.21 -60.64
C TYR S 391 4.13 21.31 -59.70
N VAL S 392 5.44 21.43 -59.43
CA VAL S 392 5.98 22.58 -58.74
C VAL S 392 5.71 23.89 -59.48
N MET S 393 5.21 23.80 -60.71
CA MET S 393 4.87 25.00 -61.48
C MET S 393 3.73 25.75 -60.80
N SER S 394 3.71 27.07 -61.04
CA SER S 394 2.72 27.93 -60.42
C SER S 394 1.33 27.65 -60.97
N GLU S 395 0.31 28.13 -60.24
CA GLU S 395 -1.06 27.97 -60.67
C GLU S 395 -1.30 28.61 -62.04
N GLU S 396 -0.61 29.72 -62.32
CA GLU S 396 -0.70 30.33 -63.64
C GLU S 396 -0.18 29.38 -64.72
N GLU S 397 0.92 28.69 -64.45
CA GLU S 397 1.42 27.69 -65.39
C GLU S 397 0.43 26.56 -65.55
N ARG S 398 -0.23 26.17 -64.46
CA ARG S 398 -1.16 25.03 -64.52
C ARG S 398 -2.40 25.36 -65.33
N ILE S 399 -3.02 26.52 -65.09
CA ILE S 399 -4.21 26.85 -65.87
C ILE S 399 -3.85 27.36 -67.26
N GLU S 400 -2.59 27.73 -67.49
CA GLU S 400 -2.15 28.02 -68.84
C GLU S 400 -2.05 26.75 -69.67
N GLU S 401 -1.59 25.66 -69.06
CA GLU S 401 -1.49 24.37 -69.73
C GLU S 401 -2.79 23.60 -69.69
N GLY S 402 -3.84 24.15 -69.09
CA GLY S 402 -5.12 23.47 -69.04
C GLY S 402 -5.15 22.22 -68.19
N ILE S 403 -4.54 22.25 -67.02
CA ILE S 403 -4.52 21.11 -66.10
C ILE S 403 -5.52 21.41 -64.98
N PRO S 404 -6.69 20.79 -64.98
CA PRO S 404 -7.63 21.02 -63.87
C PRO S 404 -7.17 20.32 -62.60
N SER S 405 -7.73 20.77 -61.49
CA SER S 405 -7.44 20.20 -60.18
C SER S 405 -8.69 19.56 -59.60
N LEU S 406 -8.49 18.50 -58.84
CA LEU S 406 -9.60 17.84 -58.18
C LEU S 406 -10.15 18.72 -57.05
N PRO S 407 -11.41 18.51 -56.67
CA PRO S 407 -12.00 19.35 -55.63
C PRO S 407 -11.21 19.28 -54.33
N ALA S 408 -11.13 20.40 -53.62
CA ALA S 408 -10.34 20.48 -52.41
C ALA S 408 -11.04 19.92 -51.19
N ASP S 409 -12.36 19.76 -51.24
CA ASP S 409 -13.10 19.22 -50.11
C ASP S 409 -14.43 18.67 -50.61
N LEU S 410 -15.22 18.13 -49.69
CA LEU S 410 -16.47 17.47 -50.05
C LEU S 410 -17.48 18.46 -50.62
N LYS S 411 -17.47 19.70 -50.16
CA LYS S 411 -18.44 20.69 -50.60
C LYS S 411 -18.29 20.98 -52.09
N GLU S 412 -17.06 21.21 -52.54
CA GLU S 412 -16.83 21.45 -53.97
C GLU S 412 -17.24 20.26 -54.80
N ALA S 413 -16.94 19.05 -54.33
CA ALA S 413 -17.32 17.85 -55.06
C ALA S 413 -18.83 17.74 -55.17
N LEU S 414 -19.55 18.05 -54.10
CA LEU S 414 -21.01 18.00 -54.13
C LEU S 414 -21.58 19.02 -55.11
N SER S 415 -21.02 20.23 -55.12
CA SER S 415 -21.49 21.23 -56.07
C SER S 415 -21.26 20.79 -57.51
N GLU S 416 -20.08 20.23 -57.78
CA GLU S 416 -19.81 19.72 -59.13
C GLU S 416 -20.73 18.55 -59.48
N LEU S 417 -21.02 17.69 -58.51
CA LEU S 417 -21.96 16.59 -58.72
C LEU S 417 -23.33 17.10 -59.12
N ILE S 418 -23.81 18.12 -58.40
CA ILE S 418 -25.12 18.69 -58.71
C ILE S 418 -25.13 19.29 -60.11
N ARG S 419 -24.08 20.05 -60.44
CA ARG S 419 -24.06 20.73 -61.74
C ARG S 419 -23.88 19.77 -62.92
N SER S 420 -23.47 18.53 -62.68
CA SER S 420 -23.20 17.60 -63.77
C SER S 420 -24.48 16.94 -64.25
N GLU S 421 -24.61 16.84 -65.58
CA GLU S 421 -25.77 16.21 -66.19
C GLU S 421 -25.47 14.83 -66.73
N VAL S 422 -24.22 14.39 -66.74
CA VAL S 422 -23.86 13.09 -67.30
C VAL S 422 -23.84 12.02 -66.23
N ILE S 423 -23.05 12.20 -65.18
CA ILE S 423 -22.94 11.17 -64.16
C ILE S 423 -24.09 11.23 -63.17
N SER S 424 -24.80 12.36 -63.09
CA SER S 424 -26.05 12.39 -62.36
C SER S 424 -27.09 11.48 -63.01
N ASP S 425 -27.08 11.42 -64.35
CA ASP S 425 -27.92 10.46 -65.05
C ASP S 425 -27.49 9.03 -64.75
N ALA S 426 -26.18 8.81 -64.59
CA ALA S 426 -25.69 7.49 -64.20
C ALA S 426 -26.23 7.09 -62.84
N LEU S 427 -26.19 8.03 -61.89
CA LEU S 427 -26.79 7.75 -60.58
C LEU S 427 -28.29 7.57 -60.67
N GLY S 428 -28.96 8.38 -61.48
CA GLY S 428 -30.41 8.39 -61.53
C GLY S 428 -30.99 9.40 -60.55
N ASP S 429 -32.27 9.71 -60.79
CA ASP S 429 -32.94 10.75 -60.03
C ASP S 429 -33.11 10.41 -58.55
N HIS S 430 -33.50 9.18 -58.23
CA HIS S 430 -33.76 8.82 -56.84
C HIS S 430 -32.48 8.75 -56.01
N ALA S 431 -31.46 8.08 -56.52
CA ALA S 431 -30.24 7.90 -55.74
C ALA S 431 -29.47 9.22 -55.58
N LEU S 432 -29.52 10.08 -56.59
CA LEU S 432 -28.79 11.35 -56.53
C LEU S 432 -29.28 12.21 -55.38
N ALA S 433 -30.60 12.34 -55.22
CA ALA S 433 -31.14 13.19 -54.17
C ALA S 433 -30.75 12.69 -52.79
N TYR S 434 -30.84 11.38 -52.56
CA TYR S 434 -30.53 10.84 -51.26
C TYR S 434 -29.03 10.88 -50.96
N PHE S 435 -28.19 10.61 -51.96
CA PHE S 435 -26.76 10.73 -51.77
C PHE S 435 -26.37 12.17 -51.45
N TYR S 436 -26.97 13.13 -52.16
CA TYR S 436 -26.69 14.53 -51.90
C TYR S 436 -27.14 14.93 -50.50
N GLU S 437 -28.31 14.46 -50.07
CA GLU S 437 -28.77 14.77 -48.71
C GLU S 437 -27.82 14.19 -47.67
N LEU S 438 -27.41 12.94 -47.84
CA LEU S 438 -26.49 12.32 -46.90
C LEU S 438 -25.20 13.09 -46.79
N LYS S 439 -24.60 13.42 -47.95
CA LYS S 439 -23.31 14.10 -47.92
C LYS S 439 -23.43 15.54 -47.44
N GLU S 440 -24.54 16.21 -47.74
CA GLU S 440 -24.75 17.56 -47.22
C GLU S 440 -24.86 17.54 -45.70
N ILE S 441 -25.59 16.57 -45.15
CA ILE S 441 -25.68 16.48 -43.70
C ILE S 441 -24.32 16.20 -43.09
N GLU S 442 -23.55 15.29 -43.71
CA GLU S 442 -22.23 14.97 -43.19
C GLU S 442 -21.33 16.20 -43.19
N TRP S 443 -21.32 16.94 -44.30
CA TRP S 443 -20.49 18.13 -44.37
C TRP S 443 -20.93 19.19 -43.38
N ASP S 444 -22.24 19.36 -43.21
CA ASP S 444 -22.73 20.35 -42.26
C ASP S 444 -22.33 20.01 -40.84
N MET S 445 -22.42 18.73 -40.46
CA MET S 445 -21.95 18.34 -39.14
C MET S 445 -20.46 18.54 -38.99
N TYR S 446 -19.69 18.28 -40.05
CA TYR S 446 -18.24 18.40 -39.95
C TYR S 446 -17.80 19.86 -39.83
N ARG S 447 -18.42 20.76 -40.61
CA ARG S 447 -17.89 22.10 -40.74
C ARG S 447 -18.09 22.94 -39.48
N THR S 448 -19.04 22.60 -38.62
CA THR S 448 -19.30 23.37 -37.42
C THR S 448 -18.54 22.88 -36.20
N GLN S 449 -17.75 21.83 -36.34
CA GLN S 449 -16.97 21.32 -35.21
C GLN S 449 -15.78 22.23 -34.92
N VAL S 450 -15.41 22.27 -33.65
CA VAL S 450 -14.19 22.96 -33.22
C VAL S 450 -13.17 21.88 -32.89
N HIS S 451 -12.11 21.81 -33.67
CA HIS S 451 -11.15 20.72 -33.56
C HIS S 451 -10.03 21.09 -32.59
N GLN S 452 -9.33 20.05 -32.12
CA GLN S 452 -8.24 20.26 -31.16
C GLN S 452 -7.12 21.10 -31.77
N TRP S 453 -6.96 21.05 -33.09
CA TRP S 453 -5.94 21.88 -33.73
C TRP S 453 -6.20 23.37 -33.52
N GLU S 454 -7.47 23.76 -33.62
CA GLU S 454 -7.82 25.16 -33.38
C GLU S 454 -7.54 25.56 -31.94
N ARG S 455 -7.89 24.69 -30.99
CA ARG S 455 -7.61 24.98 -29.58
C ARG S 455 -6.13 24.99 -29.29
N ASP S 456 -5.32 24.31 -30.10
CA ASP S 456 -3.88 24.37 -29.92
C ASP S 456 -3.29 25.65 -30.49
N GLN S 457 -3.69 26.04 -31.70
CA GLN S 457 -3.21 27.28 -32.29
C GLN S 457 -3.71 28.49 -31.50
N TYR S 458 -5.02 28.55 -31.28
CA TYR S 458 -5.63 29.64 -30.54
C TYR S 458 -5.81 29.26 -29.08
N LEU S 459 -6.60 30.04 -28.33
CA LEU S 459 -6.91 29.80 -26.93
C LEU S 459 -5.73 30.15 -26.02
N THR S 460 -4.57 30.40 -26.62
CA THR S 460 -3.43 30.98 -25.91
C THR S 460 -2.93 32.24 -26.62
N LEU S 461 -2.75 32.17 -27.94
CA LEU S 461 -2.32 33.34 -28.68
C LEU S 461 -3.40 34.41 -28.70
N TYR S 462 -4.67 34.01 -28.74
CA TYR S 462 -5.78 34.95 -28.62
C TYR S 462 -6.52 34.71 -27.31
N SER T 22 20.54 -28.67 -58.64
CA SER T 22 19.78 -27.70 -59.42
C SER T 22 18.28 -28.00 -59.36
N TYR T 23 17.50 -27.25 -60.12
CA TYR T 23 16.06 -27.42 -60.16
C TYR T 23 15.53 -27.03 -61.54
N THR T 24 14.35 -27.54 -61.86
CA THR T 24 13.61 -27.18 -63.06
C THR T 24 12.18 -26.82 -62.69
N ARG T 25 11.43 -26.29 -63.66
CA ARG T 25 10.05 -25.93 -63.42
C ARG T 25 9.26 -27.11 -62.88
N GLU T 26 9.38 -28.26 -63.54
CA GLU T 26 8.67 -29.45 -63.11
C GLU T 26 9.11 -29.87 -61.71
N ASP T 27 10.42 -29.78 -61.43
CA ASP T 27 10.90 -30.08 -60.09
C ASP T 27 10.30 -29.14 -59.05
N ILE T 28 10.27 -27.84 -59.36
CA ILE T 28 9.73 -26.87 -58.41
C ILE T 28 8.27 -27.17 -58.11
N ILE T 29 7.49 -27.43 -59.16
CA ILE T 29 6.08 -27.78 -58.97
C ILE T 29 5.96 -29.06 -58.16
N ARG T 30 6.84 -30.03 -58.39
CA ARG T 30 6.77 -31.30 -57.68
C ARG T 30 7.01 -31.12 -56.19
N ILE T 31 8.07 -30.41 -55.81
CA ILE T 31 8.28 -30.17 -54.39
C ILE T 31 7.18 -29.30 -53.81
N ALA T 32 6.68 -28.31 -54.55
CA ALA T 32 5.64 -27.45 -54.02
C ALA T 32 4.38 -28.25 -53.69
N GLU T 33 4.00 -29.18 -54.58
CA GLU T 33 2.86 -30.05 -54.27
C GLU T 33 3.19 -31.01 -53.14
N GLU T 34 4.41 -31.58 -53.15
CA GLU T 34 4.77 -32.58 -52.14
C GLU T 34 4.93 -31.96 -50.77
N GLU T 35 5.64 -30.84 -50.66
CA GLU T 35 5.94 -30.22 -49.39
C GLU T 35 4.76 -29.45 -48.81
N ASN T 36 3.64 -29.37 -49.54
CA ASN T 36 2.47 -28.60 -49.12
C ASN T 36 2.82 -27.13 -48.93
N VAL T 37 3.54 -26.58 -49.91
CA VAL T 37 3.87 -25.16 -49.87
C VAL T 37 2.64 -24.35 -50.24
N ARG T 38 2.28 -23.41 -49.37
CA ARG T 38 1.10 -22.57 -49.60
C ARG T 38 1.45 -21.17 -50.04
N PHE T 39 2.65 -20.68 -49.75
CA PHE T 39 3.01 -19.29 -50.01
C PHE T 39 4.45 -19.24 -50.49
N ILE T 40 4.70 -18.39 -51.47
CA ILE T 40 6.02 -18.28 -52.10
C ILE T 40 6.44 -16.82 -52.07
N ARG T 41 7.67 -16.58 -51.63
CA ARG T 41 8.24 -15.23 -51.58
C ARG T 41 9.12 -15.02 -52.80
N LEU T 42 8.78 -14.04 -53.62
CA LEU T 42 9.61 -13.64 -54.75
C LEU T 42 10.55 -12.56 -54.26
N GLN T 43 11.74 -12.96 -53.81
CA GLN T 43 12.65 -12.06 -53.12
C GLN T 43 13.54 -11.32 -54.10
N PHE T 44 13.80 -10.05 -53.81
CA PHE T 44 14.76 -9.24 -54.53
C PHE T 44 15.38 -8.26 -53.54
N THR T 45 16.33 -7.46 -54.02
CA THR T 45 17.07 -6.55 -53.16
C THR T 45 17.04 -5.15 -53.76
N ASP T 46 16.95 -4.15 -52.89
CA ASP T 46 17.01 -2.76 -53.31
C ASP T 46 18.45 -2.26 -53.21
N LEU T 47 18.64 -0.98 -53.55
CA LEU T 47 19.98 -0.42 -53.57
C LEU T 47 20.63 -0.34 -52.20
N LEU T 48 19.84 -0.35 -51.13
CA LEU T 48 20.38 -0.28 -49.78
C LEU T 48 20.64 -1.65 -49.17
N GLY T 49 20.43 -2.72 -49.93
CA GLY T 49 20.67 -4.07 -49.43
C GLY T 49 19.54 -4.68 -48.66
N THR T 50 18.44 -3.96 -48.45
CA THR T 50 17.30 -4.52 -47.74
C THR T 50 16.64 -5.60 -48.60
N ILE T 51 16.16 -6.65 -47.94
CA ILE T 51 15.49 -7.74 -48.64
C ILE T 51 14.02 -7.38 -48.83
N LYS T 52 13.59 -7.31 -50.08
CA LYS T 52 12.19 -7.06 -50.42
C LYS T 52 11.62 -8.29 -51.10
N ASN T 53 10.30 -8.44 -51.02
CA ASN T 53 9.65 -9.63 -51.56
C ASN T 53 8.22 -9.31 -51.97
N VAL T 54 7.70 -10.13 -52.88
CA VAL T 54 6.30 -10.12 -53.27
C VAL T 54 5.72 -11.47 -52.89
N GLU T 55 4.78 -11.48 -51.95
CA GLU T 55 4.18 -12.71 -51.49
C GLU T 55 3.25 -13.28 -52.56
N ILE T 56 3.27 -14.59 -52.71
CA ILE T 56 2.55 -15.25 -53.80
C ILE T 56 1.86 -16.52 -53.30
N PRO T 57 0.59 -16.72 -53.60
CA PRO T 57 -0.05 -18.00 -53.30
C PRO T 57 0.43 -19.07 -54.27
N VAL T 58 0.41 -20.32 -53.80
CA VAL T 58 0.95 -21.42 -54.60
C VAL T 58 0.22 -21.58 -55.92
N SER T 59 -1.03 -21.11 -56.02
CA SER T 59 -1.77 -21.20 -57.27
C SER T 59 -1.18 -20.30 -58.36
N GLN T 60 -0.29 -19.37 -58.01
CA GLN T 60 0.35 -18.49 -58.97
C GLN T 60 1.77 -18.93 -59.31
N LEU T 61 2.16 -20.14 -58.91
CA LEU T 61 3.54 -20.58 -59.09
C LEU T 61 3.90 -20.70 -60.58
N GLU T 62 2.99 -21.24 -61.39
CA GLU T 62 3.28 -21.38 -62.81
C GLU T 62 3.41 -20.02 -63.47
N LYS T 63 2.52 -19.09 -63.11
CA LYS T 63 2.63 -17.72 -63.63
C LYS T 63 3.95 -17.08 -63.24
N ALA T 64 4.37 -17.28 -61.99
CA ALA T 64 5.66 -16.75 -61.56
C ALA T 64 6.81 -17.37 -62.34
N LEU T 65 6.77 -18.68 -62.53
CA LEU T 65 7.83 -19.39 -63.25
C LEU T 65 7.84 -19.07 -64.73
N ASP T 66 6.75 -18.52 -65.27
CA ASP T 66 6.73 -18.09 -66.66
C ASP T 66 7.23 -16.67 -66.85
N ASN T 67 7.75 -16.05 -65.78
CA ASN T 67 8.29 -14.69 -65.83
C ASN T 67 7.24 -13.68 -66.29
N LYS T 68 6.09 -13.71 -65.62
CA LYS T 68 4.96 -12.88 -66.02
C LYS T 68 4.43 -11.98 -64.90
N MET T 69 4.98 -12.06 -63.69
CA MET T 69 4.54 -11.19 -62.62
C MET T 69 5.13 -9.80 -62.77
N MET T 70 4.29 -8.79 -62.60
CA MET T 70 4.70 -7.40 -62.63
C MET T 70 4.57 -6.79 -61.25
N PHE T 71 5.48 -5.87 -60.94
CA PHE T 71 5.45 -5.13 -59.69
C PHE T 71 5.98 -3.73 -59.94
N ASP T 72 6.09 -2.94 -58.87
CA ASP T 72 6.47 -1.54 -59.03
C ASP T 72 7.85 -1.40 -59.63
N GLY T 73 8.84 -2.05 -59.05
CA GLY T 73 10.19 -1.93 -59.55
C GLY T 73 10.88 -0.65 -59.11
N SER T 74 10.11 0.42 -58.91
CA SER T 74 10.65 1.64 -58.35
C SER T 74 10.95 1.51 -56.87
N SER T 75 10.53 0.42 -56.23
CA SER T 75 10.89 0.15 -54.84
C SER T 75 12.38 -0.11 -54.69
N ILE T 76 13.10 -0.35 -55.78
CA ILE T 76 14.55 -0.50 -55.71
C ILE T 76 15.20 0.79 -55.26
N GLU T 77 14.67 1.92 -55.70
CA GLU T 77 15.25 3.22 -55.40
C GLU T 77 15.14 3.61 -53.95
N GLY T 78 14.33 2.91 -53.15
CA GLY T 78 14.21 3.23 -51.74
C GLY T 78 13.23 4.35 -51.49
N TYR T 79 13.59 5.27 -50.59
CA TYR T 79 12.71 6.38 -50.26
C TYR T 79 12.88 7.58 -51.19
N VAL T 80 13.75 7.48 -52.18
CA VAL T 80 13.93 8.56 -53.16
C VAL T 80 13.23 8.25 -54.47
N ARG T 81 12.40 7.20 -54.51
CA ARG T 81 11.65 6.89 -55.71
C ARG T 81 10.66 8.01 -56.01
N ILE T 82 10.50 8.33 -57.29
CA ILE T 82 9.64 9.42 -57.72
C ILE T 82 8.43 8.91 -58.51
N GLU T 83 8.65 8.09 -59.53
CA GLU T 83 7.57 7.63 -60.38
C GLU T 83 7.48 6.12 -60.34
N GLU T 84 6.24 5.61 -60.40
CA GLU T 84 6.01 4.18 -60.39
C GLU T 84 6.25 3.60 -61.78
N SER T 85 7.03 2.53 -61.85
CA SER T 85 7.30 1.81 -63.07
C SER T 85 6.59 0.46 -63.04
N ASP T 86 6.78 -0.30 -64.11
CA ASP T 86 6.27 -1.67 -64.19
C ASP T 86 7.41 -2.57 -64.65
N MET T 87 7.71 -3.59 -63.86
CA MET T 87 8.84 -4.46 -64.16
C MET T 87 8.48 -5.89 -63.81
N TYR T 88 9.13 -6.82 -64.50
CA TYR T 88 8.85 -8.24 -64.35
C TYR T 88 9.85 -8.90 -63.41
N LEU T 89 9.39 -9.91 -62.68
CA LEU T 89 10.24 -10.71 -61.81
C LEU T 89 10.61 -11.99 -62.52
N TYR T 90 11.91 -12.23 -62.69
CA TYR T 90 12.42 -13.44 -63.35
C TYR T 90 13.04 -14.33 -62.29
N PRO T 91 12.31 -15.27 -61.72
CA PRO T 91 12.86 -16.08 -60.63
C PRO T 91 14.02 -16.95 -61.09
N ASP T 92 14.97 -17.15 -60.17
CA ASP T 92 16.12 -18.02 -60.40
C ASP T 92 15.80 -19.37 -59.75
N LEU T 93 15.66 -20.41 -60.57
CA LEU T 93 15.17 -21.69 -60.07
C LEU T 93 16.15 -22.33 -59.11
N ASP T 94 17.44 -22.04 -59.25
CA ASP T 94 18.45 -22.64 -58.39
C ASP T 94 18.42 -22.10 -56.97
N THR T 95 17.70 -21.01 -56.73
CA THR T 95 17.63 -20.38 -55.41
C THR T 95 16.44 -20.87 -54.60
N TRP T 96 15.70 -21.86 -55.10
CA TRP T 96 14.52 -22.36 -54.40
C TRP T 96 14.92 -22.99 -53.07
N VAL T 97 14.14 -22.69 -52.04
CA VAL T 97 14.33 -23.29 -50.72
C VAL T 97 13.04 -23.11 -49.94
N VAL T 98 12.82 -24.01 -48.98
CA VAL T 98 11.62 -24.00 -48.14
C VAL T 98 12.06 -23.68 -46.72
N PHE T 99 11.46 -22.65 -46.13
CA PHE T 99 11.85 -22.22 -44.79
C PHE T 99 11.45 -23.26 -43.76
N PRO T 100 12.28 -23.50 -42.74
CA PRO T 100 11.97 -24.55 -41.75
C PRO T 100 10.95 -24.14 -40.71
N TRP T 101 10.89 -22.84 -40.39
CA TRP T 101 10.05 -22.38 -39.30
C TRP T 101 8.60 -22.15 -39.70
N VAL T 102 8.26 -22.39 -40.97
CA VAL T 102 6.89 -22.18 -41.42
C VAL T 102 5.94 -23.17 -40.74
N THR T 103 6.42 -24.39 -40.51
CA THR T 103 5.68 -25.42 -39.78
C THR T 103 4.36 -25.76 -40.46
N SER T 104 3.26 -25.15 -39.99
CA SER T 104 1.92 -25.50 -40.47
C SER T 104 1.76 -25.23 -41.96
N ASP T 105 1.83 -23.96 -42.36
CA ASP T 105 1.71 -23.60 -43.77
C ASP T 105 3.10 -23.31 -44.31
N ARG T 106 3.62 -24.22 -45.14
CA ARG T 106 4.98 -24.11 -45.63
C ARG T 106 5.12 -22.88 -46.50
N VAL T 107 6.20 -22.14 -46.31
CA VAL T 107 6.52 -20.96 -47.10
C VAL T 107 7.85 -21.20 -47.80
N ALA T 108 7.87 -20.96 -49.10
CA ALA T 108 9.08 -21.08 -49.90
C ALA T 108 9.50 -19.71 -50.42
N ARG T 109 10.67 -19.66 -51.05
CA ARG T 109 11.18 -18.42 -51.60
C ARG T 109 11.90 -18.68 -52.90
N LEU T 110 11.94 -17.65 -53.74
CA LEU T 110 12.73 -17.64 -54.96
C LEU T 110 13.36 -16.26 -55.10
N ILE T 111 14.64 -16.23 -55.46
CA ILE T 111 15.34 -14.98 -55.69
C ILE T 111 15.22 -14.64 -57.17
N CYS T 112 14.72 -13.44 -57.46
CA CYS T 112 14.35 -13.07 -58.81
C CYS T 112 15.19 -11.89 -59.30
N ASP T 113 15.37 -11.84 -60.61
CA ASP T 113 15.98 -10.70 -61.28
C ASP T 113 14.88 -9.79 -61.83
N ILE T 114 15.21 -8.51 -61.95
CA ILE T 114 14.25 -7.50 -62.37
C ILE T 114 14.48 -7.20 -63.84
N TYR T 115 13.42 -7.29 -64.64
CA TYR T 115 13.49 -7.07 -66.07
C TYR T 115 12.49 -6.00 -66.48
N LYS T 116 12.90 -5.15 -67.42
CA LYS T 116 12.00 -4.17 -67.98
C LYS T 116 10.95 -4.86 -68.84
N PRO T 117 9.80 -4.22 -69.07
CA PRO T 117 8.76 -4.87 -69.89
C PRO T 117 9.22 -5.19 -71.30
N ASP T 118 10.19 -4.45 -71.85
CA ASP T 118 10.65 -4.73 -73.20
C ASP T 118 11.44 -6.04 -73.27
N GLY T 119 11.94 -6.51 -72.13
CA GLY T 119 12.64 -7.78 -72.10
C GLY T 119 14.07 -7.66 -71.62
N SER T 120 14.62 -6.45 -71.63
CA SER T 120 15.98 -6.26 -71.17
C SER T 120 16.03 -6.18 -69.64
N PRO T 121 17.14 -6.59 -69.03
CA PRO T 121 17.24 -6.50 -67.58
C PRO T 121 17.28 -5.05 -67.12
N PHE T 122 16.77 -4.81 -65.91
CA PHE T 122 16.77 -3.48 -65.33
C PHE T 122 18.19 -3.10 -64.93
N ALA T 123 18.63 -1.91 -65.34
CA ALA T 123 19.98 -1.45 -65.04
C ALA T 123 20.17 -1.10 -63.57
N GLY T 124 19.10 -0.84 -62.84
CA GLY T 124 19.21 -0.49 -61.44
C GLY T 124 19.16 -1.65 -60.46
N ASP T 125 19.10 -2.88 -60.94
CA ASP T 125 19.02 -4.04 -60.07
C ASP T 125 20.41 -4.45 -59.63
N PRO T 126 20.70 -4.49 -58.33
CA PRO T 126 22.07 -4.85 -57.90
C PRO T 126 22.52 -6.22 -58.37
N ARG T 127 21.62 -7.20 -58.37
CA ARG T 127 21.97 -8.52 -58.88
C ARG T 127 22.33 -8.45 -60.36
N GLY T 128 21.57 -7.67 -61.14
CA GLY T 128 21.93 -7.48 -62.53
C GLY T 128 23.25 -6.77 -62.70
N ILE T 129 23.56 -5.84 -61.80
CA ILE T 129 24.84 -5.14 -61.87
C ILE T 129 25.99 -6.13 -61.65
N LEU T 130 25.86 -6.98 -60.63
CA LEU T 130 26.90 -7.98 -60.39
C LEU T 130 27.01 -8.95 -61.55
N LYS T 131 25.88 -9.35 -62.12
CA LYS T 131 25.91 -10.25 -63.28
C LYS T 131 26.61 -9.60 -64.47
N ARG T 132 26.36 -8.30 -64.70
CA ARG T 132 27.00 -7.60 -65.80
C ARG T 132 28.50 -7.49 -65.59
N VAL T 133 28.93 -7.21 -64.35
CA VAL T 133 30.37 -7.15 -64.09
C VAL T 133 31.00 -8.52 -64.25
N LEU T 134 30.30 -9.57 -63.83
CA LEU T 134 30.81 -10.92 -64.03
C LEU T 134 30.91 -11.26 -65.53
N LYS T 135 29.96 -10.74 -66.31
CA LYS T 135 29.95 -11.00 -67.77
C LYS T 135 31.14 -10.31 -68.43
N GLU T 136 31.45 -9.07 -68.02
CA GLU T 136 32.62 -8.41 -68.60
C GLU T 136 33.91 -8.97 -68.03
N ALA T 137 33.87 -9.63 -66.88
CA ALA T 137 35.03 -10.40 -66.43
C ALA T 137 35.23 -11.63 -67.31
N GLU T 138 34.15 -12.34 -67.62
CA GLU T 138 34.23 -13.51 -68.50
C GLU T 138 34.75 -13.11 -69.87
N GLU T 139 34.45 -11.89 -70.31
CA GLU T 139 34.99 -11.41 -71.58
C GLU T 139 36.51 -11.35 -71.59
N LEU T 140 37.16 -11.34 -70.42
CA LEU T 140 38.61 -11.38 -70.33
C LEU T 140 39.15 -12.79 -70.09
N GLY T 141 38.28 -13.80 -70.06
CA GLY T 141 38.70 -15.17 -69.89
C GLY T 141 38.54 -15.73 -68.50
N TYR T 142 38.09 -14.94 -67.53
CA TYR T 142 37.90 -15.42 -66.17
C TYR T 142 36.48 -15.94 -66.02
N THR T 143 36.35 -17.27 -65.90
CA THR T 143 35.04 -17.91 -65.95
C THR T 143 34.23 -17.63 -64.69
N SER T 144 34.89 -17.62 -63.53
CA SER T 144 34.17 -17.46 -62.27
C SER T 144 34.98 -16.61 -61.31
N MET T 145 34.26 -16.01 -60.36
CA MET T 145 34.86 -15.27 -59.25
C MET T 145 34.44 -15.97 -57.96
N ASN T 146 35.40 -16.62 -57.31
CA ASN T 146 35.11 -17.41 -56.12
C ASN T 146 35.23 -16.51 -54.89
N VAL T 147 34.15 -16.40 -54.12
CA VAL T 147 34.06 -15.45 -53.02
C VAL T 147 33.67 -16.19 -51.75
N GLY T 148 34.43 -15.97 -50.68
CA GLY T 148 34.04 -16.45 -49.38
C GLY T 148 33.97 -15.31 -48.38
N PRO T 149 32.76 -14.96 -47.95
CA PRO T 149 32.59 -13.89 -46.97
C PRO T 149 32.54 -14.44 -45.54
N GLU T 150 32.92 -13.57 -44.61
CA GLU T 150 32.90 -13.90 -43.18
C GLU T 150 32.26 -12.75 -42.39
N PRO T 151 30.93 -12.70 -42.39
CA PRO T 151 30.25 -11.61 -41.69
C PRO T 151 30.12 -11.88 -40.20
N GLU T 152 30.18 -10.80 -39.42
CA GLU T 152 30.10 -10.86 -37.97
C GLU T 152 28.86 -10.11 -37.51
N PHE T 153 28.31 -10.52 -36.37
CA PHE T 153 27.09 -9.91 -35.87
C PHE T 153 27.11 -9.88 -34.35
N PHE T 154 26.27 -9.03 -33.79
CA PHE T 154 26.13 -8.87 -32.35
C PHE T 154 24.77 -9.40 -31.90
N LEU T 155 24.72 -9.93 -30.68
CA LEU T 155 23.49 -10.40 -30.07
C LEU T 155 23.18 -9.53 -28.86
N PHE T 156 22.00 -8.95 -28.82
CA PHE T 156 21.57 -8.09 -27.73
C PHE T 156 20.33 -8.69 -27.06
N LYS T 157 20.24 -8.52 -25.75
CA LYS T 157 19.05 -8.92 -25.02
C LYS T 157 17.92 -7.94 -25.28
N THR T 158 16.70 -8.45 -25.36
CA THR T 158 15.52 -7.64 -25.60
C THR T 158 14.82 -7.33 -24.29
N ASP T 159 13.89 -6.38 -24.34
CA ASP T 159 13.07 -6.03 -23.20
C ASP T 159 11.71 -6.72 -23.30
N GLU T 160 10.80 -6.36 -22.41
CA GLU T 160 9.47 -6.96 -22.42
C GLU T 160 8.72 -6.63 -23.71
N LYS T 161 8.85 -5.40 -24.19
CA LYS T 161 8.19 -5.00 -25.43
C LYS T 161 8.83 -5.62 -26.66
N GLY T 162 9.98 -6.26 -26.52
CA GLY T 162 10.65 -6.87 -27.66
C GLY T 162 11.61 -5.97 -28.40
N ASP T 163 12.12 -4.92 -27.74
CA ASP T 163 13.08 -4.02 -28.37
C ASP T 163 14.48 -4.27 -27.83
N PRO T 164 15.51 -4.08 -28.64
CA PRO T 164 16.88 -4.35 -28.18
C PRO T 164 17.30 -3.38 -27.10
N THR T 165 17.92 -3.91 -26.05
CA THR T 165 18.53 -3.09 -25.01
C THR T 165 19.99 -2.83 -25.38
N THR T 166 20.76 -2.29 -24.44
CA THR T 166 22.18 -2.02 -24.65
C THR T 166 23.07 -3.08 -24.03
N GLU T 167 22.50 -4.17 -23.53
CA GLU T 167 23.26 -5.20 -22.83
C GLU T 167 23.50 -6.39 -23.75
N LEU T 168 24.75 -6.83 -23.81
CA LEU T 168 25.11 -7.96 -24.65
C LEU T 168 24.57 -9.27 -24.06
N ASN T 169 24.45 -10.28 -24.93
CA ASN T 169 23.94 -11.56 -24.47
C ASN T 169 24.94 -12.31 -23.61
N ASP T 170 26.23 -12.03 -23.78
CA ASP T 170 27.26 -12.69 -22.99
C ASP T 170 28.44 -11.73 -22.84
N GLN T 171 29.53 -12.23 -22.25
CA GLN T 171 30.74 -11.45 -22.04
C GLN T 171 31.96 -12.26 -22.43
N GLY T 172 31.84 -13.08 -23.47
CA GLY T 172 32.94 -13.91 -23.90
C GLY T 172 33.95 -13.15 -24.74
N GLY T 173 35.04 -13.84 -25.05
CA GLY T 173 36.11 -13.24 -25.82
C GLY T 173 36.43 -13.98 -27.11
N TYR T 174 37.62 -13.78 -27.64
CA TYR T 174 38.02 -14.37 -28.90
C TYR T 174 38.13 -15.89 -28.75
N PHE T 175 37.36 -16.62 -29.55
CA PHE T 175 37.37 -18.08 -29.57
C PHE T 175 37.03 -18.69 -28.22
N ASP T 176 36.29 -17.97 -27.39
CA ASP T 176 35.94 -18.47 -26.06
C ASP T 176 34.94 -19.61 -26.16
N LEU T 177 34.81 -20.35 -25.06
CA LEU T 177 33.93 -21.51 -24.98
C LEU T 177 33.12 -21.44 -23.69
N ALA T 178 31.82 -21.16 -23.82
CA ALA T 178 30.88 -21.19 -22.70
C ALA T 178 29.65 -21.98 -23.11
N PRO T 179 29.70 -23.31 -22.97
CA PRO T 179 28.67 -24.18 -23.59
C PRO T 179 27.25 -23.93 -23.10
N MET T 180 27.10 -23.49 -21.86
CA MET T 180 25.77 -23.45 -21.23
C MET T 180 24.80 -22.54 -21.97
N ASP T 181 25.02 -21.22 -21.91
CA ASP T 181 24.11 -20.29 -22.56
C ASP T 181 24.81 -19.08 -23.15
N LEU T 182 26.14 -19.05 -23.10
CA LEU T 182 26.91 -17.85 -23.43
C LEU T 182 27.75 -18.05 -24.69
N GLY T 183 28.58 -19.08 -24.73
CA GLY T 183 29.47 -19.29 -25.86
C GLY T 183 28.74 -19.54 -27.16
N GLU T 184 28.03 -20.65 -27.25
CA GLU T 184 27.23 -20.93 -28.44
C GLU T 184 25.89 -20.22 -28.38
N ASN T 185 25.05 -20.58 -27.40
CA ASN T 185 23.73 -19.99 -27.24
C ASN T 185 22.93 -20.07 -28.52
N CYS T 186 22.60 -18.92 -29.09
CA CYS T 186 21.86 -18.84 -30.36
C CYS T 186 22.83 -18.79 -31.53
N ARG T 187 23.74 -19.73 -31.56
CA ARG T 187 24.65 -19.90 -32.69
C ARG T 187 24.63 -21.32 -33.21
N ARG T 188 24.45 -22.30 -32.33
CA ARG T 188 24.35 -23.69 -32.75
C ARG T 188 23.09 -23.93 -33.58
N GLU T 189 21.96 -23.37 -33.14
CA GLU T 189 20.70 -23.55 -33.87
C GLU T 189 20.73 -22.84 -35.21
N ILE T 190 21.39 -21.69 -35.28
CA ILE T 190 21.52 -21.00 -36.56
C ILE T 190 22.29 -21.86 -37.54
N VAL T 191 23.39 -22.45 -37.09
CA VAL T 191 24.19 -23.30 -37.96
C VAL T 191 23.40 -24.51 -38.40
N LEU T 192 22.64 -25.11 -37.48
CA LEU T 192 21.82 -26.27 -37.82
C LEU T 192 20.77 -25.93 -38.87
N LYS T 193 20.07 -24.81 -38.67
CA LYS T 193 19.03 -24.41 -39.62
C LYS T 193 19.63 -24.08 -40.97
N LEU T 194 20.77 -23.40 -41.00
CA LEU T 194 21.42 -23.11 -42.27
C LEU T 194 21.86 -24.39 -42.97
N GLU T 195 22.39 -25.35 -42.20
CA GLU T 195 22.81 -26.62 -42.79
C GLU T 195 21.62 -27.34 -43.41
N GLU T 196 20.48 -27.35 -42.74
CA GLU T 196 19.32 -28.01 -43.34
C GLU T 196 18.80 -27.20 -44.53
N MET T 197 18.96 -25.89 -44.50
CA MET T 197 18.54 -25.00 -45.58
C MET T 197 19.37 -25.18 -46.84
N GLY T 198 20.48 -25.90 -46.77
CA GLY T 198 21.35 -26.08 -47.92
C GLY T 198 22.65 -25.31 -47.88
N PHE T 199 22.96 -24.67 -46.76
CA PHE T 199 24.22 -23.95 -46.62
C PHE T 199 25.37 -24.92 -46.37
N GLU T 200 26.57 -24.49 -46.73
CA GLU T 200 27.79 -25.23 -46.44
C GLU T 200 28.58 -24.39 -45.45
N ILE T 201 28.42 -24.70 -44.17
CA ILE T 201 29.03 -23.94 -43.09
C ILE T 201 30.42 -24.51 -42.82
N GLU T 202 31.42 -23.63 -42.76
CA GLU T 202 32.78 -24.03 -42.44
C GLU T 202 33.00 -24.17 -40.94
N ALA T 203 32.85 -23.08 -40.20
CA ALA T 203 33.08 -23.11 -38.76
C ALA T 203 32.44 -21.87 -38.14
N SER T 204 32.25 -21.93 -36.82
CA SER T 204 31.70 -20.82 -36.07
C SER T 204 32.51 -20.64 -34.79
N HIS T 205 32.59 -19.40 -34.32
CA HIS T 205 33.35 -19.12 -33.12
C HIS T 205 32.87 -17.80 -32.53
N HIS T 206 33.25 -17.57 -31.28
CA HIS T 206 32.99 -16.29 -30.62
C HIS T 206 33.99 -15.26 -31.11
N GLU T 207 33.52 -14.03 -31.31
CA GLU T 207 34.34 -12.98 -31.84
C GLU T 207 35.04 -12.22 -30.71
N VAL T 208 35.82 -11.21 -31.06
CA VAL T 208 36.63 -10.50 -30.09
C VAL T 208 35.75 -9.76 -29.08
N ALA T 209 34.81 -8.99 -29.56
CA ALA T 209 33.99 -8.19 -28.67
C ALA T 209 32.96 -9.07 -27.96
N PRO T 210 32.55 -8.70 -26.75
CA PRO T 210 31.50 -9.46 -26.05
C PRO T 210 30.20 -9.45 -26.85
N GLY T 211 29.54 -10.59 -26.88
CA GLY T 211 28.29 -10.70 -27.61
C GLY T 211 28.41 -10.77 -29.11
N GLN T 212 29.63 -10.89 -29.64
CA GLN T 212 29.87 -10.88 -31.07
C GLN T 212 30.20 -12.29 -31.53
N HIS T 213 29.59 -12.72 -32.64
CA HIS T 213 29.76 -14.06 -33.17
C HIS T 213 30.01 -14.01 -34.66
N GLU T 214 30.64 -15.07 -35.16
CA GLU T 214 30.96 -15.18 -36.58
C GLU T 214 30.70 -16.60 -37.05
N ILE T 215 30.04 -16.72 -38.19
CA ILE T 215 29.79 -18.01 -38.84
C ILE T 215 30.32 -17.91 -40.27
N ASP T 216 31.18 -18.84 -40.65
CA ASP T 216 31.82 -18.84 -41.95
C ASP T 216 31.18 -19.86 -42.88
N PHE T 217 31.05 -19.51 -44.14
CA PHE T 217 30.54 -20.40 -45.17
C PHE T 217 31.69 -20.94 -46.00
N LYS T 218 31.43 -22.04 -46.69
CA LYS T 218 32.36 -22.48 -47.72
C LYS T 218 32.25 -21.56 -48.93
N TYR T 219 33.31 -21.51 -49.71
CA TYR T 219 33.39 -20.58 -50.82
C TYR T 219 32.43 -20.98 -51.94
N ALA T 220 31.87 -19.97 -52.60
CA ALA T 220 30.94 -20.19 -53.70
C ALA T 220 31.14 -19.09 -54.72
N ASP T 221 30.42 -19.19 -55.84
CA ASP T 221 30.50 -18.16 -56.86
C ASP T 221 29.86 -16.87 -56.35
N ALA T 222 30.16 -15.77 -57.02
CA ALA T 222 29.85 -14.44 -56.49
C ALA T 222 28.36 -14.25 -56.27
N VAL T 223 27.54 -14.58 -57.28
CA VAL T 223 26.10 -14.40 -57.14
C VAL T 223 25.55 -15.28 -56.03
N LYS T 224 25.99 -16.54 -56.00
CA LYS T 224 25.58 -17.44 -54.94
C LYS T 224 26.05 -16.94 -53.58
N ALA T 225 27.26 -16.37 -53.53
CA ALA T 225 27.78 -15.85 -52.27
C ALA T 225 26.93 -14.70 -51.75
N ALA T 226 26.54 -13.78 -52.64
CA ALA T 226 25.70 -12.67 -52.20
C ALA T 226 24.31 -13.14 -51.78
N ASP T 227 23.74 -14.09 -52.53
CA ASP T 227 22.45 -14.64 -52.13
C ASP T 227 22.54 -15.30 -50.76
N GLN T 228 23.64 -16.03 -50.51
CA GLN T 228 23.84 -16.67 -49.23
C GLN T 228 24.01 -15.64 -48.12
N ILE T 229 24.67 -14.51 -48.41
CA ILE T 229 24.81 -13.46 -47.40
C ILE T 229 23.43 -12.93 -47.01
N GLN T 230 22.59 -12.63 -48.01
CA GLN T 230 21.25 -12.13 -47.72
C GLN T 230 20.45 -13.14 -46.91
N THR T 231 20.45 -14.39 -47.35
CA THR T 231 19.70 -15.43 -46.65
C THR T 231 20.24 -15.63 -45.23
N PHE T 232 21.56 -15.56 -45.07
CA PHE T 232 22.17 -15.73 -43.76
C PHE T 232 21.74 -14.63 -42.81
N LYS T 233 21.74 -13.38 -43.29
CA LYS T 233 21.29 -12.29 -42.43
C LYS T 233 19.84 -12.49 -42.01
N LEU T 234 18.97 -12.85 -42.98
CA LEU T 234 17.57 -13.06 -42.64
C LEU T 234 17.39 -14.19 -41.63
N VAL T 235 18.09 -15.31 -41.84
CA VAL T 235 17.95 -16.46 -40.96
C VAL T 235 18.47 -16.15 -39.56
N VAL T 236 19.62 -15.48 -39.48
CA VAL T 236 20.19 -15.14 -38.18
C VAL T 236 19.23 -14.24 -37.42
N LYS T 237 18.67 -13.22 -38.10
CA LYS T 237 17.73 -12.34 -37.42
C LYS T 237 16.50 -13.10 -36.93
N THR T 238 15.95 -13.98 -37.77
CA THR T 238 14.75 -14.72 -37.37
C THR T 238 15.04 -15.63 -36.18
N ILE T 239 16.13 -16.38 -36.23
CA ILE T 239 16.44 -17.32 -35.15
C ILE T 239 16.73 -16.57 -33.86
N ALA T 240 17.46 -15.47 -33.94
CA ALA T 240 17.72 -14.68 -32.74
C ALA T 240 16.44 -14.13 -32.15
N ARG T 241 15.51 -13.68 -33.00
CA ARG T 241 14.22 -13.24 -32.51
C ARG T 241 13.46 -14.37 -31.83
N GLN T 242 13.62 -15.60 -32.33
CA GLN T 242 12.95 -16.74 -31.73
C GLN T 242 13.43 -16.98 -30.30
N HIS T 243 14.72 -16.83 -30.05
CA HIS T 243 15.30 -17.06 -28.73
C HIS T 243 15.20 -15.85 -27.81
N GLY T 244 14.36 -14.88 -28.14
CA GLY T 244 14.24 -13.70 -27.33
C GLY T 244 15.49 -12.83 -27.31
N LEU T 245 16.19 -12.75 -28.43
CA LEU T 245 17.38 -11.93 -28.58
C LEU T 245 17.22 -11.04 -29.80
N HIS T 246 18.17 -10.12 -29.97
CA HIS T 246 18.18 -9.24 -31.12
C HIS T 246 19.54 -9.36 -31.80
N ALA T 247 19.54 -9.69 -33.08
CA ALA T 247 20.75 -9.79 -33.87
C ALA T 247 20.87 -8.58 -34.76
N THR T 248 22.04 -7.95 -34.76
CA THR T 248 22.28 -6.78 -35.57
C THR T 248 23.57 -6.95 -36.35
N PHE T 249 23.58 -6.43 -37.58
CA PHE T 249 24.78 -6.35 -38.41
C PHE T 249 25.27 -4.92 -38.52
N MET T 250 24.92 -4.09 -37.55
CA MET T 250 25.37 -2.71 -37.52
C MET T 250 26.90 -2.67 -37.40
N PRO T 251 27.59 -1.87 -38.22
CA PRO T 251 29.06 -1.91 -38.22
C PRO T 251 29.69 -1.60 -36.88
N LYS T 252 29.13 -0.68 -36.10
CA LYS T 252 29.70 -0.28 -34.81
C LYS T 252 28.57 0.05 -33.86
N PRO T 253 27.95 -0.97 -33.25
CA PRO T 253 26.83 -0.70 -32.35
C PRO T 253 27.23 -0.05 -31.04
N LEU T 254 28.47 -0.24 -30.59
CA LEU T 254 28.91 0.30 -29.31
C LEU T 254 30.27 0.97 -29.46
N PHE T 255 30.47 2.02 -28.68
CA PHE T 255 31.76 2.71 -28.67
C PHE T 255 32.73 1.99 -27.74
N GLY T 256 33.99 1.92 -28.17
CA GLY T 256 35.04 1.34 -27.35
C GLY T 256 35.22 -0.16 -27.51
N VAL T 257 34.38 -0.83 -28.27
CA VAL T 257 34.51 -2.25 -28.53
C VAL T 257 34.69 -2.46 -30.03
N ASN T 258 35.06 -3.68 -30.40
CA ASN T 258 35.29 -4.01 -31.80
C ASN T 258 34.00 -3.89 -32.59
N GLY T 259 34.13 -3.48 -33.85
CA GLY T 259 33.00 -3.47 -34.76
C GLY T 259 32.84 -4.79 -35.49
N SER T 260 31.89 -4.80 -36.41
CA SER T 260 31.62 -5.99 -37.22
C SER T 260 32.03 -5.70 -38.66
N GLY T 261 32.84 -6.61 -39.23
CA GLY T 261 33.27 -6.51 -40.60
C GLY T 261 32.74 -7.68 -41.42
N MET T 262 32.90 -7.56 -42.74
CA MET T 262 32.46 -8.59 -43.68
C MET T 262 33.61 -8.82 -44.67
N HIS T 263 34.78 -9.13 -44.12
CA HIS T 263 35.95 -9.48 -44.92
C HIS T 263 35.56 -10.41 -46.06
N CYS T 264 35.96 -10.04 -47.28
CA CYS T 264 35.64 -10.80 -48.47
C CYS T 264 36.91 -11.42 -49.04
N ASN T 265 36.92 -12.75 -49.16
CA ASN T 265 38.03 -13.46 -49.76
C ASN T 265 37.70 -13.73 -51.22
N GLN T 266 38.57 -13.32 -52.13
CA GLN T 266 38.32 -13.42 -53.55
C GLN T 266 39.45 -14.14 -54.27
N SER T 267 39.09 -14.84 -55.33
CA SER T 267 40.06 -15.48 -56.21
C SER T 267 39.41 -15.66 -57.58
N LEU T 268 40.15 -15.28 -58.63
CA LEU T 268 39.66 -15.40 -59.99
C LEU T 268 40.00 -16.78 -60.53
N PHE T 269 39.06 -17.37 -61.26
CA PHE T 269 39.23 -18.72 -61.79
C PHE T 269 39.04 -18.70 -63.30
N LYS T 270 39.84 -19.52 -63.99
CA LYS T 270 39.73 -19.70 -65.44
C LYS T 270 39.73 -21.20 -65.68
N ASP T 271 38.54 -21.78 -65.81
CA ASP T 271 38.36 -23.22 -66.04
C ASP T 271 39.04 -24.03 -64.93
N ASN T 272 38.46 -23.88 -63.73
CA ASN T 272 38.84 -24.58 -62.50
C ASN T 272 40.35 -24.49 -62.22
N GLU T 273 40.96 -23.42 -62.73
CA GLU T 273 42.35 -23.12 -62.44
C GLU T 273 42.42 -21.77 -61.75
N ASN T 274 43.06 -21.73 -60.58
CA ASN T 274 43.22 -20.49 -59.84
C ASN T 274 44.29 -19.64 -60.54
N VAL T 275 43.87 -18.54 -61.14
CA VAL T 275 44.81 -17.67 -61.85
C VAL T 275 45.63 -16.80 -60.90
N PHE T 276 45.27 -16.76 -59.62
CA PHE T 276 46.06 -16.03 -58.65
C PHE T 276 47.31 -16.79 -58.22
N TYR T 277 47.35 -18.10 -58.45
CA TYR T 277 48.44 -18.93 -57.96
C TYR T 277 49.62 -18.91 -58.92
N ASP T 278 50.83 -18.90 -58.36
CA ASP T 278 52.06 -18.97 -59.15
C ASP T 278 53.13 -19.58 -58.25
N GLU T 279 53.42 -20.86 -58.45
CA GLU T 279 54.40 -21.54 -57.62
C GLU T 279 55.79 -20.93 -57.78
N THR T 280 56.09 -20.35 -58.94
CA THR T 280 57.41 -19.79 -59.17
C THR T 280 57.62 -18.50 -58.39
N ASP T 281 56.55 -17.81 -58.04
CA ASP T 281 56.68 -16.53 -57.33
C ASP T 281 57.15 -16.75 -55.91
N GLU T 282 57.82 -15.74 -55.36
CA GLU T 282 58.32 -15.82 -53.99
C GLU T 282 57.18 -15.94 -52.99
N LEU T 283 56.11 -15.17 -53.18
CA LEU T 283 54.95 -15.22 -52.31
C LEU T 283 53.87 -16.16 -52.83
N GLY T 284 54.12 -16.87 -53.92
CA GLY T 284 53.09 -17.70 -54.53
C GLY T 284 51.97 -16.89 -55.13
N LEU T 285 52.26 -15.72 -55.70
CA LEU T 285 51.26 -14.83 -56.25
C LEU T 285 51.59 -14.54 -57.70
N SER T 286 50.62 -14.74 -58.57
CA SER T 286 50.82 -14.46 -59.99
C SER T 286 50.78 -12.96 -60.27
N GLN T 287 51.24 -12.59 -61.45
CA GLN T 287 51.17 -11.19 -61.86
C GLN T 287 49.72 -10.72 -61.96
N THR T 288 48.81 -11.63 -62.34
CA THR T 288 47.40 -11.28 -62.39
C THR T 288 46.88 -10.89 -61.01
N ALA T 289 47.26 -11.66 -59.99
CA ALA T 289 46.83 -11.35 -58.63
C ALA T 289 47.39 -10.01 -58.17
N ARG T 290 48.64 -9.72 -58.49
CA ARG T 290 49.23 -8.45 -58.09
C ARG T 290 48.55 -7.28 -58.80
N HIS T 291 48.24 -7.42 -60.08
CA HIS T 291 47.50 -6.39 -60.78
C HIS T 291 46.12 -6.19 -60.18
N TYR T 292 45.44 -7.29 -59.83
CA TYR T 292 44.16 -7.21 -59.16
C TYR T 292 44.25 -6.42 -57.86
N MET T 293 45.27 -6.73 -57.05
CA MET T 293 45.44 -6.05 -55.78
C MET T 293 45.73 -4.56 -55.98
N ALA T 294 46.57 -4.24 -56.97
CA ALA T 294 46.87 -2.84 -57.24
C ALA T 294 45.61 -2.08 -57.68
N GLY T 295 44.79 -2.71 -58.52
CA GLY T 295 43.55 -2.08 -58.94
C GLY T 295 42.60 -1.84 -57.79
N ILE T 296 42.51 -2.81 -56.87
CA ILE T 296 41.67 -2.60 -55.70
C ILE T 296 42.22 -1.48 -54.83
N LEU T 297 43.55 -1.41 -54.68
CA LEU T 297 44.14 -0.39 -53.82
C LEU T 297 43.92 1.01 -54.38
N LYS T 298 44.09 1.20 -55.69
CA LYS T 298 43.96 2.55 -56.22
C LYS T 298 42.54 3.09 -56.09
N HIS T 299 41.54 2.24 -56.28
CA HIS T 299 40.15 2.66 -56.28
C HIS T 299 39.47 2.51 -54.92
N ALA T 300 40.25 2.27 -53.86
CA ALA T 300 39.67 1.97 -52.55
C ALA T 300 38.81 3.13 -52.04
N ARG T 301 39.32 4.35 -52.13
CA ARG T 301 38.59 5.50 -51.61
C ARG T 301 37.30 5.71 -52.38
N ALA T 302 37.28 5.36 -53.67
CA ALA T 302 36.05 5.45 -54.45
C ALA T 302 35.05 4.37 -54.07
N MET T 303 35.52 3.16 -53.78
CA MET T 303 34.63 2.08 -53.39
C MET T 303 34.15 2.18 -51.94
N ALA T 304 34.78 3.03 -51.13
CA ALA T 304 34.42 3.13 -49.72
C ALA T 304 32.96 3.48 -49.53
N ALA T 305 32.39 4.30 -50.41
CA ALA T 305 30.98 4.67 -50.28
C ALA T 305 30.06 3.48 -50.49
N ILE T 306 30.50 2.44 -51.19
CA ILE T 306 29.68 1.26 -51.42
C ILE T 306 29.97 0.18 -50.39
N THR T 307 31.24 -0.09 -50.11
CA THR T 307 31.58 -1.12 -49.13
C THR T 307 31.33 -0.64 -47.70
N ASN T 308 31.30 0.67 -47.47
CA ASN T 308 30.99 1.24 -46.16
C ASN T 308 29.90 2.28 -46.39
N PRO T 309 28.65 1.86 -46.50
CA PRO T 309 27.60 2.76 -47.02
C PRO T 309 26.94 3.65 -45.97
N THR T 310 26.99 3.26 -44.70
CA THR T 310 26.26 4.00 -43.69
C THR T 310 27.15 5.03 -43.00
N VAL T 311 26.50 5.91 -42.22
CA VAL T 311 27.24 6.84 -41.37
C VAL T 311 28.00 6.08 -40.31
N ASN T 312 27.37 5.08 -39.70
CA ASN T 312 28.01 4.30 -38.65
C ASN T 312 29.18 3.47 -39.17
N SER T 313 29.27 3.29 -40.49
CA SER T 313 30.36 2.50 -41.05
C SER T 313 31.72 3.13 -40.78
N TYR T 314 31.77 4.45 -40.68
CA TYR T 314 33.03 5.16 -40.49
C TYR T 314 33.35 5.40 -39.04
N LYS T 315 32.45 5.04 -38.12
CA LYS T 315 32.82 4.91 -36.72
C LYS T 315 33.58 3.63 -36.44
N ARG T 316 33.44 2.62 -37.31
CA ARG T 316 34.24 1.41 -37.20
C ARG T 316 35.65 1.63 -37.71
N LEU T 317 35.81 2.42 -38.77
CA LEU T 317 37.12 2.66 -39.37
C LEU T 317 37.92 3.68 -38.54
N VAL T 318 38.18 3.29 -37.30
CA VAL T 318 38.98 4.09 -36.38
C VAL T 318 40.11 3.21 -35.86
N PRO T 319 41.28 3.76 -35.55
CA PRO T 319 42.41 2.92 -35.17
C PRO T 319 42.20 2.22 -33.84
N GLY T 320 42.78 1.03 -33.73
CA GLY T 320 42.82 0.29 -32.48
C GLY T 320 41.82 -0.83 -32.34
N TYR T 321 41.08 -1.17 -33.39
CA TYR T 321 40.05 -2.21 -33.30
C TYR T 321 40.11 -3.17 -34.49
N GLU T 322 41.29 -3.32 -35.09
CA GLU T 322 41.58 -4.24 -36.19
C GLU T 322 40.91 -3.86 -37.50
N ALA T 323 40.08 -2.83 -37.52
CA ALA T 323 39.52 -2.40 -38.80
C ALA T 323 40.57 -1.62 -39.59
N PRO T 324 40.64 -1.81 -40.90
CA PRO T 324 41.60 -1.05 -41.70
C PRO T 324 41.27 0.43 -41.70
N CYS T 325 42.32 1.25 -41.67
CA CYS T 325 42.18 2.69 -41.79
C CYS T 325 43.05 3.28 -42.88
N TYR T 326 43.94 2.51 -43.49
CA TYR T 326 44.83 3.00 -44.52
C TYR T 326 44.80 2.04 -45.70
N VAL T 327 44.96 2.59 -46.90
CA VAL T 327 44.93 1.80 -48.13
C VAL T 327 46.30 1.16 -48.34
N ALA T 328 46.47 -0.05 -47.84
CA ALA T 328 47.73 -0.76 -47.97
C ALA T 328 47.49 -2.25 -47.84
N TRP T 329 48.45 -3.03 -48.30
CA TRP T 329 48.35 -4.48 -48.28
C TRP T 329 49.55 -5.08 -47.55
N SER T 330 49.32 -6.23 -46.92
CA SER T 330 50.38 -6.94 -46.22
C SER T 330 49.98 -8.40 -46.07
N ALA T 331 50.97 -9.23 -45.78
CA ALA T 331 50.70 -10.62 -45.43
C ALA T 331 50.58 -10.82 -43.92
N SER T 332 51.05 -9.88 -43.13
CA SER T 332 50.94 -9.95 -41.67
C SER T 332 51.05 -8.54 -41.11
N ASN T 333 49.94 -7.99 -40.62
CA ASN T 333 49.95 -6.65 -40.07
C ASN T 333 48.74 -6.50 -39.16
N ARG T 334 48.75 -5.41 -38.38
CA ARG T 334 47.65 -5.08 -37.48
C ARG T 334 46.32 -5.07 -38.21
N SER T 335 46.18 -4.20 -39.20
CA SER T 335 44.92 -4.02 -39.93
C SER T 335 45.20 -3.43 -41.29
N PRO T 336 45.60 -4.27 -42.26
CA PRO T 336 45.77 -3.79 -43.63
C PRO T 336 44.44 -3.79 -44.38
N MET T 337 44.40 -2.95 -45.42
CA MET T 337 43.27 -2.96 -46.32
C MET T 337 43.10 -4.32 -46.99
N ILE T 338 44.21 -4.88 -47.46
CA ILE T 338 44.22 -6.17 -48.16
C ILE T 338 45.16 -7.09 -47.41
N ARG T 339 44.67 -8.28 -47.09
CA ARG T 339 45.48 -9.31 -46.45
C ARG T 339 45.51 -10.54 -47.34
N ILE T 340 46.65 -11.22 -47.37
CA ILE T 340 46.83 -12.42 -48.18
C ILE T 340 47.00 -13.60 -47.22
N PRO T 341 46.02 -14.50 -47.14
CA PRO T 341 46.14 -15.65 -46.26
C PRO T 341 47.28 -16.57 -46.69
N ALA T 342 47.76 -17.37 -45.73
CA ALA T 342 48.89 -18.25 -45.98
C ALA T 342 48.56 -19.41 -46.92
N SER T 343 47.29 -19.71 -47.13
CA SER T 343 46.92 -20.83 -47.98
C SER T 343 47.36 -20.59 -49.42
N ARG T 344 47.80 -21.64 -50.08
CA ARG T 344 48.29 -21.55 -51.46
C ARG T 344 47.60 -22.58 -52.34
N GLY T 345 48.07 -22.72 -53.57
CA GLY T 345 47.50 -23.72 -54.45
C GLY T 345 46.17 -23.23 -55.02
N LEU T 346 45.15 -24.06 -54.90
CA LEU T 346 43.81 -23.69 -55.37
C LEU T 346 43.09 -22.77 -54.40
N SER T 347 43.65 -22.52 -53.22
CA SER T 347 43.01 -21.70 -52.20
C SER T 347 43.74 -20.38 -51.98
N THR T 348 44.58 -19.96 -52.92
CA THR T 348 45.22 -18.66 -52.80
C THR T 348 44.19 -17.56 -53.02
N ARG T 349 44.12 -16.62 -52.08
CA ARG T 349 43.03 -15.66 -52.04
C ARG T 349 43.55 -14.27 -51.73
N VAL T 350 42.75 -13.28 -52.11
CA VAL T 350 42.97 -11.89 -51.74
C VAL T 350 41.81 -11.48 -50.84
N GLU T 351 42.11 -11.14 -49.59
CA GLU T 351 41.10 -10.80 -48.62
C GLU T 351 41.02 -9.28 -48.48
N VAL T 352 39.85 -8.72 -48.74
CA VAL T 352 39.60 -7.29 -48.59
C VAL T 352 38.76 -7.10 -47.33
N ARG T 353 39.24 -6.25 -46.43
CA ARG T 353 38.69 -6.16 -45.09
C ARG T 353 37.90 -4.89 -44.83
N ASN T 354 37.80 -3.99 -45.81
CA ASN T 354 36.98 -2.79 -45.65
C ASN T 354 35.50 -3.09 -45.43
N PRO T 355 34.84 -3.95 -46.21
CA PRO T 355 33.38 -4.03 -46.13
C PRO T 355 32.89 -4.41 -44.74
N ASP T 356 31.75 -3.84 -44.38
CA ASP T 356 30.99 -4.22 -43.20
C ASP T 356 29.70 -4.90 -43.62
N PRO T 357 29.07 -5.68 -42.73
CA PRO T 357 27.88 -6.43 -43.13
C PRO T 357 26.72 -5.54 -43.56
N ALA T 358 26.75 -4.25 -43.27
CA ALA T 358 25.71 -3.34 -43.73
C ALA T 358 25.79 -3.06 -45.23
N ALA T 359 26.88 -3.41 -45.88
CA ALA T 359 27.03 -3.16 -47.31
C ALA T 359 26.13 -4.09 -48.12
N ASN T 360 25.76 -3.62 -49.30
CA ASN T 360 25.03 -4.46 -50.24
C ASN T 360 26.00 -5.49 -50.82
N PRO T 361 25.75 -6.78 -50.63
CA PRO T 361 26.74 -7.77 -51.12
C PRO T 361 26.94 -7.73 -52.61
N TYR T 362 25.86 -7.59 -53.38
CA TYR T 362 25.97 -7.54 -54.83
C TYR T 362 26.81 -6.34 -55.27
N LEU T 363 26.48 -5.16 -54.75
CA LEU T 363 27.20 -3.96 -55.14
C LEU T 363 28.66 -4.00 -54.69
N ALA T 364 28.91 -4.49 -53.47
CA ALA T 364 30.27 -4.55 -52.96
C ALA T 364 31.13 -5.49 -53.80
N LEU T 365 30.60 -6.68 -54.08
CA LEU T 365 31.34 -7.62 -54.91
C LEU T 365 31.55 -7.07 -56.31
N ALA T 366 30.54 -6.38 -56.86
CA ALA T 366 30.65 -5.83 -58.19
C ALA T 366 31.76 -4.77 -58.26
N VAL T 367 31.78 -3.86 -57.28
CA VAL T 367 32.78 -2.79 -57.34
C VAL T 367 34.18 -3.33 -57.08
N MET T 368 34.32 -4.28 -56.15
CA MET T 368 35.63 -4.88 -55.93
C MET T 368 36.12 -5.61 -57.16
N LEU T 369 35.27 -6.40 -57.81
CA LEU T 369 35.67 -7.12 -59.01
C LEU T 369 36.01 -6.16 -60.13
N ARG T 370 35.23 -5.08 -60.29
CA ARG T 370 35.51 -4.13 -61.35
C ARG T 370 36.84 -3.41 -61.12
N ALA T 371 37.12 -3.04 -59.87
CA ALA T 371 38.41 -2.40 -59.57
C ALA T 371 39.56 -3.35 -59.85
N GLY T 372 39.40 -4.64 -59.47
CA GLY T 372 40.44 -5.61 -59.76
C GLY T 372 40.65 -5.81 -61.25
N LEU T 373 39.56 -5.87 -62.02
CA LEU T 373 39.67 -6.02 -63.46
C LEU T 373 40.32 -4.81 -64.10
N ASP T 374 40.01 -3.61 -63.60
CA ASP T 374 40.64 -2.40 -64.10
C ASP T 374 42.14 -2.42 -63.80
N GLY T 375 42.53 -2.92 -62.62
CA GLY T 375 43.93 -3.10 -62.33
C GLY T 375 44.59 -4.09 -63.26
N ILE T 376 43.90 -5.18 -63.57
CA ILE T 376 44.45 -6.20 -64.47
C ILE T 376 44.63 -5.62 -65.87
N LYS T 377 43.65 -4.86 -66.35
CA LYS T 377 43.67 -4.38 -67.73
C LYS T 377 44.87 -3.49 -68.01
N ARG T 378 45.19 -2.59 -67.09
CA ARG T 378 46.24 -1.60 -67.31
C ARG T 378 47.59 -2.05 -66.78
N GLN T 379 47.73 -3.31 -66.37
CA GLN T 379 48.98 -3.86 -65.85
C GLN T 379 49.53 -2.97 -64.73
N MET T 380 48.63 -2.61 -63.81
CA MET T 380 48.97 -1.68 -62.74
C MET T 380 50.02 -2.26 -61.81
N ALA T 381 50.89 -1.40 -61.29
CA ALA T 381 52.01 -1.83 -60.49
C ALA T 381 51.64 -1.89 -59.01
N LEU T 382 51.96 -3.01 -58.37
CA LEU T 382 51.66 -3.19 -56.97
C LEU T 382 52.63 -2.37 -56.12
N PRO T 383 52.13 -1.53 -55.21
CA PRO T 383 53.02 -0.85 -54.27
C PRO T 383 53.63 -1.84 -53.28
N ALA T 384 54.71 -1.40 -52.64
CA ALA T 384 55.43 -2.26 -51.71
C ALA T 384 54.54 -2.59 -50.51
N PRO T 385 54.61 -3.81 -49.99
CA PRO T 385 53.82 -4.16 -48.81
C PRO T 385 54.33 -3.41 -47.58
N ILE T 386 53.41 -3.19 -46.64
CA ILE T 386 53.79 -2.57 -45.37
C ILE T 386 54.34 -3.66 -44.44
N ASP T 387 55.48 -3.36 -43.82
CA ASP T 387 56.11 -4.29 -42.90
C ASP T 387 55.46 -4.19 -41.53
N ARG T 388 56.11 -4.74 -40.51
CA ARG T 388 55.65 -4.62 -39.14
C ARG T 388 55.68 -3.18 -38.62
N ASN T 389 55.96 -2.21 -39.49
CA ASN T 389 55.96 -0.81 -39.12
C ASN T 389 54.54 -0.38 -38.83
N ILE T 390 54.19 -0.32 -37.54
CA ILE T 390 52.89 0.14 -37.14
C ILE T 390 52.75 1.61 -37.53
N TYR T 391 51.52 2.03 -37.82
CA TYR T 391 51.25 3.34 -38.39
C TYR T 391 51.35 4.47 -37.38
N VAL T 392 52.06 4.25 -36.28
CA VAL T 392 52.37 5.30 -35.33
C VAL T 392 53.15 6.44 -35.96
N MET T 393 53.66 6.28 -37.18
CA MET T 393 54.39 7.37 -37.82
C MET T 393 53.47 8.54 -38.11
N SER T 394 54.06 9.72 -38.20
CA SER T 394 53.31 10.94 -38.45
C SER T 394 52.76 10.95 -39.87
N GLU T 395 51.80 11.86 -40.09
CA GLU T 395 51.20 11.99 -41.42
C GLU T 395 52.25 12.34 -42.48
N GLU T 396 53.27 13.11 -42.11
CA GLU T 396 54.34 13.42 -43.04
C GLU T 396 55.06 12.15 -43.50
N GLU T 397 55.33 11.24 -42.57
CA GLU T 397 55.91 9.97 -42.97
C GLU T 397 54.95 9.16 -43.83
N ARG T 398 53.65 9.23 -43.53
CA ARG T 398 52.69 8.42 -44.26
C ARG T 398 52.55 8.86 -45.71
N ILE T 399 52.39 10.16 -45.95
CA ILE T 399 52.30 10.59 -47.34
C ILE T 399 53.66 10.68 -48.00
N GLU T 400 54.75 10.66 -47.22
CA GLU T 400 56.06 10.48 -47.82
C GLU T 400 56.23 9.06 -48.35
N GLU T 401 55.69 8.08 -47.65
CA GLU T 401 55.73 6.69 -48.09
C GLU T 401 54.60 6.36 -49.06
N GLY T 402 53.72 7.31 -49.37
CA GLY T 402 52.64 7.07 -50.29
C GLY T 402 51.58 6.11 -49.79
N ILE T 403 51.17 6.24 -48.52
CA ILE T 403 50.12 5.39 -47.95
C ILE T 403 48.85 6.23 -47.87
N PRO T 404 47.87 6.01 -48.74
CA PRO T 404 46.61 6.73 -48.64
C PRO T 404 45.79 6.25 -47.46
N SER T 405 44.84 7.10 -47.05
CA SER T 405 43.94 6.77 -45.96
C SER T 405 42.50 6.70 -46.48
N LEU T 406 41.72 5.84 -45.86
CA LEU T 406 40.33 5.70 -46.21
C LEU T 406 39.55 6.97 -45.80
N PRO T 407 38.41 7.23 -46.43
CA PRO T 407 37.65 8.43 -46.09
C PRO T 407 37.24 8.43 -44.62
N ALA T 408 37.22 9.61 -44.02
CA ALA T 408 36.93 9.74 -42.60
C ALA T 408 35.44 9.72 -42.30
N ASP T 409 34.59 9.95 -43.30
CA ASP T 409 33.14 9.96 -43.08
C ASP T 409 32.46 9.71 -44.42
N LEU T 410 31.12 9.67 -44.37
CA LEU T 410 30.34 9.34 -45.57
C LEU T 410 30.47 10.41 -46.64
N LYS T 411 30.62 11.68 -46.24
CA LYS T 411 30.68 12.76 -47.21
C LYS T 411 31.90 12.64 -48.11
N GLU T 412 33.08 12.38 -47.51
CA GLU T 412 34.29 12.21 -48.31
C GLU T 412 34.15 11.04 -49.27
N ALA T 413 33.59 9.94 -48.80
CA ALA T 413 33.41 8.77 -49.65
C ALA T 413 32.47 9.09 -50.81
N LEU T 414 31.41 9.84 -50.55
CA LEU T 414 30.49 10.22 -51.62
C LEU T 414 31.17 11.12 -52.66
N SER T 415 31.99 12.06 -52.20
CA SER T 415 32.71 12.91 -53.13
C SER T 415 33.66 12.09 -53.99
N GLU T 416 34.38 11.15 -53.38
CA GLU T 416 35.28 10.28 -54.15
C GLU T 416 34.50 9.41 -55.12
N LEU T 417 33.34 8.92 -54.70
CA LEU T 417 32.49 8.12 -55.58
C LEU T 417 32.06 8.92 -56.81
N ILE T 418 31.66 10.16 -56.60
CA ILE T 418 31.27 11.01 -57.71
C ILE T 418 32.44 11.25 -58.65
N ARG T 419 33.62 11.55 -58.10
CA ARG T 419 34.76 11.85 -58.95
C ARG T 419 35.31 10.61 -59.67
N SER T 420 34.91 9.41 -59.29
CA SER T 420 35.47 8.20 -59.88
C SER T 420 34.75 7.84 -61.17
N GLU T 421 35.53 7.51 -62.19
CA GLU T 421 34.98 7.11 -63.48
C GLU T 421 35.01 5.61 -63.71
N VAL T 422 35.71 4.85 -62.87
CA VAL T 422 35.82 3.42 -63.06
C VAL T 422 34.69 2.67 -62.37
N ILE T 423 34.51 2.91 -61.07
CA ILE T 423 33.49 2.14 -60.34
C ILE T 423 32.11 2.76 -60.48
N SER T 424 32.04 4.04 -60.87
CA SER T 424 30.75 4.60 -61.26
C SER T 424 30.21 3.92 -62.52
N ASP T 425 31.11 3.54 -63.43
CA ASP T 425 30.69 2.74 -64.57
C ASP T 425 30.24 1.36 -64.13
N ALA T 426 30.88 0.80 -63.10
CA ALA T 426 30.43 -0.48 -62.56
C ALA T 426 29.01 -0.38 -62.02
N LEU T 427 28.73 0.70 -61.28
CA LEU T 427 27.37 0.92 -60.80
C LEU T 427 26.41 1.18 -61.96
N GLY T 428 26.83 1.94 -62.96
CA GLY T 428 25.96 2.36 -64.04
C GLY T 428 25.32 3.70 -63.74
N ASP T 429 24.79 4.31 -64.80
CA ASP T 429 24.25 5.66 -64.71
C ASP T 429 23.01 5.75 -63.84
N HIS T 430 22.09 4.79 -63.94
CA HIS T 430 20.85 4.87 -63.18
C HIS T 430 21.05 4.62 -61.69
N ALA T 431 21.79 3.58 -61.33
CA ALA T 431 21.96 3.25 -59.92
C ALA T 431 22.82 4.27 -59.19
N LEU T 432 23.81 4.85 -59.88
CA LEU T 432 24.69 5.80 -59.24
C LEU T 432 23.94 7.02 -58.74
N ALA T 433 23.05 7.57 -59.58
CA ALA T 433 22.32 8.77 -59.19
C ALA T 433 21.43 8.51 -57.98
N TYR T 434 20.73 7.39 -57.97
CA TYR T 434 19.82 7.10 -56.86
C TYR T 434 20.57 6.77 -55.58
N PHE T 435 21.66 6.01 -55.68
CA PHE T 435 22.47 5.75 -54.49
C PHE T 435 23.04 7.04 -53.93
N TYR T 436 23.53 7.92 -54.80
CA TYR T 436 24.08 9.19 -54.37
C TYR T 436 23.01 10.05 -53.69
N GLU T 437 21.81 10.09 -54.25
CA GLU T 437 20.72 10.85 -53.62
C GLU T 437 20.38 10.29 -52.25
N LEU T 438 20.27 8.96 -52.15
CA LEU T 438 19.96 8.33 -50.86
C LEU T 438 21.00 8.68 -49.82
N LYS T 439 22.28 8.58 -50.19
CA LYS T 439 23.34 8.82 -49.22
C LYS T 439 23.45 10.30 -48.86
N GLU T 440 23.23 11.20 -49.82
CA GLU T 440 23.21 12.62 -49.47
C GLU T 440 22.09 12.93 -48.49
N ILE T 441 20.90 12.36 -48.71
CA ILE T 441 19.80 12.61 -47.79
C ILE T 441 20.16 12.08 -46.41
N GLU T 442 20.73 10.88 -46.34
CA GLU T 442 21.10 10.31 -45.06
C GLU T 442 22.12 11.18 -44.34
N TRP T 443 23.16 11.62 -45.06
CA TRP T 443 24.19 12.44 -44.44
C TRP T 443 23.63 13.78 -44.00
N ASP T 444 22.76 14.38 -44.80
CA ASP T 444 22.18 15.67 -44.43
C ASP T 444 21.31 15.55 -43.19
N MET T 445 20.54 14.47 -43.08
CA MET T 445 19.77 14.24 -41.88
C MET T 445 20.68 14.05 -40.67
N TYR T 446 21.79 13.35 -40.86
CA TYR T 446 22.68 13.07 -39.73
C TYR T 446 23.41 14.32 -39.26
N ARG T 447 23.88 15.15 -40.19
CA ARG T 447 24.81 16.23 -39.84
C ARG T 447 24.15 17.37 -39.09
N THR T 448 22.82 17.49 -39.16
CA THR T 448 22.13 18.58 -38.47
C THR T 448 21.61 18.19 -37.11
N GLN T 449 21.79 16.94 -36.69
CA GLN T 449 21.31 16.51 -35.39
C GLN T 449 22.21 17.05 -34.28
N VAL T 450 21.60 17.33 -33.14
CA VAL T 450 22.32 17.71 -31.93
C VAL T 450 22.34 16.48 -31.02
N HIS T 451 23.50 15.85 -30.92
CA HIS T 451 23.62 14.60 -30.19
C HIS T 451 23.77 14.86 -28.70
N GLN T 452 23.54 13.80 -27.92
CA GLN T 452 23.63 13.92 -26.47
C GLN T 452 25.05 14.21 -26.01
N TRP T 453 26.05 13.80 -26.78
CA TRP T 453 27.44 14.09 -26.44
C TRP T 453 27.69 15.59 -26.40
N GLU T 454 27.13 16.33 -27.36
CA GLU T 454 27.28 17.78 -27.38
C GLU T 454 26.62 18.40 -26.15
N ARG T 455 25.43 17.94 -25.80
CA ARG T 455 24.76 18.45 -24.60
C ARG T 455 25.51 18.09 -23.33
N ASP T 456 26.26 16.99 -23.32
CA ASP T 456 27.07 16.65 -22.17
C ASP T 456 28.30 17.53 -22.07
N GLN T 457 29.01 17.75 -23.18
CA GLN T 457 30.18 18.61 -23.15
C GLN T 457 29.81 20.06 -22.89
N TYR T 458 28.87 20.58 -23.67
CA TYR T 458 28.40 21.96 -23.53
C TYR T 458 27.16 22.00 -22.67
N LEU T 459 26.45 23.13 -22.68
CA LEU T 459 25.21 23.36 -21.93
C LEU T 459 25.48 23.52 -20.44
N THR T 460 26.71 23.27 -20.02
CA THR T 460 27.20 23.63 -18.70
C THR T 460 28.46 24.48 -18.78
N LEU T 461 29.42 24.06 -19.60
CA LEU T 461 30.64 24.84 -19.80
C LEU T 461 30.33 26.15 -20.49
N TYR T 462 29.42 26.15 -21.45
CA TYR T 462 28.99 27.38 -22.11
C TYR T 462 27.55 27.69 -21.76
N SER U 22 27.81 -61.86 8.68
CA SER U 22 29.13 -61.37 8.31
C SER U 22 29.23 -61.15 6.80
N TYR U 23 30.42 -60.78 6.34
CA TYR U 23 30.65 -60.52 4.92
C TYR U 23 32.09 -60.87 4.57
N THR U 24 32.31 -61.11 3.30
CA THR U 24 33.64 -61.34 2.73
C THR U 24 33.84 -60.41 1.54
N ARG U 25 35.07 -60.37 1.02
CA ARG U 25 35.36 -59.54 -0.14
C ARG U 25 34.44 -59.88 -1.30
N GLU U 26 34.32 -61.18 -1.60
CA GLU U 26 33.47 -61.61 -2.70
C GLU U 26 32.01 -61.25 -2.42
N ASP U 27 31.56 -61.39 -1.18
CA ASP U 27 30.21 -60.99 -0.83
C ASP U 27 30.01 -59.49 -1.05
N ILE U 28 30.97 -58.68 -0.62
CA ILE U 28 30.82 -57.24 -0.76
C ILE U 28 30.74 -56.86 -2.23
N ILE U 29 31.61 -57.44 -3.05
CA ILE U 29 31.56 -57.18 -4.49
C ILE U 29 30.22 -57.64 -5.06
N ARG U 30 29.70 -58.77 -4.59
CA ARG U 30 28.45 -59.30 -5.12
C ARG U 30 27.28 -58.36 -4.82
N ILE U 31 27.14 -57.92 -3.57
CA ILE U 31 26.07 -56.97 -3.27
C ILE U 31 26.30 -55.64 -3.99
N ALA U 32 27.54 -55.18 -4.09
CA ALA U 32 27.79 -53.91 -4.77
C ALA U 32 27.34 -53.97 -6.22
N GLU U 33 27.65 -55.06 -6.92
CA GLU U 33 27.17 -55.21 -8.28
C GLU U 33 25.65 -55.38 -8.33
N GLU U 34 25.09 -56.16 -7.40
CA GLU U 34 23.66 -56.43 -7.43
C GLU U 34 22.84 -55.21 -7.06
N GLU U 35 23.23 -54.52 -5.99
CA GLU U 35 22.47 -53.39 -5.49
C GLU U 35 22.66 -52.12 -6.32
N ASN U 36 23.53 -52.17 -7.33
CA ASN U 36 23.86 -50.99 -8.14
C ASN U 36 24.42 -49.87 -7.28
N VAL U 37 25.37 -50.23 -6.41
CA VAL U 37 26.04 -49.25 -5.59
C VAL U 37 27.04 -48.49 -6.45
N ARG U 38 26.93 -47.16 -6.46
CA ARG U 38 27.81 -46.32 -7.25
C ARG U 38 28.88 -45.62 -6.44
N PHE U 39 28.65 -45.40 -5.14
CA PHE U 39 29.55 -44.61 -4.32
C PHE U 39 29.67 -45.27 -2.96
N ILE U 40 30.88 -45.26 -2.41
CA ILE U 40 31.17 -45.93 -1.15
C ILE U 40 31.85 -44.93 -0.22
N ARG U 41 31.35 -44.85 1.02
CA ARG U 41 31.92 -43.98 2.04
C ARG U 41 32.83 -44.80 2.94
N LEU U 42 34.11 -44.45 2.96
CA LEU U 42 35.06 -45.06 3.88
C LEU U 42 35.09 -44.22 5.15
N GLN U 43 34.25 -44.60 6.11
CA GLN U 43 34.00 -43.79 7.30
C GLN U 43 35.04 -44.05 8.38
N PHE U 44 35.42 -42.99 9.07
CA PHE U 44 36.26 -43.08 10.26
C PHE U 44 35.86 -41.94 11.19
N THR U 45 36.49 -41.89 12.36
CA THR U 45 36.12 -40.92 13.39
C THR U 45 37.37 -40.22 13.89
N ASP U 46 37.24 -38.91 14.15
CA ASP U 46 38.33 -38.13 14.71
C ASP U 46 38.23 -38.12 16.23
N LEU U 47 39.15 -37.40 16.88
CA LEU U 47 39.20 -37.39 18.34
C LEU U 47 37.99 -36.72 18.96
N LEU U 48 37.28 -35.88 18.23
CA LEU U 48 36.10 -35.18 18.75
C LEU U 48 34.82 -35.96 18.51
N GLY U 49 34.88 -37.14 17.92
CA GLY U 49 33.71 -37.94 17.68
C GLY U 49 32.97 -37.63 16.39
N THR U 50 33.41 -36.63 15.64
CA THR U 50 32.78 -36.32 14.37
C THR U 50 33.03 -37.43 13.36
N ILE U 51 32.02 -37.71 12.54
CA ILE U 51 32.14 -38.76 11.52
C ILE U 51 32.80 -38.17 10.28
N LYS U 52 33.93 -38.73 9.89
CA LYS U 52 34.63 -38.32 8.68
C LYS U 52 34.66 -39.47 7.69
N ASN U 53 34.83 -39.15 6.41
CA ASN U 53 34.80 -40.18 5.38
C ASN U 53 35.63 -39.76 4.17
N VAL U 54 35.94 -40.74 3.35
CA VAL U 54 36.52 -40.54 2.02
C VAL U 54 35.58 -41.16 1.01
N GLU U 55 35.01 -40.35 0.14
CA GLU U 55 34.08 -40.84 -0.86
C GLU U 55 34.82 -41.61 -1.94
N ILE U 56 34.22 -42.70 -2.41
CA ILE U 56 34.90 -43.62 -3.33
C ILE U 56 33.94 -44.08 -4.41
N PRO U 57 34.34 -44.03 -5.68
CA PRO U 57 33.53 -44.65 -6.73
C PRO U 57 33.64 -46.16 -6.66
N VAL U 58 32.57 -46.85 -7.10
CA VAL U 58 32.51 -48.29 -6.98
C VAL U 58 33.64 -48.98 -7.73
N SER U 59 34.22 -48.31 -8.74
CA SER U 59 35.34 -48.90 -9.47
C SER U 59 36.59 -49.04 -8.62
N GLN U 60 36.65 -48.40 -7.46
CA GLN U 60 37.79 -48.50 -6.56
C GLN U 60 37.52 -49.40 -5.37
N LEU U 61 36.45 -50.20 -5.41
CA LEU U 61 36.09 -51.04 -4.28
C LEU U 61 37.16 -52.09 -4.00
N GLU U 62 37.70 -52.72 -5.05
CA GLU U 62 38.73 -53.73 -4.85
C GLU U 62 39.98 -53.11 -4.25
N LYS U 63 40.38 -51.93 -4.74
CA LYS U 63 41.52 -51.23 -4.16
C LYS U 63 41.29 -50.91 -2.69
N ALA U 64 40.07 -50.46 -2.35
CA ALA U 64 39.77 -50.19 -0.95
C ALA U 64 39.83 -51.45 -0.11
N LEU U 65 39.28 -52.56 -0.62
CA LEU U 65 39.28 -53.82 0.10
C LEU U 65 40.66 -54.43 0.22
N ASP U 66 41.61 -54.02 -0.61
CA ASP U 66 42.98 -54.48 -0.49
C ASP U 66 43.80 -53.66 0.50
N ASN U 67 43.17 -52.74 1.22
CA ASN U 67 43.83 -51.90 2.21
C ASN U 67 44.97 -51.10 1.59
N LYS U 68 44.66 -50.40 0.51
CA LYS U 68 45.68 -49.65 -0.23
C LYS U 68 45.36 -48.18 -0.40
N MET U 69 44.27 -47.72 0.20
CA MET U 69 43.84 -46.29 0.07
C MET U 69 44.57 -45.41 1.09
N MET U 70 45.24 -44.35 0.63
CA MET U 70 45.95 -43.42 1.49
C MET U 70 45.16 -42.13 1.61
N PHE U 71 45.20 -41.52 2.79
CA PHE U 71 44.58 -40.23 3.01
C PHE U 71 45.45 -39.46 3.99
N ASP U 72 44.98 -38.26 4.38
CA ASP U 72 45.79 -37.39 5.22
C ASP U 72 46.10 -38.04 6.57
N GLY U 73 45.08 -38.51 7.26
CA GLY U 73 45.31 -39.13 8.55
C GLY U 73 45.50 -38.12 9.67
N SER U 74 46.06 -36.96 9.34
CA SER U 74 46.16 -35.87 10.31
C SER U 74 44.82 -35.21 10.57
N SER U 75 43.79 -35.54 9.78
CA SER U 75 42.45 -35.01 10.03
C SER U 75 41.84 -35.55 11.32
N ILE U 76 42.45 -36.58 11.92
CA ILE U 76 41.98 -37.07 13.21
C ILE U 76 42.18 -36.02 14.29
N GLU U 77 43.28 -35.27 14.20
CA GLU U 77 43.60 -34.28 15.23
C GLU U 77 42.64 -33.10 15.24
N GLY U 78 41.81 -32.93 14.22
CA GLY U 78 40.87 -31.83 14.20
C GLY U 78 41.47 -30.53 13.70
N TYR U 79 41.20 -29.42 14.39
CA TYR U 79 41.73 -28.14 13.99
C TYR U 79 43.10 -27.82 14.58
N VAL U 80 43.67 -28.76 15.35
CA VAL U 80 45.01 -28.57 15.90
C VAL U 80 46.05 -29.37 15.14
N ARG U 81 45.70 -29.92 13.99
CA ARG U 81 46.68 -30.63 13.17
C ARG U 81 47.75 -29.67 12.68
N ILE U 82 49.00 -30.12 12.71
CA ILE U 82 50.14 -29.27 12.39
C ILE U 82 50.83 -29.70 11.11
N GLU U 83 50.89 -30.99 10.83
CA GLU U 83 51.54 -31.48 9.62
C GLU U 83 50.72 -32.59 8.98
N GLU U 84 50.78 -32.66 7.67
CA GLU U 84 50.06 -33.69 6.92
C GLU U 84 50.85 -35.00 6.96
N SER U 85 50.16 -36.09 7.26
CA SER U 85 50.73 -37.42 7.26
C SER U 85 50.17 -38.23 6.10
N ASP U 86 50.56 -39.49 6.03
CA ASP U 86 50.01 -40.45 5.08
C ASP U 86 49.60 -41.69 5.84
N MET U 87 48.38 -42.16 5.60
CA MET U 87 47.84 -43.22 6.41
C MET U 87 46.88 -44.05 5.58
N TYR U 88 46.81 -45.34 5.88
CA TYR U 88 46.00 -46.28 5.12
C TYR U 88 44.67 -46.53 5.83
N LEU U 89 43.64 -46.77 5.03
CA LEU U 89 42.32 -47.12 5.52
C LEU U 89 42.15 -48.63 5.40
N TYR U 90 41.82 -49.28 6.52
CA TYR U 90 41.60 -50.73 6.56
C TYR U 90 40.12 -50.96 6.84
N PRO U 91 39.29 -51.16 5.81
CA PRO U 91 37.85 -51.29 6.04
C PRO U 91 37.52 -52.55 6.82
N ASP U 92 36.48 -52.45 7.64
CA ASP U 92 35.94 -53.57 8.39
C ASP U 92 34.74 -54.12 7.62
N LEU U 93 34.90 -55.33 7.08
CA LEU U 93 33.90 -55.87 6.16
C LEU U 93 32.56 -56.09 6.84
N ASP U 94 32.57 -56.33 8.15
CA ASP U 94 31.34 -56.57 8.89
C ASP U 94 30.48 -55.32 9.05
N THR U 95 31.03 -54.14 8.77
CA THR U 95 30.32 -52.89 8.94
C THR U 95 29.63 -52.44 7.66
N TRP U 96 29.65 -53.25 6.61
CA TRP U 96 29.05 -52.88 5.34
C TRP U 96 27.54 -52.70 5.49
N VAL U 97 27.02 -51.65 4.87
CA VAL U 97 25.59 -51.39 4.85
C VAL U 97 25.30 -50.44 3.71
N VAL U 98 24.07 -50.47 3.20
CA VAL U 98 23.65 -49.62 2.09
C VAL U 98 22.56 -48.69 2.60
N PHE U 99 22.73 -47.40 2.38
CA PHE U 99 21.79 -46.42 2.88
C PHE U 99 20.48 -46.50 2.10
N PRO U 100 19.33 -46.35 2.76
CA PRO U 100 18.04 -46.49 2.06
C PRO U 100 17.61 -45.24 1.31
N TRP U 101 18.07 -44.07 1.75
CA TRP U 101 17.62 -42.82 1.15
C TRP U 101 18.38 -42.46 -0.12
N VAL U 102 19.37 -43.26 -0.52
CA VAL U 102 20.14 -42.95 -1.71
C VAL U 102 19.26 -43.02 -2.95
N THR U 103 18.31 -43.95 -2.98
CA THR U 103 17.33 -44.10 -4.05
C THR U 103 17.98 -44.34 -5.41
N SER U 104 18.18 -43.28 -6.19
CA SER U 104 18.67 -43.41 -7.55
C SER U 104 20.06 -44.02 -7.62
N ASP U 105 21.06 -43.32 -7.07
CA ASP U 105 22.42 -43.82 -7.05
C ASP U 105 22.72 -44.34 -5.64
N ARG U 106 22.78 -45.66 -5.50
CA ARG U 106 22.96 -46.27 -4.19
C ARG U 106 24.32 -45.89 -3.61
N VAL U 107 24.33 -45.57 -2.32
CA VAL U 107 25.55 -45.25 -1.61
C VAL U 107 25.70 -46.21 -0.45
N ALA U 108 26.87 -46.82 -0.32
CA ALA U 108 27.18 -47.72 0.78
C ALA U 108 28.29 -47.11 1.64
N ARG U 109 28.56 -47.76 2.76
CA ARG U 109 29.57 -47.28 3.68
C ARG U 109 30.35 -48.46 4.26
N LEU U 110 31.59 -48.18 4.66
CA LEU U 110 32.42 -49.11 5.39
C LEU U 110 33.16 -48.34 6.47
N ILE U 111 33.22 -48.90 7.67
CA ILE U 111 33.95 -48.30 8.77
C ILE U 111 35.35 -48.86 8.77
N CYS U 112 36.35 -47.99 8.76
CA CYS U 112 37.73 -48.38 8.53
C CYS U 112 38.59 -48.03 9.74
N ASP U 113 39.67 -48.78 9.91
CA ASP U 113 40.71 -48.48 10.87
C ASP U 113 41.86 -47.78 10.16
N ILE U 114 42.59 -46.97 10.93
CA ILE U 114 43.68 -46.16 10.40
C ILE U 114 44.99 -46.87 10.71
N TYR U 115 45.80 -47.09 9.68
CA TYR U 115 47.07 -47.79 9.82
C TYR U 115 48.20 -46.91 9.29
N LYS U 116 49.33 -46.95 9.99
CA LYS U 116 50.51 -46.26 9.50
C LYS U 116 51.05 -46.97 8.26
N PRO U 117 51.82 -46.27 7.42
CA PRO U 117 52.35 -46.92 6.22
C PRO U 117 53.24 -48.11 6.51
N ASP U 118 53.89 -48.15 7.67
CA ASP U 118 54.75 -49.29 8.00
C ASP U 118 53.93 -50.56 8.25
N GLY U 119 52.64 -50.42 8.56
CA GLY U 119 51.79 -51.57 8.76
C GLY U 119 51.16 -51.62 10.13
N SER U 120 51.71 -50.88 11.08
CA SER U 120 51.16 -50.86 12.42
C SER U 120 49.95 -49.93 12.50
N PRO U 121 49.01 -50.23 13.39
CA PRO U 121 47.84 -49.34 13.54
C PRO U 121 48.25 -47.98 14.10
N PHE U 122 47.51 -46.95 13.69
CA PHE U 122 47.76 -45.61 14.17
C PHE U 122 47.35 -45.48 15.62
N ALA U 123 48.25 -44.93 16.45
CA ALA U 123 47.99 -44.83 17.88
C ALA U 123 46.92 -43.80 18.21
N GLY U 124 46.69 -42.83 17.35
CA GLY U 124 45.70 -41.80 17.61
C GLY U 124 44.30 -42.09 17.13
N ASP U 125 44.05 -43.28 16.59
CA ASP U 125 42.73 -43.62 16.10
C ASP U 125 41.85 -44.09 17.25
N PRO U 126 40.71 -43.44 17.51
CA PRO U 126 39.87 -43.86 18.65
C PRO U 126 39.42 -45.30 18.57
N ARG U 127 39.08 -45.79 17.38
CA ARG U 127 38.70 -47.19 17.22
C ARG U 127 39.86 -48.10 17.58
N GLY U 128 41.06 -47.74 17.15
CA GLY U 128 42.23 -48.51 17.54
C GLY U 128 42.49 -48.47 19.04
N ILE U 129 42.21 -47.32 19.66
CA ILE U 129 42.37 -47.21 21.11
C ILE U 129 41.43 -48.16 21.83
N LEU U 130 40.15 -48.19 21.41
CA LEU U 130 39.20 -49.10 22.01
C LEU U 130 39.59 -50.55 21.76
N LYS U 131 40.09 -50.85 20.56
CA LYS U 131 40.53 -52.21 20.26
C LYS U 131 41.70 -52.61 21.14
N ARG U 132 42.64 -51.70 21.38
CA ARG U 132 43.78 -52.00 22.23
C ARG U 132 43.36 -52.24 23.67
N VAL U 133 42.44 -51.42 24.18
CA VAL U 133 41.95 -51.64 25.54
C VAL U 133 41.20 -52.96 25.63
N LEU U 134 40.43 -53.32 24.60
CA LEU U 134 39.76 -54.61 24.59
C LEU U 134 40.76 -55.75 24.56
N LYS U 135 41.86 -55.58 23.83
CA LYS U 135 42.90 -56.60 23.78
C LYS U 135 43.54 -56.80 25.15
N GLU U 136 43.87 -55.71 25.84
CA GLU U 136 44.47 -55.89 27.16
C GLU U 136 43.44 -56.38 28.17
N ALA U 137 42.15 -56.19 27.91
CA ALA U 137 41.13 -56.84 28.71
C ALA U 137 41.12 -58.35 28.46
N GLU U 138 41.19 -58.75 27.18
CA GLU U 138 41.25 -60.17 26.84
C GLU U 138 42.47 -60.82 27.46
N GLU U 139 43.56 -60.07 27.61
CA GLU U 139 44.75 -60.60 28.28
C GLU U 139 44.47 -61.01 29.72
N LEU U 140 43.41 -60.51 30.33
CA LEU U 140 43.01 -60.91 31.68
C LEU U 140 41.94 -61.99 31.69
N GLY U 141 41.55 -62.48 30.52
CA GLY U 141 40.58 -63.56 30.42
C GLY U 141 39.16 -63.12 30.08
N TYR U 142 38.91 -61.83 29.91
CA TYR U 142 37.58 -61.34 29.58
C TYR U 142 37.44 -61.27 28.07
N THR U 143 36.64 -62.18 27.51
CA THR U 143 36.57 -62.32 26.05
C THR U 143 35.90 -61.11 25.41
N SER U 144 34.85 -60.59 26.03
CA SER U 144 34.09 -59.50 25.43
C SER U 144 33.56 -58.56 26.51
N MET U 145 33.28 -57.33 26.08
CA MET U 145 32.63 -56.32 26.90
C MET U 145 31.30 -55.98 26.24
N ASN U 146 30.20 -56.35 26.88
CA ASN U 146 28.86 -56.16 26.33
C ASN U 146 28.34 -54.80 26.78
N VAL U 147 27.94 -53.98 25.82
CA VAL U 147 27.61 -52.58 26.07
C VAL U 147 26.25 -52.27 25.45
N GLY U 148 25.37 -51.64 26.23
CA GLY U 148 24.14 -51.11 25.71
C GLY U 148 23.97 -49.64 26.08
N PRO U 149 24.03 -48.76 25.09
CA PRO U 149 23.88 -47.33 25.36
C PRO U 149 22.44 -46.85 25.25
N GLU U 150 22.20 -45.69 25.86
CA GLU U 150 20.86 -45.08 25.88
C GLU U 150 20.98 -43.62 25.45
N PRO U 151 21.22 -43.37 24.16
CA PRO U 151 21.36 -41.98 23.70
C PRO U 151 20.02 -41.28 23.62
N GLU U 152 20.01 -40.00 24.00
CA GLU U 152 18.82 -39.18 23.97
C GLU U 152 19.09 -37.96 23.09
N PHE U 153 18.04 -37.48 22.42
CA PHE U 153 18.20 -36.36 21.51
C PHE U 153 16.98 -35.47 21.59
N PHE U 154 17.15 -34.24 21.13
CA PHE U 154 16.09 -33.24 21.07
C PHE U 154 15.71 -32.99 19.63
N LEU U 155 14.44 -32.61 19.42
CA LEU U 155 13.94 -32.26 18.10
C LEU U 155 13.48 -30.81 18.13
N PHE U 156 14.00 -30.01 17.20
CA PHE U 156 13.68 -28.60 17.11
C PHE U 156 13.07 -28.30 15.75
N LYS U 157 12.13 -27.37 15.73
CA LYS U 157 11.56 -26.91 14.48
C LYS U 157 12.53 -25.97 13.77
N THR U 158 12.55 -26.07 12.45
CA THR U 158 13.42 -25.24 11.63
C THR U 158 12.66 -24.02 11.09
N ASP U 159 13.41 -23.07 10.56
CA ASP U 159 12.84 -21.90 9.93
C ASP U 159 12.83 -22.08 8.42
N GLU U 160 12.48 -21.01 7.69
CA GLU U 160 12.44 -21.09 6.24
C GLU U 160 13.82 -21.37 5.66
N LYS U 161 14.86 -20.74 6.23
CA LYS U 161 16.23 -20.97 5.75
C LYS U 161 16.76 -22.35 6.12
N GLY U 162 16.05 -23.10 6.96
CA GLY U 162 16.51 -24.42 7.35
C GLY U 162 17.40 -24.44 8.56
N ASP U 163 17.34 -23.43 9.42
CA ASP U 163 18.15 -23.39 10.63
C ASP U 163 17.29 -23.68 11.85
N PRO U 164 17.86 -24.31 12.89
CA PRO U 164 17.05 -24.65 14.06
C PRO U 164 16.61 -23.40 14.82
N THR U 165 15.33 -23.37 15.18
CA THR U 165 14.80 -22.32 16.03
C THR U 165 14.93 -22.77 17.49
N THR U 166 14.29 -22.04 18.39
CA THR U 166 14.31 -22.37 19.82
C THR U 166 13.04 -23.07 20.28
N GLU U 167 12.17 -23.45 19.35
CA GLU U 167 10.89 -24.05 19.68
C GLU U 167 10.96 -25.56 19.50
N LEU U 168 10.50 -26.30 20.51
CA LEU U 168 10.51 -27.75 20.44
C LEU U 168 9.44 -28.25 19.48
N ASN U 169 9.64 -29.47 18.99
CA ASN U 169 8.69 -30.05 18.05
C ASN U 169 7.37 -30.42 18.73
N ASP U 170 7.40 -30.67 20.03
CA ASP U 170 6.18 -31.00 20.77
C ASP U 170 6.36 -30.54 22.21
N GLN U 171 5.38 -30.89 23.05
CA GLN U 171 5.39 -30.52 24.46
C GLN U 171 5.01 -31.71 25.33
N GLY U 172 5.43 -32.91 24.92
CA GLY U 172 5.11 -34.11 25.67
C GLY U 172 5.99 -34.30 26.88
N GLY U 173 5.69 -35.34 27.64
CA GLY U 173 6.42 -35.65 28.85
C GLY U 173 6.97 -37.06 28.88
N TYR U 174 7.23 -37.56 30.07
CA TYR U 174 7.83 -38.89 30.23
C TYR U 174 6.84 -39.96 29.79
N PHE U 175 7.24 -40.74 28.78
CA PHE U 175 6.45 -41.85 28.25
C PHE U 175 5.09 -41.43 27.73
N ASP U 176 4.95 -40.18 27.29
CA ASP U 176 3.67 -39.71 26.78
C ASP U 176 3.34 -40.36 25.44
N LEU U 177 2.08 -40.26 25.05
CA LEU U 177 1.56 -40.89 23.84
C LEU U 177 0.71 -39.87 23.10
N ALA U 178 1.25 -39.34 22.00
CA ALA U 178 0.52 -38.42 21.13
C ALA U 178 0.66 -38.90 19.68
N PRO U 179 -0.22 -39.78 19.23
CA PRO U 179 -0.01 -40.48 17.96
C PRO U 179 0.05 -39.59 16.73
N MET U 180 -0.67 -38.45 16.76
CA MET U 180 -0.89 -37.68 15.55
C MET U 180 0.39 -37.19 14.90
N ASP U 181 1.08 -36.24 15.53
CA ASP U 181 2.33 -35.73 14.97
C ASP U 181 3.35 -35.37 16.04
N LEU U 182 3.04 -35.61 17.31
CA LEU U 182 3.82 -35.08 18.41
C LEU U 182 4.53 -36.19 19.20
N GLY U 183 3.79 -37.16 19.72
CA GLY U 183 4.39 -38.18 20.56
C GLY U 183 5.41 -39.04 19.83
N GLU U 184 5.00 -39.62 18.71
CA GLU U 184 5.95 -40.37 17.88
C GLU U 184 6.73 -39.43 16.97
N ASN U 185 6.02 -38.75 16.06
CA ASN U 185 6.62 -37.81 15.12
C ASN U 185 7.76 -38.46 14.34
N CYS U 186 8.98 -37.96 14.55
CA CYS U 186 10.16 -38.50 13.88
C CYS U 186 10.87 -39.53 14.77
N ARG U 187 10.10 -40.48 15.20
CA ARG U 187 10.68 -41.59 15.97
C ARG U 187 10.28 -42.94 15.40
N ARG U 188 9.10 -43.01 14.77
CA ARG U 188 8.68 -44.24 14.11
C ARG U 188 9.50 -44.50 12.86
N GLU U 189 9.68 -43.47 12.04
CA GLU U 189 10.42 -43.63 10.78
C GLU U 189 11.90 -43.90 11.05
N ILE U 190 12.47 -43.27 12.07
CA ILE U 190 13.87 -43.53 12.42
C ILE U 190 14.04 -44.98 12.82
N VAL U 191 13.13 -45.50 13.65
CA VAL U 191 13.21 -46.89 14.07
C VAL U 191 13.05 -47.82 12.87
N LEU U 192 12.14 -47.49 11.96
CA LEU U 192 11.94 -48.32 10.78
C LEU U 192 13.20 -48.36 9.91
N LYS U 193 13.80 -47.19 9.67
CA LYS U 193 15.01 -47.13 8.85
C LYS U 193 16.17 -47.86 9.51
N LEU U 194 16.31 -47.71 10.83
CA LEU U 194 17.36 -48.43 11.54
C LEU U 194 17.14 -49.94 11.47
N GLU U 195 15.89 -50.38 11.61
CA GLU U 195 15.58 -51.80 11.52
C GLU U 195 15.94 -52.34 10.15
N GLU U 196 15.62 -51.59 9.09
CA GLU U 196 16.01 -52.02 7.76
C GLU U 196 17.53 -52.00 7.59
N MET U 197 18.21 -51.12 8.33
CA MET U 197 19.67 -50.98 8.26
C MET U 197 20.41 -52.11 8.95
N GLY U 198 19.70 -52.99 9.66
CA GLY U 198 20.35 -54.04 10.43
C GLY U 198 20.46 -53.78 11.91
N PHE U 199 19.87 -52.71 12.42
CA PHE U 199 19.88 -52.44 13.84
C PHE U 199 18.89 -53.35 14.57
N GLU U 200 19.16 -53.58 15.85
CA GLU U 200 18.27 -54.33 16.72
C GLU U 200 17.74 -53.36 17.76
N ILE U 201 16.57 -52.80 17.49
CA ILE U 201 15.96 -51.78 18.35
C ILE U 201 15.16 -52.46 19.45
N GLU U 202 15.36 -52.01 20.69
CA GLU U 202 14.62 -52.55 21.83
C GLU U 202 13.28 -51.84 22.01
N ALA U 203 13.31 -50.53 22.25
CA ALA U 203 12.09 -49.77 22.48
C ALA U 203 12.40 -48.29 22.31
N SER U 204 11.34 -47.51 22.13
CA SER U 204 11.45 -46.06 22.01
C SER U 204 10.35 -45.42 22.83
N HIS U 205 10.63 -44.24 23.37
CA HIS U 205 9.64 -43.52 24.16
C HIS U 205 9.99 -42.04 24.17
N HIS U 206 8.98 -41.23 24.50
CA HIS U 206 9.21 -39.82 24.75
C HIS U 206 9.88 -39.65 26.11
N GLU U 207 10.82 -38.73 26.19
CA GLU U 207 11.59 -38.56 27.41
C GLU U 207 11.02 -37.42 28.25
N VAL U 208 11.71 -37.10 29.34
CA VAL U 208 11.16 -36.22 30.36
C VAL U 208 10.95 -34.81 29.80
N ALA U 209 11.96 -34.25 29.17
CA ALA U 209 11.85 -32.89 28.69
C ALA U 209 11.00 -32.83 27.42
N PRO U 210 10.30 -31.73 27.19
CA PRO U 210 9.53 -31.60 25.96
C PRO U 210 10.41 -31.68 24.73
N GLY U 211 9.93 -32.38 23.71
CA GLY U 211 10.65 -32.50 22.47
C GLY U 211 11.87 -33.40 22.51
N GLN U 212 12.02 -34.21 23.55
CA GLN U 212 13.20 -35.06 23.73
C GLN U 212 12.79 -36.52 23.69
N HIS U 213 13.50 -37.31 22.90
CA HIS U 213 13.14 -38.70 22.65
C HIS U 213 14.34 -39.60 22.91
N GLU U 214 14.06 -40.88 23.10
CA GLU U 214 15.09 -41.88 23.35
C GLU U 214 14.75 -43.16 22.59
N ILE U 215 15.76 -43.73 21.93
CA ILE U 215 15.64 -45.01 21.25
C ILE U 215 16.75 -45.92 21.76
N ASP U 216 16.39 -47.12 22.20
CA ASP U 216 17.33 -48.06 22.78
C ASP U 216 17.59 -49.21 21.82
N PHE U 217 18.85 -49.64 21.76
CA PHE U 217 19.23 -50.79 20.96
C PHE U 217 19.46 -51.99 21.87
N LYS U 218 19.48 -53.17 21.27
CA LYS U 218 19.91 -54.35 21.99
C LYS U 218 21.42 -54.31 22.21
N TYR U 219 21.88 -55.05 23.21
CA TYR U 219 23.27 -54.99 23.61
C TYR U 219 24.15 -55.66 22.56
N ALA U 220 25.36 -55.14 22.40
CA ALA U 220 26.31 -55.66 21.44
C ALA U 220 27.72 -55.50 22.02
N ASP U 221 28.71 -56.01 21.30
CA ASP U 221 30.08 -55.83 21.72
C ASP U 221 30.49 -54.36 21.59
N ALA U 222 31.58 -54.01 22.30
CA ALA U 222 31.91 -52.60 22.50
C ALA U 222 32.15 -51.89 21.17
N VAL U 223 32.96 -52.48 20.29
CA VAL U 223 33.25 -51.84 19.01
C VAL U 223 31.98 -51.71 18.19
N LYS U 224 31.18 -52.77 18.15
CA LYS U 224 29.91 -52.71 17.44
C LYS U 224 28.97 -51.69 18.06
N ALA U 225 28.98 -51.59 19.40
CA ALA U 225 28.12 -50.62 20.06
C ALA U 225 28.51 -49.20 19.68
N ALA U 226 29.80 -48.90 19.65
CA ALA U 226 30.24 -47.56 19.28
C ALA U 226 29.92 -47.25 17.81
N ASP U 227 30.14 -48.24 16.93
CA ASP U 227 29.77 -48.06 15.53
C ASP U 227 28.28 -47.79 15.38
N GLN U 228 27.47 -48.51 16.14
CA GLN U 228 26.02 -48.31 16.10
C GLN U 228 25.65 -46.93 16.63
N ILE U 229 26.36 -46.44 17.65
CA ILE U 229 26.08 -45.10 18.16
C ILE U 229 26.35 -44.06 17.08
N GLN U 230 27.49 -44.18 16.40
CA GLN U 230 27.81 -43.23 15.34
C GLN U 230 26.78 -43.27 14.22
N THR U 231 26.45 -44.49 13.77
CA THR U 231 25.47 -44.63 12.69
C THR U 231 24.11 -44.11 13.12
N PHE U 232 23.73 -44.37 14.38
CA PHE U 232 22.44 -43.91 14.89
C PHE U 232 22.36 -42.40 14.90
N LYS U 233 23.43 -41.73 15.34
CA LYS U 233 23.42 -40.27 15.33
C LYS U 233 23.27 -39.75 13.91
N LEU U 234 24.04 -40.32 12.97
CA LEU U 234 23.95 -39.88 11.58
C LEU U 234 22.54 -40.09 11.01
N VAL U 235 21.96 -41.26 11.26
CA VAL U 235 20.64 -41.58 10.72
C VAL U 235 19.58 -40.68 11.32
N VAL U 236 19.63 -40.46 12.64
CA VAL U 236 18.64 -39.61 13.28
C VAL U 236 18.72 -38.19 12.72
N LYS U 237 19.94 -37.67 12.56
CA LYS U 237 20.07 -36.33 12.00
C LYS U 237 19.51 -36.26 10.59
N THR U 238 19.82 -37.26 9.74
CA THR U 238 19.34 -37.24 8.37
C THR U 238 17.81 -37.31 8.30
N ILE U 239 17.22 -38.23 9.06
CA ILE U 239 15.77 -38.40 8.99
C ILE U 239 15.07 -37.17 9.55
N ALA U 240 15.60 -36.57 10.62
CA ALA U 240 15.01 -35.35 11.14
C ALA U 240 15.09 -34.22 10.12
N ARG U 241 16.22 -34.11 9.41
CA ARG U 241 16.32 -33.12 8.36
C ARG U 241 15.31 -33.37 7.25
N GLN U 242 15.00 -34.64 6.98
CA GLN U 242 14.03 -34.96 5.93
C GLN U 242 12.64 -34.41 6.25
N HIS U 243 12.24 -34.45 7.52
CA HIS U 243 10.92 -34.00 7.92
C HIS U 243 10.87 -32.53 8.28
N GLY U 244 11.88 -31.76 7.88
CA GLY U 244 11.91 -30.35 8.24
C GLY U 244 12.08 -30.10 9.72
N LEU U 245 12.84 -30.94 10.41
CA LEU U 245 13.15 -30.77 11.81
C LEU U 245 14.66 -30.75 11.98
N HIS U 246 15.11 -30.44 13.20
CA HIS U 246 16.52 -30.46 13.53
C HIS U 246 16.71 -31.33 14.76
N ALA U 247 17.57 -32.34 14.63
CA ALA U 247 17.89 -33.23 15.73
C ALA U 247 19.27 -32.87 16.28
N THR U 248 19.35 -32.72 17.60
CA THR U 248 20.60 -32.38 18.25
C THR U 248 20.87 -33.34 19.38
N PHE U 249 22.15 -33.67 19.57
CA PHE U 249 22.61 -34.44 20.72
C PHE U 249 23.37 -33.55 21.70
N MET U 250 23.04 -32.27 21.72
CA MET U 250 23.67 -31.34 22.64
C MET U 250 23.34 -31.74 24.08
N PRO U 251 24.33 -31.79 24.98
CA PRO U 251 24.04 -32.23 26.35
C PRO U 251 22.99 -31.40 27.06
N LYS U 252 22.96 -30.09 26.85
CA LYS U 252 22.00 -29.21 27.53
C LYS U 252 21.63 -28.07 26.58
N PRO U 253 20.75 -28.32 25.63
CA PRO U 253 20.40 -27.26 24.68
C PRO U 253 19.62 -26.11 25.30
N LEU U 254 18.87 -26.35 26.37
CA LEU U 254 18.04 -25.32 26.98
C LEU U 254 18.22 -25.32 28.48
N PHE U 255 18.16 -24.13 29.07
CA PHE U 255 18.25 -23.99 30.51
C PHE U 255 16.90 -24.26 31.16
N GLY U 256 16.93 -24.94 32.31
CA GLY U 256 15.74 -25.20 33.08
C GLY U 256 15.00 -26.48 32.72
N VAL U 257 15.44 -27.20 31.70
CA VAL U 257 14.85 -28.48 31.33
C VAL U 257 15.91 -29.55 31.43
N ASN U 258 15.48 -30.79 31.31
CA ASN U 258 16.41 -31.92 31.41
C ASN U 258 17.39 -31.92 30.26
N GLY U 259 18.61 -32.39 30.52
CA GLY U 259 19.59 -32.58 29.49
C GLY U 259 19.50 -33.95 28.86
N SER U 260 20.39 -34.18 27.90
CA SER U 260 20.47 -35.47 27.21
C SER U 260 21.67 -36.23 27.71
N GLY U 261 21.45 -37.50 28.09
CA GLY U 261 22.50 -38.36 28.58
C GLY U 261 22.72 -39.56 27.66
N MET U 262 23.81 -40.27 27.91
CA MET U 262 24.19 -41.46 27.16
C MET U 262 24.59 -42.56 28.15
N HIS U 263 23.70 -42.83 29.10
CA HIS U 263 23.92 -43.92 30.05
C HIS U 263 24.40 -45.17 29.34
N CYS U 264 25.51 -45.72 29.82
CA CYS U 264 26.13 -46.90 29.22
C CYS U 264 26.02 -48.07 30.19
N ASN U 265 25.39 -49.14 29.72
CA ASN U 265 25.26 -50.36 30.51
C ASN U 265 26.36 -51.33 30.09
N GLN U 266 27.17 -51.78 31.04
CA GLN U 266 28.33 -52.59 30.76
C GLN U 266 28.31 -53.88 31.58
N SER U 267 28.81 -54.95 30.96
CA SER U 267 28.99 -56.22 31.65
C SER U 267 30.14 -56.95 30.98
N LEU U 268 31.05 -57.49 31.80
CA LEU U 268 32.20 -58.23 31.29
C LEU U 268 31.82 -59.69 31.11
N PHE U 269 32.25 -60.27 29.99
CA PHE U 269 31.91 -61.64 29.65
C PHE U 269 33.18 -62.45 29.45
N LYS U 270 33.14 -63.71 29.89
CA LYS U 270 34.24 -64.66 29.70
C LYS U 270 33.60 -65.95 29.19
N ASP U 271 33.63 -66.15 27.87
CA ASP U 271 33.06 -67.34 27.24
C ASP U 271 31.57 -67.47 27.59
N ASN U 272 30.82 -66.49 27.07
CA ASN U 272 29.36 -66.35 27.23
C ASN U 272 28.91 -66.64 28.66
N GLU U 273 29.75 -66.27 29.62
CA GLU U 273 29.40 -66.31 31.03
C GLU U 273 29.56 -64.92 31.60
N ASN U 274 28.52 -64.40 32.23
CA ASN U 274 28.55 -63.07 32.83
C ASN U 274 29.35 -63.14 34.13
N VAL U 275 30.55 -62.55 34.12
CA VAL U 275 31.38 -62.58 35.32
C VAL U 275 30.92 -61.60 36.38
N PHE U 276 29.97 -60.72 36.06
CA PHE U 276 29.41 -59.82 37.06
C PHE U 276 28.37 -60.50 37.94
N TYR U 277 27.86 -61.65 37.52
CA TYR U 277 26.79 -62.32 38.23
C TYR U 277 27.34 -63.21 39.34
N ASP U 278 26.63 -63.22 40.48
CA ASP U 278 26.98 -64.10 41.59
C ASP U 278 25.70 -64.35 42.38
N GLU U 279 25.11 -65.54 42.20
CA GLU U 279 23.86 -65.85 42.88
C GLU U 279 24.03 -65.88 44.39
N THR U 280 25.23 -66.19 44.87
CA THR U 280 25.46 -66.29 46.31
C THR U 280 25.48 -64.92 46.97
N ASP U 281 25.83 -63.87 46.23
CA ASP U 281 25.91 -62.54 46.80
C ASP U 281 24.52 -62.01 47.16
N GLU U 282 24.48 -61.12 48.15
CA GLU U 282 23.22 -60.54 48.58
C GLU U 282 22.58 -59.72 47.47
N LEU U 283 23.37 -58.93 46.75
CA LEU U 283 22.87 -58.12 45.65
C LEU U 283 23.01 -58.81 44.30
N GLY U 284 23.45 -60.07 44.29
CA GLY U 284 23.70 -60.75 43.03
C GLY U 284 24.86 -60.15 42.25
N LEU U 285 25.90 -59.68 42.95
CA LEU U 285 27.04 -59.03 42.33
C LEU U 285 28.30 -59.75 42.75
N SER U 286 29.11 -60.14 41.76
CA SER U 286 30.37 -60.80 42.05
C SER U 286 31.41 -59.81 42.53
N GLN U 287 32.48 -60.35 43.11
CA GLN U 287 33.58 -59.49 43.54
C GLN U 287 34.23 -58.79 42.36
N THR U 288 34.24 -59.43 41.19
CA THR U 288 34.78 -58.79 40.00
C THR U 288 33.97 -57.54 39.64
N ALA U 289 32.64 -57.63 39.73
CA ALA U 289 31.80 -56.47 39.44
C ALA U 289 32.05 -55.35 40.45
N ARG U 290 32.21 -55.70 41.72
CA ARG U 290 32.46 -54.68 42.74
C ARG U 290 33.80 -54.01 42.51
N HIS U 291 34.83 -54.77 42.15
CA HIS U 291 36.13 -54.18 41.83
C HIS U 291 36.02 -53.27 40.61
N TYR U 292 35.27 -53.70 39.60
CA TYR U 292 35.04 -52.88 38.41
C TYR U 292 34.41 -51.54 38.79
N MET U 293 33.36 -51.59 39.61
CA MET U 293 32.67 -50.37 40.01
C MET U 293 33.57 -49.47 40.84
N ALA U 294 34.37 -50.06 41.73
CA ALA U 294 35.30 -49.25 42.53
C ALA U 294 36.32 -48.56 41.64
N GLY U 295 36.86 -49.28 40.64
CA GLY U 295 37.80 -48.69 39.73
C GLY U 295 37.20 -47.55 38.93
N ILE U 296 35.95 -47.71 38.50
CA ILE U 296 35.27 -46.63 37.79
C ILE U 296 35.07 -45.44 38.72
N LEU U 297 34.71 -45.70 39.98
CA LEU U 297 34.46 -44.62 40.91
C LEU U 297 35.70 -43.80 41.21
N LYS U 298 36.85 -44.46 41.39
CA LYS U 298 38.05 -43.71 41.76
C LYS U 298 38.52 -42.81 40.62
N HIS U 299 38.39 -43.26 39.38
CA HIS U 299 38.89 -42.52 38.24
C HIS U 299 37.83 -41.67 37.56
N ALA U 300 36.69 -41.44 38.21
CA ALA U 300 35.58 -40.74 37.58
C ALA U 300 35.98 -39.32 37.19
N ARG U 301 36.62 -38.60 38.11
CA ARG U 301 36.99 -37.22 37.83
C ARG U 301 37.99 -37.13 36.68
N ALA U 302 38.86 -38.13 36.55
CA ALA U 302 39.80 -38.16 35.43
C ALA U 302 39.10 -38.47 34.11
N MET U 303 38.10 -39.35 34.13
CA MET U 303 37.35 -39.68 32.92
C MET U 303 36.37 -38.61 32.50
N ALA U 304 36.02 -37.68 33.40
CA ALA U 304 34.99 -36.69 33.09
C ALA U 304 35.34 -35.86 31.86
N ALA U 305 36.63 -35.61 31.63
CA ALA U 305 37.03 -34.84 30.45
C ALA U 305 36.75 -35.58 29.16
N ILE U 306 36.66 -36.92 29.19
CA ILE U 306 36.38 -37.69 27.99
C ILE U 306 34.90 -38.00 27.87
N THR U 307 34.26 -38.43 28.96
CA THR U 307 32.84 -38.72 28.90
C THR U 307 31.98 -37.47 28.85
N ASN U 308 32.50 -36.34 29.30
CA ASN U 308 31.82 -35.04 29.23
C ASN U 308 32.79 -34.06 28.60
N PRO U 309 32.93 -34.09 27.27
CA PRO U 309 34.05 -33.41 26.64
C PRO U 309 33.84 -31.94 26.33
N THR U 310 32.59 -31.50 26.24
CA THR U 310 32.33 -30.13 25.81
C THR U 310 32.14 -29.21 27.01
N VAL U 311 32.11 -27.90 26.72
CA VAL U 311 31.77 -26.92 27.74
C VAL U 311 30.32 -27.09 28.18
N ASN U 312 29.41 -27.31 27.22
CA ASN U 312 28.01 -27.47 27.53
C ASN U 312 27.72 -28.73 28.33
N SER U 313 28.67 -29.68 28.35
CA SER U 313 28.45 -30.92 29.09
C SER U 313 28.29 -30.67 30.59
N TYR U 314 28.91 -29.62 31.10
CA TYR U 314 28.89 -29.34 32.52
C TYR U 314 27.78 -28.41 32.94
N LYS U 315 27.00 -27.90 31.98
CA LYS U 315 25.72 -27.30 32.30
C LYS U 315 24.65 -28.33 32.54
N ARG U 316 24.85 -29.56 32.05
CA ARG U 316 23.94 -30.67 32.35
C ARG U 316 24.18 -31.20 33.76
N LEU U 317 25.45 -31.26 34.18
CA LEU U 317 25.79 -31.81 35.50
C LEU U 317 25.50 -30.79 36.60
N VAL U 318 24.21 -30.45 36.72
CA VAL U 318 23.74 -29.54 37.77
C VAL U 318 22.61 -30.25 38.50
N PRO U 319 22.42 -29.99 39.79
CA PRO U 319 21.40 -30.73 40.55
C PRO U 319 19.99 -30.41 40.09
N GLY U 320 19.12 -31.41 40.21
CA GLY U 320 17.70 -31.23 39.96
C GLY U 320 17.19 -31.72 38.62
N TYR U 321 18.02 -32.38 37.82
CA TYR U 321 17.62 -32.80 36.48
C TYR U 321 18.06 -34.24 36.20
N GLU U 322 18.20 -35.05 37.25
CA GLU U 322 18.53 -36.48 37.18
C GLU U 322 19.94 -36.76 36.69
N ALA U 323 20.69 -35.75 36.29
CA ALA U 323 22.07 -35.99 35.90
C ALA U 323 22.94 -36.19 37.14
N PRO U 324 23.88 -37.12 37.11
CA PRO U 324 24.75 -37.31 38.27
C PRO U 324 25.62 -36.08 38.51
N CYS U 325 25.82 -35.76 39.78
CA CYS U 325 26.73 -34.69 40.18
C CYS U 325 27.75 -35.12 41.22
N TYR U 326 27.65 -36.33 41.75
CA TYR U 326 28.59 -36.82 42.75
C TYR U 326 29.02 -38.23 42.38
N VAL U 327 30.25 -38.56 42.76
CA VAL U 327 30.82 -39.86 42.45
C VAL U 327 30.35 -40.87 43.49
N ALA U 328 29.24 -41.55 43.21
CA ALA U 328 28.69 -42.53 44.13
C ALA U 328 27.85 -43.52 43.35
N TRP U 329 27.59 -44.67 43.96
CA TRP U 329 26.81 -45.72 43.35
C TRP U 329 25.65 -46.10 44.24
N SER U 330 24.56 -46.54 43.62
CA SER U 330 23.37 -46.95 44.35
C SER U 330 22.53 -47.84 43.45
N ALA U 331 21.64 -48.60 44.08
CA ALA U 331 20.65 -49.36 43.33
C ALA U 331 19.34 -48.59 43.15
N SER U 332 19.12 -47.54 43.93
CA SER U 332 17.93 -46.72 43.82
C SER U 332 18.23 -45.36 44.42
N ASN U 333 18.35 -44.34 43.58
CA ASN U 333 18.64 -42.99 44.05
C ASN U 333 18.21 -42.00 42.97
N ARG U 334 18.16 -40.73 43.37
CA ARG U 334 17.78 -39.65 42.46
C ARG U 334 18.70 -39.63 41.24
N SER U 335 20.01 -39.60 41.46
CA SER U 335 20.98 -39.50 40.36
C SER U 335 22.34 -39.96 40.85
N PRO U 336 22.56 -41.26 40.91
CA PRO U 336 23.90 -41.77 41.23
C PRO U 336 24.80 -41.79 40.00
N MET U 337 26.10 -41.72 40.25
CA MET U 337 27.07 -41.87 39.17
C MET U 337 26.94 -43.25 38.52
N ILE U 338 26.82 -44.28 39.35
CA ILE U 338 26.70 -45.67 38.89
C ILE U 338 25.39 -46.22 39.43
N ARG U 339 24.58 -46.80 38.55
CA ARG U 339 23.35 -47.45 38.94
C ARG U 339 23.40 -48.91 38.52
N ILE U 340 22.80 -49.78 39.33
CA ILE U 340 22.78 -51.20 39.07
C ILE U 340 21.33 -51.61 38.81
N PRO U 341 20.95 -51.96 37.59
CA PRO U 341 19.57 -52.35 37.31
C PRO U 341 19.20 -53.63 38.04
N ALA U 342 17.89 -53.82 38.21
CA ALA U 342 17.37 -54.97 38.95
C ALA U 342 17.56 -56.28 38.22
N SER U 343 17.83 -56.26 36.91
CA SER U 343 17.98 -57.49 36.15
C SER U 343 19.19 -58.27 36.65
N ARG U 344 19.06 -59.60 36.66
CA ARG U 344 20.11 -60.47 37.15
C ARG U 344 20.42 -61.56 36.13
N GLY U 345 21.24 -62.53 36.52
CA GLY U 345 21.54 -63.63 35.61
C GLY U 345 22.52 -63.21 34.54
N LEU U 346 22.17 -63.48 33.29
CA LEU U 346 23.02 -63.09 32.18
C LEU U 346 22.91 -61.61 31.84
N SER U 347 21.98 -60.89 32.47
CA SER U 347 21.76 -59.48 32.17
C SER U 347 22.14 -58.57 33.35
N THR U 348 22.97 -59.05 34.26
CA THR U 348 23.46 -58.18 35.33
C THR U 348 24.42 -57.17 34.75
N ARG U 349 24.20 -55.90 35.05
CA ARG U 349 24.91 -54.83 34.37
C ARG U 349 25.31 -53.74 35.36
N VAL U 350 26.31 -52.97 34.96
CA VAL U 350 26.72 -51.76 35.66
C VAL U 350 26.45 -50.59 34.74
N GLU U 351 25.57 -49.69 35.17
CA GLU U 351 25.16 -48.55 34.35
C GLU U 351 25.93 -47.31 34.82
N VAL U 352 26.64 -46.68 33.89
CA VAL U 352 27.35 -45.43 34.15
C VAL U 352 26.59 -44.32 33.45
N ARG U 353 26.21 -43.28 34.20
CA ARG U 353 25.27 -42.28 33.72
C ARG U 353 25.93 -40.93 33.43
N ASN U 354 27.23 -40.79 33.64
CA ASN U 354 27.90 -39.53 33.32
C ASN U 354 27.89 -39.20 31.83
N PRO U 355 28.20 -40.10 30.90
CA PRO U 355 28.40 -39.68 29.51
C PRO U 355 27.16 -39.02 28.91
N ASP U 356 27.41 -38.03 28.07
CA ASP U 356 26.40 -37.40 27.25
C ASP U 356 26.62 -37.80 25.79
N PRO U 357 25.60 -37.69 24.95
CA PRO U 357 25.75 -38.13 23.55
C PRO U 357 26.81 -37.38 22.78
N ALA U 358 27.31 -36.26 23.28
CA ALA U 358 28.40 -35.53 22.62
C ALA U 358 29.74 -36.22 22.79
N ALA U 359 29.86 -37.18 23.69
CA ALA U 359 31.13 -37.86 23.92
C ALA U 359 31.48 -38.77 22.76
N ASN U 360 32.77 -38.98 22.57
CA ASN U 360 33.24 -39.95 21.59
C ASN U 360 32.96 -41.34 22.12
N PRO U 361 32.18 -42.17 21.41
CA PRO U 361 31.83 -43.48 21.97
C PRO U 361 33.03 -44.38 22.18
N TYR U 362 33.96 -44.41 21.22
CA TYR U 362 35.13 -45.27 21.36
C TYR U 362 35.97 -44.86 22.55
N LEU U 363 36.27 -43.56 22.67
CA LEU U 363 37.10 -43.10 23.78
C LEU U 363 36.40 -43.29 25.12
N ALA U 364 35.09 -43.01 25.18
CA ALA U 364 34.37 -43.16 26.44
C ALA U 364 34.35 -44.62 26.89
N LEU U 365 34.03 -45.53 25.97
CA LEU U 365 34.04 -46.95 26.32
C LEU U 365 35.43 -47.40 26.71
N ALA U 366 36.46 -46.91 26.01
CA ALA U 366 37.83 -47.31 26.32
C ALA U 366 38.22 -46.87 27.72
N VAL U 367 37.93 -45.62 28.08
CA VAL U 367 38.35 -45.13 29.39
C VAL U 367 37.55 -45.81 30.50
N MET U 368 36.25 -46.03 30.28
CA MET U 368 35.47 -46.74 31.30
C MET U 368 35.98 -48.16 31.50
N LEU U 369 36.27 -48.87 30.41
CA LEU U 369 36.77 -50.23 30.53
C LEU U 369 38.14 -50.25 31.20
N ARG U 370 39.00 -49.29 30.86
CA ARG U 370 40.32 -49.26 31.48
C ARG U 370 40.23 -48.98 32.97
N ALA U 371 39.35 -48.05 33.36
CA ALA U 371 39.16 -47.78 34.79
C ALA U 371 38.64 -49.00 35.52
N GLY U 372 37.68 -49.71 34.91
CA GLY U 372 37.17 -50.92 35.53
C GLY U 372 38.22 -52.00 35.66
N LEU U 373 39.04 -52.18 34.62
CA LEU U 373 40.11 -53.18 34.68
C LEU U 373 41.16 -52.80 35.71
N ASP U 374 41.44 -51.51 35.85
CA ASP U 374 42.37 -51.06 36.89
C ASP U 374 41.81 -51.35 38.27
N GLY U 375 40.50 -51.17 38.44
CA GLY U 375 39.87 -51.56 39.69
C GLY U 375 39.96 -53.05 39.95
N ILE U 376 39.76 -53.86 38.91
CA ILE U 376 39.84 -55.31 39.05
C ILE U 376 41.24 -55.74 39.43
N LYS U 377 42.25 -55.15 38.78
CA LYS U 377 43.63 -55.60 38.97
C LYS U 377 44.10 -55.37 40.41
N ARG U 378 43.77 -54.23 41.00
CA ARG U 378 44.26 -53.86 42.31
C ARG U 378 43.35 -54.33 43.43
N GLN U 379 42.31 -55.10 43.13
CA GLN U 379 41.35 -55.58 44.13
C GLN U 379 40.81 -54.43 44.97
N MET U 380 40.40 -53.38 44.28
CA MET U 380 39.96 -52.16 44.93
C MET U 380 38.68 -52.38 45.71
N ALA U 381 38.53 -51.65 46.82
CA ALA U 381 37.42 -51.86 47.72
C ALA U 381 36.25 -50.94 47.36
N LEU U 382 35.07 -51.53 47.26
CA LEU U 382 33.87 -50.75 46.93
C LEU U 382 33.43 -49.91 48.11
N PRO U 383 33.25 -48.60 47.94
CA PRO U 383 32.66 -47.81 49.02
C PRO U 383 31.20 -48.15 49.21
N ALA U 384 30.67 -47.74 50.37
CA ALA U 384 29.30 -48.06 50.71
C ALA U 384 28.34 -47.35 49.77
N PRO U 385 27.24 -47.99 49.38
CA PRO U 385 26.26 -47.33 48.52
C PRO U 385 25.55 -46.21 49.26
N ILE U 386 25.08 -45.23 48.50
CA ILE U 386 24.31 -44.14 49.08
C ILE U 386 22.85 -44.56 49.17
N ASP U 387 22.25 -44.34 50.33
CA ASP U 387 20.86 -44.68 50.58
C ASP U 387 19.96 -43.59 50.04
N ARG U 388 18.69 -43.59 50.44
CA ARG U 388 17.75 -42.55 50.08
C ARG U 388 18.11 -41.20 50.68
N ASN U 389 19.29 -41.08 51.29
CA ASN U 389 19.76 -39.81 51.85
C ASN U 389 20.05 -38.87 50.71
N ILE U 390 19.12 -37.94 50.45
CA ILE U 390 19.31 -36.95 49.41
C ILE U 390 20.48 -36.06 49.77
N TYR U 391 21.16 -35.53 48.75
CA TYR U 391 22.37 -34.76 48.92
C TYR U 391 22.11 -33.32 49.35
N VAL U 392 20.93 -33.04 49.92
CA VAL U 392 20.69 -31.77 50.59
C VAL U 392 21.65 -31.53 51.74
N MET U 393 22.42 -32.54 52.13
CA MET U 393 23.40 -32.38 53.19
C MET U 393 24.49 -31.40 52.76
N SER U 394 25.06 -30.73 53.75
CA SER U 394 26.08 -29.72 53.50
C SER U 394 27.36 -30.36 52.98
N GLU U 395 28.24 -29.52 52.43
CA GLU U 395 29.53 -30.01 51.94
C GLU U 395 30.33 -30.67 53.03
N GLU U 396 30.20 -30.19 54.28
CA GLU U 396 30.89 -30.82 55.40
C GLU U 396 30.42 -32.26 55.57
N GLU U 397 29.11 -32.50 55.45
CA GLU U 397 28.60 -33.86 55.51
C GLU U 397 29.09 -34.68 54.33
N ARG U 398 29.20 -34.05 53.15
CA ARG U 398 29.58 -34.79 51.96
C ARG U 398 31.03 -35.26 52.02
N ILE U 399 31.96 -34.37 52.39
CA ILE U 399 33.34 -34.83 52.46
C ILE U 399 33.64 -35.55 53.77
N GLU U 400 32.75 -35.43 54.76
CA GLU U 400 32.84 -36.29 55.94
C GLU U 400 32.52 -37.74 55.57
N GLU U 401 31.53 -37.93 54.71
CA GLU U 401 31.15 -39.26 54.24
C GLU U 401 31.99 -39.74 53.07
N GLY U 402 32.95 -38.94 52.61
CA GLY U 402 33.80 -39.34 51.50
C GLY U 402 33.09 -39.46 50.17
N ILE U 403 32.22 -38.51 49.83
CA ILE U 403 31.51 -38.51 48.56
C ILE U 403 32.17 -37.46 47.67
N PRO U 404 32.97 -37.86 46.68
CA PRO U 404 33.56 -36.88 45.76
C PRO U 404 32.52 -36.32 44.81
N SER U 405 32.84 -35.16 44.25
CA SER U 405 31.98 -34.50 43.29
C SER U 405 32.65 -34.43 41.93
N LEU U 406 31.84 -34.50 40.89
CA LEU U 406 32.36 -34.41 39.53
C LEU U 406 32.84 -32.99 39.25
N PRO U 407 33.75 -32.83 38.29
CA PRO U 407 34.28 -31.48 38.00
C PRO U 407 33.17 -30.52 37.60
N ALA U 408 33.32 -29.27 38.01
CA ALA U 408 32.29 -28.26 37.78
C ALA U 408 32.37 -27.64 36.39
N ASP U 409 33.47 -27.81 35.68
CA ASP U 409 33.61 -27.24 34.34
C ASP U 409 34.69 -28.02 33.60
N LEU U 410 34.91 -27.64 32.33
CA LEU U 410 35.86 -28.36 31.48
C LEU U 410 37.29 -28.20 31.99
N LYS U 411 37.61 -27.04 32.57
CA LYS U 411 38.98 -26.79 33.02
C LYS U 411 39.39 -27.76 34.12
N GLU U 412 38.53 -27.96 35.12
CA GLU U 412 38.84 -28.91 36.19
C GLU U 412 39.02 -30.31 35.65
N ALA U 413 38.15 -30.72 34.73
CA ALA U 413 38.25 -32.05 34.14
C ALA U 413 39.55 -32.21 33.37
N LEU U 414 39.96 -31.18 32.64
CA LEU U 414 41.22 -31.25 31.92
C LEU U 414 42.41 -31.37 32.87
N SER U 415 42.38 -30.61 33.97
CA SER U 415 43.46 -30.71 34.95
C SER U 415 43.52 -32.12 35.53
N GLU U 416 42.36 -32.69 35.87
CA GLU U 416 42.34 -34.05 36.39
C GLU U 416 42.83 -35.06 35.36
N LEU U 417 42.45 -34.86 34.09
CA LEU U 417 42.91 -35.73 33.02
C LEU U 417 44.42 -35.71 32.91
N ILE U 418 45.01 -34.52 32.97
CA ILE U 418 46.47 -34.40 32.90
C ILE U 418 47.11 -35.10 34.10
N ARG U 419 46.55 -34.89 35.30
CA ARG U 419 47.16 -35.49 36.49
C ARG U 419 46.98 -37.00 36.57
N SER U 420 46.11 -37.59 35.75
CA SER U 420 45.84 -39.01 35.84
C SER U 420 46.86 -39.82 35.05
N GLU U 421 47.33 -40.92 35.64
CA GLU U 421 48.28 -41.80 34.99
C GLU U 421 47.65 -43.09 34.47
N VAL U 422 46.41 -43.38 34.84
CA VAL U 422 45.77 -44.62 34.43
C VAL U 422 45.02 -44.45 33.12
N ILE U 423 44.11 -43.47 33.05
CA ILE U 423 43.30 -43.34 31.85
C ILE U 423 44.04 -42.54 30.78
N SER U 424 45.07 -41.78 31.14
CA SER U 424 45.95 -41.20 30.13
C SER U 424 46.70 -42.30 29.38
N ASP U 425 47.05 -43.39 30.09
CA ASP U 425 47.61 -44.54 29.41
C ASP U 425 46.59 -45.18 28.48
N ALA U 426 45.33 -45.20 28.88
CA ALA U 426 44.28 -45.71 28.01
C ALA U 426 44.18 -44.89 26.73
N LEU U 427 44.23 -43.57 26.86
CA LEU U 427 44.27 -42.71 25.68
C LEU U 427 45.54 -42.92 24.87
N GLY U 428 46.68 -43.05 25.54
CA GLY U 428 47.96 -43.11 24.87
C GLY U 428 48.58 -41.73 24.75
N ASP U 429 49.89 -41.74 24.48
CA ASP U 429 50.66 -40.51 24.45
C ASP U 429 50.28 -39.56 23.33
N HIS U 430 50.04 -40.08 22.12
CA HIS U 430 49.73 -39.22 20.99
C HIS U 430 48.35 -38.60 21.09
N ALA U 431 47.33 -39.39 21.41
CA ALA U 431 45.97 -38.86 21.46
C ALA U 431 45.76 -37.94 22.64
N LEU U 432 46.45 -38.18 23.75
CA LEU U 432 46.26 -37.34 24.94
C LEU U 432 46.68 -35.90 24.66
N ALA U 433 47.83 -35.71 24.03
CA ALA U 433 48.32 -34.36 23.78
C ALA U 433 47.37 -33.59 22.87
N TYR U 434 46.90 -34.23 21.81
CA TYR U 434 46.02 -33.55 20.86
C TYR U 434 44.64 -33.28 21.46
N PHE U 435 44.09 -34.23 22.22
CA PHE U 435 42.83 -33.99 22.89
C PHE U 435 42.95 -32.84 23.88
N TYR U 436 44.05 -32.81 24.64
CA TYR U 436 44.25 -31.73 25.59
C TYR U 436 44.38 -30.38 24.88
N GLU U 437 45.11 -30.34 23.76
CA GLU U 437 45.23 -29.09 23.01
C GLU U 437 43.87 -28.63 22.50
N LEU U 438 43.09 -29.54 21.93
CA LEU U 438 41.76 -29.18 21.42
C LEU U 438 40.90 -28.62 22.52
N LYS U 439 40.84 -29.30 23.66
CA LYS U 439 39.96 -28.86 24.73
C LYS U 439 40.45 -27.58 25.38
N GLU U 440 41.77 -27.40 25.49
CA GLU U 440 42.29 -26.15 26.03
C GLU U 440 41.94 -24.98 25.13
N ILE U 441 42.07 -25.15 23.81
CA ILE U 441 41.69 -24.09 22.89
C ILE U 441 40.21 -23.77 23.01
N GLU U 442 39.37 -24.82 23.08
CA GLU U 442 37.93 -24.59 23.21
C GLU U 442 37.61 -23.83 24.48
N TRP U 443 38.20 -24.24 25.61
CA TRP U 443 37.95 -23.55 26.87
C TRP U 443 38.43 -22.11 26.83
N ASP U 444 39.60 -21.88 26.23
CA ASP U 444 40.13 -20.52 26.16
C ASP U 444 39.22 -19.62 25.34
N MET U 445 38.70 -20.12 24.21
CA MET U 445 37.77 -19.31 23.44
C MET U 445 36.47 -19.08 24.20
N TYR U 446 36.04 -20.06 24.99
CA TYR U 446 34.79 -19.90 25.72
C TYR U 446 34.92 -18.88 26.86
N ARG U 447 36.02 -18.95 27.61
CA ARG U 447 36.12 -18.20 28.86
C ARG U 447 36.24 -16.70 28.65
N THR U 448 36.65 -16.25 27.47
CA THR U 448 36.84 -14.82 27.22
C THR U 448 35.62 -14.17 26.59
N GLN U 449 34.55 -14.92 26.33
CA GLN U 449 33.36 -14.36 25.73
C GLN U 449 32.56 -13.56 26.75
N VAL U 450 31.90 -12.51 26.28
CA VAL U 450 30.98 -11.73 27.08
C VAL U 450 29.57 -12.14 26.65
N HIS U 451 28.88 -12.85 27.53
CA HIS U 451 27.58 -13.42 27.20
C HIS U 451 26.46 -12.42 27.47
N GLN U 452 25.31 -12.69 26.87
CA GLN U 452 24.17 -11.80 27.01
C GLN U 452 23.67 -11.73 28.44
N TRP U 453 23.88 -12.79 29.22
CA TRP U 453 23.50 -12.77 30.62
C TRP U 453 24.23 -11.67 31.39
N GLU U 454 25.52 -11.50 31.11
CA GLU U 454 26.29 -10.45 31.76
C GLU U 454 25.77 -9.07 31.35
N ARG U 455 25.47 -8.88 30.08
CA ARG U 455 24.92 -7.60 29.63
C ARG U 455 23.53 -7.34 30.18
N ASP U 456 22.81 -8.39 30.58
CA ASP U 456 21.51 -8.21 31.20
C ASP U 456 21.64 -7.86 32.67
N GLN U 457 22.51 -8.56 33.39
CA GLN U 457 22.73 -8.24 34.80
C GLN U 457 23.39 -6.88 34.96
N TYR U 458 24.48 -6.65 34.24
CA TYR U 458 25.22 -5.41 34.29
C TYR U 458 24.82 -4.52 33.12
N LEU U 459 25.57 -3.45 32.89
CA LEU U 459 25.35 -2.47 31.82
C LEU U 459 24.17 -1.56 32.12
N THR U 460 23.41 -1.89 33.17
CA THR U 460 22.43 -0.98 33.75
C THR U 460 22.69 -0.75 35.23
N LEU U 461 22.93 -1.84 35.97
CA LEU U 461 23.27 -1.72 37.38
C LEU U 461 24.61 -1.00 37.57
N TYR U 462 25.58 -1.28 36.70
CA TYR U 462 26.86 -0.60 36.75
C TYR U 462 27.05 0.27 35.52
N SER V 22 33.85 23.64 54.58
CA SER V 22 33.05 22.82 55.48
C SER V 22 31.65 23.39 55.64
N TYR V 23 30.86 22.79 56.53
CA TYR V 23 29.49 23.22 56.76
C TYR V 23 29.11 22.92 58.21
N THR V 24 28.10 23.64 58.68
CA THR V 24 27.49 23.41 59.99
C THR V 24 25.98 23.32 59.82
N ARG V 25 25.30 22.93 60.91
CA ARG V 25 23.84 22.81 60.88
C ARG V 25 23.21 24.12 60.44
N GLU V 26 23.63 25.23 61.06
CA GLU V 26 23.08 26.53 60.71
C GLU V 26 23.38 26.89 59.26
N ASP V 27 24.59 26.57 58.80
CA ASP V 27 24.92 26.80 57.40
C ASP V 27 24.00 26.00 56.48
N ILE V 28 23.79 24.72 56.80
CA ILE V 28 22.95 23.88 55.94
C ILE V 28 21.55 24.44 55.88
N ILE V 29 20.99 24.82 57.02
CA ILE V 29 19.66 25.42 57.04
C ILE V 29 19.63 26.71 56.23
N ARG V 30 20.70 27.50 56.33
CA ARG V 30 20.76 28.77 55.62
C ARG V 30 20.74 28.56 54.10
N ILE V 31 21.59 27.67 53.59
CA ILE V 31 21.55 27.42 52.15
C ILE V 31 20.23 26.78 51.74
N ALA V 32 19.68 25.88 52.57
CA ALA V 32 18.41 25.24 52.20
C ALA V 32 17.30 26.27 52.06
N GLU V 33 17.22 27.23 52.98
CA GLU V 33 16.24 28.29 52.84
C GLU V 33 16.57 29.20 51.66
N GLU V 34 17.84 29.54 51.47
CA GLU V 34 18.23 30.47 50.41
C GLU V 34 18.06 29.85 49.03
N GLU V 35 18.53 28.62 48.85
CA GLU V 35 18.51 27.96 47.55
C GLU V 35 17.14 27.43 47.18
N ASN V 36 16.15 27.55 48.07
CA ASN V 36 14.81 27.01 47.84
C ASN V 36 14.86 25.51 47.61
N VAL V 37 15.61 24.82 48.48
CA VAL V 37 15.67 23.36 48.42
C VAL V 37 14.39 22.79 48.98
N ARG V 38 13.72 21.94 48.18
CA ARG V 38 12.47 21.32 48.59
C ARG V 38 12.62 19.88 49.01
N PHE V 39 13.64 19.17 48.52
CA PHE V 39 13.77 17.75 48.76
C PHE V 39 15.24 17.43 49.02
N ILE V 40 15.48 16.54 49.97
CA ILE V 40 16.83 16.17 50.39
C ILE V 40 16.97 14.66 50.32
N ARG V 41 18.05 14.21 49.70
CA ARG V 41 18.35 12.78 49.58
C ARG V 41 19.36 12.40 50.64
N LEU V 42 18.98 11.49 51.53
CA LEU V 42 19.89 10.95 52.53
C LEU V 42 20.52 9.70 51.93
N GLN V 43 21.70 9.87 51.34
CA GLN V 43 22.33 8.82 50.54
C GLN V 43 23.19 7.92 51.41
N PHE V 44 23.18 6.63 51.07
CA PHE V 44 24.08 5.65 51.65
C PHE V 44 24.37 4.60 50.59
N THR V 45 25.20 3.63 50.94
CA THR V 45 25.64 2.62 49.98
C THR V 45 25.49 1.23 50.60
N ASP V 46 25.05 0.28 49.77
CA ASP V 46 24.93 -1.11 50.20
C ASP V 46 26.22 -1.85 49.90
N LEU V 47 26.24 -3.15 50.21
CA LEU V 47 27.46 -3.94 50.05
C LEU V 47 27.88 -4.10 48.59
N LEU V 48 26.95 -3.94 47.65
CA LEU V 48 27.27 -4.08 46.24
C LEU V 48 27.68 -2.77 45.58
N GLY V 49 27.76 -1.68 46.35
CA GLY V 49 28.15 -0.41 45.80
C GLY V 49 27.04 0.41 45.18
N THR V 50 25.82 -0.10 45.15
CA THR V 50 24.70 0.66 44.61
C THR V 50 24.37 1.83 45.53
N ILE V 51 23.99 2.95 44.94
CA ILE V 51 23.64 4.14 45.70
C ILE V 51 22.18 4.04 46.11
N LYS V 52 21.93 4.03 47.42
CA LYS V 52 20.59 4.04 47.97
C LYS V 52 20.35 5.34 48.72
N ASN V 53 19.08 5.72 48.84
CA ASN V 53 18.75 7.00 49.45
C ASN V 53 17.37 6.95 50.07
N VAL V 54 17.13 7.86 51.00
CA VAL V 54 15.82 8.11 51.58
C VAL V 54 15.45 9.54 51.26
N GLU V 55 14.37 9.73 50.50
CA GLU V 55 13.95 11.06 50.13
C GLU V 55 13.31 11.77 51.32
N ILE V 56 13.58 13.05 51.45
CA ILE V 56 13.17 13.82 52.62
C ILE V 56 12.67 15.20 52.21
N PRO V 57 11.50 15.61 52.69
CA PRO V 57 11.08 17.00 52.48
C PRO V 57 11.88 17.94 53.36
N VAL V 58 12.04 19.18 52.87
CA VAL V 58 12.88 20.14 53.57
C VAL V 58 12.39 20.42 54.99
N SER V 59 11.10 20.17 55.27
CA SER V 59 10.58 20.37 56.61
C SER V 59 11.15 19.38 57.62
N GLN V 60 11.80 18.31 57.16
CA GLN V 60 12.41 17.33 58.05
C GLN V 60 13.92 17.49 58.15
N LEU V 61 14.46 18.61 57.67
CA LEU V 61 15.91 18.79 57.63
C LEU V 61 16.49 18.82 59.04
N GLU V 62 15.83 19.52 59.97
CA GLU V 62 16.34 19.58 61.33
C GLU V 62 16.31 18.21 61.99
N LYS V 63 15.24 17.45 61.78
CA LYS V 63 15.16 16.09 62.31
C LYS V 63 16.27 15.22 61.74
N ALA V 64 16.54 15.36 60.44
CA ALA V 64 17.63 14.60 59.83
C ALA V 64 18.97 15.00 60.43
N LEU V 65 19.21 16.30 60.59
CA LEU V 65 20.47 16.79 61.15
C LEU V 65 20.63 16.44 62.61
N ASP V 66 19.55 16.10 63.31
CA ASP V 66 19.65 15.66 64.70
C ASP V 66 19.91 14.17 64.82
N ASN V 67 20.15 13.47 63.70
CA ASN V 67 20.44 12.04 63.69
C ASN V 67 19.31 11.24 64.31
N LYS V 68 18.09 11.48 63.83
CA LYS V 68 16.91 10.85 64.41
C LYS V 68 16.06 10.08 63.40
N MET V 69 16.52 10.04 62.15
CA MET V 69 15.76 9.33 61.07
C MET V 69 16.04 7.84 61.08
N MET V 70 14.99 7.01 61.16
CA MET V 70 15.14 5.56 61.13
C MET V 70 14.71 5.02 59.77
N PHE V 71 15.39 3.96 59.35
CA PHE V 71 15.04 3.27 58.12
C PHE V 71 15.31 1.79 58.31
N ASP V 72 15.15 1.02 57.25
CA ASP V 72 15.27 -0.44 57.35
C ASP V 72 16.68 -0.85 57.79
N GLY V 73 17.69 -0.37 57.07
CA GLY V 73 19.04 -0.75 57.40
C GLY V 73 19.42 -2.13 56.89
N SER V 74 18.44 -3.03 56.79
CA SER V 74 18.67 -4.32 56.18
C SER V 74 18.79 -4.23 54.66
N SER V 75 18.51 -3.06 54.08
CA SER V 75 18.69 -2.87 52.65
C SER V 75 20.15 -2.89 52.25
N ILE V 76 21.07 -2.80 53.22
CA ILE V 76 22.50 -2.90 52.90
C ILE V 76 22.83 -4.29 52.37
N GLU V 77 22.17 -5.31 52.91
CA GLU V 77 22.46 -6.69 52.53
C GLU V 77 22.04 -7.02 51.10
N GLY V 78 21.24 -6.18 50.46
CA GLY V 78 20.81 -6.46 49.11
C GLY V 78 19.65 -7.42 49.05
N TYR V 79 19.68 -8.36 48.12
CA TYR V 79 18.59 -9.31 47.95
C TYR V 79 18.71 -10.53 48.87
N VAL V 80 19.75 -10.59 49.71
CA VAL V 80 19.90 -11.69 50.65
C VAL V 80 19.49 -11.29 52.07
N ARG V 81 18.90 -10.11 52.24
CA ARG V 81 18.42 -9.69 53.54
C ARG V 81 17.30 -10.61 54.01
N ILE V 82 17.30 -10.92 55.30
CA ILE V 82 16.38 -11.90 55.87
C ILE V 82 15.38 -11.27 56.82
N GLU V 83 15.79 -10.30 57.62
CA GLU V 83 14.90 -9.67 58.58
C GLU V 83 15.07 -8.17 58.56
N GLU V 84 13.97 -7.46 58.80
CA GLU V 84 13.99 -6.00 58.83
C GLU V 84 14.54 -5.52 60.16
N SER V 85 15.50 -4.59 60.09
CA SER V 85 16.10 -3.98 61.26
C SER V 85 15.64 -2.52 61.35
N ASP V 86 16.19 -1.82 62.34
CA ASP V 86 15.96 -0.39 62.50
C ASP V 86 17.30 0.28 62.76
N MET V 87 17.68 1.20 61.88
CA MET V 87 18.96 1.89 62.00
C MET V 87 18.77 3.36 61.74
N TYR V 88 19.67 4.16 62.30
CA TYR V 88 19.61 5.61 62.18
C TYR V 88 20.55 6.10 61.10
N LEU V 89 20.17 7.19 60.45
CA LEU V 89 20.99 7.85 59.45
C LEU V 89 21.69 9.04 60.10
N TYR V 90 23.03 9.03 60.06
CA TYR V 90 23.84 10.11 60.62
C TYR V 90 24.45 10.89 59.47
N PRO V 91 23.83 11.97 59.01
CA PRO V 91 24.35 12.68 57.84
C PRO V 91 25.71 13.31 58.12
N ASP V 92 26.53 13.35 57.07
CA ASP V 92 27.84 13.99 57.12
C ASP V 92 27.68 15.38 56.51
N LEU V 93 27.84 16.41 57.33
CA LEU V 93 27.53 17.77 56.91
C LEU V 93 28.46 18.24 55.79
N ASP V 94 29.68 17.71 55.73
CA ASP V 94 30.64 18.11 54.73
C ASP V 94 30.30 17.61 53.33
N THR V 95 29.36 16.67 53.21
CA THR V 95 28.99 16.09 51.93
C THR V 95 27.80 16.80 51.29
N TRP V 96 27.34 17.90 51.89
CA TRP V 96 26.19 18.62 51.36
C TRP V 96 26.49 19.18 49.98
N VAL V 97 25.53 19.04 49.07
CA VAL V 97 25.64 19.62 47.73
C VAL V 97 24.24 19.70 47.15
N VAL V 98 24.04 20.64 46.23
CA VAL V 98 22.76 20.84 45.56
C VAL V 98 22.93 20.48 44.10
N PHE V 99 22.09 19.58 43.62
CA PHE V 99 22.21 19.11 42.23
C PHE V 99 21.86 20.23 41.27
N PRO V 100 22.61 20.39 40.18
CA PRO V 100 22.37 21.52 39.28
C PRO V 100 21.19 21.33 38.33
N TRP V 101 20.84 20.08 38.04
CA TRP V 101 19.78 19.82 37.07
C TRP V 101 18.39 19.86 37.68
N VAL V 102 18.27 20.11 38.98
CA VAL V 102 16.96 20.11 39.63
C VAL V 102 16.09 21.23 39.08
N THR V 103 16.68 22.39 38.78
CA THR V 103 16.01 23.52 38.16
C THR V 103 14.85 24.03 39.02
N SER V 104 13.63 23.60 38.72
CA SER V 104 12.43 24.13 39.37
C SER V 104 12.43 23.87 40.86
N ASP V 105 12.36 22.60 41.27
CA ASP V 105 12.39 22.24 42.68
C ASP V 105 13.79 21.73 43.02
N ARG V 106 14.54 22.52 43.78
CA ARG V 106 15.92 22.17 44.07
C ARG V 106 15.98 20.92 44.94
N VAL V 107 16.88 20.01 44.59
CA VAL V 107 17.10 18.78 45.35
C VAL V 107 18.54 18.77 45.83
N ALA V 108 18.73 18.52 47.12
CA ALA V 108 20.06 18.40 47.70
C ALA V 108 20.28 16.98 48.20
N ARG V 109 21.50 16.71 48.64
CA ARG V 109 21.84 15.38 49.12
C ARG V 109 22.79 15.49 50.30
N LEU V 110 22.77 14.45 51.14
CA LEU V 110 23.71 14.29 52.23
C LEU V 110 24.09 12.82 52.31
N ILE V 111 25.38 12.55 52.48
CA ILE V 111 25.86 11.18 52.61
C ILE V 111 25.91 10.85 54.10
N CYS V 112 25.24 9.76 54.48
CA CYS V 112 25.01 9.44 55.88
C CYS V 112 25.70 8.14 56.25
N ASP V 113 26.09 8.04 57.52
CA ASP V 113 26.56 6.81 58.10
C ASP V 113 25.41 6.09 58.81
N ILE V 114 25.52 4.77 58.89
CA ILE V 114 24.46 3.93 59.44
C ILE V 114 24.81 3.58 60.87
N TYR V 115 23.89 3.85 61.79
CA TYR V 115 24.12 3.63 63.21
C TYR V 115 23.02 2.74 63.79
N LYS V 116 23.41 1.84 64.67
CA LYS V 116 22.44 1.03 65.38
C LYS V 116 21.68 1.88 66.39
N PRO V 117 20.48 1.45 66.80
CA PRO V 117 19.72 2.25 67.76
C PRO V 117 20.42 2.46 69.09
N ASP V 118 21.31 1.55 69.48
CA ASP V 118 22.02 1.72 70.75
C ASP V 118 23.02 2.86 70.68
N GLY V 119 23.41 3.28 69.47
CA GLY V 119 24.32 4.39 69.32
C GLY V 119 25.63 4.02 68.63
N SER V 120 25.93 2.74 68.59
CA SER V 120 27.14 2.30 67.93
C SER V 120 26.95 2.23 66.42
N PRO V 121 28.01 2.44 65.64
CA PRO V 121 27.88 2.34 64.18
C PRO V 121 27.58 0.92 63.74
N PHE V 122 26.83 0.81 62.64
CA PHE V 122 26.49 -0.49 62.09
C PHE V 122 27.73 -1.14 61.49
N ALA V 123 27.97 -2.41 61.85
CA ALA V 123 29.17 -3.11 61.38
C ALA V 123 29.12 -3.45 59.90
N GLY V 124 27.93 -3.49 59.31
CA GLY V 124 27.80 -3.83 57.91
C GLY V 124 27.80 -2.66 56.95
N ASP V 125 28.06 -1.45 57.43
CA ASP V 125 28.07 -0.27 56.56
C ASP V 125 29.45 -0.13 55.91
N PRO V 126 29.54 -0.13 54.57
CA PRO V 126 30.86 -0.01 53.93
C PRO V 126 31.62 1.24 54.33
N ARG V 127 30.92 2.37 54.45
CA ARG V 127 31.58 3.60 54.89
C ARG V 127 32.13 3.44 56.30
N GLY V 128 31.38 2.80 57.18
CA GLY V 128 31.89 2.53 58.52
C GLY V 128 33.07 1.59 58.49
N ILE V 129 33.07 0.62 57.57
CA ILE V 129 34.21 -0.29 57.44
C ILE V 129 35.46 0.48 57.05
N LEU V 130 35.34 1.36 56.06
CA LEU V 130 36.48 2.16 55.64
C LEU V 130 36.95 3.08 56.77
N LYS V 131 36.00 3.66 57.51
CA LYS V 131 36.37 4.51 58.64
C LYS V 131 37.11 3.73 59.72
N ARG V 132 36.66 2.50 60.00
CA ARG V 132 37.33 1.67 61.00
C ARG V 132 38.74 1.30 60.56
N VAL V 133 38.91 0.96 59.29
CA VAL V 133 40.26 0.65 58.80
C VAL V 133 41.15 1.90 58.87
N LEU V 134 40.61 3.07 58.53
CA LEU V 134 41.38 4.29 58.65
C LEU V 134 41.75 4.58 60.10
N LYS V 135 40.84 4.27 61.03
CA LYS V 135 41.15 4.46 62.45
C LYS V 135 42.28 3.56 62.91
N GLU V 136 42.24 2.29 62.53
CA GLU V 136 43.34 1.41 62.92
C GLU V 136 44.63 1.74 62.17
N ALA V 137 44.54 2.42 61.02
CA ALA V 137 45.73 2.98 60.41
C ALA V 137 46.29 4.14 61.23
N GLU V 138 45.40 5.04 61.67
CA GLU V 138 45.82 6.14 62.52
C GLU V 138 46.46 5.65 63.80
N GLU V 139 46.02 4.49 64.30
CA GLU V 139 46.64 3.90 65.47
C GLU V 139 48.11 3.56 65.26
N LEU V 140 48.56 3.46 64.01
CA LEU V 140 49.97 3.23 63.71
C LEU V 140 50.72 4.52 63.39
N GLY V 141 50.05 5.67 63.49
CA GLY V 141 50.69 6.94 63.26
C GLY V 141 50.46 7.55 61.89
N TYR V 142 49.69 6.91 61.03
CA TYR V 142 49.43 7.42 59.69
C TYR V 142 48.19 8.29 59.72
N THR V 143 48.37 9.60 59.49
CA THR V 143 47.29 10.55 59.65
C THR V 143 46.19 10.34 58.62
N SER V 144 46.56 10.12 57.36
CA SER V 144 45.58 10.03 56.29
C SER V 144 46.10 9.12 55.19
N MET V 145 45.17 8.66 54.36
CA MET V 145 45.46 7.86 53.17
C MET V 145 44.98 8.66 51.97
N ASN V 146 45.91 9.13 51.16
CA ASN V 146 45.60 9.98 50.02
C ASN V 146 45.37 9.11 48.79
N VAL V 147 44.18 9.21 48.20
CA VAL V 147 43.74 8.29 47.15
C VAL V 147 43.30 9.09 45.94
N GLY V 148 43.81 8.71 44.77
CA GLY V 148 43.31 9.24 43.51
C GLY V 148 42.93 8.14 42.55
N PRO V 149 41.65 8.03 42.25
CA PRO V 149 41.18 6.99 41.34
C PRO V 149 41.13 7.44 39.89
N GLU V 150 41.09 6.46 38.99
CA GLU V 150 41.03 6.70 37.55
C GLU V 150 39.91 5.85 36.95
N PRO V 151 38.65 6.24 37.17
CA PRO V 151 37.55 5.45 36.63
C PRO V 151 37.31 5.73 35.16
N GLU V 152 37.09 4.67 34.40
CA GLU V 152 36.81 4.75 32.98
C GLU V 152 35.41 4.21 32.71
N PHE V 153 34.77 4.72 31.67
CA PHE V 153 33.40 4.33 31.35
C PHE V 153 33.20 4.32 29.85
N PHE V 154 32.15 3.65 29.42
CA PHE V 154 31.78 3.55 28.02
C PHE V 154 30.49 4.32 27.77
N LEU V 155 30.36 4.87 26.57
CA LEU V 155 29.14 5.56 26.15
C LEU V 155 28.52 4.76 25.01
N PHE V 156 27.25 4.42 25.15
CA PHE V 156 26.51 3.66 24.16
C PHE V 156 25.32 4.49 23.67
N LYS V 157 25.00 4.32 22.39
CA LYS V 157 23.81 4.94 21.84
C LYS V 157 22.57 4.19 22.27
N THR V 158 21.49 4.93 22.52
CA THR V 158 20.23 4.36 22.94
C THR V 158 19.29 4.21 21.73
N ASP V 159 18.22 3.46 21.94
CA ASP V 159 17.20 3.28 20.92
C ASP V 159 16.02 4.20 21.22
N GLU V 160 14.93 4.03 20.45
CA GLU V 160 13.75 4.86 20.66
C GLU V 160 13.16 4.65 22.05
N LYS V 161 13.12 3.40 22.52
CA LYS V 161 12.61 3.11 23.84
C LYS V 161 13.53 3.60 24.96
N GLY V 162 14.74 4.04 24.63
CA GLY V 162 15.66 4.49 25.64
C GLY V 162 16.54 3.42 26.25
N ASP V 163 16.73 2.30 25.56
CA ASP V 163 17.57 1.23 26.05
C ASP V 163 18.90 1.21 25.31
N PRO V 164 19.99 0.82 25.98
CA PRO V 164 21.30 0.85 25.31
C PRO V 164 21.38 -0.17 24.19
N THR V 165 21.94 0.26 23.07
CA THR V 165 22.24 -0.64 21.97
C THR V 165 23.66 -1.15 22.11
N THR V 166 24.18 -1.80 21.07
CA THR V 166 25.53 -2.34 21.08
C THR V 166 26.51 -1.45 20.32
N GLU V 167 26.10 -0.25 19.93
CA GLU V 167 26.92 0.63 19.11
C GLU V 167 27.51 1.74 19.97
N LEU V 168 28.82 1.93 19.87
CA LEU V 168 29.49 2.98 20.62
C LEU V 168 29.12 4.35 20.05
N ASN V 169 29.27 5.38 20.89
CA ASN V 169 28.93 6.73 20.47
C ASN V 169 29.93 7.29 19.47
N ASP V 170 31.15 6.77 19.46
CA ASP V 170 32.16 7.22 18.52
C ASP V 170 33.12 6.07 18.24
N GLN V 171 34.19 6.36 17.49
CA GLN V 171 35.19 5.37 17.13
C GLN V 171 36.58 5.94 17.31
N GLY V 172 36.78 6.75 18.34
CA GLY V 172 38.06 7.36 18.60
C GLY V 172 39.05 6.42 19.27
N GLY V 173 40.27 6.90 19.42
CA GLY V 173 41.32 6.11 20.02
C GLY V 173 41.94 6.77 21.23
N TYR V 174 43.16 6.33 21.58
CA TYR V 174 43.83 6.85 22.77
C TYR V 174 44.19 8.32 22.58
N PHE V 175 43.69 9.17 23.47
CA PHE V 175 43.94 10.60 23.46
C PHE V 175 43.51 11.27 22.16
N ASP V 176 42.53 10.70 21.46
CA ASP V 176 42.08 11.28 20.21
C ASP V 176 41.33 12.59 20.45
N LEU V 177 41.18 13.37 19.39
CA LEU V 177 40.55 14.68 19.45
C LEU V 177 39.57 14.80 18.29
N ALA V 178 38.28 14.78 18.60
CA ALA V 178 37.22 15.00 17.60
C ALA V 178 36.21 15.99 18.17
N PRO V 179 36.47 17.30 17.99
CA PRO V 179 35.70 18.32 18.72
C PRO V 179 34.20 18.34 18.43
N MET V 180 33.81 17.90 17.24
CA MET V 180 32.44 18.12 16.78
C MET V 180 31.40 17.49 17.69
N ASP V 181 31.31 16.15 17.68
CA ASP V 181 30.36 15.47 18.56
C ASP V 181 30.88 14.14 19.08
N LEU V 182 32.13 13.80 18.76
CA LEU V 182 32.64 12.45 18.98
C LEU V 182 33.74 12.42 20.04
N GLY V 183 34.80 13.19 19.88
CA GLY V 183 35.93 13.13 20.79
C GLY V 183 35.57 13.54 22.20
N GLU V 184 35.00 14.73 22.36
CA GLU V 184 34.51 15.15 23.67
C GLU V 184 33.12 14.59 23.94
N ASN V 185 32.15 14.99 23.12
CA ASN V 185 30.76 14.55 23.27
C ASN V 185 30.26 14.81 24.68
N CYS V 186 29.93 13.75 25.40
CA CYS V 186 29.45 13.84 26.78
C CYS V 186 30.61 13.78 27.77
N ARG V 187 31.58 14.62 27.57
CA ARG V 187 32.69 14.69 28.50
C ARG V 187 32.96 16.12 28.94
N ARG V 188 32.66 17.10 28.09
CA ARG V 188 32.83 18.49 28.47
C ARG V 188 31.77 18.92 29.47
N GLU V 189 30.51 18.58 29.20
CA GLU V 189 29.42 18.97 30.09
C GLU V 189 29.49 18.24 31.43
N ILE V 190 29.94 16.98 31.42
CA ILE V 190 30.10 16.26 32.68
C ILE V 190 31.15 16.95 33.55
N VAL V 191 32.27 17.33 32.95
CA VAL V 191 33.31 18.03 33.69
C VAL V 191 32.80 19.36 34.20
N LEU V 192 32.04 20.08 33.38
CA LEU V 192 31.50 21.36 33.81
C LEU V 192 30.56 21.20 34.99
N LYS V 193 29.66 20.22 34.93
CA LYS V 193 28.72 19.99 36.02
C LYS V 193 29.45 19.56 37.29
N LEU V 194 30.46 18.70 37.16
CA LEU V 194 31.23 18.29 38.33
C LEU V 194 31.96 19.47 38.95
N GLU V 195 32.52 20.35 38.11
CA GLU V 195 33.18 21.54 38.62
C GLU V 195 32.21 22.43 39.37
N GLU V 196 31.00 22.60 38.82
CA GLU V 196 29.97 23.37 39.53
C GLU V 196 29.58 22.69 40.84
N MET V 197 29.63 21.36 40.88
CA MET V 197 29.22 20.58 42.04
C MET V 197 30.25 20.61 43.16
N GLY V 198 31.47 21.05 42.88
CA GLY V 198 32.52 21.08 43.87
C GLY V 198 33.66 20.12 43.65
N PHE V 199 33.71 19.45 42.51
CA PHE V 199 34.79 18.52 42.20
C PHE V 199 36.03 19.29 41.78
N GLU V 200 37.19 18.66 41.98
CA GLU V 200 38.47 19.16 41.50
C GLU V 200 38.92 18.21 40.40
N ILE V 201 38.67 18.59 39.14
CA ILE V 201 38.97 17.75 38.00
C ILE V 201 40.38 18.03 37.52
N GLU V 202 41.16 16.99 37.31
CA GLU V 202 42.52 17.12 36.80
C GLU V 202 42.55 17.23 35.28
N ALA V 203 42.07 16.20 34.59
CA ALA V 203 42.08 16.19 33.14
C ALA V 203 41.12 15.10 32.65
N SER V 204 40.74 15.22 31.38
CA SER V 204 39.88 14.23 30.74
C SER V 204 40.44 13.93 29.36
N HIS V 205 40.24 12.70 28.90
CA HIS V 205 40.76 12.29 27.60
C HIS V 205 39.98 11.09 27.11
N HIS V 206 40.12 10.81 25.82
CA HIS V 206 39.54 9.61 25.23
C HIS V 206 40.41 8.40 25.55
N GLU V 207 39.75 7.28 25.87
CA GLU V 207 40.46 6.08 26.27
C GLU V 207 40.81 5.23 25.06
N VAL V 208 41.44 4.08 25.31
CA VAL V 208 41.96 3.26 24.24
C VAL V 208 40.83 2.72 23.37
N ALA V 209 39.83 2.12 23.99
CA ALA V 209 38.76 1.50 23.22
C ALA V 209 37.81 2.56 22.66
N PRO V 210 37.17 2.28 21.53
CA PRO V 210 36.18 3.23 21.00
C PRO V 210 35.03 3.44 21.98
N GLY V 211 34.60 4.69 22.09
CA GLY V 211 33.52 5.03 22.98
C GLY V 211 33.88 5.05 24.44
N GLN V 212 35.15 4.95 24.79
CA GLN V 212 35.60 4.87 26.18
C GLN V 212 36.26 6.19 26.57
N HIS V 213 35.89 6.71 27.74
CA HIS V 213 36.36 8.00 28.21
C HIS V 213 36.81 7.88 29.65
N GLU V 214 37.72 8.79 30.04
CA GLU V 214 38.24 8.83 31.40
C GLU V 214 38.30 10.27 31.88
N ILE V 215 37.89 10.46 33.13
CA ILE V 215 38.00 11.76 33.80
C ILE V 215 38.69 11.55 35.13
N ASP V 216 39.75 12.31 35.38
CA ASP V 216 40.56 12.17 36.58
C ASP V 216 40.26 13.30 37.55
N PHE V 217 40.21 12.98 38.84
CA PHE V 217 40.05 13.97 39.89
C PHE V 217 41.39 14.24 40.55
N LYS V 218 41.46 15.35 41.27
CA LYS V 218 42.59 15.58 42.15
C LYS V 218 42.49 14.67 43.37
N TYR V 219 43.63 14.42 43.99
CA TYR V 219 43.70 13.47 45.08
C TYR V 219 43.01 14.02 46.32
N ALA V 220 42.39 13.12 47.09
CA ALA V 220 41.70 13.49 48.31
C ALA V 220 41.85 12.35 49.31
N ASP V 221 41.32 12.57 50.52
CA ASP V 221 41.34 11.52 51.52
C ASP V 221 40.41 10.39 51.11
N ALA V 222 40.61 9.22 51.74
CA ALA V 222 39.98 8.00 51.28
C ALA V 222 38.46 8.09 51.27
N VAL V 223 37.87 8.54 52.38
CA VAL V 223 36.42 8.63 52.46
C VAL V 223 35.89 9.63 51.43
N LYS V 224 36.56 10.78 51.31
CA LYS V 224 36.16 11.76 50.31
C LYS V 224 36.32 11.21 48.91
N ALA V 225 37.38 10.44 48.67
CA ALA V 225 37.60 9.86 47.35
C ALA V 225 36.48 8.90 46.99
N ALA V 226 36.07 8.05 47.93
CA ALA V 226 34.99 7.11 47.67
C ALA V 226 33.66 7.82 47.44
N ASP V 227 33.38 8.85 48.25
CA ASP V 227 32.17 9.64 48.04
C ASP V 227 32.18 10.28 46.66
N GLN V 228 33.34 10.80 46.25
CA GLN V 228 33.46 11.42 44.94
C GLN V 228 33.27 10.39 43.83
N ILE V 229 33.75 9.16 44.03
CA ILE V 229 33.54 8.12 43.02
C ILE V 229 32.06 7.83 42.86
N GLN V 230 31.34 7.68 43.98
CA GLN V 230 29.91 7.42 43.90
C GLN V 230 29.18 8.56 43.20
N THR V 231 29.48 9.80 43.61
CA THR V 231 28.82 10.96 43.01
C THR V 231 29.17 11.08 41.53
N PHE V 232 30.42 10.78 41.17
CA PHE V 232 30.86 10.85 39.79
C PHE V 232 30.10 9.85 38.93
N LYS V 233 29.95 8.62 39.41
CA LYS V 233 29.18 7.63 38.65
C LYS V 233 27.75 8.10 38.45
N LEU V 234 27.12 8.60 39.52
CA LEU V 234 25.74 9.05 39.40
C LEU V 234 25.62 10.22 38.41
N VAL V 235 26.53 11.18 38.50
CA VAL V 235 26.47 12.37 37.63
C VAL V 235 26.72 11.98 36.18
N VAL V 236 27.70 11.12 35.93
CA VAL V 236 27.99 10.70 34.56
C VAL V 236 26.78 9.99 33.97
N LYS V 237 26.16 9.09 34.74
CA LYS V 237 24.99 8.39 34.22
C LYS V 237 23.86 9.37 33.91
N THR V 238 23.60 10.33 34.81
CA THR V 238 22.52 11.28 34.58
C THR V 238 22.78 12.14 33.34
N ILE V 239 23.99 12.68 33.22
CA ILE V 239 24.28 13.56 32.10
C ILE V 239 24.26 12.80 30.79
N ALA V 240 24.77 11.56 30.78
CA ALA V 240 24.71 10.75 29.57
C ALA V 240 23.27 10.47 29.18
N ARG V 241 22.40 10.18 30.16
CA ARG V 241 20.99 9.99 29.87
C ARG V 241 20.37 11.26 29.30
N GLN V 242 20.83 12.42 29.75
CA GLN V 242 20.28 13.68 29.26
C GLN V 242 20.53 13.86 27.76
N HIS V 243 21.69 13.43 27.27
CA HIS V 243 22.04 13.57 25.87
C HIS V 243 21.60 12.40 25.01
N GLY V 244 20.68 11.58 25.51
CA GLY V 244 20.25 10.41 24.77
C GLY V 244 21.34 9.37 24.58
N LEU V 245 22.20 9.21 25.57
CA LEU V 245 23.25 8.19 25.55
C LEU V 245 23.12 7.33 26.79
N HIS V 246 23.89 6.26 26.83
CA HIS V 246 23.93 5.36 27.98
C HIS V 246 25.37 5.22 28.44
N ALA V 247 25.61 5.54 29.70
CA ALA V 247 26.94 5.42 30.29
C ALA V 247 26.98 4.19 31.18
N THR V 248 27.99 3.36 30.99
CA THR V 248 28.15 2.14 31.77
C THR V 248 29.55 2.07 32.35
N PHE V 249 29.64 1.55 33.57
CA PHE V 249 30.91 1.24 34.22
C PHE V 249 31.15 -0.26 34.27
N MET V 250 30.58 -0.98 33.31
CA MET V 250 30.78 -2.42 33.22
C MET V 250 32.25 -2.72 32.97
N PRO V 251 32.85 -3.67 33.70
CA PRO V 251 34.28 -3.95 33.51
C PRO V 251 34.64 -4.34 32.09
N LYS V 252 33.80 -5.11 31.40
CA LYS V 252 34.09 -5.58 30.04
C LYS V 252 32.79 -5.68 29.27
N PRO V 253 32.27 -4.55 28.78
CA PRO V 253 30.99 -4.59 28.06
C PRO V 253 31.07 -5.31 26.72
N LEU V 254 32.23 -5.32 26.07
CA LEU V 254 32.36 -5.92 24.75
C LEU V 254 33.59 -6.82 24.71
N PHE V 255 33.48 -7.89 23.93
CA PHE V 255 34.60 -8.80 23.73
C PHE V 255 35.53 -8.26 22.67
N GLY V 256 36.84 -8.41 22.89
CA GLY V 256 37.84 -8.03 21.93
C GLY V 256 38.33 -6.61 22.02
N VAL V 257 37.74 -5.79 22.89
CA VAL V 257 38.17 -4.42 23.10
C VAL V 257 38.61 -4.28 24.54
N ASN V 258 39.26 -3.15 24.84
CA ASN V 258 39.75 -2.89 26.18
C ASN V 258 38.60 -2.78 27.16
N GLY V 259 38.83 -3.25 28.39
CA GLY V 259 37.88 -3.07 29.46
C GLY V 259 38.07 -1.76 30.19
N SER V 260 37.26 -1.56 31.22
CA SER V 260 37.33 -0.37 32.06
C SER V 260 37.91 -0.72 33.40
N GLY V 261 38.94 0.03 33.82
CA GLY V 261 39.56 -0.17 35.11
C GLY V 261 39.35 1.05 36.00
N MET V 262 39.68 0.88 37.28
CA MET V 262 39.56 1.93 38.27
C MET V 262 40.84 1.97 39.11
N HIS V 263 41.97 2.05 38.42
CA HIS V 263 43.28 2.17 39.05
C HIS V 263 43.23 3.15 40.20
N CYS V 264 43.75 2.72 41.35
CA CYS V 264 43.76 3.53 42.56
C CYS V 264 45.19 3.88 42.92
N ASN V 265 45.48 5.18 42.99
CA ASN V 265 46.79 5.67 43.41
C ASN V 265 46.73 5.98 44.90
N GLN V 266 47.62 5.39 45.67
CA GLN V 266 47.59 5.51 47.12
C GLN V 266 48.93 5.98 47.66
N SER V 267 48.86 6.78 48.72
CA SER V 267 50.05 7.21 49.44
C SER V 267 49.66 7.47 50.89
N LEU V 268 50.46 6.97 51.82
CA LEU V 268 50.21 7.16 53.23
C LEU V 268 50.88 8.44 53.70
N PHE V 269 50.16 9.20 54.53
CA PHE V 269 50.64 10.48 55.01
C PHE V 269 50.67 10.49 56.53
N LYS V 270 51.69 11.14 57.09
CA LYS V 270 51.81 11.33 58.54
C LYS V 270 52.11 12.81 58.74
N ASP V 271 51.05 13.59 58.98
CA ASP V 271 51.15 15.04 59.22
C ASP V 271 51.84 15.73 58.04
N ASN V 272 51.15 15.67 56.90
CA ASN V 272 51.54 16.37 55.66
C ASN V 272 52.90 15.90 55.15
N GLU V 273 53.35 14.76 55.68
CA GLU V 273 54.60 14.17 55.22
C GLU V 273 54.30 12.85 54.53
N ASN V 274 54.77 12.71 53.30
CA ASN V 274 54.60 11.47 52.54
C ASN V 274 55.59 10.44 53.06
N VAL V 275 55.08 9.42 53.76
CA VAL V 275 55.96 8.39 54.30
C VAL V 275 56.44 7.41 53.25
N PHE V 276 55.88 7.46 52.04
CA PHE V 276 56.36 6.62 50.96
C PHE V 276 57.62 7.15 50.31
N TYR V 277 57.95 8.42 50.54
CA TYR V 277 59.09 9.06 49.89
C TYR V 277 60.38 8.80 50.66
N ASP V 278 61.46 8.58 49.92
CA ASP V 278 62.79 8.42 50.52
C ASP V 278 63.81 8.85 49.47
N GLU V 279 64.35 10.06 49.62
CA GLU V 279 65.29 10.56 48.63
C GLU V 279 66.55 9.71 48.56
N THR V 280 66.94 9.08 49.66
CA THR V 280 68.16 8.27 49.66
C THR V 280 67.99 6.97 48.91
N ASP V 281 66.76 6.48 48.77
CA ASP V 281 66.53 5.22 48.09
C ASP V 281 66.78 5.36 46.59
N GLU V 282 67.18 4.24 45.97
CA GLU V 282 67.48 4.25 44.54
C GLU V 282 66.24 4.59 43.72
N LEU V 283 65.09 4.02 44.08
CA LEU V 283 63.84 4.31 43.40
C LEU V 283 63.04 5.42 44.06
N GLY V 284 63.59 6.05 45.10
CA GLY V 284 62.84 7.03 45.85
C GLY V 284 61.68 6.44 46.62
N LEU V 285 61.84 5.23 47.14
CA LEU V 285 60.79 4.52 47.85
C LEU V 285 61.28 4.16 49.24
N SER V 286 60.51 4.54 50.25
CA SER V 286 60.86 4.20 51.62
C SER V 286 60.59 2.74 51.91
N GLN V 287 61.15 2.25 53.01
CA GLN V 287 60.86 0.88 53.43
C GLN V 287 59.40 0.69 53.76
N THR V 288 58.73 1.74 54.25
CA THR V 288 57.31 1.66 54.52
C THR V 288 56.52 1.39 53.24
N ALA V 289 56.88 2.09 52.16
CA ALA V 289 56.20 1.86 50.88
C ALA V 289 56.43 0.45 50.38
N ARG V 290 57.66 -0.06 50.52
CA ARG V 290 57.95 -1.41 50.06
C ARG V 290 57.18 -2.44 50.87
N HIS V 291 57.08 -2.26 52.18
CA HIS V 291 56.28 -3.16 53.00
C HIS V 291 54.81 -3.10 52.60
N TYR V 292 54.31 -1.88 52.32
CA TYR V 292 52.95 -1.72 51.86
C TYR V 292 52.70 -2.50 50.58
N MET V 293 53.60 -2.37 49.61
CA MET V 293 53.46 -3.08 48.35
C MET V 293 53.52 -4.59 48.55
N ALA V 294 54.43 -5.07 49.41
CA ALA V 294 54.52 -6.50 49.67
C ALA V 294 53.23 -7.02 50.28
N GLY V 295 52.66 -6.27 51.23
CA GLY V 295 51.41 -6.68 51.84
C GLY V 295 50.27 -6.73 50.83
N ILE V 296 50.21 -5.75 49.93
CA ILE V 296 49.18 -5.78 48.90
C ILE V 296 49.40 -6.97 47.96
N LEU V 297 50.65 -7.28 47.64
CA LEU V 297 50.94 -8.37 46.72
C LEU V 297 50.54 -9.72 47.30
N LYS V 298 50.83 -9.95 48.59
CA LYS V 298 50.52 -11.26 49.15
C LYS V 298 49.01 -11.49 49.24
N HIS V 299 48.25 -10.45 49.55
CA HIS V 299 46.81 -10.58 49.75
C HIS V 299 46.02 -10.23 48.50
N ALA V 300 46.65 -10.22 47.32
CA ALA V 300 45.97 -9.81 46.11
C ALA V 300 44.85 -10.78 45.74
N ARG V 301 45.14 -12.08 45.79
CA ARG V 301 44.13 -13.06 45.41
C ARG V 301 42.94 -13.04 46.35
N ALA V 302 43.18 -12.79 47.64
CA ALA V 302 42.07 -12.66 48.58
C ALA V 302 41.27 -11.39 48.34
N MET V 303 41.93 -10.30 47.95
CA MET V 303 41.25 -9.05 47.67
C MET V 303 40.50 -9.05 46.36
N ALA V 304 40.83 -9.97 45.44
CA ALA V 304 40.23 -9.96 44.12
C ALA V 304 38.71 -10.05 44.15
N ALA V 305 38.15 -10.78 45.12
CA ALA V 305 36.70 -10.90 45.21
C ALA V 305 36.04 -9.58 45.56
N ILE V 306 36.77 -8.64 46.16
CA ILE V 306 36.21 -7.33 46.49
C ILE V 306 36.53 -6.31 45.41
N THR V 307 37.78 -6.27 44.94
CA THR V 307 38.14 -5.31 43.91
C THR V 307 37.60 -5.70 42.55
N ASN V 308 37.31 -6.98 42.33
CA ASN V 308 36.72 -7.47 41.09
C ASN V 308 35.51 -8.31 41.48
N PRO V 309 34.38 -7.66 41.78
CA PRO V 309 33.29 -8.38 42.47
C PRO V 309 32.32 -9.10 41.56
N THR V 310 32.21 -8.70 40.29
CA THR V 310 31.21 -9.27 39.42
C THR V 310 31.78 -10.45 38.62
N VAL V 311 30.89 -11.18 37.97
CA VAL V 311 31.31 -12.22 37.04
C VAL V 311 32.04 -11.61 35.84
N ASN V 312 31.51 -10.50 35.33
CA ASN V 312 32.11 -9.84 34.17
C ASN V 312 33.48 -9.25 34.49
N SER V 313 33.83 -9.10 35.76
CA SER V 313 35.11 -8.52 36.13
C SER V 313 36.27 -9.38 35.66
N TYR V 314 36.09 -10.69 35.58
CA TYR V 314 37.16 -11.60 35.21
C TYR V 314 37.22 -11.87 33.72
N LYS V 315 36.27 -11.34 32.96
CA LYS V 315 36.45 -11.26 31.51
C LYS V 315 37.37 -10.13 31.12
N ARG V 316 37.55 -9.13 31.99
CA ARG V 316 38.54 -8.09 31.75
C ARG V 316 39.95 -8.59 32.06
N LEU V 317 40.10 -9.41 33.10
CA LEU V 317 41.42 -9.90 33.51
C LEU V 317 41.90 -11.02 32.58
N VAL V 318 42.05 -10.67 31.30
CA VAL V 318 42.56 -11.58 30.30
C VAL V 318 43.74 -10.91 29.61
N PRO V 319 44.72 -11.66 29.13
CA PRO V 319 45.92 -11.02 28.57
C PRO V 319 45.63 -10.28 27.27
N GLY V 320 46.40 -9.21 27.04
CA GLY V 320 46.36 -8.49 25.78
C GLY V 320 45.55 -7.22 25.77
N TYR V 321 45.06 -6.76 26.93
CA TYR V 321 44.24 -5.55 26.98
C TYR V 321 44.64 -4.64 28.13
N GLU V 322 45.91 -4.70 28.53
CA GLU V 322 46.53 -3.85 29.56
C GLU V 322 46.00 -4.12 30.96
N ALA V 323 45.02 -5.00 31.13
CA ALA V 323 44.58 -5.33 32.47
C ALA V 323 45.56 -6.28 33.13
N PRO V 324 45.83 -6.12 34.42
CA PRO V 324 46.75 -7.04 35.10
C PRO V 324 46.17 -8.44 35.14
N CYS V 325 47.05 -9.43 34.99
CA CYS V 325 46.68 -10.83 35.14
C CYS V 325 47.59 -11.59 36.08
N TYR V 326 48.68 -11.00 36.55
CA TYR V 326 49.62 -11.66 37.44
C TYR V 326 49.94 -10.73 38.59
N VAL V 327 50.21 -11.33 39.75
CA VAL V 327 50.49 -10.57 40.95
C VAL V 327 51.98 -10.20 40.98
N ALA V 328 52.30 -9.04 40.43
CA ALA V 328 53.68 -8.56 40.39
C ALA V 328 53.68 -7.04 40.28
N TRP V 329 54.82 -6.45 40.56
CA TRP V 329 54.98 -5.00 40.53
C TRP V 329 56.14 -4.62 39.63
N SER V 330 56.04 -3.45 39.02
CA SER V 330 57.07 -2.94 38.15
C SER V 330 56.92 -1.42 38.04
N ALA V 331 57.99 -0.77 37.60
CA ALA V 331 57.93 0.64 37.26
C ALA V 331 57.59 0.86 35.79
N SER V 332 57.74 -0.16 34.95
CA SER V 332 57.41 -0.05 33.54
C SER V 332 57.17 -1.46 33.01
N ASN V 333 55.91 -1.77 32.70
CA ASN V 333 55.57 -3.08 32.16
C ASN V 333 54.25 -2.97 31.41
N ARG V 334 53.95 -4.01 30.64
CA ARG V 334 52.71 -4.10 29.88
C ARG V 334 51.50 -3.93 30.81
N SER V 335 51.44 -4.71 31.87
CA SER V 335 50.29 -4.69 32.79
C SER V 335 50.71 -5.31 34.11
N PRO V 336 51.40 -4.55 34.95
CA PRO V 336 51.71 -5.04 36.30
C PRO V 336 50.52 -4.84 37.24
N MET V 337 50.47 -5.70 38.26
CA MET V 337 49.45 -5.54 39.29
C MET V 337 49.64 -4.22 40.03
N ILE V 338 50.87 -3.87 40.35
CA ILE V 338 51.22 -2.63 41.03
C ILE V 338 52.19 -1.87 40.14
N ARG V 339 51.89 -0.61 39.87
CA ARG V 339 52.77 0.26 39.12
C ARG V 339 53.15 1.46 39.97
N ILE V 340 54.39 1.92 39.82
CA ILE V 340 54.90 3.06 40.56
C ILE V 340 55.09 4.21 39.57
N PRO V 341 54.30 5.27 39.65
CA PRO V 341 54.48 6.41 38.76
C PRO V 341 55.82 7.09 39.00
N ALA V 342 56.30 7.79 37.96
CA ALA V 342 57.59 8.44 38.02
C ALA V 342 57.63 9.64 38.96
N SER V 343 56.47 10.16 39.37
CA SER V 343 56.45 11.31 40.26
C SER V 343 57.05 10.98 41.61
N ARG V 344 57.76 11.94 42.19
CA ARG V 344 58.42 11.74 43.48
C ARG V 344 58.07 12.86 44.44
N GLY V 345 58.75 12.92 45.58
CA GLY V 345 58.49 13.99 46.52
C GLY V 345 57.21 13.75 47.27
N LEU V 346 56.35 14.75 47.32
CA LEU V 346 55.05 14.62 47.97
C LEU V 346 54.04 13.85 47.14
N SER V 347 54.37 13.53 45.89
CA SER V 347 53.45 12.84 45.00
C SER V 347 53.90 11.42 44.68
N THR V 348 54.77 10.83 45.50
CA THR V 348 55.13 9.44 45.31
C THR V 348 53.95 8.55 45.68
N ARG V 349 53.60 7.64 44.79
CA ARG V 349 52.35 6.90 44.92
C ARG V 349 52.57 5.44 44.56
N VAL V 350 51.67 4.60 45.06
CA VAL V 350 51.57 3.20 44.67
C VAL V 350 50.25 3.02 43.95
N GLU V 351 50.30 2.64 42.68
CA GLU V 351 49.11 2.48 41.86
C GLU V 351 48.74 1.01 41.79
N VAL V 352 47.52 0.69 42.19
CA VAL V 352 47.00 -0.67 42.11
C VAL V 352 45.96 -0.69 41.00
N ARG V 353 46.12 -1.61 40.05
CA ARG V 353 45.36 -1.58 38.81
C ARG V 353 44.33 -2.70 38.69
N ASN V 354 44.18 -3.55 39.71
CA ASN V 354 43.14 -4.57 39.68
C ASN V 354 41.73 -4.01 39.65
N PRO V 355 41.35 -3.05 40.51
CA PRO V 355 39.93 -2.70 40.62
C PRO V 355 39.33 -2.24 39.32
N ASP V 356 38.07 -2.60 39.10
CA ASP V 356 37.24 -2.07 38.06
C ASP V 356 36.18 -1.15 38.65
N PRO V 357 35.59 -0.27 37.86
CA PRO V 357 34.62 0.69 38.43
C PRO V 357 33.40 0.04 39.05
N ALA V 358 33.14 -1.24 38.78
CA ALA V 358 32.03 -1.94 39.41
C ALA V 358 32.28 -2.25 40.88
N ALA V 359 33.51 -2.13 41.35
CA ALA V 359 33.81 -2.43 42.74
C ALA V 359 33.24 -1.37 43.67
N ASN V 360 32.96 -1.78 44.90
CA ASN V 360 32.54 -0.83 45.93
C ASN V 360 33.77 -0.01 46.34
N PRO V 361 33.73 1.32 46.20
CA PRO V 361 34.94 2.10 46.52
C PRO V 361 35.35 1.98 47.97
N TYR V 362 34.38 2.02 48.89
CA TYR V 362 34.71 1.93 50.31
C TYR V 362 35.37 0.59 50.63
N LEU V 363 34.77 -0.50 50.18
CA LEU V 363 35.31 -1.82 50.47
C LEU V 363 36.66 -2.02 49.80
N ALA V 364 36.81 -1.58 48.55
CA ALA V 364 38.07 -1.75 47.85
C ALA V 364 39.19 -0.98 48.54
N LEU V 365 38.94 0.29 48.87
CA LEU V 365 39.95 1.07 49.58
C LEU V 365 40.26 0.45 50.94
N ALA V 366 39.23 -0.04 51.64
CA ALA V 366 39.45 -0.63 52.96
C ALA V 366 40.35 -1.86 52.86
N VAL V 367 40.07 -2.75 51.91
CA VAL V 367 40.85 -3.99 51.82
C VAL V 367 42.26 -3.70 51.35
N MET V 368 42.43 -2.78 50.40
CA MET V 368 43.78 -2.43 49.98
C MET V 368 44.58 -1.81 51.11
N LEU V 369 43.98 -0.89 51.86
CA LEU V 369 44.69 -0.26 52.98
C LEU V 369 45.01 -1.28 54.06
N ARG V 370 44.08 -2.20 54.34
CA ARG V 370 44.34 -3.21 55.36
C ARG V 370 45.46 -4.15 54.94
N ALA V 371 45.49 -4.55 53.67
CA ALA V 371 46.58 -5.40 53.20
C ALA V 371 47.91 -4.67 53.29
N GLY V 372 47.93 -3.39 52.92
CA GLY V 372 49.15 -2.62 53.04
C GLY V 372 49.62 -2.47 54.48
N LEU V 373 48.68 -2.24 55.40
CA LEU V 373 49.05 -2.12 56.81
C LEU V 373 49.53 -3.45 57.35
N ASP V 374 48.95 -4.55 56.90
CA ASP V 374 49.43 -5.87 57.31
C ASP V 374 50.85 -6.10 56.81
N GLY V 375 51.14 -5.67 55.58
CA GLY V 375 52.50 -5.74 55.10
C GLY V 375 53.47 -4.88 55.91
N ILE V 376 53.03 -3.69 56.28
CA ILE V 376 53.86 -2.79 57.08
C ILE V 376 54.14 -3.39 58.45
N LYS V 377 53.12 -3.97 59.08
CA LYS V 377 53.24 -4.46 60.44
C LYS V 377 54.24 -5.61 60.55
N ARG V 378 54.24 -6.51 59.56
CA ARG V 378 55.05 -7.71 59.59
C ARG V 378 56.41 -7.52 58.95
N GLN V 379 56.76 -6.30 58.54
CA GLN V 379 58.03 -6.01 57.89
C GLN V 379 58.25 -6.94 56.69
N MET V 380 57.20 -7.05 55.87
CA MET V 380 57.19 -8.01 54.79
C MET V 380 58.21 -7.65 53.72
N ALA V 381 58.78 -8.67 53.09
CA ALA V 381 59.84 -8.48 52.11
C ALA V 381 59.27 -8.32 50.70
N LEU V 382 59.67 -7.25 50.03
CA LEU V 382 59.21 -7.00 48.67
C LEU V 382 59.88 -7.95 47.69
N PRO V 383 59.13 -8.68 46.87
CA PRO V 383 59.75 -9.50 45.82
C PRO V 383 60.36 -8.62 44.74
N ALA V 384 61.21 -9.24 43.93
CA ALA V 384 61.89 -8.51 42.87
C ALA V 384 60.89 -8.02 41.83
N PRO V 385 61.10 -6.82 41.28
CA PRO V 385 60.21 -6.32 40.23
C PRO V 385 60.36 -7.12 38.95
N ILE V 386 59.30 -7.15 38.16
CA ILE V 386 59.35 -7.80 36.87
C ILE V 386 59.91 -6.84 35.84
N ASP V 387 60.92 -7.29 35.10
CA ASP V 387 61.56 -6.48 34.08
C ASP V 387 60.72 -6.49 32.81
N ARG V 388 61.31 -6.07 31.70
CA ARG V 388 60.64 -6.09 30.41
C ARG V 388 60.37 -7.51 29.91
N ASN V 389 60.59 -8.51 30.75
CA ASN V 389 60.32 -9.90 30.40
C ASN V 389 58.81 -10.09 30.28
N ILE V 390 58.32 -10.10 29.05
CA ILE V 390 56.91 -10.32 28.81
C ILE V 390 56.53 -11.73 29.28
N TYR V 391 55.29 -11.90 29.70
CA TYR V 391 54.81 -13.14 30.29
C TYR V 391 54.50 -14.22 29.26
N VAL V 392 55.06 -14.10 28.05
CA VAL V 392 55.04 -15.20 27.09
C VAL V 392 55.73 -16.45 27.63
N MET V 393 56.41 -16.34 28.77
CA MET V 393 57.04 -17.49 29.39
C MET V 393 56.00 -18.51 29.83
N SER V 394 56.40 -19.77 29.85
CA SER V 394 55.50 -20.85 30.21
C SER V 394 55.15 -20.79 31.69
N GLU V 395 54.10 -21.55 32.05
CA GLU V 395 53.69 -21.62 33.45
C GLU V 395 54.80 -22.15 34.33
N GLU V 396 55.62 -23.07 33.81
CA GLU V 396 56.77 -23.56 34.58
C GLU V 396 57.73 -22.43 34.88
N GLU V 397 57.99 -21.56 33.91
CA GLU V 397 58.83 -20.40 34.17
C GLU V 397 58.19 -19.46 35.18
N ARG V 398 56.85 -19.33 35.13
CA ARG V 398 56.17 -18.38 36.00
C ARG V 398 56.21 -18.84 37.46
N ILE V 399 55.87 -20.10 37.73
CA ILE V 399 55.92 -20.54 39.12
C ILE V 399 57.34 -20.88 39.56
N GLU V 400 58.28 -21.02 38.61
CA GLU V 400 59.68 -21.10 38.99
C GLU V 400 60.19 -19.76 39.51
N GLU V 401 59.74 -18.67 38.90
CA GLU V 401 60.09 -17.32 39.34
C GLU V 401 59.19 -16.82 40.45
N GLY V 402 58.22 -17.61 40.89
CA GLY V 402 57.34 -17.19 41.96
C GLY V 402 56.41 -16.05 41.63
N ILE V 403 55.80 -16.07 40.43
CA ILE V 403 54.85 -15.05 40.02
C ILE V 403 53.45 -15.63 40.16
N PRO V 404 52.67 -15.25 41.17
CA PRO V 404 51.30 -15.74 41.28
C PRO V 404 50.40 -15.09 40.23
N SER V 405 49.27 -15.74 40.01
CA SER V 405 48.28 -15.26 39.06
C SER V 405 46.98 -14.94 39.78
N LEU V 406 46.26 -13.94 39.26
CA LEU V 406 44.99 -13.56 39.82
C LEU V 406 43.94 -14.64 39.53
N PRO V 407 42.88 -14.71 40.33
CA PRO V 407 41.86 -15.74 40.12
C PRO V 407 41.24 -15.63 38.73
N ALA V 408 40.93 -16.79 38.14
CA ALA V 408 40.40 -16.83 36.79
C ALA V 408 38.91 -16.55 36.71
N ASP V 409 38.20 -16.64 37.83
CA ASP V 409 36.76 -16.39 37.84
C ASP V 409 36.34 -16.04 39.26
N LEU V 410 35.05 -15.73 39.41
CA LEU V 410 34.54 -15.28 40.70
C LEU V 410 34.61 -16.39 41.75
N LYS V 411 34.50 -17.65 41.33
CA LYS V 411 34.49 -18.75 42.29
C LYS V 411 35.83 -18.87 43.02
N GLU V 412 36.93 -18.81 42.27
CA GLU V 412 38.26 -18.87 42.88
C GLU V 412 38.47 -17.71 43.83
N ALA V 413 38.05 -16.52 43.43
CA ALA V 413 38.19 -15.35 44.28
C ALA V 413 37.40 -15.50 45.58
N LEU V 414 36.19 -16.05 45.48
CA LEU V 414 35.38 -16.26 46.67
C LEU V 414 36.02 -17.28 47.60
N SER V 415 36.58 -18.35 47.04
CA SER V 415 37.26 -19.33 47.88
C SER V 415 38.46 -18.72 48.59
N GLU V 416 39.23 -17.91 47.87
CA GLU V 416 40.38 -17.23 48.49
C GLU V 416 39.92 -16.25 49.57
N LEU V 417 38.82 -15.54 49.31
CA LEU V 417 38.26 -14.64 50.30
C LEU V 417 37.90 -15.37 51.58
N ILE V 418 37.23 -16.52 51.45
CA ILE V 418 36.86 -17.30 52.62
C ILE V 418 38.10 -17.76 53.36
N ARG V 419 39.11 -18.26 52.64
CA ARG V 419 40.31 -18.77 53.30
C ARG V 419 41.15 -17.68 53.95
N SER V 420 40.97 -16.42 53.59
CA SER V 420 41.82 -15.36 54.09
C SER V 420 41.37 -14.89 55.46
N GLU V 421 42.34 -14.69 56.36
CA GLU V 421 42.07 -14.21 57.71
C GLU V 421 42.40 -12.75 57.91
N VAL V 422 43.11 -12.13 56.97
CA VAL V 422 43.51 -10.73 57.12
C VAL V 422 42.45 -9.78 56.60
N ILE V 423 42.05 -9.94 55.34
CA ILE V 423 41.11 -8.98 54.77
C ILE V 423 39.67 -9.35 55.10
N SER V 424 39.43 -10.60 55.53
CA SER V 424 38.13 -10.92 56.12
C SER V 424 37.91 -10.17 57.41
N ASP V 425 38.99 -9.96 58.17
CA ASP V 425 38.90 -9.08 59.34
C ASP V 425 38.61 -7.65 58.93
N ALA V 426 39.19 -7.21 57.81
CA ALA V 426 38.90 -5.87 57.31
C ALA V 426 37.42 -5.72 56.98
N LEU V 427 36.84 -6.73 56.32
CA LEU V 427 35.41 -6.70 56.06
C LEU V 427 34.60 -6.80 57.35
N GLY V 428 35.03 -7.62 58.29
CA GLY V 428 34.27 -7.88 59.50
C GLY V 428 33.38 -9.09 59.33
N ASP V 429 32.90 -9.58 60.48
CA ASP V 429 32.13 -10.82 60.50
C ASP V 429 30.76 -10.69 59.85
N HIS V 430 30.06 -9.59 60.07
CA HIS V 430 28.71 -9.43 59.52
C HIS V 430 28.72 -9.21 58.01
N ALA V 431 29.59 -8.33 57.51
CA ALA V 431 29.58 -8.02 56.10
C ALA V 431 30.14 -9.16 55.26
N LEU V 432 31.10 -9.92 55.80
CA LEU V 432 31.69 -11.02 55.04
C LEU V 432 30.66 -12.07 54.68
N ALA V 433 29.82 -12.46 55.64
CA ALA V 433 28.83 -13.50 55.37
C ALA V 433 27.84 -13.06 54.30
N TYR V 434 27.36 -11.82 54.39
CA TYR V 434 26.37 -11.35 53.42
C TYR V 434 26.98 -11.15 52.04
N PHE V 435 28.21 -10.63 51.98
CA PHE V 435 28.88 -10.49 50.69
C PHE V 435 29.11 -11.85 50.05
N TYR V 436 29.53 -12.84 50.85
CA TYR V 436 29.74 -14.18 50.34
C TYR V 436 28.44 -14.78 49.84
N GLU V 437 27.34 -14.59 50.57
CA GLU V 437 26.05 -15.10 50.12
C GLU V 437 25.63 -14.46 48.80
N LEU V 438 25.77 -13.14 48.70
CA LEU V 438 25.40 -12.45 47.47
C LEU V 438 26.20 -12.98 46.28
N LYS V 439 27.51 -13.08 46.45
CA LYS V 439 28.35 -13.50 45.33
C LYS V 439 28.16 -14.97 44.99
N GLU V 440 27.93 -15.82 46.00
CA GLU V 440 27.64 -17.22 45.72
C GLU V 440 26.35 -17.36 44.94
N ILE V 441 25.31 -16.62 45.31
CA ILE V 441 24.05 -16.69 44.55
C ILE V 441 24.28 -16.21 43.13
N GLU V 442 25.01 -15.10 42.96
CA GLU V 442 25.26 -14.58 41.62
C GLU V 442 26.01 -15.61 40.77
N TRP V 443 27.05 -16.22 41.32
CA TRP V 443 27.81 -17.21 40.57
C TRP V 443 26.97 -18.43 40.24
N ASP V 444 26.14 -18.88 41.19
CA ASP V 444 25.30 -20.04 40.94
C ASP V 444 24.31 -19.77 39.82
N MET V 445 23.71 -18.58 39.81
CA MET V 445 22.81 -18.25 38.70
C MET V 445 23.57 -18.16 37.38
N TYR V 446 24.81 -17.66 37.41
CA TYR V 446 25.55 -17.52 36.17
C TYR V 446 25.98 -18.87 35.59
N ARG V 447 26.41 -19.79 36.46
CA ARG V 447 27.05 -21.01 35.98
C ARG V 447 26.08 -21.99 35.34
N THR V 448 24.79 -21.89 35.63
CA THR V 448 23.81 -22.82 35.08
C THR V 448 23.17 -22.33 33.79
N GLN V 449 23.51 -21.12 33.33
CA GLN V 449 22.94 -20.60 32.10
C GLN V 449 23.55 -21.30 30.89
N VAL V 450 22.76 -21.38 29.83
CA VAL V 450 23.23 -21.87 28.54
C VAL V 450 23.31 -20.66 27.62
N HIS V 451 24.52 -20.28 27.24
CA HIS V 451 24.75 -19.05 26.51
C HIS V 451 24.65 -19.29 25.00
N GLN V 452 24.49 -18.20 24.26
CA GLN V 452 24.37 -18.30 22.82
C GLN V 452 25.63 -18.85 22.18
N TRP V 453 26.79 -18.65 22.81
CA TRP V 453 28.03 -19.19 22.28
C TRP V 453 27.99 -20.72 22.22
N GLU V 454 27.45 -21.35 23.26
CA GLU V 454 27.33 -22.80 23.25
C GLU V 454 26.39 -23.28 22.15
N ARG V 455 25.25 -22.60 21.97
CA ARG V 455 24.34 -22.97 20.90
C ARG V 455 24.93 -22.71 19.52
N ASP V 456 25.90 -21.80 19.42
CA ASP V 456 26.58 -21.59 18.15
C ASP V 456 27.60 -22.68 17.88
N GLN V 457 28.41 -23.03 18.88
CA GLN V 457 29.40 -24.09 18.70
C GLN V 457 28.73 -25.45 18.52
N TYR V 458 27.81 -25.78 19.41
CA TYR V 458 27.09 -27.04 19.38
C TYR V 458 25.72 -26.83 18.73
N LEU V 459 24.85 -27.83 18.83
CA LEU V 459 23.49 -27.82 18.28
C LEU V 459 23.50 -28.00 16.77
N THR V 460 24.68 -27.96 16.17
CA THR V 460 24.89 -28.39 14.79
C THR V 460 25.97 -29.45 14.69
N LEU V 461 27.11 -29.22 15.34
CA LEU V 461 28.17 -30.21 15.37
C LEU V 461 27.74 -31.46 16.11
N TYR V 462 27.00 -31.31 17.20
CA TYR V 462 26.46 -32.45 17.92
C TYR V 462 24.94 -32.50 17.81
N LEU W 1 -54.39 -2.10 3.16
CA LEU W 1 -55.18 -3.30 2.80
C LEU W 1 -54.37 -4.19 1.85
N ILE W 2 -53.85 -3.61 0.77
CA ILE W 2 -53.02 -4.38 -0.22
C ILE W 2 -51.57 -3.93 -0.11
N GLN W 3 -51.16 -3.42 1.06
CA GLN W 3 -49.79 -2.91 1.26
C GLN W 3 -48.75 -4.00 0.96
N GLY W 4 -49.01 -5.23 1.40
CA GLY W 4 -48.08 -6.35 1.17
C GLY W 4 -47.80 -6.56 -0.31
N GLU W 5 -48.82 -6.39 -1.17
CA GLU W 5 -48.65 -6.59 -2.63
C GLU W 5 -48.09 -5.32 -3.28
N LEU W 6 -48.35 -4.15 -2.69
CA LEU W 6 -47.90 -2.86 -3.28
C LEU W 6 -46.39 -2.68 -3.07
N SER W 7 -45.70 -3.69 -2.54
CA SER W 7 -44.28 -3.55 -2.26
C SER W 7 -43.44 -3.34 -3.51
N ARG W 8 -44.00 -3.56 -4.71
CA ARG W 8 -43.23 -3.40 -5.93
C ARG W 8 -42.87 -1.93 -6.18
N PHE W 9 -43.77 -1.01 -5.79
CA PHE W 9 -43.45 0.41 -5.90
C PHE W 9 -42.50 0.87 -4.80
N PHE W 10 -42.62 0.30 -3.60
CA PHE W 10 -41.79 0.70 -2.47
C PHE W 10 -40.36 0.24 -2.66
N LEU X 1 -31.86 28.33 -34.75
CA LEU X 1 -32.34 29.50 -33.96
C LEU X 1 -32.24 29.18 -32.47
N ILE X 2 -31.96 30.19 -31.64
CA ILE X 2 -31.82 30.02 -30.15
C ILE X 2 -31.21 28.65 -29.81
N GLN X 3 -30.11 28.28 -30.48
CA GLN X 3 -29.44 26.97 -30.20
C GLN X 3 -28.60 27.11 -28.92
N GLY X 4 -27.76 28.17 -28.85
CA GLY X 4 -26.94 28.40 -27.64
C GLY X 4 -27.78 28.91 -26.49
N GLU X 5 -29.01 29.38 -26.76
CA GLU X 5 -29.91 29.85 -25.69
C GLU X 5 -30.51 28.64 -24.96
N LEU X 6 -30.90 27.61 -25.71
CA LEU X 6 -31.50 26.43 -25.09
C LEU X 6 -30.47 25.49 -24.47
N SER X 7 -29.25 25.96 -24.21
CA SER X 7 -28.21 25.11 -23.67
C SER X 7 -28.45 24.73 -22.21
N ARG X 8 -29.39 25.39 -21.53
CA ARG X 8 -29.65 25.05 -20.13
C ARG X 8 -30.23 23.64 -19.99
N PHE X 9 -31.05 23.22 -20.97
CA PHE X 9 -31.55 21.86 -20.95
C PHE X 9 -30.51 20.85 -21.41
N PHE X 10 -29.62 21.24 -22.32
CA PHE X 10 -28.62 20.34 -22.86
C PHE X 10 -27.50 20.11 -21.85
N SER Y 22 -46.54 -50.03 3.79
CA SER Y 22 -46.25 -50.26 5.20
C SER Y 22 -44.91 -50.98 5.37
N TYR Y 23 -44.59 -51.34 6.61
CA TYR Y 23 -43.34 -52.01 6.92
C TYR Y 23 -43.54 -52.91 8.13
N THR Y 24 -42.65 -53.90 8.25
CA THR Y 24 -42.58 -54.79 9.40
C THR Y 24 -41.14 -54.84 9.90
N ARG Y 25 -40.95 -55.47 11.06
CA ARG Y 25 -39.61 -55.60 11.63
C ARG Y 25 -38.66 -56.27 10.64
N GLU Y 26 -39.10 -57.39 10.07
CA GLU Y 26 -38.26 -58.11 9.11
C GLU Y 26 -37.99 -57.24 7.88
N ASP Y 27 -38.98 -56.50 7.42
CA ASP Y 27 -38.77 -55.60 6.30
C ASP Y 27 -37.73 -54.54 6.64
N ILE Y 28 -37.84 -53.94 7.83
CA ILE Y 28 -36.91 -52.89 8.22
C ILE Y 28 -35.49 -53.43 8.27
N ILE Y 29 -35.31 -54.61 8.87
CA ILE Y 29 -34.00 -55.23 8.91
C ILE Y 29 -33.50 -55.53 7.51
N ARG Y 30 -34.40 -55.96 6.62
CA ARG Y 30 -34.00 -56.29 5.25
C ARG Y 30 -33.48 -55.06 4.50
N ILE Y 31 -34.23 -53.96 4.55
CA ILE Y 31 -33.73 -52.75 3.88
C ILE Y 31 -32.47 -52.23 4.56
N ALA Y 32 -32.39 -52.31 5.89
CA ALA Y 32 -31.21 -51.82 6.59
C ALA Y 32 -29.96 -52.58 6.13
N GLU Y 33 -30.05 -53.90 6.02
CA GLU Y 33 -28.93 -54.67 5.51
C GLU Y 33 -28.68 -54.38 4.03
N GLU Y 34 -29.74 -54.27 3.23
CA GLU Y 34 -29.58 -54.07 1.79
C GLU Y 34 -29.04 -52.68 1.48
N GLU Y 35 -29.61 -51.65 2.10
CA GLU Y 35 -29.25 -50.27 1.79
C GLU Y 35 -27.93 -49.86 2.42
N ASN Y 36 -27.29 -50.73 3.22
CA ASN Y 36 -26.07 -50.42 3.94
C ASN Y 36 -26.28 -49.24 4.88
N VAL Y 37 -27.37 -49.28 5.63
CA VAL Y 37 -27.64 -48.24 6.62
C VAL Y 37 -26.72 -48.47 7.81
N ARG Y 38 -25.99 -47.42 8.19
CA ARG Y 38 -25.06 -47.50 9.31
C ARG Y 38 -25.58 -46.81 10.56
N PHE Y 39 -26.46 -45.82 10.42
CA PHE Y 39 -26.89 -45.00 11.54
C PHE Y 39 -28.38 -44.75 11.42
N ILE Y 40 -29.08 -44.80 12.55
CA ILE Y 40 -30.52 -44.65 12.59
C ILE Y 40 -30.87 -43.55 13.59
N ARG Y 41 -31.72 -42.62 13.17
CA ARG Y 41 -32.18 -41.54 14.03
C ARG Y 41 -33.55 -41.89 14.59
N LEU Y 42 -33.63 -41.98 15.92
CA LEU Y 42 -34.92 -42.19 16.58
C LEU Y 42 -35.49 -40.83 16.91
N GLN Y 43 -36.35 -40.32 16.02
CA GLN Y 43 -36.81 -38.95 16.09
C GLN Y 43 -38.05 -38.82 16.96
N PHE Y 44 -38.13 -37.71 17.69
CA PHE Y 44 -39.32 -37.34 18.43
C PHE Y 44 -39.38 -35.82 18.46
N THR Y 45 -40.43 -35.28 19.07
CA THR Y 45 -40.66 -33.84 19.08
C THR Y 45 -40.94 -33.38 20.50
N ASP Y 46 -40.40 -32.21 20.85
CA ASP Y 46 -40.66 -31.60 22.15
C ASP Y 46 -41.87 -30.68 22.06
N LEU Y 47 -42.20 -30.03 23.18
CA LEU Y 47 -43.39 -29.19 23.23
C LEU Y 47 -43.30 -27.97 22.32
N LEU Y 48 -42.09 -27.54 21.97
CA LEU Y 48 -41.92 -26.37 21.12
C LEU Y 48 -41.86 -26.72 19.63
N GLY Y 49 -42.03 -27.99 19.28
CA GLY Y 49 -42.00 -28.39 17.90
C GLY Y 49 -40.63 -28.67 17.32
N THR Y 50 -39.57 -28.49 18.10
CA THR Y 50 -38.23 -28.79 17.62
C THR Y 50 -38.06 -30.30 17.43
N ILE Y 51 -37.33 -30.68 16.40
CA ILE Y 51 -37.08 -32.09 16.12
C ILE Y 51 -35.89 -32.55 16.94
N LYS Y 52 -36.12 -33.52 17.82
CA LYS Y 52 -35.07 -34.14 18.61
C LYS Y 52 -34.90 -35.59 18.20
N ASN Y 53 -33.71 -36.14 18.43
CA ASN Y 53 -33.41 -37.49 17.99
C ASN Y 53 -32.36 -38.12 18.88
N VAL Y 54 -32.33 -39.45 18.86
CA VAL Y 54 -31.28 -40.25 19.49
C VAL Y 54 -30.60 -41.05 18.39
N GLU Y 55 -29.31 -40.80 18.19
CA GLU Y 55 -28.57 -41.50 17.14
C GLU Y 55 -28.29 -42.93 17.56
N ILE Y 56 -28.39 -43.84 16.61
CA ILE Y 56 -28.29 -45.27 16.90
C ILE Y 56 -27.46 -45.97 15.83
N PRO Y 57 -26.49 -46.78 16.21
CA PRO Y 57 -25.80 -47.62 15.23
C PRO Y 57 -26.70 -48.77 14.78
N VAL Y 58 -26.48 -49.22 13.54
CA VAL Y 58 -27.36 -50.24 12.97
C VAL Y 58 -27.34 -51.52 13.78
N SER Y 59 -26.28 -51.76 14.56
CA SER Y 59 -26.23 -52.96 15.39
C SER Y 59 -27.23 -52.94 16.53
N GLN Y 60 -27.86 -51.81 16.79
CA GLN Y 60 -28.87 -51.69 17.84
C GLN Y 60 -30.28 -51.62 17.28
N LEU Y 61 -30.46 -51.93 16.00
CA LEU Y 61 -31.77 -51.79 15.37
C LEU Y 61 -32.79 -52.74 15.97
N GLU Y 62 -32.39 -53.97 16.26
CA GLU Y 62 -33.33 -54.93 16.85
C GLU Y 62 -33.75 -54.49 18.25
N LYS Y 63 -32.79 -53.99 19.04
CA LYS Y 63 -33.12 -53.46 20.36
C LYS Y 63 -34.08 -52.28 20.25
N ALA Y 64 -33.85 -51.41 19.28
CA ALA Y 64 -34.77 -50.28 19.07
C ALA Y 64 -36.15 -50.76 18.69
N LEU Y 65 -36.24 -51.73 17.78
CA LEU Y 65 -37.52 -52.25 17.32
C LEU Y 65 -38.24 -53.07 18.39
N ASP Y 66 -37.53 -53.51 19.43
CA ASP Y 66 -38.17 -54.20 20.54
C ASP Y 66 -38.70 -53.24 21.60
N ASN Y 67 -38.65 -51.93 21.35
CA ASN Y 67 -39.14 -50.91 22.28
C ASN Y 67 -38.43 -51.01 23.63
N LYS Y 68 -37.10 -51.02 23.59
CA LYS Y 68 -36.31 -51.19 24.80
C LYS Y 68 -35.31 -50.08 25.05
N MET Y 69 -35.19 -49.10 24.16
CA MET Y 69 -34.27 -48.00 24.38
C MET Y 69 -34.84 -46.99 25.37
N MET Y 70 -34.01 -46.55 26.29
CA MET Y 70 -34.36 -45.53 27.28
C MET Y 70 -33.59 -44.26 27.00
N PHE Y 71 -34.22 -43.13 27.28
CA PHE Y 71 -33.58 -41.82 27.16
C PHE Y 71 -34.15 -40.92 28.25
N ASP Y 72 -33.74 -39.66 28.23
CA ASP Y 72 -34.12 -38.74 29.31
C ASP Y 72 -35.63 -38.56 29.36
N GLY Y 73 -36.24 -38.20 28.25
CA GLY Y 73 -37.67 -37.98 28.25
C GLY Y 73 -38.06 -36.62 28.79
N SER Y 74 -37.27 -36.10 29.74
CA SER Y 74 -37.47 -34.74 30.22
C SER Y 74 -37.04 -33.70 29.21
N SER Y 75 -36.38 -34.10 28.13
CA SER Y 75 -36.02 -33.18 27.06
C SER Y 75 -37.24 -32.65 26.32
N ILE Y 76 -38.41 -33.25 26.52
CA ILE Y 76 -39.64 -32.73 25.90
C ILE Y 76 -39.96 -31.36 26.48
N GLU Y 77 -39.72 -31.17 27.78
CA GLU Y 77 -40.07 -29.92 28.43
C GLU Y 77 -39.23 -28.74 27.97
N GLY Y 78 -38.13 -28.97 27.26
CA GLY Y 78 -37.31 -27.87 26.79
C GLY Y 78 -36.34 -27.37 27.84
N TYR Y 79 -36.21 -26.05 27.96
CA TYR Y 79 -35.29 -25.46 28.93
C TYR Y 79 -35.91 -25.29 30.31
N VAL Y 80 -37.16 -25.69 30.51
CA VAL Y 80 -37.80 -25.61 31.81
C VAL Y 80 -37.86 -26.96 32.51
N ARG Y 81 -37.19 -27.97 31.96
CA ARG Y 81 -37.16 -29.27 32.61
C ARG Y 81 -36.42 -29.19 33.94
N ILE Y 82 -36.93 -29.89 34.94
CA ILE Y 82 -36.44 -29.78 36.31
C ILE Y 82 -35.76 -31.07 36.78
N GLU Y 83 -36.27 -32.23 36.40
CA GLU Y 83 -35.69 -33.49 36.85
C GLU Y 83 -35.59 -34.45 35.68
N GLU Y 84 -34.57 -35.29 35.73
CA GLU Y 84 -34.35 -36.28 34.68
C GLU Y 84 -35.24 -37.49 34.92
N SER Y 85 -35.94 -37.91 33.87
CA SER Y 85 -36.80 -39.09 33.92
C SER Y 85 -36.18 -40.20 33.07
N ASP Y 86 -36.89 -41.31 32.97
CA ASP Y 86 -36.50 -42.43 32.12
C ASP Y 86 -37.71 -42.86 31.32
N MET Y 87 -37.60 -42.78 30.00
CA MET Y 87 -38.73 -43.10 29.13
C MET Y 87 -38.25 -43.92 27.96
N TYR Y 88 -39.16 -44.72 27.41
CA TYR Y 88 -38.85 -45.62 26.31
C TYR Y 88 -39.28 -45.02 24.98
N LEU Y 89 -38.52 -45.34 23.93
CA LEU Y 89 -38.83 -44.94 22.57
C LEU Y 89 -39.52 -46.10 21.87
N TYR Y 90 -40.74 -45.85 21.39
CA TYR Y 90 -41.51 -46.86 20.65
C TYR Y 90 -41.57 -46.45 19.19
N PRO Y 91 -40.65 -46.94 18.35
CA PRO Y 91 -40.62 -46.49 16.96
C PRO Y 91 -41.87 -46.91 16.20
N ASP Y 92 -42.26 -46.05 15.26
CA ASP Y 92 -43.38 -46.31 14.37
C ASP Y 92 -42.80 -46.83 13.05
N LEU Y 93 -43.08 -48.10 12.75
CA LEU Y 93 -42.43 -48.75 11.62
C LEU Y 93 -42.83 -48.11 10.29
N ASP Y 94 -44.02 -47.52 10.22
CA ASP Y 94 -44.50 -46.92 8.99
C ASP Y 94 -43.77 -45.62 8.64
N THR Y 95 -43.01 -45.05 9.57
CA THR Y 95 -42.32 -43.80 9.35
C THR Y 95 -40.88 -44.00 8.87
N TRP Y 96 -40.49 -45.24 8.59
CA TRP Y 96 -39.13 -45.53 8.15
C TRP Y 96 -38.84 -44.86 6.82
N VAL Y 97 -37.65 -44.26 6.71
CA VAL Y 97 -37.20 -43.66 5.46
C VAL Y 97 -35.70 -43.52 5.54
N VAL Y 98 -35.04 -43.52 4.38
CA VAL Y 98 -33.59 -43.37 4.28
C VAL Y 98 -33.30 -42.04 3.61
N PHE Y 99 -32.50 -41.21 4.26
CA PHE Y 99 -32.20 -39.89 3.74
C PHE Y 99 -31.36 -40.00 2.48
N PRO Y 100 -31.66 -39.21 1.44
CA PRO Y 100 -30.95 -39.37 0.17
C PRO Y 100 -29.56 -38.73 0.14
N TRP Y 101 -29.33 -37.73 1.00
CA TRP Y 101 -28.06 -37.02 0.97
C TRP Y 101 -26.97 -37.71 1.79
N VAL Y 102 -27.27 -38.83 2.43
CA VAL Y 102 -26.29 -39.52 3.27
C VAL Y 102 -25.11 -39.99 2.43
N THR Y 103 -25.38 -40.47 1.21
CA THR Y 103 -24.36 -40.89 0.26
C THR Y 103 -23.51 -42.04 0.81
N SER Y 104 -22.34 -41.72 1.36
CA SER Y 104 -21.38 -42.74 1.78
C SER Y 104 -21.94 -43.64 2.86
N ASP Y 105 -22.22 -43.09 4.05
CA ASP Y 105 -22.79 -43.87 5.14
C ASP Y 105 -24.28 -43.54 5.23
N ARG Y 106 -25.12 -44.50 4.85
CA ARG Y 106 -26.55 -44.27 4.80
C ARG Y 106 -27.10 -44.04 6.21
N VAL Y 107 -27.96 -43.04 6.34
CA VAL Y 107 -28.62 -42.72 7.60
C VAL Y 107 -30.11 -42.83 7.40
N ALA Y 108 -30.78 -43.56 8.28
CA ALA Y 108 -32.23 -43.70 8.26
C ALA Y 108 -32.83 -43.07 9.50
N ARG Y 109 -34.15 -43.01 9.55
CA ARG Y 109 -34.84 -42.41 10.66
C ARG Y 109 -36.11 -43.19 10.97
N LEU Y 110 -36.53 -43.10 12.22
CA LEU Y 110 -37.82 -43.63 12.67
C LEU Y 110 -38.43 -42.64 13.64
N ILE Y 111 -39.72 -42.37 13.49
CA ILE Y 111 -40.43 -41.49 14.39
C ILE Y 111 -41.05 -42.32 15.51
N CYS Y 112 -40.73 -41.97 16.75
CA CYS Y 112 -41.05 -42.80 17.90
C CYS Y 112 -42.02 -42.08 18.82
N ASP Y 113 -42.84 -42.87 19.52
CA ASP Y 113 -43.67 -42.39 20.59
C ASP Y 113 -42.97 -42.59 21.93
N ILE Y 114 -43.30 -41.74 22.90
CA ILE Y 114 -42.64 -41.75 24.19
C ILE Y 114 -43.53 -42.49 25.19
N TYR Y 115 -42.95 -43.49 25.86
CA TYR Y 115 -43.69 -44.32 26.80
C TYR Y 115 -43.01 -44.31 28.15
N LYS Y 116 -43.82 -44.28 29.20
CA LYS Y 116 -43.30 -44.40 30.55
C LYS Y 116 -42.82 -45.82 30.80
N PRO Y 117 -41.91 -46.01 31.78
CA PRO Y 117 -41.41 -47.37 32.03
C PRO Y 117 -42.50 -48.36 32.43
N ASP Y 118 -43.59 -47.89 33.02
CA ASP Y 118 -44.67 -48.81 33.40
C ASP Y 118 -45.39 -49.37 32.19
N GLY Y 119 -45.27 -48.72 31.03
CA GLY Y 119 -45.88 -49.21 29.82
C GLY Y 119 -46.90 -48.26 29.23
N SER Y 120 -47.37 -47.31 30.02
CA SER Y 120 -48.33 -46.34 29.52
C SER Y 120 -47.63 -45.24 28.74
N PRO Y 121 -48.30 -44.66 27.75
CA PRO Y 121 -47.70 -43.56 27.00
C PRO Y 121 -47.48 -42.33 27.87
N PHE Y 122 -46.45 -41.58 27.55
CA PHE Y 122 -46.14 -40.35 28.28
C PHE Y 122 -47.18 -39.29 27.95
N ALA Y 123 -47.72 -38.66 28.99
CA ALA Y 123 -48.78 -37.67 28.81
C ALA Y 123 -48.28 -36.38 28.18
N GLY Y 124 -46.97 -36.10 28.27
CA GLY Y 124 -46.42 -34.88 27.73
C GLY Y 124 -45.91 -34.97 26.31
N ASP Y 125 -46.12 -36.10 25.63
CA ASP Y 125 -45.65 -36.27 24.26
C ASP Y 125 -46.67 -35.67 23.29
N PRO Y 126 -46.28 -34.70 22.46
CA PRO Y 126 -47.27 -34.10 21.53
C PRO Y 126 -47.90 -35.12 20.60
N ARG Y 127 -47.13 -36.08 20.10
CA ARG Y 127 -47.70 -37.12 19.25
C ARG Y 127 -48.72 -37.94 20.00
N GLY Y 128 -48.44 -38.27 21.26
CA GLY Y 128 -49.41 -38.97 22.08
C GLY Y 128 -50.65 -38.13 22.33
N ILE Y 129 -50.48 -36.82 22.48
CA ILE Y 129 -51.63 -35.93 22.66
C ILE Y 129 -52.53 -35.97 21.44
N LEU Y 130 -51.93 -35.86 20.26
CA LEU Y 130 -52.72 -35.92 19.03
C LEU Y 130 -53.40 -37.28 18.88
N LYS Y 131 -52.69 -38.36 19.23
CA LYS Y 131 -53.28 -39.69 19.16
C LYS Y 131 -54.47 -39.82 20.11
N ARG Y 132 -54.34 -39.27 21.31
CA ARG Y 132 -55.44 -39.33 22.28
C ARG Y 132 -56.65 -38.54 21.80
N VAL Y 133 -56.42 -37.36 21.22
CA VAL Y 133 -57.55 -36.59 20.69
C VAL Y 133 -58.19 -37.33 19.52
N LEU Y 134 -57.39 -37.96 18.67
CA LEU Y 134 -57.95 -38.75 17.58
C LEU Y 134 -58.75 -39.93 18.11
N LYS Y 135 -58.29 -40.54 19.20
CA LYS Y 135 -59.03 -41.65 19.79
C LYS Y 135 -60.37 -41.20 20.34
N GLU Y 136 -60.40 -40.07 21.04
CA GLU Y 136 -61.69 -39.61 21.53
C GLU Y 136 -62.58 -39.09 20.41
N ALA Y 137 -61.99 -38.71 19.26
CA ALA Y 137 -62.80 -38.46 18.08
C ALA Y 137 -63.41 -39.75 17.54
N GLU Y 138 -62.61 -40.81 17.45
CA GLU Y 138 -63.12 -42.10 17.02
C GLU Y 138 -64.23 -42.59 17.92
N GLU Y 139 -64.17 -42.25 19.21
CA GLU Y 139 -65.24 -42.61 20.12
C GLU Y 139 -66.58 -42.00 19.72
N LEU Y 140 -66.59 -40.94 18.90
CA LEU Y 140 -67.82 -40.36 18.39
C LEU Y 140 -68.19 -40.88 17.00
N GLY Y 141 -67.44 -41.83 16.47
CA GLY Y 141 -67.74 -42.42 15.19
C GLY Y 141 -66.97 -41.88 14.01
N TYR Y 142 -66.06 -40.93 14.24
CA TYR Y 142 -65.27 -40.35 13.15
C TYR Y 142 -64.00 -41.15 12.97
N THR Y 143 -63.88 -41.83 11.83
CA THR Y 143 -62.78 -42.77 11.61
C THR Y 143 -61.44 -42.05 11.53
N SER Y 144 -61.38 -40.94 10.80
CA SER Y 144 -60.12 -40.26 10.57
C SER Y 144 -60.36 -38.77 10.39
N MET Y 145 -59.28 -38.01 10.55
CA MET Y 145 -59.26 -36.57 10.31
C MET Y 145 -58.27 -36.31 9.19
N ASN Y 146 -58.78 -35.89 8.04
CA ASN Y 146 -57.96 -35.69 6.85
C ASN Y 146 -57.46 -34.25 6.83
N VAL Y 147 -56.14 -34.08 6.81
CA VAL Y 147 -55.52 -32.77 7.00
C VAL Y 147 -54.56 -32.50 5.85
N GLY Y 148 -54.68 -31.33 5.25
CA GLY Y 148 -53.72 -30.85 4.29
C GLY Y 148 -53.19 -29.48 4.64
N PRO Y 149 -51.92 -29.39 4.99
CA PRO Y 149 -51.33 -28.10 5.36
C PRO Y 149 -50.71 -27.37 4.18
N GLU Y 150 -50.51 -26.06 4.36
CA GLU Y 150 -49.92 -25.20 3.35
C GLU Y 150 -48.81 -24.37 3.99
N PRO Y 151 -47.67 -24.99 4.30
CA PRO Y 151 -46.57 -24.24 4.93
C PRO Y 151 -45.81 -23.40 3.92
N GLU Y 152 -45.50 -22.17 4.32
CA GLU Y 152 -44.73 -21.24 3.50
C GLU Y 152 -43.44 -20.90 4.22
N PHE Y 153 -42.40 -20.60 3.44
CA PHE Y 153 -41.09 -20.32 4.01
C PHE Y 153 -40.39 -19.26 3.19
N PHE Y 154 -39.37 -18.66 3.79
CA PHE Y 154 -38.55 -17.64 3.14
C PHE Y 154 -37.16 -18.19 2.89
N LEU Y 155 -36.53 -17.71 1.82
CA LEU Y 155 -35.16 -18.05 1.49
C LEU Y 155 -34.31 -16.79 1.60
N PHE Y 156 -33.24 -16.87 2.38
CA PHE Y 156 -32.32 -15.76 2.59
C PHE Y 156 -30.93 -16.14 2.11
N LYS Y 157 -30.21 -15.16 1.58
CA LYS Y 157 -28.82 -15.36 1.21
C LYS Y 157 -27.94 -15.37 2.44
N THR Y 158 -26.92 -16.22 2.43
CA THR Y 158 -25.99 -16.32 3.54
C THR Y 158 -24.73 -15.50 3.24
N ASP Y 159 -23.92 -15.31 4.29
CA ASP Y 159 -22.65 -14.62 4.16
C ASP Y 159 -21.52 -15.64 4.08
N GLU Y 160 -20.28 -15.15 4.13
CA GLU Y 160 -19.12 -16.04 4.06
C GLU Y 160 -19.09 -17.00 5.25
N LYS Y 161 -19.42 -16.50 6.44
CA LYS Y 161 -19.45 -17.34 7.63
C LYS Y 161 -20.61 -18.33 7.63
N GLY Y 162 -21.54 -18.20 6.69
CA GLY Y 162 -22.68 -19.09 6.64
C GLY Y 162 -23.87 -18.67 7.48
N ASP Y 163 -23.99 -17.38 7.80
CA ASP Y 163 -25.10 -16.89 8.58
C ASP Y 163 -26.07 -16.14 7.69
N PRO Y 164 -27.37 -16.18 7.99
CA PRO Y 164 -28.35 -15.51 7.12
C PRO Y 164 -28.19 -14.00 7.15
N THR Y 165 -28.26 -13.39 5.98
CA THR Y 165 -28.29 -11.94 5.87
C THR Y 165 -29.74 -11.48 5.83
N THR Y 166 -29.95 -10.21 5.50
CA THR Y 166 -31.29 -9.64 5.42
C THR Y 166 -31.79 -9.54 3.98
N GLU Y 167 -31.09 -10.13 3.03
CA GLU Y 167 -31.42 -10.00 1.61
C GLU Y 167 -32.10 -11.28 1.13
N LEU Y 168 -33.25 -11.13 0.47
CA LEU Y 168 -33.96 -12.27 -0.07
C LEU Y 168 -33.20 -12.84 -1.28
N ASN Y 169 -33.47 -14.12 -1.56
CA ASN Y 169 -32.80 -14.78 -2.68
C ASN Y 169 -33.29 -14.27 -4.02
N ASP Y 170 -34.50 -13.72 -4.08
CA ASP Y 170 -35.03 -13.19 -5.32
C ASP Y 170 -36.00 -12.06 -4.99
N GLN Y 171 -36.68 -11.55 -6.02
CA GLN Y 171 -37.63 -10.46 -5.87
C GLN Y 171 -38.90 -10.76 -6.65
N GLY Y 172 -39.30 -12.02 -6.69
CA GLY Y 172 -40.49 -12.41 -7.42
C GLY Y 172 -41.77 -12.11 -6.68
N GLY Y 173 -42.89 -12.35 -7.37
CA GLY Y 173 -44.20 -12.10 -6.80
C GLY Y 173 -45.09 -13.31 -6.76
N TYR Y 174 -46.40 -13.09 -6.67
CA TYR Y 174 -47.36 -14.18 -6.57
C TYR Y 174 -47.40 -14.97 -7.86
N PHE Y 175 -47.10 -16.27 -7.77
CA PHE Y 175 -47.11 -17.18 -8.90
C PHE Y 175 -46.16 -16.76 -10.02
N ASP Y 176 -45.09 -16.03 -9.68
CA ASP Y 176 -44.15 -15.59 -10.68
C ASP Y 176 -43.34 -16.76 -11.23
N LEU Y 177 -42.70 -16.53 -12.36
CA LEU Y 177 -41.94 -17.57 -13.07
C LEU Y 177 -40.61 -16.96 -13.51
N ALA Y 178 -39.52 -17.37 -12.86
CA ALA Y 178 -38.17 -16.97 -13.24
C ALA Y 178 -37.28 -18.21 -13.26
N PRO Y 179 -37.24 -18.91 -14.41
CA PRO Y 179 -36.63 -20.25 -14.45
C PRO Y 179 -35.14 -20.29 -14.12
N MET Y 180 -34.43 -19.20 -14.37
CA MET Y 180 -32.97 -19.24 -14.33
C MET Y 180 -32.42 -19.63 -12.97
N ASP Y 181 -32.55 -18.74 -11.98
CA ASP Y 181 -32.08 -19.07 -10.64
C ASP Y 181 -32.95 -18.48 -9.54
N LEU Y 182 -34.05 -17.81 -9.92
CA LEU Y 182 -34.81 -16.98 -8.98
C LEU Y 182 -36.19 -17.56 -8.70
N GLY Y 183 -37.00 -17.77 -9.73
CA GLY Y 183 -38.37 -18.21 -9.53
C GLY Y 183 -38.47 -19.57 -8.86
N GLU Y 184 -37.79 -20.57 -9.44
CA GLU Y 184 -37.72 -21.88 -8.81
C GLU Y 184 -36.63 -21.92 -7.75
N ASN Y 185 -35.39 -21.72 -8.16
CA ASN Y 185 -34.23 -21.76 -7.27
C ASN Y 185 -34.21 -23.04 -6.45
N CYS Y 186 -34.35 -22.90 -5.13
CA CYS Y 186 -34.35 -24.04 -4.22
C CYS Y 186 -35.78 -24.53 -3.98
N ARG Y 187 -36.47 -24.80 -5.06
CA ARG Y 187 -37.81 -25.35 -4.93
C ARG Y 187 -37.99 -26.59 -5.79
N ARG Y 188 -37.28 -26.68 -6.91
CA ARG Y 188 -37.34 -27.86 -7.75
C ARG Y 188 -36.64 -29.04 -7.09
N GLU Y 189 -35.43 -28.81 -6.55
CA GLU Y 189 -34.68 -29.89 -5.94
C GLU Y 189 -35.32 -30.35 -4.63
N ILE Y 190 -35.93 -29.43 -3.89
CA ILE Y 190 -36.63 -29.84 -2.67
C ILE Y 190 -37.79 -30.76 -3.01
N VAL Y 191 -38.56 -30.40 -4.04
CA VAL Y 191 -39.67 -31.24 -4.46
C VAL Y 191 -39.17 -32.60 -4.94
N LEU Y 192 -38.06 -32.60 -5.68
CA LEU Y 192 -37.51 -33.86 -6.17
C LEU Y 192 -37.07 -34.76 -5.01
N LYS Y 193 -36.38 -34.18 -4.03
CA LYS Y 193 -35.93 -34.97 -2.89
C LYS Y 193 -37.11 -35.49 -2.07
N LEU Y 194 -38.13 -34.66 -1.87
CA LEU Y 194 -39.32 -35.10 -1.15
C LEU Y 194 -40.02 -36.23 -1.89
N GLU Y 195 -40.11 -36.13 -3.21
CA GLU Y 195 -40.71 -37.19 -4.00
C GLU Y 195 -39.92 -38.49 -3.86
N GLU Y 196 -38.59 -38.40 -3.89
CA GLU Y 196 -37.77 -39.58 -3.66
C GLU Y 196 -37.97 -40.13 -2.26
N MET Y 197 -38.23 -39.26 -1.29
CA MET Y 197 -38.37 -39.65 0.12
C MET Y 197 -39.72 -40.31 0.41
N GLY Y 198 -40.68 -40.20 -0.50
CA GLY Y 198 -41.99 -40.79 -0.31
C GLY Y 198 -43.12 -39.79 -0.13
N PHE Y 199 -42.87 -38.52 -0.34
CA PHE Y 199 -43.91 -37.50 -0.24
C PHE Y 199 -44.80 -37.52 -1.47
N GLU Y 200 -46.03 -37.05 -1.29
CA GLU Y 200 -46.96 -36.85 -2.39
C GLU Y 200 -47.16 -35.35 -2.53
N ILE Y 201 -46.41 -34.74 -3.44
CA ILE Y 201 -46.42 -33.30 -3.63
C ILE Y 201 -47.50 -32.93 -4.63
N GLU Y 202 -48.33 -31.95 -4.27
CA GLU Y 202 -49.39 -31.48 -5.15
C GLU Y 202 -48.88 -30.43 -6.14
N ALA Y 203 -48.37 -29.31 -5.63
CA ALA Y 203 -47.87 -28.25 -6.50
C ALA Y 203 -47.00 -27.31 -5.67
N SER Y 204 -46.20 -26.53 -6.37
CA SER Y 204 -45.34 -25.53 -5.75
C SER Y 204 -45.41 -24.24 -6.56
N HIS Y 205 -45.26 -23.12 -5.87
CA HIS Y 205 -45.34 -21.82 -6.53
C HIS Y 205 -44.65 -20.78 -5.68
N HIS Y 206 -44.38 -19.63 -6.30
CA HIS Y 206 -43.81 -18.50 -5.59
C HIS Y 206 -44.91 -17.78 -4.83
N GLU Y 207 -44.59 -17.35 -3.61
CA GLU Y 207 -45.57 -16.73 -2.75
C GLU Y 207 -45.61 -15.22 -2.98
N VAL Y 208 -46.46 -14.54 -2.22
CA VAL Y 208 -46.70 -13.11 -2.44
C VAL Y 208 -45.44 -12.30 -2.18
N ALA Y 209 -44.82 -12.50 -1.03
CA ALA Y 209 -43.66 -11.69 -0.67
C ALA Y 209 -42.43 -12.15 -1.44
N PRO Y 210 -41.48 -11.25 -1.69
CA PRO Y 210 -40.23 -11.66 -2.35
C PRO Y 210 -39.48 -12.69 -1.52
N GLY Y 211 -38.92 -13.68 -2.21
CA GLY Y 211 -38.18 -14.72 -1.54
C GLY Y 211 -39.01 -15.74 -0.81
N GLN Y 212 -40.33 -15.72 -0.96
CA GLN Y 212 -41.24 -16.60 -0.24
C GLN Y 212 -41.78 -17.66 -1.18
N HIS Y 213 -41.76 -18.92 -0.74
CA HIS Y 213 -42.16 -20.05 -1.55
C HIS Y 213 -43.10 -20.95 -0.76
N GLU Y 214 -43.92 -21.69 -1.50
CA GLU Y 214 -44.89 -22.62 -0.90
C GLU Y 214 -44.87 -23.93 -1.66
N ILE Y 215 -44.89 -25.03 -0.92
CA ILE Y 215 -45.02 -26.37 -1.49
C ILE Y 215 -46.16 -27.07 -0.78
N ASP Y 216 -47.11 -27.60 -1.55
CA ASP Y 216 -48.29 -28.24 -1.02
C ASP Y 216 -48.18 -29.76 -1.15
N PHE Y 217 -48.63 -30.47 -0.13
CA PHE Y 217 -48.69 -31.92 -0.16
C PHE Y 217 -50.12 -32.37 -0.41
N LYS Y 218 -50.24 -33.64 -0.81
CA LYS Y 218 -51.56 -34.24 -0.86
C LYS Y 218 -52.03 -34.54 0.56
N TYR Y 219 -53.35 -34.63 0.71
CA TYR Y 219 -53.93 -34.77 2.04
C TYR Y 219 -53.65 -36.15 2.63
N ALA Y 220 -53.49 -36.20 3.95
CA ALA Y 220 -53.21 -37.43 4.65
C ALA Y 220 -53.87 -37.37 6.02
N ASP Y 221 -53.78 -38.47 6.76
CA ASP Y 221 -54.31 -38.48 8.12
C ASP Y 221 -53.48 -37.56 9.02
N ALA Y 222 -54.07 -37.22 10.16
CA ALA Y 222 -53.52 -36.14 10.99
C ALA Y 222 -52.10 -36.44 11.45
N VAL Y 223 -51.86 -37.64 11.98
CA VAL Y 223 -50.54 -37.99 12.47
C VAL Y 223 -49.54 -38.00 11.32
N LYS Y 224 -49.93 -38.58 10.19
CA LYS Y 224 -49.06 -38.59 9.02
C LYS Y 224 -48.81 -37.18 8.53
N ALA Y 225 -49.83 -36.32 8.57
CA ALA Y 225 -49.66 -34.94 8.12
C ALA Y 225 -48.65 -34.20 8.99
N ALA Y 226 -48.73 -34.38 10.31
CA ALA Y 226 -47.79 -33.73 11.20
C ALA Y 226 -46.37 -34.25 11.02
N ASP Y 227 -46.23 -35.58 10.85
CA ASP Y 227 -44.92 -36.14 10.58
C ASP Y 227 -44.34 -35.58 9.29
N GLN Y 228 -45.19 -35.45 8.26
CA GLN Y 228 -44.74 -34.90 7.00
C GLN Y 228 -44.35 -33.43 7.14
N ILE Y 229 -45.06 -32.67 7.98
CA ILE Y 229 -44.68 -31.27 8.20
C ILE Y 229 -43.30 -31.19 8.83
N GLN Y 230 -43.05 -32.02 9.85
CA GLN Y 230 -41.74 -32.01 10.49
C GLN Y 230 -40.64 -32.39 9.50
N THR Y 231 -40.86 -33.48 8.75
CA THR Y 231 -39.87 -33.92 7.78
C THR Y 231 -39.66 -32.88 6.69
N PHE Y 232 -40.74 -32.22 6.26
CA PHE Y 232 -40.64 -31.20 5.23
C PHE Y 232 -39.80 -30.03 5.70
N LYS Y 233 -40.02 -29.57 6.93
CA LYS Y 233 -39.21 -28.48 7.45
C LYS Y 233 -37.74 -28.88 7.49
N LEU Y 234 -37.45 -30.08 8.00
CA LEU Y 234 -36.06 -30.52 8.06
C LEU Y 234 -35.42 -30.60 6.68
N VAL Y 235 -36.15 -31.17 5.72
CA VAL Y 235 -35.60 -31.35 4.37
C VAL Y 235 -35.39 -30.01 3.69
N VAL Y 236 -36.34 -29.09 3.83
CA VAL Y 236 -36.21 -27.78 3.21
C VAL Y 236 -34.99 -27.06 3.79
N LYS Y 237 -34.83 -27.11 5.11
CA LYS Y 237 -33.66 -26.45 5.72
C LYS Y 237 -32.37 -27.06 5.21
N THR Y 238 -32.29 -28.39 5.15
CA THR Y 238 -31.06 -29.04 4.70
C THR Y 238 -30.73 -28.68 3.25
N ILE Y 239 -31.73 -28.77 2.36
CA ILE Y 239 -31.47 -28.50 0.96
C ILE Y 239 -31.11 -27.05 0.73
N ALA Y 240 -31.78 -26.13 1.44
CA ALA Y 240 -31.42 -24.72 1.32
C ALA Y 240 -30.00 -24.47 1.80
N ARG Y 241 -29.59 -25.13 2.89
CA ARG Y 241 -28.21 -25.01 3.35
C ARG Y 241 -27.24 -25.55 2.31
N GLN Y 242 -27.64 -26.59 1.57
CA GLN Y 242 -26.77 -27.16 0.55
C GLN Y 242 -26.44 -26.16 -0.55
N HIS Y 243 -27.42 -25.33 -0.93
CA HIS Y 243 -27.24 -24.36 -2.00
C HIS Y 243 -26.70 -23.03 -1.51
N GLY Y 244 -26.16 -22.98 -0.30
CA GLY Y 244 -25.69 -21.72 0.25
C GLY Y 244 -26.79 -20.71 0.51
N LEU Y 245 -27.97 -21.18 0.93
CA LEU Y 245 -29.08 -20.32 1.28
C LEU Y 245 -29.54 -20.67 2.70
N HIS Y 246 -30.42 -19.84 3.22
CA HIS Y 246 -31.00 -20.07 4.54
C HIS Y 246 -32.51 -20.07 4.42
N ALA Y 247 -33.14 -21.16 4.85
CA ALA Y 247 -34.59 -21.29 4.84
C ALA Y 247 -35.12 -21.10 6.25
N THR Y 248 -36.12 -20.24 6.39
CA THR Y 248 -36.72 -19.97 7.68
C THR Y 248 -38.22 -20.13 7.59
N PHE Y 249 -38.82 -20.64 8.66
CA PHE Y 249 -40.27 -20.70 8.82
C PHE Y 249 -40.75 -19.69 9.85
N MET Y 250 -40.00 -18.60 10.00
CA MET Y 250 -40.38 -17.54 10.92
C MET Y 250 -41.70 -16.92 10.47
N PRO Y 251 -42.65 -16.72 11.39
CA PRO Y 251 -43.95 -16.16 10.96
C PRO Y 251 -43.86 -14.82 10.28
N LYS Y 252 -42.97 -13.93 10.72
CA LYS Y 252 -42.83 -12.59 10.15
C LYS Y 252 -41.37 -12.17 10.21
N PRO Y 253 -40.54 -12.66 9.28
CA PRO Y 253 -39.12 -12.31 9.33
C PRO Y 253 -38.84 -10.85 9.02
N LEU Y 254 -39.69 -10.19 8.23
CA LEU Y 254 -39.44 -8.81 7.83
C LEU Y 254 -40.71 -7.97 8.02
N PHE Y 255 -40.50 -6.71 8.38
CA PHE Y 255 -41.61 -5.78 8.52
C PHE Y 255 -42.02 -5.23 7.17
N GLY Y 256 -43.33 -5.09 6.97
CA GLY Y 256 -43.86 -4.49 5.78
C GLY Y 256 -44.12 -5.45 4.63
N VAL Y 257 -43.74 -6.72 4.76
CA VAL Y 257 -44.01 -7.72 3.74
C VAL Y 257 -44.89 -8.80 4.35
N ASN Y 258 -45.42 -9.66 3.48
CA ASN Y 258 -46.30 -10.73 3.93
C ASN Y 258 -45.56 -11.70 4.84
N GLY Y 259 -46.27 -12.23 5.82
CA GLY Y 259 -45.74 -13.28 6.67
C GLY Y 259 -45.97 -14.65 6.08
N SER Y 260 -45.55 -15.65 6.85
CA SER Y 260 -45.70 -17.06 6.46
C SER Y 260 -46.78 -17.69 7.33
N GLY Y 261 -47.74 -18.35 6.68
CA GLY Y 261 -48.80 -19.06 7.37
C GLY Y 261 -48.74 -20.55 7.08
N MET Y 262 -49.51 -21.30 7.86
CA MET Y 262 -49.59 -22.76 7.72
C MET Y 262 -51.08 -23.14 7.76
N HIS Y 263 -51.85 -22.52 6.87
CA HIS Y 263 -53.25 -22.84 6.69
C HIS Y 263 -53.47 -24.35 6.69
N CYS Y 264 -54.40 -24.82 7.52
CA CYS Y 264 -54.68 -26.22 7.67
C CYS Y 264 -56.08 -26.51 7.13
N ASN Y 265 -56.17 -27.39 6.15
CA ASN Y 265 -57.45 -27.82 5.60
C ASN Y 265 -57.86 -29.12 6.29
N GLN Y 266 -59.05 -29.14 6.87
CA GLN Y 266 -59.50 -30.27 7.66
C GLN Y 266 -60.85 -30.77 7.17
N SER Y 267 -61.03 -32.09 7.25
CA SER Y 267 -62.32 -32.71 6.96
C SER Y 267 -62.42 -33.99 7.77
N LEU Y 268 -63.56 -34.20 8.41
CA LEU Y 268 -63.79 -35.39 9.21
C LEU Y 268 -64.37 -36.49 8.33
N PHE Y 269 -63.87 -37.71 8.52
CA PHE Y 269 -64.28 -38.84 7.72
C PHE Y 269 -64.83 -39.94 8.62
N LYS Y 270 -65.87 -40.62 8.13
CA LYS Y 270 -66.45 -41.78 8.81
C LYS Y 270 -66.57 -42.88 7.76
N ASP Y 271 -65.55 -43.74 7.70
CA ASP Y 271 -65.50 -44.87 6.77
C ASP Y 271 -65.62 -44.38 5.32
N ASN Y 272 -64.59 -43.63 4.92
CA ASN Y 272 -64.41 -43.14 3.55
C ASN Y 272 -65.57 -42.24 3.11
N GLU Y 273 -66.35 -41.78 4.09
CA GLU Y 273 -67.44 -40.86 3.81
C GLU Y 273 -67.12 -39.51 4.45
N ASN Y 274 -67.16 -38.46 3.66
CA ASN Y 274 -66.93 -37.10 4.15
C ASN Y 274 -68.18 -36.63 4.87
N VAL Y 275 -68.12 -36.53 6.20
CA VAL Y 275 -69.28 -36.09 6.96
C VAL Y 275 -69.51 -34.59 6.88
N PHE Y 276 -68.56 -33.84 6.30
CA PHE Y 276 -68.77 -32.42 6.11
C PHE Y 276 -69.63 -32.11 4.89
N TYR Y 277 -69.81 -33.08 4.00
CA TYR Y 277 -70.54 -32.86 2.76
C TYR Y 277 -72.03 -33.04 2.95
N ASP Y 278 -72.81 -32.19 2.30
CA ASP Y 278 -74.27 -32.30 2.31
C ASP Y 278 -74.78 -31.67 1.02
N GLU Y 279 -75.15 -32.51 0.04
CA GLU Y 279 -75.61 -31.99 -1.24
C GLU Y 279 -76.88 -31.17 -1.10
N THR Y 280 -77.71 -31.48 -0.10
CA THR Y 280 -78.97 -30.76 0.06
C THR Y 280 -78.75 -29.34 0.59
N ASP Y 281 -77.66 -29.11 1.30
CA ASP Y 281 -77.40 -27.80 1.87
C ASP Y 281 -77.09 -26.78 0.79
N GLU Y 282 -77.41 -25.51 1.07
CA GLU Y 282 -77.19 -24.45 0.10
C GLU Y 282 -75.71 -24.28 -0.20
N LEU Y 283 -74.86 -24.34 0.83
CA LEU Y 283 -73.42 -24.23 0.65
C LEU Y 283 -72.74 -25.58 0.53
N GLY Y 284 -73.50 -26.67 0.50
CA GLY Y 284 -72.92 -27.99 0.50
C GLY Y 284 -72.20 -28.33 1.79
N LEU Y 285 -72.72 -27.86 2.92
CA LEU Y 285 -72.10 -28.06 4.23
C LEU Y 285 -73.10 -28.75 5.14
N SER Y 286 -72.69 -29.86 5.74
CA SER Y 286 -73.54 -30.57 6.67
C SER Y 286 -73.61 -29.83 8.00
N GLN Y 287 -74.60 -30.22 8.82
CA GLN Y 287 -74.70 -29.64 10.16
C GLN Y 287 -73.48 -29.99 11.00
N THR Y 288 -72.88 -31.14 10.76
CA THR Y 288 -71.66 -31.52 11.48
C THR Y 288 -70.54 -30.53 11.17
N ALA Y 289 -70.38 -30.16 9.89
CA ALA Y 289 -69.35 -29.20 9.54
C ALA Y 289 -69.62 -27.84 10.17
N ARG Y 290 -70.87 -27.41 10.19
CA ARG Y 290 -71.20 -26.13 10.79
C ARG Y 290 -70.93 -26.13 12.29
N HIS Y 291 -71.26 -27.22 12.98
CA HIS Y 291 -70.94 -27.33 14.40
C HIS Y 291 -69.43 -27.32 14.62
N TYR Y 292 -68.69 -28.01 13.75
CA TYR Y 292 -67.23 -28.00 13.83
C TYR Y 292 -66.68 -26.58 13.72
N MET Y 293 -67.16 -25.84 12.72
CA MET Y 293 -66.71 -24.46 12.54
C MET Y 293 -67.09 -23.58 13.73
N ALA Y 294 -68.30 -23.76 14.26
CA ALA Y 294 -68.71 -22.98 15.42
C ALA Y 294 -67.82 -23.27 16.62
N GLY Y 295 -67.48 -24.54 16.83
CA GLY Y 295 -66.59 -24.89 17.92
C GLY Y 295 -65.20 -24.29 17.76
N ILE Y 296 -64.68 -24.31 16.52
CA ILE Y 296 -63.36 -23.71 16.30
C ILE Y 296 -63.42 -22.20 16.52
N LEU Y 297 -64.50 -21.56 16.08
CA LEU Y 297 -64.63 -20.11 16.25
C LEU Y 297 -64.75 -19.73 17.71
N LYS Y 298 -65.47 -20.52 18.50
CA LYS Y 298 -65.69 -20.17 19.91
C LYS Y 298 -64.38 -20.25 20.69
N HIS Y 299 -63.53 -21.22 20.38
CA HIS Y 299 -62.30 -21.45 21.13
C HIS Y 299 -61.07 -20.90 20.43
N ALA Y 300 -61.24 -19.96 19.49
CA ALA Y 300 -60.11 -19.48 18.70
C ALA Y 300 -59.09 -18.75 19.57
N ARG Y 301 -59.56 -17.86 20.44
CA ARG Y 301 -58.64 -17.08 21.26
C ARG Y 301 -57.85 -17.97 22.21
N ALA Y 302 -58.48 -19.03 22.73
CA ALA Y 302 -57.76 -19.96 23.57
C ALA Y 302 -56.74 -20.78 22.79
N MET Y 303 -57.05 -21.12 21.54
CA MET Y 303 -56.12 -21.87 20.71
C MET Y 303 -54.97 -21.03 20.17
N ALA Y 304 -55.11 -19.70 20.18
CA ALA Y 304 -54.10 -18.84 19.58
C ALA Y 304 -52.73 -19.05 20.20
N ALA Y 305 -52.66 -19.34 21.50
CA ALA Y 305 -51.37 -19.55 22.14
C ALA Y 305 -50.66 -20.80 21.63
N ILE Y 306 -51.40 -21.75 21.06
CA ILE Y 306 -50.78 -22.95 20.51
C ILE Y 306 -50.55 -22.82 19.01
N THR Y 307 -51.53 -22.31 18.27
CA THR Y 307 -51.35 -22.16 16.83
C THR Y 307 -50.44 -20.98 16.49
N ASN Y 308 -50.30 -20.01 17.38
CA ASN Y 308 -49.39 -18.88 17.21
C ASN Y 308 -48.54 -18.79 18.46
N PRO Y 309 -47.52 -19.62 18.58
CA PRO Y 309 -46.85 -19.81 19.87
C PRO Y 309 -45.75 -18.82 20.19
N THR Y 310 -45.15 -18.20 19.18
CA THR Y 310 -44.01 -17.33 19.42
C THR Y 310 -44.44 -15.88 19.59
N VAL Y 311 -43.50 -15.05 20.05
CA VAL Y 311 -43.74 -13.61 20.09
C VAL Y 311 -43.89 -13.05 18.68
N ASN Y 312 -43.05 -13.50 17.75
CA ASN Y 312 -43.10 -13.02 16.38
C ASN Y 312 -44.39 -13.42 15.68
N SER Y 313 -45.13 -14.39 16.21
CA SER Y 313 -46.35 -14.84 15.56
C SER Y 313 -47.40 -13.75 15.49
N TYR Y 314 -47.40 -12.84 16.46
CA TYR Y 314 -48.41 -11.79 16.52
C TYR Y 314 -47.99 -10.53 15.80
N LYS Y 315 -46.77 -10.47 15.29
CA LYS Y 315 -46.40 -9.46 14.31
C LYS Y 315 -46.95 -9.79 12.94
N ARG Y 316 -47.26 -11.05 12.68
CA ARG Y 316 -47.93 -11.43 11.44
C ARG Y 316 -49.42 -11.10 11.49
N LEU Y 317 -50.05 -11.27 12.64
CA LEU Y 317 -51.48 -11.03 12.78
C LEU Y 317 -51.78 -9.53 12.88
N VAL Y 318 -51.43 -8.82 11.82
CA VAL Y 318 -51.69 -7.40 11.70
C VAL Y 318 -52.43 -7.18 10.38
N PRO Y 319 -53.30 -6.17 10.29
CA PRO Y 319 -54.10 -6.00 9.07
C PRO Y 319 -53.26 -5.61 7.87
N GLY Y 320 -53.72 -6.04 6.69
CA GLY Y 320 -53.14 -5.62 5.44
C GLY Y 320 -52.19 -6.61 4.80
N TYR Y 321 -52.08 -7.83 5.31
CA TYR Y 321 -51.15 -8.81 4.77
C TYR Y 321 -51.78 -10.19 4.66
N GLU Y 322 -53.10 -10.25 4.50
CA GLU Y 322 -53.89 -11.46 4.29
C GLU Y 322 -53.93 -12.36 5.51
N ALA Y 323 -53.22 -12.05 6.58
CA ALA Y 323 -53.33 -12.87 7.77
C ALA Y 323 -54.62 -12.55 8.51
N PRO Y 324 -55.29 -13.55 9.07
CA PRO Y 324 -56.52 -13.27 9.83
C PRO Y 324 -56.22 -12.46 11.08
N CYS Y 325 -57.13 -11.54 11.39
CA CYS Y 325 -57.06 -10.77 12.62
C CYS Y 325 -58.35 -10.78 13.42
N TYR Y 326 -59.43 -11.36 12.88
CA TYR Y 326 -60.71 -11.41 13.57
C TYR Y 326 -61.26 -12.82 13.48
N VAL Y 327 -62.01 -13.20 14.50
CA VAL Y 327 -62.58 -14.55 14.59
C VAL Y 327 -63.89 -14.59 13.82
N ALA Y 328 -63.82 -14.92 12.53
CA ALA Y 328 -65.00 -14.99 11.69
C ALA Y 328 -64.72 -15.93 10.53
N TRP Y 329 -65.78 -16.35 9.87
CA TRP Y 329 -65.69 -17.26 8.75
C TRP Y 329 -66.40 -16.70 7.53
N SER Y 330 -65.90 -17.07 6.35
CA SER Y 330 -66.47 -16.62 5.10
C SER Y 330 -66.06 -17.58 3.99
N ALA Y 331 -66.80 -17.54 2.89
CA ALA Y 331 -66.40 -18.25 1.69
C ALA Y 331 -65.54 -17.40 0.78
N SER Y 332 -65.55 -16.07 0.95
CA SER Y 332 -64.74 -15.18 0.14
C SER Y 332 -64.55 -13.89 0.92
N ASN Y 333 -63.33 -13.65 1.40
CA ASN Y 333 -63.03 -12.43 2.14
C ASN Y 333 -61.54 -12.17 2.07
N ARG Y 334 -61.15 -10.96 2.47
CA ARG Y 334 -59.75 -10.55 2.51
C ARG Y 334 -58.93 -11.52 3.36
N SER Y 335 -59.36 -11.77 4.58
CA SER Y 335 -58.62 -12.63 5.52
C SER Y 335 -59.57 -13.10 6.61
N PRO Y 336 -60.39 -14.11 6.33
CA PRO Y 336 -61.20 -14.71 7.38
C PRO Y 336 -60.40 -15.70 8.21
N MET Y 337 -60.85 -15.88 9.45
CA MET Y 337 -60.24 -16.89 10.31
C MET Y 337 -60.45 -18.28 9.73
N ILE Y 338 -61.66 -18.55 9.24
CA ILE Y 338 -62.01 -19.82 8.64
C ILE Y 338 -62.48 -19.54 7.22
N ARG Y 339 -61.92 -20.24 6.25
CA ARG Y 339 -62.33 -20.15 4.86
C ARG Y 339 -62.80 -21.51 4.38
N ILE Y 340 -63.81 -21.51 3.52
CA ILE Y 340 -64.36 -22.74 2.96
C ILE Y 340 -64.02 -22.77 1.47
N PRO Y 341 -63.15 -23.67 1.03
CA PRO Y 341 -62.82 -23.76 -0.39
C PRO Y 341 -64.04 -24.18 -1.20
N ALA Y 342 -64.01 -23.83 -2.49
CA ALA Y 342 -65.13 -24.11 -3.38
C ALA Y 342 -65.30 -25.59 -3.69
N SER Y 343 -64.29 -26.42 -3.42
CA SER Y 343 -64.40 -27.84 -3.72
C SER Y 343 -65.48 -28.49 -2.87
N ARG Y 344 -66.18 -29.45 -3.47
CA ARG Y 344 -67.27 -30.14 -2.79
C ARG Y 344 -67.10 -31.65 -2.90
N GLY Y 345 -68.12 -32.40 -2.50
CA GLY Y 345 -68.04 -33.84 -2.61
C GLY Y 345 -67.14 -34.42 -1.54
N LEU Y 346 -66.20 -35.27 -1.96
CA LEU Y 346 -65.27 -35.86 -1.01
C LEU Y 346 -64.16 -34.89 -0.60
N SER Y 347 -64.08 -33.73 -1.23
CA SER Y 347 -63.03 -32.75 -0.96
C SER Y 347 -63.56 -31.50 -0.26
N THR Y 348 -64.73 -31.57 0.35
CA THR Y 348 -65.23 -30.43 1.12
C THR Y 348 -64.40 -30.29 2.39
N ARG Y 349 -63.91 -29.08 2.64
CA ARG Y 349 -62.92 -28.88 3.69
C ARG Y 349 -63.23 -27.59 4.45
N VAL Y 350 -62.70 -27.53 5.66
CA VAL Y 350 -62.70 -26.32 6.48
C VAL Y 350 -61.25 -25.89 6.64
N GLU Y 351 -60.92 -24.71 6.13
CA GLU Y 351 -59.55 -24.20 6.17
C GLU Y 351 -59.42 -23.22 7.32
N VAL Y 352 -58.48 -23.48 8.22
CA VAL Y 352 -58.17 -22.59 9.33
C VAL Y 352 -56.84 -21.93 9.04
N ARG Y 353 -56.79 -20.60 9.08
CA ARG Y 353 -55.66 -19.85 8.58
C ARG Y 353 -54.83 -19.18 9.68
N ASN Y 354 -55.20 -19.35 10.96
CA ASN Y 354 -54.39 -18.80 12.04
C ASN Y 354 -52.99 -19.39 12.10
N PRO Y 355 -52.78 -20.71 12.05
CA PRO Y 355 -51.46 -21.24 12.37
C PRO Y 355 -50.36 -20.72 11.46
N ASP Y 356 -49.19 -20.52 12.03
CA ASP Y 356 -47.97 -20.24 11.31
C ASP Y 356 -47.05 -21.46 11.37
N PRO Y 357 -46.09 -21.58 10.45
CA PRO Y 357 -45.25 -22.79 10.45
C PRO Y 357 -44.44 -22.99 11.72
N ALA Y 358 -44.30 -21.97 12.57
CA ALA Y 358 -43.59 -22.13 13.84
C ALA Y 358 -44.39 -22.94 14.85
N ALA Y 359 -45.66 -23.18 14.62
CA ALA Y 359 -46.47 -23.93 15.56
C ALA Y 359 -46.12 -25.40 15.54
N ASN Y 360 -46.35 -26.06 16.67
CA ASN Y 360 -46.17 -27.51 16.75
C ASN Y 360 -47.31 -28.16 15.98
N PRO Y 361 -47.02 -28.96 14.94
CA PRO Y 361 -48.13 -29.54 14.15
C PRO Y 361 -49.03 -30.44 14.96
N TYR Y 362 -48.45 -31.28 15.82
CA TYR Y 362 -49.28 -32.19 16.62
C TYR Y 362 -50.20 -31.43 17.55
N LEU Y 363 -49.66 -30.45 18.29
CA LEU Y 363 -50.47 -29.69 19.23
C LEU Y 363 -51.52 -28.86 18.50
N ALA Y 364 -51.15 -28.24 17.37
CA ALA Y 364 -52.09 -27.42 16.63
C ALA Y 364 -53.25 -28.26 16.10
N LEU Y 365 -52.94 -29.40 15.49
CA LEU Y 365 -53.99 -30.26 14.99
C LEU Y 365 -54.85 -30.78 16.14
N ALA Y 366 -54.23 -31.11 17.27
CA ALA Y 366 -54.98 -31.62 18.41
C ALA Y 366 -55.95 -30.58 18.93
N VAL Y 367 -55.51 -29.33 19.09
CA VAL Y 367 -56.39 -28.32 19.66
C VAL Y 367 -57.49 -27.95 18.67
N MET Y 368 -57.18 -27.86 17.38
CA MET Y 368 -58.23 -27.59 16.41
C MET Y 368 -59.27 -28.71 16.37
N LEU Y 369 -58.83 -29.96 16.36
CA LEU Y 369 -59.76 -31.07 16.33
C LEU Y 369 -60.60 -31.12 17.61
N ARG Y 370 -59.99 -30.85 18.76
CA ARG Y 370 -60.73 -30.87 20.01
C ARG Y 370 -61.76 -29.75 20.05
N ALA Y 371 -61.41 -28.56 19.58
CA ALA Y 371 -62.38 -27.47 19.53
C ALA Y 371 -63.53 -27.81 18.60
N GLY Y 372 -63.23 -28.41 17.45
CA GLY Y 372 -64.30 -28.82 16.54
C GLY Y 372 -65.19 -29.88 17.13
N LEU Y 373 -64.61 -30.85 17.83
CA LEU Y 373 -65.41 -31.90 18.46
C LEU Y 373 -66.26 -31.32 19.59
N ASP Y 374 -65.74 -30.34 20.31
CA ASP Y 374 -66.52 -29.68 21.35
C ASP Y 374 -67.70 -28.93 20.73
N GLY Y 375 -67.48 -28.29 19.59
CA GLY Y 375 -68.59 -27.65 18.89
C GLY Y 375 -69.62 -28.66 18.42
N ILE Y 376 -69.16 -29.81 17.92
CA ILE Y 376 -70.08 -30.84 17.46
C ILE Y 376 -70.90 -31.39 18.63
N LYS Y 377 -70.24 -31.64 19.75
CA LYS Y 377 -70.90 -32.27 20.89
C LYS Y 377 -72.02 -31.40 21.45
N ARG Y 378 -71.80 -30.10 21.54
CA ARG Y 378 -72.74 -29.18 22.15
C ARG Y 378 -73.73 -28.60 21.15
N GLN Y 379 -73.68 -29.04 19.90
CA GLN Y 379 -74.56 -28.52 18.85
C GLN Y 379 -74.48 -27.00 18.77
N MET Y 380 -73.25 -26.50 18.70
CA MET Y 380 -73.03 -25.06 18.72
C MET Y 380 -73.60 -24.42 17.45
N ALA Y 381 -74.10 -23.19 17.60
CA ALA Y 381 -74.74 -22.50 16.49
C ALA Y 381 -73.72 -21.67 15.72
N LEU Y 382 -73.67 -21.87 14.40
CA LEU Y 382 -72.74 -21.13 13.58
C LEU Y 382 -73.17 -19.68 13.43
N PRO Y 383 -72.31 -18.71 13.75
CA PRO Y 383 -72.66 -17.32 13.49
C PRO Y 383 -72.69 -17.02 12.00
N ALA Y 384 -73.29 -15.88 11.67
CA ALA Y 384 -73.45 -15.52 10.28
C ALA Y 384 -72.09 -15.25 9.63
N PRO Y 385 -71.91 -15.63 8.38
CA PRO Y 385 -70.64 -15.35 7.70
C PRO Y 385 -70.47 -13.87 7.46
N ILE Y 386 -69.20 -13.44 7.37
CA ILE Y 386 -68.91 -12.05 7.06
C ILE Y 386 -68.91 -11.88 5.55
N ASP Y 387 -69.67 -10.88 5.09
CA ASP Y 387 -69.76 -10.58 3.67
C ASP Y 387 -68.55 -9.80 3.21
N ARG Y 388 -68.64 -9.19 2.04
CA ARG Y 388 -67.56 -8.35 1.51
C ARG Y 388 -67.37 -7.08 2.33
N ASN Y 389 -68.01 -6.97 3.49
CA ASN Y 389 -67.86 -5.82 4.38
C ASN Y 389 -66.46 -5.84 4.96
N ILE Y 390 -65.58 -5.03 4.39
CA ILE Y 390 -64.22 -4.91 4.91
C ILE Y 390 -64.28 -4.36 6.34
N TYR Y 391 -63.30 -4.76 7.14
CA TYR Y 391 -63.26 -4.43 8.56
C TYR Y 391 -62.79 -3.00 8.83
N VAL Y 392 -62.87 -2.12 7.84
CA VAL Y 392 -62.69 -0.69 8.08
C VAL Y 392 -63.69 -0.14 9.06
N MET Y 393 -64.71 -0.92 9.41
CA MET Y 393 -65.69 -0.50 10.40
C MET Y 393 -65.05 -0.30 11.77
N SER Y 394 -65.62 0.60 12.54
CA SER Y 394 -65.08 0.93 13.85
C SER Y 394 -65.24 -0.23 14.82
N GLU Y 395 -64.52 -0.14 15.94
CA GLU Y 395 -64.62 -1.17 16.97
C GLU Y 395 -66.04 -1.29 17.50
N GLU Y 396 -66.76 -0.17 17.59
CA GLU Y 396 -68.16 -0.22 18.01
C GLU Y 396 -68.99 -1.05 17.03
N GLU Y 397 -68.75 -0.87 15.73
CA GLU Y 397 -69.45 -1.69 14.74
C GLU Y 397 -69.06 -3.15 14.86
N ARG Y 398 -67.78 -3.43 15.19
CA ARG Y 398 -67.33 -4.80 15.28
C ARG Y 398 -67.94 -5.53 16.46
N ILE Y 399 -67.93 -4.91 17.65
CA ILE Y 399 -68.52 -5.59 18.80
C ILE Y 399 -70.04 -5.49 18.79
N GLU Y 400 -70.61 -4.60 17.99
CA GLU Y 400 -72.06 -4.61 17.79
C GLU Y 400 -72.48 -5.83 16.97
N GLU Y 401 -71.69 -6.18 15.97
CA GLU Y 401 -71.95 -7.35 15.15
C GLU Y 401 -71.43 -8.64 15.76
N GLY Y 402 -70.80 -8.57 16.94
CA GLY Y 402 -70.29 -9.76 17.58
C GLY Y 402 -69.13 -10.42 16.88
N ILE Y 403 -68.16 -9.64 16.39
CA ILE Y 403 -66.98 -10.17 15.74
C ILE Y 403 -65.82 -10.09 16.74
N PRO Y 404 -65.39 -11.21 17.31
CA PRO Y 404 -64.24 -11.17 18.22
C PRO Y 404 -62.94 -10.98 17.44
N SER Y 405 -61.92 -10.56 18.17
CA SER Y 405 -60.60 -10.36 17.60
C SER Y 405 -59.59 -11.30 18.25
N LEU Y 406 -58.60 -11.70 17.47
CA LEU Y 406 -57.56 -12.57 17.97
C LEU Y 406 -56.65 -11.80 18.94
N PRO Y 407 -55.96 -12.50 19.84
CA PRO Y 407 -55.10 -11.81 20.81
C PRO Y 407 -54.03 -10.98 20.12
N ALA Y 408 -53.73 -9.82 20.71
CA ALA Y 408 -52.77 -8.89 20.12
C ALA Y 408 -51.33 -9.26 20.39
N ASP Y 409 -51.07 -10.12 21.36
CA ASP Y 409 -49.71 -10.52 21.69
C ASP Y 409 -49.75 -11.85 22.43
N LEU Y 410 -48.57 -12.37 22.75
CA LEU Y 410 -48.47 -13.69 23.37
C LEU Y 410 -49.08 -13.69 24.77
N LYS Y 411 -49.02 -12.56 25.47
CA LYS Y 411 -49.52 -12.50 26.84
C LYS Y 411 -51.03 -12.74 26.90
N GLU Y 412 -51.78 -12.07 26.02
CA GLU Y 412 -53.23 -12.26 25.98
C GLU Y 412 -53.57 -13.70 25.64
N ALA Y 413 -52.86 -14.28 24.68
CA ALA Y 413 -53.10 -15.66 24.29
C ALA Y 413 -52.84 -16.61 25.45
N LEU Y 414 -51.78 -16.37 26.21
CA LEU Y 414 -51.48 -17.21 27.36
C LEU Y 414 -52.56 -17.10 28.43
N SER Y 415 -53.04 -15.88 28.67
CA SER Y 415 -54.12 -15.72 29.65
C SER Y 415 -55.38 -16.45 29.21
N GLU Y 416 -55.72 -16.36 27.93
CA GLU Y 416 -56.88 -17.08 27.41
C GLU Y 416 -56.68 -18.59 27.50
N LEU Y 417 -55.46 -19.06 27.22
CA LEU Y 417 -55.14 -20.47 27.36
C LEU Y 417 -55.37 -20.96 28.78
N ILE Y 418 -54.88 -20.19 29.75
CA ILE Y 418 -55.07 -20.57 31.15
C ILE Y 418 -56.55 -20.61 31.50
N ARG Y 419 -57.30 -19.59 31.07
CA ARG Y 419 -58.72 -19.52 31.43
C ARG Y 419 -59.56 -20.59 30.74
N SER Y 420 -59.06 -21.22 29.68
CA SER Y 420 -59.87 -22.17 28.91
C SER Y 420 -59.86 -23.55 29.55
N GLU Y 421 -61.03 -24.17 29.61
CA GLU Y 421 -61.16 -25.51 30.16
C GLU Y 421 -61.32 -26.59 29.10
N VAL Y 422 -61.54 -26.22 27.84
CA VAL Y 422 -61.75 -27.21 26.79
C VAL Y 422 -60.45 -27.63 26.16
N ILE Y 423 -59.66 -26.68 25.65
CA ILE Y 423 -58.44 -27.05 24.95
C ILE Y 423 -57.29 -27.28 25.92
N SER Y 424 -57.41 -26.79 27.15
CA SER Y 424 -56.46 -27.19 28.19
C SER Y 424 -56.59 -28.67 28.49
N ASP Y 425 -57.82 -29.20 28.42
CA ASP Y 425 -58.00 -30.64 28.53
C ASP Y 425 -57.37 -31.36 27.34
N ALA Y 426 -57.44 -30.76 26.16
CA ALA Y 426 -56.79 -31.34 24.98
C ALA Y 426 -55.29 -31.43 25.20
N LEU Y 427 -54.68 -30.37 25.73
CA LEU Y 427 -53.26 -30.42 26.06
C LEU Y 427 -52.98 -31.42 27.18
N GLY Y 428 -53.83 -31.48 28.18
CA GLY Y 428 -53.58 -32.29 29.35
C GLY Y 428 -52.88 -31.51 30.44
N ASP Y 429 -52.94 -32.06 31.65
CA ASP Y 429 -52.42 -31.36 32.82
C ASP Y 429 -50.92 -31.20 32.82
N HIS Y 430 -50.16 -32.21 32.39
CA HIS Y 430 -48.71 -32.13 32.42
C HIS Y 430 -48.16 -31.19 31.36
N ALA Y 431 -48.65 -31.29 30.12
CA ALA Y 431 -48.10 -30.48 29.05
C ALA Y 431 -48.50 -29.02 29.18
N LEU Y 432 -49.69 -28.75 29.72
CA LEU Y 432 -50.16 -27.38 29.85
C LEU Y 432 -49.23 -26.56 30.74
N ALA Y 433 -48.85 -27.12 31.90
CA ALA Y 433 -48.01 -26.38 32.84
C ALA Y 433 -46.65 -26.06 32.22
N TYR Y 434 -46.04 -27.03 31.55
CA TYR Y 434 -44.72 -26.80 30.98
C TYR Y 434 -44.78 -25.85 29.80
N PHE Y 435 -45.80 -25.97 28.95
CA PHE Y 435 -45.95 -25.02 27.85
C PHE Y 435 -46.15 -23.61 28.37
N TYR Y 436 -46.98 -23.46 29.41
CA TYR Y 436 -47.21 -22.14 30.00
C TYR Y 436 -45.92 -21.58 30.59
N GLU Y 437 -45.14 -22.41 31.27
CA GLU Y 437 -43.87 -21.95 31.83
C GLU Y 437 -42.93 -21.49 30.73
N LEU Y 438 -42.80 -22.28 29.66
CA LEU Y 438 -41.92 -21.92 28.55
C LEU Y 438 -42.34 -20.59 27.95
N LYS Y 439 -43.63 -20.42 27.67
CA LYS Y 439 -44.09 -19.21 27.01
C LYS Y 439 -44.02 -18.00 27.94
N GLU Y 440 -44.29 -18.18 29.23
CA GLU Y 440 -44.14 -17.08 30.18
C GLU Y 440 -42.70 -16.62 30.26
N ILE Y 441 -41.74 -17.57 30.30
CA ILE Y 441 -40.34 -17.18 30.33
C ILE Y 441 -39.97 -16.43 29.06
N GLU Y 442 -40.42 -16.94 27.91
CA GLU Y 442 -40.10 -16.28 26.64
C GLU Y 442 -40.65 -14.86 26.61
N TRP Y 443 -41.91 -14.68 27.02
CA TRP Y 443 -42.51 -13.35 27.02
C TRP Y 443 -41.81 -12.43 28.00
N ASP Y 444 -41.43 -12.94 29.17
CA ASP Y 444 -40.75 -12.10 30.15
C ASP Y 444 -39.40 -11.64 29.65
N MET Y 445 -38.66 -12.53 28.97
CA MET Y 445 -37.40 -12.09 28.38
C MET Y 445 -37.63 -11.07 27.27
N TYR Y 446 -38.70 -11.23 26.50
CA TYR Y 446 -38.95 -10.31 25.39
C TYR Y 446 -39.35 -8.92 25.89
N ARG Y 447 -40.19 -8.85 26.92
CA ARG Y 447 -40.81 -7.59 27.29
C ARG Y 447 -39.84 -6.62 27.95
N THR Y 448 -38.73 -7.10 28.50
CA THR Y 448 -37.78 -6.23 29.18
C THR Y 448 -36.67 -5.73 28.27
N GLN Y 449 -36.62 -6.17 27.02
CA GLN Y 449 -35.60 -5.72 26.10
C GLN Y 449 -35.85 -4.29 25.67
N VAL Y 450 -34.76 -3.58 25.37
CA VAL Y 450 -34.82 -2.25 24.79
C VAL Y 450 -34.39 -2.38 23.34
N HIS Y 451 -35.32 -2.17 22.42
CA HIS Y 451 -35.08 -2.43 21.01
C HIS Y 451 -34.51 -1.19 20.32
N GLN Y 452 -33.93 -1.42 19.15
CA GLN Y 452 -33.33 -0.33 18.40
C GLN Y 452 -34.36 0.70 17.97
N TRP Y 453 -35.62 0.28 17.80
CA TRP Y 453 -36.67 1.23 17.44
C TRP Y 453 -36.85 2.30 18.52
N GLU Y 454 -36.81 1.89 19.79
CA GLU Y 454 -36.92 2.85 20.87
C GLU Y 454 -35.74 3.82 20.89
N ARG Y 455 -34.53 3.31 20.68
CA ARG Y 455 -33.36 4.18 20.64
C ARG Y 455 -33.38 5.10 19.42
N ASP Y 456 -34.12 4.72 18.37
CA ASP Y 456 -34.26 5.62 17.22
C ASP Y 456 -35.30 6.69 17.48
N GLN Y 457 -36.45 6.34 18.04
CA GLN Y 457 -37.47 7.34 18.35
C GLN Y 457 -36.99 8.26 19.46
N TYR Y 458 -36.52 7.70 20.56
CA TYR Y 458 -36.03 8.46 21.70
C TYR Y 458 -34.51 8.58 21.64
N LEU Y 459 -33.90 9.03 22.73
CA LEU Y 459 -32.45 9.21 22.86
C LEU Y 459 -31.96 10.43 22.09
N THR Y 460 -32.83 11.02 21.28
CA THR Y 460 -32.60 12.34 20.71
C THR Y 460 -33.75 13.30 21.04
N LEU Y 461 -34.99 12.85 20.86
CA LEU Y 461 -36.13 13.66 21.22
C LEU Y 461 -36.18 13.91 22.72
N TYR Y 462 -35.85 12.90 23.52
CA TYR Y 462 -35.79 13.05 24.97
C TYR Y 462 -34.34 12.94 25.46
N SER Z 22 -3.12 64.85 -21.48
CA SER Z 22 -2.00 64.65 -22.38
C SER Z 22 -0.69 64.60 -21.60
N TYR Z 23 0.42 64.51 -22.33
CA TYR Z 23 1.75 64.43 -21.72
C TYR Z 23 2.77 65.07 -22.64
N THR Z 24 3.89 65.46 -22.05
CA THR Z 24 5.04 65.99 -22.77
C THR Z 24 6.29 65.25 -22.32
N ARG Z 25 7.40 65.48 -23.02
CA ARG Z 25 8.66 64.85 -22.67
C ARG Z 25 9.03 65.12 -21.21
N GLU Z 26 8.96 66.40 -20.81
CA GLU Z 26 9.28 66.76 -19.45
C GLU Z 26 8.32 66.11 -18.46
N ASP Z 27 7.03 66.05 -18.82
CA ASP Z 27 6.07 65.36 -17.96
C ASP Z 27 6.43 63.88 -17.83
N ILE Z 28 6.76 63.23 -18.92
CA ILE Z 28 7.08 61.80 -18.87
C ILE Z 28 8.28 61.56 -17.98
N ILE Z 29 9.32 62.38 -18.14
CA ILE Z 29 10.50 62.26 -17.29
C ILE Z 29 10.14 62.51 -15.83
N ARG Z 30 9.25 63.47 -15.59
CA ARG Z 30 8.87 63.79 -14.21
C ARG Z 30 8.16 62.63 -13.54
N ILE Z 31 7.16 62.05 -14.19
CA ILE Z 31 6.51 60.89 -13.58
C ILE Z 31 7.46 59.70 -13.48
N ALA Z 32 8.33 59.51 -14.48
CA ALA Z 32 9.26 58.38 -14.42
C ALA Z 32 10.17 58.49 -13.21
N GLU Z 33 10.69 59.68 -12.93
CA GLU Z 33 11.49 59.87 -11.72
C GLU Z 33 10.65 59.75 -10.46
N GLU Z 34 9.44 60.33 -10.48
CA GLU Z 34 8.61 60.34 -9.28
C GLU Z 34 8.08 58.95 -8.96
N GLU Z 35 7.56 58.24 -9.96
CA GLU Z 35 6.95 56.94 -9.75
C GLU Z 35 7.96 55.82 -9.54
N ASN Z 36 9.25 56.12 -9.64
CA ASN Z 36 10.31 55.11 -9.55
C ASN Z 36 10.14 54.05 -10.62
N VAL Z 37 9.91 54.50 -11.85
CA VAL Z 37 9.80 53.58 -12.98
C VAL Z 37 11.20 53.10 -13.36
N ARG Z 38 11.38 51.79 -13.39
CA ARG Z 38 12.67 51.21 -13.73
C ARG Z 38 12.73 50.63 -15.13
N PHE Z 39 11.59 50.27 -15.72
CA PHE Z 39 11.57 49.59 -17.00
C PHE Z 39 10.41 50.12 -17.82
N ILE Z 40 10.65 50.31 -19.12
CA ILE Z 40 9.68 50.89 -20.03
C ILE Z 40 9.49 49.95 -21.21
N ARG Z 41 8.24 49.67 -21.56
CA ARG Z 41 7.91 48.81 -22.68
C ARG Z 41 7.55 49.68 -23.88
N LEU Z 42 8.30 49.56 -24.96
CA LEU Z 42 7.99 50.25 -26.21
C LEU Z 42 7.12 49.31 -27.03
N GLN Z 43 5.80 49.44 -26.89
CA GLN Z 43 4.86 48.49 -27.44
C GLN Z 43 4.50 48.83 -28.88
N PHE Z 44 4.36 47.81 -29.70
CA PHE Z 44 3.85 47.94 -31.05
C PHE Z 44 3.08 46.67 -31.38
N THR Z 45 2.50 46.62 -32.57
CA THR Z 45 1.66 45.50 -32.98
C THR Z 45 2.11 44.98 -34.34
N ASP Z 46 2.05 43.66 -34.51
CA ASP Z 46 2.36 43.04 -35.78
C ASP Z 46 1.08 42.86 -36.59
N LEU Z 47 1.22 42.27 -37.78
CA LEU Z 47 0.07 42.12 -38.67
C LEU Z 47 -0.99 41.17 -38.12
N LEU Z 48 -0.63 40.29 -37.20
CA LEU Z 48 -1.59 39.35 -36.63
C LEU Z 48 -2.26 39.89 -35.38
N GLY Z 49 -1.97 41.12 -34.98
CA GLY Z 49 -2.57 41.71 -33.80
C GLY Z 49 -1.90 41.38 -32.49
N THR Z 50 -0.85 40.57 -32.51
CA THR Z 50 -0.12 40.26 -31.28
C THR Z 50 0.62 41.49 -30.79
N ILE Z 51 0.66 41.66 -29.46
CA ILE Z 51 1.36 42.79 -28.87
C ILE Z 51 2.84 42.46 -28.73
N LYS Z 52 3.69 43.24 -29.38
CA LYS Z 52 5.12 43.09 -29.28
C LYS Z 52 5.71 44.32 -28.59
N ASN Z 53 6.88 44.16 -27.98
CA ASN Z 53 7.47 45.25 -27.22
C ASN Z 53 8.99 45.10 -27.20
N VAL Z 54 9.66 46.23 -26.95
CA VAL Z 54 11.09 46.28 -26.71
C VAL Z 54 11.29 46.83 -25.30
N GLU Z 55 11.82 46.00 -24.40
CA GLU Z 55 12.03 46.41 -23.03
C GLU Z 55 13.17 47.42 -22.95
N ILE Z 56 13.01 48.42 -22.09
CA ILE Z 56 13.94 49.53 -22.03
C ILE Z 56 14.20 49.92 -20.58
N PRO Z 57 15.45 50.08 -20.18
CA PRO Z 57 15.74 50.63 -18.85
C PRO Z 57 15.46 52.12 -18.82
N VAL Z 58 15.12 52.62 -17.63
CA VAL Z 58 14.73 54.02 -17.49
C VAL Z 58 15.83 54.97 -17.92
N SER Z 59 17.10 54.52 -17.89
CA SER Z 59 18.20 55.37 -18.32
C SER Z 59 18.18 55.64 -19.81
N GLN Z 60 17.38 54.90 -20.59
CA GLN Z 60 17.26 55.11 -22.02
C GLN Z 60 16.00 55.87 -22.40
N LEU Z 61 15.31 56.46 -21.42
CA LEU Z 61 14.03 57.11 -21.69
C LEU Z 61 14.19 58.31 -22.61
N GLU Z 62 15.22 59.12 -22.39
CA GLU Z 62 15.42 60.28 -23.24
C GLU Z 62 15.75 59.86 -24.66
N LYS Z 63 16.60 58.84 -24.82
CA LYS Z 63 16.90 58.32 -26.14
C LYS Z 63 15.65 57.81 -26.84
N ALA Z 64 14.78 57.11 -26.10
CA ALA Z 64 13.52 56.64 -26.67
C ALA Z 64 12.64 57.80 -27.09
N LEU Z 65 12.53 58.82 -26.23
CA LEU Z 65 11.69 59.97 -26.53
C LEU Z 65 12.25 60.83 -27.65
N ASP Z 66 13.52 60.68 -27.99
CA ASP Z 66 14.09 61.39 -29.12
C ASP Z 66 13.92 60.63 -30.43
N ASN Z 67 13.17 59.53 -30.43
CA ASN Z 67 12.90 58.74 -31.62
C ASN Z 67 14.20 58.22 -32.25
N LYS Z 68 15.01 57.57 -31.43
CA LYS Z 68 16.32 57.11 -31.88
C LYS Z 68 16.56 55.62 -31.67
N MET Z 69 15.57 54.91 -31.15
CA MET Z 69 15.71 53.45 -30.88
C MET Z 69 15.45 52.63 -32.15
N MET Z 70 16.41 51.80 -32.56
CA MET Z 70 16.26 50.95 -33.73
C MET Z 70 15.97 49.53 -33.29
N PHE Z 71 15.19 48.83 -34.11
CA PHE Z 71 14.90 47.42 -33.88
C PHE Z 71 14.70 46.75 -35.23
N ASP Z 72 14.35 45.46 -35.21
CA ASP Z 72 14.28 44.69 -36.43
C ASP Z 72 13.23 45.26 -37.39
N GLY Z 73 12.01 45.43 -36.91
CA GLY Z 73 10.95 45.92 -37.77
C GLY Z 73 10.38 44.85 -38.67
N SER Z 74 11.19 43.87 -39.04
CA SER Z 74 10.69 42.72 -39.77
C SER Z 74 9.87 41.78 -38.88
N SER Z 75 9.87 42.00 -37.57
CA SER Z 75 9.01 41.24 -36.68
C SER Z 75 7.54 41.53 -36.91
N ILE Z 76 7.21 42.59 -37.64
CA ILE Z 76 5.82 42.86 -37.99
C ILE Z 76 5.27 41.77 -38.88
N GLU Z 77 6.10 41.25 -39.79
CA GLU Z 77 5.65 40.24 -40.74
C GLU Z 77 5.31 38.91 -40.10
N GLY Z 78 5.68 38.68 -38.85
CA GLY Z 78 5.36 37.43 -38.20
C GLY Z 78 6.35 36.33 -38.51
N TYR Z 79 5.84 35.12 -38.77
CA TYR Z 79 6.71 33.99 -39.07
C TYR Z 79 7.06 33.89 -40.55
N VAL Z 80 6.59 34.81 -41.39
CA VAL Z 80 6.93 34.82 -42.79
C VAL Z 80 7.98 35.88 -43.11
N ARG Z 81 8.59 36.48 -42.10
CA ARG Z 81 9.67 37.43 -42.33
C ARG Z 81 10.86 36.74 -42.96
N ILE Z 82 11.49 37.41 -43.92
CA ILE Z 82 12.61 36.85 -44.66
C ILE Z 82 13.92 37.57 -44.35
N GLU Z 83 13.94 38.89 -44.44
CA GLU Z 83 15.17 39.65 -44.24
C GLU Z 83 15.01 40.62 -43.09
N GLU Z 84 16.08 40.79 -42.32
CA GLU Z 84 16.08 41.72 -41.21
C GLU Z 84 16.26 43.14 -41.71
N SER Z 85 15.39 44.03 -41.27
CA SER Z 85 15.46 45.45 -41.58
C SER Z 85 15.88 46.23 -40.35
N ASP Z 86 15.95 47.54 -40.50
CA ASP Z 86 16.22 48.45 -39.39
C ASP Z 86 15.15 49.53 -39.39
N MET Z 87 14.53 49.75 -38.24
CA MET Z 87 13.40 50.68 -38.17
C MET Z 87 13.41 51.36 -36.82
N TYR Z 88 12.90 52.59 -36.80
CA TYR Z 88 12.88 53.41 -35.59
C TYR Z 88 11.52 53.34 -34.91
N LEU Z 89 11.54 53.42 -33.58
CA LEU Z 89 10.33 53.46 -32.77
C LEU Z 89 10.04 54.91 -32.41
N TYR Z 90 8.85 55.39 -32.76
CA TYR Z 90 8.41 56.75 -32.47
C TYR Z 90 7.33 56.69 -31.41
N PRO Z 91 7.67 56.81 -30.13
CA PRO Z 91 6.65 56.65 -29.08
C PRO Z 91 5.59 57.74 -29.14
N ASP Z 92 4.37 57.38 -28.78
CA ASP Z 92 3.26 58.31 -28.68
C ASP Z 92 3.11 58.69 -27.22
N LEU Z 93 3.36 59.96 -26.90
CA LEU Z 93 3.43 60.39 -25.52
C LEU Z 93 2.10 60.27 -24.81
N ASP Z 94 0.99 60.38 -25.55
CA ASP Z 94 -0.33 60.32 -24.96
C ASP Z 94 -0.71 58.92 -24.48
N THR Z 95 0.04 57.90 -24.87
CA THR Z 95 -0.24 56.52 -24.52
C THR Z 95 0.50 56.07 -23.26
N TRP Z 96 1.19 56.98 -22.59
CA TRP Z 96 1.96 56.62 -21.40
C TRP Z 96 1.04 56.15 -20.29
N VAL Z 97 1.45 55.09 -19.61
CA VAL Z 97 0.71 54.57 -18.46
C VAL Z 97 1.66 53.67 -17.66
N VAL Z 98 1.38 53.55 -16.37
CA VAL Z 98 2.19 52.74 -15.46
C VAL Z 98 1.34 51.57 -14.98
N PHE Z 99 1.86 50.37 -15.15
CA PHE Z 99 1.12 49.17 -14.78
C PHE Z 99 0.99 49.06 -13.27
N PRO Z 100 -0.15 48.59 -12.76
CA PRO Z 100 -0.33 48.52 -11.30
C PRO Z 100 0.33 47.31 -10.65
N TRP Z 101 0.45 46.20 -11.39
CA TRP Z 101 0.93 44.96 -10.81
C TRP Z 101 2.45 44.88 -10.72
N VAL Z 102 3.16 45.90 -11.19
CA VAL Z 102 4.62 45.88 -11.13
C VAL Z 102 5.09 45.92 -9.69
N THR Z 103 4.37 46.65 -8.83
CA THR Z 103 4.64 46.70 -7.40
C THR Z 103 6.03 47.22 -7.09
N SER Z 104 6.99 46.32 -6.87
CA SER Z 104 8.33 46.70 -6.44
C SER Z 104 9.04 47.57 -7.47
N ASP Z 105 9.31 47.02 -8.65
CA ASP Z 105 9.96 47.76 -9.72
C ASP Z 105 8.89 48.18 -10.73
N ARG Z 106 8.57 49.47 -10.74
CA ARG Z 106 7.49 49.96 -11.59
C ARG Z 106 7.84 49.79 -13.06
N VAL Z 107 6.89 49.32 -13.85
CA VAL Z 107 7.05 49.16 -15.28
C VAL Z 107 6.03 50.03 -15.99
N ALA Z 108 6.49 50.82 -16.95
CA ALA Z 108 5.63 51.67 -17.75
C ALA Z 108 5.65 51.19 -19.20
N ARG Z 109 4.79 51.80 -20.01
CA ARG Z 109 4.71 51.43 -21.41
C ARG Z 109 4.45 52.67 -22.26
N LEU Z 110 4.86 52.58 -23.52
CA LEU Z 110 4.55 53.58 -24.52
C LEU Z 110 4.23 52.86 -25.83
N ILE Z 111 3.19 53.30 -26.51
CA ILE Z 111 2.82 52.73 -27.80
C ILE Z 111 3.49 53.54 -28.89
N CYS Z 112 4.24 52.88 -29.75
CA CYS Z 112 5.12 53.54 -30.70
C CYS Z 112 4.69 53.23 -32.13
N ASP Z 113 4.99 54.18 -33.02
CA ASP Z 113 4.84 53.99 -34.45
C ASP Z 113 6.18 53.60 -35.06
N ILE Z 114 6.13 52.87 -36.16
CA ILE Z 114 7.31 52.34 -36.82
C ILE Z 114 7.66 53.25 -37.99
N TYR Z 115 8.91 53.73 -38.03
CA TYR Z 115 9.38 54.61 -39.08
C TYR Z 115 10.61 54.03 -39.75
N LYS Z 116 10.68 54.19 -41.06
CA LYS Z 116 11.86 53.79 -41.79
C LYS Z 116 13.03 54.71 -41.45
N PRO Z 117 14.27 54.26 -41.64
CA PRO Z 117 15.41 55.12 -41.30
C PRO Z 117 15.44 56.43 -42.08
N ASP Z 118 14.86 56.47 -43.27
CA ASP Z 118 14.85 57.72 -44.05
C ASP Z 118 13.96 58.77 -43.42
N GLY Z 119 12.99 58.36 -42.59
CA GLY Z 119 12.14 59.30 -41.90
C GLY Z 119 10.66 59.10 -42.18
N SER Z 120 10.34 58.38 -43.25
CA SER Z 120 8.95 58.12 -43.59
C SER Z 120 8.40 56.97 -42.75
N PRO Z 121 7.11 56.99 -42.45
CA PRO Z 121 6.51 55.88 -41.69
C PRO Z 121 6.54 54.58 -42.47
N PHE Z 122 6.65 53.48 -41.75
CA PHE Z 122 6.65 52.16 -42.37
C PHE Z 122 5.26 51.83 -42.89
N ALA Z 123 5.19 51.40 -44.15
CA ALA Z 123 3.91 51.09 -44.78
C ALA Z 123 3.27 49.83 -44.21
N GLY Z 124 4.04 48.96 -43.58
CA GLY Z 124 3.51 47.73 -43.04
C GLY Z 124 3.03 47.79 -41.60
N ASP Z 125 3.09 48.97 -40.97
CA ASP Z 125 2.66 49.11 -39.59
C ASP Z 125 1.15 49.28 -39.53
N PRO Z 126 0.43 48.41 -38.82
CA PRO Z 126 -1.04 48.55 -38.77
C PRO Z 126 -1.51 49.89 -38.23
N ARG Z 127 -0.83 50.41 -37.21
CA ARG Z 127 -1.19 51.72 -36.68
C ARG Z 127 -1.00 52.81 -37.74
N GLY Z 128 0.09 52.72 -38.49
CA GLY Z 128 0.29 53.65 -39.59
C GLY Z 128 -0.77 53.50 -40.67
N ILE Z 129 -1.23 52.27 -40.92
CA ILE Z 129 -2.28 52.05 -41.90
C ILE Z 129 -3.56 52.74 -41.46
N LEU Z 130 -3.94 52.56 -40.19
CA LEU Z 130 -5.13 53.22 -39.68
C LEU Z 130 -4.99 54.73 -39.71
N LYS Z 131 -3.80 55.24 -39.37
CA LYS Z 131 -3.58 56.68 -39.42
C LYS Z 131 -3.70 57.21 -40.85
N ARG Z 132 -3.19 56.47 -41.83
CA ARG Z 132 -3.30 56.89 -43.23
C ARG Z 132 -4.74 56.90 -43.69
N VAL Z 133 -5.52 55.88 -43.32
CA VAL Z 133 -6.92 55.87 -43.69
C VAL Z 133 -7.67 57.01 -43.02
N LEU Z 134 -7.34 57.31 -41.77
CA LEU Z 134 -7.95 58.45 -41.09
C LEU Z 134 -7.58 59.76 -41.78
N LYS Z 135 -6.35 59.83 -42.30
CA LYS Z 135 -5.87 61.06 -42.97
C LYS Z 135 -6.63 61.26 -44.28
N GLU Z 136 -6.86 60.19 -45.04
CA GLU Z 136 -7.64 60.33 -46.27
C GLU Z 136 -9.12 60.51 -45.98
N ALA Z 137 -9.59 60.11 -44.80
CA ALA Z 137 -10.94 60.49 -44.37
C ALA Z 137 -11.01 61.99 -44.08
N GLU Z 138 -10.02 62.51 -43.37
CA GLU Z 138 -9.98 63.95 -43.09
C GLU Z 138 -9.92 64.76 -44.37
N GLU Z 139 -9.29 64.21 -45.41
CA GLU Z 139 -9.26 64.88 -46.70
C GLU Z 139 -10.65 65.10 -47.28
N LEU Z 140 -11.66 64.34 -46.83
CA LEU Z 140 -13.03 64.53 -47.25
C LEU Z 140 -13.83 65.40 -46.29
N GLY Z 141 -13.19 65.93 -45.25
CA GLY Z 141 -13.86 66.82 -44.32
C GLY Z 141 -14.30 66.18 -43.02
N TYR Z 142 -14.12 64.86 -42.86
CA TYR Z 142 -14.55 64.17 -41.66
C TYR Z 142 -13.42 64.24 -40.63
N THR Z 143 -13.68 64.96 -39.53
CA THR Z 143 -12.63 65.27 -38.57
C THR Z 143 -12.15 64.03 -37.84
N SER Z 144 -13.07 63.17 -37.40
CA SER Z 144 -12.70 62.04 -36.57
C SER Z 144 -13.66 60.88 -36.81
N MET Z 145 -13.21 59.70 -36.42
CA MET Z 145 -14.00 58.47 -36.46
C MET Z 145 -14.18 57.99 -35.03
N ASN Z 146 -15.41 58.09 -34.52
CA ASN Z 146 -15.70 57.73 -33.14
C ASN Z 146 -16.11 56.26 -33.10
N VAL Z 147 -15.37 55.46 -32.33
CA VAL Z 147 -15.51 54.01 -32.34
C VAL Z 147 -15.72 53.51 -30.92
N GLY Z 148 -16.72 52.68 -30.72
CA GLY Z 148 -16.91 51.98 -29.48
C GLY Z 148 -17.03 50.48 -29.69
N PRO Z 149 -16.04 49.73 -29.23
CA PRO Z 149 -16.06 48.28 -29.40
C PRO Z 149 -16.71 47.56 -28.22
N GLU Z 150 -17.12 46.31 -28.50
CA GLU Z 150 -17.76 45.46 -27.50
C GLU Z 150 -17.09 44.08 -27.49
N PRO Z 151 -15.88 44.00 -26.97
CA PRO Z 151 -15.17 42.71 -26.97
C PRO Z 151 -15.66 41.79 -25.87
N GLU Z 152 -15.88 40.53 -26.22
CA GLU Z 152 -16.32 39.51 -25.29
C GLU Z 152 -15.23 38.46 -25.15
N PHE Z 153 -15.17 37.83 -23.97
CA PHE Z 153 -14.11 36.86 -23.70
C PHE Z 153 -14.67 35.74 -22.83
N PHE Z 154 -13.95 34.62 -22.81
CA PHE Z 154 -14.30 33.46 -22.01
C PHE Z 154 -13.29 33.28 -20.90
N LEU Z 155 -13.75 32.74 -19.77
CA LEU Z 155 -12.90 32.41 -18.65
C LEU Z 155 -12.91 30.91 -18.44
N PHE Z 156 -11.72 30.31 -18.41
CA PHE Z 156 -11.56 28.87 -18.23
C PHE Z 156 -10.75 28.60 -16.97
N LYS Z 157 -11.08 27.50 -16.30
CA LYS Z 157 -10.31 27.07 -15.15
C LYS Z 157 -9.01 26.41 -15.62
N THR Z 158 -7.94 26.64 -14.87
CA THR Z 158 -6.64 26.08 -15.17
C THR Z 158 -6.41 24.81 -14.36
N ASP Z 159 -5.38 24.07 -14.75
CA ASP Z 159 -4.97 22.87 -14.03
C ASP Z 159 -3.79 23.20 -13.12
N GLU Z 160 -3.20 22.15 -12.53
CA GLU Z 160 -2.06 22.36 -11.64
C GLU Z 160 -0.87 22.95 -12.39
N LYS Z 161 -0.62 22.48 -13.61
CA LYS Z 161 0.48 23.00 -14.41
C LYS Z 161 0.22 24.41 -14.93
N GLY Z 162 -1.00 24.92 -14.78
CA GLY Z 162 -1.30 26.25 -15.25
C GLY Z 162 -1.80 26.34 -16.69
N ASP Z 163 -2.34 25.24 -17.22
CA ASP Z 163 -2.86 25.24 -18.58
C ASP Z 163 -4.38 25.24 -18.57
N PRO Z 164 -5.01 25.86 -19.55
CA PRO Z 164 -6.48 25.93 -19.55
C PRO Z 164 -7.10 24.56 -19.76
N THR Z 165 -8.11 24.25 -18.95
CA THR Z 165 -8.91 23.06 -19.13
C THR Z 165 -10.09 23.38 -20.04
N THR Z 166 -11.05 22.46 -20.14
CA THR Z 166 -12.24 22.66 -20.95
C THR Z 166 -13.45 23.06 -20.14
N GLU Z 167 -13.27 23.38 -18.86
CA GLU Z 167 -14.37 23.69 -17.97
C GLU Z 167 -14.47 25.20 -17.76
N LEU Z 168 -15.67 25.73 -17.92
CA LEU Z 168 -15.90 27.16 -17.71
C LEU Z 168 -15.81 27.51 -16.23
N ASN Z 169 -15.54 28.78 -15.96
CA ASN Z 169 -15.41 29.23 -14.58
C ASN Z 169 -16.76 29.27 -13.87
N ASP Z 170 -17.86 29.40 -14.62
CA ASP Z 170 -19.18 29.42 -14.02
C ASP Z 170 -20.17 28.87 -15.05
N GLN Z 171 -21.46 28.94 -14.72
CA GLN Z 171 -22.52 28.44 -15.58
C GLN Z 171 -23.65 29.46 -15.65
N GLY Z 172 -23.31 30.75 -15.63
CA GLY Z 172 -24.32 31.79 -15.67
C GLY Z 172 -24.84 32.04 -17.07
N GLY Z 173 -25.84 32.91 -17.14
CA GLY Z 173 -26.47 33.24 -18.40
C GLY Z 173 -26.44 34.71 -18.74
N TYR Z 174 -27.33 35.14 -19.62
CA TYR Z 174 -27.34 36.52 -20.08
C TYR Z 174 -27.75 37.44 -18.94
N PHE Z 175 -26.87 38.40 -18.62
CA PHE Z 175 -27.10 39.40 -17.57
C PHE Z 175 -27.36 38.77 -16.21
N ASP Z 176 -26.84 37.58 -15.97
CA ASP Z 176 -27.05 36.91 -14.70
C ASP Z 176 -26.28 37.58 -13.59
N LEU Z 177 -26.61 37.22 -12.35
CA LEU Z 177 -26.02 37.81 -11.16
C LEU Z 177 -25.68 36.70 -10.17
N ALA Z 178 -24.39 36.44 -9.99
CA ALA Z 178 -23.89 35.48 -9.01
C ALA Z 178 -22.76 36.12 -8.21
N PRO Z 179 -23.10 36.90 -7.19
CA PRO Z 179 -22.10 37.77 -6.53
C PRO Z 179 -20.93 37.04 -5.90
N MET Z 180 -21.16 35.81 -5.42
CA MET Z 180 -20.17 35.15 -4.58
C MET Z 180 -18.84 34.93 -5.28
N ASP Z 181 -18.79 34.04 -6.28
CA ASP Z 181 -17.54 33.77 -6.98
C ASP Z 181 -17.75 33.52 -8.46
N LEU Z 182 -18.98 33.64 -8.95
CA LEU Z 182 -19.32 33.21 -10.31
C LEU Z 182 -19.67 34.39 -11.21
N GLY Z 183 -20.59 35.24 -10.78
CA GLY Z 183 -21.05 36.33 -11.63
C GLY Z 183 -19.98 37.33 -11.98
N GLU Z 184 -19.52 38.10 -10.99
CA GLU Z 184 -18.43 39.05 -11.24
C GLU Z 184 -17.07 38.36 -11.16
N ASN Z 185 -16.70 37.90 -9.96
CA ASN Z 185 -15.45 37.20 -9.73
C ASN Z 185 -14.27 38.01 -10.27
N CYS Z 186 -13.64 37.49 -11.32
CA CYS Z 186 -12.53 38.17 -11.99
C CYS Z 186 -13.04 39.06 -13.12
N ARG Z 187 -14.04 39.84 -12.81
CA ARG Z 187 -14.54 40.89 -13.69
C ARG Z 187 -14.60 42.23 -12.99
N ARG Z 188 -14.93 42.24 -11.70
CA ARG Z 188 -14.88 43.44 -10.90
C ARG Z 188 -13.44 43.97 -10.80
N GLU Z 189 -12.50 43.05 -10.56
CA GLU Z 189 -11.10 43.44 -10.44
C GLU Z 189 -10.56 44.00 -11.75
N ILE Z 190 -10.94 43.40 -12.88
CA ILE Z 190 -10.50 43.90 -14.18
C ILE Z 190 -11.00 45.31 -14.39
N VAL Z 191 -12.28 45.55 -14.08
CA VAL Z 191 -12.84 46.88 -14.26
C VAL Z 191 -12.14 47.89 -13.38
N LEU Z 192 -11.86 47.51 -12.12
CA LEU Z 192 -11.17 48.41 -11.22
C LEU Z 192 -9.77 48.75 -11.72
N LYS Z 193 -9.01 47.75 -12.15
CA LYS Z 193 -7.66 47.98 -12.65
C LYS Z 193 -7.68 48.85 -13.91
N LEU Z 194 -8.64 48.60 -14.81
CA LEU Z 194 -8.75 49.44 -16.00
C LEU Z 194 -9.12 50.86 -15.63
N GLU Z 195 -10.01 51.03 -14.66
CA GLU Z 195 -10.41 52.37 -14.24
C GLU Z 195 -9.23 53.16 -13.69
N GLU Z 196 -8.40 52.53 -12.85
CA GLU Z 196 -7.26 53.26 -12.34
C GLU Z 196 -6.21 53.47 -13.42
N MET Z 197 -6.20 52.62 -14.45
CA MET Z 197 -5.26 52.73 -15.55
C MET Z 197 -5.59 53.88 -16.51
N GLY Z 198 -6.77 54.49 -16.37
CA GLY Z 198 -7.17 55.56 -17.25
C GLY Z 198 -8.26 55.20 -18.23
N PHE Z 199 -8.85 54.02 -18.12
CA PHE Z 199 -9.95 53.63 -18.99
C PHE Z 199 -11.25 54.29 -18.52
N GLU Z 200 -12.19 54.41 -19.46
CA GLU Z 200 -13.53 54.89 -19.18
C GLU Z 200 -14.48 53.74 -19.46
N ILE Z 201 -14.81 52.99 -18.42
CA ILE Z 201 -15.64 51.80 -18.54
C ILE Z 201 -17.10 52.19 -18.44
N GLU Z 202 -17.91 51.72 -19.39
CA GLU Z 202 -19.35 51.98 -19.39
C GLU Z 202 -20.09 51.03 -18.46
N ALA Z 203 -20.05 49.74 -18.76
CA ALA Z 203 -20.75 48.74 -17.96
C ALA Z 203 -20.18 47.37 -18.26
N SER Z 204 -20.47 46.42 -17.37
CA SER Z 204 -20.04 45.04 -17.53
C SER Z 204 -21.21 44.12 -17.17
N HIS Z 205 -21.25 42.97 -17.83
CA HIS Z 205 -22.33 42.02 -17.58
C HIS Z 205 -21.89 40.63 -18.02
N HIS Z 206 -22.63 39.64 -17.56
CA HIS Z 206 -22.41 38.26 -18.02
C HIS Z 206 -23.02 38.08 -19.40
N GLU Z 207 -22.31 37.34 -20.24
CA GLU Z 207 -22.73 37.14 -21.61
C GLU Z 207 -23.65 35.91 -21.71
N VAL Z 208 -24.08 35.61 -22.93
CA VAL Z 208 -25.07 34.55 -23.14
C VAL Z 208 -24.48 33.19 -22.76
N ALA Z 209 -23.32 32.87 -23.28
CA ALA Z 209 -22.74 31.56 -23.03
C ALA Z 209 -22.18 31.48 -21.61
N PRO Z 210 -22.17 30.29 -21.02
CA PRO Z 210 -21.56 30.14 -19.69
C PRO Z 210 -20.08 30.49 -19.72
N GLY Z 211 -19.63 31.19 -18.68
CA GLY Z 211 -18.24 31.59 -18.60
C GLY Z 211 -17.85 32.73 -19.50
N GLN Z 212 -18.80 33.40 -20.15
CA GLN Z 212 -18.52 34.47 -21.10
C GLN Z 212 -18.91 35.80 -20.48
N HIS Z 213 -18.01 36.78 -20.61
CA HIS Z 213 -18.20 38.10 -20.00
C HIS Z 213 -17.90 39.19 -21.02
N GLU Z 214 -18.49 40.36 -20.78
CA GLU Z 214 -18.30 41.51 -21.65
C GLU Z 214 -18.10 42.76 -20.81
N ILE Z 215 -17.12 43.57 -21.18
CA ILE Z 215 -16.87 44.86 -20.56
C ILE Z 215 -16.83 45.91 -21.66
N ASP Z 216 -17.63 46.96 -21.51
CA ASP Z 216 -17.76 47.99 -22.52
C ASP Z 216 -17.03 49.25 -22.09
N PHE Z 217 -16.38 49.91 -23.04
CA PHE Z 217 -15.72 51.18 -22.81
C PHE Z 217 -16.58 52.31 -23.35
N LYS Z 218 -16.28 53.52 -22.90
CA LYS Z 218 -16.85 54.69 -23.52
C LYS Z 218 -16.19 54.93 -24.88
N TYR Z 219 -16.91 55.61 -25.76
CA TYR Z 219 -16.45 55.79 -27.12
C TYR Z 219 -15.24 56.72 -27.17
N ALA Z 220 -14.32 56.43 -28.09
CA ALA Z 220 -13.12 57.23 -28.26
C ALA Z 220 -12.77 57.27 -29.74
N ASP Z 221 -11.74 58.04 -30.08
CA ASP Z 221 -11.29 58.09 -31.46
C ASP Z 221 -10.67 56.76 -31.87
N ALA Z 222 -10.55 56.56 -33.17
CA ALA Z 222 -10.24 55.24 -33.72
C ALA Z 222 -8.91 54.71 -33.21
N VAL Z 223 -7.85 55.53 -33.28
CA VAL Z 223 -6.53 55.08 -32.84
C VAL Z 223 -6.56 54.79 -31.34
N LYS Z 224 -7.17 55.68 -30.56
CA LYS Z 224 -7.30 55.45 -29.13
C LYS Z 224 -8.13 54.21 -28.85
N ALA Z 225 -9.17 53.99 -29.64
CA ALA Z 225 -10.01 52.81 -29.45
C ALA Z 225 -9.22 51.52 -29.67
N ALA Z 226 -8.41 51.48 -30.73
CA ALA Z 226 -7.61 50.29 -30.99
C ALA Z 226 -6.55 50.08 -29.92
N ASP Z 227 -5.91 51.17 -29.48
CA ASP Z 227 -4.94 51.05 -28.38
C ASP Z 227 -5.61 50.52 -27.12
N GLN Z 228 -6.82 51.00 -26.84
CA GLN Z 228 -7.54 50.53 -25.67
C GLN Z 228 -7.94 49.07 -25.81
N ILE Z 229 -8.26 48.63 -27.02
CA ILE Z 229 -8.58 47.21 -27.23
C ILE Z 229 -7.37 46.35 -26.91
N GLN Z 230 -6.20 46.75 -27.42
CA GLN Z 230 -4.98 45.98 -27.16
C GLN Z 230 -4.67 45.95 -25.66
N THR Z 231 -4.72 47.11 -25.01
CA THR Z 231 -4.44 47.18 -23.59
C THR Z 231 -5.46 46.38 -22.79
N PHE Z 232 -6.72 46.42 -23.20
CA PHE Z 232 -7.77 45.69 -22.50
C PHE Z 232 -7.53 44.20 -22.58
N LYS Z 233 -7.16 43.69 -23.77
CA LYS Z 233 -6.87 42.27 -23.89
C LYS Z 233 -5.71 41.87 -22.99
N LEU Z 234 -4.63 42.68 -23.00
CA LEU Z 234 -3.47 42.36 -22.17
C LEU Z 234 -3.84 42.36 -20.68
N VAL Z 235 -4.59 43.37 -20.24
CA VAL Z 235 -4.95 43.49 -18.83
C VAL Z 235 -5.87 42.35 -18.41
N VAL Z 236 -6.86 42.02 -19.24
CA VAL Z 236 -7.78 40.94 -18.90
C VAL Z 236 -7.01 39.63 -18.77
N LYS Z 237 -6.10 39.36 -19.71
CA LYS Z 237 -5.32 38.13 -19.63
C LYS Z 237 -4.48 38.09 -18.36
N THR Z 238 -3.81 39.20 -18.02
CA THR Z 238 -2.97 39.23 -16.83
C THR Z 238 -3.79 39.02 -15.56
N ILE Z 239 -4.90 39.74 -15.43
CA ILE Z 239 -5.70 39.64 -14.22
C ILE Z 239 -6.30 38.25 -14.08
N ALA Z 240 -6.77 37.67 -15.20
CA ALA Z 240 -7.30 36.31 -15.14
C ALA Z 240 -6.22 35.32 -14.73
N ARG Z 241 -5.01 35.50 -15.23
CA ARG Z 241 -3.90 34.64 -14.80
C ARG Z 241 -3.64 34.79 -13.31
N GLN Z 242 -3.80 36.00 -12.77
CA GLN Z 242 -3.58 36.22 -11.35
C GLN Z 242 -4.56 35.42 -10.50
N HIS Z 243 -5.82 35.36 -10.93
CA HIS Z 243 -6.86 34.66 -10.19
C HIS Z 243 -6.90 33.16 -10.46
N GLY Z 244 -5.85 32.62 -11.06
CA GLY Z 244 -5.84 31.20 -11.39
C GLY Z 244 -6.84 30.80 -12.44
N LEU Z 245 -7.10 31.68 -13.41
CA LEU Z 245 -8.02 31.41 -14.50
C LEU Z 245 -7.30 31.66 -15.82
N HIS Z 246 -7.97 31.32 -16.92
CA HIS Z 246 -7.45 31.56 -18.25
C HIS Z 246 -8.48 32.34 -19.04
N ALA Z 247 -8.09 33.49 -19.56
CA ALA Z 247 -8.96 34.33 -20.38
C ALA Z 247 -8.57 34.18 -21.84
N THR Z 248 -9.55 33.93 -22.69
CA THR Z 248 -9.30 33.77 -24.12
C THR Z 248 -10.25 34.65 -24.91
N PHE Z 249 -9.75 35.18 -26.02
CA PHE Z 249 -10.56 35.91 -26.98
C PHE Z 249 -10.75 35.11 -28.26
N MET Z 250 -10.64 33.79 -28.15
CA MET Z 250 -10.86 32.91 -29.28
C MET Z 250 -12.30 33.05 -29.77
N PRO Z 251 -12.52 33.20 -31.09
CA PRO Z 251 -13.88 33.46 -31.57
C PRO Z 251 -14.89 32.38 -31.21
N LYS Z 252 -14.49 31.10 -31.22
CA LYS Z 252 -15.40 29.99 -30.92
C LYS Z 252 -14.63 28.91 -30.20
N PRO Z 253 -14.44 29.06 -28.89
CA PRO Z 253 -13.67 28.05 -28.15
C PRO Z 253 -14.40 26.74 -27.96
N LEU Z 254 -15.73 26.73 -27.97
CA LEU Z 254 -16.50 25.52 -27.75
C LEU Z 254 -17.59 25.39 -28.79
N PHE Z 255 -17.90 24.15 -29.15
CA PHE Z 255 -18.97 23.87 -30.09
C PHE Z 255 -20.31 23.84 -29.38
N GLY Z 256 -21.33 24.40 -30.02
CA GLY Z 256 -22.66 24.38 -29.49
C GLY Z 256 -23.03 25.52 -28.57
N VAL Z 257 -22.08 26.40 -28.25
CA VAL Z 257 -22.35 27.56 -27.43
C VAL Z 257 -22.02 28.81 -28.23
N ASN Z 258 -22.44 29.95 -27.71
CA ASN Z 258 -22.21 31.22 -28.38
C ASN Z 258 -20.72 31.51 -28.48
N GLY Z 259 -20.33 32.15 -29.59
CA GLY Z 259 -18.98 32.62 -29.74
C GLY Z 259 -18.79 34.02 -29.19
N SER Z 260 -17.57 34.52 -29.33
CA SER Z 260 -17.22 35.87 -28.88
C SER Z 260 -17.05 36.77 -30.09
N GLY Z 261 -17.69 37.94 -30.05
CA GLY Z 261 -17.60 38.91 -31.10
C GLY Z 261 -17.04 40.23 -30.59
N MET Z 262 -16.77 41.14 -31.53
CA MET Z 262 -16.17 42.43 -31.24
C MET Z 262 -16.94 43.51 -32.01
N HIS Z 263 -18.25 43.56 -31.74
CA HIS Z 263 -19.12 44.61 -32.27
C HIS Z 263 -18.40 45.95 -32.29
N CYS Z 264 -18.42 46.62 -33.44
CA CYS Z 264 -17.79 47.92 -33.60
C CYS Z 264 -18.85 48.95 -33.92
N ASN Z 265 -19.07 49.89 -33.01
CA ASN Z 265 -20.01 50.98 -33.21
C ASN Z 265 -19.23 52.16 -33.77
N GLN Z 266 -19.65 52.66 -34.94
CA GLN Z 266 -18.93 53.72 -35.63
C GLN Z 266 -19.85 54.89 -35.93
N SER Z 267 -19.26 56.08 -35.91
CA SER Z 267 -19.95 57.30 -36.32
C SER Z 267 -18.91 58.31 -36.76
N LEU Z 268 -19.12 58.88 -37.95
CA LEU Z 268 -18.21 59.89 -38.48
C LEU Z 268 -18.57 61.25 -37.90
N PHE Z 269 -17.55 62.06 -37.65
CA PHE Z 269 -17.73 63.37 -37.06
C PHE Z 269 -17.04 64.43 -37.91
N LYS Z 270 -17.65 65.61 -37.98
CA LYS Z 270 -17.08 66.75 -38.67
C LYS Z 270 -17.22 67.95 -37.72
N ASP Z 271 -16.16 68.23 -36.97
CA ASP Z 271 -16.14 69.33 -36.01
C ASP Z 271 -17.28 69.18 -35.00
N ASN Z 272 -17.15 68.12 -34.19
CA ASN Z 272 -18.06 67.77 -33.10
C ASN Z 272 -19.53 67.75 -33.53
N GLU Z 273 -19.73 67.50 -34.81
CA GLU Z 273 -21.08 67.31 -35.35
C GLU Z 273 -21.17 65.91 -35.94
N ASN Z 274 -22.16 65.15 -35.49
CA ASN Z 274 -22.38 63.80 -36.00
C ASN Z 274 -23.01 63.90 -37.38
N VAL Z 275 -22.24 63.55 -38.42
CA VAL Z 275 -22.77 63.64 -39.78
C VAL Z 275 -23.70 62.49 -40.12
N PHE Z 276 -23.78 61.47 -39.27
CA PHE Z 276 -24.74 60.39 -39.50
C PHE Z 276 -26.16 60.79 -39.11
N TYR Z 277 -26.31 61.83 -38.30
CA TYR Z 277 -27.62 62.21 -37.79
C TYR Z 277 -28.37 63.07 -38.79
N ASP Z 278 -29.69 62.85 -38.88
CA ASP Z 278 -30.56 63.66 -39.72
C ASP Z 278 -31.96 63.59 -39.12
N GLU Z 279 -32.36 64.65 -38.41
CA GLU Z 279 -33.66 64.66 -37.76
C GLU Z 279 -34.80 64.56 -38.77
N THR Z 280 -34.58 65.06 -39.99
CA THR Z 280 -35.65 65.05 -40.99
C THR Z 280 -35.91 63.64 -41.53
N ASP Z 281 -34.92 62.76 -41.44
CA ASP Z 281 -35.09 61.41 -41.98
C ASP Z 281 -36.04 60.59 -41.12
N GLU Z 282 -36.71 59.63 -41.76
CA GLU Z 282 -37.65 58.78 -41.05
C GLU Z 282 -36.95 57.96 -39.97
N LEU Z 283 -35.78 57.41 -40.29
CA LEU Z 283 -35.00 56.64 -39.34
C LEU Z 283 -33.97 57.47 -38.61
N GLY Z 284 -33.95 58.78 -38.83
CA GLY Z 284 -32.91 59.62 -38.25
C GLY Z 284 -31.53 59.34 -38.81
N LEU Z 285 -31.44 59.02 -40.09
CA LEU Z 285 -30.18 58.66 -40.72
C LEU Z 285 -29.94 59.56 -41.92
N SER Z 286 -28.77 60.19 -41.97
CA SER Z 286 -28.44 61.06 -43.09
C SER Z 286 -28.06 60.24 -44.32
N GLN Z 287 -28.01 60.91 -45.46
CA GLN Z 287 -27.57 60.26 -46.68
C GLN Z 287 -26.13 59.79 -46.57
N THR Z 288 -25.30 60.52 -45.83
CA THR Z 288 -23.91 60.11 -45.63
C THR Z 288 -23.85 58.77 -44.90
N ALA Z 289 -24.68 58.61 -43.86
CA ALA Z 289 -24.71 57.35 -43.12
C ALA Z 289 -25.17 56.20 -44.01
N ARG Z 290 -26.18 56.44 -44.85
CA ARG Z 290 -26.67 55.39 -45.73
C ARG Z 290 -25.61 55.00 -46.76
N HIS Z 291 -24.90 55.98 -47.31
CA HIS Z 291 -23.80 55.66 -48.23
C HIS Z 291 -22.71 54.87 -47.52
N TYR Z 292 -22.39 55.25 -46.29
CA TYR Z 292 -21.42 54.52 -45.49
C TYR Z 292 -21.82 53.07 -45.33
N MET Z 293 -23.08 52.83 -44.95
CA MET Z 293 -23.56 51.47 -44.75
C MET Z 293 -23.55 50.68 -46.06
N ALA Z 294 -23.92 51.33 -47.16
CA ALA Z 294 -23.88 50.63 -48.45
C ALA Z 294 -22.46 50.24 -48.82
N GLY Z 295 -21.51 51.14 -48.59
CA GLY Z 295 -20.12 50.81 -48.87
C GLY Z 295 -19.61 49.67 -48.03
N ILE Z 296 -19.98 49.64 -46.75
CA ILE Z 296 -19.59 48.52 -45.90
C ILE Z 296 -20.22 47.23 -46.39
N LEU Z 297 -21.49 47.30 -46.81
CA LEU Z 297 -22.19 46.09 -47.25
C LEU Z 297 -21.57 45.50 -48.51
N LYS Z 298 -21.22 46.35 -49.49
CA LYS Z 298 -20.70 45.80 -50.74
C LYS Z 298 -19.35 45.11 -50.55
N HIS Z 299 -18.50 45.66 -49.70
CA HIS Z 299 -17.15 45.16 -49.52
C HIS Z 299 -17.02 44.17 -48.36
N ALA Z 300 -18.15 43.70 -47.81
CA ALA Z 300 -18.10 42.88 -46.61
C ALA Z 300 -17.32 41.58 -46.83
N ARG Z 301 -17.57 40.92 -47.96
CA ARG Z 301 -16.89 39.65 -48.23
C ARG Z 301 -15.40 39.85 -48.39
N ALA Z 302 -14.98 41.00 -48.92
CA ALA Z 302 -13.56 41.30 -49.03
C ALA Z 302 -12.93 41.60 -47.67
N MET Z 303 -13.66 42.28 -46.80
CA MET Z 303 -13.15 42.59 -45.46
C MET Z 303 -13.19 41.40 -44.52
N ALA Z 304 -13.93 40.34 -44.85
CA ALA Z 304 -14.06 39.21 -43.95
C ALA Z 304 -12.71 38.60 -43.58
N ALA Z 305 -11.75 38.60 -44.50
CA ALA Z 305 -10.44 38.04 -44.19
C ALA Z 305 -9.70 38.85 -43.14
N ILE Z 306 -10.03 40.13 -42.97
CA ILE Z 306 -9.37 40.96 -41.98
C ILE Z 306 -10.16 40.99 -40.68
N THR Z 307 -11.48 41.17 -40.76
CA THR Z 307 -12.29 41.20 -39.55
C THR Z 307 -12.49 39.81 -38.94
N ASN Z 308 -12.34 38.76 -39.74
CA ASN Z 308 -12.41 37.38 -39.27
C ASN Z 308 -11.17 36.67 -39.77
N PRO Z 309 -10.03 36.84 -39.10
CA PRO Z 309 -8.75 36.45 -39.69
C PRO Z 309 -8.37 34.99 -39.49
N THR Z 310 -8.91 34.34 -38.47
CA THR Z 310 -8.47 32.99 -38.13
C THR Z 310 -9.37 31.94 -38.78
N VAL Z 311 -8.90 30.70 -38.73
CA VAL Z 311 -9.73 29.57 -39.15
C VAL Z 311 -10.93 29.41 -38.23
N ASN Z 312 -10.70 29.57 -36.91
CA ASN Z 312 -11.79 29.43 -35.94
C ASN Z 312 -12.83 30.53 -36.07
N SER Z 313 -12.50 31.63 -36.76
CA SER Z 313 -13.45 32.73 -36.90
C SER Z 313 -14.69 32.29 -37.67
N TYR Z 314 -14.55 31.34 -38.59
CA TYR Z 314 -15.66 30.93 -39.43
C TYR Z 314 -16.43 29.75 -38.87
N LYS Z 315 -15.96 29.18 -37.76
CA LYS Z 315 -16.80 28.28 -36.97
C LYS Z 315 -17.80 29.06 -36.12
N ARG Z 316 -17.56 30.34 -35.89
CA ARG Z 316 -18.51 31.19 -35.19
C ARG Z 316 -19.60 31.69 -36.13
N LEU Z 317 -19.25 31.97 -37.38
CA LEU Z 317 -20.21 32.47 -38.36
C LEU Z 317 -21.09 31.33 -38.87
N VAL Z 318 -21.82 30.73 -37.95
CA VAL Z 318 -22.76 29.64 -38.26
C VAL Z 318 -24.12 30.05 -37.72
N PRO Z 319 -25.21 29.63 -38.34
CA PRO Z 319 -26.54 30.09 -37.89
C PRO Z 319 -26.91 29.55 -36.51
N GLY Z 320 -27.69 30.34 -35.79
CA GLY Z 320 -28.26 29.92 -34.54
C GLY Z 320 -27.57 30.42 -33.29
N TYR Z 321 -26.58 31.30 -33.40
CA TYR Z 321 -25.84 31.79 -32.25
C TYR Z 321 -25.65 33.29 -32.30
N GLU Z 322 -26.55 34.00 -32.96
CA GLU Z 322 -26.61 35.46 -33.04
C GLU Z 322 -25.47 36.07 -33.83
N ALA Z 323 -24.52 35.28 -34.31
CA ALA Z 323 -23.49 35.85 -35.16
C ALA Z 323 -24.03 36.06 -36.57
N PRO Z 324 -23.66 37.15 -37.24
CA PRO Z 324 -24.13 37.37 -38.61
C PRO Z 324 -23.60 36.31 -39.55
N CYS Z 325 -24.45 35.91 -40.50
CA CYS Z 325 -24.05 35.00 -41.56
C CYS Z 325 -24.39 35.52 -42.95
N TYR Z 326 -25.12 36.63 -43.06
CA TYR Z 326 -25.50 37.18 -44.35
C TYR Z 326 -25.21 38.67 -44.35
N VAL Z 327 -24.87 39.19 -45.53
CA VAL Z 327 -24.54 40.59 -45.68
C VAL Z 327 -25.82 41.40 -45.82
N ALA Z 328 -26.35 41.89 -44.71
CA ALA Z 328 -27.58 42.66 -44.72
C ALA Z 328 -27.62 43.54 -43.47
N TRP Z 329 -28.47 44.55 -43.52
CA TRP Z 329 -28.62 45.50 -42.42
C TRP Z 329 -30.07 45.56 -41.98
N SER Z 330 -30.26 45.85 -40.69
CA SER Z 330 -31.60 45.96 -40.12
C SER Z 330 -31.51 46.76 -38.84
N ALA Z 331 -32.67 47.24 -38.39
CA ALA Z 331 -32.77 47.86 -37.08
C ALA Z 331 -33.18 46.88 -35.99
N SER Z 332 -33.74 45.73 -36.38
CA SER Z 332 -34.14 44.72 -35.41
C SER Z 332 -34.22 43.38 -36.15
N ASN Z 333 -33.28 42.48 -35.85
CA ASN Z 333 -33.27 41.17 -36.49
C ASN Z 333 -32.45 40.23 -35.63
N ARG Z 334 -32.56 38.93 -35.94
CA ARG Z 334 -31.75 37.89 -35.30
C ARG Z 334 -30.27 38.24 -35.31
N SER Z 335 -29.68 38.37 -36.48
CA SER Z 335 -28.24 38.62 -36.62
C SER Z 335 -27.96 39.27 -37.95
N PRO Z 336 -28.14 40.59 -38.04
CA PRO Z 336 -27.75 41.30 -39.26
C PRO Z 336 -26.27 41.62 -39.27
N MET Z 337 -25.73 41.79 -40.47
CA MET Z 337 -24.36 42.24 -40.60
C MET Z 337 -24.18 43.62 -39.99
N ILE Z 338 -25.12 44.52 -40.24
CA ILE Z 338 -25.08 45.89 -39.73
C ILE Z 338 -26.35 46.11 -38.93
N ARG Z 339 -26.20 46.61 -37.71
CA ARG Z 339 -27.33 46.97 -36.87
C ARG Z 339 -27.25 48.44 -36.52
N ILE Z 340 -28.40 49.09 -36.43
CA ILE Z 340 -28.48 50.51 -36.11
C ILE Z 340 -29.15 50.65 -34.75
N PRO Z 341 -28.42 51.05 -33.71
CA PRO Z 341 -29.03 51.20 -32.39
C PRO Z 341 -30.08 52.31 -32.37
N ALA Z 342 -30.97 52.22 -31.40
CA ALA Z 342 -32.08 53.16 -31.29
C ALA Z 342 -31.63 54.57 -30.91
N SER Z 343 -30.43 54.73 -30.36
CA SER Z 343 -29.98 56.04 -29.93
C SER Z 343 -29.84 56.99 -31.12
N ARG Z 344 -30.19 58.25 -30.91
CA ARG Z 344 -30.15 59.25 -31.97
C ARG Z 344 -29.36 60.48 -31.51
N GLY Z 345 -29.40 61.54 -32.32
CA GLY Z 345 -28.71 62.75 -31.92
C GLY Z 345 -27.22 62.64 -32.14
N LEU Z 346 -26.45 62.95 -31.10
CA LEU Z 346 -24.99 62.82 -31.19
C LEU Z 346 -24.51 61.39 -31.01
N SER Z 347 -25.40 60.46 -30.70
CA SER Z 347 -25.03 59.08 -30.47
C SER Z 347 -25.58 58.14 -31.54
N THR Z 348 -25.96 58.67 -32.70
CA THR Z 348 -26.39 57.81 -33.79
C THR Z 348 -25.18 57.06 -34.34
N ARG Z 349 -25.30 55.74 -34.45
CA ARG Z 349 -24.15 54.89 -34.74
C ARG Z 349 -24.52 53.82 -35.74
N VAL Z 350 -23.49 53.29 -36.38
CA VAL Z 350 -23.60 52.12 -37.25
C VAL Z 350 -22.79 51.01 -36.60
N GLU Z 351 -23.46 49.93 -36.21
CA GLU Z 351 -22.80 48.82 -35.54
C GLU Z 351 -22.54 47.71 -36.53
N VAL Z 352 -21.26 47.36 -36.71
CA VAL Z 352 -20.85 46.26 -37.56
C VAL Z 352 -20.52 45.08 -36.66
N ARG Z 353 -21.14 43.93 -36.94
CA ARG Z 353 -21.12 42.81 -36.02
C ARG Z 353 -20.26 41.64 -36.49
N ASN Z 354 -19.64 41.74 -37.67
CA ASN Z 354 -18.76 40.69 -38.14
C ASN Z 354 -17.52 40.49 -37.28
N PRO Z 355 -16.77 41.52 -36.89
CA PRO Z 355 -15.46 41.27 -36.28
C PRO Z 355 -15.55 40.45 -35.00
N ASP Z 356 -14.53 39.63 -34.78
CA ASP Z 356 -14.31 38.91 -33.55
C ASP Z 356 -13.07 39.47 -32.84
N PRO Z 357 -12.93 39.25 -31.54
CA PRO Z 357 -11.80 39.86 -30.82
C PRO Z 357 -10.44 39.39 -31.31
N ALA Z 358 -10.36 38.32 -32.09
CA ALA Z 358 -9.10 37.87 -32.66
C ALA Z 358 -8.61 38.78 -33.79
N ALA Z 359 -9.45 39.66 -34.30
CA ALA Z 359 -9.05 40.54 -35.39
C ALA Z 359 -8.08 41.62 -34.90
N ASN Z 360 -7.25 42.09 -35.81
CA ASN Z 360 -6.38 43.22 -35.51
C ASN Z 360 -7.23 44.49 -35.45
N PRO Z 361 -7.27 45.19 -34.31
CA PRO Z 361 -8.17 46.36 -34.24
C PRO Z 361 -7.83 47.44 -35.23
N TYR Z 362 -6.54 47.73 -35.42
CA TYR Z 362 -6.15 48.77 -36.36
C TYR Z 362 -6.56 48.41 -37.77
N LEU Z 363 -6.26 47.19 -38.21
CA LEU Z 363 -6.60 46.77 -39.56
C LEU Z 363 -8.11 46.70 -39.76
N ALA Z 364 -8.84 46.19 -38.77
CA ALA Z 364 -10.29 46.08 -38.90
C ALA Z 364 -10.94 47.45 -39.01
N LEU Z 365 -10.54 48.38 -38.14
CA LEU Z 365 -11.08 49.73 -38.21
C LEU Z 365 -10.70 50.39 -39.52
N ALA Z 366 -9.47 50.17 -39.99
CA ALA Z 366 -9.03 50.78 -41.24
C ALA Z 366 -9.86 50.29 -42.42
N VAL Z 367 -10.08 48.98 -42.51
CA VAL Z 367 -10.81 48.45 -43.66
C VAL Z 367 -12.28 48.85 -43.59
N MET Z 368 -12.88 48.84 -42.39
CA MET Z 368 -14.26 49.28 -42.29
C MET Z 368 -14.42 50.74 -42.66
N LEU Z 369 -13.53 51.60 -42.18
CA LEU Z 369 -13.59 53.01 -42.52
C LEU Z 369 -13.36 53.24 -44.01
N ARG Z 370 -12.42 52.51 -44.61
CA ARG Z 370 -12.16 52.67 -46.03
C ARG Z 370 -13.36 52.24 -46.87
N ALA Z 371 -14.00 51.12 -46.50
CA ALA Z 371 -15.19 50.68 -47.21
C ALA Z 371 -16.30 51.71 -47.09
N GLY Z 372 -16.49 52.27 -45.89
CA GLY Z 372 -17.50 53.30 -45.73
C GLY Z 372 -17.21 54.55 -46.54
N LEU Z 373 -15.94 54.95 -46.59
CA LEU Z 373 -15.57 56.13 -47.37
C LEU Z 373 -15.76 55.88 -48.86
N ASP Z 374 -15.45 54.66 -49.31
CA ASP Z 374 -15.68 54.31 -50.70
C ASP Z 374 -17.16 54.34 -51.03
N GLY Z 375 -18.01 53.89 -50.10
CA GLY Z 375 -19.43 54.02 -50.29
C GLY Z 375 -19.89 55.46 -50.36
N ILE Z 376 -19.31 56.32 -49.51
CA ILE Z 376 -19.66 57.73 -49.50
C ILE Z 376 -19.26 58.38 -50.82
N LYS Z 377 -18.05 58.07 -51.32
CA LYS Z 377 -17.53 58.73 -52.50
C LYS Z 377 -18.40 58.49 -53.73
N ARG Z 378 -18.85 57.26 -53.92
CA ARG Z 378 -19.60 56.89 -55.11
C ARG Z 378 -21.11 57.07 -54.94
N GLN Z 379 -21.56 57.63 -53.83
CA GLN Z 379 -22.98 57.84 -53.56
C GLN Z 379 -23.76 56.54 -53.73
N MET Z 380 -23.22 55.47 -53.15
CA MET Z 380 -23.78 54.14 -53.31
C MET Z 380 -25.17 54.04 -52.71
N ALA Z 381 -26.01 53.21 -53.32
CA ALA Z 381 -27.41 53.09 -52.92
C ALA Z 381 -27.57 52.01 -51.85
N LEU Z 382 -28.26 52.36 -50.77
CA LEU Z 382 -28.50 51.42 -49.69
C LEU Z 382 -29.56 50.40 -50.11
N PRO Z 383 -29.30 49.10 -50.01
CA PRO Z 383 -30.35 48.11 -50.25
C PRO Z 383 -31.39 48.15 -49.14
N ALA Z 384 -32.53 47.54 -49.43
CA ALA Z 384 -33.64 47.55 -48.49
C ALA Z 384 -33.28 46.77 -47.23
N PRO Z 385 -33.71 47.22 -46.06
CA PRO Z 385 -33.44 46.47 -44.83
C PRO Z 385 -34.21 45.18 -44.80
N ILE Z 386 -33.67 44.21 -44.07
CA ILE Z 386 -34.36 42.94 -43.89
C ILE Z 386 -35.35 43.06 -42.74
N ASP Z 387 -36.57 42.60 -42.96
CA ASP Z 387 -37.61 42.64 -41.95
C ASP Z 387 -37.45 41.48 -40.98
N ARG Z 388 -38.49 41.20 -40.21
CA ARG Z 388 -38.48 40.06 -39.30
C ARG Z 388 -38.50 38.72 -40.05
N ASN Z 389 -38.30 38.75 -41.37
CA ASN Z 389 -38.25 37.53 -42.17
C ASN Z 389 -36.98 36.77 -41.82
N ILE Z 390 -37.14 35.74 -40.99
CA ILE Z 390 -36.01 34.89 -40.62
C ILE Z 390 -35.50 34.19 -41.88
N TYR Z 391 -34.20 33.93 -41.92
CA TYR Z 391 -33.53 33.41 -43.10
C TYR Z 391 -33.76 31.92 -43.31
N VAL Z 392 -34.83 31.37 -42.72
CA VAL Z 392 -35.27 30.03 -43.04
C VAL Z 392 -35.62 29.86 -44.51
N MET Z 393 -35.68 30.95 -45.27
CA MET Z 393 -35.98 30.83 -46.69
C MET Z 393 -34.86 30.10 -47.40
N SER Z 394 -35.22 29.47 -48.52
CA SER Z 394 -34.27 28.70 -49.31
C SER Z 394 -33.23 29.62 -49.96
N GLU Z 395 -32.13 29.00 -50.42
CA GLU Z 395 -31.08 29.76 -51.09
C GLU Z 395 -31.61 30.47 -52.33
N GLU Z 396 -32.57 29.86 -53.02
CA GLU Z 396 -33.18 30.53 -54.17
C GLU Z 396 -33.88 31.81 -53.75
N GLU Z 397 -34.60 31.78 -52.63
CA GLU Z 397 -35.22 32.99 -52.11
C GLU Z 397 -34.17 34.03 -51.73
N ARG Z 398 -33.04 33.57 -51.18
CA ARG Z 398 -32.01 34.51 -50.72
C ARG Z 398 -31.33 35.20 -51.89
N ILE Z 399 -30.94 34.47 -52.93
CA ILE Z 399 -30.29 35.14 -54.06
C ILE Z 399 -31.31 35.80 -54.97
N GLU Z 400 -32.60 35.47 -54.84
CA GLU Z 400 -33.63 36.22 -55.54
C GLU Z 400 -33.79 37.61 -54.92
N GLU Z 401 -33.69 37.70 -53.59
CA GLU Z 401 -33.79 38.97 -52.89
C GLU Z 401 -32.46 39.72 -52.85
N GLY Z 402 -31.40 39.16 -53.43
CA GLY Z 402 -30.11 39.80 -53.43
C GLY Z 402 -29.45 39.92 -52.08
N ILE Z 403 -29.48 38.87 -51.27
CA ILE Z 403 -28.86 38.85 -49.96
C ILE Z 403 -27.57 38.04 -50.07
N PRO Z 404 -26.40 38.67 -50.09
CA PRO Z 404 -25.16 37.90 -50.13
C PRO Z 404 -24.86 37.26 -48.79
N SER Z 405 -23.99 36.26 -48.83
CA SER Z 405 -23.57 35.54 -47.63
C SER Z 405 -22.09 35.74 -47.40
N LEU Z 406 -21.71 35.73 -46.13
CA LEU Z 406 -20.32 35.87 -45.76
C LEU Z 406 -19.55 34.61 -46.15
N PRO Z 407 -18.24 34.71 -46.34
CA PRO Z 407 -17.46 33.52 -46.73
C PRO Z 407 -17.59 32.40 -45.71
N ALA Z 408 -17.61 31.17 -46.20
CA ALA Z 408 -17.80 30.00 -45.34
C ALA Z 408 -16.54 29.57 -44.63
N ASP Z 409 -15.37 30.01 -45.08
CA ASP Z 409 -14.10 29.62 -44.47
C ASP Z 409 -13.04 30.64 -44.84
N LEU Z 410 -11.84 30.43 -44.32
CA LEU Z 410 -10.75 31.39 -44.52
C LEU Z 410 -10.33 31.46 -45.99
N LYS Z 411 -10.41 30.34 -46.71
CA LYS Z 411 -9.95 30.32 -48.10
C LYS Z 411 -10.79 31.24 -48.98
N GLU Z 412 -12.12 31.18 -48.83
CA GLU Z 412 -12.99 32.05 -49.61
C GLU Z 412 -12.72 33.51 -49.30
N ALA Z 413 -12.53 33.83 -48.02
CA ALA Z 413 -12.25 35.20 -47.62
C ALA Z 413 -10.94 35.68 -48.22
N LEU Z 414 -9.92 34.82 -48.25
CA LEU Z 414 -8.65 35.20 -48.84
C LEU Z 414 -8.78 35.45 -50.33
N SER Z 415 -9.54 34.60 -51.03
CA SER Z 415 -9.76 34.82 -52.45
C SER Z 415 -10.46 36.15 -52.71
N GLU Z 416 -11.49 36.45 -51.91
CA GLU Z 416 -12.18 37.73 -52.06
C GLU Z 416 -11.26 38.90 -51.74
N LEU Z 417 -10.41 38.74 -50.72
CA LEU Z 417 -9.44 39.78 -50.37
C LEU Z 417 -8.50 40.06 -51.53
N ILE Z 418 -8.00 39.01 -52.18
CA ILE Z 418 -7.12 39.19 -53.31
C ILE Z 418 -7.84 39.89 -54.46
N ARG Z 419 -9.07 39.46 -54.75
CA ARG Z 419 -9.80 40.05 -55.87
C ARG Z 419 -10.24 41.49 -55.62
N SER Z 420 -10.21 41.96 -54.37
CA SER Z 420 -10.70 43.29 -54.06
C SER Z 420 -9.64 44.35 -54.33
N GLU Z 421 -10.06 45.45 -54.94
CA GLU Z 421 -9.16 46.56 -55.23
C GLU Z 421 -9.34 47.74 -54.30
N VAL Z 422 -10.40 47.75 -53.49
CA VAL Z 422 -10.67 48.88 -52.60
C VAL Z 422 -9.98 48.70 -51.26
N ILE Z 423 -10.23 47.58 -50.58
CA ILE Z 423 -9.66 47.40 -49.25
C ILE Z 423 -8.25 46.87 -49.32
N SER Z 424 -7.84 46.29 -50.44
CA SER Z 424 -6.43 45.98 -50.64
C SER Z 424 -5.60 47.26 -50.71
N ASP Z 425 -6.16 48.33 -51.29
CA ASP Z 425 -5.51 49.63 -51.25
C ASP Z 425 -5.46 50.17 -49.83
N ALA Z 426 -6.50 49.88 -49.03
CA ALA Z 426 -6.49 50.28 -47.63
C ALA Z 426 -5.34 49.60 -46.89
N LEU Z 427 -5.16 48.30 -47.13
CA LEU Z 427 -4.03 47.60 -46.53
C LEU Z 427 -2.70 48.11 -47.06
N GLY Z 428 -2.64 48.38 -48.37
CA GLY Z 428 -1.38 48.74 -49.01
C GLY Z 428 -0.68 47.51 -49.57
N ASP Z 429 0.27 47.79 -50.46
CA ASP Z 429 0.94 46.72 -51.19
C ASP Z 429 1.81 45.84 -50.30
N HIS Z 430 2.54 46.41 -49.35
CA HIS Z 430 3.44 45.62 -48.52
C HIS Z 430 2.70 44.75 -47.51
N ALA Z 431 1.71 45.32 -46.82
CA ALA Z 431 1.02 44.55 -45.79
C ALA Z 431 0.13 43.47 -46.39
N LEU Z 432 -0.46 43.73 -47.57
CA LEU Z 432 -1.35 42.76 -48.19
C LEU Z 432 -0.62 41.47 -48.50
N ALA Z 433 0.57 41.56 -49.08
CA ALA Z 433 1.31 40.35 -49.47
C ALA Z 433 1.66 39.51 -48.25
N TYR Z 434 2.14 40.15 -47.19
CA TYR Z 434 2.55 39.40 -46.00
C TYR Z 434 1.35 38.81 -45.27
N PHE Z 435 0.26 39.57 -45.15
CA PHE Z 435 -0.95 39.03 -44.54
C PHE Z 435 -1.47 37.84 -45.33
N TYR Z 436 -1.47 37.95 -46.66
CA TYR Z 436 -1.94 36.87 -47.51
C TYR Z 436 -1.06 35.63 -47.35
N GLU Z 437 0.26 35.82 -47.30
CA GLU Z 437 1.16 34.69 -47.10
C GLU Z 437 0.91 34.02 -45.75
N LEU Z 438 0.77 34.82 -44.69
CA LEU Z 438 0.52 34.27 -43.36
C LEU Z 438 -0.75 33.44 -43.35
N LYS Z 439 -1.81 33.98 -43.94
CA LYS Z 439 -3.09 33.28 -43.90
C LYS Z 439 -3.10 32.05 -44.79
N GLU Z 440 -2.42 32.09 -45.95
CA GLU Z 440 -2.30 30.88 -46.76
C GLU Z 440 -1.56 29.79 -46.01
N ILE Z 441 -0.47 30.14 -45.33
CA ILE Z 441 0.26 29.13 -44.58
C ILE Z 441 -0.62 28.55 -43.48
N GLU Z 442 -1.36 29.40 -42.76
CA GLU Z 442 -2.23 28.92 -41.70
C GLU Z 442 -3.29 27.97 -42.25
N TRP Z 443 -3.94 28.36 -43.36
CA TRP Z 443 -4.97 27.52 -43.94
C TRP Z 443 -4.39 26.20 -44.45
N ASP Z 444 -3.20 26.25 -45.05
CA ASP Z 444 -2.60 25.04 -45.58
C ASP Z 444 -2.24 24.06 -44.47
N MET Z 445 -1.73 24.56 -43.34
CA MET Z 445 -1.51 23.66 -42.21
C MET Z 445 -2.82 23.12 -41.67
N TYR Z 446 -3.88 23.93 -41.65
CA TYR Z 446 -5.13 23.47 -41.08
C TYR Z 446 -5.78 22.40 -41.95
N ARG Z 447 -5.75 22.58 -43.28
CA ARG Z 447 -6.55 21.75 -44.15
C ARG Z 447 -6.03 20.33 -44.30
N THR Z 448 -4.76 20.09 -43.97
CA THR Z 448 -4.18 18.76 -44.12
C THR Z 448 -4.23 17.95 -42.84
N GLN Z 449 -4.75 18.52 -41.74
CA GLN Z 449 -4.82 17.79 -40.49
C GLN Z 449 -5.95 16.77 -40.52
N VAL Z 450 -5.74 15.66 -39.82
CA VAL Z 450 -6.76 14.64 -39.64
C VAL Z 450 -7.29 14.81 -38.22
N HIS Z 451 -8.50 15.35 -38.10
CA HIS Z 451 -9.05 15.68 -36.81
C HIS Z 451 -9.68 14.47 -36.15
N GLN Z 452 -9.89 14.57 -34.84
CA GLN Z 452 -10.45 13.46 -34.08
C GLN Z 452 -11.88 13.15 -34.52
N TRP Z 453 -12.61 14.16 -35.03
CA TRP Z 453 -13.96 13.91 -35.51
C TRP Z 453 -13.97 12.92 -36.67
N GLU Z 454 -13.01 13.03 -37.58
CA GLU Z 454 -12.91 12.08 -38.68
C GLU Z 454 -12.64 10.68 -38.18
N ARG Z 455 -11.73 10.54 -37.21
CA ARG Z 455 -11.46 9.23 -36.64
C ARG Z 455 -12.64 8.67 -35.88
N ASP Z 456 -13.51 9.54 -35.34
CA ASP Z 456 -14.71 9.06 -34.69
C ASP Z 456 -15.75 8.58 -35.69
N GLN Z 457 -15.97 9.34 -36.76
CA GLN Z 457 -16.94 8.94 -37.77
C GLN Z 457 -16.45 7.71 -38.53
N TYR Z 458 -15.23 7.77 -39.05
CA TYR Z 458 -14.62 6.68 -39.79
C TYR Z 458 -13.75 5.83 -38.87
N LEU Z 459 -12.93 4.97 -39.45
CA LEU Z 459 -12.00 4.08 -38.74
C LEU Z 459 -12.74 2.93 -38.05
N THR Z 460 -14.07 2.98 -38.05
CA THR Z 460 -14.91 1.86 -37.69
C THR Z 460 -15.92 1.54 -38.78
N LEU Z 461 -16.60 2.56 -39.29
CA LEU Z 461 -17.53 2.36 -40.40
C LEU Z 461 -16.80 1.94 -41.66
N TYR Z 462 -15.61 2.48 -41.89
CA TYR Z 462 -14.78 2.06 -43.02
C TYR Z 462 -13.52 1.37 -42.53
N LEU AA 1 -34.20 -9.09 42.44
CA LEU AA 1 -34.00 -8.42 43.75
C LEU AA 1 -32.60 -7.81 43.79
N ILE AA 2 -32.50 -6.47 43.90
CA ILE AA 2 -31.18 -5.77 43.94
C ILE AA 2 -30.27 -6.36 42.85
N GLN AA 3 -30.73 -6.35 41.59
CA GLN AA 3 -29.91 -6.86 40.47
C GLN AA 3 -29.30 -5.66 39.73
N GLY AA 4 -30.01 -4.53 39.72
CA GLY AA 4 -29.51 -3.32 39.04
C GLY AA 4 -28.25 -2.78 39.70
N GLU AA 5 -27.94 -3.25 40.92
CA GLU AA 5 -26.72 -2.82 41.58
C GLU AA 5 -25.56 -3.78 41.36
N LEU AA 6 -25.84 -5.04 41.02
CA LEU AA 6 -24.80 -6.05 40.83
C LEU AA 6 -24.16 -6.01 39.45
N SER AA 7 -24.32 -4.90 38.72
CA SER AA 7 -23.76 -4.79 37.37
C SER AA 7 -22.24 -4.70 37.37
N ARG AA 8 -21.62 -4.44 38.51
CA ARG AA 8 -20.16 -4.32 38.55
C ARG AA 8 -19.48 -5.65 38.24
N PHE AA 9 -20.08 -6.76 38.67
CA PHE AA 9 -19.53 -8.07 38.33
C PHE AA 9 -19.85 -8.46 36.90
N PHE AA 10 -21.01 -8.06 36.40
CA PHE AA 10 -21.44 -8.43 35.04
C PHE AA 10 -20.62 -7.68 33.99
N SER BA 22 -38.46 39.77 40.23
CA SER BA 22 -39.48 39.91 39.20
C SER BA 22 -39.01 40.86 38.11
N TYR BA 23 -39.90 41.14 37.14
CA TYR BA 23 -39.59 42.02 36.03
C TYR BA 23 -40.85 42.73 35.58
N THR BA 24 -40.65 43.86 34.90
CA THR BA 24 -41.71 44.61 34.26
C THR BA 24 -41.33 44.88 32.81
N ARG BA 25 -42.28 45.42 32.04
CA ARG BA 25 -42.02 45.74 30.64
C ARG BA 25 -40.82 46.68 30.52
N GLU BA 26 -40.81 47.74 31.32
CA GLU BA 26 -39.71 48.70 31.27
C GLU BA 26 -38.40 48.03 31.68
N ASP BA 27 -38.44 47.16 32.69
CA ASP BA 27 -37.25 46.42 33.08
C ASP BA 27 -36.75 45.55 31.95
N ILE BA 28 -37.65 44.82 31.28
CA ILE BA 28 -37.23 43.94 30.20
C ILE BA 28 -36.59 44.73 29.07
N ILE BA 29 -37.21 45.85 28.70
CA ILE BA 29 -36.61 46.70 27.68
C ILE BA 29 -35.26 47.22 28.12
N ARG BA 30 -35.12 47.56 29.40
CA ARG BA 30 -33.86 48.10 29.90
C ARG BA 30 -32.74 47.08 29.81
N ILE BA 31 -32.98 45.85 30.30
CA ILE BA 31 -31.94 44.83 30.16
C ILE BA 31 -31.67 44.51 28.70
N ALA BA 32 -32.71 44.45 27.86
CA ALA BA 32 -32.51 44.11 26.46
C ALA BA 32 -31.60 45.13 25.79
N GLU BA 33 -31.82 46.42 26.05
CA GLU BA 33 -30.93 47.44 25.51
C GLU BA 33 -29.54 47.35 26.13
N GLU BA 34 -29.47 47.13 27.44
CA GLU BA 34 -28.18 47.11 28.13
C GLU BA 34 -27.36 45.88 27.75
N GLU BA 35 -27.98 44.71 27.76
CA GLU BA 35 -27.27 43.46 27.50
C GLU BA 35 -26.97 43.24 26.03
N ASN BA 36 -27.43 44.12 25.15
CA ASN BA 36 -27.27 43.98 23.70
C ASN BA 36 -27.89 42.69 23.22
N VAL BA 37 -29.13 42.44 23.66
CA VAL BA 37 -29.87 41.28 23.20
C VAL BA 37 -30.37 41.55 21.78
N ARG BA 38 -30.06 40.65 20.86
CA ARG BA 38 -30.46 40.79 19.47
C ARG BA 38 -31.62 39.89 19.07
N PHE BA 39 -31.82 38.78 19.77
CA PHE BA 39 -32.82 37.80 19.39
C PHE BA 39 -33.51 37.28 20.63
N ILE BA 40 -34.82 37.08 20.54
CA ILE BA 40 -35.64 36.67 21.66
C ILE BA 40 -36.42 35.43 21.27
N ARG BA 41 -36.40 34.41 22.12
CA ARG BA 41 -37.14 33.17 21.90
C ARG BA 41 -38.43 33.22 22.71
N LEU BA 42 -39.56 33.15 22.01
CA LEU BA 42 -40.86 33.04 22.68
C LEU BA 42 -41.17 31.56 22.83
N GLN BA 43 -40.80 31.00 23.97
CA GLN BA 43 -40.86 29.56 24.18
C GLN BA 43 -42.23 29.11 24.66
N PHE BA 44 -42.66 27.96 24.16
CA PHE BA 44 -43.86 27.29 24.64
C PHE BA 44 -43.63 25.78 24.53
N THR BA 45 -44.60 25.01 24.98
CA THR BA 45 -44.47 23.56 25.01
C THR BA 45 -45.69 22.91 24.38
N ASP BA 46 -45.45 21.83 23.63
CA ASP BA 46 -46.54 21.07 23.03
C ASP BA 46 -46.96 19.95 23.96
N LEU BA 47 -47.93 19.15 23.51
CA LEU BA 47 -48.49 18.09 24.35
C LEU BA 47 -47.48 17.00 24.66
N LEU BA 48 -46.44 16.84 23.85
CA LEU BA 48 -45.43 15.82 24.08
C LEU BA 48 -44.27 16.30 24.94
N GLY BA 49 -44.32 17.54 25.42
CA GLY BA 49 -43.27 18.07 26.27
C GLY BA 49 -42.10 18.67 25.54
N THR BA 50 -42.08 18.61 24.22
CA THR BA 50 -40.99 19.21 23.45
C THR BA 50 -41.06 20.73 23.56
N ILE BA 51 -39.88 21.35 23.62
CA ILE BA 51 -39.80 22.80 23.71
C ILE BA 51 -39.88 23.40 22.31
N LYS BA 52 -40.88 24.24 22.09
CA LYS BA 52 -41.04 24.95 20.83
C LYS BA 52 -40.90 26.44 21.08
N ASN BA 53 -40.51 27.17 20.04
CA ASN BA 53 -40.25 28.60 20.19
C ASN BA 53 -40.50 29.32 18.87
N VAL BA 54 -40.73 30.63 18.99
CA VAL BA 54 -40.81 31.53 17.85
C VAL BA 54 -39.70 32.55 18.01
N GLU BA 55 -38.75 32.56 17.07
CA GLU BA 55 -37.63 33.48 17.15
C GLU BA 55 -38.08 34.90 16.81
N ILE BA 56 -37.54 35.87 17.52
CA ILE BA 56 -37.99 37.25 17.41
C ILE BA 56 -36.79 38.20 17.42
N PRO BA 57 -36.72 39.14 16.48
CA PRO BA 57 -35.70 40.18 16.58
C PRO BA 57 -36.05 41.18 17.67
N VAL BA 58 -35.02 41.79 18.26
CA VAL BA 58 -35.23 42.66 19.41
C VAL BA 58 -36.12 43.85 19.06
N SER BA 59 -36.21 44.22 17.78
CA SER BA 59 -37.09 45.31 17.38
C SER BA 59 -38.56 44.99 17.55
N GLN BA 60 -38.91 43.73 17.78
CA GLN BA 60 -40.29 43.32 17.99
C GLN BA 60 -40.60 43.03 19.46
N LEU BA 61 -39.70 43.44 20.36
CA LEU BA 61 -39.90 43.13 21.78
C LEU BA 61 -41.14 43.80 22.33
N GLU BA 62 -41.37 45.06 21.98
CA GLU BA 62 -42.55 45.76 22.46
C GLU BA 62 -43.83 45.11 21.94
N LYS BA 63 -43.84 44.74 20.66
CA LYS BA 63 -44.99 44.03 20.11
C LYS BA 63 -45.24 42.72 20.84
N ALA BA 64 -44.17 41.97 21.13
CA ALA BA 64 -44.32 40.73 21.88
C ALA BA 64 -44.87 40.99 23.28
N LEU BA 65 -44.36 42.02 23.95
CA LEU BA 65 -44.80 42.34 25.30
C LEU BA 65 -46.22 42.90 25.33
N ASP BA 66 -46.74 43.34 24.20
CA ASP BA 66 -48.13 43.79 24.13
C ASP BA 66 -49.10 42.65 23.85
N ASN BA 67 -48.61 41.40 23.83
CA ASN BA 67 -49.44 40.23 23.59
C ASN BA 67 -50.14 40.30 22.25
N LYS BA 68 -49.37 40.56 21.20
CA LYS BA 68 -49.93 40.75 19.86
C LYS BA 68 -49.33 39.83 18.82
N MET BA 69 -48.43 38.93 19.22
CA MET BA 69 -47.76 38.01 18.27
C MET BA 69 -48.65 36.80 17.99
N MET BA 70 -48.97 36.53 16.71
CA MET BA 70 -49.78 35.40 16.31
C MET BA 70 -48.89 34.32 15.72
N PHE BA 71 -49.27 33.07 15.95
CA PHE BA 71 -48.56 31.93 15.38
C PHE BA 71 -49.59 30.83 15.11
N ASP BA 72 -49.10 29.69 14.63
CA ASP BA 72 -50.00 28.61 14.23
C ASP BA 72 -50.85 28.12 15.39
N GLY BA 73 -50.21 27.77 16.49
CA GLY BA 73 -50.96 27.29 17.65
C GLY BA 73 -51.38 25.83 17.51
N SER BA 74 -51.61 25.38 16.29
CA SER BA 74 -51.86 23.96 16.04
C SER BA 74 -50.62 23.12 16.19
N SER BA 75 -49.45 23.74 16.31
CA SER BA 75 -48.22 22.99 16.55
C SER BA 75 -48.19 22.33 17.91
N ILE BA 76 -49.12 22.69 18.80
CA ILE BA 76 -49.21 22.02 20.10
C ILE BA 76 -49.62 20.57 19.91
N GLU BA 77 -50.48 20.30 18.93
CA GLU BA 77 -50.99 18.94 18.73
C GLU BA 77 -49.93 17.98 18.22
N GLY BA 78 -48.78 18.47 17.76
CA GLY BA 78 -47.74 17.59 17.29
C GLY BA 78 -47.93 17.18 15.84
N TYR BA 79 -47.71 15.90 15.54
CA TYR BA 79 -47.85 15.40 14.18
C TYR BA 79 -49.27 14.99 13.84
N VAL BA 80 -50.22 15.13 14.76
CA VAL BA 80 -51.61 14.81 14.51
C VAL BA 80 -52.45 16.07 14.27
N ARG BA 81 -51.81 17.22 14.10
CA ARG BA 81 -52.54 18.44 13.79
C ARG BA 81 -53.20 18.33 12.43
N ILE BA 82 -54.46 18.77 12.35
CA ILE BA 82 -55.27 18.63 11.14
C ILE BA 82 -55.47 19.96 10.45
N GLU BA 83 -55.54 21.07 11.19
CA GLU BA 83 -55.78 22.37 10.59
C GLU BA 83 -55.04 23.44 11.36
N GLU BA 84 -54.58 24.46 10.64
CA GLU BA 84 -53.88 25.58 11.26
C GLU BA 84 -54.88 26.52 11.91
N SER BA 85 -54.57 26.92 13.13
CA SER BA 85 -55.35 27.91 13.86
C SER BA 85 -54.55 29.21 13.97
N ASP BA 86 -55.09 30.15 14.73
CA ASP BA 86 -54.39 31.39 15.03
C ASP BA 86 -54.47 31.63 16.53
N MET BA 87 -53.31 31.74 17.17
CA MET BA 87 -53.26 31.94 18.61
C MET BA 87 -52.24 33.02 18.93
N TYR BA 88 -52.45 33.69 20.06
CA TYR BA 88 -51.56 34.73 20.54
C TYR BA 88 -50.61 34.20 21.60
N LEU BA 89 -49.41 34.75 21.63
CA LEU BA 89 -48.42 34.41 22.64
C LEU BA 89 -48.45 35.48 23.72
N TYR BA 90 -48.67 35.06 24.97
CA TYR BA 90 -48.71 35.95 26.12
C TYR BA 90 -47.48 35.69 26.97
N PRO BA 91 -46.39 36.41 26.77
CA PRO BA 91 -45.16 36.11 27.51
C PRO BA 91 -45.31 36.34 29.00
N ASP BA 92 -44.61 35.53 29.78
CA ASP BA 92 -44.56 35.66 31.23
C ASP BA 92 -43.28 36.40 31.57
N LEU BA 93 -43.42 37.63 32.07
CA LEU BA 93 -42.27 38.50 32.26
C LEU BA 93 -41.30 37.95 33.30
N ASP BA 94 -41.80 37.15 34.25
CA ASP BA 94 -40.95 36.61 35.29
C ASP BA 94 -40.03 35.51 34.80
N THR BA 95 -40.25 34.99 33.60
CA THR BA 95 -39.45 33.91 33.04
C THR BA 95 -38.30 34.43 32.18
N TRP BA 96 -38.10 35.74 32.13
CA TRP BA 96 -37.03 36.31 31.31
C TRP BA 96 -35.66 35.85 31.79
N VAL BA 97 -34.80 35.49 30.84
CA VAL BA 97 -33.43 35.11 31.15
C VAL BA 97 -32.62 35.24 29.87
N VAL BA 98 -31.32 35.48 30.01
CA VAL BA 98 -30.41 35.63 28.89
C VAL BA 98 -29.43 34.47 28.90
N PHE BA 99 -29.32 33.78 27.78
CA PHE BA 99 -28.45 32.61 27.70
C PHE BA 99 -27.00 33.03 27.77
N PRO BA 100 -26.14 32.29 28.47
CA PRO BA 100 -24.75 32.71 28.63
C PRO BA 100 -23.86 32.33 27.47
N TRP BA 101 -24.23 31.30 26.72
CA TRP BA 101 -23.39 30.82 25.62
C TRP BA 101 -23.58 31.61 24.34
N VAL BA 102 -24.48 32.59 24.33
CA VAL BA 102 -24.74 33.36 23.11
C VAL BA 102 -23.50 34.16 22.71
N THR BA 103 -22.77 34.67 23.70
CA THR BA 103 -21.51 35.39 23.49
C THR BA 103 -21.69 36.63 22.63
N SER BA 104 -21.44 36.50 21.32
CA SER BA 104 -21.44 37.66 20.42
C SER BA 104 -22.81 38.32 20.35
N ASP BA 105 -23.81 37.62 19.82
CA ASP BA 105 -25.16 38.15 19.72
C ASP BA 105 -26.00 37.53 20.83
N ARG BA 106 -26.33 38.31 21.85
CA ARG BA 106 -27.04 37.79 23.00
C ARG BA 106 -28.44 37.33 22.59
N VAL BA 107 -28.84 36.18 23.10
CA VAL BA 107 -30.18 35.64 22.87
C VAL BA 107 -30.87 35.47 24.21
N ALA BA 108 -32.09 35.97 24.30
CA ALA BA 108 -32.91 35.83 25.49
C ALA BA 108 -34.13 34.98 25.19
N ARG BA 109 -34.87 34.64 26.24
CA ARG BA 109 -36.06 33.82 26.08
C ARG BA 109 -37.16 34.32 27.00
N LEU BA 110 -38.39 34.04 26.61
CA LEU BA 110 -39.57 34.27 27.44
C LEU BA 110 -40.50 33.09 27.27
N ILE BA 111 -41.05 32.61 28.37
CA ILE BA 111 -42.02 31.51 28.34
C ILE BA 111 -43.41 32.11 28.26
N CYS BA 112 -44.18 31.70 27.26
CA CYS BA 112 -45.44 32.34 26.93
C CYS BA 112 -46.60 31.38 27.09
N ASP BA 113 -47.77 31.93 27.38
CA ASP BA 113 -49.02 31.20 27.38
C ASP BA 113 -49.74 31.40 26.06
N ILE BA 114 -50.55 30.42 25.69
CA ILE BA 114 -51.25 30.41 24.41
C ILE BA 114 -52.68 30.86 24.64
N TYR BA 115 -53.10 31.89 23.91
CA TYR BA 115 -54.43 32.46 24.04
C TYR BA 115 -55.15 32.45 22.72
N LYS BA 116 -56.45 32.15 22.76
CA LYS BA 116 -57.27 32.23 21.57
C LYS BA 116 -57.44 33.69 21.16
N PRO BA 117 -57.76 33.96 19.89
CA PRO BA 117 -57.93 35.35 19.47
C PRO BA 117 -59.04 36.08 20.19
N ASP BA 118 -60.06 35.38 20.70
CA ASP BA 118 -61.13 36.04 21.42
C ASP BA 118 -60.66 36.58 22.76
N GLY BA 119 -59.55 36.06 23.28
CA GLY BA 119 -59.01 36.54 24.53
C GLY BA 119 -58.92 35.48 25.61
N SER BA 120 -59.64 34.38 25.44
CA SER BA 120 -59.59 33.31 26.40
C SER BA 120 -58.36 32.45 26.19
N PRO BA 121 -57.83 31.84 27.25
CA PRO BA 121 -56.67 30.96 27.08
C PRO BA 121 -57.02 29.72 26.29
N PHE BA 122 -56.02 29.21 25.55
CA PHE BA 122 -56.22 28.00 24.76
C PHE BA 122 -56.34 26.80 25.69
N ALA BA 123 -57.37 25.97 25.44
CA ALA BA 123 -57.65 24.84 26.31
C ALA BA 123 -56.61 23.73 26.18
N GLY BA 124 -55.91 23.65 25.05
CA GLY BA 124 -54.94 22.61 24.84
C GLY BA 124 -53.53 22.92 25.25
N ASP BA 125 -53.28 24.08 25.87
CA ASP BA 125 -51.94 24.46 26.29
C ASP BA 125 -51.62 23.79 27.62
N PRO BA 126 -50.54 23.00 27.70
CA PRO BA 126 -50.23 22.32 28.98
C PRO BA 126 -50.01 23.28 30.13
N ARG BA 127 -49.36 24.42 29.89
CA ARG BA 127 -49.18 25.41 30.94
C ARG BA 127 -50.51 25.95 31.41
N GLY BA 128 -51.43 26.20 30.47
CA GLY BA 128 -52.76 26.63 30.85
C GLY BA 128 -53.51 25.56 31.63
N ILE BA 129 -53.29 24.29 31.27
CA ILE BA 129 -53.92 23.20 32.00
C ILE BA 129 -53.45 23.17 33.45
N LEU BA 130 -52.14 23.29 33.66
CA LEU BA 130 -51.60 23.32 35.01
C LEU BA 130 -52.10 24.54 35.77
N LYS BA 131 -52.19 25.69 35.10
CA LYS BA 131 -52.71 26.89 35.75
C LYS BA 131 -54.16 26.71 36.17
N ARG BA 132 -54.96 26.07 35.32
CA ARG BA 132 -56.37 25.84 35.64
C ARG BA 132 -56.52 24.89 36.83
N VAL BA 133 -55.71 23.83 36.86
CA VAL BA 133 -55.77 22.91 38.00
C VAL BA 133 -55.31 23.62 39.28
N LEU BA 134 -54.30 24.48 39.18
CA LEU BA 134 -53.88 25.25 40.35
C LEU BA 134 -54.97 26.21 40.80
N LYS BA 135 -55.71 26.78 39.85
CA LYS BA 135 -56.82 27.67 40.21
C LYS BA 135 -57.91 26.93 40.95
N GLU BA 136 -58.29 25.74 40.45
CA GLU BA 136 -59.32 25.00 41.16
C GLU BA 136 -58.81 24.43 42.49
N ALA BA 137 -57.49 24.29 42.63
CA ALA BA 137 -56.92 24.00 43.95
C ALA BA 137 -57.06 25.19 44.88
N GLU BA 138 -56.75 26.39 44.39
CA GLU BA 138 -56.92 27.61 45.18
C GLU BA 138 -58.37 27.79 45.60
N GLU BA 139 -59.31 27.35 44.78
CA GLU BA 139 -60.71 27.40 45.15
C GLU BA 139 -61.03 26.60 46.41
N LEU BA 140 -60.17 25.65 46.78
CA LEU BA 140 -60.34 24.88 48.01
C LEU BA 140 -59.52 25.45 49.16
N GLY BA 141 -58.83 26.57 48.95
CA GLY BA 141 -58.05 27.19 50.01
C GLY BA 141 -56.57 26.93 49.98
N TYR BA 142 -56.07 26.14 49.03
CA TYR BA 142 -54.65 25.84 48.94
C TYR BA 142 -53.99 26.87 48.04
N THR BA 143 -53.21 27.76 48.63
CA THR BA 143 -52.66 28.89 47.89
C THR BA 143 -51.62 28.44 46.87
N SER BA 144 -50.79 27.47 47.23
CA SER BA 144 -49.71 27.05 46.34
C SER BA 144 -49.45 25.56 46.50
N MET BA 145 -48.82 25.00 45.46
CA MET BA 145 -48.36 23.61 45.45
C MET BA 145 -46.85 23.65 45.26
N ASN BA 146 -46.11 23.27 46.30
CA ASN BA 146 -44.65 23.32 46.28
C ASN BA 146 -44.10 22.00 45.75
N VAL BA 147 -43.28 22.08 44.71
CA VAL BA 147 -42.83 20.90 43.97
C VAL BA 147 -41.32 20.93 43.84
N GLY BA 148 -40.68 19.80 44.16
CA GLY BA 148 -39.27 19.63 43.89
C GLY BA 148 -39.02 18.35 43.11
N PRO BA 149 -38.57 18.49 41.87
CA PRO BA 149 -38.31 17.31 41.04
C PRO BA 149 -36.86 16.84 41.12
N GLU BA 150 -36.66 15.59 40.71
CA GLU BA 150 -35.35 14.94 40.73
C GLU BA 150 -35.08 14.29 39.38
N PRO BA 151 -34.80 15.10 38.35
CA PRO BA 151 -34.53 14.51 37.03
C PRO BA 151 -33.13 13.95 36.92
N GLU BA 152 -33.02 12.81 36.25
CA GLU BA 152 -31.76 12.13 36.02
C GLU BA 152 -31.54 11.93 34.53
N PHE BA 153 -30.28 12.01 34.11
CA PHE BA 153 -29.93 11.97 32.70
C PHE BA 153 -28.66 11.16 32.50
N PHE BA 154 -28.56 10.50 31.36
CA PHE BA 154 -27.39 9.73 30.99
C PHE BA 154 -26.49 10.56 30.09
N LEU BA 155 -25.20 10.29 30.14
CA LEU BA 155 -24.22 10.90 29.26
C LEU BA 155 -23.60 9.82 28.39
N PHE BA 156 -23.64 10.02 27.08
CA PHE BA 156 -23.10 9.07 26.12
C PHE BA 156 -22.00 9.74 25.31
N LYS BA 157 -20.98 8.96 24.97
CA LYS BA 157 -19.93 9.45 24.08
C LYS BA 157 -20.44 9.49 22.65
N THR BA 158 -20.02 10.52 21.92
CA THR BA 158 -20.41 10.70 20.53
C THR BA 158 -19.34 10.16 19.60
N ASP BA 159 -19.70 10.02 18.33
CA ASP BA 159 -18.77 9.60 17.30
C ASP BA 159 -18.26 10.83 16.54
N GLU BA 160 -17.53 10.59 15.45
CA GLU BA 160 -17.00 11.69 14.66
C GLU BA 160 -18.13 12.51 14.05
N LYS BA 161 -19.18 11.86 13.57
CA LYS BA 161 -20.32 12.56 12.99
C LYS BA 161 -21.15 13.30 14.04
N GLY BA 162 -20.90 13.08 15.32
CA GLY BA 162 -21.66 13.74 16.36
C GLY BA 162 -22.91 13.03 16.79
N ASP BA 163 -23.00 11.72 16.56
CA ASP BA 163 -24.16 10.94 16.96
C ASP BA 163 -23.83 10.10 18.19
N PRO BA 164 -24.81 9.85 19.07
CA PRO BA 164 -24.52 9.12 20.29
C PRO BA 164 -24.18 7.66 20.00
N THR BA 165 -23.12 7.17 20.64
CA THR BA 165 -22.77 5.77 20.59
C THR BA 165 -23.45 5.06 21.76
N THR BA 166 -23.07 3.81 22.01
CA THR BA 166 -23.66 3.02 23.09
C THR BA 166 -22.77 2.95 24.32
N GLU BA 167 -21.69 3.73 24.36
CA GLU BA 167 -20.73 3.66 25.46
C GLU BA 167 -20.96 4.85 26.39
N LEU BA 168 -21.05 4.58 27.69
CA LEU BA 168 -21.26 5.63 28.67
C LEU BA 168 -20.00 6.49 28.80
N ASN BA 169 -20.20 7.69 29.34
CA ASN BA 169 -19.07 8.59 29.51
C ASN BA 169 -18.13 8.13 30.62
N ASP BA 170 -18.64 7.36 31.58
CA ASP BA 170 -17.81 6.86 32.67
C ASP BA 170 -18.40 5.55 33.15
N GLN BA 171 -17.83 5.01 34.23
CA GLN BA 171 -18.26 3.74 34.81
C GLN BA 171 -18.40 3.87 36.32
N GLY BA 172 -18.87 5.02 36.79
CA GLY BA 172 -19.02 5.24 38.21
C GLY BA 172 -20.27 4.62 38.79
N GLY BA 173 -20.40 4.71 40.10
CA GLY BA 173 -21.54 4.16 40.80
C GLY BA 173 -22.26 5.18 41.65
N TYR BA 174 -23.03 4.70 42.62
CA TYR BA 174 -23.85 5.58 43.45
C TYR BA 174 -22.96 6.47 44.32
N PHE BA 175 -23.10 7.77 44.14
CA PHE BA 175 -22.37 8.78 44.91
C PHE BA 175 -20.87 8.66 44.76
N ASP BA 176 -20.39 8.12 43.64
CA ASP BA 176 -18.96 7.97 43.45
C ASP BA 176 -18.30 9.32 43.22
N LEU BA 177 -16.98 9.34 43.36
CA LEU BA 177 -16.20 10.57 43.26
C LEU BA 177 -14.98 10.28 42.38
N ALA BA 178 -14.98 10.80 41.16
CA ALA BA 178 -13.84 10.72 40.26
C ALA BA 178 -13.55 12.10 39.69
N PRO BA 179 -12.71 12.89 40.38
CA PRO BA 179 -12.58 14.31 40.05
C PRO BA 179 -12.09 14.61 38.64
N MET BA 180 -11.25 13.74 38.08
CA MET BA 180 -10.53 14.08 36.86
C MET BA 180 -11.45 14.39 35.68
N ASP BA 181 -12.13 13.38 35.15
CA ASP BA 181 -13.02 13.60 34.02
C ASP BA 181 -14.26 12.73 34.06
N LEU BA 182 -14.44 11.94 35.12
CA LEU BA 182 -15.45 10.89 35.13
C LEU BA 182 -16.55 11.17 36.15
N GLY BA 183 -16.21 11.36 37.41
CA GLY BA 183 -17.21 11.53 38.46
C GLY BA 183 -18.05 12.77 38.28
N GLU BA 184 -17.41 13.93 38.19
CA GLU BA 184 -18.13 15.16 37.90
C GLU BA 184 -18.36 15.31 36.39
N ASN BA 185 -17.27 15.39 35.63
CA ASN BA 185 -17.32 15.53 34.18
C ASN BA 185 -18.19 16.72 33.78
N CYS BA 186 -19.29 16.44 33.08
CA CYS BA 186 -20.21 17.46 32.60
C CYS BA 186 -21.34 17.66 33.61
N ARG BA 187 -20.98 17.88 34.83
CA ARG BA 187 -21.95 18.16 35.87
C ARG BA 187 -21.59 19.42 36.64
N ARG BA 188 -20.31 19.74 36.73
CA ARG BA 188 -19.88 20.96 37.39
C ARG BA 188 -20.24 22.19 36.56
N GLU BA 189 -19.96 22.13 35.25
CA GLU BA 189 -20.24 23.28 34.39
C GLU BA 189 -21.74 23.47 34.19
N ILE BA 190 -22.50 22.38 34.15
CA ILE BA 190 -23.97 22.52 34.06
C ILE BA 190 -24.50 23.24 35.29
N VAL BA 191 -24.02 22.85 36.47
CA VAL BA 191 -24.47 23.50 37.70
C VAL BA 191 -24.06 24.97 37.70
N LEU BA 192 -22.84 25.25 37.24
CA LEU BA 192 -22.38 26.64 37.20
C LEU BA 192 -23.25 27.49 36.27
N LYS BA 193 -23.54 26.96 35.08
CA LYS BA 193 -24.37 27.70 34.12
C LYS BA 193 -25.78 27.90 34.65
N LEU BA 194 -26.35 26.86 35.28
CA LEU BA 194 -27.68 27.00 35.86
C LEU BA 194 -27.69 28.04 36.98
N GLU BA 195 -26.65 28.05 37.81
CA GLU BA 195 -26.56 29.04 38.87
C GLU BA 195 -26.49 30.44 38.29
N GLU BA 196 -25.72 30.62 37.22
CA GLU BA 196 -25.69 31.92 36.56
C GLU BA 196 -27.05 32.26 35.95
N MET BA 197 -27.81 31.25 35.56
CA MET BA 197 -29.12 31.45 34.94
C MET BA 197 -30.21 31.82 35.92
N GLY BA 198 -29.93 31.81 37.22
CA GLY BA 198 -30.93 32.07 38.23
C GLY BA 198 -31.51 30.84 38.90
N PHE BA 199 -30.96 29.65 38.63
CA PHE BA 199 -31.42 28.43 39.27
C PHE BA 199 -30.92 28.38 40.70
N GLU BA 200 -31.64 27.64 41.54
CA GLU BA 200 -31.24 27.38 42.92
C GLU BA 200 -30.96 25.88 43.01
N ILE BA 201 -29.68 25.52 42.87
CA ILE BA 201 -29.27 24.12 42.84
C ILE BA 201 -29.02 23.66 44.27
N GLU BA 202 -29.55 22.49 44.61
CA GLU BA 202 -29.36 21.92 45.94
C GLU BA 202 -28.07 21.10 46.02
N ALA BA 203 -27.98 20.05 45.20
CA ALA BA 203 -26.81 19.18 45.20
C ALA BA 203 -26.80 18.35 43.92
N SER BA 204 -25.64 17.79 43.62
CA SER BA 204 -25.48 16.92 42.47
C SER BA 204 -24.63 15.72 42.88
N HIS BA 205 -24.91 14.58 42.26
CA HIS BA 205 -24.17 13.37 42.57
C HIS BA 205 -24.24 12.42 41.39
N HIS BA 206 -23.35 11.43 41.39
CA HIS BA 206 -23.42 10.36 40.34
C HIS BA 206 -24.47 9.36 40.79
N GLU BA 207 -25.31 8.86 39.86
CA GLU BA 207 -26.42 7.95 40.25
C GLU BA 207 -25.98 6.48 40.18
N VAL BA 208 -26.88 5.55 40.54
CA VAL BA 208 -26.54 4.10 40.56
C VAL BA 208 -26.00 3.67 39.19
N ALA BA 209 -26.81 3.76 38.14
CA ALA BA 209 -26.39 3.29 36.79
C ALA BA 209 -25.14 4.05 36.33
N PRO BA 210 -24.12 3.34 35.77
CA PRO BA 210 -22.92 4.01 35.24
C PRO BA 210 -23.27 5.04 34.17
N GLY BA 211 -22.61 6.21 34.21
CA GLY BA 211 -22.86 7.24 33.22
C GLY BA 211 -24.08 8.11 33.44
N GLN BA 212 -24.82 7.94 34.53
CA GLN BA 212 -26.01 8.75 34.75
C GLN BA 212 -25.78 9.62 35.98
N HIS BA 213 -26.27 10.87 35.91
CA HIS BA 213 -26.05 11.85 36.96
C HIS BA 213 -27.38 12.48 37.35
N GLU BA 214 -27.40 13.09 38.54
CA GLU BA 214 -28.60 13.74 39.04
C GLU BA 214 -28.23 15.10 39.61
N ILE BA 215 -29.04 16.11 39.27
CA ILE BA 215 -28.90 17.45 39.81
C ILE BA 215 -30.25 17.86 40.38
N ASP BA 216 -30.27 18.27 41.64
CA ASP BA 216 -31.49 18.64 42.34
C ASP BA 216 -31.58 20.15 42.49
N PHE BA 217 -32.78 20.68 42.33
CA PHE BA 217 -33.05 22.09 42.55
C PHE BA 217 -33.76 22.27 43.89
N LYS BA 218 -33.77 23.51 44.36
CA LYS BA 218 -34.60 23.86 45.50
C LYS BA 218 -36.06 23.90 45.08
N TYR BA 219 -36.95 23.73 46.05
CA TYR BA 219 -38.37 23.63 45.76
C TYR BA 219 -38.92 24.98 45.31
N ALA BA 220 -39.90 24.93 44.41
CA ALA BA 220 -40.54 26.13 43.88
C ALA BA 220 -42.00 25.81 43.62
N ASP BA 221 -42.75 26.84 43.22
CA ASP BA 221 -44.14 26.63 42.86
C ASP BA 221 -44.24 25.80 41.59
N ALA BA 222 -45.42 25.22 41.38
CA ALA BA 222 -45.58 24.18 40.36
C ALA BA 222 -45.24 24.68 38.97
N VAL BA 223 -45.77 25.85 38.59
CA VAL BA 223 -45.49 26.40 37.26
C VAL BA 223 -44.01 26.70 37.12
N LYS BA 224 -43.42 27.32 38.14
CA LYS BA 224 -41.98 27.60 38.11
C LYS BA 224 -41.18 26.31 38.07
N ALA BA 225 -41.63 25.28 38.79
CA ALA BA 225 -40.92 24.01 38.79
C ALA BA 225 -40.92 23.39 37.40
N ALA BA 226 -42.06 23.41 36.71
CA ALA BA 226 -42.12 22.84 35.37
C ALA BA 226 -41.28 23.65 34.39
N ASP BA 227 -41.32 24.99 34.50
CA ASP BA 227 -40.48 25.82 33.65
C ASP BA 227 -39.01 25.51 33.89
N GLN BA 228 -38.62 25.33 35.15
CA GLN BA 228 -37.25 24.99 35.48
C GLN BA 228 -36.86 23.62 34.93
N ILE BA 229 -37.80 22.67 34.93
CA ILE BA 229 -37.50 21.36 34.37
C ILE BA 229 -37.21 21.47 32.88
N GLN BA 230 -38.05 22.22 32.16
CA GLN BA 230 -37.83 22.39 30.73
C GLN BA 230 -36.49 23.07 30.46
N THR BA 231 -36.22 24.17 31.17
CA THR BA 231 -34.98 24.89 30.98
C THR BA 231 -33.78 24.01 31.34
N PHE BA 232 -33.91 23.22 32.39
CA PHE BA 232 -32.83 22.34 32.82
C PHE BA 232 -32.51 21.30 31.76
N LYS BA 233 -33.54 20.70 31.18
CA LYS BA 233 -33.30 19.73 30.12
C LYS BA 233 -32.59 20.38 28.94
N LEU BA 234 -33.06 21.56 28.53
CA LEU BA 234 -32.42 22.24 27.41
C LEU BA 234 -30.96 22.58 27.71
N VAL BA 235 -30.69 23.10 28.91
CA VAL BA 235 -29.34 23.50 29.27
C VAL BA 235 -28.42 22.30 29.36
N VAL BA 236 -28.89 21.20 29.96
CA VAL BA 236 -28.07 20.00 30.07
C VAL BA 236 -27.72 19.48 28.69
N LYS BA 237 -28.71 19.43 27.79
CA LYS BA 237 -28.43 18.96 26.44
C LYS BA 237 -27.41 19.84 25.75
N THR BA 238 -27.56 21.16 25.85
CA THR BA 238 -26.64 22.07 25.19
C THR BA 238 -25.22 21.93 25.72
N ILE BA 239 -25.07 21.91 27.05
CA ILE BA 239 -23.75 21.84 27.64
C ILE BA 239 -23.09 20.50 27.33
N ALA BA 240 -23.85 19.42 27.36
CA ALA BA 240 -23.29 18.12 27.00
C ALA BA 240 -22.84 18.11 25.55
N ARG BA 241 -23.62 18.72 24.65
CA ARG BA 241 -23.19 18.83 23.26
C ARG BA 241 -21.91 19.64 23.14
N GLN BA 242 -21.73 20.65 23.99
CA GLN BA 242 -20.53 21.47 23.93
C GLN BA 242 -19.27 20.66 24.20
N HIS BA 243 -19.35 19.70 25.14
CA HIS BA 243 -18.21 18.91 25.54
C HIS BA 243 -18.04 17.65 24.70
N GLY BA 244 -18.71 17.57 23.55
CA GLY BA 244 -18.63 16.38 22.73
C GLY BA 244 -19.27 15.16 23.36
N LEU BA 245 -20.34 15.34 24.11
CA LEU BA 245 -21.10 14.25 24.71
C LEU BA 245 -22.56 14.36 24.28
N HIS BA 246 -23.33 13.34 24.62
CA HIS BA 246 -24.76 13.32 24.34
C HIS BA 246 -25.50 13.07 25.63
N ALA BA 247 -26.41 13.97 25.98
CA ALA BA 247 -27.24 13.84 27.16
C ALA BA 247 -28.64 13.41 26.76
N THR BA 248 -29.15 12.38 27.42
CA THR BA 248 -30.49 11.87 27.12
C THR BA 248 -31.28 11.73 28.41
N PHE BA 249 -32.58 12.01 28.32
CA PHE BA 249 -33.52 11.77 29.40
C PHE BA 249 -34.42 10.58 29.10
N MET BA 250 -33.92 9.65 28.29
CA MET BA 250 -34.67 8.45 27.96
C MET BA 250 -34.91 7.62 29.22
N PRO BA 251 -36.14 7.16 29.46
CA PRO BA 251 -36.40 6.42 30.71
C PRO BA 251 -35.54 5.17 30.88
N LYS BA 252 -35.25 4.44 29.81
CA LYS BA 252 -34.46 3.20 29.89
C LYS BA 252 -33.64 3.06 28.62
N PRO BA 253 -32.52 3.78 28.53
CA PRO BA 253 -31.70 3.69 27.31
C PRO BA 253 -31.01 2.35 27.14
N LEU BA 254 -30.72 1.64 28.22
CA LEU BA 254 -30.00 0.38 28.14
C LEU BA 254 -30.70 -0.70 28.96
N PHE BA 255 -30.66 -1.93 28.47
CA PHE BA 255 -31.22 -3.05 29.19
C PHE BA 255 -30.24 -3.55 30.24
N GLY BA 256 -30.77 -3.90 31.41
CA GLY BA 256 -29.98 -4.49 32.46
C GLY BA 256 -29.37 -3.51 33.45
N VAL BA 257 -29.51 -2.21 33.17
CA VAL BA 257 -29.00 -1.16 34.11
C VAL BA 257 -30.20 -0.41 34.71
N ASN BA 258 -29.95 0.42 35.74
CA ASN BA 258 -31.03 1.22 36.36
C ASN BA 258 -31.55 2.26 35.37
N GLY BA 259 -32.84 2.61 35.46
CA GLY BA 259 -33.44 3.58 34.51
C GLY BA 259 -33.40 5.00 35.02
N SER BA 260 -34.02 5.93 34.29
CA SER BA 260 -34.05 7.36 34.70
C SER BA 260 -35.45 7.72 35.20
N GLY BA 261 -35.55 8.22 36.43
CA GLY BA 261 -36.84 8.63 36.95
C GLY BA 261 -36.86 10.13 37.21
N MET BA 262 -38.07 10.64 37.50
CA MET BA 262 -38.29 12.05 37.79
C MET BA 262 -39.18 12.16 39.04
N HIS BA 263 -38.75 11.52 40.11
CA HIS BA 263 -39.45 11.61 41.39
C HIS BA 263 -39.84 13.04 41.69
N CYS BA 264 -41.13 13.24 41.99
CA CYS BA 264 -41.67 14.56 42.27
C CYS BA 264 -42.08 14.64 43.72
N ASN BA 265 -41.52 15.61 44.45
CA ASN BA 265 -41.87 15.84 45.84
C ASN BA 265 -42.90 16.97 45.89
N GLN BA 266 -44.04 16.70 46.52
CA GLN BA 266 -45.14 17.65 46.53
C GLN BA 266 -45.60 17.92 47.95
N SER BA 267 -46.02 19.16 48.20
CA SER BA 267 -46.63 19.55 49.46
C SER BA 267 -47.58 20.70 49.19
N LEU BA 268 -48.77 20.63 49.76
CA LEU BA 268 -49.77 21.67 49.59
C LEU BA 268 -49.60 22.73 50.68
N PHE BA 269 -49.70 23.99 50.28
CA PHE BA 269 -49.49 25.11 51.18
C PHE BA 269 -50.72 25.99 51.20
N LYS BA 270 -51.03 26.52 52.38
CA LYS BA 270 -52.13 27.47 52.57
C LYS BA 270 -51.57 28.60 53.43
N ASP BA 271 -51.18 29.70 52.78
CA ASP BA 271 -50.62 30.87 53.46
C ASP BA 271 -49.39 30.46 54.28
N ASN BA 272 -48.36 30.08 53.53
CA ASN BA 272 -47.04 29.64 54.04
C ASN BA 272 -47.16 28.72 55.25
N GLU BA 273 -48.21 27.91 55.25
CA GLU BA 273 -48.37 26.86 56.24
C GLU BA 273 -48.50 25.54 55.51
N ASN BA 274 -47.68 24.56 55.88
CA ASN BA 274 -47.71 23.24 55.27
C ASN BA 274 -48.91 22.47 55.81
N VAL BA 275 -49.92 22.27 54.98
CA VAL BA 275 -51.12 21.55 55.42
C VAL BA 275 -50.90 20.05 55.51
N PHE BA 276 -49.77 19.55 55.01
CA PHE BA 276 -49.46 18.14 55.15
C PHE BA 276 -48.92 17.80 56.54
N TYR BA 277 -48.48 18.80 57.29
CA TYR BA 277 -47.84 18.55 58.58
C TYR BA 277 -48.87 18.44 59.69
N ASP BA 278 -48.62 17.53 60.62
CA ASP BA 278 -49.47 17.36 61.80
C ASP BA 278 -48.60 16.75 62.91
N GLU BA 279 -48.17 17.60 63.85
CA GLU BA 279 -47.31 17.11 64.93
C GLU BA 279 -48.01 16.07 65.79
N THR BA 280 -49.33 16.14 65.89
CA THR BA 280 -50.05 15.21 66.75
C THR BA 280 -50.11 13.81 66.15
N ASP BA 281 -49.97 13.70 64.83
CA ASP BA 281 -50.05 12.39 64.17
C ASP BA 281 -48.81 11.56 64.48
N GLU BA 282 -49.00 10.23 64.43
CA GLU BA 282 -47.88 9.32 64.72
C GLU BA 282 -46.78 9.47 63.69
N LEU BA 283 -47.13 9.59 62.41
CA LEU BA 283 -46.16 9.76 61.35
C LEU BA 283 -45.91 11.22 61.00
N GLY BA 284 -46.51 12.15 61.74
CA GLY BA 284 -46.42 13.55 61.38
C GLY BA 284 -47.12 13.90 60.09
N LEU BA 285 -48.25 13.24 59.80
CA LEU BA 285 -48.98 13.43 58.57
C LEU BA 285 -50.41 13.81 58.89
N SER BA 286 -50.87 14.90 58.30
CA SER BA 286 -52.24 15.35 58.51
C SER BA 286 -53.22 14.48 57.72
N GLN BA 287 -54.50 14.60 58.09
CA GLN BA 287 -55.53 13.88 57.34
C GLN BA 287 -55.61 14.36 55.90
N THR BA 288 -55.29 15.64 55.66
CA THR BA 288 -55.27 16.15 54.30
C THR BA 288 -54.22 15.45 53.46
N ALA BA 289 -53.03 15.23 54.04
CA ALA BA 289 -51.97 14.53 53.32
C ALA BA 289 -52.38 13.09 53.03
N ARG BA 290 -53.02 12.43 53.99
CA ARG BA 290 -53.46 11.05 53.78
C ARG BA 290 -54.51 10.97 52.68
N HIS BA 291 -55.46 11.91 52.67
CA HIS BA 291 -56.45 11.94 51.59
C HIS BA 291 -55.79 12.19 50.24
N TYR BA 292 -54.81 13.11 50.21
CA TYR BA 292 -54.06 13.37 48.99
C TYR BA 292 -53.40 12.10 48.47
N MET BA 293 -52.73 11.37 49.37
CA MET BA 293 -52.03 10.16 48.97
C MET BA 293 -53.00 9.09 48.49
N ALA BA 294 -54.14 8.96 49.17
CA ALA BA 294 -55.15 7.98 48.73
C ALA BA 294 -55.68 8.32 47.35
N GLY BA 295 -55.94 9.61 47.11
CA GLY BA 295 -56.40 10.02 45.79
C GLY BA 295 -55.39 9.74 44.70
N ILE BA 296 -54.11 9.98 44.99
CA ILE BA 296 -53.07 9.64 44.02
C ILE BA 296 -53.02 8.14 43.79
N LEU BA 297 -53.17 7.35 44.85
CA LEU BA 297 -53.08 5.90 44.72
C LEU BA 297 -54.20 5.33 43.87
N LYS BA 298 -55.44 5.82 44.07
CA LYS BA 298 -56.54 5.22 43.33
C LYS BA 298 -56.47 5.53 41.84
N HIS BA 299 -55.98 6.71 41.48
CA HIS BA 299 -55.94 7.13 40.09
C HIS BA 299 -54.59 6.88 39.43
N ALA BA 300 -53.72 6.08 40.05
CA ALA BA 300 -52.37 5.90 39.53
C ALA BA 300 -52.36 5.28 38.15
N ARG BA 301 -53.17 4.22 37.96
CA ARG BA 301 -53.20 3.55 36.66
C ARG BA 301 -53.72 4.48 35.57
N ALA BA 302 -54.60 5.41 35.92
CA ALA BA 302 -55.09 6.37 34.94
C ALA BA 302 -54.05 7.42 34.61
N MET BA 303 -53.26 7.86 35.59
CA MET BA 303 -52.21 8.84 35.35
C MET BA 303 -50.97 8.25 34.69
N ALA BA 304 -50.84 6.92 34.68
CA ALA BA 304 -49.63 6.30 34.15
C ALA BA 304 -49.39 6.69 32.69
N ALA BA 305 -50.46 6.89 31.92
CA ALA BA 305 -50.28 7.28 30.52
C ALA BA 305 -49.69 8.67 30.37
N ILE BA 306 -49.84 9.52 31.38
CA ILE BA 306 -49.27 10.87 31.32
C ILE BA 306 -47.91 10.94 31.98
N THR BA 307 -47.76 10.34 33.16
CA THR BA 307 -46.47 10.36 33.84
C THR BA 307 -45.47 9.41 33.19
N ASN BA 308 -45.93 8.40 32.47
CA ASN BA 308 -45.08 7.47 31.73
C ASN BA 308 -45.60 7.43 30.31
N PRO BA 309 -45.27 8.42 29.49
CA PRO BA 309 -45.98 8.60 28.23
C PRO BA 309 -45.45 7.80 27.05
N THR BA 310 -44.19 7.37 27.11
CA THR BA 310 -43.59 6.71 25.96
C THR BA 310 -43.67 5.19 26.08
N VAL BA 311 -43.35 4.52 24.97
CA VAL BA 311 -43.23 3.07 24.99
C VAL BA 311 -42.07 2.64 25.88
N ASN BA 312 -40.94 3.35 25.77
CA ASN BA 312 -39.76 3.01 26.57
C ASN BA 312 -39.99 3.24 28.06
N SER BA 313 -41.01 4.00 28.43
CA SER BA 313 -41.26 4.27 29.84
C SER BA 313 -41.59 3.00 30.60
N TYR BA 314 -42.20 2.02 29.95
CA TYR BA 314 -42.63 0.80 30.61
C TYR BA 314 -41.58 -0.29 30.57
N LYS BA 315 -40.46 -0.07 29.88
CA LYS BA 315 -39.30 -0.92 30.08
C LYS BA 315 -38.54 -0.55 31.36
N ARG BA 316 -38.75 0.65 31.88
CA ARG BA 316 -38.19 1.02 33.17
C ARG BA 316 -38.99 0.40 34.32
N LEU BA 317 -40.31 0.34 34.18
CA LEU BA 317 -41.17 -0.18 35.24
C LEU BA 317 -41.13 -1.72 35.26
N VAL BA 318 -39.94 -2.24 35.54
CA VAL BA 318 -39.73 -3.67 35.68
C VAL BA 318 -39.06 -3.92 37.02
N PRO BA 319 -39.30 -5.07 37.66
CA PRO BA 319 -38.75 -5.28 39.00
C PRO BA 319 -37.24 -5.38 39.00
N GLY BA 320 -36.65 -4.94 40.10
CA GLY BA 320 -35.22 -5.09 40.33
C GLY BA 320 -34.36 -3.90 40.02
N TYR BA 321 -34.93 -2.74 39.71
CA TYR BA 321 -34.16 -1.57 39.35
C TYR BA 321 -34.65 -0.31 40.05
N GLU BA 322 -35.29 -0.48 41.22
CA GLU BA 322 -35.76 0.58 42.10
C GLU BA 322 -36.95 1.36 41.52
N ALA BA 323 -37.36 1.09 40.30
CA ALA BA 323 -38.54 1.76 39.79
C ALA BA 323 -39.80 1.13 40.37
N PRO BA 324 -40.82 1.93 40.70
CA PRO BA 324 -42.05 1.36 41.22
C PRO BA 324 -42.75 0.49 40.18
N CYS BA 325 -43.32 -0.61 40.65
CA CYS BA 325 -44.12 -1.48 39.79
C CYS BA 325 -45.49 -1.77 40.37
N TYR BA 326 -45.78 -1.35 41.60
CA TYR BA 326 -47.07 -1.60 42.22
C TYR BA 326 -47.56 -0.32 42.87
N VAL BA 327 -48.88 -0.17 42.91
CA VAL BA 327 -49.50 1.02 43.47
C VAL BA 327 -49.58 0.87 44.98
N ALA BA 328 -48.57 1.35 45.69
CA ALA BA 328 -48.53 1.27 47.14
C ALA BA 328 -47.64 2.37 47.68
N TRP BA 329 -47.80 2.65 48.97
CA TRP BA 329 -47.03 3.69 49.63
C TRP BA 329 -46.33 3.11 50.85
N SER BA 330 -45.17 3.68 51.16
CA SER BA 330 -44.39 3.25 52.31
C SER BA 330 -43.45 4.36 52.71
N ALA BA 331 -42.95 4.30 53.95
CA ALA BA 331 -41.90 5.19 54.39
C ALA BA 331 -40.51 4.60 54.18
N SER BA 332 -40.42 3.29 53.98
CA SER BA 332 -39.14 2.63 53.73
C SER BA 332 -39.40 1.33 53.01
N ASN BA 333 -39.07 1.26 51.72
CA ASN BA 333 -39.29 0.06 50.94
C ASN BA 333 -38.37 0.10 49.72
N ARG BA 334 -38.24 -1.05 49.06
CA ARG BA 334 -37.42 -1.17 47.87
C ARG BA 334 -37.84 -0.17 46.80
N SER BA 335 -39.12 -0.14 46.45
CA SER BA 335 -39.64 0.74 45.41
C SER BA 335 -41.14 0.89 45.58
N PRO BA 336 -41.57 1.80 46.43
CA PRO BA 336 -43.00 2.12 46.52
C PRO BA 336 -43.40 3.16 45.48
N MET BA 337 -44.69 3.13 45.13
CA MET BA 337 -45.23 4.17 44.26
C MET BA 337 -45.09 5.53 44.91
N ILE BA 338 -45.44 5.62 46.20
CA ILE BA 338 -45.38 6.86 46.96
C ILE BA 338 -44.44 6.63 48.14
N ARG BA 339 -43.48 7.53 48.31
CA ARG BA 339 -42.57 7.49 49.45
C ARG BA 339 -42.70 8.78 50.24
N ILE BA 340 -42.56 8.68 51.55
CA ILE BA 340 -42.66 9.83 52.43
C ILE BA 340 -41.30 10.06 53.08
N PRO BA 341 -40.59 11.12 52.73
CA PRO BA 341 -39.27 11.37 53.33
C PRO BA 341 -39.39 11.64 54.81
N ALA BA 342 -38.26 11.44 55.51
CA ALA BA 342 -38.24 11.61 56.96
C ALA BA 342 -38.35 13.05 57.41
N SER BA 343 -38.15 14.01 56.51
CA SER BA 343 -38.22 15.42 56.90
C SER BA 343 -39.63 15.78 57.34
N ARG BA 344 -39.72 16.64 58.35
CA ARG BA 344 -41.00 17.05 58.92
C ARG BA 344 -41.10 18.57 58.99
N GLY BA 345 -42.14 19.07 59.63
CA GLY BA 345 -42.28 20.50 59.79
C GLY BA 345 -42.75 21.15 58.50
N LEU BA 346 -42.03 22.18 58.07
CA LEU BA 346 -42.38 22.85 56.82
C LEU BA 346 -41.93 22.08 55.59
N SER BA 347 -41.18 21.00 55.76
CA SER BA 347 -40.65 20.23 54.65
C SER BA 347 -41.26 18.84 54.56
N THR BA 348 -42.42 18.62 55.17
CA THR BA 348 -43.10 17.34 55.00
C THR BA 348 -43.64 17.23 53.59
N ARG BA 349 -43.33 16.13 52.93
CA ARG BA 349 -43.58 16.00 51.50
C ARG BA 349 -44.12 14.63 51.17
N VAL BA 350 -44.78 14.55 50.02
CA VAL BA 350 -45.22 13.29 49.43
C VAL BA 350 -44.47 13.13 48.12
N GLU BA 351 -43.66 12.07 48.03
CA GLU BA 351 -42.83 11.83 46.87
C GLU BA 351 -43.50 10.78 45.99
N VAL BA 352 -43.74 11.12 44.73
CA VAL BA 352 -44.29 10.20 43.74
C VAL BA 352 -43.17 9.85 42.77
N ARG BA 353 -42.91 8.55 42.61
CA ARG BA 353 -41.72 8.07 41.92
C ARG BA 353 -42.00 7.48 40.55
N ASN BA 354 -43.27 7.43 40.13
CA ASN BA 354 -43.58 6.93 38.78
C ASN BA 354 -42.99 7.77 37.65
N PRO BA 355 -43.10 9.10 37.65
CA PRO BA 355 -42.74 9.85 36.44
C PRO BA 355 -41.29 9.64 36.04
N ASP BA 356 -41.07 9.62 34.74
CA ASP BA 356 -39.76 9.64 34.14
C ASP BA 356 -39.51 10.99 33.47
N PRO BA 357 -38.25 11.38 33.24
CA PRO BA 357 -37.98 12.71 32.68
C PRO BA 357 -38.58 12.93 31.30
N ALA BA 358 -39.04 11.89 30.62
CA ALA BA 358 -39.69 12.04 29.33
C ALA BA 358 -41.11 12.59 29.45
N ALA BA 359 -41.67 12.62 30.65
CA ALA BA 359 -43.04 13.11 30.83
C ALA BA 359 -43.10 14.63 30.67
N ASN BA 360 -44.26 15.10 30.27
CA ASN BA 360 -44.50 16.54 30.22
C ASN BA 360 -44.65 17.05 31.63
N PRO BA 361 -43.80 17.98 32.09
CA PRO BA 361 -43.89 18.41 33.50
C PRO BA 361 -45.21 19.05 33.84
N TYR BA 362 -45.75 19.89 32.97
CA TYR BA 362 -47.01 20.56 33.26
C TYR BA 362 -48.14 19.55 33.38
N LEU BA 363 -48.25 18.64 32.42
CA LEU BA 363 -49.33 17.66 32.46
C LEU BA 363 -49.17 16.71 33.64
N ALA BA 364 -47.95 16.28 33.94
CA ALA BA 364 -47.73 15.36 35.04
C ALA BA 364 -48.10 16.01 36.38
N LEU BA 365 -47.63 17.24 36.60
CA LEU BA 365 -47.98 17.94 37.82
C LEU BA 365 -49.48 18.19 37.91
N ALA BA 366 -50.11 18.52 36.77
CA ALA BA 366 -51.54 18.77 36.78
C ALA BA 366 -52.32 17.53 37.16
N VAL BA 367 -51.97 16.38 36.57
CA VAL BA 367 -52.74 15.17 36.85
C VAL BA 367 -52.49 14.70 38.28
N MET BA 368 -51.25 14.79 38.78
CA MET BA 368 -51.01 14.42 40.17
C MET BA 368 -51.76 15.33 41.13
N LEU BA 369 -51.76 16.64 40.89
CA LEU BA 369 -52.48 17.55 41.76
C LEU BA 369 -53.98 17.30 41.71
N ARG BA 370 -54.52 17.02 40.52
CA ARG BA 370 -55.95 16.78 40.41
C ARG BA 370 -56.34 15.48 41.11
N ALA BA 371 -55.52 14.43 40.99
CA ALA BA 371 -55.80 13.20 41.70
C ALA BA 371 -55.75 13.42 43.21
N GLY BA 372 -54.77 14.18 43.69
CA GLY BA 372 -54.70 14.47 45.11
C GLY BA 372 -55.89 15.27 45.60
N LEU BA 373 -56.32 16.26 44.82
CA LEU BA 373 -57.48 17.07 45.21
C LEU BA 373 -58.75 16.24 45.19
N ASP BA 374 -58.86 15.31 44.25
CA ASP BA 374 -60.00 14.40 44.23
C ASP BA 374 -60.00 13.51 45.47
N GLY BA 375 -58.81 13.06 45.89
CA GLY BA 375 -58.73 12.33 47.14
C GLY BA 375 -59.14 13.17 48.34
N ILE BA 376 -58.72 14.43 48.37
CA ILE BA 376 -59.07 15.32 49.47
C ILE BA 376 -60.58 15.55 49.52
N LYS BA 377 -61.20 15.78 48.36
CA LYS BA 377 -62.61 16.14 48.32
C LYS BA 377 -63.50 15.03 48.85
N ARG BA 378 -63.21 13.78 48.49
CA ARG BA 378 -64.06 12.66 48.84
C ARG BA 378 -63.67 12.00 50.16
N GLN BA 379 -62.71 12.58 50.89
CA GLN BA 379 -62.25 12.02 52.17
C GLN BA 379 -61.87 10.55 52.00
N MET BA 380 -61.08 10.27 50.97
CA MET BA 380 -60.72 8.92 50.63
C MET BA 380 -59.84 8.29 51.71
N ALA BA 381 -60.02 6.99 51.92
CA ALA BA 381 -59.33 6.29 53.00
C ALA BA 381 -57.99 5.76 52.53
N LEU BA 382 -56.95 6.06 53.29
CA LEU BA 382 -55.61 5.61 52.95
C LEU BA 382 -55.46 4.11 53.20
N PRO BA 383 -55.03 3.33 52.23
CA PRO BA 383 -54.73 1.92 52.48
C PRO BA 383 -53.51 1.77 53.36
N ALA BA 384 -53.37 0.58 53.94
CA ALA BA 384 -52.27 0.34 54.86
C ALA BA 384 -50.94 0.39 54.12
N PRO BA 385 -49.89 0.93 54.73
CA PRO BA 385 -48.58 0.94 54.08
C PRO BA 385 -48.01 -0.46 53.97
N ILE BA 386 -47.17 -0.65 52.97
CA ILE BA 386 -46.47 -1.92 52.80
C ILE BA 386 -45.23 -1.94 53.68
N ASP BA 387 -45.06 -3.02 54.42
CA ASP BA 387 -43.92 -3.17 55.32
C ASP BA 387 -42.71 -3.67 54.54
N ARG BA 388 -41.70 -4.16 55.24
CA ARG BA 388 -40.53 -4.75 54.61
C ARG BA 388 -40.85 -6.03 53.84
N ASN BA 389 -42.13 -6.37 53.71
CA ASN BA 389 -42.56 -7.53 52.94
C ASN BA 389 -42.29 -7.25 51.47
N ILE BA 390 -41.18 -7.78 50.96
CA ILE BA 390 -40.84 -7.61 49.56
C ILE BA 390 -41.85 -8.37 48.72
N TYR BA 391 -42.04 -7.92 47.47
CA TYR BA 391 -43.12 -8.39 46.61
C TYR BA 391 -42.80 -9.73 45.94
N VAL BA 392 -41.89 -10.53 46.49
CA VAL BA 392 -41.74 -11.91 46.06
C VAL BA 392 -43.00 -12.72 46.24
N MET BA 393 -44.01 -12.18 46.94
CA MET BA 393 -45.26 -12.88 47.12
C MET BA 393 -45.97 -13.07 45.78
N SER BA 394 -46.75 -14.15 45.70
CA SER BA 394 -47.43 -14.50 44.47
C SER BA 394 -48.54 -13.49 44.15
N GLU BA 395 -49.01 -13.55 42.91
CA GLU BA 395 -50.11 -12.66 42.50
C GLU BA 395 -51.35 -12.88 43.35
N GLU BA 396 -51.59 -14.12 43.79
CA GLU BA 396 -52.71 -14.39 44.69
C GLU BA 396 -52.56 -13.61 45.99
N GLU BA 397 -51.35 -13.59 46.54
CA GLU BA 397 -51.11 -12.78 47.73
C GLU BA 397 -51.28 -11.30 47.44
N ARG BA 398 -50.88 -10.86 46.25
CA ARG BA 398 -50.92 -9.44 45.93
C ARG BA 398 -52.35 -8.92 45.79
N ILE BA 399 -53.20 -9.64 45.06
CA ILE BA 399 -54.58 -9.17 44.96
C ILE BA 399 -55.41 -9.57 46.18
N GLU BA 400 -54.91 -10.51 46.99
CA GLU BA 400 -55.55 -10.76 48.28
C GLU BA 400 -55.31 -9.59 49.23
N GLU BA 401 -54.12 -9.01 49.19
CA GLU BA 401 -53.81 -7.83 49.99
C GLU BA 401 -54.25 -6.53 49.34
N GLY BA 402 -54.85 -6.59 48.15
CA GLY BA 402 -55.31 -5.39 47.49
C GLY BA 402 -54.21 -4.46 47.02
N ILE BA 403 -53.15 -4.99 46.42
CA ILE BA 403 -52.06 -4.19 45.91
C ILE BA 403 -52.20 -4.14 44.38
N PRO BA 404 -52.65 -3.04 43.80
CA PRO BA 404 -52.72 -2.94 42.34
C PRO BA 404 -51.33 -2.81 41.73
N SER BA 405 -51.25 -3.13 40.45
CA SER BA 405 -50.02 -3.02 39.69
C SER BA 405 -50.16 -1.97 38.59
N LEU BA 406 -49.06 -1.30 38.31
CA LEU BA 406 -49.05 -0.31 37.25
C LEU BA 406 -49.18 -0.98 35.89
N PRO BA 407 -49.66 -0.25 34.88
CA PRO BA 407 -49.83 -0.86 33.55
C PRO BA 407 -48.53 -1.39 33.00
N ALA BA 408 -48.62 -2.51 32.28
CA ALA BA 408 -47.42 -3.18 31.77
C ALA BA 408 -46.90 -2.58 30.48
N ASP BA 409 -47.71 -1.78 29.79
CA ASP BA 409 -47.28 -1.18 28.54
C ASP BA 409 -48.15 0.05 28.28
N LEU BA 410 -47.85 0.75 27.17
CA LEU BA 410 -48.54 1.98 26.85
C LEU BA 410 -50.02 1.74 26.54
N LYS BA 411 -50.34 0.59 25.95
CA LYS BA 411 -51.72 0.31 25.56
C LYS BA 411 -52.64 0.24 26.77
N GLU BA 412 -52.21 -0.48 27.81
CA GLU BA 412 -53.02 -0.58 29.03
C GLU BA 412 -53.22 0.80 29.66
N ALA BA 413 -52.15 1.59 29.70
CA ALA BA 413 -52.25 2.92 30.27
C ALA BA 413 -53.21 3.79 29.48
N LEU BA 414 -53.19 3.69 28.16
CA LEU BA 414 -54.12 4.47 27.34
C LEU BA 414 -55.56 4.04 27.57
N SER BA 415 -55.80 2.73 27.69
CA SER BA 415 -57.15 2.27 27.98
C SER BA 415 -57.63 2.80 29.32
N GLU BA 416 -56.77 2.77 30.34
CA GLU BA 416 -57.14 3.29 31.65
C GLU BA 416 -57.38 4.80 31.58
N LEU BA 417 -56.57 5.52 30.82
CA LEU BA 417 -56.76 6.95 30.64
C LEU BA 417 -58.12 7.25 30.03
N ILE BA 418 -58.50 6.50 29.01
CA ILE BA 418 -59.81 6.69 28.39
C ILE BA 418 -60.91 6.41 29.38
N ARG BA 419 -60.79 5.32 30.15
CA ARG BA 419 -61.84 4.95 31.07
C ARG BA 419 -61.95 5.88 32.28
N SER BA 420 -60.96 6.72 32.51
CA SER BA 420 -60.96 7.59 33.70
C SER BA 420 -61.74 8.86 33.44
N GLU BA 421 -62.56 9.24 34.42
CA GLU BA 421 -63.36 10.45 34.34
C GLU BA 421 -62.80 11.59 35.19
N VAL BA 422 -61.83 11.32 36.05
CA VAL BA 422 -61.28 12.35 36.92
C VAL BA 422 -60.11 13.08 36.29
N ILE BA 423 -59.10 12.33 35.84
CA ILE BA 423 -57.91 12.98 35.31
C ILE BA 423 -58.08 13.33 33.84
N SER BA 424 -59.05 12.72 33.15
CA SER BA 424 -59.42 13.20 31.83
C SER BA 424 -60.02 14.59 31.91
N ASP BA 425 -60.77 14.87 32.98
CA ASP BA 425 -61.23 16.23 33.22
C ASP BA 425 -60.07 17.18 33.48
N ALA BA 426 -59.03 16.69 34.18
CA ALA BA 426 -57.83 17.49 34.39
C ALA BA 426 -57.18 17.85 33.07
N LEU BA 427 -57.07 16.87 32.18
CA LEU BA 427 -56.55 17.17 30.84
C LEU BA 427 -57.47 18.08 30.06
N GLY BA 428 -58.78 17.88 30.17
CA GLY BA 428 -59.73 18.61 29.36
C GLY BA 428 -60.08 17.87 28.08
N ASP BA 429 -61.18 18.29 27.48
CA ASP BA 429 -61.71 17.60 26.30
C ASP BA 429 -60.81 17.71 25.08
N HIS BA 430 -60.25 18.89 24.81
CA HIS BA 430 -59.45 19.07 23.61
C HIS BA 430 -58.11 18.35 23.70
N ALA BA 431 -57.40 18.49 24.82
CA ALA BA 431 -56.08 17.90 24.93
C ALA BA 431 -56.13 16.39 25.03
N LEU BA 432 -57.19 15.84 25.65
CA LEU BA 432 -57.30 14.40 25.81
C LEU BA 432 -57.36 13.69 24.46
N ALA BA 433 -58.18 14.20 23.55
CA ALA BA 433 -58.33 13.55 22.25
C ALA BA 433 -57.02 13.55 21.49
N TYR BA 434 -56.31 14.67 21.47
CA TYR BA 434 -55.07 14.75 20.72
C TYR BA 434 -53.96 13.92 21.36
N PHE BA 435 -53.87 13.93 22.69
CA PHE BA 435 -52.90 13.07 23.35
C PHE BA 435 -53.16 11.61 23.08
N TYR BA 436 -54.44 11.21 23.13
CA TYR BA 436 -54.80 9.82 22.84
C TYR BA 436 -54.45 9.46 21.40
N GLU BA 437 -54.72 10.35 20.45
CA GLU BA 437 -54.37 10.07 19.06
C GLU BA 437 -52.87 9.92 18.89
N LEU BA 438 -52.09 10.83 19.48
CA LEU BA 438 -50.64 10.75 19.38
C LEU BA 438 -50.13 9.43 19.92
N LYS BA 439 -50.58 9.06 21.12
CA LYS BA 439 -50.06 7.85 21.75
C LYS BA 439 -50.55 6.59 21.04
N GLU BA 440 -51.77 6.59 20.52
CA GLU BA 440 -52.25 5.45 19.76
C GLU BA 440 -51.43 5.26 18.48
N ILE BA 441 -51.11 6.35 17.80
CA ILE BA 441 -50.28 6.23 16.60
C ILE BA 441 -48.91 5.70 16.96
N GLU BA 442 -48.31 6.22 18.04
CA GLU BA 442 -47.00 5.75 18.46
C GLU BA 442 -47.02 4.26 18.78
N TRP BA 443 -48.03 3.82 19.55
CA TRP BA 443 -48.12 2.41 19.90
C TRP BA 443 -48.33 1.55 18.65
N ASP BA 444 -49.16 2.00 17.72
CA ASP BA 444 -49.41 1.22 16.52
C ASP BA 444 -48.14 1.08 15.69
N MET BA 445 -47.35 2.15 15.56
CA MET BA 445 -46.09 2.03 14.85
C MET BA 445 -45.13 1.10 15.58
N TYR BA 446 -45.16 1.10 16.92
CA TYR BA 446 -44.23 0.28 17.66
C TYR BA 446 -44.59 -1.21 17.57
N ARG BA 447 -45.88 -1.53 17.67
CA ARG BA 447 -46.28 -2.92 17.85
C ARG BA 447 -46.09 -3.76 16.60
N THR BA 448 -45.98 -3.16 15.43
CA THR BA 448 -45.84 -3.90 14.19
C THR BA 448 -44.39 -4.08 13.76
N GLN BA 449 -43.44 -3.55 14.53
CA GLN BA 449 -42.04 -3.69 14.15
C GLN BA 449 -41.52 -5.08 14.48
N VAL BA 450 -40.59 -5.54 13.66
CA VAL BA 450 -39.89 -6.81 13.89
C VAL BA 450 -38.51 -6.44 14.42
N HIS BA 451 -38.28 -6.71 15.71
CA HIS BA 451 -37.07 -6.29 16.36
C HIS BA 451 -35.97 -7.33 16.19
N GLN BA 452 -34.73 -6.89 16.43
CA GLN BA 452 -33.58 -7.78 16.26
C GLN BA 452 -33.61 -8.94 17.25
N TRP BA 453 -34.24 -8.75 18.41
CA TRP BA 453 -34.36 -9.84 19.36
C TRP BA 453 -35.14 -11.01 18.78
N GLU BA 454 -36.21 -10.72 18.04
CA GLU BA 454 -36.98 -11.78 17.40
C GLU BA 454 -36.15 -12.51 16.35
N ARG BA 455 -35.39 -11.76 15.54
CA ARG BA 455 -34.54 -12.38 14.54
C ARG BA 455 -33.40 -13.18 15.18
N ASP BA 456 -33.03 -12.86 16.42
CA ASP BA 456 -32.00 -13.64 17.10
C ASP BA 456 -32.59 -14.92 17.69
N GLN BA 457 -33.76 -14.83 18.32
CA GLN BA 457 -34.40 -16.02 18.86
C GLN BA 457 -34.85 -16.95 17.75
N TYR BA 458 -35.57 -16.42 16.79
CA TYR BA 458 -36.08 -17.18 15.66
C TYR BA 458 -35.17 -17.00 14.45
N LEU BA 459 -35.63 -17.44 13.28
CA LEU BA 459 -34.91 -17.33 12.01
C LEU BA 459 -33.76 -18.34 11.94
N THR BA 460 -33.47 -19.02 13.04
CA THR BA 460 -32.62 -20.19 13.05
C THR BA 460 -33.28 -21.37 13.76
N LEU BA 461 -33.98 -21.11 14.86
CA LEU BA 461 -34.76 -22.14 15.51
C LEU BA 461 -35.93 -22.58 14.64
N TYR BA 462 -36.58 -21.64 13.95
CA TYR BA 462 -37.68 -21.95 13.06
C TYR BA 462 -37.31 -21.65 11.61
MG MG CA . -39.10 -3.01 -36.81
MG MG DA . -43.60 -2.96 -39.25
N GLN EA . -38.69 1.11 -33.46
CA GLN EA . -39.73 1.80 -34.28
C GLN EA . -41.01 1.91 -33.47
O GLN EA . -42.09 1.98 -34.10
CB GLN EA . -39.96 1.03 -35.60
CG GLN EA . -38.67 0.54 -36.23
CD GLN EA . -38.78 0.42 -37.73
OE1 GLN EA . -38.00 1.01 -38.48
NE2 GLN EA . -39.77 -0.34 -38.19
OXT GLN EA . -40.94 1.93 -32.25
H1 GLN EA . -38.87 1.29 -32.46
H2 GLN EA . -37.82 1.44 -33.69
H3 GLN EA . -38.73 0.16 -33.63
HA GLN EA . -39.37 2.80 -34.53
HB2 GLN EA . -40.47 1.69 -36.29
HB3 GLN EA . -40.61 0.19 -35.39
HG2 GLN EA . -37.86 1.22 -35.99
HG3 GLN EA . -38.42 -0.44 -35.82
HE21 GLN EA . -40.66 -0.35 -37.71
HE22 GLN EA . -39.63 -0.92 -39.01
MG MG FA . 43.81 -31.01 -0.71
MG MG GA . 48.66 -32.90 -1.45
N GLN HA . 44.03 -26.01 0.49
CA GLN HA . 45.44 -26.10 0.91
C GLN HA . 46.33 -25.47 -0.16
O GLN HA . 47.55 -25.74 -0.13
CB GLN HA . 45.83 -27.56 1.18
CG GLN HA . 44.78 -28.33 1.97
CD GLN HA . 45.36 -29.51 2.70
OE1 GLN HA . 46.26 -30.19 2.20
NE2 GLN HA . 44.84 -29.78 3.88
OXT GLN HA . 45.82 -24.74 -1.01
H1 GLN HA . 43.90 -25.20 -0.13
H2 GLN HA . 43.45 -25.90 1.26
H3 GLN HA . 43.77 -26.82 0.01
HA GLN HA . 45.56 -25.53 1.84
HB2 GLN HA . 46.77 -27.57 1.72
HB3 GLN HA . 45.98 -28.05 0.22
HG2 GLN HA . 44.32 -27.66 2.69
HG3 GLN HA . 44.00 -28.67 1.28
HE21 GLN HA . 44.64 -29.03 4.53
HE22 GLN HA . 44.67 -30.74 4.15
MG MG IA . -25.42 -36.84 30.00
MG MG JA . -26.62 -40.08 33.61
N GLN KA . -23.58 -32.32 31.77
CA GLN KA . -24.26 -32.63 33.05
C GLN KA . -23.23 -32.97 34.12
O GLN KA . -23.62 -33.56 35.13
CB GLN KA . -25.25 -33.79 32.84
CG GLN KA . -26.11 -33.63 31.60
CD GLN KA . -27.50 -34.20 31.80
OE1 GLN KA . -27.72 -35.41 31.72
NE2 GLN KA . -28.45 -33.32 32.07
OXT GLN KA . -22.05 -32.65 33.93
H1 GLN KA . -22.59 -32.03 31.96
H2 GLN KA . -24.03 -31.61 31.31
H3 GLN KA . -23.57 -33.11 31.20
HA GLN KA . -24.82 -31.75 33.36
HB2 GLN KA . -25.89 -33.86 33.72
HB3 GLN KA . -24.68 -34.72 32.76
HG2 GLN KA . -26.20 -32.58 31.35
HG3 GLN KA . -25.64 -34.14 30.77
HE21 GLN KA . -28.21 -32.38 32.39
HE22 GLN KA . -29.42 -33.57 31.96
MG MG LA . 48.46 22.47 -6.25
MG MG MA . 53.48 23.50 -6.19
N GLN NA . 47.54 17.52 -7.23
CA GLN NA . 48.83 17.39 -7.93
C GLN NA . 49.78 16.54 -7.08
O GLN NA . 49.31 15.69 -6.34
CB GLN NA . 49.41 18.78 -8.22
CG GLN NA . 48.38 19.78 -8.71
CD GLN NA . 48.99 20.91 -9.48
OE1 GLN NA . 48.63 21.18 -10.63
NE2 GLN NA . 49.94 21.60 -8.87
OXT GLN NA . 51.00 16.75 -7.19
H1 GLN NA . 47.34 16.66 -6.68
H2 GLN NA . 46.82 17.65 -7.87
H3 GLN NA . 47.56 18.27 -6.63
HA GLN NA . 48.67 16.88 -8.88
HB2 GLN NA . 50.20 18.68 -8.97
HB3 GLN NA . 49.87 19.15 -7.30
HG2 GLN NA . 47.66 19.26 -9.34
HG3 GLN NA . 47.84 20.18 -7.85
HE21 GLN NA . 50.68 21.10 -8.36
HE22 GLN NA . 49.95 22.61 -8.89
MG MG OA . 19.31 38.64 -32.17
MG MG PA . 22.29 41.42 -35.22
N GLN QA . 19.53 33.66 -33.33
CA GLN QA . 19.86 33.98 -34.75
C GLN QA . 21.31 33.60 -35.03
O GLN QA . 21.82 32.69 -34.38
CB GLN QA . 19.59 35.45 -35.02
CG GLN QA . 18.28 35.95 -34.44
CD GLN QA . 17.77 37.19 -35.14
OE1 GLN QA . 16.64 37.24 -35.60
NE2 GLN QA . 18.62 38.21 -35.22
OXT GLN QA . 21.91 34.24 -35.91
H1 GLN QA . 20.14 32.89 -33.00
H2 GLN QA . 18.60 33.39 -33.25
H3 GLN QA . 19.68 34.44 -32.78
HA GLN QA . 19.21 33.37 -35.39
HB2 GLN QA . 19.58 35.60 -36.11
HB3 GLN QA . 20.41 36.04 -34.61
HG2 GLN QA . 17.53 35.17 -34.52
HG3 GLN QA . 18.41 36.18 -33.38
HE21 GLN QA . 19.58 38.05 -35.50
HE22 GLN QA . 18.31 39.15 -34.99
MG MG RA . -45.28 28.21 6.74
MG MG SA . -49.65 30.85 5.99
N GLN TA . -45.06 24.19 3.64
CA GLN TA . -46.53 24.03 3.39
C GLN TA . -46.83 24.46 1.95
O GLN TA . -45.97 24.29 1.09
CB GLN TA . -47.32 24.85 4.40
CG GLN TA . -46.88 24.65 5.84
CD GLN TA . -47.83 25.27 6.84
OE1 GLN TA . -48.74 26.02 6.46
NE2 GLN TA . -47.63 24.97 8.11
OXT GLN TA . -47.95 24.96 1.73
H1 GLN TA . -44.55 24.08 2.76
H2 GLN TA . -44.77 23.51 4.28
H3 GLN TA . -44.89 25.06 4.01
HA GLN TA . -46.78 22.98 3.51
HB2 GLN TA . -48.38 24.58 4.31
HB3 GLN TA . -47.23 25.91 4.14
HG2 GLN TA . -46.81 23.58 6.05
HG3 GLN TA . -45.89 25.08 5.97
HE21 GLN TA . -47.39 25.71 8.77
HE22 GLN TA . -47.71 24.02 8.42
MG MG UA . 7.29 -0.86 53.38
MG MG VA . 6.64 -1.47 58.30
N GLN WA . 5.71 -4.85 50.65
CA GLN WA . 5.85 -5.81 51.78
C GLN WA . 4.46 -6.19 52.30
O GLN WA . 3.50 -6.14 51.52
CB GLN WA . 6.72 -5.20 52.89
CG GLN WA . 7.91 -4.42 52.37
CD GLN WA . 9.11 -4.54 53.28
OE1 GLN WA . 9.00 -4.57 54.49
NE2 GLN WA . 10.28 -4.60 52.66
OXT GLN WA . 4.37 -6.53 53.49
H1 GLN WA . 4.79 -5.00 50.18
H2 GLN WA . 6.42 -4.99 50.01
H3 GLN WA . 5.75 -3.95 50.99
HA GLN WA . 6.35 -6.71 51.41
HB2 GLN WA . 7.06 -6.01 53.53
HB3 GLN WA . 6.09 -4.54 53.49
HG2 GLN WA . 8.17 -4.77 51.37
HG3 GLN WA . 7.63 -3.37 52.28
HE21 GLN WA . 10.40 -5.18 51.84
HE22 GLN WA . 11.07 -4.06 53.01
MG MG XA . -0.61 0.25 -53.85
MG MG YA . -1.87 1.05 -58.72
N GLN ZA . -1.18 4.49 -51.02
CA GLN ZA . -0.95 5.34 -52.22
C GLN ZA . -2.26 6.02 -52.62
O GLN ZA . -2.41 6.33 -53.81
CB GLN ZA . -0.37 4.50 -53.37
CG GLN ZA . 0.72 3.54 -52.92
CD GLN ZA . 1.62 3.13 -54.06
OE1 GLN ZA . 2.85 3.26 -53.98
NE2 GLN ZA . 1.02 2.63 -55.13
OXT GLN ZA . -3.11 6.22 -51.75
H1 GLN ZA . -1.98 4.87 -50.47
H2 GLN ZA . -0.39 4.48 -50.47
H3 GLN ZA . -1.38 3.58 -51.31
HA GLN ZA . -0.22 6.11 -51.96
HB2 GLN ZA . 0.04 5.17 -54.12
HB3 GLN ZA . -1.18 3.94 -53.82
HG2 GLN ZA . 1.32 4.01 -52.14
HG3 GLN ZA . 0.26 2.65 -52.49
HE21 GLN ZA . 0.21 3.10 -55.51
HE22 GLN ZA . 1.38 1.79 -55.56
MG MG AB . 36.15 -12.14 -37.63
MG MG BB . 39.42 -11.99 -41.90
N GLN CB . 35.77 -7.47 -35.72
CA GLN CB . 36.98 -7.07 -36.47
C GLN CB . 36.56 -6.23 -37.69
O GLN CB . 37.41 -6.02 -38.56
CB GLN CB . 37.79 -8.30 -36.88
CG GLN CB . 37.98 -9.30 -35.75
CD GLN CB . 39.13 -10.25 -36.02
OE1 GLN CB . 39.36 -10.66 -37.14
NE2 GLN CB . 39.84 -10.60 -34.96
OXT GLN CB . 35.41 -5.83 -37.76
H1 GLN CB . 35.02 -6.77 -35.86
H2 GLN CB . 35.97 -7.54 -34.78
H3 GLN CB . 35.46 -8.33 -36.03
HA GLN CB . 37.60 -6.45 -35.82
HB2 GLN CB . 38.76 -7.98 -37.25
HB3 GLN CB . 37.26 -8.80 -37.70
HG2 GLN CB . 38.17 -8.75 -34.83
HG3 GLN CB . 37.06 -9.87 -35.62
HE21 GLN CB . 39.97 -9.95 -34.19
HE22 GLN CB . 40.26 -11.52 -34.92
MG MG DB . 16.55 -41.99 29.49
MG MG EB . 19.34 -45.21 32.05
N GLN FB . 17.74 -37.10 30.46
CA GLN FB . 18.23 -37.46 31.81
C GLN FB . 19.76 -37.38 31.84
O GLN FB . 20.36 -38.08 32.67
CB GLN FB . 17.74 -38.86 32.21
CG GLN FB . 16.28 -39.11 31.84
CD GLN FB . 15.68 -40.26 32.62
OE1 GLN FB . 14.65 -40.12 33.26
NE2 GLN FB . 16.34 -41.40 32.55
OXT GLN FB . 20.32 -36.63 31.03
H1 GLN FB . 18.40 -36.44 30.01
H2 GLN FB . 16.86 -36.70 30.52
H3 GLN FB . 17.68 -37.90 29.92
HA GLN FB . 17.83 -36.73 32.52
HB2 GLN FB . 17.86 -38.99 33.28
HB3 GLN FB . 18.36 -39.59 31.71
HG2 GLN FB . 15.70 -38.20 32.04
HG3 GLN FB . 16.22 -39.32 30.78
HE21 GLN FB . 17.35 -41.43 32.71
HE22 GLN FB . 15.84 -42.27 32.34
MG MG GB . 43.17 4.92 31.76
MG MG HB . 46.62 4.33 35.56
N GLN IB . 41.39 0.24 30.18
CA GLN IB . 42.67 -0.40 30.60
C GLN IB . 42.41 -1.30 31.82
O GLN IB . 41.30 -1.81 31.94
CB GLN IB . 43.71 0.68 30.92
CG GLN IB . 43.80 1.77 29.87
CD GLN IB . 45.13 2.50 29.89
OE1 GLN IB . 45.80 2.63 28.88
NE2 GLN IB . 45.51 2.98 31.07
OXT GLN IB . 43.33 -1.46 32.63
H1 GLN IB . 40.60 -0.36 30.46
H2 GLN IB . 41.39 0.34 29.21
H3 GLN IB . 41.31 1.11 30.60
HA GLN IB . 43.04 -1.02 29.79
HB2 GLN IB . 44.69 0.20 31.02
HB3 GLN IB . 43.46 1.13 31.89
HG2 GLN IB . 43.65 1.33 28.89
HG3 GLN IB . 42.99 2.49 30.05
HE21 GLN IB . 45.39 2.42 31.91
HE22 GLN IB . 45.91 3.90 31.13
MG MG JB . -50.17 -19.48 0.45
MG MG KB . -54.76 -21.28 1.93
N GLN LB . -48.69 -15.43 3.34
CA GLN LB . -50.12 -15.17 3.66
C GLN LB . -50.39 -15.56 5.11
O GLN LB . -51.57 -15.81 5.43
CB GLN LB . -51.02 -15.94 2.69
CG GLN LB . -50.54 -15.90 1.25
CD GLN LB . -51.65 -16.16 0.26
OE1 GLN LB . -51.86 -15.39 -0.68
NE2 GLN LB . -52.37 -17.24 0.47
OXT GLN LB . -49.45 -15.62 5.89
H1 GLN LB . -48.11 -15.32 4.20
H2 GLN LB . -48.38 -14.80 2.67
H3 GLN LB . -48.58 -16.33 3.01
HA GLN LB . -50.31 -14.10 3.54
HB2 GLN LB . -52.03 -15.52 2.74
HB3 GLN LB . -51.08 -16.98 3.01
HG2 GLN LB . -50.10 -14.92 1.05
HG3 GLN LB . -49.76 -16.65 1.11
HE21 GLN LB . -52.77 -17.41 1.39
HE22 GLN LB . -52.53 -17.90 -0.29
MG MG MB . -22.44 41.26 -26.43
MG MG NB . -23.68 44.72 -29.87
N GLN OB . -21.78 36.50 -28.32
CA GLN OB . -22.60 36.92 -29.48
C GLN OB . -21.69 37.18 -30.68
O GLN OB . -20.51 36.84 -30.61
CB GLN OB . -23.43 38.17 -29.13
CG GLN OB . -24.12 38.06 -27.77
CD GLN OB . -25.31 38.97 -27.68
OE1 GLN OB . -25.28 40.13 -28.10
NE2 GLN OB . -26.40 38.46 -27.12
OXT GLN OB . -22.19 37.72 -31.68
H1 GLN OB . -20.88 36.11 -28.64
H2 GLN OB . -22.25 35.85 -27.80
H3 GLN OB . -21.60 37.27 -27.76
HA GLN OB . -23.28 36.11 -29.73
HB2 GLN OB . -24.18 38.31 -29.90
HB3 GLN OB . -22.77 39.03 -29.13
HG2 GLN OB . -24.44 37.04 -27.61
HG3 GLN OB . -23.41 38.33 -26.99
HE21 GLN OB . -26.67 37.50 -27.32
HE22 GLN OB . -26.95 39.01 -26.47
MG MG PB . -32.05 9.52 42.19
MG MG QB . -36.11 10.33 45.09
N GLN RB . -32.90 5.89 38.88
CA GLN RB . -33.87 5.12 39.71
C GLN RB . -35.26 5.20 39.07
O GLN RB . -35.33 5.26 37.85
CB GLN RB . -33.87 5.66 41.15
CG GLN RB . -32.48 6.02 41.66
CD GLN RB . -32.44 6.06 43.17
OE1 GLN RB . -31.66 5.36 43.80
NE2 GLN RB . -33.26 6.91 43.76
OXT GLN RB . -36.24 5.21 39.83
H1 GLN RB . -33.16 5.82 37.88
H2 GLN RB . -32.01 5.55 39.00
H3 GLN RB . -32.92 6.83 39.14
HA GLN RB . -33.54 4.08 39.73
HB2 GLN RB . -34.32 4.91 41.79
HB3 GLN RB . -34.50 6.55 41.17
HG2 GLN RB . -31.77 5.27 41.31
HG3 GLN RB . -32.20 6.99 41.27
HE21 GLN RB . -34.19 7.08 43.35
HE22 GLN RB . -32.99 7.38 44.61
#